data_5WVE
#
_entry.id   5WVE
#
loop_
_entity.id
_entity.type
_entity.pdbx_description
1 polymer 'Apoptotic protease-activating factor 1'
2 polymer 'Cytochrome c'
3 polymer 'Apoptotic protease-activating factor 1'
4 polymer Caspase
5 non-polymer "2'-DEOXYADENOSINE 5'-TRIPHOSPHATE"
6 non-polymer 'MAGNESIUM ION'
7 non-polymer 'PROTOPORPHYRIN IX CONTAINING FE'
#
loop_
_entity_poly.entity_id
_entity_poly.type
_entity_poly.pdbx_seq_one_letter_code
_entity_poly.pdbx_strand_id
1 'polypeptide(L)'
;MDAKARNCLLQHREALEKDIKTSYIMDHMISDGFLTISEEEKVRNEPTQQQRAAMLIKMILKKDNDSYVSFYNALLHEGY
KDLAALLHDGIPVVSSSSGKDSVSGITSYVRTVLCEGGVPQRPVVFVTRKKLVNAIQQKLSKLKGEPGWVTIHGMAGCGK
SVLAAEAVRDHSLLEGCFPGGVHWVSVGKQDKSGLLMKLQNLCTRLDQDESFSQRLPLNIEEAKDRLRILMLRKHPRSLL
ILDDVWDSWVLKAFDSQCQILLTTRDKSVTDSVMGPKYVVPVESSLGKEKGLEILSLFVNMKKADLPEQAHSIIKECKGS
PLVVSLIGALLRDFPNRWEYYLKQLQNKQFKRIRKSSSYDYEALDEAMSISVEMLREDIKDYYTDLSILQKDVKVPTKVL
CILWDMETEEVEDILQEFVNKSLLFCDRNGKSFRYYLHDLQVDFLTEKNCSQLQDLHKKIITQFQRYHQPHTLSPDQEDC
MYWYNFLAYHMASAKMHKELCALMFSLDWIKAKTELVGPAHLIHEFVEYRHILDEKDCAVSENFQEFLSLNGHLLGRQPF
PNIVQLGLCEPETSEVYQQAKLQAKQEVDNGMLYLEWINKKNITNLSRLVVRPHTDAVYHACFSEDGQRIASCGADKTLQ
VFKAETGEKLLEIKAHEDEVLCCAFSTDDRFIATCSVDKKVKIWNSMTGELVHTYDEHSEQVNCCHFTNSSHHLLLATGS
SDCFLKLWDLNQKECRNTMFGHTNSVNHCRFSPDDKLLASCSADGTLKLWDATSANERKSINVKQFFLNLEDPQEDMEVI
VKCCSWSADGARIMVAAKNKIFLFDIHTSGLLGEIHTGHHSTIQYCDFSPQNHLAVVALSQYCVELWNTDSRSKVADCRG
HLSWVHGVMFSPDGSSFLTSSDDQTIRLWETKKVCKNSAVMLKQEVDVVFQENEVMVLAVDHIRRLQLINGRTGQIDYLT
EAQVSCCCLSPHLQYIAFGDENGAIEILELVNNRIFQSRFQHKKTVWHIQFTADEKTLISSSDDAEIQVWNWQLDKCIFL
RGHQETVKDFRLLKNSRLLSWSFDGTVKVWNIITGNKEKDFVCHQGTVLSCDISHDATKFSSTSADKTAKIWSFDLLLPL
HELRGHNGCVRCSAFSVDSTLLATGDDNGEIRIWNVSNGELLHLCAPLSEEGAATHGGWVTDLCFSPDGKMLISAGGYIK
WWNVVTGESSQTFYTNGTNLKKIHVSPDFKTYVTVDNLGILYILQTLE
;
A,C,E,G,I,K,M
2 'polypeptide(L)'
;MGDVEKGKKIFVQKCAQCHTVEKGGKHKTGPNLHGLFGRKTGQAPGFTYTDANKNKGITWKEETLMEYLENPKKYIPGTK
MIFAGIKKKTEREDLIAYLKKATNE
;
B,D,F,H,J,L,N
3 'polypeptide(L)'
;MDAKARNCLLQHREALEKDIKTSYIMDHMISDGFLTISEEEKVRNEPTQQQRAAMLIKMILKKDNDSYVSFYNALLHEGY
KDLAALLHDGIPVVSSSSGKDS
;
O,P,Q,R,W,X
4 'polypeptide(L)'
;MDEADRRLLRRCRLRLVEELQVDQLWDVLLSRELFRPHMIEDIQRAGSGSRRDQARQLIIDLETRGSQALPLFISCLEDT
GQDMLASFLRTNRQAAKLSK
;
S,T,U,V,Y
#
# COMPACT_ATOMS: atom_id res chain seq x y z
N GLY A 105 52.00 9.10 -9.40
CA GLY A 105 52.00 7.74 -8.89
C GLY A 105 50.86 7.47 -7.94
N ILE A 106 49.79 6.88 -8.46
CA ILE A 106 48.65 6.51 -7.64
C ILE A 106 49.03 5.44 -6.63
N THR A 107 48.68 5.64 -5.37
CA THR A 107 48.81 4.58 -4.39
C THR A 107 47.71 3.56 -4.65
N SER A 108 47.93 2.32 -4.25
CA SER A 108 46.89 1.32 -4.42
C SER A 108 45.69 1.74 -3.59
N TYR A 109 45.96 2.26 -2.41
CA TYR A 109 44.93 2.67 -1.48
C TYR A 109 44.07 3.78 -2.07
N VAL A 110 44.71 4.75 -2.72
CA VAL A 110 43.97 5.86 -3.28
C VAL A 110 42.84 5.35 -4.17
N ARG A 111 43.15 4.35 -5.00
CA ARG A 111 42.16 3.78 -5.90
C ARG A 111 41.01 3.13 -5.12
N THR A 112 41.35 2.53 -3.98
CA THR A 112 40.36 1.88 -3.15
C THR A 112 39.39 2.89 -2.57
N VAL A 113 39.89 4.03 -2.09
CA VAL A 113 38.99 5.07 -1.61
C VAL A 113 38.16 5.65 -2.75
N LEU A 114 38.84 5.88 -3.86
CA LEU A 114 38.23 6.47 -5.03
C LEU A 114 37.13 5.60 -5.59
N CYS A 115 37.33 4.29 -5.58
CA CYS A 115 36.31 3.39 -6.10
C CYS A 115 35.04 3.52 -5.28
N GLU A 116 35.20 3.61 -3.97
CA GLU A 116 34.06 3.75 -3.07
C GLU A 116 33.37 5.06 -3.36
N GLY A 117 34.16 6.09 -3.60
CA GLY A 117 33.62 7.40 -3.91
C GLY A 117 32.81 7.39 -5.20
N GLY A 118 33.28 6.66 -6.19
CA GLY A 118 32.59 6.60 -7.47
C GLY A 118 32.98 7.59 -8.54
N VAL A 119 33.98 8.43 -8.28
CA VAL A 119 34.53 9.28 -9.32
C VAL A 119 34.97 8.44 -10.50
N PRO A 120 34.72 8.93 -11.72
CA PRO A 120 35.20 8.23 -12.91
C PRO A 120 36.72 8.17 -12.93
N GLN A 121 37.27 7.09 -13.47
CA GLN A 121 38.71 7.01 -13.70
C GLN A 121 39.07 7.87 -14.89
N ARG A 122 40.22 8.55 -14.82
CA ARG A 122 40.63 9.46 -15.87
C ARG A 122 40.74 8.75 -17.22
N PRO A 123 40.41 9.45 -18.31
CA PRO A 123 40.50 8.83 -19.63
C PRO A 123 41.92 8.38 -19.89
N VAL A 124 42.07 7.26 -20.59
CA VAL A 124 43.40 6.69 -20.81
C VAL A 124 44.27 7.68 -21.58
N VAL A 125 43.66 8.47 -22.45
CA VAL A 125 44.42 9.46 -23.21
C VAL A 125 44.35 10.84 -22.57
N PHE A 126 45.10 11.08 -21.50
CA PHE A 126 45.05 12.37 -20.81
C PHE A 126 46.43 13.02 -20.67
N VAL A 127 46.44 14.31 -20.33
CA VAL A 127 47.70 15.02 -20.16
C VAL A 127 47.61 16.00 -19.01
N THR A 128 48.27 15.66 -17.90
CA THR A 128 48.22 16.47 -16.69
C THR A 128 48.29 17.96 -16.95
N ARG A 129 47.70 18.75 -16.08
CA ARG A 129 47.82 20.18 -16.19
C ARG A 129 48.35 20.53 -14.84
N LYS A 130 49.65 20.41 -14.66
CA LYS A 130 50.19 20.40 -13.33
C LYS A 130 49.83 21.69 -12.62
N LYS A 131 50.02 22.82 -13.29
CA LYS A 131 49.81 24.08 -12.61
C LYS A 131 48.37 24.18 -12.13
N LEU A 132 47.43 23.87 -13.00
CA LEU A 132 46.04 24.01 -12.63
C LEU A 132 45.65 23.04 -11.53
N VAL A 133 46.11 21.80 -11.62
CA VAL A 133 45.71 20.81 -10.65
C VAL A 133 46.26 21.25 -9.32
N ASN A 134 47.47 21.76 -9.35
CA ASN A 134 48.15 22.19 -8.16
C ASN A 134 47.40 23.33 -7.53
N ALA A 135 46.89 24.23 -8.35
CA ALA A 135 46.21 25.37 -7.79
C ALA A 135 44.95 24.92 -7.11
N ILE A 136 44.16 24.07 -7.77
CA ILE A 136 42.89 23.70 -7.16
C ILE A 136 43.21 23.01 -5.86
N GLN A 137 44.17 22.09 -5.90
CA GLN A 137 44.50 21.25 -4.76
C GLN A 137 44.98 22.07 -3.57
N GLN A 138 45.79 23.09 -3.83
CA GLN A 138 46.33 23.91 -2.76
C GLN A 138 45.19 24.73 -2.19
N LYS A 139 44.39 25.29 -3.08
CA LYS A 139 43.20 26.01 -2.68
C LYS A 139 42.26 25.03 -2.02
N LEU A 140 42.15 23.85 -2.60
CA LEU A 140 41.17 22.92 -2.11
C LEU A 140 41.55 22.59 -0.69
N SER A 141 42.84 22.63 -0.43
CA SER A 141 43.41 22.39 0.89
C SER A 141 42.95 23.43 1.89
N LYS A 142 42.62 24.60 1.37
CA LYS A 142 42.45 25.81 2.17
C LYS A 142 41.36 25.72 3.21
N LEU A 143 40.22 25.14 2.85
CA LEU A 143 39.15 25.00 3.81
C LEU A 143 39.47 23.76 4.62
N LYS A 144 40.50 23.86 5.44
CA LYS A 144 40.95 22.71 6.22
C LYS A 144 39.81 22.14 7.05
N GLY A 145 38.93 23.02 7.52
CA GLY A 145 37.80 22.61 8.32
C GLY A 145 36.69 23.62 8.17
N GLU A 146 35.53 23.32 8.75
CA GLU A 146 34.39 24.20 8.64
C GLU A 146 33.91 24.27 7.19
N PRO A 147 32.59 24.31 7.01
CA PRO A 147 31.99 24.34 5.67
C PRO A 147 32.84 25.07 4.64
N GLY A 148 32.37 25.13 3.40
CA GLY A 148 33.08 25.81 2.34
C GLY A 148 32.77 25.25 0.96
N TRP A 149 32.67 26.14 -0.02
CA TRP A 149 32.35 25.74 -1.38
C TRP A 149 33.42 26.23 -2.36
N VAL A 150 33.72 25.41 -3.35
CA VAL A 150 34.71 25.76 -4.38
C VAL A 150 33.95 25.66 -5.70
N THR A 151 34.08 26.64 -6.60
CA THR A 151 33.39 26.63 -7.90
C THR A 151 34.50 26.55 -8.95
N ILE A 152 34.37 25.75 -9.99
CA ILE A 152 35.38 25.74 -11.05
C ILE A 152 34.64 26.02 -12.36
N HIS A 153 35.04 26.96 -13.23
CA HIS A 153 34.28 27.16 -14.48
C HIS A 153 34.96 27.54 -15.78
N GLY A 154 34.33 27.20 -16.89
CA GLY A 154 34.93 27.42 -18.20
C GLY A 154 33.89 27.31 -19.28
N MET A 155 34.23 27.76 -20.48
CA MET A 155 33.35 27.60 -21.60
C MET A 155 33.34 26.11 -21.84
N ALA A 156 32.34 25.61 -22.55
CA ALA A 156 32.11 24.19 -22.59
C ALA A 156 33.31 23.42 -23.12
N GLY A 157 33.62 22.35 -22.40
CA GLY A 157 34.70 21.44 -22.72
C GLY A 157 36.07 22.05 -22.49
N CYS A 158 36.33 22.46 -21.25
CA CYS A 158 37.60 23.08 -20.89
C CYS A 158 38.44 22.19 -19.99
N GLY A 159 38.04 20.94 -19.84
CA GLY A 159 38.70 20.04 -18.92
C GLY A 159 38.22 20.20 -17.50
N LYS A 160 37.04 20.78 -17.35
CA LYS A 160 36.52 21.09 -16.04
C LYS A 160 36.31 19.87 -15.13
N SER A 161 35.68 18.81 -15.63
CA SER A 161 35.52 17.62 -14.79
C SER A 161 36.81 16.88 -14.53
N VAL A 162 37.60 16.72 -15.59
CA VAL A 162 38.76 15.88 -15.50
C VAL A 162 39.68 16.45 -14.44
N LEU A 163 39.75 17.77 -14.38
CA LEU A 163 40.57 18.39 -13.35
C LEU A 163 40.03 18.01 -12.00
N ALA A 164 38.70 18.04 -11.85
CA ALA A 164 38.13 17.73 -10.56
C ALA A 164 38.50 16.32 -10.20
N ALA A 165 38.38 15.41 -11.16
CA ALA A 165 38.75 14.03 -10.91
C ALA A 165 40.23 13.92 -10.64
N GLU A 166 41.02 14.65 -11.43
CA GLU A 166 42.48 14.64 -11.32
C GLU A 166 43.02 15.22 -10.01
N ALA A 167 42.43 16.33 -9.55
CA ALA A 167 42.89 16.97 -8.34
C ALA A 167 42.83 16.01 -7.16
N VAL A 168 41.75 15.27 -7.06
CA VAL A 168 41.57 14.36 -5.94
C VAL A 168 42.33 13.06 -6.20
N ARG A 169 42.80 12.91 -7.44
CA ARG A 169 43.46 11.68 -7.86
C ARG A 169 44.72 11.38 -7.04
N ASP A 170 45.39 12.45 -6.63
CA ASP A 170 46.59 12.43 -5.78
C ASP A 170 46.35 12.01 -4.31
N HIS A 171 47.31 11.26 -3.77
CA HIS A 171 47.34 10.88 -2.36
C HIS A 171 47.57 11.97 -1.30
N SER A 172 48.49 12.89 -1.54
CA SER A 172 48.96 13.78 -0.47
C SER A 172 47.85 14.67 0.09
N LEU A 173 47.22 15.43 -0.79
CA LEU A 173 46.18 16.35 -0.37
C LEU A 173 45.02 15.57 0.20
N LEU A 174 44.63 14.50 -0.48
CA LEU A 174 43.49 13.72 -0.03
C LEU A 174 43.71 12.96 1.28
N GLU A 175 44.84 12.26 1.39
CA GLU A 175 45.01 11.37 2.53
C GLU A 175 45.19 12.06 3.88
N GLY A 176 46.10 13.03 3.94
CA GLY A 176 46.31 13.73 5.18
C GLY A 176 45.15 14.61 5.54
N CYS A 177 44.69 15.34 4.53
CA CYS A 177 43.59 16.28 4.67
C CYS A 177 42.22 15.66 4.92
N PHE A 178 41.95 14.55 4.23
CA PHE A 178 40.55 14.11 4.10
C PHE A 178 40.28 12.71 4.63
N PRO A 179 40.28 12.55 5.95
CA PRO A 179 39.98 11.26 6.55
C PRO A 179 38.63 10.72 6.05
N GLY A 180 37.70 11.62 5.78
CA GLY A 180 36.44 11.23 5.18
C GLY A 180 36.65 10.86 3.73
N GLY A 181 35.80 9.99 3.21
CA GLY A 181 35.98 9.48 1.86
C GLY A 181 35.49 10.60 0.99
N VAL A 182 35.62 10.50 -0.33
CA VAL A 182 35.12 11.48 -1.29
C VAL A 182 33.88 10.93 -1.96
N HIS A 183 32.83 11.72 -2.08
CA HIS A 183 31.63 11.24 -2.76
C HIS A 183 31.38 12.15 -3.95
N TRP A 184 31.06 11.59 -5.10
CA TRP A 184 30.91 12.36 -6.33
C TRP A 184 29.44 12.30 -6.65
N VAL A 185 28.80 13.39 -7.01
CA VAL A 185 27.43 13.30 -7.46
C VAL A 185 27.29 13.92 -8.83
N SER A 186 26.66 13.23 -9.77
CA SER A 186 26.46 13.81 -11.09
C SER A 186 25.13 14.53 -11.22
N VAL A 187 25.07 15.79 -10.84
CA VAL A 187 23.80 16.51 -10.83
C VAL A 187 23.10 16.73 -12.17
N GLY A 188 23.84 17.05 -13.21
CA GLY A 188 23.22 17.32 -14.50
C GLY A 188 22.30 18.53 -14.45
N LYS A 189 21.23 18.50 -15.25
CA LYS A 189 20.26 19.58 -15.29
C LYS A 189 18.92 19.00 -14.83
N GLN A 190 18.20 19.66 -13.92
CA GLN A 190 17.05 18.96 -13.37
C GLN A 190 15.80 19.82 -13.07
N ASP A 191 14.65 19.26 -13.40
CA ASP A 191 13.35 19.73 -12.97
C ASP A 191 13.27 19.31 -11.51
N LYS A 192 12.32 19.89 -10.78
CA LYS A 192 12.28 19.72 -9.33
C LYS A 192 12.14 18.24 -8.97
N SER A 193 11.34 17.52 -9.74
CA SER A 193 11.10 16.12 -9.46
C SER A 193 12.37 15.29 -9.66
N GLY A 194 13.09 15.59 -10.73
CA GLY A 194 14.28 14.84 -11.06
C GLY A 194 15.32 14.99 -9.97
N LEU A 195 15.43 16.20 -9.46
CA LEU A 195 16.43 16.52 -8.45
C LEU A 195 16.15 15.66 -7.24
N LEU A 196 14.89 15.42 -6.98
CA LEU A 196 14.52 14.74 -5.76
C LEU A 196 15.17 13.37 -5.72
N MET A 197 15.14 12.66 -6.85
CA MET A 197 15.65 11.30 -6.88
C MET A 197 17.13 11.22 -6.56
N LYS A 198 17.89 12.17 -7.06
CA LYS A 198 19.33 12.13 -6.88
C LYS A 198 19.59 12.15 -5.40
N LEU A 199 18.80 12.91 -4.68
CA LEU A 199 19.00 13.04 -3.25
C LEU A 199 18.80 11.71 -2.55
N GLN A 200 17.71 11.02 -2.90
CA GLN A 200 17.45 9.74 -2.28
C GLN A 200 18.59 8.81 -2.63
N ASN A 201 19.05 8.86 -3.88
CA ASN A 201 20.11 7.97 -4.29
C ASN A 201 21.39 8.22 -3.53
N LEU A 202 21.67 9.50 -3.25
CA LEU A 202 22.82 9.83 -2.42
C LEU A 202 22.62 9.33 -1.00
N CYS A 203 21.36 9.32 -0.58
CA CYS A 203 21.00 8.81 0.74
C CYS A 203 21.35 7.33 0.84
N THR A 204 20.90 6.58 -0.16
CA THR A 204 21.16 5.15 -0.20
C THR A 204 22.66 4.89 -0.33
N ARG A 205 23.34 5.71 -1.11
CA ARG A 205 24.77 5.49 -1.28
C ARG A 205 25.57 5.68 0.00
N LEU A 206 25.29 6.79 0.68
CA LEU A 206 26.01 7.16 1.89
C LEU A 206 25.79 6.22 3.06
N ASP A 207 24.53 5.80 3.24
CA ASP A 207 24.18 4.88 4.30
C ASP A 207 24.34 3.43 3.85
N GLN A 208 25.57 2.96 3.79
CA GLN A 208 25.83 1.58 3.41
C GLN A 208 25.37 0.59 4.49
N ASP A 209 25.48 1.01 5.75
CA ASP A 209 25.10 0.17 6.88
C ASP A 209 23.60 -0.10 6.88
N GLU A 210 22.82 0.91 6.53
CA GLU A 210 21.36 0.80 6.52
C GLU A 210 20.75 1.00 7.90
N SER A 211 21.58 1.39 8.87
CA SER A 211 21.10 1.61 10.23
C SER A 211 19.97 2.63 10.21
N PHE A 212 20.13 3.66 9.38
CA PHE A 212 19.10 4.68 9.23
C PHE A 212 17.91 4.07 8.50
N SER A 213 16.74 4.68 8.70
CA SER A 213 15.48 4.14 8.20
C SER A 213 15.57 3.74 6.73
N GLN A 214 15.10 2.54 6.42
CA GLN A 214 15.05 2.09 5.03
C GLN A 214 14.13 2.97 4.22
N ARG A 215 13.10 3.51 4.87
CA ARG A 215 12.18 4.42 4.21
C ARG A 215 12.96 5.65 3.74
N LEU A 216 12.58 6.18 2.58
CA LEU A 216 13.27 7.32 2.03
C LEU A 216 12.37 8.53 2.15
N PRO A 217 12.98 9.71 2.37
CA PRO A 217 12.20 10.95 2.48
C PRO A 217 11.45 11.29 1.19
N LEU A 218 10.25 11.82 1.31
CA LEU A 218 9.52 12.31 0.15
C LEU A 218 9.71 13.80 0.01
N ASN A 219 10.42 14.39 0.98
CA ASN A 219 10.67 15.83 1.04
C ASN A 219 12.16 16.18 0.96
N ILE A 220 12.49 17.17 0.14
CA ILE A 220 13.86 17.52 -0.16
C ILE A 220 14.63 17.84 1.11
N GLU A 221 14.01 18.65 1.97
CA GLU A 221 14.65 19.09 3.20
C GLU A 221 15.03 17.92 4.09
N GLU A 222 14.14 16.93 4.17
CA GLU A 222 14.38 15.76 5.00
C GLU A 222 15.63 15.06 4.50
N ALA A 223 15.80 15.03 3.19
CA ALA A 223 16.99 14.47 2.58
C ALA A 223 18.19 15.32 2.95
N LYS A 224 17.97 16.62 3.04
CA LYS A 224 19.02 17.54 3.44
C LYS A 224 19.47 17.21 4.85
N ASP A 225 18.51 16.82 5.68
CA ASP A 225 18.80 16.45 7.06
C ASP A 225 19.61 15.16 7.11
N ARG A 226 19.18 14.17 6.33
CA ARG A 226 19.89 12.90 6.25
C ARG A 226 21.32 13.10 5.73
N LEU A 227 21.52 14.08 4.87
CA LEU A 227 22.85 14.34 4.34
C LEU A 227 23.73 14.98 5.37
N ARG A 228 23.19 16.01 6.02
CA ARG A 228 23.92 16.80 6.99
C ARG A 228 24.34 15.91 8.14
N ILE A 229 23.36 15.13 8.62
CA ILE A 229 23.56 14.24 9.76
C ILE A 229 24.56 13.16 9.42
N LEU A 230 24.42 12.59 8.23
CA LEU A 230 25.33 11.57 7.72
C LEU A 230 26.74 12.11 7.53
N MET A 231 26.84 13.31 6.98
CA MET A 231 28.12 13.98 6.81
C MET A 231 28.71 14.31 8.18
N LEU A 232 27.85 14.74 9.10
CA LEU A 232 28.28 15.12 10.43
C LEU A 232 28.83 13.99 11.28
N ARG A 233 28.17 12.83 11.24
CA ARG A 233 28.57 11.70 12.08
C ARG A 233 29.16 10.55 11.29
N LYS A 234 28.42 10.08 10.28
CA LYS A 234 28.82 8.91 9.51
C LYS A 234 30.09 9.15 8.73
N HIS A 235 30.24 10.32 8.13
CA HIS A 235 31.46 10.56 7.37
C HIS A 235 32.08 11.91 7.72
N PRO A 236 32.78 12.01 8.83
CA PRO A 236 33.10 13.31 9.39
C PRO A 236 33.90 14.25 8.47
N ARG A 237 34.90 13.74 7.76
CA ARG A 237 35.76 14.62 6.96
C ARG A 237 35.48 14.64 5.45
N SER A 238 34.32 14.12 5.05
CA SER A 238 34.00 13.89 3.65
C SER A 238 33.94 15.16 2.80
N LEU A 239 34.33 15.02 1.54
CA LEU A 239 34.21 16.07 0.54
C LEU A 239 33.26 15.54 -0.54
N LEU A 240 32.33 16.38 -0.99
CA LEU A 240 31.35 16.05 -2.03
C LEU A 240 31.73 16.85 -3.27
N ILE A 241 31.73 16.26 -4.45
CA ILE A 241 32.03 16.98 -5.71
C ILE A 241 30.76 16.97 -6.56
N LEU A 242 30.45 18.05 -7.25
CA LEU A 242 29.28 17.99 -8.10
C LEU A 242 29.66 18.18 -9.54
N ASP A 243 28.82 17.71 -10.45
CA ASP A 243 29.08 17.81 -11.88
C ASP A 243 28.02 18.68 -12.51
N ASP A 244 28.44 19.66 -13.31
CA ASP A 244 27.50 20.64 -13.84
C ASP A 244 26.81 21.40 -12.71
N VAL A 245 25.49 21.42 -12.76
CA VAL A 245 24.65 22.25 -11.90
C VAL A 245 24.24 23.46 -12.72
N TRP A 246 22.96 23.67 -12.90
CA TRP A 246 22.49 24.77 -13.71
C TRP A 246 21.53 25.75 -13.04
N ASP A 247 21.18 25.53 -11.78
CA ASP A 247 20.33 26.51 -11.13
C ASP A 247 20.53 26.52 -9.63
N SER A 248 20.29 27.67 -9.00
CA SER A 248 20.62 27.81 -7.59
C SER A 248 19.85 26.91 -6.63
N TRP A 249 18.53 26.79 -6.78
CA TRP A 249 17.81 25.98 -5.80
C TRP A 249 18.49 24.64 -5.59
N VAL A 250 19.18 24.17 -6.64
CA VAL A 250 19.86 22.89 -6.58
C VAL A 250 20.89 22.87 -5.47
N LEU A 251 21.80 23.83 -5.49
CA LEU A 251 22.77 23.96 -4.40
C LEU A 251 22.08 24.35 -3.11
N LYS A 252 20.92 24.96 -3.21
CA LYS A 252 20.18 25.25 -2.01
C LYS A 252 19.90 23.92 -1.35
N ALA A 253 19.52 22.94 -2.17
CA ALA A 253 19.21 21.60 -1.68
C ALA A 253 20.41 20.91 -1.05
N PHE A 254 21.57 21.09 -1.63
CA PHE A 254 22.77 20.38 -1.20
C PHE A 254 23.48 21.16 -0.12
N ASP A 255 22.89 22.27 0.29
CA ASP A 255 23.61 23.20 1.16
C ASP A 255 23.55 22.66 2.57
N SER A 256 24.40 21.67 2.81
CA SER A 256 24.38 20.89 4.03
C SER A 256 25.24 21.47 5.13
N GLN A 257 25.97 22.55 4.82
CA GLN A 257 26.87 23.15 5.81
C GLN A 257 28.15 22.34 5.87
N CYS A 258 28.26 21.37 4.96
CA CYS A 258 29.42 20.50 4.89
C CYS A 258 30.02 20.72 3.53
N GLN A 259 31.35 20.68 3.43
CA GLN A 259 31.97 21.13 2.20
C GLN A 259 31.48 20.32 1.04
N ILE A 260 31.11 21.02 -0.03
CA ILE A 260 30.66 20.45 -1.26
C ILE A 260 31.34 21.37 -2.24
N LEU A 261 31.96 20.83 -3.29
CA LEU A 261 32.52 21.68 -4.34
C LEU A 261 31.79 21.40 -5.63
N LEU A 262 31.31 22.43 -6.32
CA LEU A 262 30.51 22.27 -7.53
C LEU A 262 31.35 22.70 -8.69
N THR A 263 31.35 21.94 -9.78
CA THR A 263 32.13 22.33 -10.94
C THR A 263 31.21 22.56 -12.13
N THR A 264 31.36 23.65 -12.87
CA THR A 264 30.30 24.02 -13.80
C THR A 264 30.60 24.88 -15.00
N ARG A 265 29.52 25.39 -15.56
CA ARG A 265 29.63 26.51 -16.51
C ARG A 265 29.26 27.95 -16.06
N ASP A 266 28.14 28.07 -15.36
CA ASP A 266 27.75 29.34 -14.75
C ASP A 266 28.48 29.50 -13.44
N LYS A 267 28.91 30.70 -13.15
CA LYS A 267 29.55 31.01 -11.88
C LYS A 267 28.59 31.76 -10.98
N SER A 268 27.45 32.11 -11.55
CA SER A 268 26.34 32.71 -10.84
C SER A 268 25.71 31.71 -9.88
N VAL A 269 25.89 30.42 -10.14
CA VAL A 269 25.10 29.43 -9.45
C VAL A 269 25.31 29.48 -7.95
N THR A 270 26.55 29.59 -7.50
CA THR A 270 26.78 29.62 -6.07
C THR A 270 26.67 31.03 -5.54
N ASP A 271 25.48 31.62 -5.64
CA ASP A 271 25.23 32.90 -5.01
C ASP A 271 24.24 32.79 -3.88
N SER A 272 23.34 31.82 -3.98
CA SER A 272 22.38 31.55 -2.92
C SER A 272 23.11 31.08 -1.66
N VAL A 273 24.16 30.30 -1.87
CA VAL A 273 24.87 29.66 -0.77
C VAL A 273 25.63 30.64 0.12
N MET A 274 25.89 30.16 1.32
CA MET A 274 26.52 30.89 2.42
C MET A 274 27.77 30.17 2.89
N GLY A 275 28.77 30.93 3.31
CA GLY A 275 30.04 30.37 3.69
C GLY A 275 31.10 30.78 2.71
N PRO A 276 32.37 30.58 3.04
CA PRO A 276 33.47 31.03 2.16
C PRO A 276 33.40 30.38 0.77
N LYS A 277 33.50 31.19 -0.29
CA LYS A 277 33.50 30.64 -1.65
C LYS A 277 34.75 31.08 -2.42
N TYR A 278 35.40 30.12 -3.09
CA TYR A 278 36.55 30.45 -3.92
C TYR A 278 36.30 29.90 -5.30
N VAL A 279 36.79 30.58 -6.33
CA VAL A 279 36.63 30.06 -7.67
C VAL A 279 37.96 29.95 -8.39
N VAL A 280 38.20 28.82 -9.04
CA VAL A 280 39.38 28.65 -9.88
C VAL A 280 38.82 28.66 -11.27
N PRO A 281 39.38 29.43 -12.19
CA PRO A 281 38.66 29.64 -13.44
C PRO A 281 39.50 29.04 -14.52
N VAL A 282 38.94 28.08 -15.25
CA VAL A 282 39.71 27.40 -16.26
C VAL A 282 39.40 27.99 -17.62
N GLU A 283 40.34 28.76 -18.15
CA GLU A 283 40.25 29.23 -19.52
C GLU A 283 40.49 28.05 -20.44
N SER A 284 39.81 28.01 -21.58
CA SER A 284 40.00 26.92 -22.51
C SER A 284 41.14 27.32 -23.42
N SER A 285 42.32 26.75 -23.18
CA SER A 285 43.48 27.07 -23.99
C SER A 285 44.29 25.84 -24.34
N LEU A 286 44.93 25.28 -23.33
CA LEU A 286 45.81 24.14 -23.50
C LEU A 286 47.15 24.63 -24.00
N GLY A 287 48.07 23.72 -24.24
CA GLY A 287 49.40 24.07 -24.71
C GLY A 287 49.76 23.36 -25.99
N LYS A 288 50.41 24.07 -26.90
CA LYS A 288 50.74 23.49 -28.19
C LYS A 288 51.67 22.30 -27.97
N GLU A 289 52.55 22.41 -26.99
CA GLU A 289 53.44 21.31 -26.66
C GLU A 289 52.63 20.11 -26.17
N LYS A 290 51.66 20.39 -25.30
CA LYS A 290 50.78 19.38 -24.72
C LYS A 290 49.85 18.67 -25.71
N GLY A 291 49.26 19.42 -26.64
CA GLY A 291 48.33 18.85 -27.58
C GLY A 291 49.04 17.90 -28.50
N LEU A 292 50.27 18.28 -28.86
CA LEU A 292 51.11 17.38 -29.63
C LEU A 292 51.36 16.12 -28.84
N GLU A 293 51.48 16.29 -27.53
CA GLU A 293 51.63 15.18 -26.61
C GLU A 293 50.38 14.31 -26.64
N ILE A 294 49.24 14.97 -26.60
CA ILE A 294 47.93 14.32 -26.69
C ILE A 294 47.68 13.67 -28.04
N LEU A 295 48.07 14.36 -29.11
CA LEU A 295 47.86 13.82 -30.44
C LEU A 295 48.69 12.58 -30.61
N SER A 296 49.89 12.59 -30.07
CA SER A 296 50.76 11.45 -30.21
C SER A 296 50.12 10.24 -29.56
N LEU A 297 49.56 10.44 -28.37
CA LEU A 297 48.95 9.34 -27.65
C LEU A 297 47.77 8.81 -28.44
N PHE A 298 47.02 9.71 -29.06
CA PHE A 298 45.84 9.33 -29.83
C PHE A 298 46.21 8.45 -31.01
N VAL A 299 47.32 8.78 -31.67
CA VAL A 299 47.79 7.99 -32.82
C VAL A 299 49.02 7.13 -32.55
N ASN A 300 49.50 7.15 -31.31
CA ASN A 300 50.61 6.28 -30.90
C ASN A 300 51.97 6.39 -31.60
N MET A 301 52.45 7.59 -31.90
CA MET A 301 53.77 7.73 -32.52
C MET A 301 54.70 8.78 -31.89
N LYS A 302 56.01 8.52 -31.93
CA LYS A 302 56.99 9.46 -31.42
C LYS A 302 56.54 10.80 -31.98
N LYS A 303 56.66 11.86 -31.20
CA LYS A 303 56.04 13.12 -31.56
C LYS A 303 56.60 13.64 -32.88
N ALA A 304 57.91 13.51 -33.07
CA ALA A 304 58.51 13.94 -34.31
C ALA A 304 57.97 13.16 -35.50
N ASP A 305 57.83 11.86 -35.33
CA ASP A 305 57.30 11.01 -36.40
C ASP A 305 55.95 11.51 -36.91
N LEU A 306 55.35 12.45 -36.19
CA LEU A 306 54.04 12.97 -36.58
C LEU A 306 54.13 13.84 -37.82
N PRO A 307 53.13 13.71 -38.68
CA PRO A 307 53.13 14.32 -40.00
C PRO A 307 53.04 15.82 -39.95
N GLU A 308 53.46 16.45 -41.03
CA GLU A 308 53.52 17.90 -41.11
C GLU A 308 52.13 18.48 -40.94
N GLN A 309 51.12 17.72 -41.34
CA GLN A 309 49.75 18.21 -41.30
C GLN A 309 49.37 18.52 -39.86
N ALA A 310 49.84 17.70 -38.93
CA ALA A 310 49.35 17.71 -37.56
C ALA A 310 49.48 19.07 -36.88
N HIS A 311 50.55 19.78 -37.14
CA HIS A 311 50.84 21.02 -36.42
C HIS A 311 49.73 22.04 -36.62
N SER A 312 49.17 22.07 -37.81
CA SER A 312 48.26 23.14 -38.22
C SER A 312 46.88 22.97 -37.65
N ILE A 313 46.42 21.72 -37.57
CA ILE A 313 45.09 21.46 -37.08
C ILE A 313 44.96 21.88 -35.62
N ILE A 314 46.06 21.77 -34.88
CA ILE A 314 46.01 22.13 -33.47
C ILE A 314 45.73 23.61 -33.34
N LYS A 315 46.16 24.38 -34.33
CA LYS A 315 45.93 25.81 -34.29
C LYS A 315 44.44 26.11 -34.32
N GLU A 316 43.74 25.29 -35.11
CA GLU A 316 42.29 25.35 -35.20
C GLU A 316 41.68 24.96 -33.87
N CYS A 317 42.28 23.95 -33.24
CA CYS A 317 41.71 23.43 -32.01
C CYS A 317 41.57 24.53 -30.97
N LYS A 318 42.55 25.40 -30.86
CA LYS A 318 42.48 26.50 -29.91
C LYS A 318 42.42 25.97 -28.49
N GLY A 319 42.96 24.78 -28.29
CA GLY A 319 43.06 24.21 -26.96
C GLY A 319 41.78 23.68 -26.32
N SER A 320 40.73 23.51 -27.08
CA SER A 320 39.57 22.95 -26.44
C SER A 320 39.89 21.49 -26.53
N PRO A 321 40.36 20.94 -25.42
CA PRO A 321 40.79 19.54 -25.37
C PRO A 321 39.70 18.63 -25.90
N LEU A 322 38.46 19.12 -25.86
CA LEU A 322 37.34 18.36 -26.36
C LEU A 322 37.52 18.23 -27.86
N VAL A 323 37.95 19.30 -28.53
CA VAL A 323 38.23 19.23 -29.96
C VAL A 323 39.39 18.29 -30.32
N VAL A 324 40.44 18.31 -29.52
CA VAL A 324 41.61 17.47 -29.71
C VAL A 324 41.28 16.00 -29.51
N SER A 325 40.61 15.68 -28.42
CA SER A 325 40.19 14.31 -28.24
C SER A 325 39.22 14.00 -29.36
N LEU A 326 38.36 14.95 -29.69
CA LEU A 326 37.39 14.70 -30.75
C LEU A 326 38.02 14.45 -32.10
N ILE A 327 38.99 15.27 -32.49
CA ILE A 327 39.78 14.96 -33.67
C ILE A 327 40.59 13.70 -33.43
N GLY A 328 41.19 13.56 -32.26
CA GLY A 328 42.15 12.49 -32.07
C GLY A 328 41.52 11.12 -32.19
N ALA A 329 40.40 10.91 -31.53
CA ALA A 329 39.70 9.64 -31.63
C ALA A 329 39.25 9.46 -33.06
N LEU A 330 38.84 10.55 -33.68
CA LEU A 330 38.28 10.48 -35.01
C LEU A 330 39.35 9.93 -35.91
N LEU A 331 40.58 10.31 -35.67
CA LEU A 331 41.70 9.78 -36.43
C LEU A 331 42.02 8.33 -36.10
N ARG A 332 41.58 7.79 -34.97
CA ARG A 332 42.07 6.46 -34.66
C ARG A 332 41.58 5.51 -35.74
N ASP A 333 40.33 5.70 -36.15
CA ASP A 333 39.74 4.90 -37.21
C ASP A 333 40.35 5.08 -38.59
N PHE A 334 40.67 6.31 -38.97
CA PHE A 334 41.11 6.56 -40.33
C PHE A 334 42.42 7.34 -40.39
N PRO A 335 43.52 6.67 -40.13
CA PRO A 335 44.84 7.32 -40.12
C PRO A 335 45.19 7.95 -41.47
N ASN A 336 44.63 7.41 -42.55
CA ASN A 336 44.91 7.90 -43.89
C ASN A 336 44.30 9.26 -44.21
N ARG A 337 43.08 9.51 -43.73
CA ARG A 337 42.41 10.76 -44.05
C ARG A 337 42.87 11.89 -43.13
N TRP A 338 44.18 12.06 -43.02
CA TRP A 338 44.72 13.11 -42.17
C TRP A 338 44.49 14.57 -42.59
N GLU A 339 44.73 14.91 -43.84
CA GLU A 339 44.55 16.30 -44.28
C GLU A 339 43.08 16.77 -44.22
N TYR A 340 42.20 15.84 -44.60
CA TYR A 340 40.77 16.02 -44.75
C TYR A 340 40.19 16.83 -43.60
N TYR A 341 40.47 16.39 -42.38
CA TYR A 341 39.94 17.08 -41.22
C TYR A 341 40.63 18.42 -41.02
N LEU A 342 41.86 18.52 -41.54
CA LEU A 342 42.58 19.77 -41.46
C LEU A 342 41.82 20.83 -42.24
N LYS A 343 41.49 20.50 -43.50
CA LYS A 343 40.72 21.40 -44.34
C LYS A 343 39.31 21.55 -43.80
N GLN A 344 38.85 20.53 -43.07
CA GLN A 344 37.51 20.54 -42.52
C GLN A 344 37.39 21.63 -41.46
N LEU A 345 38.36 21.67 -40.56
CA LEU A 345 38.41 22.73 -39.57
C LEU A 345 38.78 24.06 -40.21
N GLN A 346 39.46 24.01 -41.35
CA GLN A 346 39.67 25.22 -42.14
C GLN A 346 38.35 25.73 -42.68
N ASN A 347 37.42 24.79 -42.89
CA ASN A 347 36.05 25.08 -43.29
C ASN A 347 35.33 25.88 -42.21
N LYS A 348 35.61 25.52 -40.95
CA LYS A 348 34.97 26.17 -39.82
C LYS A 348 33.64 25.56 -39.38
N GLN A 349 33.21 24.47 -40.02
CA GLN A 349 32.00 23.78 -39.58
C GLN A 349 32.30 22.52 -38.76
N PHE A 350 31.62 22.40 -37.62
CA PHE A 350 31.93 21.34 -36.68
C PHE A 350 30.94 20.19 -36.76
N LYS A 351 30.02 20.29 -37.72
CA LYS A 351 29.04 19.24 -37.93
C LYS A 351 29.72 17.98 -38.47
N ARG A 352 30.86 18.16 -39.12
CA ARG A 352 31.61 17.06 -39.70
C ARG A 352 32.29 16.20 -38.64
N ILE A 353 32.77 16.83 -37.57
CA ILE A 353 33.48 16.08 -36.54
C ILE A 353 32.53 15.46 -35.53
N ARG A 354 32.53 14.14 -35.41
CA ARG A 354 31.72 13.49 -34.39
C ARG A 354 32.36 12.22 -33.89
N LYS A 355 32.28 11.99 -32.60
CA LYS A 355 32.71 10.72 -32.04
C LYS A 355 31.84 10.39 -30.85
N SER A 356 31.49 9.12 -30.69
CA SER A 356 30.91 8.69 -29.44
C SER A 356 32.08 8.77 -28.47
N SER A 357 31.83 9.21 -27.26
CA SER A 357 32.93 9.39 -26.31
C SER A 357 32.41 9.33 -24.90
N SER A 358 33.32 9.27 -23.94
CA SER A 358 32.91 9.23 -22.54
C SER A 358 32.16 10.51 -22.31
N TYR A 359 32.65 11.59 -22.90
CA TYR A 359 32.00 12.88 -22.84
C TYR A 359 30.60 12.79 -23.43
N ASP A 360 29.71 13.64 -22.95
CA ASP A 360 28.26 13.50 -23.13
C ASP A 360 27.67 14.16 -24.38
N TYR A 361 28.46 14.29 -25.44
CA TYR A 361 27.95 14.97 -26.62
C TYR A 361 28.65 14.52 -27.89
N GLU A 362 27.92 14.42 -28.98
CA GLU A 362 28.52 13.90 -30.22
C GLU A 362 29.68 14.80 -30.65
N ALA A 363 29.51 16.09 -30.46
CA ALA A 363 30.42 17.12 -30.97
C ALA A 363 30.40 18.50 -30.27
N LEU A 364 31.44 19.25 -30.56
CA LEU A 364 31.70 20.55 -29.94
C LEU A 364 30.56 21.50 -30.23
N ASP A 365 30.00 21.43 -31.43
CA ASP A 365 28.83 22.23 -31.72
C ASP A 365 27.77 21.79 -30.74
N GLU A 366 27.77 20.50 -30.43
CA GLU A 366 26.75 19.91 -29.59
C GLU A 366 26.77 20.55 -28.20
N ALA A 367 27.96 20.82 -27.68
CA ALA A 367 28.06 21.43 -26.34
C ALA A 367 27.48 22.86 -26.19
N MET A 368 27.80 23.69 -27.19
CA MET A 368 27.41 25.09 -27.20
C MET A 368 25.90 25.23 -27.23
N SER A 369 25.24 24.38 -28.01
CA SER A 369 23.79 24.47 -28.11
C SER A 369 23.14 24.36 -26.74
N ILE A 370 23.69 23.46 -25.92
CA ILE A 370 23.21 23.23 -24.57
C ILE A 370 23.34 24.49 -23.70
N SER A 371 24.45 25.19 -23.83
CA SER A 371 24.63 26.44 -23.10
C SER A 371 23.65 27.55 -23.48
N VAL A 372 23.37 27.71 -24.77
CA VAL A 372 22.56 28.83 -25.23
C VAL A 372 21.14 28.83 -24.68
N GLU A 373 20.55 27.67 -24.52
CA GLU A 373 19.11 27.57 -24.26
C GLU A 373 18.66 28.25 -22.97
N MET A 374 19.47 28.14 -21.92
CA MET A 374 19.06 28.52 -20.58
C MET A 374 18.60 29.98 -20.43
N LEU A 375 19.21 30.87 -21.20
CA LEU A 375 19.02 32.29 -20.98
C LEU A 375 17.55 32.62 -21.12
N ARG A 376 17.11 33.53 -20.24
CA ARG A 376 15.74 34.00 -20.19
C ARG A 376 15.41 34.70 -21.49
N GLU A 377 14.17 34.56 -21.94
CA GLU A 377 13.84 34.89 -23.30
C GLU A 377 14.26 36.31 -23.63
N ASP A 378 14.11 37.23 -22.69
CA ASP A 378 14.47 38.61 -22.95
C ASP A 378 15.96 38.71 -23.28
N ILE A 379 16.79 38.02 -22.51
CA ILE A 379 18.22 38.01 -22.78
C ILE A 379 18.57 37.34 -24.10
N LYS A 380 17.82 36.30 -24.44
CA LYS A 380 18.22 35.37 -25.49
C LYS A 380 18.40 36.05 -26.84
N ASP A 381 17.53 36.98 -27.15
CA ASP A 381 17.59 37.70 -28.42
C ASP A 381 18.89 38.48 -28.50
N TYR A 382 19.30 39.06 -27.37
CA TYR A 382 20.46 39.93 -27.36
C TYR A 382 21.71 39.19 -27.76
N TYR A 383 21.89 37.97 -27.27
CA TYR A 383 23.12 37.28 -27.59
C TYR A 383 23.39 37.28 -29.09
N THR A 384 22.34 37.10 -29.89
CA THR A 384 22.53 36.96 -31.33
C THR A 384 23.16 38.22 -31.91
N ASP A 385 22.77 39.36 -31.39
CA ASP A 385 23.34 40.61 -31.85
C ASP A 385 24.82 40.47 -31.56
N LEU A 386 25.13 39.82 -30.45
CA LEU A 386 26.51 39.68 -30.02
C LEU A 386 27.31 38.87 -31.02
N SER A 387 26.57 38.23 -31.93
CA SER A 387 27.12 37.32 -32.93
C SER A 387 28.05 38.04 -33.90
N ILE A 388 27.67 39.28 -34.24
CA ILE A 388 28.38 40.02 -35.28
C ILE A 388 29.84 40.23 -34.92
N LEU A 389 30.15 40.39 -33.63
CA LEU A 389 31.50 40.81 -33.22
C LEU A 389 32.65 39.89 -33.67
N GLN A 390 33.76 40.52 -34.04
CA GLN A 390 34.91 39.88 -34.65
C GLN A 390 35.37 38.74 -33.75
N LYS A 391 36.15 37.82 -34.31
CA LYS A 391 36.69 36.71 -33.52
C LYS A 391 37.58 37.31 -32.43
N ASP A 392 38.39 38.29 -32.81
CA ASP A 392 39.40 38.81 -31.88
C ASP A 392 39.42 40.34 -31.77
N VAL A 393 38.33 40.89 -31.27
CA VAL A 393 38.26 42.30 -31.01
C VAL A 393 37.75 42.48 -29.59
N LYS A 394 38.45 43.28 -28.80
CA LYS A 394 37.92 43.64 -27.50
C LYS A 394 37.22 44.95 -27.78
N VAL A 395 35.90 44.90 -27.91
CA VAL A 395 35.16 46.12 -28.19
C VAL A 395 34.86 46.90 -26.92
N PRO A 396 35.02 48.21 -27.01
CA PRO A 396 34.64 49.10 -25.92
C PRO A 396 33.14 49.01 -25.73
N THR A 397 32.71 48.96 -24.47
CA THR A 397 31.32 48.74 -24.14
C THR A 397 30.32 49.57 -24.93
N LYS A 398 30.69 50.82 -25.21
CA LYS A 398 29.79 51.78 -25.83
C LYS A 398 29.12 51.26 -27.09
N VAL A 399 29.90 50.66 -27.99
CA VAL A 399 29.37 50.22 -29.27
C VAL A 399 28.24 49.24 -29.05
N LEU A 400 28.36 48.45 -27.99
CA LEU A 400 27.28 47.54 -27.61
C LEU A 400 26.09 48.35 -27.14
N CYS A 401 26.37 49.49 -26.51
CA CYS A 401 25.29 50.37 -26.07
C CYS A 401 24.55 50.90 -27.28
N ILE A 402 25.31 51.29 -28.30
CA ILE A 402 24.73 51.85 -29.50
C ILE A 402 23.85 50.88 -30.26
N LEU A 403 24.32 49.65 -30.43
CA LEU A 403 23.54 48.67 -31.16
C LEU A 403 22.27 48.37 -30.40
N TRP A 404 22.42 48.18 -29.09
CA TRP A 404 21.28 47.94 -28.22
C TRP A 404 20.36 49.15 -28.10
N ASP A 405 20.95 50.33 -28.08
CA ASP A 405 20.20 51.56 -27.88
C ASP A 405 19.72 51.62 -26.44
N MET A 406 20.41 50.90 -25.56
CA MET A 406 20.03 50.83 -24.16
C MET A 406 21.10 51.41 -23.25
N GLU A 407 20.68 52.15 -22.22
CA GLU A 407 21.61 52.97 -21.43
C GLU A 407 22.72 52.15 -20.76
N THR A 408 23.89 52.78 -20.63
CA THR A 408 25.12 52.09 -20.28
C THR A 408 25.18 51.38 -18.92
N GLU A 409 24.60 51.97 -17.89
CA GLU A 409 24.64 51.35 -16.57
C GLU A 409 23.94 50.01 -16.65
N GLU A 410 22.86 49.98 -17.40
CA GLU A 410 22.09 48.77 -17.65
C GLU A 410 22.81 47.75 -18.54
N VAL A 411 23.45 48.24 -19.59
CA VAL A 411 24.02 47.35 -20.60
C VAL A 411 25.11 46.46 -20.05
N GLU A 412 25.91 47.00 -19.14
CA GLU A 412 27.02 46.26 -18.57
C GLU A 412 26.54 45.03 -17.84
N ASP A 413 25.41 45.16 -17.15
CA ASP A 413 24.99 44.13 -16.21
C ASP A 413 24.54 42.88 -16.93
N ILE A 414 23.86 43.06 -18.06
CA ILE A 414 23.44 41.90 -18.84
C ILE A 414 24.68 41.16 -19.31
N LEU A 415 25.69 41.94 -19.69
CA LEU A 415 26.93 41.35 -20.12
C LEU A 415 27.62 40.64 -18.97
N GLN A 416 27.46 41.18 -17.77
CA GLN A 416 28.02 40.55 -16.60
C GLN A 416 27.37 39.21 -16.41
N GLU A 417 26.07 39.13 -16.67
CA GLU A 417 25.35 37.88 -16.57
C GLU A 417 25.87 36.89 -17.60
N PHE A 418 26.20 37.38 -18.78
CA PHE A 418 26.79 36.51 -19.79
C PHE A 418 28.12 35.99 -19.27
N VAL A 419 28.95 36.87 -18.74
CA VAL A 419 30.29 36.45 -18.44
C VAL A 419 30.15 35.30 -17.48
N ASN A 420 29.20 35.41 -16.56
CA ASN A 420 28.96 34.31 -15.65
C ASN A 420 28.52 33.08 -16.42
N LYS A 421 27.63 33.25 -17.39
CA LYS A 421 27.27 32.13 -18.23
C LYS A 421 28.48 31.59 -18.99
N SER A 422 29.63 32.25 -18.79
CA SER A 422 30.86 31.86 -19.44
C SER A 422 30.70 31.83 -20.94
N LEU A 423 29.92 32.77 -21.47
CA LEU A 423 29.69 32.84 -22.91
C LEU A 423 30.31 34.10 -23.50
N LEU A 424 31.10 34.79 -22.70
CA LEU A 424 31.71 36.05 -23.12
C LEU A 424 32.71 36.52 -22.07
N PHE A 425 33.99 36.40 -22.41
CA PHE A 425 35.05 36.69 -21.46
C PHE A 425 35.20 38.17 -21.11
N CYS A 426 35.43 38.41 -19.82
CA CYS A 426 35.63 39.76 -19.29
C CYS A 426 37.03 40.31 -19.53
N ASP A 427 37.13 41.63 -19.56
CA ASP A 427 38.43 42.30 -19.64
C ASP A 427 38.46 43.52 -18.75
N ARG A 428 38.96 43.36 -17.53
CA ARG A 428 39.05 44.48 -16.62
C ARG A 428 40.33 45.27 -16.88
N ASN A 429 40.36 45.97 -18.01
CA ASN A 429 41.45 46.88 -18.29
C ASN A 429 40.95 48.25 -17.90
N GLY A 430 41.43 48.73 -16.76
CA GLY A 430 41.09 50.06 -16.31
C GLY A 430 39.58 50.16 -16.17
N LYS A 431 39.06 51.38 -16.25
CA LYS A 431 37.64 51.59 -16.18
C LYS A 431 37.01 50.89 -17.37
N SER A 432 37.69 50.97 -18.51
CA SER A 432 37.18 50.38 -19.74
C SER A 432 37.07 48.87 -19.63
N PHE A 433 36.06 48.33 -20.29
CA PHE A 433 35.84 46.90 -20.39
C PHE A 433 35.77 46.50 -21.86
N ARG A 434 36.56 45.50 -22.22
CA ARG A 434 36.44 44.91 -23.54
C ARG A 434 36.02 43.47 -23.33
N TYR A 435 34.87 43.11 -23.86
CA TYR A 435 34.46 41.72 -23.89
C TYR A 435 34.77 41.07 -25.23
N TYR A 436 35.11 39.79 -25.18
CA TYR A 436 35.49 39.06 -26.39
C TYR A 436 35.29 37.57 -26.20
N LEU A 437 35.43 36.84 -27.31
CA LEU A 437 35.07 35.42 -27.35
C LEU A 437 36.25 34.54 -27.72
N HIS A 438 36.06 33.24 -27.53
CA HIS A 438 36.96 32.25 -28.06
C HIS A 438 36.65 32.04 -29.52
N ASP A 439 37.66 31.61 -30.28
CA ASP A 439 37.49 31.35 -31.69
C ASP A 439 36.39 30.31 -31.92
N LEU A 440 36.28 29.39 -30.97
CA LEU A 440 35.26 28.35 -31.03
C LEU A 440 33.87 28.95 -30.80
N GLN A 441 33.79 29.87 -29.84
CA GLN A 441 32.53 30.53 -29.51
C GLN A 441 32.02 31.35 -30.69
N VAL A 442 32.95 32.02 -31.38
CA VAL A 442 32.58 32.83 -32.52
C VAL A 442 32.10 31.96 -33.66
N ASP A 443 32.82 30.87 -33.89
CA ASP A 443 32.52 29.97 -34.98
C ASP A 443 31.13 29.37 -34.78
N PHE A 444 30.81 29.04 -33.53
CA PHE A 444 29.52 28.44 -33.27
C PHE A 444 28.46 29.43 -33.69
N LEU A 445 28.71 30.72 -33.44
CA LEU A 445 27.69 31.72 -33.68
C LEU A 445 27.30 31.78 -35.14
N THR A 446 28.30 31.85 -36.01
CA THR A 446 28.05 31.91 -37.43
C THR A 446 27.39 30.60 -37.85
N GLU A 447 27.80 29.52 -37.21
CA GLU A 447 27.23 28.20 -37.51
C GLU A 447 25.74 28.20 -37.21
N LYS A 448 25.36 28.85 -36.12
CA LYS A 448 23.96 28.87 -35.68
C LYS A 448 23.17 30.17 -35.94
N ASN A 449 23.84 31.25 -36.33
CA ASN A 449 23.18 32.52 -36.58
C ASN A 449 23.42 33.17 -37.93
N CYS A 450 23.94 32.41 -38.89
CA CYS A 450 24.46 33.01 -40.12
C CYS A 450 23.44 33.78 -40.95
N SER A 451 22.22 33.27 -41.08
CA SER A 451 21.21 33.93 -41.89
C SER A 451 20.87 35.31 -41.35
N GLN A 452 20.76 35.41 -40.03
CA GLN A 452 20.47 36.68 -39.39
C GLN A 452 21.59 37.69 -39.61
N LEU A 453 22.84 37.22 -39.57
CA LEU A 453 23.99 38.09 -39.47
C LEU A 453 24.07 39.11 -40.61
N GLN A 454 23.79 38.66 -41.84
CA GLN A 454 23.79 39.56 -42.98
C GLN A 454 22.73 40.63 -42.75
N ASP A 455 21.60 40.21 -42.22
CA ASP A 455 20.48 41.11 -41.95
C ASP A 455 20.78 42.14 -40.86
N LEU A 456 21.37 41.69 -39.76
CA LEU A 456 21.55 42.57 -38.61
C LEU A 456 22.49 43.75 -38.83
N HIS A 457 23.55 43.49 -39.58
CA HIS A 457 24.68 44.39 -39.69
C HIS A 457 24.11 45.69 -40.17
N LYS A 458 23.09 45.59 -41.02
CA LYS A 458 22.41 46.77 -41.51
C LYS A 458 21.85 47.44 -40.27
N LYS A 459 21.42 46.62 -39.30
CA LYS A 459 20.82 47.13 -38.08
C LYS A 459 21.78 48.00 -37.26
N ILE A 460 23.03 47.58 -37.17
CA ILE A 460 24.03 48.37 -36.43
C ILE A 460 24.34 49.70 -37.09
N ILE A 461 24.49 49.70 -38.41
CA ILE A 461 24.90 50.91 -39.11
C ILE A 461 23.85 52.00 -38.97
N THR A 462 22.58 51.64 -39.08
CA THR A 462 21.52 52.63 -39.04
C THR A 462 21.46 53.30 -37.68
N GLN A 463 21.71 52.50 -36.64
CA GLN A 463 21.75 53.02 -35.27
C GLN A 463 22.90 54.01 -35.12
N PHE A 464 24.05 53.71 -35.72
CA PHE A 464 25.19 54.61 -35.66
C PHE A 464 24.85 55.89 -36.39
N GLN A 465 24.05 55.75 -37.44
CA GLN A 465 23.55 56.90 -38.18
C GLN A 465 22.61 57.73 -37.33
N ARG A 466 21.88 57.09 -36.43
CA ARG A 466 20.98 57.82 -35.54
C ARG A 466 21.79 58.58 -34.51
N TYR A 467 23.05 58.19 -34.38
CA TYR A 467 23.98 58.95 -33.55
C TYR A 467 25.05 59.57 -34.43
N HIS A 468 26.30 59.34 -34.09
CA HIS A 468 27.41 60.03 -34.74
C HIS A 468 27.51 59.73 -36.23
N GLN A 469 27.67 60.78 -37.03
CA GLN A 469 28.06 60.63 -38.42
C GLN A 469 29.57 60.44 -38.49
N PRO A 470 30.07 59.78 -39.56
CA PRO A 470 31.51 59.51 -39.62
C PRO A 470 32.35 60.78 -39.57
N HIS A 471 31.88 61.87 -40.16
CA HIS A 471 32.54 63.16 -40.02
C HIS A 471 32.33 63.71 -38.62
N THR A 472 31.22 63.31 -38.00
CA THR A 472 30.83 63.79 -36.69
C THR A 472 31.58 62.98 -35.62
N LEU A 473 32.34 61.98 -36.06
CA LEU A 473 33.19 61.20 -35.16
C LEU A 473 34.31 62.06 -34.55
N SER A 474 34.74 61.72 -33.34
CA SER A 474 35.75 62.50 -32.63
C SER A 474 36.88 61.66 -32.02
N PRO A 475 38.05 62.28 -31.82
CA PRO A 475 39.21 61.55 -31.31
C PRO A 475 39.09 61.09 -29.84
N ASP A 476 38.39 61.88 -29.02
CA ASP A 476 38.29 61.62 -27.60
C ASP A 476 37.41 60.42 -27.27
N GLN A 477 36.29 60.30 -27.98
CA GLN A 477 35.35 59.22 -27.76
C GLN A 477 36.07 57.87 -27.77
N GLU A 478 35.76 57.02 -26.79
CA GLU A 478 36.39 55.71 -26.68
C GLU A 478 36.11 54.75 -27.84
N ASP A 479 34.87 54.75 -28.30
CA ASP A 479 34.41 53.79 -29.30
C ASP A 479 35.00 53.98 -30.69
N CYS A 480 35.43 55.19 -30.99
CA CYS A 480 35.66 55.61 -32.37
C CYS A 480 36.65 54.75 -33.11
N MET A 481 37.72 54.32 -32.43
CA MET A 481 38.77 53.57 -33.10
C MET A 481 38.21 52.26 -33.62
N TYR A 482 37.29 51.68 -32.86
CA TYR A 482 36.61 50.48 -33.30
C TYR A 482 35.82 50.75 -34.57
N TRP A 483 35.29 51.96 -34.52
CA TRP A 483 34.35 52.54 -35.42
C TRP A 483 34.86 52.74 -36.82
N TYR A 484 36.08 53.24 -36.96
CA TYR A 484 36.61 53.35 -38.29
C TYR A 484 36.80 51.97 -38.88
N ASN A 485 37.60 51.15 -38.19
CA ASN A 485 37.99 49.84 -38.67
C ASN A 485 36.86 48.81 -38.83
N PHE A 486 35.95 48.77 -37.87
CA PHE A 486 34.84 47.85 -37.94
C PHE A 486 33.62 48.57 -38.46
N LEU A 487 33.70 49.90 -38.51
CA LEU A 487 32.67 50.63 -39.21
C LEU A 487 32.82 50.21 -40.66
N ALA A 488 34.06 50.20 -41.12
CA ALA A 488 34.31 49.85 -42.49
C ALA A 488 33.84 48.43 -42.67
N TYR A 489 34.13 47.61 -41.66
CA TYR A 489 33.80 46.20 -41.75
C TYR A 489 32.29 45.92 -41.88
N HIS A 490 31.46 46.59 -41.09
CA HIS A 490 30.04 46.21 -41.03
C HIS A 490 29.26 46.43 -42.31
N MET A 491 29.51 47.57 -42.93
CA MET A 491 28.93 47.97 -44.20
C MET A 491 29.16 46.94 -45.27
N ALA A 492 30.27 46.21 -45.17
CA ALA A 492 30.59 45.21 -46.17
C ALA A 492 29.61 44.06 -46.07
N SER A 493 29.39 43.59 -44.85
CA SER A 493 28.41 42.54 -44.61
C SER A 493 27.05 43.07 -45.05
N ALA A 494 26.81 44.34 -44.77
CA ALA A 494 25.51 44.94 -45.02
C ALA A 494 25.22 44.67 -46.48
N LYS A 495 26.27 44.68 -47.29
CA LYS A 495 26.13 44.45 -48.72
C LYS A 495 25.69 45.73 -49.41
N MET A 496 25.62 46.82 -48.65
CA MET A 496 25.21 48.09 -49.20
C MET A 496 26.46 48.76 -49.74
N HIS A 497 26.54 48.82 -51.06
CA HIS A 497 27.71 49.37 -51.72
C HIS A 497 27.66 50.89 -51.87
N LYS A 498 26.46 51.43 -52.04
CA LYS A 498 26.32 52.88 -52.14
C LYS A 498 26.66 53.53 -50.81
N GLU A 499 26.26 52.89 -49.72
CA GLU A 499 26.61 53.37 -48.39
C GLU A 499 28.11 53.22 -48.17
N LEU A 500 28.66 52.17 -48.76
CA LEU A 500 30.09 51.92 -48.63
C LEU A 500 30.84 53.05 -49.31
N CYS A 501 30.26 53.53 -50.41
CA CYS A 501 30.76 54.71 -51.08
C CYS A 501 30.58 55.95 -50.22
N ALA A 502 29.50 55.96 -49.45
CA ALA A 502 29.20 57.08 -48.56
C ALA A 502 30.25 57.18 -47.46
N LEU A 503 30.88 56.06 -47.13
CA LEU A 503 31.89 56.07 -46.08
C LEU A 503 33.33 56.02 -46.59
N MET A 504 33.75 54.87 -47.09
CA MET A 504 35.18 54.64 -47.34
C MET A 504 35.79 55.61 -48.34
N PHE A 505 34.99 56.01 -49.32
CA PHE A 505 35.46 56.88 -50.38
C PHE A 505 35.89 58.22 -49.80
N SER A 506 35.12 58.69 -48.83
CA SER A 506 35.28 60.05 -48.32
C SER A 506 36.74 60.29 -47.98
N LEU A 507 37.36 61.24 -48.69
CA LEU A 507 38.77 61.51 -48.53
C LEU A 507 39.11 62.04 -47.13
N ASP A 508 38.19 62.81 -46.56
CA ASP A 508 38.39 63.35 -45.22
C ASP A 508 38.37 62.25 -44.19
N TRP A 509 37.57 61.22 -44.45
CA TRP A 509 37.52 60.06 -43.60
C TRP A 509 38.86 59.35 -43.65
N ILE A 510 39.45 59.37 -44.83
CA ILE A 510 40.78 58.84 -45.04
C ILE A 510 41.77 59.68 -44.25
N LYS A 511 41.50 60.98 -44.16
CA LYS A 511 42.41 61.89 -43.49
C LYS A 511 42.45 61.60 -42.00
N ALA A 512 41.27 61.52 -41.39
CA ALA A 512 41.20 61.23 -39.97
C ALA A 512 41.71 59.82 -39.69
N LYS A 513 41.43 58.88 -40.58
CA LYS A 513 41.84 57.52 -40.35
C LYS A 513 43.35 57.40 -40.39
N THR A 514 43.94 58.14 -41.32
CA THR A 514 45.38 58.23 -41.48
C THR A 514 45.97 58.82 -40.22
N GLU A 515 45.23 59.77 -39.66
CA GLU A 515 45.72 60.62 -38.57
C GLU A 515 46.10 59.84 -37.32
N LEU A 516 45.26 58.88 -36.93
CA LEU A 516 45.54 58.03 -35.76
C LEU A 516 45.74 56.53 -36.05
N VAL A 517 45.20 56.05 -37.17
CA VAL A 517 45.33 54.67 -37.62
C VAL A 517 46.62 54.40 -38.36
N GLY A 518 47.03 55.34 -39.19
CA GLY A 518 48.15 55.12 -40.10
C GLY A 518 47.64 54.64 -41.43
N PRO A 519 48.50 54.70 -42.44
CA PRO A 519 48.09 54.43 -43.83
C PRO A 519 48.17 52.96 -44.25
N ALA A 520 48.16 52.03 -43.30
CA ALA A 520 48.14 50.62 -43.65
C ALA A 520 46.75 50.00 -43.58
N HIS A 521 45.98 50.35 -42.57
CA HIS A 521 44.68 49.71 -42.40
C HIS A 521 43.78 49.96 -43.60
N LEU A 522 43.84 51.19 -44.12
CA LEU A 522 43.00 51.58 -45.25
C LEU A 522 43.33 50.73 -46.48
N ILE A 523 44.60 50.47 -46.70
CA ILE A 523 45.02 49.62 -47.82
C ILE A 523 44.47 48.21 -47.67
N HIS A 524 44.52 47.69 -46.45
CA HIS A 524 44.01 46.36 -46.16
C HIS A 524 42.50 46.31 -46.40
N GLU A 525 41.82 47.37 -46.00
CA GLU A 525 40.38 47.49 -46.19
C GLU A 525 40.05 47.52 -47.68
N PHE A 526 40.88 48.20 -48.44
CA PHE A 526 40.66 48.38 -49.87
C PHE A 526 40.64 47.05 -50.61
N VAL A 527 41.53 46.14 -50.23
CA VAL A 527 41.57 44.85 -50.88
C VAL A 527 40.25 44.12 -50.66
N GLU A 528 39.74 44.21 -49.44
CA GLU A 528 38.42 43.69 -49.10
C GLU A 528 37.38 44.46 -49.90
N TYR A 529 37.63 45.76 -50.05
CA TYR A 529 36.72 46.70 -50.67
C TYR A 529 36.41 46.35 -52.13
N ARG A 530 37.43 45.87 -52.84
CA ARG A 530 37.34 45.66 -54.27
C ARG A 530 36.27 44.67 -54.72
N HIS A 531 36.18 43.54 -54.02
CA HIS A 531 35.15 42.54 -54.26
C HIS A 531 33.75 43.08 -53.96
N ILE A 532 33.65 43.85 -52.87
CA ILE A 532 32.37 44.31 -52.36
C ILE A 532 31.56 45.22 -53.28
N LEU A 533 32.25 46.12 -53.98
CA LEU A 533 31.55 47.13 -54.78
C LEU A 533 31.45 46.74 -56.27
N ASP A 534 32.15 47.48 -57.13
CA ASP A 534 32.06 47.26 -58.57
C ASP A 534 33.43 47.26 -59.23
N GLU A 535 33.53 46.56 -60.35
CA GLU A 535 34.79 46.48 -61.10
C GLU A 535 35.21 47.84 -61.61
N LYS A 536 34.26 48.63 -62.08
CA LYS A 536 34.55 49.96 -62.60
C LYS A 536 35.12 50.85 -61.51
N ASP A 537 34.53 50.77 -60.32
CA ASP A 537 35.04 51.48 -59.15
C ASP A 537 36.43 50.96 -58.82
N CYS A 538 36.59 49.65 -58.94
CA CYS A 538 37.86 48.98 -58.67
C CYS A 538 38.99 49.82 -59.26
N ALA A 539 38.74 50.38 -60.44
CA ALA A 539 39.68 51.27 -61.08
C ALA A 539 39.87 52.50 -60.21
N VAL A 540 38.76 52.97 -59.65
CA VAL A 540 38.81 54.13 -58.77
C VAL A 540 39.67 53.76 -57.59
N SER A 541 39.50 52.54 -57.10
CA SER A 541 40.31 52.01 -56.02
C SER A 541 41.76 51.88 -56.49
N GLU A 542 41.93 51.54 -57.76
CA GLU A 542 43.26 51.44 -58.34
C GLU A 542 43.91 52.81 -58.39
N ASN A 543 43.11 53.83 -58.69
CA ASN A 543 43.58 55.20 -58.73
C ASN A 543 43.94 55.71 -57.33
N PHE A 544 43.15 55.29 -56.35
CA PHE A 544 43.39 55.68 -54.97
C PHE A 544 44.65 55.02 -54.41
N GLN A 545 44.84 53.73 -54.74
CA GLN A 545 46.01 53.01 -54.29
C GLN A 545 47.23 53.67 -54.88
N GLU A 546 47.10 54.09 -56.14
CA GLU A 546 48.16 54.84 -56.81
C GLU A 546 48.39 56.16 -56.08
N PHE A 547 47.32 56.73 -55.54
CA PHE A 547 47.42 57.96 -54.77
C PHE A 547 48.09 57.70 -53.42
N LEU A 548 48.02 56.45 -52.97
CA LEU A 548 48.62 56.07 -51.70
C LEU A 548 50.12 55.84 -51.84
N SER A 549 50.52 55.29 -52.98
CA SER A 549 51.93 55.03 -53.25
C SER A 549 52.78 56.23 -52.88
N LEU A 550 52.24 57.42 -53.09
CA LEU A 550 52.95 58.65 -52.76
C LEU A 550 52.77 59.02 -51.30
N ASN A 551 51.74 58.44 -50.68
CA ASN A 551 51.46 58.71 -49.26
C ASN A 551 52.42 58.13 -48.22
N GLY A 552 52.87 56.89 -48.43
CA GLY A 552 53.62 56.21 -47.39
C GLY A 552 54.92 56.84 -46.93
N HIS A 553 55.68 57.35 -47.89
CA HIS A 553 57.05 57.82 -47.65
C HIS A 553 57.19 59.02 -46.69
N LEU A 554 56.37 60.04 -46.90
CA LEU A 554 56.45 61.24 -46.09
C LEU A 554 55.15 61.60 -45.38
N LEU A 555 54.06 60.92 -45.71
CA LEU A 555 52.72 61.31 -45.24
C LEU A 555 52.54 61.26 -43.72
N GLY A 556 53.07 60.23 -43.08
CA GLY A 556 52.91 60.03 -41.65
C GLY A 556 53.59 61.00 -40.72
N ARG A 557 54.81 61.39 -41.07
CA ARG A 557 55.59 62.32 -40.25
C ARG A 557 54.70 63.07 -39.26
N GLN A 558 54.31 64.28 -39.63
CA GLN A 558 53.48 65.13 -38.78
C GLN A 558 52.79 66.22 -39.60
N PRO A 559 53.56 67.21 -40.04
CA PRO A 559 53.01 68.27 -40.87
C PRO A 559 52.19 67.71 -42.03
N PHE A 560 51.15 66.94 -41.72
CA PHE A 560 50.35 66.30 -42.77
C PHE A 560 50.09 67.26 -43.92
N PRO A 561 51.14 67.67 -44.61
CA PRO A 561 51.02 68.58 -45.75
C PRO A 561 49.62 68.58 -46.34
N ASN A 562 49.06 69.77 -46.58
CA ASN A 562 47.74 69.87 -47.19
C ASN A 562 47.58 68.95 -48.39
N ILE A 563 47.18 67.70 -48.14
CA ILE A 563 47.00 66.72 -49.19
C ILE A 563 46.25 67.33 -50.38
N VAL A 564 45.17 68.04 -50.09
CA VAL A 564 44.36 68.67 -51.12
C VAL A 564 45.24 69.37 -52.16
N GLN A 565 46.43 69.78 -51.75
CA GLN A 565 47.36 70.46 -52.63
C GLN A 565 48.34 69.48 -53.26
N LEU A 566 48.80 68.51 -52.47
CA LEU A 566 49.74 67.51 -52.95
C LEU A 566 49.02 66.43 -53.76
N GLY A 567 47.69 66.43 -53.70
CA GLY A 567 46.90 65.46 -54.42
C GLY A 567 46.88 65.71 -55.91
N LEU A 568 46.74 66.98 -56.30
CA LEU A 568 46.70 67.36 -57.70
C LEU A 568 48.03 67.04 -58.39
N CYS A 569 48.38 65.76 -58.43
CA CYS A 569 49.63 65.32 -59.05
C CYS A 569 49.41 64.04 -59.85
N GLU A 570 48.31 63.35 -59.57
CA GLU A 570 48.00 62.11 -60.26
C GLU A 570 47.76 62.35 -61.75
N PRO A 571 47.81 61.28 -62.55
CA PRO A 571 47.62 61.39 -64.00
C PRO A 571 46.29 60.81 -64.45
N GLU A 572 45.97 60.97 -65.73
CA GLU A 572 44.73 60.44 -66.28
C GLU A 572 43.53 61.26 -65.81
N THR A 573 42.89 60.80 -64.74
CA THR A 573 41.72 61.49 -64.20
C THR A 573 41.25 60.83 -62.91
N SER A 574 40.79 59.59 -63.02
CA SER A 574 40.33 58.84 -61.87
C SER A 574 39.42 59.62 -60.94
N GLU A 575 38.83 58.88 -60.01
CA GLU A 575 37.95 59.48 -59.03
C GLU A 575 38.76 60.46 -58.22
N VAL A 576 40.01 60.11 -57.94
CA VAL A 576 40.83 60.98 -57.13
C VAL A 576 41.13 62.29 -57.84
N TYR A 577 41.49 62.20 -59.11
CA TYR A 577 41.84 63.41 -59.83
C TYR A 577 40.63 64.29 -59.88
N GLN A 578 39.49 63.69 -60.21
CA GLN A 578 38.30 64.51 -60.41
C GLN A 578 37.97 65.20 -59.11
N GLN A 579 38.08 64.46 -58.01
CA GLN A 579 37.77 65.01 -56.70
C GLN A 579 38.70 66.17 -56.36
N ALA A 580 39.96 66.02 -56.72
CA ALA A 580 41.01 66.95 -56.34
C ALA A 580 40.84 68.29 -57.03
N LYS A 581 40.55 68.28 -58.32
CA LYS A 581 40.47 69.54 -59.04
C LYS A 581 39.35 70.41 -58.50
N LEU A 582 38.20 69.79 -58.24
CA LEU A 582 37.06 70.52 -57.72
C LEU A 582 37.37 71.09 -56.34
N GLN A 583 38.05 70.28 -55.52
CA GLN A 583 38.39 70.72 -54.18
C GLN A 583 39.29 71.94 -54.27
N ALA A 584 40.23 71.87 -55.20
CA ALA A 584 41.18 72.94 -55.42
C ALA A 584 40.48 74.20 -55.85
N LYS A 585 39.50 74.06 -56.75
CA LYS A 585 38.74 75.21 -57.23
C LYS A 585 37.99 75.86 -56.08
N GLN A 586 37.43 75.03 -55.20
CA GLN A 586 36.73 75.52 -54.02
C GLN A 586 37.66 76.29 -53.10
N GLU A 587 38.86 75.75 -52.90
CA GLU A 587 39.86 76.38 -52.06
C GLU A 587 40.29 77.73 -52.64
N VAL A 588 40.43 77.75 -53.97
CA VAL A 588 41.07 78.84 -54.68
C VAL A 588 40.40 80.19 -54.55
N ASP A 589 39.08 80.23 -54.64
CA ASP A 589 38.38 81.50 -54.56
C ASP A 589 38.62 82.15 -53.21
N ASN A 590 38.56 81.33 -52.16
CA ASN A 590 38.83 81.80 -50.82
C ASN A 590 40.27 82.29 -50.64
N GLY A 591 41.21 81.57 -51.23
CA GLY A 591 42.63 81.86 -51.05
C GLY A 591 43.46 80.60 -51.03
N MET A 592 44.56 80.62 -50.31
CA MET A 592 45.42 79.43 -50.17
C MET A 592 46.50 79.28 -51.24
N LEU A 593 46.46 80.13 -52.25
CA LEU A 593 47.62 80.34 -53.11
C LEU A 593 48.17 79.03 -53.64
N TYR A 594 47.29 78.10 -53.99
CA TYR A 594 47.74 76.82 -54.53
C TYR A 594 48.42 77.03 -55.86
N LEU A 595 49.51 76.32 -56.12
CA LEU A 595 50.17 76.45 -57.42
C LEU A 595 49.85 75.25 -58.29
N GLU A 596 49.26 75.50 -59.46
CA GLU A 596 48.98 74.42 -60.41
C GLU A 596 50.28 73.82 -60.96
N TRP A 597 50.26 72.53 -61.29
CA TRP A 597 51.41 71.89 -61.94
C TRP A 597 51.05 71.38 -63.33
N ILE A 598 51.82 71.80 -64.34
CA ILE A 598 51.50 71.50 -65.74
C ILE A 598 52.28 70.41 -66.49
N ASN A 599 53.22 69.75 -65.82
CA ASN A 599 54.09 68.76 -66.48
C ASN A 599 53.97 67.27 -66.08
N LYS A 600 52.94 66.87 -65.35
CA LYS A 600 52.95 65.55 -64.74
C LYS A 600 53.10 64.43 -65.76
N LYS A 601 52.36 64.51 -66.86
CA LYS A 601 52.36 63.47 -67.87
C LYS A 601 53.73 63.37 -68.53
N ASN A 602 54.51 64.44 -68.41
CA ASN A 602 55.85 64.51 -68.97
C ASN A 602 56.93 64.02 -67.99
N ILE A 603 56.52 63.80 -66.74
CA ILE A 603 57.47 63.52 -65.66
C ILE A 603 57.03 62.45 -64.63
N THR A 604 58.02 61.87 -63.96
CA THR A 604 57.83 60.87 -62.91
C THR A 604 57.49 59.47 -63.43
N ASN A 605 58.44 58.55 -63.27
CA ASN A 605 58.18 57.12 -63.38
C ASN A 605 57.91 56.53 -62.02
N LEU A 606 56.63 56.47 -61.65
CA LEU A 606 56.22 56.16 -60.29
C LEU A 606 56.58 54.75 -59.83
N SER A 607 57.11 54.65 -58.61
CA SER A 607 57.30 53.36 -57.94
C SER A 607 55.98 52.85 -57.39
N ARG A 608 55.84 51.53 -57.33
CA ARG A 608 54.59 50.94 -56.85
C ARG A 608 54.31 51.20 -55.36
N LEU A 609 55.36 51.36 -54.56
CA LEU A 609 55.18 51.54 -53.12
C LEU A 609 56.42 52.16 -52.46
N VAL A 610 56.21 52.86 -51.35
CA VAL A 610 57.31 53.42 -50.56
C VAL A 610 57.02 53.24 -49.08
N VAL A 611 58.05 52.91 -48.31
CA VAL A 611 57.91 52.72 -46.87
C VAL A 611 59.01 53.48 -46.12
N ARG A 612 58.57 54.17 -45.06
CA ARG A 612 59.45 54.68 -44.06
C ARG A 612 59.05 53.95 -42.80
N PRO A 613 59.90 53.03 -42.38
CA PRO A 613 59.77 52.36 -41.09
C PRO A 613 60.37 53.15 -39.94
N HIS A 614 61.41 53.93 -40.21
CA HIS A 614 62.17 54.56 -39.13
C HIS A 614 62.52 56.01 -39.42
N THR A 615 62.41 56.88 -38.42
CA THR A 615 62.89 58.25 -38.53
C THR A 615 64.40 58.25 -38.60
N ASP A 616 65.00 57.16 -38.12
CA ASP A 616 66.45 56.99 -38.05
C ASP A 616 66.98 56.08 -39.17
N ALA A 617 68.13 56.43 -39.71
CA ALA A 617 68.64 55.82 -40.94
C ALA A 617 68.59 54.30 -40.90
N VAL A 618 68.13 53.71 -42.00
CA VAL A 618 68.05 52.27 -42.15
C VAL A 618 69.44 51.65 -42.29
N TYR A 619 69.66 50.47 -41.72
CA TYR A 619 70.93 49.79 -41.99
C TYR A 619 70.83 48.45 -42.71
N HIS A 620 69.72 47.73 -42.54
CA HIS A 620 69.53 46.49 -43.27
C HIS A 620 68.06 46.09 -43.33
N ALA A 621 67.71 45.29 -44.34
CA ALA A 621 66.36 44.80 -44.51
C ALA A 621 66.39 43.43 -45.19
N CYS A 622 65.39 42.61 -44.92
CA CYS A 622 65.35 41.27 -45.50
C CYS A 622 63.93 40.73 -45.70
N PHE A 623 63.72 40.04 -46.82
CA PHE A 623 62.46 39.37 -47.10
C PHE A 623 62.24 38.17 -46.20
N SER A 624 60.98 37.91 -45.88
CA SER A 624 60.62 36.63 -45.29
C SER A 624 60.87 35.57 -46.34
N GLU A 625 61.26 34.37 -45.92
CA GLU A 625 61.52 33.29 -46.86
C GLU A 625 60.26 32.97 -47.63
N ASP A 626 59.12 33.13 -46.95
CA ASP A 626 57.81 32.97 -47.58
C ASP A 626 57.53 34.13 -48.55
N GLY A 627 58.18 35.27 -48.29
CA GLY A 627 57.98 36.46 -49.10
C GLY A 627 56.79 37.29 -48.67
N GLN A 628 56.09 36.81 -47.65
CA GLN A 628 54.91 37.49 -47.13
C GLN A 628 55.22 38.78 -46.38
N ARG A 629 56.45 38.90 -45.85
CA ARG A 629 56.78 40.05 -45.03
C ARG A 629 58.26 40.42 -45.09
N ILE A 630 58.57 41.63 -44.62
CA ILE A 630 59.93 42.14 -44.68
C ILE A 630 60.33 42.80 -43.35
N ALA A 631 61.58 42.60 -42.92
CA ALA A 631 62.11 43.31 -41.75
C ALA A 631 63.29 44.25 -42.09
N SER A 632 63.20 45.51 -41.67
CA SER A 632 64.28 46.50 -41.82
C SER A 632 64.68 46.96 -40.41
N CYS A 633 65.98 47.16 -40.18
CA CYS A 633 66.49 47.84 -38.98
C CYS A 633 66.82 49.32 -39.26
N GLY A 634 67.74 49.90 -38.50
CA GLY A 634 68.13 51.30 -38.67
C GLY A 634 69.21 51.80 -37.72
N ALA A 635 69.60 53.07 -37.84
CA ALA A 635 70.62 53.65 -36.98
C ALA A 635 70.15 53.66 -35.53
N ASP A 636 68.85 53.87 -35.33
CA ASP A 636 68.31 53.91 -33.98
C ASP A 636 68.61 52.55 -33.37
N LYS A 637 68.50 51.53 -34.19
CA LYS A 637 68.78 50.15 -33.77
C LYS A 637 67.55 49.35 -33.37
N THR A 638 66.39 49.99 -33.40
CA THR A 638 65.13 49.30 -33.32
C THR A 638 64.98 48.60 -34.67
N LEU A 639 64.30 47.45 -34.69
CA LEU A 639 64.01 46.76 -35.95
C LEU A 639 62.49 46.70 -36.09
N GLN A 640 61.98 46.99 -37.27
CA GLN A 640 60.54 46.94 -37.51
C GLN A 640 60.21 45.86 -38.54
N VAL A 641 59.26 45.00 -38.22
CA VAL A 641 58.92 43.88 -39.12
C VAL A 641 57.54 44.11 -39.76
N PHE A 642 57.40 43.97 -41.07
CA PHE A 642 56.11 44.34 -41.69
C PHE A 642 55.64 43.43 -42.83
N LYS A 643 54.33 43.42 -43.10
CA LYS A 643 53.88 42.66 -44.25
C LYS A 643 53.66 43.66 -45.37
N ALA A 644 54.41 43.50 -46.44
CA ALA A 644 54.49 44.53 -47.48
C ALA A 644 53.22 44.85 -48.24
N GLU A 645 52.49 43.82 -48.64
CA GLU A 645 51.25 43.99 -49.38
C GLU A 645 50.41 45.12 -48.79
N THR A 646 49.50 44.77 -47.89
CA THR A 646 48.64 45.76 -47.25
C THR A 646 49.45 46.89 -46.65
N GLY A 647 50.76 46.72 -46.61
CA GLY A 647 51.66 47.72 -46.05
C GLY A 647 51.16 48.28 -44.73
N GLU A 648 51.12 47.41 -43.72
CA GLU A 648 50.66 47.80 -42.39
C GLU A 648 51.55 47.20 -41.31
N LYS A 649 51.88 48.01 -40.31
CA LYS A 649 52.73 47.55 -39.20
C LYS A 649 52.28 46.19 -38.69
N LEU A 650 53.19 45.23 -38.71
CA LEU A 650 52.89 43.88 -38.25
C LEU A 650 53.78 43.48 -37.07
N LEU A 651 54.79 44.31 -36.80
CA LEU A 651 55.72 44.03 -35.69
C LEU A 651 56.43 45.31 -35.21
N GLU A 652 56.57 45.47 -33.89
CA GLU A 652 57.37 46.55 -33.29
C GLU A 652 58.41 45.89 -32.38
N ILE A 653 59.68 46.30 -32.44
CA ILE A 653 60.74 45.73 -31.59
C ILE A 653 61.32 46.84 -30.69
N LYS A 654 61.47 46.61 -29.38
CA LYS A 654 61.62 47.76 -28.51
C LYS A 654 62.99 48.40 -28.71
N ALA A 655 64.02 47.56 -28.68
CA ALA A 655 65.39 48.03 -28.86
C ALA A 655 66.35 46.88 -29.18
N HIS A 656 67.49 47.22 -29.76
CA HIS A 656 68.61 46.29 -29.89
C HIS A 656 69.82 46.98 -29.29
N GLU A 657 70.58 46.29 -28.45
CA GLU A 657 71.74 46.95 -27.85
C GLU A 657 72.72 47.33 -28.94
N ASP A 658 73.14 48.59 -28.91
CA ASP A 658 74.04 49.14 -29.92
C ASP A 658 73.24 49.49 -31.16
N GLU A 659 73.91 49.95 -32.21
CA GLU A 659 73.27 50.18 -33.50
C GLU A 659 73.18 48.87 -34.30
N VAL A 660 72.02 48.60 -34.89
CA VAL A 660 71.86 47.37 -35.65
C VAL A 660 72.88 47.35 -36.77
N LEU A 661 73.49 46.19 -37.02
CA LEU A 661 74.39 46.10 -38.17
C LEU A 661 73.75 45.36 -39.36
N CYS A 662 72.98 44.32 -39.05
CA CYS A 662 72.15 43.62 -40.04
C CYS A 662 71.26 42.59 -39.35
N CYS A 663 70.23 42.15 -40.04
CA CYS A 663 69.29 41.18 -39.48
C CYS A 663 68.80 40.24 -40.57
N ALA A 664 68.24 39.11 -40.16
CA ALA A 664 67.77 38.13 -41.14
C ALA A 664 66.80 37.11 -40.57
N PHE A 665 65.84 36.70 -41.40
CA PHE A 665 64.87 35.67 -41.04
C PHE A 665 65.44 34.26 -41.04
N SER A 666 64.84 33.39 -40.24
CA SER A 666 65.11 31.96 -40.30
C SER A 666 64.50 31.39 -41.57
N THR A 667 65.03 30.25 -42.02
CA THR A 667 64.63 29.65 -43.28
C THR A 667 63.13 29.33 -43.30
N ASP A 668 62.57 29.03 -42.14
CA ASP A 668 61.13 28.83 -42.01
C ASP A 668 60.46 30.06 -41.41
N ASP A 669 61.21 31.17 -41.37
CA ASP A 669 60.71 32.44 -40.86
C ASP A 669 60.20 32.32 -39.44
N ARG A 670 60.84 31.46 -38.67
CA ARG A 670 60.46 31.25 -37.27
C ARG A 670 61.41 31.97 -36.33
N PHE A 671 62.44 32.61 -36.88
CA PHE A 671 63.45 33.31 -36.08
C PHE A 671 64.00 34.52 -36.82
N ILE A 672 64.51 35.48 -36.06
CA ILE A 672 65.15 36.65 -36.64
C ILE A 672 66.45 36.97 -35.92
N ALA A 673 67.56 36.61 -36.53
CA ALA A 673 68.88 36.99 -36.02
C ALA A 673 69.07 38.49 -36.17
N THR A 674 69.76 39.11 -35.22
CA THR A 674 70.03 40.54 -35.28
C THR A 674 71.48 40.84 -34.92
N CYS A 675 72.26 41.26 -35.91
CA CYS A 675 73.66 41.60 -35.69
C CYS A 675 73.77 43.00 -35.09
N SER A 676 74.84 43.26 -34.34
CA SER A 676 75.02 44.55 -33.70
C SER A 676 76.45 44.87 -33.29
N VAL A 677 76.73 46.15 -33.12
CA VAL A 677 78.02 46.65 -32.66
C VAL A 677 78.33 46.16 -31.25
N ASP A 678 77.31 45.98 -30.43
CA ASP A 678 77.52 45.55 -29.06
C ASP A 678 78.19 44.18 -29.08
N LYS A 679 77.78 43.38 -30.06
CA LYS A 679 78.08 41.95 -30.13
C LYS A 679 77.00 41.11 -29.47
N LYS A 680 75.78 41.62 -29.44
CA LYS A 680 74.65 40.85 -28.94
C LYS A 680 73.87 40.24 -30.10
N VAL A 681 74.20 39.00 -30.46
CA VAL A 681 73.48 38.36 -31.54
C VAL A 681 72.14 37.91 -31.00
N LYS A 682 71.17 38.82 -31.05
CA LYS A 682 69.83 38.58 -30.50
C LYS A 682 68.89 37.96 -31.53
N ILE A 683 68.75 36.64 -31.45
CA ILE A 683 67.81 35.92 -32.29
C ILE A 683 66.44 35.88 -31.62
N TRP A 684 65.65 36.92 -31.89
CA TRP A 684 64.29 37.05 -31.39
C TRP A 684 63.38 36.11 -32.19
N ASN A 685 62.27 35.67 -31.59
CA ASN A 685 61.29 34.90 -32.34
C ASN A 685 60.61 35.79 -33.39
N SER A 686 60.30 35.21 -34.54
CA SER A 686 59.67 35.98 -35.61
C SER A 686 58.15 36.11 -35.45
N MET A 687 57.58 35.35 -34.52
CA MET A 687 56.14 35.37 -34.34
C MET A 687 55.74 36.07 -33.04
N THR A 688 56.09 35.45 -31.92
CA THR A 688 55.83 36.03 -30.61
C THR A 688 56.60 37.33 -30.45
N GLY A 689 57.76 37.38 -31.11
CA GLY A 689 58.63 38.55 -31.07
C GLY A 689 59.53 38.54 -29.87
N GLU A 690 59.33 37.54 -29.02
CA GLU A 690 60.17 37.37 -27.83
C GLU A 690 61.49 36.73 -28.21
N LEU A 691 62.54 37.04 -27.45
CA LEU A 691 63.86 36.49 -27.73
C LEU A 691 63.88 34.99 -27.55
N VAL A 692 64.63 34.30 -28.41
CA VAL A 692 64.85 32.87 -28.24
C VAL A 692 66.34 32.56 -28.12
N HIS A 693 67.06 32.69 -29.23
CA HIS A 693 68.49 32.41 -29.22
C HIS A 693 69.32 33.68 -29.02
N THR A 694 70.56 33.51 -28.56
CA THR A 694 71.46 34.63 -28.41
C THR A 694 72.91 34.14 -28.45
N TYR A 695 73.80 34.95 -29.04
CA TYR A 695 75.17 34.51 -29.20
C TYR A 695 76.19 35.67 -29.18
N ASP A 696 77.43 35.34 -28.83
CA ASP A 696 78.54 36.28 -28.93
C ASP A 696 79.86 35.51 -28.95
N GLU A 697 80.82 35.98 -29.75
CA GLU A 697 82.12 35.32 -29.84
C GLU A 697 83.15 36.23 -30.51
N HIS A 698 82.65 37.14 -31.35
CA HIS A 698 83.50 37.99 -32.19
C HIS A 698 84.41 38.91 -31.37
N SER A 699 85.65 39.04 -31.82
CA SER A 699 86.58 40.00 -31.24
C SER A 699 86.18 41.43 -31.61
N GLU A 700 85.44 41.56 -32.71
CA GLU A 700 85.04 42.86 -33.21
C GLU A 700 83.55 42.87 -33.56
N GLN A 701 83.08 43.98 -34.11
CA GLN A 701 81.68 44.09 -34.50
C GLN A 701 81.35 43.11 -35.63
N VAL A 702 80.16 42.52 -35.56
CA VAL A 702 79.73 41.53 -36.55
C VAL A 702 79.54 42.18 -37.93
N ASN A 703 79.96 41.48 -38.98
CA ASN A 703 79.72 41.98 -40.33
C ASN A 703 78.43 41.43 -40.93
N CYS A 704 78.06 40.21 -40.59
CA CYS A 704 76.88 39.60 -41.17
C CYS A 704 76.36 38.41 -40.39
N CYS A 705 75.06 38.19 -40.50
CA CYS A 705 74.41 37.05 -39.86
C CYS A 705 73.45 36.40 -40.85
N HIS A 706 73.31 35.08 -40.76
CA HIS A 706 72.41 34.34 -41.63
C HIS A 706 72.08 32.99 -41.02
N PHE A 707 70.82 32.59 -41.12
CA PHE A 707 70.42 31.23 -40.76
C PHE A 707 70.74 30.27 -41.90
N THR A 708 70.92 29.00 -41.57
CA THR A 708 71.23 27.99 -42.57
C THR A 708 70.08 27.86 -43.55
N ASN A 709 70.39 27.81 -44.84
CA ASN A 709 69.38 27.63 -45.87
C ASN A 709 68.74 26.25 -45.79
N SER A 710 69.50 25.28 -45.28
CA SER A 710 68.95 23.95 -45.05
C SER A 710 67.90 23.98 -43.94
N SER A 711 66.80 23.25 -44.18
CA SER A 711 65.76 23.13 -43.17
C SER A 711 66.25 22.29 -41.99
N HIS A 712 67.20 21.41 -42.27
CA HIS A 712 67.70 20.47 -41.26
C HIS A 712 68.70 21.14 -40.32
N HIS A 713 69.92 21.32 -40.82
CA HIS A 713 70.99 21.88 -39.99
C HIS A 713 70.67 23.29 -39.56
N LEU A 714 70.97 23.60 -38.31
CA LEU A 714 70.75 24.93 -37.77
C LEU A 714 72.08 25.56 -37.41
N LEU A 715 72.59 26.41 -38.29
CA LEU A 715 73.88 27.02 -38.06
C LEU A 715 73.79 28.52 -38.25
N LEU A 716 74.74 29.25 -37.67
CA LEU A 716 74.76 30.70 -37.78
C LEU A 716 76.15 31.17 -38.15
N ALA A 717 76.44 31.18 -39.46
CA ALA A 717 77.68 31.76 -39.94
C ALA A 717 77.65 33.26 -39.71
N THR A 718 78.75 33.80 -39.20
CA THR A 718 78.83 35.23 -38.89
C THR A 718 80.22 35.80 -39.13
N GLY A 719 80.33 36.69 -40.11
CA GLY A 719 81.56 37.43 -40.34
C GLY A 719 81.65 38.59 -39.37
N SER A 720 82.83 39.20 -39.27
CA SER A 720 83.04 40.32 -38.37
C SER A 720 84.35 41.06 -38.68
N SER A 721 84.53 42.23 -38.08
CA SER A 721 85.67 43.08 -38.37
C SER A 721 87.00 42.45 -37.93
N ASP A 722 86.90 41.45 -37.06
CA ASP A 722 88.09 40.76 -36.55
C ASP A 722 88.61 39.75 -37.56
N CYS A 723 87.88 39.63 -38.68
CA CYS A 723 88.20 38.79 -39.83
C CYS A 723 87.77 37.33 -39.61
N PHE A 724 87.75 36.89 -38.35
CA PHE A 724 87.33 35.53 -38.02
C PHE A 724 85.87 35.28 -38.41
N LEU A 725 85.63 34.15 -39.06
CA LEU A 725 84.26 33.66 -39.20
C LEU A 725 83.84 32.98 -37.91
N LYS A 726 82.56 32.99 -37.61
CA LYS A 726 82.03 32.21 -36.50
C LYS A 726 80.86 31.38 -37.01
N LEU A 727 81.10 30.08 -37.19
CA LEU A 727 80.05 29.14 -37.56
C LEU A 727 79.36 28.61 -36.31
N TRP A 728 78.31 29.30 -35.89
CA TRP A 728 77.55 28.89 -34.72
C TRP A 728 76.77 27.62 -34.97
N ASP A 729 76.65 26.79 -33.94
CA ASP A 729 75.67 25.72 -33.96
C ASP A 729 74.45 26.23 -33.22
N LEU A 730 73.37 26.48 -33.95
CA LEU A 730 72.19 27.12 -33.37
C LEU A 730 71.57 26.27 -32.26
N ASN A 731 71.82 24.98 -32.29
CA ASN A 731 71.33 24.08 -31.25
C ASN A 731 72.20 24.12 -29.99
N GLN A 732 73.32 24.83 -30.06
CA GLN A 732 74.21 24.93 -28.90
C GLN A 732 74.59 26.38 -28.59
N LYS A 733 74.78 26.66 -27.31
CA LYS A 733 75.07 28.03 -26.85
C LYS A 733 76.42 28.53 -27.36
N GLU A 734 77.37 27.61 -27.55
CA GLU A 734 78.69 27.99 -28.03
C GLU A 734 78.91 27.58 -29.48
N CYS A 735 79.85 28.26 -30.12
CA CYS A 735 80.09 28.14 -31.57
C CYS A 735 80.52 26.74 -32.00
N ARG A 736 79.94 26.26 -33.10
CA ARG A 736 80.35 24.98 -33.68
C ARG A 736 81.77 25.02 -34.22
N ASN A 737 82.17 26.19 -34.74
CA ASN A 737 83.51 26.33 -35.31
C ASN A 737 83.94 27.76 -35.62
N THR A 738 84.93 28.24 -34.90
CA THR A 738 85.64 29.46 -35.28
C THR A 738 86.41 29.18 -36.56
N MET A 739 86.41 30.14 -37.49
CA MET A 739 87.07 29.94 -38.77
C MET A 739 87.89 31.14 -39.21
N PHE A 740 89.14 31.20 -38.77
CA PHE A 740 90.07 32.17 -39.33
C PHE A 740 90.38 31.76 -40.77
N GLY A 741 90.48 32.74 -41.66
CA GLY A 741 90.76 32.44 -43.05
C GLY A 741 90.95 33.72 -43.85
N HIS A 742 89.97 34.62 -43.77
CA HIS A 742 90.06 35.88 -44.48
C HIS A 742 91.23 36.72 -43.95
N THR A 743 91.98 37.30 -44.88
CA THR A 743 93.09 38.17 -44.51
C THR A 743 92.58 39.58 -44.22
N ASN A 744 91.31 39.81 -44.52
CA ASN A 744 90.65 41.09 -44.28
C ASN A 744 89.26 40.90 -43.71
N SER A 745 88.68 41.99 -43.21
CA SER A 745 87.37 41.93 -42.57
C SER A 745 86.32 41.42 -43.56
N VAL A 746 85.44 40.56 -43.07
CA VAL A 746 84.41 39.95 -43.90
C VAL A 746 83.49 41.02 -44.49
N ASN A 747 83.21 40.92 -45.79
CA ASN A 747 82.30 41.86 -46.44
C ASN A 747 80.86 41.37 -46.42
N HIS A 748 80.67 40.07 -46.52
CA HIS A 748 79.33 39.49 -46.57
C HIS A 748 79.39 38.01 -46.21
N CYS A 749 78.25 37.43 -45.86
CA CYS A 749 78.19 36.02 -45.50
C CYS A 749 76.85 35.38 -45.86
N ARG A 750 76.93 34.18 -46.44
CA ARG A 750 75.72 33.43 -46.80
C ARG A 750 76.00 31.93 -46.71
N PHE A 751 75.02 31.16 -46.26
CA PHE A 751 75.09 29.71 -46.40
C PHE A 751 74.92 29.26 -47.84
N SER A 752 75.69 28.24 -48.21
CA SER A 752 75.57 27.60 -49.52
C SER A 752 74.32 26.73 -49.56
N PRO A 753 73.78 26.48 -50.77
CA PRO A 753 72.67 25.54 -50.88
C PRO A 753 73.06 24.17 -50.36
N ASP A 754 74.32 23.81 -50.54
CA ASP A 754 74.88 22.64 -49.90
C ASP A 754 75.33 23.06 -48.50
N ASP A 755 74.55 22.65 -47.50
CA ASP A 755 74.79 23.08 -46.12
C ASP A 755 76.14 22.58 -45.61
N LYS A 756 76.64 21.52 -46.21
CA LYS A 756 77.96 20.98 -45.89
C LYS A 756 79.04 22.01 -46.22
N LEU A 757 78.80 22.78 -47.27
CA LEU A 757 79.67 23.88 -47.66
C LEU A 757 79.24 25.19 -47.00
N LEU A 758 80.19 26.11 -46.86
CA LEU A 758 79.90 27.44 -46.34
C LEU A 758 80.82 28.47 -46.98
N ALA A 759 80.31 29.16 -47.99
CA ALA A 759 81.06 30.20 -48.67
C ALA A 759 81.16 31.46 -47.84
N SER A 760 82.20 32.26 -48.09
CA SER A 760 82.35 33.54 -47.41
C SER A 760 83.19 34.52 -48.25
N CYS A 761 82.97 35.81 -48.01
CA CYS A 761 83.66 36.85 -48.76
C CYS A 761 84.29 37.87 -47.83
N SER A 762 85.27 38.60 -48.35
CA SER A 762 85.97 39.63 -47.57
C SER A 762 86.74 40.60 -48.46
N ALA A 763 87.31 41.63 -47.84
CA ALA A 763 87.94 42.73 -48.57
C ALA A 763 89.12 42.27 -49.42
N ASP A 764 89.75 41.17 -49.05
CA ASP A 764 90.80 40.59 -49.88
C ASP A 764 90.21 40.16 -51.22
N GLY A 765 88.92 39.87 -51.21
CA GLY A 765 88.16 39.64 -52.43
C GLY A 765 88.08 38.19 -52.83
N THR A 766 89.01 37.37 -52.33
CA THR A 766 89.00 35.95 -52.63
C THR A 766 87.78 35.29 -52.03
N LEU A 767 87.12 34.42 -52.81
CA LEU A 767 86.01 33.64 -52.29
C LEU A 767 86.57 32.57 -51.36
N LYS A 768 85.79 32.17 -50.36
CA LYS A 768 86.24 31.08 -49.51
C LYS A 768 85.12 30.07 -49.25
N LEU A 769 85.13 29.00 -50.03
CA LEU A 769 84.18 27.91 -49.88
C LEU A 769 84.68 26.93 -48.82
N TRP A 770 84.30 27.20 -47.57
CA TRP A 770 84.69 26.39 -46.43
C TRP A 770 83.96 25.07 -46.38
N ASP A 771 84.60 24.05 -45.81
CA ASP A 771 83.92 22.78 -45.58
C ASP A 771 83.39 22.73 -44.15
N ALA A 772 82.14 23.12 -43.96
CA ALA A 772 81.56 23.21 -42.63
C ALA A 772 81.46 21.84 -41.94
N THR A 773 81.27 20.79 -42.73
CA THR A 773 81.12 19.45 -42.17
C THR A 773 82.39 18.97 -41.48
N SER A 774 83.54 19.32 -42.02
CA SER A 774 84.81 18.97 -41.42
C SER A 774 85.32 20.05 -40.49
N ALA A 775 84.57 21.16 -40.45
CA ALA A 775 84.98 22.35 -39.71
C ALA A 775 86.36 22.83 -40.16
N ASN A 776 86.62 22.68 -41.46
CA ASN A 776 87.93 22.96 -42.05
C ASN A 776 87.82 23.57 -43.44
N GLU A 777 88.92 24.13 -43.93
CA GLU A 777 89.01 24.68 -45.28
C GLU A 777 88.86 23.59 -46.34
N ARG A 778 88.17 23.91 -47.42
CA ARG A 778 88.05 23.02 -48.56
C ARG A 778 88.51 23.70 -49.84
N LYS A 779 87.91 24.85 -50.13
CA LYS A 779 88.24 25.59 -51.35
C LYS A 779 88.25 27.09 -51.09
N SER A 780 88.98 27.82 -51.93
CA SER A 780 89.05 29.27 -51.84
C SER A 780 89.63 29.89 -53.11
N ILE A 781 88.75 30.26 -54.03
CA ILE A 781 89.17 30.87 -55.29
C ILE A 781 89.87 32.20 -55.04
N ASN A 782 91.01 32.41 -55.68
CA ASN A 782 91.66 33.72 -55.69
C ASN A 782 90.96 34.64 -56.68
N VAL A 783 90.95 35.94 -56.40
CA VAL A 783 90.27 36.88 -57.28
C VAL A 783 91.19 38.02 -57.68
N LYS A 784 91.99 37.78 -58.71
CA LYS A 784 92.77 38.82 -59.37
C LYS A 784 92.28 38.92 -60.81
N GLN A 785 91.12 38.32 -61.04
CA GLN A 785 90.54 38.20 -62.37
C GLN A 785 90.20 39.57 -62.96
N PHE A 786 90.02 40.54 -62.08
CA PHE A 786 89.90 41.93 -62.52
C PHE A 786 91.29 42.43 -62.90
N PHE A 787 91.80 41.92 -64.02
CA PHE A 787 93.10 42.35 -64.50
C PHE A 787 93.03 43.78 -65.02
N LEU A 788 94.07 44.56 -64.75
CA LEU A 788 94.09 45.96 -65.13
C LEU A 788 95.52 46.50 -65.07
N ASN A 789 96.14 46.64 -66.23
CA ASN A 789 97.53 47.06 -66.32
C ASN A 789 97.67 48.59 -66.32
N LEU A 790 97.47 49.19 -65.16
CA LEU A 790 97.64 50.64 -65.00
C LEU A 790 99.08 51.03 -64.75
N GLU A 791 99.32 52.34 -64.70
CA GLU A 791 100.62 52.90 -64.35
C GLU A 791 100.78 52.95 -62.84
N ASP A 792 99.77 52.43 -62.14
CA ASP A 792 99.75 52.36 -60.68
C ASP A 792 100.93 51.50 -60.21
N PRO A 793 101.73 52.02 -59.25
CA PRO A 793 102.89 51.31 -58.70
C PRO A 793 102.55 49.95 -58.08
N GLN A 794 101.35 49.81 -57.54
CA GLN A 794 100.89 48.52 -57.05
C GLN A 794 100.85 47.53 -58.21
N GLU A 795 101.11 46.26 -57.93
CA GLU A 795 101.17 45.23 -58.96
C GLU A 795 99.78 44.90 -59.50
N ASP A 796 99.45 43.62 -59.53
CA ASP A 796 98.10 43.20 -59.90
C ASP A 796 97.11 43.74 -58.86
N MET A 797 95.97 44.22 -59.33
CA MET A 797 95.01 44.89 -58.47
C MET A 797 94.43 43.99 -57.39
N GLU A 798 94.26 44.55 -56.19
CA GLU A 798 93.69 43.82 -55.07
C GLU A 798 92.18 43.97 -55.05
N VAL A 799 91.49 43.02 -55.66
CA VAL A 799 90.04 43.06 -55.80
C VAL A 799 89.36 43.04 -54.43
N ILE A 800 88.31 43.83 -54.28
CA ILE A 800 87.56 43.90 -53.04
C ILE A 800 86.09 43.56 -53.30
N VAL A 801 85.78 42.27 -53.30
CA VAL A 801 84.41 41.79 -53.52
C VAL A 801 83.48 42.24 -52.40
N LYS A 802 82.26 42.63 -52.76
CA LYS A 802 81.26 43.02 -51.76
C LYS A 802 80.16 41.98 -51.66
N CYS A 803 79.16 42.07 -52.54
CA CYS A 803 78.04 41.16 -52.49
C CYS A 803 78.48 39.73 -52.81
N CYS A 804 77.93 38.77 -52.07
CA CYS A 804 78.20 37.35 -52.31
C CYS A 804 77.00 36.71 -52.99
N SER A 805 76.77 37.09 -54.24
CA SER A 805 75.61 36.62 -54.99
C SER A 805 75.68 35.12 -55.29
N TRP A 806 74.52 34.48 -55.33
CA TRP A 806 74.43 33.06 -55.66
C TRP A 806 73.64 32.81 -56.94
N SER A 807 73.99 31.73 -57.64
CA SER A 807 73.17 31.24 -58.74
C SER A 807 71.88 30.69 -58.13
N ALA A 808 70.82 30.61 -58.93
CA ALA A 808 69.52 30.20 -58.39
C ALA A 808 69.59 28.80 -57.77
N ASP A 809 70.45 27.95 -58.33
CA ASP A 809 70.74 26.67 -57.70
C ASP A 809 71.79 26.82 -56.60
N GLY A 810 72.55 27.91 -56.64
CA GLY A 810 73.58 28.16 -55.66
C GLY A 810 74.84 27.34 -55.89
N ALA A 811 74.94 26.72 -57.06
CA ALA A 811 76.06 25.84 -57.38
C ALA A 811 77.33 26.62 -57.72
N ARG A 812 77.17 27.92 -57.94
CA ARG A 812 78.28 28.79 -58.33
C ARG A 812 78.09 30.15 -57.69
N ILE A 813 79.17 30.90 -57.53
CA ILE A 813 79.06 32.18 -56.84
C ILE A 813 79.27 33.39 -57.74
N MET A 814 78.18 34.12 -57.98
CA MET A 814 78.23 35.44 -58.59
C MET A 814 78.78 36.44 -57.56
N VAL A 815 79.57 37.41 -58.03
CA VAL A 815 80.15 38.43 -57.17
C VAL A 815 80.30 39.71 -57.96
N ALA A 816 80.65 40.80 -57.29
CA ALA A 816 80.95 42.04 -58.00
C ALA A 816 81.93 42.89 -57.21
N ALA A 817 82.85 43.55 -57.93
CA ALA A 817 83.83 44.41 -57.28
C ALA A 817 84.47 45.36 -58.28
N LYS A 818 84.92 46.51 -57.76
CA LYS A 818 85.60 47.52 -58.56
C LYS A 818 84.80 47.91 -59.81
N ASN A 819 85.21 47.40 -60.96
CA ASN A 819 84.54 47.73 -62.21
C ASN A 819 83.89 46.53 -62.88
N LYS A 820 83.95 45.37 -62.25
CA LYS A 820 83.45 44.15 -62.88
C LYS A 820 82.71 43.20 -61.94
N ILE A 821 81.60 42.68 -62.43
CA ILE A 821 80.93 41.52 -61.87
C ILE A 821 81.69 40.28 -62.32
N PHE A 822 81.70 39.23 -61.50
CA PHE A 822 82.28 37.95 -61.89
C PHE A 822 81.31 36.82 -61.56
N LEU A 823 81.45 35.70 -62.24
CA LEU A 823 80.70 34.50 -61.89
C LEU A 823 81.66 33.35 -61.69
N PHE A 824 82.20 33.24 -60.48
CA PHE A 824 83.14 32.17 -60.18
C PHE A 824 82.44 30.83 -60.00
N ASP A 825 83.14 29.77 -60.38
CA ASP A 825 82.68 28.40 -60.15
C ASP A 825 83.48 27.79 -59.02
N ILE A 826 82.97 27.91 -57.81
CA ILE A 826 83.65 27.42 -56.62
C ILE A 826 83.81 25.90 -56.58
N HIS A 827 82.88 25.18 -57.19
CA HIS A 827 82.98 23.73 -57.21
C HIS A 827 84.18 23.26 -58.03
N THR A 828 84.56 24.03 -59.04
CA THR A 828 85.74 23.74 -59.84
C THR A 828 86.90 24.65 -59.49
N SER A 829 86.65 25.58 -58.56
CA SER A 829 87.64 26.55 -58.12
C SER A 829 88.24 27.35 -59.27
N GLY A 830 87.38 27.82 -60.18
CA GLY A 830 87.83 28.60 -61.30
C GLY A 830 86.82 29.64 -61.78
N LEU A 831 87.33 30.68 -62.43
CA LEU A 831 86.50 31.74 -63.00
C LEU A 831 85.66 31.23 -64.16
N LEU A 832 84.44 31.76 -64.29
CA LEU A 832 83.65 31.55 -65.50
C LEU A 832 83.13 32.87 -66.05
N GLY A 833 82.08 33.40 -65.43
CA GLY A 833 81.48 34.64 -65.91
C GLY A 833 82.25 35.87 -65.50
N GLU A 834 81.94 37.00 -66.13
CA GLU A 834 82.60 38.26 -65.85
C GLU A 834 81.84 39.41 -66.51
N ILE A 835 80.92 40.01 -65.77
CA ILE A 835 80.09 41.09 -66.30
C ILE A 835 80.63 42.46 -65.92
N HIS A 836 81.23 43.15 -66.89
CA HIS A 836 81.80 44.47 -66.63
C HIS A 836 80.70 45.47 -66.27
N THR A 837 80.98 46.36 -65.32
CA THR A 837 80.01 47.35 -64.90
C THR A 837 80.13 48.63 -65.73
N GLY A 838 79.16 49.53 -65.60
CA GLY A 838 79.16 50.76 -66.37
C GLY A 838 80.36 51.64 -66.11
N HIS A 839 81.00 52.09 -67.19
CA HIS A 839 82.20 52.92 -67.12
C HIS A 839 83.25 52.36 -66.18
N HIS A 840 83.87 53.24 -65.40
CA HIS A 840 84.90 52.81 -64.47
C HIS A 840 84.88 53.63 -63.17
N SER A 841 85.05 52.92 -62.05
CA SER A 841 85.06 53.52 -60.73
C SER A 841 85.41 52.46 -59.69
N THR A 842 84.53 52.28 -58.73
CA THR A 842 84.62 51.19 -57.77
C THR A 842 83.23 50.94 -57.19
N ILE A 843 82.76 49.70 -57.29
CA ILE A 843 81.39 49.38 -56.90
C ILE A 843 81.12 49.68 -55.43
N GLN A 844 79.99 50.34 -55.17
CA GLN A 844 79.54 50.59 -53.81
C GLN A 844 78.46 49.57 -53.42
N TYR A 845 77.73 49.11 -54.43
CA TYR A 845 76.70 48.10 -54.21
C TYR A 845 76.37 47.32 -55.49
N CYS A 846 75.88 46.09 -55.31
CA CYS A 846 75.52 45.24 -56.44
C CYS A 846 74.49 44.19 -56.03
N ASP A 847 73.76 43.66 -57.00
CA ASP A 847 72.73 42.67 -56.73
C ASP A 847 72.35 41.87 -57.97
N PHE A 848 72.77 40.60 -58.02
CA PHE A 848 72.36 39.67 -59.06
C PHE A 848 70.90 39.24 -58.95
N SER A 849 70.24 39.09 -60.10
CA SER A 849 68.88 38.56 -60.15
C SER A 849 68.84 37.22 -60.89
N PRO A 850 68.44 36.14 -60.19
CA PRO A 850 68.36 34.81 -60.79
C PRO A 850 67.42 34.75 -61.99
N GLN A 851 66.34 35.52 -61.97
CA GLN A 851 65.48 35.66 -63.15
C GLN A 851 66.13 36.55 -64.20
N ASN A 852 65.89 36.21 -65.47
CA ASN A 852 66.32 37.03 -66.60
C ASN A 852 67.80 37.39 -66.60
N HIS A 853 68.57 36.73 -65.74
CA HIS A 853 69.99 37.02 -65.55
C HIS A 853 70.23 38.50 -65.26
N LEU A 854 69.28 39.15 -64.59
CA LEU A 854 69.37 40.58 -64.31
C LEU A 854 70.37 40.91 -63.21
N ALA A 855 70.89 42.14 -63.27
CA ALA A 855 71.82 42.65 -62.28
C ALA A 855 71.50 44.09 -61.91
N VAL A 856 70.76 44.28 -60.83
CA VAL A 856 70.50 45.62 -60.32
C VAL A 856 71.70 46.06 -59.50
N VAL A 857 72.53 46.89 -60.12
CA VAL A 857 73.78 47.29 -59.49
C VAL A 857 73.83 48.79 -59.24
N ALA A 858 73.99 49.17 -57.97
CA ALA A 858 74.24 50.54 -57.60
C ALA A 858 75.74 50.80 -57.57
N LEU A 859 76.28 51.23 -58.71
CA LEU A 859 77.73 51.43 -58.84
C LEU A 859 78.24 52.47 -57.86
N SER A 860 77.89 53.73 -58.09
CA SER A 860 78.23 54.81 -57.19
C SER A 860 77.26 55.98 -57.40
N GLN A 861 77.00 56.74 -56.34
CA GLN A 861 76.05 57.85 -56.46
C GLN A 861 74.66 57.33 -56.87
N TYR A 862 74.21 56.29 -56.19
CA TYR A 862 72.87 55.79 -56.44
C TYR A 862 72.72 55.49 -57.92
N CYS A 863 73.77 55.01 -58.55
CA CYS A 863 73.69 54.63 -59.95
C CYS A 863 73.14 53.20 -60.04
N VAL A 864 71.85 53.08 -59.76
CA VAL A 864 71.20 51.78 -59.67
C VAL A 864 70.76 51.31 -61.06
N GLU A 865 71.73 50.93 -61.87
CA GLU A 865 71.43 50.48 -63.23
C GLU A 865 70.92 49.04 -63.25
N LEU A 866 70.08 48.74 -64.22
CA LEU A 866 69.62 47.37 -64.45
C LEU A 866 70.37 46.77 -65.63
N TRP A 867 71.40 46.00 -65.29
CA TRP A 867 72.22 45.26 -66.24
C TRP A 867 71.65 43.87 -66.47
N ASN A 868 72.23 43.15 -67.42
CA ASN A 868 71.83 41.76 -67.65
C ASN A 868 73.07 40.88 -67.67
N THR A 869 73.18 39.99 -66.70
CA THR A 869 74.38 39.16 -66.51
C THR A 869 74.56 38.12 -67.62
N ASP A 870 75.81 37.72 -67.81
CA ASP A 870 76.21 36.76 -68.84
C ASP A 870 76.08 37.35 -70.24
N SER A 871 74.90 37.87 -70.56
CA SER A 871 74.72 38.64 -71.79
C SER A 871 75.56 39.91 -71.75
N ARG A 872 75.85 40.36 -70.52
CA ARG A 872 76.78 41.47 -70.28
C ARG A 872 76.36 42.76 -70.97
N SER A 873 75.09 43.10 -70.86
CA SER A 873 74.58 44.37 -71.38
C SER A 873 73.49 44.92 -70.47
N LYS A 874 73.47 46.25 -70.33
CA LYS A 874 72.47 46.92 -69.51
C LYS A 874 71.07 46.77 -70.08
N VAL A 875 70.09 46.58 -69.19
CA VAL A 875 68.70 46.53 -69.62
C VAL A 875 68.06 47.90 -69.56
N ALA A 876 68.08 48.55 -68.40
CA ALA A 876 67.51 49.89 -68.30
C ALA A 876 67.98 50.68 -67.07
N ASP A 877 67.93 52.00 -67.18
CA ASP A 877 68.29 52.88 -66.09
C ASP A 877 67.18 52.92 -65.04
N CYS A 878 67.55 53.15 -63.78
CA CYS A 878 66.58 53.26 -62.71
C CYS A 878 66.87 54.49 -61.83
N ARG A 879 66.47 55.67 -62.28
CA ARG A 879 66.48 56.87 -61.42
C ARG A 879 65.38 56.89 -60.32
N GLY A 880 65.62 57.60 -59.21
CA GLY A 880 64.68 57.70 -58.12
C GLY A 880 64.94 57.44 -56.63
N HIS A 881 66.19 57.22 -56.23
CA HIS A 881 66.51 57.22 -54.80
C HIS A 881 67.37 58.45 -54.44
N LEU A 882 67.06 59.06 -53.30
CA LEU A 882 67.72 60.26 -52.79
C LEU A 882 68.63 59.81 -51.63
N SER A 883 69.83 60.41 -51.51
CA SER A 883 70.87 60.01 -50.53
C SER A 883 71.90 58.98 -51.00
N TRP A 884 71.88 58.68 -52.30
CA TRP A 884 72.64 57.56 -52.83
C TRP A 884 72.20 56.27 -52.13
N VAL A 885 71.62 55.33 -52.87
CA VAL A 885 71.07 54.13 -52.27
C VAL A 885 71.87 53.67 -51.07
N HIS A 886 71.24 52.84 -50.26
CA HIS A 886 71.93 52.20 -49.15
C HIS A 886 71.78 50.71 -49.32
N GLY A 887 70.79 50.29 -50.11
CA GLY A 887 70.69 48.86 -50.41
C GLY A 887 69.45 48.43 -51.15
N VAL A 888 69.55 47.28 -51.81
CA VAL A 888 68.50 46.72 -52.65
C VAL A 888 68.51 45.20 -52.53
N MET A 889 67.36 44.55 -52.63
CA MET A 889 67.34 43.09 -52.71
C MET A 889 66.02 42.60 -53.28
N PHE A 890 66.10 41.54 -54.10
CA PHE A 890 64.93 41.00 -54.79
C PHE A 890 64.04 40.15 -53.90
N SER A 891 62.77 40.07 -54.30
CA SER A 891 61.82 39.19 -53.66
C SER A 891 62.22 37.74 -53.92
N PRO A 892 61.84 36.82 -53.00
CA PRO A 892 62.12 35.40 -53.24
C PRO A 892 61.48 34.91 -54.52
N ASP A 893 60.32 35.47 -54.86
CA ASP A 893 59.71 35.22 -56.17
C ASP A 893 60.57 35.83 -57.27
N GLY A 894 61.29 36.89 -56.95
CA GLY A 894 62.13 37.57 -57.91
C GLY A 894 61.36 38.54 -58.77
N SER A 895 60.06 38.64 -58.50
CA SER A 895 59.17 39.50 -59.28
C SER A 895 59.25 40.95 -58.83
N SER A 896 59.96 41.20 -57.73
CA SER A 896 60.07 42.53 -57.18
C SER A 896 61.33 42.68 -56.33
N PHE A 897 61.66 43.92 -55.96
CA PHE A 897 62.80 44.16 -55.09
C PHE A 897 62.65 45.40 -54.23
N LEU A 898 63.11 45.32 -52.98
CA LEU A 898 63.16 46.47 -52.08
C LEU A 898 64.33 47.37 -52.44
N THR A 899 64.23 48.65 -52.09
CA THR A 899 65.34 49.57 -52.28
C THR A 899 65.57 50.45 -51.05
N SER A 900 66.32 49.94 -50.08
CA SER A 900 66.69 50.74 -48.92
C SER A 900 67.58 51.89 -49.36
N SER A 901 67.46 53.04 -48.71
CA SER A 901 68.22 54.21 -49.11
C SER A 901 68.59 55.10 -47.93
N ASP A 902 69.59 55.96 -48.14
CA ASP A 902 70.09 56.83 -47.09
C ASP A 902 69.04 57.85 -46.62
N ASP A 903 68.06 58.15 -47.46
CA ASP A 903 67.07 59.14 -47.07
C ASP A 903 66.36 58.63 -45.83
N GLN A 904 66.31 57.29 -45.72
CA GLN A 904 65.37 56.55 -44.87
C GLN A 904 64.13 56.02 -45.60
N THR A 905 64.30 55.59 -46.86
CA THR A 905 63.21 55.28 -47.78
C THR A 905 63.39 53.91 -48.42
N ILE A 906 62.31 53.14 -48.49
CA ILE A 906 62.33 51.84 -49.14
C ILE A 906 61.30 51.79 -50.27
N ARG A 907 61.77 51.78 -51.51
CA ARG A 907 60.85 51.78 -52.63
C ARG A 907 60.71 50.39 -53.23
N LEU A 908 59.48 49.89 -53.20
CA LEU A 908 59.10 48.67 -53.90
C LEU A 908 59.10 48.88 -55.41
N TRP A 909 59.49 47.86 -56.15
CA TRP A 909 59.50 47.94 -57.61
C TRP A 909 59.15 46.62 -58.28
N GLU A 910 58.30 46.69 -59.30
CA GLU A 910 58.01 45.55 -60.14
C GLU A 910 59.19 45.22 -61.03
N THR A 911 59.40 43.93 -61.29
CA THR A 911 60.50 43.48 -62.15
C THR A 911 60.36 43.97 -63.58
N LYS A 912 59.13 43.96 -64.10
CA LYS A 912 58.86 44.32 -65.49
C LYS A 912 59.22 45.76 -65.85
N LYS A 913 58.96 46.68 -64.93
CA LYS A 913 59.13 48.10 -65.18
C LYS A 913 60.57 48.49 -65.50
N VAL A 914 61.52 47.89 -64.79
CA VAL A 914 62.93 48.25 -64.93
C VAL A 914 63.49 48.02 -66.34
N CYS A 915 63.10 46.91 -66.96
CA CYS A 915 63.62 46.56 -68.27
C CYS A 915 63.28 47.59 -69.35
N LYS A 916 62.05 48.09 -69.31
CA LYS A 916 61.59 49.08 -70.29
C LYS A 916 62.39 50.36 -70.15
N ASN A 917 62.69 51.01 -71.27
CA ASN A 917 63.52 52.21 -71.21
C ASN A 917 62.69 53.42 -70.81
N SER A 918 63.31 54.38 -70.12
CA SER A 918 62.63 55.58 -69.68
C SER A 918 63.57 56.79 -69.67
N ALA A 919 64.04 57.18 -70.85
CA ALA A 919 64.94 58.32 -70.97
C ALA A 919 64.25 59.61 -70.55
N VAL A 920 64.13 59.81 -69.24
CA VAL A 920 63.47 61.00 -68.71
C VAL A 920 64.26 61.57 -67.52
N MET A 921 63.54 62.21 -66.60
CA MET A 921 64.16 62.81 -65.42
C MET A 921 65.39 63.64 -65.80
N LEU A 922 65.16 64.91 -66.13
CA LEU A 922 66.24 65.82 -66.50
C LEU A 922 67.40 65.77 -65.50
N LYS A 923 68.57 66.18 -65.99
CA LYS A 923 69.81 66.21 -65.22
C LYS A 923 69.73 67.21 -64.08
N GLN A 924 70.43 66.91 -62.99
CA GLN A 924 70.22 67.58 -61.71
C GLN A 924 70.44 69.10 -61.69
N GLU A 925 71.51 69.56 -62.33
CA GLU A 925 71.79 70.98 -62.37
C GLU A 925 71.57 71.53 -63.78
N VAL A 926 70.70 72.53 -63.88
CA VAL A 926 70.39 73.15 -65.16
C VAL A 926 70.14 74.64 -64.98
N ASP A 927 70.31 75.40 -66.06
CA ASP A 927 70.01 76.82 -66.04
C ASP A 927 68.81 77.08 -66.94
N VAL A 928 67.83 77.81 -66.41
CA VAL A 928 66.62 78.18 -67.17
C VAL A 928 66.49 79.70 -67.36
N VAL A 929 66.23 80.14 -68.59
CA VAL A 929 66.08 81.57 -68.89
C VAL A 929 64.63 81.91 -69.29
N PHE A 930 64.04 82.89 -68.62
CA PHE A 930 62.64 83.21 -68.84
C PHE A 930 62.40 84.51 -69.62
N GLN A 931 61.77 84.35 -70.77
CA GLN A 931 61.56 85.42 -71.73
C GLN A 931 60.11 85.85 -71.91
N GLU A 932 59.26 85.55 -70.93
CA GLU A 932 57.82 85.85 -71.00
C GLU A 932 56.77 84.73 -70.76
N ASN A 933 55.87 84.52 -71.74
CA ASN A 933 54.75 83.55 -71.76
C ASN A 933 55.06 82.03 -71.78
N GLU A 934 56.23 81.71 -72.32
CA GLU A 934 56.79 80.36 -72.30
C GLU A 934 58.15 80.43 -71.61
N VAL A 935 58.43 79.46 -70.73
CA VAL A 935 59.71 79.38 -70.03
C VAL A 935 60.50 78.17 -70.54
N MET A 936 61.77 78.37 -70.88
CA MET A 936 62.62 77.30 -71.41
C MET A 936 63.66 76.89 -70.35
N VAL A 937 63.78 75.58 -70.09
CA VAL A 937 64.70 75.07 -69.08
C VAL A 937 65.91 74.40 -69.73
N LEU A 938 67.11 74.80 -69.32
CA LEU A 938 68.33 74.19 -69.81
C LEU A 938 68.38 72.73 -69.39
N ALA A 939 68.84 71.87 -70.28
CA ALA A 939 68.90 70.43 -70.01
C ALA A 939 70.18 69.78 -70.51
N VAL A 940 70.55 68.67 -69.88
CA VAL A 940 71.69 67.88 -70.31
C VAL A 940 71.18 66.54 -70.83
N ASP A 941 71.60 66.17 -72.03
CA ASP A 941 71.05 64.98 -72.68
C ASP A 941 71.31 63.75 -71.82
N HIS A 942 70.38 62.81 -71.86
CA HIS A 942 70.48 61.60 -71.08
C HIS A 942 71.69 60.78 -71.49
N ILE A 943 72.12 60.96 -72.73
CA ILE A 943 73.27 60.23 -73.24
C ILE A 943 74.51 61.12 -73.41
N ARG A 944 74.35 62.27 -74.07
CA ARG A 944 75.51 63.08 -74.42
C ARG A 944 75.39 64.55 -74.00
N ARG A 945 74.95 65.41 -74.92
CA ARG A 945 75.00 66.86 -74.70
C ARG A 945 73.75 67.40 -74.04
N LEU A 946 72.76 67.77 -74.86
CA LEU A 946 71.58 68.45 -74.34
C LEU A 946 70.36 68.41 -75.27
N GLN A 947 69.20 68.67 -74.69
CA GLN A 947 67.96 68.90 -75.41
C GLN A 947 67.20 70.03 -74.72
N LEU A 948 66.68 70.96 -75.51
CA LEU A 948 65.89 72.03 -74.94
C LEU A 948 64.44 71.69 -75.15
N ILE A 949 63.75 71.41 -74.05
CA ILE A 949 62.31 71.20 -74.08
C ILE A 949 61.58 72.37 -73.45
N ASN A 950 60.86 73.13 -74.26
CA ASN A 950 60.03 74.21 -73.75
C ASN A 950 58.87 73.62 -72.97
N GLY A 951 58.39 74.37 -71.98
CA GLY A 951 57.23 73.94 -71.22
C GLY A 951 55.98 74.04 -72.09
N ARG A 952 54.95 73.30 -71.71
CA ARG A 952 53.68 73.27 -72.42
C ARG A 952 53.84 72.88 -73.89
N THR A 953 54.83 72.04 -74.18
CA THR A 953 55.02 71.52 -75.53
C THR A 953 55.95 70.32 -75.55
N GLY A 954 55.89 69.55 -76.63
CA GLY A 954 56.77 68.41 -76.83
C GLY A 954 57.94 68.74 -77.73
N GLN A 955 58.24 70.03 -77.84
CA GLN A 955 59.26 70.50 -78.77
C GLN A 955 60.68 70.34 -78.22
N ILE A 956 61.23 69.14 -78.37
CA ILE A 956 62.62 68.87 -78.01
C ILE A 956 63.58 69.63 -78.93
N ASP A 957 64.69 70.12 -78.39
CA ASP A 957 65.69 70.81 -79.19
C ASP A 957 67.08 70.27 -78.89
N TYR A 958 67.39 69.13 -79.50
CA TYR A 958 68.67 68.46 -79.29
C TYR A 958 69.83 69.17 -79.98
N LEU A 959 71.01 69.08 -79.38
CA LEU A 959 72.25 69.64 -79.95
C LEU A 959 73.41 68.69 -79.68
N THR A 960 74.46 68.78 -80.49
CA THR A 960 75.60 67.89 -80.35
C THR A 960 76.90 68.58 -79.93
N GLU A 961 77.61 67.94 -78.99
CA GLU A 961 78.93 68.36 -78.52
C GLU A 961 79.49 67.21 -77.68
N ALA A 962 80.80 67.19 -77.47
CA ALA A 962 81.40 66.15 -76.66
C ALA A 962 81.16 66.41 -75.18
N GLN A 963 79.90 66.24 -74.75
CA GLN A 963 79.48 66.44 -73.37
C GLN A 963 79.82 67.83 -72.85
N VAL A 964 78.87 68.76 -72.99
CA VAL A 964 79.06 70.11 -72.47
C VAL A 964 79.14 70.10 -70.95
N SER A 965 80.01 70.94 -70.41
CA SER A 965 80.20 71.02 -68.95
C SER A 965 79.16 71.93 -68.30
N CYS A 966 78.81 73.01 -68.99
CA CYS A 966 77.85 73.99 -68.51
C CYS A 966 77.40 74.83 -69.69
N CYS A 967 76.32 75.59 -69.53
CA CYS A 967 75.77 76.34 -70.66
C CYS A 967 75.23 77.72 -70.27
N CYS A 968 75.17 78.61 -71.24
CA CYS A 968 74.64 79.96 -71.04
C CYS A 968 74.17 80.60 -72.34
N LEU A 969 72.93 81.09 -72.35
CA LEU A 969 72.42 81.85 -73.49
C LEU A 969 72.91 83.29 -73.51
N SER A 970 73.02 83.84 -74.72
CA SER A 970 73.41 85.23 -74.92
C SER A 970 72.32 86.21 -74.57
N PRO A 971 72.70 87.45 -74.20
CA PRO A 971 71.74 88.52 -74.00
C PRO A 971 71.02 88.84 -75.30
N HIS A 972 69.73 89.20 -75.21
CA HIS A 972 68.91 89.47 -76.39
C HIS A 972 68.91 88.29 -77.36
N LEU A 973 68.99 87.09 -76.82
CA LEU A 973 68.94 85.85 -77.60
C LEU A 973 70.01 85.79 -78.70
N GLN A 974 69.64 85.23 -79.84
CA GLN A 974 70.46 85.20 -81.05
C GLN A 974 71.70 84.30 -80.97
N TYR A 975 72.01 83.79 -79.78
CA TYR A 975 73.16 82.91 -79.60
C TYR A 975 72.93 81.92 -78.48
N ILE A 976 73.82 80.94 -78.40
CA ILE A 976 73.82 79.93 -77.34
C ILE A 976 75.29 79.66 -77.01
N ALA A 977 75.59 79.22 -75.79
CA ALA A 977 76.98 78.97 -75.43
C ALA A 977 77.14 77.85 -74.42
N PHE A 978 78.35 77.30 -74.35
CA PHE A 978 78.65 76.22 -73.42
C PHE A 978 80.13 76.19 -73.04
N GLY A 979 80.42 75.66 -71.86
CA GLY A 979 81.77 75.46 -71.40
C GLY A 979 82.32 74.11 -71.81
N ASP A 980 83.48 73.74 -71.25
CA ASP A 980 84.11 72.47 -71.59
C ASP A 980 85.01 72.01 -70.45
N GLU A 981 85.38 70.73 -70.47
CA GLU A 981 86.22 70.13 -69.45
C GLU A 981 87.59 70.78 -69.39
N ASN A 982 88.04 71.28 -70.54
CA ASN A 982 89.30 72.00 -70.63
C ASN A 982 89.14 73.48 -70.25
N GLY A 983 87.91 73.88 -69.99
CA GLY A 983 87.61 75.27 -69.67
C GLY A 983 87.36 76.11 -70.91
N ALA A 984 87.45 75.48 -72.07
CA ALA A 984 87.13 76.13 -73.34
C ALA A 984 85.64 76.48 -73.37
N ILE A 985 85.29 77.61 -73.96
CA ILE A 985 83.88 78.01 -73.99
C ILE A 985 83.46 78.48 -75.37
N GLU A 986 82.69 77.64 -76.06
CA GLU A 986 82.12 77.98 -77.36
C GLU A 986 80.85 78.81 -77.25
N ILE A 987 80.59 79.65 -78.24
CA ILE A 987 79.32 80.36 -78.32
C ILE A 987 78.71 80.18 -79.71
N LEU A 988 78.00 79.07 -79.91
CA LEU A 988 77.35 78.79 -81.18
C LEU A 988 76.26 79.82 -81.51
N GLU A 989 76.25 80.30 -82.75
CA GLU A 989 75.18 81.18 -83.21
C GLU A 989 73.91 80.38 -83.50
N LEU A 990 72.75 80.99 -83.26
CA LEU A 990 71.48 80.34 -83.58
C LEU A 990 71.20 80.36 -85.07
N VAL A 991 71.53 81.46 -85.72
CA VAL A 991 71.25 81.65 -87.14
C VAL A 991 71.99 80.64 -88.00
N ASN A 992 73.19 80.26 -87.56
CA ASN A 992 74.00 79.32 -88.32
C ASN A 992 74.90 78.49 -87.40
N ASN A 993 74.82 77.18 -87.54
CA ASN A 993 75.64 76.27 -86.76
C ASN A 993 77.12 76.33 -87.12
N ARG A 994 77.43 76.78 -88.33
CA ARG A 994 78.83 76.88 -88.77
C ARG A 994 79.61 77.93 -88.00
N ILE A 995 78.94 78.99 -87.57
CA ILE A 995 79.61 80.10 -86.90
C ILE A 995 79.71 79.88 -85.39
N PHE A 996 80.94 79.95 -84.88
CA PHE A 996 81.19 79.78 -83.46
C PHE A 996 82.53 80.38 -83.09
N GLN A 997 82.72 80.66 -81.81
CA GLN A 997 84.01 81.05 -81.27
C GLN A 997 84.30 80.08 -80.14
N SER A 998 85.52 79.54 -80.08
CA SER A 998 85.91 78.63 -78.99
C SER A 998 87.02 79.30 -78.19
N ARG A 999 86.91 79.32 -76.86
CA ARG A 999 87.94 79.94 -76.05
C ARG A 999 88.67 78.89 -75.21
N PHE A 1000 90.00 78.88 -75.29
CA PHE A 1000 90.76 77.88 -74.53
C PHE A 1000 91.38 78.54 -73.30
N GLN A 1001 91.00 78.07 -72.12
CA GLN A 1001 91.39 78.81 -70.91
C GLN A 1001 91.08 77.94 -69.69
N HIS A 1002 91.67 78.30 -68.55
CA HIS A 1002 91.45 77.64 -67.26
C HIS A 1002 92.12 76.27 -67.19
N LYS A 1003 92.76 76.00 -66.06
CA LYS A 1003 93.47 74.75 -65.84
C LYS A 1003 92.52 73.55 -65.85
N LYS A 1004 91.27 73.79 -65.45
CA LYS A 1004 90.28 72.72 -65.37
C LYS A 1004 88.98 73.18 -66.02
N THR A 1005 87.88 72.50 -65.67
CA THR A 1005 86.56 72.88 -66.18
C THR A 1005 86.19 74.27 -65.68
N VAL A 1006 85.62 75.08 -66.57
CA VAL A 1006 85.21 76.43 -66.22
C VAL A 1006 84.09 76.44 -65.18
N TRP A 1007 84.16 77.36 -64.22
CA TRP A 1007 83.11 77.50 -63.22
C TRP A 1007 82.01 78.41 -63.73
N HIS A 1008 81.84 79.55 -63.06
CA HIS A 1008 80.78 80.49 -63.38
C HIS A 1008 80.98 81.11 -64.76
N ILE A 1009 79.87 81.31 -65.46
CA ILE A 1009 79.88 81.96 -66.77
C ILE A 1009 78.79 83.01 -66.83
N GLN A 1010 79.12 84.20 -67.30
CA GLN A 1010 78.12 85.26 -67.39
C GLN A 1010 78.48 86.24 -68.49
N PHE A 1011 77.46 86.77 -69.15
CA PHE A 1011 77.64 87.69 -70.26
C PHE A 1011 77.39 89.13 -69.84
N THR A 1012 78.00 90.08 -70.56
CA THR A 1012 77.77 91.50 -70.30
C THR A 1012 76.41 91.91 -70.84
N ALA A 1013 75.99 93.14 -70.51
CA ALA A 1013 74.74 93.69 -71.02
C ALA A 1013 74.81 93.79 -72.55
N ASP A 1014 76.03 93.97 -73.04
CA ASP A 1014 76.29 93.86 -74.47
C ASP A 1014 76.18 92.41 -74.90
N GLU A 1015 75.79 92.18 -76.15
CA GLU A 1015 75.72 90.82 -76.68
C GLU A 1015 77.11 90.20 -76.73
N LYS A 1016 78.12 91.06 -76.81
CA LYS A 1016 79.52 90.64 -76.84
C LYS A 1016 80.10 90.41 -75.45
N THR A 1017 81.31 89.85 -75.43
CA THR A 1017 82.14 89.68 -74.23
C THR A 1017 81.65 88.57 -73.28
N LEU A 1018 82.25 87.40 -73.42
CA LEU A 1018 82.11 86.34 -72.43
C LEU A 1018 82.84 86.68 -71.15
N ILE A 1019 82.31 86.26 -70.00
CA ILE A 1019 83.05 86.35 -68.76
C ILE A 1019 82.96 85.00 -68.06
N SER A 1020 84.07 84.55 -67.46
CA SER A 1020 84.11 83.23 -66.83
C SER A 1020 85.17 83.15 -65.74
N SER A 1021 85.19 82.04 -65.02
CA SER A 1021 86.21 81.78 -64.01
C SER A 1021 86.34 80.28 -63.74
N SER A 1022 87.45 79.89 -63.13
CA SER A 1022 87.68 78.50 -62.74
C SER A 1022 88.79 78.38 -61.72
N ASP A 1023 89.68 77.42 -61.92
CA ASP A 1023 90.77 77.17 -60.97
C ASP A 1023 91.78 78.32 -60.96
N ASP A 1024 91.83 79.08 -62.04
CA ASP A 1024 92.74 80.22 -62.13
C ASP A 1024 92.38 81.30 -61.10
N ALA A 1025 93.39 81.94 -60.54
CA ALA A 1025 93.18 83.03 -59.60
C ALA A 1025 92.50 84.21 -60.29
N GLU A 1026 92.81 84.36 -61.57
CA GLU A 1026 92.25 85.45 -62.37
C GLU A 1026 90.81 85.15 -62.77
N ILE A 1027 90.02 86.21 -62.94
CA ILE A 1027 88.69 86.07 -63.50
C ILE A 1027 88.73 86.37 -64.99
N GLN A 1028 88.51 85.34 -65.79
CA GLN A 1028 88.53 85.48 -67.24
C GLN A 1028 87.45 86.42 -67.76
N VAL A 1029 87.84 87.26 -68.72
CA VAL A 1029 86.90 88.02 -69.51
C VAL A 1029 87.33 87.89 -70.96
N TRP A 1030 86.72 86.94 -71.66
CA TRP A 1030 87.07 86.67 -73.04
C TRP A 1030 85.98 87.15 -73.99
N ASN A 1031 86.20 88.30 -74.59
CA ASN A 1031 85.26 88.78 -75.60
C ASN A 1031 85.34 87.83 -76.79
N TRP A 1032 84.17 87.44 -77.31
CA TRP A 1032 84.13 86.50 -78.43
C TRP A 1032 84.19 87.26 -79.75
N GLN A 1033 84.39 86.52 -80.85
CA GLN A 1033 84.59 87.09 -82.18
C GLN A 1033 85.88 87.90 -82.21
N LEU A 1034 85.93 88.96 -81.42
CA LEU A 1034 87.13 89.77 -81.24
C LEU A 1034 88.22 88.92 -80.60
N ASP A 1035 87.81 87.88 -79.89
CA ASP A 1035 88.70 86.95 -79.20
C ASP A 1035 89.58 87.66 -78.19
N LYS A 1036 89.05 88.72 -77.57
CA LYS A 1036 89.81 89.48 -76.57
C LYS A 1036 89.93 88.69 -75.29
N CYS A 1037 91.03 88.91 -74.55
CA CYS A 1037 91.31 88.13 -73.36
C CYS A 1037 91.66 88.98 -72.15
N ILE A 1038 90.80 89.92 -71.78
CA ILE A 1038 91.05 90.73 -70.60
C ILE A 1038 90.98 89.85 -69.36
N PHE A 1039 91.87 90.05 -68.40
CA PHE A 1039 91.85 89.26 -67.18
C PHE A 1039 91.68 90.10 -65.92
N LEU A 1040 90.99 89.54 -64.94
CA LEU A 1040 90.87 90.14 -63.61
C LEU A 1040 91.89 89.52 -62.67
N ARG A 1041 93.05 90.16 -62.53
CA ARG A 1041 94.13 89.59 -61.76
C ARG A 1041 93.93 89.80 -60.26
N GLY A 1042 93.12 88.95 -59.66
CA GLY A 1042 92.78 89.07 -58.25
C GLY A 1042 93.79 88.53 -57.26
N HIS A 1043 94.77 87.76 -57.75
CA HIS A 1043 95.82 87.17 -56.91
C HIS A 1043 95.25 86.36 -55.75
N GLN A 1044 94.06 85.80 -55.95
CA GLN A 1044 93.45 84.85 -55.04
C GLN A 1044 93.93 83.44 -55.31
N GLU A 1045 93.69 82.52 -54.37
CA GLU A 1045 94.00 81.11 -54.61
C GLU A 1045 93.12 80.68 -55.77
N THR A 1046 91.87 81.15 -55.72
CA THR A 1046 91.00 81.16 -56.88
C THR A 1046 89.87 82.14 -56.56
N VAL A 1047 89.18 82.64 -57.58
CA VAL A 1047 87.94 83.35 -57.32
C VAL A 1047 86.77 82.39 -57.36
N LYS A 1048 86.00 82.35 -56.28
CA LYS A 1048 84.92 81.39 -56.13
C LYS A 1048 83.77 81.66 -57.08
N ASP A 1049 83.35 82.92 -57.16
CA ASP A 1049 82.20 83.26 -57.99
C ASP A 1049 82.17 84.76 -58.27
N PHE A 1050 81.37 85.17 -59.26
CA PHE A 1050 81.22 86.57 -59.58
C PHE A 1050 79.85 86.83 -60.18
N ARG A 1051 79.42 88.10 -60.13
CA ARG A 1051 78.12 88.51 -60.66
C ARG A 1051 78.18 89.91 -61.26
N LEU A 1052 77.26 90.19 -62.18
CA LEU A 1052 77.11 91.50 -62.78
C LEU A 1052 76.51 92.54 -61.82
N LEU A 1053 77.08 93.75 -61.84
CA LEU A 1053 76.48 94.87 -61.15
C LEU A 1053 75.81 95.80 -62.17
N LYS A 1054 74.92 96.66 -61.69
CA LYS A 1054 74.17 97.54 -62.59
C LYS A 1054 75.09 98.48 -63.36
N ASN A 1055 76.22 98.83 -62.75
CA ASN A 1055 77.21 99.67 -63.40
C ASN A 1055 78.10 98.86 -64.32
N SER A 1056 79.27 99.41 -64.65
CA SER A 1056 80.28 98.67 -65.40
C SER A 1056 81.04 97.78 -64.44
N ARG A 1057 80.77 97.95 -63.15
CA ARG A 1057 81.40 97.16 -62.11
C ARG A 1057 81.03 95.68 -62.18
N LEU A 1058 81.97 94.82 -61.82
CA LEU A 1058 81.72 93.38 -61.79
C LEU A 1058 82.01 92.80 -60.40
N LEU A 1059 80.96 92.50 -59.65
CA LEU A 1059 81.09 91.96 -58.30
C LEU A 1059 81.72 90.58 -58.33
N SER A 1060 82.50 90.25 -57.31
CA SER A 1060 83.12 88.94 -57.21
C SER A 1060 83.53 88.59 -55.78
N TRP A 1061 83.76 87.31 -55.53
CA TRP A 1061 84.29 86.85 -54.24
C TRP A 1061 85.00 85.52 -54.39
N SER A 1062 85.96 85.28 -53.50
CA SER A 1062 86.81 84.10 -53.59
C SER A 1062 86.79 83.29 -52.30
N PHE A 1063 87.77 82.41 -52.16
CA PHE A 1063 87.92 81.60 -50.95
C PHE A 1063 88.57 82.35 -49.79
N ASP A 1064 89.12 83.53 -50.06
CA ASP A 1064 89.60 84.38 -48.97
C ASP A 1064 88.45 85.20 -48.39
N GLY A 1065 87.30 85.14 -49.06
CA GLY A 1065 86.11 85.80 -48.58
C GLY A 1065 86.06 87.28 -48.88
N THR A 1066 87.03 87.75 -49.65
CA THR A 1066 87.00 89.14 -50.09
C THR A 1066 85.79 89.36 -51.00
N VAL A 1067 85.09 90.47 -50.78
CA VAL A 1067 83.98 90.84 -51.65
C VAL A 1067 84.48 91.94 -52.58
N LYS A 1068 85.18 91.53 -53.63
CA LYS A 1068 85.74 92.45 -54.60
C LYS A 1068 84.68 93.08 -55.49
N VAL A 1069 84.90 94.34 -55.85
CA VAL A 1069 84.08 95.01 -56.84
C VAL A 1069 84.96 95.45 -57.99
N TRP A 1070 84.96 94.64 -59.05
CA TRP A 1070 85.77 94.87 -60.24
C TRP A 1070 85.02 95.70 -61.27
N ASN A 1071 85.35 95.48 -62.53
CA ASN A 1071 84.63 96.09 -63.65
C ASN A 1071 84.39 95.09 -64.77
N ILE A 1072 83.27 95.25 -65.48
CA ILE A 1072 82.95 94.36 -66.59
C ILE A 1072 83.88 94.61 -67.76
N ILE A 1073 84.08 93.58 -68.58
CA ILE A 1073 84.96 93.64 -69.74
C ILE A 1073 86.38 93.96 -69.29
N THR A 1074 86.64 95.23 -69.00
CA THR A 1074 87.94 95.65 -68.48
C THR A 1074 88.12 95.25 -67.02
N GLY A 1075 89.19 94.53 -66.73
CA GLY A 1075 89.53 94.17 -65.37
C GLY A 1075 90.04 95.37 -64.59
N ASN A 1076 89.37 95.70 -63.49
CA ASN A 1076 89.79 96.81 -62.65
C ASN A 1076 89.09 96.74 -61.29
N LYS A 1077 89.84 96.40 -60.26
CA LYS A 1077 89.29 96.21 -58.93
C LYS A 1077 89.04 97.56 -58.27
N GLU A 1078 87.94 98.21 -58.65
CA GLU A 1078 87.58 99.55 -58.16
C GLU A 1078 87.24 99.71 -56.67
N LYS A 1079 86.45 98.78 -56.11
CA LYS A 1079 86.09 98.81 -54.69
C LYS A 1079 86.41 97.41 -54.16
N ASP A 1080 87.12 97.31 -53.04
CA ASP A 1080 87.47 95.98 -52.51
C ASP A 1080 86.93 95.78 -51.08
N PHE A 1081 86.30 94.64 -50.81
CA PHE A 1081 85.75 94.39 -49.47
C PHE A 1081 86.25 93.08 -48.85
N VAL A 1082 86.56 93.09 -47.55
CA VAL A 1082 87.04 91.88 -46.90
C VAL A 1082 86.00 91.50 -45.82
N CYS A 1083 84.81 91.13 -46.27
CA CYS A 1083 83.70 90.88 -45.37
C CYS A 1083 83.88 89.63 -44.53
N HIS A 1084 84.71 88.71 -45.01
CA HIS A 1084 84.93 87.45 -44.29
C HIS A 1084 86.35 86.94 -44.43
N GLN A 1085 86.97 86.59 -43.31
CA GLN A 1085 88.27 85.92 -43.34
C GLN A 1085 88.11 84.55 -43.99
N GLY A 1086 86.95 83.94 -43.76
CA GLY A 1086 86.59 82.69 -44.42
C GLY A 1086 85.94 82.98 -45.75
N THR A 1087 85.60 81.93 -46.49
CA THR A 1087 85.00 82.08 -47.80
C THR A 1087 83.64 82.73 -47.72
N VAL A 1088 83.31 83.55 -48.72
CA VAL A 1088 81.96 84.08 -48.83
C VAL A 1088 80.99 82.94 -49.14
N LEU A 1089 80.18 82.56 -48.15
CA LEU A 1089 79.32 81.40 -48.33
C LEU A 1089 78.16 81.48 -49.34
N SER A 1090 77.37 82.55 -49.24
CA SER A 1090 76.35 82.89 -50.22
C SER A 1090 76.39 84.40 -50.09
N CYS A 1091 76.39 85.13 -51.20
CA CYS A 1091 76.29 86.59 -51.16
C CYS A 1091 75.16 86.92 -52.14
N ASP A 1092 74.21 87.76 -51.74
CA ASP A 1092 73.15 88.16 -52.65
C ASP A 1092 73.17 89.68 -52.84
N ILE A 1093 72.93 90.12 -54.07
CA ILE A 1093 72.75 91.54 -54.40
C ILE A 1093 71.29 91.89 -54.74
N SER A 1094 70.81 93.01 -54.23
CA SER A 1094 69.38 93.41 -54.27
C SER A 1094 68.72 93.64 -55.64
N HIS A 1095 69.43 94.30 -56.57
CA HIS A 1095 68.96 94.53 -57.94
C HIS A 1095 68.15 95.81 -58.27
N ASP A 1096 67.83 96.64 -57.28
CA ASP A 1096 67.41 98.00 -57.53
C ASP A 1096 68.62 98.90 -57.42
N ALA A 1097 68.79 99.80 -58.40
CA ALA A 1097 70.00 100.62 -58.51
C ALA A 1097 71.27 99.80 -58.25
N THR A 1098 72.11 100.32 -57.37
CA THR A 1098 73.22 99.56 -56.79
C THR A 1098 73.29 99.93 -55.32
N LYS A 1099 72.13 100.30 -54.79
CA LYS A 1099 71.99 100.93 -53.49
C LYS A 1099 72.43 100.03 -52.33
N PHE A 1100 72.31 98.71 -52.50
CA PHE A 1100 72.74 97.77 -51.47
C PHE A 1100 73.25 96.43 -52.01
N SER A 1101 74.04 95.78 -51.18
CA SER A 1101 74.45 94.40 -51.38
C SER A 1101 74.87 93.81 -50.03
N SER A 1102 74.73 92.51 -49.86
CA SER A 1102 75.05 91.91 -48.58
C SER A 1102 75.52 90.47 -48.74
N THR A 1103 76.21 89.99 -47.71
CA THR A 1103 76.69 88.61 -47.69
C THR A 1103 76.75 88.10 -46.25
N SER A 1104 76.66 86.78 -46.13
CA SER A 1104 76.81 86.10 -44.85
C SER A 1104 77.60 84.82 -45.09
N ALA A 1105 78.50 84.50 -44.18
CA ALA A 1105 79.43 83.40 -44.42
C ALA A 1105 79.89 82.73 -43.14
N ASP A 1106 78.93 82.22 -42.37
CA ASP A 1106 79.20 81.53 -41.11
C ASP A 1106 80.04 82.41 -40.20
N LYS A 1107 79.60 83.66 -40.08
CA LYS A 1107 80.32 84.64 -39.27
C LYS A 1107 79.40 85.80 -38.92
N THR A 1108 79.26 86.73 -39.86
CA THR A 1108 78.37 87.87 -39.68
C THR A 1108 77.65 88.21 -40.99
N ALA A 1109 76.41 88.68 -40.89
CA ALA A 1109 75.67 89.07 -42.08
C ALA A 1109 75.94 90.54 -42.43
N LYS A 1110 77.05 90.78 -43.12
CA LYS A 1110 77.42 92.14 -43.50
C LYS A 1110 76.60 92.68 -44.67
N ILE A 1111 76.42 93.99 -44.69
CA ILE A 1111 75.67 94.69 -45.73
C ILE A 1111 76.29 96.06 -46.00
N TRP A 1112 76.29 96.46 -47.26
CA TRP A 1112 76.98 97.65 -47.72
C TRP A 1112 76.24 98.33 -48.87
N SER A 1113 76.60 99.57 -49.16
CA SER A 1113 76.03 100.31 -50.28
C SER A 1113 77.09 100.59 -51.34
N PHE A 1114 78.22 99.87 -51.25
CA PHE A 1114 79.36 100.02 -52.15
C PHE A 1114 80.14 101.33 -51.98
N ASP A 1115 79.47 102.38 -51.49
CA ASP A 1115 80.12 103.67 -51.34
C ASP A 1115 81.27 103.61 -50.33
N LEU A 1116 81.15 102.74 -49.34
CA LEU A 1116 82.22 102.56 -48.36
C LEU A 1116 83.04 101.31 -48.64
N LEU A 1117 84.30 101.31 -48.20
CA LEU A 1117 85.17 100.16 -48.38
C LEU A 1117 84.86 99.08 -47.37
N LEU A 1118 84.02 99.42 -46.40
CA LEU A 1118 83.57 98.49 -45.38
C LEU A 1118 82.05 98.50 -45.34
N PRO A 1119 81.43 97.38 -44.93
CA PRO A 1119 79.97 97.28 -44.97
C PRO A 1119 79.27 98.30 -44.08
N LEU A 1120 78.12 98.80 -44.53
CA LEU A 1120 77.36 99.79 -43.77
C LEU A 1120 76.85 99.23 -42.46
N HIS A 1121 76.69 97.91 -42.39
CA HIS A 1121 76.36 97.27 -41.12
C HIS A 1121 76.86 95.84 -41.12
N GLU A 1122 77.13 95.32 -39.92
CA GLU A 1122 77.63 93.97 -39.78
C GLU A 1122 76.70 93.19 -38.85
N LEU A 1123 75.67 92.57 -39.41
CA LEU A 1123 74.66 91.90 -38.60
C LEU A 1123 75.28 90.78 -37.78
N ARG A 1124 74.90 90.71 -36.51
CA ARG A 1124 75.44 89.74 -35.58
C ARG A 1124 74.34 89.18 -34.69
N GLY A 1125 73.17 88.94 -35.28
CA GLY A 1125 72.03 88.44 -34.53
C GLY A 1125 71.99 86.93 -34.41
N HIS A 1126 72.98 86.25 -34.98
CA HIS A 1126 72.97 84.79 -35.00
C HIS A 1126 74.28 84.20 -34.54
N ASN A 1127 74.29 83.65 -33.32
CA ASN A 1127 75.46 82.99 -32.75
C ASN A 1127 75.84 81.72 -33.50
N GLY A 1128 74.85 81.12 -34.15
CA GLY A 1128 75.09 79.94 -34.97
C GLY A 1128 75.56 80.35 -36.36
N CYS A 1129 75.61 81.66 -36.58
CA CYS A 1129 76.15 82.24 -37.81
C CYS A 1129 75.29 81.94 -39.05
N VAL A 1130 74.79 83.00 -39.68
CA VAL A 1130 73.97 82.88 -40.88
C VAL A 1130 74.75 82.31 -42.06
N ARG A 1131 74.12 81.39 -42.80
CA ARG A 1131 74.77 80.72 -43.92
C ARG A 1131 74.56 81.39 -45.26
N CYS A 1132 73.40 82.03 -45.45
CA CYS A 1132 73.07 82.63 -46.74
C CYS A 1132 72.04 83.75 -46.60
N SER A 1133 71.93 84.56 -47.64
CA SER A 1133 71.03 85.71 -47.59
C SER A 1133 70.51 86.08 -48.98
N ALA A 1134 69.35 86.73 -49.03
CA ALA A 1134 68.77 87.18 -50.29
C ALA A 1134 67.94 88.47 -50.10
N PHE A 1135 68.11 89.41 -51.03
CA PHE A 1135 67.37 90.67 -51.00
C PHE A 1135 65.92 90.60 -51.45
N SER A 1136 65.14 91.57 -50.95
CA SER A 1136 63.74 91.74 -51.32
C SER A 1136 63.57 92.11 -52.78
N VAL A 1137 62.42 91.76 -53.32
CA VAL A 1137 62.11 92.09 -54.71
C VAL A 1137 61.78 93.59 -54.76
N ASP A 1138 62.84 94.39 -54.81
CA ASP A 1138 62.74 95.86 -54.84
C ASP A 1138 61.92 96.42 -53.67
N SER A 1139 62.19 95.90 -52.48
CA SER A 1139 61.54 96.40 -51.26
C SER A 1139 62.57 96.82 -50.21
N THR A 1140 62.39 96.35 -48.98
CA THR A 1140 63.32 96.67 -47.90
C THR A 1140 63.63 95.45 -47.03
N LEU A 1141 63.10 94.31 -47.43
CA LEU A 1141 63.35 93.06 -46.74
C LEU A 1141 64.71 92.47 -47.11
N LEU A 1142 65.28 91.66 -46.22
CA LEU A 1142 66.54 90.98 -46.51
C LEU A 1142 66.69 89.71 -45.69
N ALA A 1143 66.34 88.58 -46.30
CA ALA A 1143 66.41 87.28 -45.63
C ALA A 1143 67.84 86.91 -45.28
N THR A 1144 68.02 86.20 -44.17
CA THR A 1144 69.30 85.64 -43.79
C THR A 1144 69.12 84.18 -43.41
N GLY A 1145 69.49 83.29 -44.33
CA GLY A 1145 69.28 81.87 -44.18
C GLY A 1145 70.26 81.13 -43.29
N ASP A 1146 69.72 80.28 -42.43
CA ASP A 1146 70.54 79.45 -41.53
C ASP A 1146 70.79 78.07 -42.12
N ASP A 1147 71.76 77.36 -41.55
CA ASP A 1147 72.11 76.02 -42.03
C ASP A 1147 70.96 75.03 -41.88
N ASN A 1148 70.12 75.27 -40.88
CA ASN A 1148 68.97 74.40 -40.62
C ASN A 1148 67.73 74.88 -41.34
N GLY A 1149 67.92 75.80 -42.29
CA GLY A 1149 66.82 76.28 -43.10
C GLY A 1149 66.07 77.42 -42.45
N GLU A 1150 66.50 77.78 -41.24
CA GLU A 1150 65.92 78.92 -40.54
C GLU A 1150 66.21 80.19 -41.31
N ILE A 1151 65.23 81.08 -41.36
CA ILE A 1151 65.40 82.35 -42.04
C ILE A 1151 65.17 83.50 -41.07
N ARG A 1152 66.04 84.49 -41.10
CA ARG A 1152 65.84 85.68 -40.30
C ARG A 1152 65.76 86.90 -41.21
N ILE A 1153 64.56 87.44 -41.35
CA ILE A 1153 64.38 88.64 -42.16
C ILE A 1153 65.00 89.85 -41.46
N TRP A 1154 65.62 90.72 -42.24
CA TRP A 1154 66.22 91.93 -41.69
C TRP A 1154 65.88 93.11 -42.60
N ASN A 1155 65.37 94.18 -42.01
CA ASN A 1155 65.03 95.37 -42.78
C ASN A 1155 66.30 95.97 -43.38
N VAL A 1156 66.21 96.44 -44.62
CA VAL A 1156 67.36 97.04 -45.28
C VAL A 1156 67.52 98.47 -44.77
N SER A 1157 68.04 98.57 -43.54
CA SER A 1157 68.30 99.84 -42.87
C SER A 1157 69.23 99.55 -41.70
N ASN A 1158 70.51 99.39 -42.00
CA ASN A 1158 71.49 98.90 -41.02
C ASN A 1158 71.06 97.54 -40.49
N GLY A 1159 70.15 97.55 -39.51
CA GLY A 1159 69.60 96.33 -38.96
C GLY A 1159 68.86 96.58 -37.67
N GLU A 1160 67.84 95.76 -37.41
CA GLU A 1160 67.09 95.83 -36.17
C GLU A 1160 66.48 94.47 -35.90
N LEU A 1161 66.17 94.19 -34.63
CA LEU A 1161 65.72 92.86 -34.24
C LEU A 1161 64.32 92.57 -34.76
N LEU A 1162 64.23 92.44 -36.09
CA LEU A 1162 62.99 92.07 -36.76
C LEU A 1162 62.61 90.64 -36.40
N HIS A 1163 61.33 90.36 -36.33
CA HIS A 1163 60.90 89.04 -35.91
C HIS A 1163 61.51 88.09 -36.92
N LEU A 1164 62.09 87.00 -36.44
CA LEU A 1164 62.68 86.02 -37.34
C LEU A 1164 61.57 85.41 -38.17
N CYS A 1165 61.85 85.16 -39.44
CA CYS A 1165 60.86 84.51 -40.30
C CYS A 1165 60.63 83.15 -39.67
N ALA A 1166 61.73 82.55 -39.21
CA ALA A 1166 61.68 81.35 -38.42
C ALA A 1166 60.96 80.20 -39.12
N PRO A 1167 61.23 80.01 -40.40
CA PRO A 1167 60.36 79.19 -41.24
C PRO A 1167 60.17 77.74 -40.77
N LEU A 1168 61.20 77.08 -40.26
CA LEU A 1168 61.07 75.72 -39.77
C LEU A 1168 61.36 75.58 -38.28
N SER A 1169 60.40 75.02 -37.54
CA SER A 1169 60.57 74.86 -36.09
C SER A 1169 60.63 73.40 -35.63
N GLU A 1170 59.61 72.64 -35.98
CA GLU A 1170 59.55 71.22 -35.61
C GLU A 1170 59.65 70.34 -36.85
N GLU A 1171 60.54 69.36 -36.81
CA GLU A 1171 60.74 68.46 -37.94
C GLU A 1171 61.61 67.28 -37.54
N GLY A 1172 62.91 67.51 -37.51
CA GLY A 1172 63.86 66.50 -37.09
C GLY A 1172 64.82 66.18 -38.23
N ALA A 1173 65.37 64.97 -38.23
CA ALA A 1173 66.34 64.56 -39.24
C ALA A 1173 65.74 63.59 -40.25
N ALA A 1174 64.42 63.46 -40.22
CA ALA A 1174 63.75 62.39 -40.96
C ALA A 1174 63.90 62.42 -42.49
N THR A 1175 63.85 63.59 -43.10
CA THR A 1175 63.85 63.62 -44.56
C THR A 1175 64.51 64.80 -45.38
N HIS A 1176 64.83 64.50 -46.67
CA HIS A 1176 65.30 65.43 -47.77
C HIS A 1176 65.92 66.80 -47.48
N GLY A 1177 65.40 67.40 -46.44
CA GLY A 1177 65.58 68.78 -46.06
C GLY A 1177 66.92 69.49 -46.08
N GLY A 1178 67.96 68.89 -45.50
CA GLY A 1178 69.19 69.65 -45.41
C GLY A 1178 69.43 70.77 -46.42
N TRP A 1179 70.12 71.80 -45.96
CA TRP A 1179 70.53 72.92 -46.79
C TRP A 1179 69.49 74.04 -46.88
N VAL A 1180 69.99 75.28 -46.87
CA VAL A 1180 69.17 76.46 -47.08
C VAL A 1180 69.55 77.07 -48.42
N THR A 1181 69.27 76.34 -49.49
CA THR A 1181 69.76 76.69 -50.81
C THR A 1181 69.41 78.08 -51.34
N ASP A 1182 68.14 78.46 -51.21
CA ASP A 1182 67.68 79.70 -51.79
C ASP A 1182 66.42 80.24 -51.13
N LEU A 1183 66.17 81.53 -51.35
CA LEU A 1183 64.92 82.15 -50.96
C LEU A 1183 64.32 82.87 -52.16
N CYS A 1184 63.05 82.60 -52.42
CA CYS A 1184 62.32 83.29 -53.49
C CYS A 1184 61.17 84.16 -52.98
N PHE A 1185 61.47 85.43 -52.73
CA PHE A 1185 60.44 86.38 -52.29
C PHE A 1185 59.33 86.57 -53.31
N SER A 1186 58.10 86.70 -52.82
CA SER A 1186 56.96 87.01 -53.66
C SER A 1186 57.04 88.46 -54.14
N PRO A 1187 56.48 88.76 -55.32
CA PRO A 1187 56.49 90.14 -55.81
C PRO A 1187 55.83 91.09 -54.84
N ASP A 1188 54.81 90.61 -54.13
CA ASP A 1188 54.18 91.39 -53.08
C ASP A 1188 55.15 91.65 -51.93
N GLY A 1189 56.09 90.73 -51.74
CA GLY A 1189 57.08 90.82 -50.70
C GLY A 1189 56.52 90.32 -49.38
N LYS A 1190 55.26 89.90 -49.42
CA LYS A 1190 54.58 89.41 -48.24
C LYS A 1190 54.87 87.91 -48.02
N MET A 1191 55.53 87.29 -48.99
CA MET A 1191 55.79 85.85 -48.90
C MET A 1191 57.23 85.50 -49.28
N LEU A 1192 57.80 84.56 -48.53
CA LEU A 1192 59.09 84.01 -48.89
C LEU A 1192 58.94 82.54 -49.26
N ILE A 1193 59.38 82.20 -50.46
CA ILE A 1193 59.39 80.82 -50.93
C ILE A 1193 60.69 80.18 -50.49
N SER A 1194 60.67 79.58 -49.30
CA SER A 1194 61.81 78.82 -48.82
C SER A 1194 61.92 77.51 -49.58
N ALA A 1195 63.14 77.08 -49.86
CA ALA A 1195 63.36 75.84 -50.59
C ALA A 1195 64.56 75.08 -50.05
N GLY A 1196 64.29 74.10 -49.20
CA GLY A 1196 65.33 73.26 -48.64
C GLY A 1196 65.04 71.79 -48.91
N GLY A 1197 64.41 71.13 -47.94
CA GLY A 1197 63.95 69.78 -48.16
C GLY A 1197 62.74 69.78 -49.06
N TYR A 1198 62.03 70.91 -49.06
CA TYR A 1198 60.88 71.11 -49.96
C TYR A 1198 60.44 72.56 -49.89
N ILE A 1199 59.71 73.01 -50.90
CA ILE A 1199 59.18 74.38 -50.91
C ILE A 1199 58.18 74.61 -49.78
N LYS A 1200 58.33 75.74 -49.10
CA LYS A 1200 57.25 76.23 -48.25
C LYS A 1200 57.21 77.74 -48.29
N TRP A 1201 56.00 78.27 -48.48
CA TRP A 1201 55.80 79.70 -48.62
C TRP A 1201 55.59 80.34 -47.26
N TRP A 1202 56.67 80.55 -46.52
CA TRP A 1202 56.57 81.18 -45.23
C TRP A 1202 56.02 82.58 -45.42
N ASN A 1203 55.10 82.98 -44.54
CA ASN A 1203 54.68 84.36 -44.49
C ASN A 1203 55.79 85.20 -43.88
N VAL A 1204 56.04 86.37 -44.46
CA VAL A 1204 57.09 87.23 -43.94
C VAL A 1204 56.69 87.71 -42.55
N VAL A 1205 57.65 87.67 -41.63
CA VAL A 1205 57.46 88.05 -40.24
C VAL A 1205 56.31 87.29 -39.57
N THR A 1206 56.69 86.33 -38.71
CA THR A 1206 55.75 85.54 -37.90
C THR A 1206 54.81 84.65 -38.70
N GLY A 1207 54.91 83.36 -38.49
CA GLY A 1207 53.99 82.41 -39.10
C GLY A 1207 54.31 82.08 -40.54
N GLU A 1208 53.39 81.39 -41.21
CA GLU A 1208 53.57 81.02 -42.61
C GLU A 1208 52.32 81.34 -43.42
N SER A 1209 52.53 81.56 -44.72
CA SER A 1209 51.43 81.70 -45.68
C SER A 1209 51.17 80.35 -46.36
N SER A 1210 51.49 80.24 -47.64
CA SER A 1210 51.30 79.00 -48.37
C SER A 1210 52.49 78.03 -48.21
N GLN A 1211 52.62 77.47 -47.02
CA GLN A 1211 53.70 76.53 -46.70
C GLN A 1211 53.62 75.22 -47.52
N THR A 1212 52.41 74.72 -47.70
CA THR A 1212 52.11 73.38 -48.23
C THR A 1212 53.14 72.68 -49.14
N PHE A 1213 52.74 72.39 -50.36
CA PHE A 1213 53.61 71.68 -51.28
C PHE A 1213 54.20 70.38 -50.69
N TYR A 1214 55.51 70.27 -50.75
CA TYR A 1214 56.25 69.04 -50.49
C TYR A 1214 56.71 68.49 -51.84
N THR A 1215 58.01 68.64 -52.12
CA THR A 1215 58.57 68.23 -53.41
C THR A 1215 58.85 66.73 -53.49
N ASN A 1216 58.74 66.18 -54.69
CA ASN A 1216 59.08 64.78 -54.88
C ASN A 1216 60.58 64.47 -54.78
N GLY A 1217 61.37 65.26 -55.50
CA GLY A 1217 62.82 65.13 -55.46
C GLY A 1217 63.50 65.55 -54.17
N THR A 1218 63.06 66.68 -53.66
CA THR A 1218 63.70 67.32 -52.51
C THR A 1218 64.94 68.04 -53.00
N ASN A 1219 65.64 68.73 -52.10
CA ASN A 1219 66.97 69.26 -52.38
C ASN A 1219 67.12 70.15 -53.61
N LEU A 1220 66.15 71.04 -53.84
CA LEU A 1220 66.28 72.00 -54.93
C LEU A 1220 67.46 72.93 -54.61
N LYS A 1221 68.26 73.23 -55.64
CA LYS A 1221 69.39 74.14 -55.47
C LYS A 1221 69.30 75.41 -56.32
N LYS A 1222 68.18 75.67 -56.99
CA LYS A 1222 68.12 76.87 -57.83
C LYS A 1222 66.77 77.58 -57.78
N ILE A 1223 66.76 78.90 -57.99
CA ILE A 1223 65.49 79.54 -58.02
C ILE A 1223 65.33 80.34 -59.34
N HIS A 1224 64.21 80.07 -60.01
CA HIS A 1224 63.84 80.80 -61.21
C HIS A 1224 62.46 81.44 -61.01
N VAL A 1225 62.36 82.73 -61.31
CA VAL A 1225 61.09 83.44 -61.21
C VAL A 1225 60.77 84.23 -62.48
N SER A 1226 59.54 84.13 -62.96
CA SER A 1226 59.13 84.91 -64.12
C SER A 1226 58.94 86.37 -63.72
N PRO A 1227 59.26 87.29 -64.65
CA PRO A 1227 59.11 88.72 -64.37
C PRO A 1227 57.80 88.96 -63.65
N ASP A 1228 56.75 88.34 -64.17
CA ASP A 1228 55.43 88.36 -63.56
C ASP A 1228 55.52 87.74 -62.17
N PHE A 1229 56.34 86.70 -62.03
CA PHE A 1229 56.47 85.98 -60.78
C PHE A 1229 55.38 84.92 -60.63
N LYS A 1230 54.56 84.77 -61.66
CA LYS A 1230 53.48 83.79 -61.64
C LYS A 1230 53.96 82.34 -61.55
N THR A 1231 55.02 81.98 -62.28
CA THR A 1231 55.49 80.60 -62.35
C THR A 1231 56.96 80.40 -61.98
N TYR A 1232 57.17 79.52 -61.05
CA TYR A 1232 58.50 79.01 -60.72
C TYR A 1232 58.43 77.49 -60.77
N VAL A 1233 59.35 76.88 -61.49
CA VAL A 1233 59.41 75.42 -61.57
C VAL A 1233 60.75 75.01 -60.96
N THR A 1234 60.74 74.02 -60.07
CA THR A 1234 61.99 73.55 -59.46
C THR A 1234 62.26 72.13 -59.92
N VAL A 1235 63.50 71.83 -60.26
CA VAL A 1235 63.95 70.45 -60.36
C VAL A 1235 64.94 70.21 -59.22
N ASP A 1236 64.59 69.29 -58.32
CA ASP A 1236 65.45 68.98 -57.18
C ASP A 1236 65.79 67.50 -57.07
N ASN A 1237 67.08 67.20 -56.86
CA ASN A 1237 67.51 65.85 -56.58
C ASN A 1237 67.34 64.96 -57.81
N LEU A 1238 67.12 65.60 -58.95
CA LEU A 1238 66.94 64.87 -60.20
C LEU A 1238 65.58 64.20 -60.22
N GLY A 1239 64.71 64.60 -59.28
CA GLY A 1239 63.39 64.02 -59.21
C GLY A 1239 62.72 64.24 -60.54
N ILE A 1240 62.95 65.44 -61.08
CA ILE A 1240 62.44 65.90 -62.36
C ILE A 1240 62.28 67.41 -62.25
N LEU A 1241 61.81 68.05 -63.32
CA LEU A 1241 61.49 69.49 -63.21
C LEU A 1241 59.99 69.62 -62.92
N TYR A 1242 59.59 70.43 -61.94
CA TYR A 1242 58.16 70.64 -61.62
C TYR A 1242 57.79 72.11 -61.96
N ILE A 1243 56.69 72.33 -62.69
CA ILE A 1243 56.27 73.71 -63.05
C ILE A 1243 54.98 74.07 -62.29
N LEU A 1244 54.93 75.27 -61.72
CA LEU A 1244 53.74 75.75 -61.00
C LEU A 1244 53.08 76.95 -61.70
N GLN A 1245 51.77 76.87 -61.87
CA GLN A 1245 51.01 77.94 -62.51
C GLN A 1245 49.69 78.20 -61.78
N THR A 1246 49.78 78.91 -60.67
CA THR A 1246 48.59 79.23 -59.87
C THR A 1246 47.44 79.70 -60.76
N LEU A 1247 46.22 79.36 -60.36
CA LEU A 1247 45.04 79.74 -61.12
C LEU A 1247 44.29 80.89 -60.44
N GLU A 1248 42.99 80.95 -60.65
CA GLU A 1248 42.16 82.00 -60.06
C GLU A 1248 41.69 81.61 -58.67
N GLY B 2 91.57 65.73 -25.92
CA GLY B 2 91.32 64.29 -26.14
C GLY B 2 92.42 63.31 -25.90
N ASP B 3 92.05 62.06 -25.71
CA ASP B 3 92.97 60.94 -25.68
C ASP B 3 93.38 60.51 -27.12
N VAL B 4 94.60 60.91 -27.47
CA VAL B 4 95.13 60.67 -28.82
C VAL B 4 95.20 59.18 -29.15
N GLU B 5 95.56 58.36 -28.15
CA GLU B 5 95.67 56.93 -28.36
C GLU B 5 94.31 56.32 -28.69
N LYS B 6 93.25 56.72 -27.98
CA LYS B 6 91.91 56.23 -28.27
C LYS B 6 91.43 56.78 -29.62
N GLY B 7 91.75 58.05 -29.85
CA GLY B 7 91.46 58.67 -31.14
C GLY B 7 92.04 57.87 -32.31
N LYS B 8 93.28 57.43 -32.14
CA LYS B 8 93.94 56.58 -33.13
C LYS B 8 93.13 55.31 -33.37
N LYS B 9 92.74 54.65 -32.28
CA LYS B 9 91.93 53.43 -32.37
C LYS B 9 90.67 53.71 -33.19
N ILE B 10 90.00 54.81 -32.82
CA ILE B 10 88.77 55.17 -33.55
C ILE B 10 89.07 55.40 -35.04
N PHE B 11 90.15 56.12 -35.32
CA PHE B 11 90.52 56.34 -36.71
C PHE B 11 90.76 55.03 -37.48
N VAL B 12 91.50 54.12 -36.84
CA VAL B 12 91.84 52.84 -37.41
C VAL B 12 90.55 52.06 -37.66
N GLN B 13 89.66 52.02 -36.66
CA GLN B 13 88.37 51.34 -36.76
C GLN B 13 87.33 51.90 -37.74
N LYS B 14 87.21 53.22 -37.80
CA LYS B 14 86.11 53.87 -38.44
C LYS B 14 86.48 54.78 -39.63
N CYS B 15 87.74 55.14 -39.83
CA CYS B 15 88.11 56.09 -40.89
C CYS B 15 89.13 55.56 -41.88
N ALA B 16 89.99 54.65 -41.41
CA ALA B 16 91.13 54.19 -42.18
C ALA B 16 90.76 53.42 -43.44
N GLN B 17 89.61 52.76 -43.40
CA GLN B 17 89.15 52.06 -44.58
C GLN B 17 88.84 52.99 -45.78
N CYS B 18 88.64 54.28 -45.54
CA CYS B 18 88.44 55.21 -46.64
C CYS B 18 89.44 56.41 -46.65
N HIS B 19 90.30 56.55 -45.64
CA HIS B 19 91.18 57.71 -45.63
C HIS B 19 92.54 57.51 -44.98
N THR B 20 93.58 58.06 -45.61
CA THR B 20 94.90 58.13 -44.99
C THR B 20 95.12 59.50 -44.33
N VAL B 21 96.03 59.55 -43.35
CA VAL B 21 96.38 60.79 -42.67
C VAL B 21 97.84 61.20 -42.90
N GLU B 22 98.67 60.27 -43.40
CA GLU B 22 100.09 60.54 -43.60
C GLU B 22 100.32 61.36 -44.88
N LYS B 23 101.38 62.14 -44.80
CA LYS B 23 101.84 62.95 -45.90
C LYS B 23 102.15 62.11 -47.09
N GLY B 24 101.61 62.51 -48.23
CA GLY B 24 101.72 61.72 -49.44
C GLY B 24 100.99 60.39 -49.42
N GLY B 25 100.25 60.09 -48.34
CA GLY B 25 99.37 58.91 -48.31
C GLY B 25 98.38 59.00 -49.47
N LYS B 26 98.05 57.85 -50.04
CA LYS B 26 97.24 57.78 -51.27
C LYS B 26 95.80 58.15 -51.01
N HIS B 27 95.13 58.65 -52.04
CA HIS B 27 93.68 58.82 -51.92
C HIS B 27 93.10 57.40 -51.99
N LYS B 28 92.21 57.09 -51.06
CA LYS B 28 91.46 55.86 -51.11
C LYS B 28 90.05 56.29 -51.56
N THR B 29 88.99 55.66 -51.03
CA THR B 29 87.64 56.11 -51.35
C THR B 29 87.47 57.58 -51.02
N GLY B 30 88.00 57.99 -49.88
CA GLY B 30 88.05 59.39 -49.49
C GLY B 30 89.41 60.03 -49.64
N PRO B 31 89.46 61.35 -49.58
CA PRO B 31 90.67 62.13 -49.70
C PRO B 31 91.65 61.94 -48.55
N ASN B 32 92.92 62.11 -48.84
CA ASN B 32 93.97 62.11 -47.82
C ASN B 32 93.68 63.29 -46.91
N LEU B 33 93.81 63.06 -45.61
CA LEU B 33 93.50 64.07 -44.62
C LEU B 33 94.71 64.82 -44.10
N HIS B 34 95.90 64.55 -44.63
CA HIS B 34 97.07 65.34 -44.17
C HIS B 34 96.86 66.83 -44.49
N GLY B 35 97.15 67.67 -43.50
CA GLY B 35 96.97 69.12 -43.64
C GLY B 35 95.53 69.59 -43.51
N LEU B 36 94.66 68.74 -42.98
CA LEU B 36 93.22 69.04 -42.92
C LEU B 36 92.88 70.30 -42.11
N PHE B 37 93.54 70.48 -40.97
CA PHE B 37 93.18 71.56 -40.06
C PHE B 37 93.59 72.90 -40.62
N GLY B 38 92.65 73.84 -40.62
CA GLY B 38 92.86 75.17 -41.17
C GLY B 38 92.70 75.21 -42.68
N ARG B 39 92.18 74.13 -43.26
CA ARG B 39 92.00 74.11 -44.71
C ARG B 39 90.51 74.16 -45.01
N LYS B 40 90.14 74.81 -46.10
CA LYS B 40 88.75 74.87 -46.53
C LYS B 40 88.25 73.54 -47.11
N THR B 41 86.95 73.26 -46.94
CA THR B 41 86.37 72.07 -47.54
C THR B 41 86.72 71.91 -49.02
N GLY B 42 86.93 70.66 -49.43
CA GLY B 42 87.04 70.34 -50.86
C GLY B 42 88.32 70.74 -51.54
N GLN B 43 89.42 70.77 -50.81
CA GLN B 43 90.66 71.31 -51.38
C GLN B 43 91.81 70.32 -51.56
N ALA B 44 91.68 69.07 -51.14
CA ALA B 44 92.80 68.13 -51.34
C ALA B 44 93.02 68.10 -52.86
N PRO B 45 94.20 68.55 -53.35
CA PRO B 45 94.38 68.48 -54.78
C PRO B 45 94.45 67.01 -55.15
N GLY B 46 93.95 66.67 -56.31
CA GLY B 46 93.95 65.26 -56.72
C GLY B 46 92.80 64.40 -56.24
N PHE B 47 91.91 64.95 -55.41
CA PHE B 47 90.65 64.29 -55.12
C PHE B 47 89.46 64.97 -55.77
N THR B 48 88.57 64.15 -56.32
CA THR B 48 87.34 64.61 -56.99
C THR B 48 86.23 64.54 -56.00
N TYR B 49 85.82 65.69 -55.51
CA TYR B 49 84.78 65.79 -54.52
C TYR B 49 83.41 65.90 -55.18
N THR B 50 82.35 65.68 -54.41
CA THR B 50 81.04 66.16 -54.82
C THR B 50 81.06 67.70 -54.81
N ASP B 51 80.16 68.29 -55.59
CA ASP B 51 79.90 69.71 -55.53
C ASP B 51 79.49 70.18 -54.14
N ALA B 52 78.72 69.36 -53.42
CA ALA B 52 78.34 69.72 -52.06
C ALA B 52 79.59 69.92 -51.15
N ASN B 53 80.46 68.92 -51.12
CA ASN B 53 81.70 68.99 -50.31
C ASN B 53 82.59 70.08 -50.85
N LYS B 54 82.65 70.19 -52.17
CA LYS B 54 83.49 71.19 -52.83
C LYS B 54 83.04 72.62 -52.55
N ASN B 55 81.76 72.83 -52.29
CA ASN B 55 81.24 74.18 -52.08
C ASN B 55 80.66 74.44 -50.69
N LYS B 56 80.84 73.52 -49.74
CA LYS B 56 80.38 73.77 -48.37
C LYS B 56 80.89 75.10 -47.80
N GLY B 57 82.11 75.49 -48.16
CA GLY B 57 82.64 76.79 -47.82
C GLY B 57 82.99 77.01 -46.36
N ILE B 58 83.38 75.95 -45.64
CA ILE B 58 83.85 76.11 -44.27
C ILE B 58 85.33 75.68 -44.13
N THR B 59 85.91 76.09 -43.02
CA THR B 59 87.29 75.75 -42.68
C THR B 59 87.28 74.61 -41.69
N TRP B 60 88.03 73.55 -41.99
CA TRP B 60 88.10 72.41 -41.07
C TRP B 60 88.89 72.82 -39.84
N LYS B 61 88.30 72.60 -38.68
CA LYS B 61 88.95 72.86 -37.39
C LYS B 61 88.10 72.12 -36.40
N GLU B 62 88.44 72.24 -35.14
CA GLU B 62 87.80 71.43 -34.13
C GLU B 62 86.28 71.59 -34.08
N GLU B 63 85.84 72.85 -34.10
CA GLU B 63 84.41 73.19 -34.00
C GLU B 63 83.68 72.56 -35.18
N THR B 64 84.18 72.78 -36.40
CA THR B 64 83.51 72.27 -37.59
C THR B 64 83.56 70.73 -37.66
N LEU B 65 84.70 70.16 -37.28
CA LEU B 65 84.82 68.71 -37.21
C LEU B 65 83.88 68.07 -36.17
N MET B 66 83.76 68.71 -35.00
CA MET B 66 82.87 68.22 -33.95
C MET B 66 81.45 68.11 -34.47
N GLU B 67 81.00 69.12 -35.21
CA GLU B 67 79.65 69.10 -35.81
C GLU B 67 79.55 68.11 -36.98
N TYR B 68 80.49 68.19 -37.93
CA TYR B 68 80.51 67.23 -39.05
C TYR B 68 80.44 65.77 -38.63
N LEU B 69 81.36 65.40 -37.75
CA LEU B 69 81.53 64.00 -37.35
C LEU B 69 80.34 63.43 -36.57
N GLU B 70 79.56 64.30 -35.97
CA GLU B 70 78.32 63.88 -35.33
C GLU B 70 77.33 63.41 -36.41
N ASN B 71 77.33 64.05 -37.58
CA ASN B 71 76.40 63.64 -38.62
C ASN B 71 76.78 64.26 -39.95
N PRO B 72 77.70 63.61 -40.66
CA PRO B 72 78.18 64.15 -41.94
C PRO B 72 77.09 64.57 -42.93
N LYS B 73 76.08 63.75 -43.13
CA LYS B 73 75.07 64.06 -44.16
C LYS B 73 74.32 65.35 -43.86
N LYS B 74 73.99 65.55 -42.59
CA LYS B 74 73.33 66.75 -42.12
C LYS B 74 74.21 67.99 -42.32
N TYR B 75 75.52 67.89 -42.06
CA TYR B 75 76.43 69.03 -42.25
C TYR B 75 76.75 69.29 -43.72
N ILE B 76 76.87 68.23 -44.52
CA ILE B 76 77.11 68.38 -45.98
C ILE B 76 76.16 67.46 -46.73
N PRO B 77 74.88 67.89 -46.86
CA PRO B 77 73.87 67.12 -47.55
C PRO B 77 74.37 66.83 -48.92
N GLY B 78 74.18 65.59 -49.35
CA GLY B 78 74.66 65.15 -50.63
C GLY B 78 76.12 64.71 -50.64
N THR B 79 76.86 64.77 -49.52
CA THR B 79 78.18 64.17 -49.52
C THR B 79 78.15 62.70 -49.96
N LYS B 80 79.17 62.24 -50.67
CA LYS B 80 79.27 60.78 -50.98
C LYS B 80 80.04 59.99 -49.91
N MET B 81 80.44 60.66 -48.85
CA MET B 81 81.02 59.95 -47.70
C MET B 81 79.93 59.19 -46.98
N ILE B 82 80.08 57.88 -46.83
CA ILE B 82 79.17 57.05 -46.04
C ILE B 82 79.72 56.93 -44.60
N PHE B 83 79.04 57.59 -43.67
CA PHE B 83 79.37 57.50 -42.26
C PHE B 83 78.18 57.97 -41.45
N ALA B 84 77.68 57.12 -40.55
CA ALA B 84 76.48 57.53 -39.76
C ALA B 84 76.79 58.75 -38.89
N GLY B 85 77.89 58.64 -38.15
CA GLY B 85 78.32 59.69 -37.24
C GLY B 85 78.70 59.11 -35.88
N ILE B 86 79.55 59.83 -35.15
CA ILE B 86 79.98 59.43 -33.83
C ILE B 86 79.10 60.20 -32.85
N LYS B 87 78.20 59.49 -32.18
CA LYS B 87 77.19 60.13 -31.35
C LYS B 87 77.80 60.63 -30.03
N LYS B 88 78.77 59.88 -29.47
CA LYS B 88 79.39 60.29 -28.20
C LYS B 88 80.43 61.39 -28.36
N LYS B 89 80.28 62.48 -27.60
CA LYS B 89 81.19 63.61 -27.68
C LYS B 89 82.63 63.22 -27.33
N THR B 90 82.80 62.42 -26.29
CA THR B 90 84.14 62.03 -25.83
C THR B 90 84.98 61.40 -26.95
N GLU B 91 84.37 60.42 -27.62
CA GLU B 91 84.96 59.74 -28.76
C GLU B 91 85.30 60.73 -29.91
N ARG B 92 84.37 61.63 -30.19
CA ARG B 92 84.61 62.71 -31.17
C ARG B 92 85.82 63.55 -30.80
N GLU B 93 85.87 63.96 -29.54
CA GLU B 93 87.04 64.74 -29.06
C GLU B 93 88.31 63.94 -29.19
N ASP B 94 88.27 62.66 -28.82
CA ASP B 94 89.46 61.79 -28.94
C ASP B 94 89.94 61.69 -30.40
N LEU B 95 89.01 61.38 -31.29
CA LEU B 95 89.32 61.23 -32.71
C LEU B 95 89.88 62.54 -33.25
N ILE B 96 89.21 63.64 -32.91
CA ILE B 96 89.65 64.96 -33.39
C ILE B 96 91.05 65.32 -32.87
N ALA B 97 91.30 65.01 -31.58
CA ALA B 97 92.64 65.19 -31.04
C ALA B 97 93.65 64.31 -31.77
N TYR B 98 93.31 63.04 -32.04
CA TYR B 98 94.25 62.22 -32.81
C TYR B 98 94.52 62.85 -34.21
N LEU B 99 93.45 63.22 -34.93
CA LEU B 99 93.62 63.79 -36.29
C LEU B 99 94.46 65.07 -36.27
N LYS B 100 94.23 65.89 -35.24
CA LYS B 100 95.01 67.11 -35.12
C LYS B 100 96.52 66.81 -35.05
N LYS B 101 96.88 65.76 -34.34
CA LYS B 101 98.27 65.38 -34.27
C LYS B 101 98.73 64.75 -35.57
N ALA B 102 98.02 63.72 -36.00
CA ALA B 102 98.55 62.92 -37.09
C ALA B 102 98.55 63.67 -38.43
N THR B 103 97.55 64.51 -38.67
CA THR B 103 97.47 65.20 -39.96
C THR B 103 98.43 66.34 -40.11
N ASN B 104 99.18 66.67 -39.06
CA ASN B 104 100.26 67.64 -39.19
C ASN B 104 101.58 66.91 -39.31
N GLU B 105 101.81 65.98 -38.38
CA GLU B 105 103.04 65.20 -38.36
C GLU B 105 103.64 65.09 -39.75
N GLY C 105 35.65 34.70 19.69
CA GLY C 105 36.44 33.49 19.50
C GLY C 105 35.60 32.25 19.64
N ILE C 106 35.17 31.69 18.52
CA ILE C 106 34.41 30.45 18.52
C ILE C 106 35.27 29.29 19.02
N THR C 107 34.75 28.51 19.95
CA THR C 107 35.40 27.27 20.33
C THR C 107 35.18 26.27 19.20
N SER C 108 36.06 25.30 19.07
CA SER C 108 35.87 24.27 18.06
C SER C 108 34.59 23.53 18.38
N TYR C 109 34.38 23.29 19.67
CA TYR C 109 33.22 22.54 20.14
C TYR C 109 31.93 23.26 19.77
N VAL C 110 31.91 24.57 19.96
CA VAL C 110 30.70 25.33 19.66
C VAL C 110 30.20 25.03 18.26
N ARG C 111 31.14 25.01 17.31
CA ARG C 111 30.79 24.73 15.91
C ARG C 111 30.21 23.33 15.76
N THR C 112 30.73 22.39 16.55
CA THR C 112 30.26 21.01 16.50
C THR C 112 28.83 20.92 16.98
N VAL C 113 28.49 21.60 18.07
CA VAL C 113 27.10 21.61 18.52
C VAL C 113 26.19 22.33 17.51
N LEU C 114 26.70 23.45 17.01
CA LEU C 114 25.97 24.27 16.08
C LEU C 114 25.69 23.55 14.78
N CYS C 115 26.64 22.75 14.32
CA CYS C 115 26.43 22.02 13.07
C CYS C 115 25.28 21.07 13.23
N GLU C 116 25.22 20.39 14.38
CA GLU C 116 24.15 19.46 14.65
C GLU C 116 22.83 20.19 14.70
N GLY C 117 22.86 21.37 15.30
CA GLY C 117 21.67 22.20 15.38
C GLY C 117 21.16 22.61 14.02
N GLY C 118 22.06 22.93 13.12
CA GLY C 118 21.69 23.35 11.78
C GLY C 118 21.49 24.83 11.53
N VAL C 119 21.75 25.67 12.52
CA VAL C 119 21.76 27.11 12.31
C VAL C 119 22.74 27.46 11.20
N PRO C 120 22.35 28.40 10.34
CA PRO C 120 23.27 28.87 9.30
C PRO C 120 24.51 29.51 9.91
N GLN C 121 25.66 29.35 9.26
CA GLN C 121 26.87 30.06 9.66
C GLN C 121 26.73 31.52 9.24
N ARG C 122 27.22 32.43 10.08
CA ARG C 122 27.09 33.86 9.82
C ARG C 122 27.75 34.24 8.49
N PRO C 123 27.17 35.21 7.79
CA PRO C 123 27.74 35.64 6.51
C PRO C 123 29.16 36.12 6.73
N VAL C 124 30.03 35.87 5.76
CA VAL C 124 31.44 36.20 5.90
C VAL C 124 31.60 37.72 6.10
N VAL C 125 30.72 38.50 5.49
CA VAL C 125 30.80 39.95 5.65
C VAL C 125 29.83 40.45 6.72
N PHE C 126 30.19 40.28 7.99
CA PHE C 126 29.30 40.71 9.08
C PHE C 126 29.97 41.67 10.06
N VAL C 127 29.17 42.33 10.90
CA VAL C 127 29.73 43.24 11.88
C VAL C 127 28.95 43.17 13.18
N THR C 128 29.56 42.56 14.19
CA THR C 128 28.91 42.35 15.48
C THR C 128 28.09 43.54 15.94
N ARG C 129 27.05 43.28 16.73
CA ARG C 129 26.29 44.35 17.31
C ARG C 129 26.36 44.00 18.76
N LYS C 130 27.45 44.39 19.41
CA LYS C 130 27.74 43.81 20.69
C LYS C 130 26.62 44.09 21.65
N LYS C 131 26.13 45.32 21.69
CA LYS C 131 25.15 45.66 22.69
C LYS C 131 23.91 44.80 22.51
N LEU C 132 23.44 44.72 21.27
CA LEU C 132 22.22 43.97 21.01
C LEU C 132 22.39 42.50 21.31
N VAL C 133 23.51 41.93 20.89
CA VAL C 133 23.70 40.50 21.06
C VAL C 133 23.74 40.23 22.54
N ASN C 134 24.39 41.13 23.25
CA ASN C 134 24.56 40.99 24.68
C ASN C 134 23.22 41.04 25.35
N ALA C 135 22.35 41.92 24.87
CA ALA C 135 21.06 42.03 25.52
C ALA C 135 20.27 40.77 25.32
N ILE C 136 20.23 40.26 24.08
CA ILE C 136 19.39 39.09 23.86
C ILE C 136 19.94 37.98 24.73
N GLN C 137 21.26 37.82 24.71
CA GLN C 137 21.92 36.71 25.39
C GLN C 137 21.69 36.75 26.90
N GLN C 138 21.73 37.94 27.48
CA GLN C 138 21.56 38.08 28.91
C GLN C 138 20.11 37.78 29.24
N LYS C 139 19.23 38.34 28.42
CA LYS C 139 17.81 38.06 28.54
C LYS C 139 17.59 36.60 28.24
N LEU C 140 18.28 36.12 27.21
CA LEU C 140 18.03 34.76 26.78
C LEU C 140 18.38 33.85 27.93
N SER C 141 19.35 34.30 28.71
CA SER C 141 19.83 33.58 29.88
C SER C 141 18.74 33.47 30.93
N LYS C 142 17.80 34.42 30.89
CA LYS C 142 16.87 34.67 31.98
C LYS C 142 15.95 33.51 32.29
N LEU C 143 15.46 32.84 31.27
CA LEU C 143 14.59 31.70 31.50
C LEU C 143 15.51 30.52 31.75
N LYS C 144 16.19 30.54 32.88
CA LYS C 144 17.18 29.51 33.20
C LYS C 144 16.55 28.12 33.12
N GLY C 145 15.27 28.05 33.50
CA GLY C 145 14.55 26.79 33.46
C GLY C 145 13.07 27.06 33.30
N GLU C 146 12.29 26.01 33.12
CA GLU C 146 10.85 26.16 32.93
C GLU C 146 10.57 26.87 31.61
N PRO C 147 9.53 26.43 30.93
CA PRO C 147 9.18 26.99 29.61
C PRO C 147 9.49 28.48 29.49
N GLY C 148 9.21 29.05 28.32
CA GLY C 148 9.46 30.46 28.08
C GLY C 148 9.68 30.77 26.62
N TRP C 149 9.15 31.92 26.18
CA TRP C 149 9.28 32.34 24.79
C TRP C 149 9.93 33.72 24.68
N VAL C 150 10.75 33.91 23.66
CA VAL C 150 11.42 35.19 23.43
C VAL C 150 11.02 35.59 22.03
N THR C 151 10.61 36.84 21.78
CA THR C 151 10.19 37.31 20.45
C THR C 151 11.22 38.37 20.07
N ILE C 152 11.71 38.41 18.84
CA ILE C 152 12.62 39.50 18.43
C ILE C 152 11.98 40.14 17.20
N HIS C 153 11.81 41.47 17.09
CA HIS C 153 11.21 42.02 15.85
C HIS C 153 11.65 43.35 15.28
N GLY C 154 11.46 43.53 13.98
CA GLY C 154 11.93 44.72 13.31
C GLY C 154 11.28 44.85 11.95
N MET C 155 11.38 46.02 11.35
CA MET C 155 10.90 46.20 10.01
C MET C 155 11.82 45.36 9.16
N ALA C 156 11.39 45.01 7.96
CA ALA C 156 12.09 43.98 7.21
C ALA C 156 13.55 44.31 6.98
N GLY C 157 14.38 43.31 7.22
CA GLY C 157 15.81 43.37 7.04
C GLY C 157 16.49 44.24 8.06
N CYS C 158 16.33 43.87 9.34
CA CYS C 158 16.93 44.62 10.44
C CYS C 158 18.05 43.86 11.14
N GLY C 159 18.48 42.77 10.54
CA GLY C 159 19.45 41.89 11.16
C GLY C 159 18.83 40.94 12.14
N LYS C 160 17.53 40.72 12.01
CA LYS C 160 16.81 39.90 12.96
C LYS C 160 17.29 38.46 13.05
N SER C 161 17.49 37.77 11.93
CA SER C 161 18.02 36.40 12.02
C SER C 161 19.45 36.32 12.44
N VAL C 162 20.27 37.19 11.90
CA VAL C 162 21.70 37.09 12.09
C VAL C 162 21.95 37.24 13.57
N LEU C 163 21.21 38.11 14.22
CA LEU C 163 21.39 38.26 15.66
C LEU C 163 21.05 36.96 16.34
N ALA C 164 19.98 36.30 15.90
CA ALA C 164 19.59 35.07 16.55
C ALA C 164 20.70 34.07 16.37
N ALA C 165 21.25 33.98 15.17
CA ALA C 165 22.36 33.08 14.92
C ALA C 165 23.58 33.50 15.74
N GLU C 166 23.83 34.81 15.75
CA GLU C 166 24.97 35.37 16.47
C GLU C 166 24.92 35.20 17.99
N ALA C 167 23.75 35.42 18.58
CA ALA C 167 23.59 35.31 20.01
C ALA C 167 24.02 33.94 20.51
N VAL C 168 23.61 32.90 19.79
CA VAL C 168 23.90 31.54 20.21
C VAL C 168 25.32 31.17 19.78
N ARG C 169 25.91 32.03 18.94
CA ARG C 169 27.22 31.74 18.35
C ARG C 169 28.30 31.60 19.40
N ASP C 170 28.14 32.36 20.49
CA ASP C 170 29.02 32.37 21.66
C ASP C 170 28.94 31.10 22.54
N HIS C 171 30.10 30.70 23.06
CA HIS C 171 30.22 29.60 24.02
C HIS C 171 29.64 29.79 25.44
N SER C 172 29.84 30.96 26.04
CA SER C 172 29.54 31.10 27.47
C SER C 172 28.08 30.88 27.83
N LEU C 173 27.21 31.63 27.18
CA LEU C 173 25.80 31.53 27.46
C LEU C 173 25.30 30.16 27.09
N LEU C 174 25.71 29.69 25.91
CA LEU C 174 25.24 28.40 25.45
C LEU C 174 25.74 27.21 26.25
N GLU C 175 27.04 27.16 26.51
CA GLU C 175 27.61 25.96 27.11
C GLU C 175 27.22 25.68 28.55
N GLY C 176 27.34 26.69 29.42
CA GLY C 176 26.96 26.51 30.80
C GLY C 176 25.47 26.36 30.95
N CYS C 177 24.76 27.25 30.28
CA CYS C 177 23.30 27.31 30.31
C CYS C 177 22.58 26.16 29.65
N PHE C 178 23.10 25.71 28.52
CA PHE C 178 22.28 24.89 27.62
C PHE C 178 22.87 23.50 27.32
N PRO C 179 22.84 22.61 28.29
CA PRO C 179 23.31 21.25 28.08
C PRO C 179 22.64 20.61 26.88
N GLY C 180 21.38 20.97 26.64
CA GLY C 180 20.68 20.50 25.46
C GLY C 180 21.22 21.22 24.24
N GLY C 181 21.12 20.58 23.08
CA GLY C 181 21.70 21.13 21.87
C GLY C 181 20.72 22.20 21.45
N VAL C 182 21.02 22.98 20.43
CA VAL C 182 20.12 24.00 19.87
C VAL C 182 19.54 23.49 18.57
N HIS C 183 18.24 23.63 18.36
CA HIS C 183 17.64 23.19 17.10
C HIS C 183 17.02 24.40 16.45
N TRP C 184 17.21 24.58 15.15
CA TRP C 184 16.74 25.77 14.45
C TRP C 184 15.66 25.27 13.54
N VAL C 185 14.53 25.93 13.45
CA VAL C 185 13.55 25.55 12.46
C VAL C 185 13.19 26.73 11.59
N SER C 186 13.20 26.56 10.28
CA SER C 186 12.83 27.65 9.40
C SER C 186 11.35 27.62 9.03
N VAL C 187 10.49 28.22 9.85
CA VAL C 187 9.05 28.13 9.63
C VAL C 187 8.50 28.76 8.36
N GLY C 188 8.99 29.94 7.98
CA GLY C 188 8.46 30.61 6.82
C GLY C 188 7.00 30.99 6.98
N LYS C 189 6.25 31.00 5.89
CA LYS C 189 4.82 31.30 5.90
C LYS C 189 4.08 30.05 5.43
N GLN C 190 3.03 29.63 6.14
CA GLN C 190 2.49 28.33 5.78
C GLN C 190 0.96 28.18 5.84
N ASP C 191 0.41 27.49 4.84
CA ASP C 191 -0.94 26.98 4.83
C ASP C 191 -0.89 25.79 5.78
N LYS C 192 -2.06 25.31 6.19
CA LYS C 192 -2.12 24.31 7.24
C LYS C 192 -1.37 23.05 6.83
N SER C 193 -1.50 22.67 5.57
CA SER C 193 -0.85 21.46 5.07
C SER C 193 0.66 21.59 5.11
N GLY C 194 1.16 22.75 4.70
CA GLY C 194 2.59 22.97 4.63
C GLY C 194 3.21 22.89 6.00
N LEU C 195 2.51 23.43 6.98
CA LEU C 195 3.01 23.46 8.34
C LEU C 195 3.20 22.05 8.81
N LEU C 196 2.31 21.17 8.37
CA LEU C 196 2.32 19.83 8.88
C LEU C 196 3.66 19.16 8.60
N MET C 197 4.18 19.36 7.38
CA MET C 197 5.41 18.69 6.99
C MET C 197 6.60 19.10 7.85
N LYS C 198 6.67 20.37 8.19
CA LYS C 198 7.81 20.87 8.94
C LYS C 198 7.86 20.11 10.23
N LEU C 199 6.70 19.83 10.79
CA LEU C 199 6.65 19.14 12.06
C LEU C 199 7.22 17.74 11.95
N GLN C 200 6.83 17.01 10.90
CA GLN C 200 7.33 15.68 10.73
C GLN C 200 8.83 15.76 10.54
N ASN C 201 9.28 16.75 9.77
CA ASN C 201 10.69 16.88 9.51
C ASN C 201 11.48 17.15 10.78
N LEU C 202 10.90 17.95 11.67
CA LEU C 202 11.53 18.18 12.97
C LEU C 202 11.53 16.90 13.80
N CYS C 203 10.50 16.08 13.58
CA CYS C 203 10.41 14.79 14.24
C CYS C 203 11.57 13.91 13.83
N THR C 204 11.77 13.80 12.52
CA THR C 204 12.84 12.99 11.98
C THR C 204 14.19 13.55 12.42
N ARG C 205 14.32 14.86 12.44
CA ARG C 205 15.60 15.46 12.84
C ARG C 205 15.97 15.16 14.27
N LEU C 206 15.02 15.36 15.17
CA LEU C 206 15.26 15.19 16.60
C LEU C 206 15.53 13.77 17.03
N ASP C 207 14.78 12.83 16.45
CA ASP C 207 14.95 11.41 16.74
C ASP C 207 16.00 10.80 15.82
N GLN C 208 17.27 11.07 16.11
CA GLN C 208 18.36 10.48 15.32
C GLN C 208 18.48 8.98 15.54
N ASP C 209 18.19 8.54 16.76
CA ASP C 209 18.28 7.13 17.13
C ASP C 209 17.27 6.29 16.37
N GLU C 210 16.08 6.84 16.19
CA GLU C 210 15.00 6.14 15.52
C GLU C 210 14.26 5.16 16.44
N SER C 211 14.57 5.21 17.72
CA SER C 211 13.94 4.32 18.68
C SER C 211 12.43 4.52 18.62
N PHE C 212 12.01 5.77 18.48
CA PHE C 212 10.60 6.09 18.36
C PHE C 212 10.09 5.60 17.02
N SER C 213 8.79 5.37 16.93
CA SER C 213 8.17 4.76 15.76
C SER C 213 8.61 5.42 14.46
N GLN C 214 9.00 4.60 13.49
CA GLN C 214 9.38 5.11 12.18
C GLN C 214 8.19 5.79 11.52
N ARG C 215 6.99 5.30 11.82
CA ARG C 215 5.78 5.91 11.30
C ARG C 215 5.69 7.34 11.80
N LEU C 216 5.18 8.23 10.94
CA LEU C 216 5.09 9.63 11.30
C LEU C 216 3.63 9.99 11.53
N PRO C 217 3.37 10.89 12.47
CA PRO C 217 2.00 11.31 12.76
C PRO C 217 1.34 11.98 11.57
N LEU C 218 0.04 11.73 11.38
CA LEU C 218 -0.71 12.43 10.36
C LEU C 218 -1.46 13.61 10.98
N ASN C 219 -1.36 13.72 12.30
CA ASN C 219 -2.03 14.76 13.08
C ASN C 219 -1.06 15.69 13.80
N ILE C 220 -1.33 17.00 13.73
CA ILE C 220 -0.43 18.00 14.24
C ILE C 220 -0.14 17.78 15.72
N GLU C 221 -1.20 17.54 16.48
CA GLU C 221 -1.08 17.38 17.92
C GLU C 221 -0.16 16.22 18.29
N GLU C 222 -0.27 15.13 17.53
CA GLU C 222 0.56 13.95 17.79
C GLU C 222 2.02 14.33 17.63
N ALA C 223 2.29 15.18 16.65
CA ALA C 223 3.63 15.70 16.44
C ALA C 223 4.03 16.56 17.60
N LYS C 224 3.06 17.28 18.16
CA LYS C 224 3.29 18.12 19.32
C LYS C 224 3.71 17.23 20.48
N ASP C 225 3.10 16.06 20.57
CA ASP C 225 3.41 15.10 21.61
C ASP C 225 4.83 14.58 21.44
N ARG C 226 5.18 14.20 20.21
CA ARG C 226 6.51 13.71 19.90
C ARG C 226 7.57 14.78 20.20
N LEU C 227 7.21 16.05 20.03
CA LEU C 227 8.15 17.12 20.29
C LEU C 227 8.35 17.31 21.77
N ARG C 228 7.24 17.37 22.48
CA ARG C 228 7.25 17.63 23.91
C ARG C 228 8.00 16.52 24.62
N ILE C 229 7.67 15.29 24.24
CA ILE C 229 8.25 14.10 24.85
C ILE C 229 9.74 14.02 24.54
N LEU C 230 10.08 14.30 23.29
CA LEU C 230 11.47 14.32 22.84
C LEU C 230 12.28 15.42 23.52
N MET C 231 11.67 16.59 23.65
CA MET C 231 12.29 17.70 24.36
C MET C 231 12.43 17.35 25.84
N LEU C 232 11.41 16.71 26.39
CA LEU C 232 11.38 16.36 27.80
C LEU C 232 12.42 15.32 28.20
N ARG C 233 12.60 14.29 27.39
CA ARG C 233 13.52 13.20 27.74
C ARG C 233 14.77 13.17 26.86
N LYS C 234 14.56 13.14 25.56
CA LYS C 234 15.66 13.00 24.61
C LYS C 234 16.59 14.19 24.64
N HIS C 235 16.06 15.41 24.73
CA HIS C 235 16.95 16.56 24.75
C HIS C 235 16.58 17.51 25.88
N PRO C 236 16.97 17.21 27.11
CA PRO C 236 16.37 17.90 28.26
C PRO C 236 16.53 19.42 28.28
N ARG C 237 17.69 19.96 27.92
CA ARG C 237 17.91 21.40 28.04
C ARG C 237 17.83 22.19 26.73
N SER C 238 17.27 21.58 25.70
CA SER C 238 17.29 22.13 24.35
C SER C 238 16.56 23.46 24.20
N LEU C 239 17.07 24.30 23.31
CA LEU C 239 16.44 25.55 22.91
C LEU C 239 16.12 25.43 21.43
N LEU C 240 14.91 25.86 21.03
CA LEU C 240 14.45 25.83 19.65
C LEU C 240 14.38 27.28 19.18
N ILE C 241 14.85 27.60 17.97
CA ILE C 241 14.76 28.96 17.43
C ILE C 241 13.86 28.92 16.20
N LEU C 242 13.03 29.91 15.98
CA LEU C 242 12.22 29.87 14.79
C LEU C 242 12.54 31.05 13.89
N ASP C 243 12.25 30.89 12.61
CA ASP C 243 12.54 31.95 11.63
C ASP C 243 11.22 32.44 11.05
N ASP C 244 11.04 33.76 11.03
CA ASP C 244 9.77 34.31 10.62
C ASP C 244 8.64 33.85 11.55
N VAL C 245 7.59 33.29 10.95
CA VAL C 245 6.34 32.97 11.64
C VAL C 245 5.37 34.10 11.34
N TRP C 246 4.25 33.77 10.72
CA TRP C 246 3.28 34.79 10.36
C TRP C 246 1.87 34.62 10.91
N ASP C 247 1.60 33.56 11.65
CA ASP C 247 0.27 33.44 12.23
C ASP C 247 0.28 32.63 13.50
N SER C 248 -0.65 32.92 14.40
CA SER C 248 -0.63 32.31 15.72
C SER C 248 -0.79 30.79 15.75
N TRP C 249 -1.72 30.22 15.01
CA TRP C 249 -1.90 28.78 15.13
C TRP C 249 -0.57 28.06 15.02
N VAL C 250 0.35 28.68 14.28
CA VAL C 250 1.66 28.09 14.06
C VAL C 250 2.38 27.85 15.37
N LEU C 251 2.51 28.91 16.17
CA LEU C 251 3.09 28.76 17.50
C LEU C 251 2.19 27.94 18.39
N LYS C 252 0.92 27.90 18.09
CA LYS C 252 0.03 27.04 18.84
C LYS C 252 0.56 25.64 18.67
N ALA C 253 0.94 25.31 17.44
CA ALA C 253 1.46 23.99 17.10
C ALA C 253 2.75 23.67 17.82
N PHE C 254 3.63 24.65 17.93
CA PHE C 254 4.96 24.45 18.49
C PHE C 254 4.95 24.64 19.99
N ASP C 255 3.77 24.86 20.54
CA ASP C 255 3.68 25.27 21.94
C ASP C 255 3.83 24.04 22.80
N SER C 256 5.08 23.60 22.92
CA SER C 256 5.42 22.34 23.54
C SER C 256 5.64 22.45 25.04
N GLN C 257 5.58 23.66 25.57
CA GLN C 257 5.83 23.87 26.99
C GLN C 257 7.34 23.84 27.25
N CYS C 258 8.10 23.80 26.16
CA CYS C 258 9.55 23.78 26.22
C CYS C 258 10.02 25.01 25.50
N GLN C 259 11.10 25.62 25.98
CA GLN C 259 11.44 26.94 25.46
C GLN C 259 11.65 26.87 23.98
N ILE C 260 11.04 27.82 23.28
CA ILE C 260 11.16 28.00 21.87
C ILE C 260 11.22 29.49 21.78
N LEU C 261 12.14 30.05 20.98
CA LEU C 261 12.17 31.48 20.75
C LEU C 261 11.89 31.75 19.30
N LEU C 262 10.96 32.66 18.99
CA LEU C 262 10.53 32.92 17.63
C LEU C 262 11.05 34.27 17.24
N THR C 263 11.62 34.42 16.06
CA THR C 263 12.11 35.73 15.65
C THR C 263 11.36 36.20 14.40
N THR C 264 10.88 37.43 14.35
CA THR C 264 9.90 37.78 13.33
C THR C 264 9.74 39.19 12.88
N ARG C 265 8.63 39.41 12.20
CA ARG C 265 8.13 40.79 11.97
C ARG C 265 6.92 41.30 12.78
N ASP C 266 5.89 40.47 12.91
CA ASP C 266 4.77 40.78 13.78
C ASP C 266 5.12 40.41 15.19
N LYS C 267 4.69 41.23 16.13
CA LYS C 267 4.90 40.94 17.55
C LYS C 267 3.59 40.47 18.18
N SER C 268 2.53 40.56 17.38
CA SER C 268 1.23 40.04 17.73
C SER C 268 1.24 38.52 17.79
N VAL C 269 2.19 37.90 17.11
CA VAL C 269 2.12 36.47 16.88
C VAL C 269 2.10 35.69 18.17
N THR C 270 2.96 36.05 19.11
CA THR C 270 2.99 35.31 20.35
C THR C 270 1.99 35.87 21.34
N ASP C 271 0.71 35.79 21.00
CA ASP C 271 -0.32 36.17 21.95
C ASP C 271 -1.15 34.98 22.36
N SER C 272 -1.26 34.00 21.48
CA SER C 272 -1.96 32.76 21.80
C SER C 272 -1.22 32.01 22.90
N VAL C 273 0.11 32.07 22.85
CA VAL C 273 0.94 31.30 23.74
C VAL C 273 0.88 31.74 25.20
N MET C 274 1.24 30.82 26.06
CA MET C 274 1.19 30.91 27.52
C MET C 274 2.57 30.70 28.12
N GLY C 275 2.84 31.39 29.21
CA GLY C 275 4.16 31.35 29.82
C GLY C 275 4.84 32.68 29.67
N PRO C 276 5.94 32.90 30.40
CA PRO C 276 6.61 34.21 30.36
C PRO C 276 7.09 34.59 28.95
N LYS C 277 6.77 35.80 28.51
CA LYS C 277 7.25 36.26 27.20
C LYS C 277 8.04 37.56 27.31
N TYR C 278 9.19 37.62 26.65
CA TYR C 278 9.99 38.85 26.62
C TYR C 278 10.26 39.19 25.18
N VAL C 279 10.33 40.48 24.86
CA VAL C 279 10.65 40.88 23.52
C VAL C 279 11.84 41.82 23.48
N VAL C 280 12.78 41.57 22.58
CA VAL C 280 13.88 42.48 22.34
C VAL C 280 13.57 43.08 21.00
N PRO C 281 13.63 44.40 20.85
CA PRO C 281 13.06 44.96 19.65
C PRO C 281 14.20 45.58 18.89
N VAL C 282 14.40 45.15 17.66
CA VAL C 282 15.52 45.63 16.89
C VAL C 282 15.05 46.72 15.93
N GLU C 283 15.37 47.96 16.25
CA GLU C 283 15.15 49.06 15.34
C GLU C 283 16.15 48.94 14.19
N SER C 284 15.74 49.30 12.99
CA SER C 284 16.65 49.22 11.86
C SER C 284 17.39 50.53 11.79
N SER C 285 18.64 50.52 12.25
CA SER C 285 19.44 51.73 12.25
C SER C 285 20.86 51.49 11.78
N LEU C 286 21.61 50.78 12.62
CA LEU C 286 23.01 50.51 12.37
C LEU C 286 23.82 51.73 12.77
N GLY C 287 25.13 51.67 12.57
CA GLY C 287 26.00 52.77 12.92
C GLY C 287 26.84 53.23 11.76
N LYS C 288 27.00 54.53 11.63
CA LYS C 288 27.75 55.07 10.50
C LYS C 288 29.17 54.54 10.55
N GLU C 289 29.72 54.43 11.75
CA GLU C 289 31.05 53.87 11.92
C GLU C 289 31.09 52.42 11.44
N LYS C 290 30.07 51.67 11.83
CA LYS C 290 29.94 50.25 11.48
C LYS C 290 29.74 49.97 9.99
N GLY C 291 28.90 50.77 9.33
CA GLY C 291 28.60 50.55 7.93
C GLY C 291 29.83 50.79 7.10
N LEU C 292 30.61 51.78 7.51
CA LEU C 292 31.89 52.04 6.86
C LEU C 292 32.77 50.82 7.06
N GLU C 293 32.63 50.19 8.22
CA GLU C 293 33.34 48.97 8.53
C GLU C 293 32.89 47.86 7.59
N ILE C 294 31.57 47.77 7.41
CA ILE C 294 30.95 46.82 6.50
C ILE C 294 31.28 47.10 5.04
N LEU C 295 31.27 48.36 4.65
CA LEU C 295 31.55 48.72 3.28
C LEU C 295 32.99 48.36 2.96
N SER C 296 33.88 48.57 3.92
CA SER C 296 35.27 48.28 3.69
C SER C 296 35.44 46.79 3.41
N LEU C 297 34.75 45.97 4.19
CA LEU C 297 34.87 44.53 4.02
C LEU C 297 34.35 44.14 2.66
N PHE C 298 33.26 44.78 2.24
CA PHE C 298 32.63 44.48 0.96
C PHE C 298 33.58 44.77 -0.20
N VAL C 299 34.31 45.86 -0.11
CA VAL C 299 35.27 46.24 -1.15
C VAL C 299 36.74 46.05 -0.79
N ASN C 300 36.99 45.51 0.41
CA ASN C 300 38.35 45.17 0.84
C ASN C 300 39.43 46.27 0.92
N MET C 301 39.10 47.47 1.41
CA MET C 301 40.12 48.51 1.54
C MET C 301 40.16 49.23 2.90
N LYS C 302 41.36 49.67 3.32
CA LYS C 302 41.50 50.42 4.55
C LYS C 302 40.38 51.45 4.50
N LYS C 303 39.76 51.72 5.63
CA LYS C 303 38.55 52.51 5.62
C LYS C 303 38.80 53.90 5.03
N ALA C 304 39.93 54.50 5.39
CA ALA C 304 40.25 55.81 4.86
C ALA C 304 40.42 55.77 3.34
N ASP C 305 41.08 54.73 2.84
CA ASP C 305 41.28 54.58 1.41
C ASP C 305 39.97 54.64 0.64
N LEU C 306 38.85 54.56 1.36
CA LEU C 306 37.55 54.57 0.72
C LEU C 306 37.21 55.93 0.14
N PRO C 307 36.57 55.92 -1.02
CA PRO C 307 36.33 57.12 -1.81
C PRO C 307 35.35 58.06 -1.15
N GLU C 308 35.40 59.31 -1.54
CA GLU C 308 34.58 60.35 -0.96
C GLU C 308 33.11 60.03 -1.18
N GLN C 309 32.82 59.32 -2.26
CA GLN C 309 31.44 59.01 -2.59
C GLN C 309 30.81 58.19 -1.48
N ALA C 310 31.59 57.29 -0.91
CA ALA C 310 31.06 56.26 -0.02
C ALA C 310 30.27 56.81 1.16
N HIS C 311 30.71 57.91 1.72
CA HIS C 311 30.12 58.43 2.94
C HIS C 311 28.65 58.74 2.77
N SER C 312 28.30 59.23 1.59
CA SER C 312 26.98 59.79 1.33
C SER C 312 25.93 58.73 1.11
N ILE C 313 26.33 57.65 0.45
CA ILE C 313 25.38 56.59 0.14
C ILE C 313 24.89 55.94 1.42
N ILE C 314 25.74 55.90 2.43
CA ILE C 314 25.35 55.27 3.68
C ILE C 314 24.22 56.05 4.31
N LYS C 315 24.18 57.36 4.04
CA LYS C 315 23.13 58.19 4.59
C LYS C 315 21.78 57.74 4.06
N GLU C 316 21.79 57.37 2.79
CA GLU C 316 20.62 56.83 2.11
C GLU C 316 20.26 55.49 2.74
N CYS C 317 21.28 54.70 3.06
CA CYS C 317 21.04 53.37 3.56
C CYS C 317 20.15 53.40 4.79
N LYS C 318 20.39 54.35 5.68
CA LYS C 318 19.57 54.48 6.88
C LYS C 318 19.72 53.25 7.74
N GLY C 319 20.84 52.57 7.62
CA GLY C 319 21.13 51.44 8.48
C GLY C 319 20.39 50.13 8.20
N SER C 320 19.72 50.02 7.07
CA SER C 320 19.09 48.76 6.84
C SER C 320 20.24 47.97 6.27
N PRO C 321 20.84 47.14 7.11
CA PRO C 321 22.03 46.36 6.74
C PRO C 321 21.77 45.60 5.46
N LEU C 322 20.49 45.36 5.17
CA LEU C 322 20.12 44.67 3.96
C LEU C 322 20.48 45.57 2.79
N VAL C 323 20.24 46.87 2.92
CA VAL C 323 20.63 47.81 1.86
C VAL C 323 22.16 47.90 1.66
N VAL C 324 22.90 47.90 2.76
CA VAL C 324 24.35 47.96 2.75
C VAL C 324 24.96 46.73 2.13
N SER C 325 24.52 45.56 2.57
CA SER C 325 24.99 44.35 1.94
C SER C 325 24.53 44.40 0.50
N LEU C 326 23.31 44.85 0.28
CA LEU C 326 22.79 44.90 -1.07
C LEU C 326 23.58 45.81 -1.99
N ILE C 327 23.88 47.02 -1.53
CA ILE C 327 24.81 47.87 -2.26
C ILE C 327 26.19 47.26 -2.26
N GLY C 328 26.64 46.73 -1.13
CA GLY C 328 28.01 46.30 -1.03
C GLY C 328 28.37 45.19 -2.00
N ALA C 329 27.55 44.16 -2.05
CA ALA C 329 27.77 43.06 -2.98
C ALA C 329 27.67 43.61 -4.38
N LEU C 330 26.74 44.53 -4.58
CA LEU C 330 26.47 45.04 -5.90
C LEU C 330 27.74 45.69 -6.40
N LEU C 331 28.45 46.33 -5.51
CA LEU C 331 29.73 46.93 -5.85
C LEU C 331 30.84 45.91 -6.08
N ARG C 332 30.71 44.68 -5.61
CA ARG C 332 31.86 43.81 -5.74
C ARG C 332 32.16 43.62 -7.21
N ASP C 333 31.11 43.44 -7.99
CA ASP C 333 31.23 43.29 -9.44
C ASP C 333 31.74 44.51 -10.19
N PHE C 334 31.28 45.70 -9.81
CA PHE C 334 31.59 46.89 -10.60
C PHE C 334 32.16 48.00 -9.75
N PRO C 335 33.42 47.89 -9.34
CA PRO C 335 34.06 48.90 -8.50
C PRO C 335 34.08 50.29 -9.14
N ASN C 336 34.07 50.34 -10.47
CA ASN C 336 34.13 51.58 -11.19
C ASN C 336 32.85 52.41 -11.13
N ARG C 337 31.69 51.75 -11.16
CA ARG C 337 30.43 52.49 -11.16
C ARG C 337 30.03 52.89 -9.76
N TRP C 338 30.94 53.51 -9.03
CA TRP C 338 30.66 53.95 -7.66
C TRP C 338 29.62 55.05 -7.46
N GLU C 339 29.72 56.15 -8.20
CA GLU C 339 28.77 57.26 -8.03
C GLU C 339 27.34 56.89 -8.40
N TYR C 340 27.24 56.12 -9.48
CA TYR C 340 26.02 55.71 -10.14
C TYR C 340 24.96 55.30 -9.13
N TYR C 341 25.32 54.39 -8.24
CA TYR C 341 24.38 53.91 -7.24
C TYR C 341 24.10 54.99 -6.21
N LEU C 342 25.04 55.91 -6.05
CA LEU C 342 24.84 57.02 -5.14
C LEU C 342 23.68 57.86 -5.64
N LYS C 343 23.75 58.24 -6.90
CA LYS C 343 22.67 59.01 -7.50
C LYS C 343 21.42 58.17 -7.62
N GLN C 344 21.60 56.85 -7.69
CA GLN C 344 20.48 55.94 -7.82
C GLN C 344 19.63 55.96 -6.57
N LEU C 345 20.28 55.88 -5.41
CA LEU C 345 19.58 56.01 -4.15
C LEU C 345 19.12 57.44 -3.93
N GLN C 346 19.81 58.40 -4.56
CA GLN C 346 19.32 59.77 -4.57
C GLN C 346 18.01 59.85 -5.34
N ASN C 347 17.87 58.95 -6.32
CA ASN C 347 16.65 58.79 -7.09
C ASN C 347 15.49 58.34 -6.21
N LYS C 348 15.80 57.48 -5.24
CA LYS C 348 14.80 56.95 -4.33
C LYS C 348 14.07 55.69 -4.83
N GLN C 349 14.47 55.16 -5.99
CA GLN C 349 13.90 53.91 -6.46
C GLN C 349 14.81 52.70 -6.23
N PHE C 350 14.23 51.64 -5.68
CA PHE C 350 15.04 50.50 -5.25
C PHE C 350 14.96 49.35 -6.23
N LYS C 351 14.27 49.59 -7.35
CA LYS C 351 14.15 48.59 -8.40
C LYS C 351 15.51 48.37 -9.09
N ARG C 352 16.35 49.39 -9.03
CA ARG C 352 17.67 49.33 -9.63
C ARG C 352 18.63 48.41 -8.88
N ILE C 353 18.53 48.40 -7.56
CA ILE C 353 19.44 47.59 -6.76
C ILE C 353 18.96 46.15 -6.63
N ARG C 354 19.76 45.20 -7.11
CA ARG C 354 19.42 43.80 -6.93
C ARG C 354 20.64 42.93 -6.81
N LYS C 355 20.59 41.95 -5.92
CA LYS C 355 21.65 40.97 -5.85
C LYS C 355 21.05 39.65 -5.42
N SER C 356 21.52 38.55 -5.99
CA SER C 356 21.21 37.27 -5.43
C SER C 356 21.99 37.24 -4.14
N SER C 357 21.41 36.68 -3.09
CA SER C 357 22.06 36.72 -1.79
C SER C 357 21.57 35.60 -0.91
N SER C 358 22.23 35.38 0.21
CA SER C 358 21.80 34.34 1.12
C SER C 358 20.39 34.72 1.53
N TYR C 359 20.19 36.01 1.75
CA TYR C 359 18.88 36.55 2.08
C TYR C 359 17.90 36.23 0.96
N ASP C 360 16.63 36.11 1.33
CA ASP C 360 15.59 35.50 0.50
C ASP C 360 14.85 36.43 -0.46
N TYR C 361 15.48 37.50 -0.90
CA TYR C 361 14.79 38.44 -1.76
C TYR C 361 15.74 39.21 -2.65
N GLU C 362 15.33 39.49 -3.88
CA GLU C 362 16.23 40.15 -4.82
C GLU C 362 16.65 41.52 -4.28
N ALA C 363 15.71 42.19 -3.64
CA ALA C 363 15.85 43.58 -3.21
C ALA C 363 14.93 44.06 -2.07
N LEU C 364 15.33 45.20 -1.52
CA LEU C 364 14.68 45.81 -0.37
C LEU C 364 13.24 46.11 -0.67
N ASP C 365 12.95 46.54 -1.89
CA ASP C 365 11.57 46.73 -2.28
C ASP C 365 10.90 45.39 -2.15
N GLU C 366 11.66 44.34 -2.46
CA GLU C 366 11.13 43.00 -2.48
C GLU C 366 10.63 42.59 -1.11
N ALA C 367 11.35 42.98 -0.07
CA ALA C 367 10.93 42.62 1.30
C ALA C 367 9.59 43.24 1.80
N MET C 368 9.43 44.52 1.51
CA MET C 368 8.28 45.30 1.93
C MET C 368 7.00 44.75 1.32
N SER C 369 7.07 44.36 0.05
CA SER C 369 5.88 43.85 -0.61
C SER C 369 5.31 42.66 0.14
N ILE C 370 6.21 41.82 0.65
CA ILE C 370 5.83 40.63 1.41
C ILE C 370 5.10 40.99 2.69
N SER C 371 5.56 42.04 3.37
CA SER C 371 4.86 42.49 4.57
C SER C 371 3.46 43.05 4.33
N VAL C 372 3.27 43.80 3.25
CA VAL C 372 1.99 44.48 3.03
C VAL C 372 0.81 43.53 2.85
N GLU C 373 1.04 42.38 2.22
CA GLU C 373 -0.05 41.54 1.76
C GLU C 373 -0.95 41.01 2.89
N MET C 374 -0.34 40.66 4.02
CA MET C 374 -1.04 39.93 5.06
C MET C 374 -2.29 40.60 5.62
N LEU C 375 -2.28 41.93 5.66
CA LEU C 375 -3.31 42.66 6.36
C LEU C 375 -4.66 42.32 5.77
N ARG C 376 -5.64 42.20 6.66
CA ARG C 376 -7.02 41.88 6.32
C ARG C 376 -7.58 42.99 5.45
N GLU C 377 -8.42 42.62 4.50
CA GLU C 377 -8.76 43.52 3.42
C GLU C 377 -9.26 44.85 3.97
N ASP C 378 -10.02 44.82 5.04
CA ASP C 378 -10.54 46.07 5.58
C ASP C 378 -9.41 46.98 6.01
N ILE C 379 -8.40 46.43 6.68
CA ILE C 379 -7.24 47.21 7.08
C ILE C 379 -6.43 47.71 5.89
N LYS C 380 -6.37 46.90 4.84
CA LYS C 380 -5.38 47.09 3.79
C LYS C 380 -5.50 48.43 3.09
N ASP C 381 -6.74 48.86 2.86
CA ASP C 381 -7.01 50.12 2.20
C ASP C 381 -6.44 51.26 3.04
N TYR C 382 -6.59 51.15 4.35
CA TYR C 382 -6.21 52.23 5.24
C TYR C 382 -4.72 52.53 5.14
N TYR C 383 -3.89 51.50 5.08
CA TYR C 383 -2.47 51.78 5.05
C TYR C 383 -2.12 52.79 3.98
N THR C 384 -2.75 52.70 2.83
CA THR C 384 -2.38 53.55 1.71
C THR C 384 -2.59 55.01 2.06
N ASP C 385 -3.64 55.30 2.80
CA ASP C 385 -3.91 56.65 3.21
C ASP C 385 -2.68 57.04 4.02
N LEU C 386 -2.16 56.07 4.75
CA LEU C 386 -1.02 56.32 5.63
C LEU C 386 0.20 56.74 4.83
N SER C 387 0.10 56.53 3.52
CA SER C 387 1.18 56.78 2.57
C SER C 387 1.56 58.25 2.51
N ILE C 388 0.56 59.11 2.61
CA ILE C 388 0.75 60.54 2.42
C ILE C 388 1.74 61.11 3.42
N LEU C 389 1.77 60.57 4.64
CA LEU C 389 2.54 61.20 5.73
C LEU C 389 4.04 61.36 5.47
N GLN C 390 4.58 62.49 5.93
CA GLN C 390 5.93 62.94 5.66
C GLN C 390 6.90 61.84 6.08
N LYS C 391 8.13 61.90 5.58
CA LYS C 391 9.14 60.93 5.96
C LYS C 391 9.38 61.06 7.46
N ASP C 392 9.47 62.29 7.94
CA ASP C 392 9.86 62.52 9.32
C ASP C 392 8.95 63.48 10.08
N VAL C 393 7.70 63.07 10.24
CA VAL C 393 6.75 63.82 11.04
C VAL C 393 6.10 62.87 12.02
N LYS C 394 6.11 63.23 13.29
CA LYS C 394 5.33 62.46 14.25
C LYS C 394 4.02 63.19 14.30
N VAL C 395 3.01 62.65 13.61
CA VAL C 395 1.72 63.31 13.59
C VAL C 395 0.88 62.93 14.80
N PRO C 396 0.22 63.93 15.37
CA PRO C 396 -0.72 63.70 16.46
C PRO C 396 -1.86 62.86 15.92
N THR C 397 -2.30 61.89 16.71
CA THR C 397 -3.30 60.92 16.28
C THR C 397 -4.50 61.52 15.58
N LYS C 398 -4.95 62.68 16.06
CA LYS C 398 -6.17 63.31 15.60
C LYS C 398 -6.27 63.42 14.09
N VAL C 399 -5.21 63.90 13.45
CA VAL C 399 -5.24 64.15 12.02
C VAL C 399 -5.55 62.86 11.28
N LEU C 400 -5.09 61.75 11.83
CA LEU C 400 -5.42 60.45 11.28
C LEU C 400 -6.89 60.18 11.48
N CYS C 401 -7.43 60.68 12.60
CA CYS C 401 -8.86 60.53 12.86
C CYS C 401 -9.65 61.29 11.82
N ILE C 402 -9.17 62.49 11.50
CA ILE C 402 -9.86 63.35 10.54
C ILE C 402 -9.90 62.76 9.14
N LEU C 403 -8.76 62.26 8.68
CA LEU C 403 -8.71 61.69 7.35
C LEU C 403 -9.60 60.47 7.27
N TRP C 404 -9.50 59.63 8.28
CA TRP C 404 -10.33 58.44 8.38
C TRP C 404 -11.80 58.77 8.60
N ASP C 405 -12.06 59.81 9.39
CA ASP C 405 -13.42 60.18 9.75
C ASP C 405 -13.97 59.15 10.72
N MET C 406 -13.06 58.44 11.39
CA MET C 406 -13.47 57.37 12.31
C MET C 406 -13.06 57.68 13.75
N GLU C 407 -13.93 57.37 14.70
CA GLU C 407 -13.78 57.84 16.08
C GLU C 407 -12.48 57.39 16.74
N THR C 408 -11.95 58.23 17.61
CA THR C 408 -10.59 58.11 18.13
C THR C 408 -10.24 56.84 18.91
N GLU C 409 -11.15 56.36 19.74
CA GLU C 409 -10.87 55.18 20.54
C GLU C 409 -10.61 54.02 19.59
N GLU C 410 -11.37 53.98 18.51
CA GLU C 410 -11.21 52.98 17.46
C GLU C 410 -9.95 53.16 16.63
N VAL C 411 -9.63 54.39 16.28
CA VAL C 411 -8.55 54.66 15.33
C VAL C 411 -7.21 54.21 15.86
N GLU C 412 -6.99 54.37 17.16
CA GLU C 412 -5.72 54.04 17.77
C GLU C 412 -5.41 52.55 17.61
N ASP C 413 -6.45 51.73 17.73
CA ASP C 413 -6.25 50.29 17.84
C ASP C 413 -5.78 49.70 16.53
N ILE C 414 -6.32 50.21 15.42
CA ILE C 414 -5.87 49.72 14.13
C ILE C 414 -4.40 50.05 13.96
N LEU C 415 -4.03 51.24 14.44
CA LEU C 415 -2.65 51.65 14.37
C LEU C 415 -1.79 50.79 15.28
N GLN C 416 -2.36 50.36 16.40
CA GLN C 416 -1.65 49.48 17.29
C GLN C 416 -1.36 48.17 16.58
N GLU C 417 -2.32 47.71 15.79
CA GLU C 417 -2.14 46.50 15.01
C GLU C 417 -1.03 46.69 13.98
N PHE C 418 -0.95 47.87 13.39
CA PHE C 418 0.14 48.17 12.48
C PHE C 418 1.45 48.09 13.23
N VAL C 419 1.51 48.72 14.40
CA VAL C 419 2.81 48.85 15.02
C VAL C 419 3.30 47.45 15.24
N ASN C 420 2.40 46.55 15.59
CA ASN C 420 2.79 45.17 15.73
C ASN C 420 3.26 44.62 14.40
N LYS C 421 2.55 44.92 13.33
CA LYS C 421 3.03 44.52 12.01
C LYS C 421 4.39 45.15 11.72
N SER C 422 4.86 45.96 12.64
CA SER C 422 6.15 46.65 12.49
C SER C 422 6.17 47.46 11.21
N LEU C 423 5.04 48.06 10.88
CA LEU C 423 4.96 48.87 9.68
C LEU C 423 4.74 50.34 10.01
N LEU C 424 4.86 50.67 11.28
CA LEU C 424 4.62 52.01 11.76
C LEU C 424 5.03 52.15 13.22
N PHE C 425 6.14 52.83 13.46
CA PHE C 425 6.70 52.92 14.79
C PHE C 425 5.89 53.75 15.78
N CYS C 426 5.81 53.24 17.00
CA CYS C 426 5.10 53.91 18.09
C CYS C 426 5.88 55.03 18.73
N ASP C 427 5.16 55.97 19.33
CA ASP C 427 5.78 57.04 20.11
C ASP C 427 4.98 57.33 21.37
N ARG C 428 5.37 56.71 22.47
CA ARG C 428 4.67 56.95 23.73
C ARG C 428 5.22 58.19 24.40
N ASN C 429 4.93 59.35 23.83
CA ASN C 429 5.26 60.60 24.46
C ASN C 429 4.00 61.06 25.16
N GLY C 430 3.98 60.91 26.47
CA GLY C 430 2.86 61.37 27.26
C GLY C 430 1.59 60.69 26.77
N LYS C 431 0.45 61.33 27.01
CA LYS C 431 -0.81 60.80 26.53
C LYS C 431 -0.76 60.77 25.02
N SER C 432 -0.17 61.81 24.45
CA SER C 432 -0.08 61.94 23.00
C SER C 432 0.74 60.82 22.38
N PHE C 433 0.32 60.41 21.19
CA PHE C 433 1.03 59.43 20.41
C PHE C 433 1.35 60.01 19.03
N ARG C 434 2.62 59.91 18.65
CA ARG C 434 3.01 60.25 17.30
C ARG C 434 3.54 58.99 16.67
N TYR C 435 2.90 58.57 15.59
CA TYR C 435 3.43 57.47 14.79
C TYR C 435 4.20 57.99 13.59
N TYR C 436 5.23 57.25 13.21
CA TYR C 436 6.09 57.66 12.11
C TYR C 436 6.83 56.47 11.51
N LEU C 437 7.49 56.71 10.39
CA LEU C 437 8.06 55.63 9.58
C LEU C 437 9.57 55.78 9.41
N HIS C 438 10.18 54.73 8.92
CA HIS C 438 11.55 54.78 8.47
C HIS C 438 11.57 55.38 7.08
N ASP C 439 12.70 55.99 6.73
CA ASP C 439 12.87 56.60 5.42
C ASP C 439 12.64 55.56 4.33
N LEU C 440 13.03 54.33 4.62
CA LEU C 440 12.85 53.22 3.69
C LEU C 440 11.37 52.87 3.54
N GLN C 441 10.66 52.87 4.66
CA GLN C 441 9.24 52.56 4.67
C GLN C 441 8.46 53.59 3.86
N VAL C 442 8.85 54.85 4.00
CA VAL C 442 8.17 55.93 3.29
C VAL C 442 8.43 55.83 1.81
N ASP C 443 9.69 55.56 1.46
CA ASP C 443 10.10 55.47 0.08
C ASP C 443 9.35 54.35 -0.62
N PHE C 444 9.17 53.25 0.08
CA PHE C 444 8.50 52.11 -0.51
C PHE C 444 7.09 52.57 -0.87
N LEU C 445 6.49 53.37 -0.01
CA LEU C 445 5.10 53.74 -0.20
C LEU C 445 4.90 54.49 -1.50
N THR C 446 5.73 55.50 -1.72
CA THR C 446 5.63 56.29 -2.94
C THR C 446 5.95 55.39 -4.12
N GLU C 447 6.86 54.45 -3.91
CA GLU C 447 7.24 53.51 -4.96
C GLU C 447 6.03 52.68 -5.37
N LYS C 448 5.24 52.28 -4.39
CA LYS C 448 4.07 51.41 -4.63
C LYS C 448 2.69 52.08 -4.61
N ASN C 449 2.62 53.33 -4.16
CA ASN C 449 1.34 54.04 -4.09
C ASN C 449 1.26 55.40 -4.78
N CYS C 450 2.22 55.70 -5.65
CA CYS C 450 2.39 57.07 -6.14
C CYS C 450 1.20 57.64 -6.91
N SER C 451 0.56 56.84 -7.76
CA SER C 451 -0.56 57.32 -8.55
C SER C 451 -1.73 57.76 -7.67
N GLN C 452 -1.99 56.99 -6.63
CA GLN C 452 -3.05 57.32 -5.68
C GLN C 452 -2.77 58.62 -4.93
N LEU C 453 -1.50 58.83 -4.59
CA LEU C 453 -1.13 59.86 -3.63
C LEU C 453 -1.56 61.26 -4.05
N GLN C 454 -1.41 61.58 -5.33
CA GLN C 454 -1.84 62.86 -5.85
C GLN C 454 -3.35 62.98 -5.67
N ASP C 455 -4.04 61.87 -5.91
CA ASP C 455 -5.48 61.82 -5.80
C ASP C 455 -5.98 61.98 -4.36
N LEU C 456 -5.34 61.28 -3.43
CA LEU C 456 -5.85 61.25 -2.06
C LEU C 456 -5.82 62.58 -1.31
N HIS C 457 -4.73 63.32 -1.56
CA HIS C 457 -4.39 64.49 -0.77
C HIS C 457 -5.58 65.39 -0.84
N LYS C 458 -6.23 65.39 -1.99
CA LYS C 458 -7.44 66.17 -2.16
C LYS C 458 -8.42 65.63 -1.12
N LYS C 459 -8.35 64.32 -0.90
CA LYS C 459 -9.25 63.64 0.03
C LYS C 459 -9.10 64.14 1.46
N ILE C 460 -7.87 64.37 1.89
CA ILE C 460 -7.64 64.88 3.24
C ILE C 460 -8.14 66.31 3.45
N ILE C 461 -7.88 67.17 2.47
CA ILE C 461 -8.23 68.57 2.60
C ILE C 461 -9.73 68.75 2.74
N THR C 462 -10.51 68.02 1.94
CA THR C 462 -11.95 68.20 1.94
C THR C 462 -12.53 67.81 3.29
N GLN C 463 -11.96 66.76 3.88
CA GLN C 463 -12.35 66.29 5.20
C GLN C 463 -12.08 67.37 6.24
N PHE C 464 -10.93 68.03 6.13
CA PHE C 464 -10.57 69.09 7.07
C PHE C 464 -11.55 70.24 6.89
N GLN C 465 -12.00 70.43 5.65
CA GLN C 465 -13.02 71.42 5.35
C GLN C 465 -14.35 71.05 5.98
N ARG C 466 -14.62 69.76 6.11
CA ARG C 466 -15.86 69.31 6.74
C ARG C 466 -15.77 69.55 8.22
N TYR C 467 -14.56 69.77 8.71
CA TYR C 467 -14.37 70.19 10.08
C TYR C 467 -13.82 71.60 10.12
N HIS C 468 -12.72 71.79 10.83
CA HIS C 468 -12.21 73.13 11.09
C HIS C 468 -11.80 73.87 9.83
N GLN C 469 -12.22 75.12 9.72
CA GLN C 469 -11.70 76.03 8.73
C GLN C 469 -10.39 76.61 9.23
N PRO C 470 -9.49 77.03 8.31
CA PRO C 470 -8.19 77.53 8.76
C PRO C 470 -8.29 78.70 9.72
N HIS C 471 -9.27 79.57 9.51
CA HIS C 471 -9.54 80.63 10.48
C HIS C 471 -10.19 80.08 11.73
N THR C 472 -10.87 78.94 11.57
CA THR C 472 -11.59 78.30 12.65
C THR C 472 -10.63 77.44 13.46
N LEU C 473 -9.38 77.38 13.01
CA LEU C 473 -8.32 76.69 13.75
C LEU C 473 -8.01 77.39 15.09
N SER C 474 -7.59 76.62 16.08
CA SER C 474 -7.32 77.16 17.42
C SER C 474 -5.99 76.72 18.03
N PRO C 475 -5.46 77.52 18.95
CA PRO C 475 -4.15 77.24 19.56
C PRO C 475 -4.11 76.01 20.46
N ASP C 476 -5.21 75.73 21.16
CA ASP C 476 -5.28 74.66 22.13
C ASP C 476 -5.28 73.27 21.48
N GLN C 477 -6.01 73.13 20.39
CA GLN C 477 -6.13 71.86 19.69
C GLN C 477 -4.74 71.28 19.40
N GLU C 478 -4.57 69.99 19.68
CA GLU C 478 -3.27 69.33 19.48
C GLU C 478 -2.80 69.27 18.02
N ASP C 479 -3.73 68.99 17.11
CA ASP C 479 -3.41 68.75 15.71
C ASP C 479 -2.94 69.98 14.94
N CYS C 480 -3.30 71.16 15.43
CA CYS C 480 -3.24 72.36 14.61
C CYS C 480 -1.86 72.68 14.08
N MET C 481 -0.83 72.45 14.88
CA MET C 481 0.51 72.81 14.48
C MET C 481 0.92 72.01 13.27
N TYR C 482 0.47 70.77 13.22
CA TYR C 482 0.71 69.94 12.06
C TYR C 482 0.04 70.53 10.83
N TRP C 483 -1.12 71.07 11.17
CA TRP C 483 -2.13 71.60 10.30
C TRP C 483 -1.71 72.79 9.49
N TYR C 484 -1.03 73.75 10.12
CA TYR C 484 -0.55 74.86 9.36
C TYR C 484 0.50 74.37 8.37
N ASN C 485 1.55 73.76 8.90
CA ASN C 485 2.71 73.34 8.11
C ASN C 485 2.46 72.27 7.06
N PHE C 486 1.67 71.25 7.41
CA PHE C 486 1.36 70.20 6.49
C PHE C 486 0.02 70.47 5.85
N LEU C 487 -0.73 71.40 6.42
CA LEU C 487 -1.91 71.86 5.75
C LEU C 487 -1.41 72.52 4.48
N ALA C 488 -0.38 73.33 4.64
CA ALA C 488 0.18 74.05 3.51
C ALA C 488 0.68 73.00 2.56
N TYR C 489 1.30 71.97 3.13
CA TYR C 489 1.90 70.94 2.30
C TYR C 489 0.90 70.17 1.43
N HIS C 490 -0.24 69.77 1.98
CA HIS C 490 -1.13 68.86 1.27
C HIS C 490 -1.76 69.43 0.00
N MET C 491 -2.20 70.68 0.11
CA MET C 491 -2.78 71.47 -0.97
C MET C 491 -1.86 71.52 -2.17
N ALA C 492 -0.56 71.46 -1.92
CA ALA C 492 0.41 71.54 -3.01
C ALA C 492 0.32 70.28 -3.85
N SER C 493 0.30 69.13 -3.18
CA SER C 493 0.15 67.87 -3.87
C SER C 493 -1.20 67.87 -4.57
N ALA C 494 -2.19 68.45 -3.90
CA ALA C 494 -3.55 68.44 -4.40
C ALA C 494 -3.46 69.00 -5.79
N LYS C 495 -2.58 69.97 -5.99
CA LYS C 495 -2.41 70.61 -7.27
C LYS C 495 -3.46 71.68 -7.46
N MET C 496 -4.26 71.92 -6.41
CA MET C 496 -5.30 72.92 -6.48
C MET C 496 -4.66 74.23 -6.08
N HIS C 497 -4.51 75.12 -7.06
CA HIS C 497 -3.85 76.39 -6.85
C HIS C 497 -4.79 77.46 -6.33
N LYS C 498 -6.06 77.41 -6.75
CA LYS C 498 -7.04 78.37 -6.25
C LYS C 498 -7.30 78.15 -4.77
N GLU C 499 -7.34 76.89 -4.35
CA GLU C 499 -7.47 76.56 -2.94
C GLU C 499 -6.22 76.98 -2.19
N LEU C 500 -5.09 76.89 -2.87
CA LEU C 500 -3.83 77.27 -2.27
C LEU C 500 -3.85 78.76 -1.99
N CYS C 501 -4.49 79.49 -2.89
CA CYS C 501 -4.75 80.91 -2.72
C CYS C 501 -5.73 81.13 -1.58
N ALA C 502 -6.66 80.18 -1.41
CA ALA C 502 -7.66 80.28 -0.35
C ALA C 502 -7.01 80.14 1.00
N LEU C 503 -5.86 79.47 1.05
CA LEU C 503 -5.18 79.29 2.33
C LEU C 503 -3.97 80.20 2.52
N MET C 504 -2.87 79.92 1.81
CA MET C 504 -1.59 80.53 2.12
C MET C 504 -1.60 82.05 2.02
N PHE C 505 -2.37 82.56 1.07
CA PHE C 505 -2.43 83.99 0.81
C PHE C 505 -2.96 84.71 2.03
N SER C 506 -3.95 84.11 2.68
CA SER C 506 -4.70 84.78 3.74
C SER C 506 -3.72 85.38 4.74
N LEU C 507 -3.75 86.70 4.85
CA LEU C 507 -2.81 87.41 5.71
C LEU C 507 -3.01 87.07 7.18
N ASP C 508 -4.24 86.83 7.58
CA ASP C 508 -4.55 86.48 8.96
C ASP C 508 -3.99 85.10 9.29
N TRP C 509 -3.98 84.23 8.29
CA TRP C 509 -3.39 82.91 8.44
C TRP C 509 -1.90 83.06 8.67
N ILE C 510 -1.33 84.05 7.99
CA ILE C 510 0.07 84.41 8.19
C ILE C 510 0.26 84.92 9.60
N LYS C 511 -0.75 85.62 10.11
CA LYS C 511 -0.66 86.21 11.43
C LYS C 511 -0.59 85.15 12.50
N ALA C 512 -1.54 84.21 12.44
CA ALA C 512 -1.55 83.13 13.40
C ALA C 512 -0.32 82.25 13.24
N LYS C 513 0.10 82.03 12.00
CA LYS C 513 1.25 81.15 11.77
C LYS C 513 2.52 81.77 12.33
N THR C 514 2.61 83.08 12.18
CA THR C 514 3.72 83.87 12.70
C THR C 514 3.69 83.77 14.21
N GLU C 515 2.48 83.73 14.76
CA GLU C 515 2.25 83.87 16.19
C GLU C 515 2.90 82.75 17.01
N LEU C 516 2.78 81.51 16.54
CA LEU C 516 3.41 80.36 17.22
C LEU C 516 4.50 79.62 16.42
N VAL C 517 4.47 79.74 15.10
CA VAL C 517 5.46 79.15 14.21
C VAL C 517 6.72 79.99 14.06
N GLY C 518 6.55 81.30 13.98
CA GLY C 518 7.65 82.18 13.65
C GLY C 518 7.67 82.45 12.16
N PRO C 519 8.41 83.48 11.76
CA PRO C 519 8.39 83.94 10.37
C PRO C 519 9.38 83.26 9.43
N ALA C 520 9.84 82.06 9.78
CA ALA C 520 10.72 81.33 8.88
C ALA C 520 10.00 80.26 8.06
N HIS C 521 9.08 79.54 8.69
CA HIS C 521 8.42 78.45 7.99
C HIS C 521 7.67 78.94 6.76
N LEU C 522 7.02 80.10 6.90
CA LEU C 522 6.24 80.68 5.82
C LEU C 522 7.12 80.99 4.62
N ILE C 523 8.32 81.51 4.88
CA ILE C 523 9.27 81.81 3.80
C ILE C 523 9.68 80.53 3.08
N HIS C 524 9.92 79.47 3.84
CA HIS C 524 10.29 78.18 3.27
C HIS C 524 9.16 77.63 2.41
N GLU C 525 7.93 77.80 2.90
CA GLU C 525 6.74 77.36 2.17
C GLU C 525 6.60 78.13 0.87
N PHE C 526 6.92 79.42 0.92
CA PHE C 526 6.78 80.30 -0.24
C PHE C 526 7.65 79.85 -1.40
N VAL C 527 8.87 79.41 -1.11
CA VAL C 527 9.74 78.95 -2.18
C VAL C 527 9.11 77.76 -2.87
N GLU C 528 8.55 76.85 -2.10
CA GLU C 528 7.78 75.73 -2.63
C GLU C 528 6.57 76.26 -3.37
N TYR C 529 6.01 77.33 -2.82
CA TYR C 529 4.77 77.93 -3.29
C TYR C 529 4.88 78.44 -4.72
N ARG C 530 6.04 78.99 -5.06
CA ARG C 530 6.23 79.70 -6.33
C ARG C 530 6.04 78.82 -7.57
N HIS C 531 6.59 77.61 -7.53
CA HIS C 531 6.40 76.64 -8.61
C HIS C 531 4.94 76.20 -8.74
N ILE C 532 4.29 76.02 -7.59
CA ILE C 532 2.95 75.45 -7.52
C ILE C 532 1.86 76.25 -8.22
N LEU C 533 1.91 77.58 -8.08
CA LEU C 533 0.83 78.42 -8.59
C LEU C 533 1.12 79.02 -9.96
N ASP C 534 1.31 80.35 -10.03
CA ASP C 534 1.52 81.02 -11.30
C ASP C 534 2.66 82.02 -11.24
N GLU C 535 3.28 82.28 -12.39
CA GLU C 535 4.38 83.22 -12.48
C GLU C 535 3.95 84.62 -12.11
N LYS C 536 2.75 85.01 -12.55
CA LYS C 536 2.23 86.35 -12.26
C LYS C 536 2.03 86.52 -10.76
N ASP C 537 1.51 85.49 -10.11
CA ASP C 537 1.37 85.49 -8.66
C ASP C 537 2.75 85.56 -8.02
N CYS C 538 3.68 84.82 -8.61
CA CYS C 538 5.06 84.77 -8.14
C CYS C 538 5.50 86.18 -7.76
N ALA C 539 5.06 87.15 -8.56
CA ALA C 539 5.34 88.56 -8.28
C ALA C 539 4.65 88.93 -6.98
N VAL C 540 3.44 88.42 -6.81
CA VAL C 540 2.68 88.69 -5.60
C VAL C 540 3.47 88.10 -4.45
N SER C 541 4.03 86.92 -4.66
CA SER C 541 4.89 86.28 -3.69
C SER C 541 6.16 87.10 -3.48
N GLU C 542 6.63 87.73 -4.56
CA GLU C 542 7.79 88.58 -4.50
C GLU C 542 7.47 89.82 -3.67
N ASN C 543 6.25 90.32 -3.81
CA ASN C 543 5.80 91.47 -3.04
C ASN C 543 5.65 91.12 -1.56
N PHE C 544 5.18 89.90 -1.29
CA PHE C 544 5.00 89.43 0.08
C PHE C 544 6.34 89.21 0.76
N GLN C 545 7.29 88.63 0.03
CA GLN C 545 8.62 88.39 0.57
C GLN C 545 9.23 89.73 0.92
N GLU C 546 9.00 90.71 0.06
CA GLU C 546 9.44 92.07 0.30
C GLU C 546 8.76 92.62 1.54
N PHE C 547 7.51 92.20 1.75
CA PHE C 547 6.77 92.60 2.95
C PHE C 547 7.32 91.91 4.18
N LEU C 548 7.98 90.77 3.98
CA LEU C 548 8.56 90.02 5.08
C LEU C 548 9.91 90.61 5.51
N SER C 549 10.66 91.10 4.54
CA SER C 549 11.96 91.71 4.81
C SER C 549 11.87 92.66 6.00
N LEU C 550 10.73 93.35 6.12
CA LEU C 550 10.52 94.28 7.22
C LEU C 550 10.01 93.55 8.45
N ASN C 551 9.48 92.35 8.25
CA ASN C 551 8.97 91.55 9.36
C ASN C 551 9.98 90.96 10.35
N GLY C 552 11.10 90.46 9.85
CA GLY C 552 12.00 89.70 10.70
C GLY C 552 12.61 90.42 11.89
N HIS C 553 12.99 91.67 11.69
CA HIS C 553 13.76 92.44 12.67
C HIS C 553 13.05 92.73 14.00
N LEU C 554 11.80 93.17 13.93
CA LEU C 554 11.06 93.52 15.13
C LEU C 554 9.74 92.75 15.30
N LEU C 555 9.33 92.03 14.26
CA LEU C 555 8.00 91.42 14.23
C LEU C 555 7.73 90.39 15.33
N GLY C 556 8.72 89.55 15.61
CA GLY C 556 8.58 88.48 16.59
C GLY C 556 8.43 88.87 18.05
N ARG C 557 9.20 89.87 18.47
CA ARG C 557 9.16 90.34 19.85
C ARG C 557 7.91 89.85 20.58
N GLN C 558 6.90 90.72 20.63
CA GLN C 558 5.65 90.40 21.33
C GLN C 558 4.53 91.31 20.85
N PRO C 559 4.58 92.57 21.26
CA PRO C 559 3.57 93.54 20.83
C PRO C 559 3.39 93.51 19.31
N PHE C 560 2.99 92.36 18.77
CA PHE C 560 2.85 92.21 17.32
C PHE C 560 2.18 93.42 16.70
N PRO C 561 2.83 94.57 16.81
CA PRO C 561 2.30 95.82 16.23
C PRO C 561 1.24 95.57 15.16
N ASN C 562 0.10 96.26 15.25
CA ASN C 562 -0.95 96.10 14.25
C ASN C 562 -0.38 96.15 12.83
N ILE C 563 0.03 94.99 12.32
CA ILE C 563 0.58 94.90 10.97
C ILE C 563 -0.26 95.68 9.98
N VAL C 564 -1.58 95.51 10.05
CA VAL C 564 -2.50 96.20 9.15
C VAL C 564 -2.13 97.68 9.01
N GLN C 565 -1.48 98.22 10.04
CA GLN C 565 -1.07 99.62 10.04
C GLN C 565 0.36 99.77 9.53
N LEU C 566 1.23 98.85 9.93
CA LEU C 566 2.63 98.88 9.52
C LEU C 566 2.80 98.33 8.10
N GLY C 567 1.74 97.72 7.58
CA GLY C 567 1.77 97.16 6.24
C GLY C 567 1.75 98.22 5.16
N LEU C 568 0.90 99.23 5.35
CA LEU C 568 0.79 100.31 4.38
C LEU C 568 2.09 101.10 4.27
N CYS C 569 3.15 100.42 3.84
CA CYS C 569 4.45 101.06 3.70
C CYS C 569 5.14 100.59 2.42
N GLU C 570 4.67 99.48 1.86
CA GLU C 570 5.24 98.94 0.64
C GLU C 570 5.05 99.88 -0.54
N PRO C 571 5.81 99.68 -1.60
CA PRO C 571 5.73 100.54 -2.79
C PRO C 571 5.08 99.83 -3.98
N GLU C 572 4.87 100.58 -5.05
CA GLU C 572 4.25 100.02 -6.25
C GLU C 572 2.76 99.76 -6.04
N THR C 573 2.44 98.52 -5.67
CA THR C 573 1.04 98.14 -5.44
C THR C 573 0.96 96.71 -4.91
N SER C 574 1.35 95.75 -5.74
CA SER C 574 1.33 94.36 -5.36
C SER C 574 0.05 93.92 -4.66
N GLU C 575 -0.06 92.60 -4.50
CA GLU C 575 -1.21 92.01 -3.85
C GLU C 575 -1.25 92.54 -2.43
N VAL C 576 -0.08 92.68 -1.82
CA VAL C 576 -0.03 93.14 -0.44
C VAL C 576 -0.52 94.57 -0.32
N TYR C 577 -0.06 95.44 -1.20
CA TYR C 577 -0.44 96.83 -1.11
C TYR C 577 -1.94 96.92 -1.28
N GLN C 578 -2.44 96.22 -2.29
CA GLN C 578 -3.85 96.37 -2.60
C GLN C 578 -4.65 95.89 -1.42
N GLN C 579 -4.23 94.78 -0.82
CA GLN C 579 -4.94 94.22 0.32
C GLN C 579 -4.94 95.20 1.50
N ALA C 580 -3.82 95.88 1.68
CA ALA C 580 -3.59 96.72 2.84
C ALA C 580 -4.48 97.96 2.80
N LYS C 581 -4.57 98.61 1.65
CA LYS C 581 -5.32 99.85 1.58
C LYS C 581 -6.79 99.61 1.91
N LEU C 582 -7.34 98.53 1.36
CA LEU C 582 -8.74 98.20 1.60
C LEU C 582 -8.97 97.89 3.07
N GLN C 583 -8.03 97.15 3.66
CA GLN C 583 -8.16 96.78 5.06
C GLN C 583 -8.17 98.05 5.89
N ALA C 584 -7.31 98.98 5.53
CA ALA C 584 -7.18 100.24 6.24
C ALA C 584 -8.46 101.04 6.13
N LYS C 585 -9.06 101.05 4.95
CA LYS C 585 -10.30 101.76 4.73
C LYS C 585 -11.40 101.18 5.60
N GLN C 586 -11.43 99.86 5.70
CA GLN C 586 -12.40 99.16 6.54
C GLN C 586 -12.21 99.52 8.01
N GLU C 587 -10.96 99.56 8.45
CA GLU C 587 -10.64 99.93 9.82
C GLU C 587 -11.06 101.35 10.13
N VAL C 588 -10.84 102.22 9.15
CA VAL C 588 -10.91 103.67 9.33
C VAL C 588 -12.28 104.20 9.73
N ASP C 589 -13.34 103.70 9.11
CA ASP C 589 -14.67 104.20 9.41
C ASP C 589 -15.00 103.91 10.87
N ASN C 590 -14.66 102.72 11.33
CA ASN C 590 -14.86 102.34 12.71
C ASN C 590 -14.04 103.18 13.69
N GLY C 591 -12.81 103.48 13.30
CA GLY C 591 -11.89 104.18 14.18
C GLY C 591 -10.46 103.68 14.01
N MET C 592 -9.67 103.76 15.06
CA MET C 592 -8.28 103.26 15.03
C MET C 592 -7.23 104.28 14.59
N LEU C 593 -7.69 105.44 14.12
CA LEU C 593 -6.83 106.61 14.04
C LEU C 593 -5.54 106.29 13.28
N TYR C 594 -5.63 105.49 12.23
CA TYR C 594 -4.45 105.16 11.44
C TYR C 594 -3.91 106.42 10.77
N LEU C 595 -2.60 106.56 10.73
CA LEU C 595 -2.03 107.71 10.05
C LEU C 595 -1.47 107.31 8.69
N GLU C 596 -1.97 107.93 7.63
CA GLU C 596 -1.44 107.66 6.28
C GLU C 596 0.00 108.16 6.14
N TRP C 597 0.80 107.48 5.32
CA TRP C 597 2.16 107.95 5.02
C TRP C 597 2.31 108.30 3.54
N ILE C 598 2.76 109.52 3.26
CA ILE C 598 2.82 110.02 1.87
C ILE C 598 4.18 110.10 1.16
N ASN C 599 5.26 109.66 1.80
CA ASN C 599 6.61 109.78 1.22
C ASN C 599 7.38 108.51 0.84
N LYS C 600 6.74 107.35 0.81
CA LYS C 600 7.49 106.10 0.72
C LYS C 600 8.39 106.04 -0.51
N LYS C 601 7.85 106.42 -1.67
CA LYS C 601 8.59 106.34 -2.91
C LYS C 601 9.80 107.27 -2.89
N ASN C 602 9.75 108.26 -2.00
CA ASN C 602 10.82 109.22 -1.83
C ASN C 602 11.86 108.78 -0.81
N ILE C 603 11.56 107.71 -0.08
CA ILE C 603 12.38 107.28 1.07
C ILE C 603 12.58 105.76 1.21
N THR C 604 13.64 105.40 1.93
CA THR C 604 14.00 104.01 2.23
C THR C 604 14.64 103.24 1.08
N ASN C 605 15.92 102.95 1.22
CA ASN C 605 16.60 101.96 0.39
C ASN C 605 16.61 100.62 1.10
N LEU C 606 15.60 99.80 0.81
CA LEU C 606 15.33 98.59 1.58
C LEU C 606 16.44 97.54 1.50
N SER C 607 16.80 96.96 2.64
CA SER C 607 17.66 95.78 2.70
C SER C 607 16.87 94.53 2.34
N ARG C 608 17.56 93.54 1.77
CA ARG C 608 16.89 92.32 1.34
C ARG C 608 16.37 91.48 2.51
N LEU C 609 17.02 91.56 3.66
CA LEU C 609 16.63 90.74 4.81
C LEU C 609 17.16 91.29 6.14
N VAL C 610 16.46 91.01 7.22
CA VAL C 610 16.92 91.37 8.56
C VAL C 610 16.66 90.24 9.54
N VAL C 611 17.60 90.01 10.45
CA VAL C 611 17.46 88.95 11.45
C VAL C 611 17.80 89.48 12.85
N ARG C 612 16.93 89.12 13.78
CA ARG C 612 17.22 89.24 15.18
C ARG C 612 17.22 87.81 15.69
N PRO C 613 18.41 87.33 15.99
CA PRO C 613 18.60 86.04 16.67
C PRO C 613 18.46 86.14 18.19
N HIS C 614 18.85 87.28 18.76
CA HIS C 614 18.96 87.37 20.20
C HIS C 614 18.37 88.67 20.75
N THR C 615 17.67 88.59 21.87
CA THR C 615 17.23 89.79 22.59
C THR C 615 18.43 90.50 23.19
N ASP C 616 19.52 89.74 23.35
CA ASP C 616 20.76 90.22 23.95
C ASP C 616 21.82 90.52 22.90
N ALA C 617 22.59 91.59 23.12
CA ALA C 617 23.47 92.15 22.11
C ALA C 617 24.36 91.09 21.45
N VAL C 618 24.45 91.16 20.13
CA VAL C 618 25.27 90.25 19.35
C VAL C 618 26.76 90.54 19.56
N TYR C 619 27.60 89.50 19.61
CA TYR C 619 29.03 89.77 19.66
C TYR C 619 29.84 89.27 18.44
N HIS C 620 29.38 88.20 17.79
CA HIS C 620 30.06 87.74 16.59
C HIS C 620 29.15 86.85 15.75
N ALA C 621 29.45 86.78 14.45
CA ALA C 621 28.70 85.96 13.52
C ALA C 621 29.62 85.46 12.40
N CYS C 622 29.31 84.31 11.83
CA CYS C 622 30.15 83.76 10.77
C CYS C 622 29.37 82.89 9.77
N PHE C 623 29.74 83.03 8.51
CA PHE C 623 29.18 82.20 7.44
C PHE C 623 29.64 80.76 7.53
N SER C 624 28.77 79.84 7.14
CA SER C 624 29.21 78.47 6.89
C SER C 624 30.16 78.51 5.70
N GLU C 625 31.15 77.63 5.70
CA GLU C 625 32.11 77.58 4.60
C GLU C 625 31.37 77.28 3.30
N ASP C 626 30.32 76.48 3.42
CA ASP C 626 29.44 76.18 2.29
C ASP C 626 28.61 77.41 1.91
N GLY C 627 28.40 78.29 2.88
CA GLY C 627 27.61 79.50 2.68
C GLY C 627 26.12 79.27 2.86
N GLN C 628 25.76 78.02 3.15
CA GLN C 628 24.36 77.65 3.35
C GLN C 628 23.76 78.19 4.64
N ARG C 629 24.59 78.48 5.64
CA ARG C 629 24.09 78.91 6.93
C ARG C 629 25.03 79.84 7.68
N ILE C 630 24.50 80.50 8.71
CA ILE C 630 25.27 81.48 9.47
C ILE C 630 25.06 81.28 10.98
N ALA C 631 26.12 81.43 11.77
CA ALA C 631 25.99 81.44 13.23
C ALA C 631 26.38 82.78 13.87
N SER C 632 25.51 83.33 14.72
CA SER C 632 25.76 84.56 15.50
C SER C 632 25.67 84.19 16.99
N CYS C 633 26.55 84.76 17.81
CA CYS C 633 26.43 84.71 19.28
C CYS C 633 25.82 86.01 19.83
N GLY C 634 26.12 86.34 21.09
CA GLY C 634 25.60 87.55 21.72
C GLY C 634 26.06 87.77 23.16
N ALA C 635 25.60 88.87 23.77
CA ALA C 635 25.97 89.17 25.15
C ALA C 635 25.45 88.11 26.11
N ASP C 636 24.28 87.56 25.79
CA ASP C 636 23.71 86.54 26.65
C ASP C 636 24.70 85.40 26.68
N LYS C 637 25.31 85.16 25.53
CA LYS C 637 26.33 84.11 25.39
C LYS C 637 25.81 82.79 24.83
N THR C 638 24.50 82.74 24.58
CA THR C 638 23.92 81.67 23.80
C THR C 638 24.35 81.96 22.37
N LEU C 639 24.52 80.91 21.56
CA LEU C 639 24.84 81.07 20.14
C LEU C 639 23.69 80.45 19.35
N GLN C 640 23.22 81.14 18.31
CA GLN C 640 22.14 80.61 17.49
C GLN C 640 22.64 80.37 16.06
N VAL C 641 22.37 79.18 15.53
CA VAL C 641 22.88 78.84 14.20
C VAL C 641 21.71 78.76 13.19
N PHE C 642 21.81 79.40 12.03
CA PHE C 642 20.63 79.45 11.15
C PHE C 642 20.92 79.33 9.65
N LYS C 643 19.93 78.91 8.87
CA LYS C 643 20.13 78.90 7.43
C LYS C 643 19.47 80.14 6.88
N ALA C 644 20.25 81.02 6.29
CA ALA C 644 19.80 82.36 5.95
C ALA C 644 18.66 82.47 4.94
N GLU C 645 18.76 81.71 3.85
CA GLU C 645 17.75 81.73 2.80
C GLU C 645 16.34 81.76 3.41
N THR C 646 15.75 80.58 3.58
CA THR C 646 14.40 80.47 4.13
C THR C 646 14.30 81.22 5.46
N GLY C 647 15.45 81.65 5.98
CA GLY C 647 15.48 82.39 7.24
C GLY C 647 14.63 81.74 8.31
N GLU C 648 15.02 80.53 8.71
CA GLU C 648 14.30 79.80 9.75
C GLU C 648 15.25 79.12 10.72
N LYS C 649 14.93 79.21 12.01
CA LYS C 649 15.77 78.61 13.05
C LYS C 649 16.19 77.20 12.67
N LEU C 650 17.50 76.97 12.64
CA LEU C 650 18.04 75.66 12.29
C LEU C 650 18.87 75.07 13.42
N LEU C 651 19.14 75.90 14.43
CA LEU C 651 19.93 75.47 15.60
C LEU C 651 19.67 76.34 16.83
N GLU C 652 19.55 75.71 18.01
CA GLU C 652 19.47 76.41 19.29
C GLU C 652 20.61 75.88 20.19
N ILE C 653 21.36 76.75 20.84
CA ILE C 653 22.46 76.32 21.74
C ILE C 653 22.15 76.78 23.18
N LYS C 654 22.29 75.90 24.18
CA LYS C 654 21.62 76.21 25.44
C LYS C 654 22.33 77.35 26.14
N ALA C 655 23.65 77.23 26.24
CA ALA C 655 24.47 78.25 26.89
C ALA C 655 25.96 78.10 26.56
N HIS C 656 26.70 79.18 26.75
CA HIS C 656 28.16 79.13 26.71
C HIS C 656 28.64 79.75 28.01
N GLU C 657 29.58 79.12 28.71
CA GLU C 657 30.03 79.71 29.96
C GLU C 657 30.68 81.05 29.68
N ASP C 658 30.25 82.06 30.43
CA ASP C 658 30.72 83.43 30.26
C ASP C 658 29.99 84.06 29.09
N GLU C 659 30.35 85.29 28.74
CA GLU C 659 29.83 85.93 27.55
C GLU C 659 30.63 85.52 26.31
N VAL C 660 29.94 85.17 25.22
CA VAL C 660 30.63 84.75 24.02
C VAL C 660 31.56 85.85 23.56
N LEU C 661 32.77 85.50 23.12
CA LEU C 661 33.64 86.52 22.56
C LEU C 661 33.70 86.47 21.03
N CYS C 662 33.69 85.25 20.49
CA CYS C 662 33.56 85.03 19.05
C CYS C 662 33.42 83.53 18.77
N CYS C 663 32.93 83.20 17.58
CA CYS C 663 32.72 81.81 17.20
C CYS C 663 33.02 81.62 15.72
N ALA C 664 33.23 80.38 15.31
CA ALA C 664 33.55 80.11 13.91
C ALA C 664 33.33 78.65 13.50
N PHE C 665 32.91 78.46 12.26
CA PHE C 665 32.73 77.13 11.68
C PHE C 665 34.04 76.45 11.29
N SER C 666 34.02 75.12 11.30
CA SER C 666 35.11 74.32 10.75
C SER C 666 35.10 74.44 9.24
N THR C 667 36.25 74.18 8.62
CA THR C 667 36.41 74.36 7.19
C THR C 667 35.43 73.51 6.39
N ASP C 668 35.06 72.36 6.94
CA ASP C 668 34.03 71.52 6.34
C ASP C 668 32.70 71.69 7.06
N ASP C 669 32.61 72.73 7.89
CA ASP C 669 31.40 73.05 8.63
C ASP C 669 30.93 71.89 9.49
N ARG C 670 31.88 71.13 9.99
CA ARG C 670 31.59 69.98 10.85
C ARG C 670 31.80 70.31 12.32
N PHE C 671 32.28 71.52 12.60
CA PHE C 671 32.57 71.94 13.96
C PHE C 671 32.34 73.43 14.14
N ILE C 672 32.10 73.84 15.38
CA ILE C 672 31.94 75.25 15.70
C ILE C 672 32.70 75.61 16.97
N ALA C 673 33.86 76.23 16.81
CA ALA C 673 34.60 76.74 17.95
C ALA C 673 33.87 77.92 18.56
N THR C 674 33.95 78.06 19.88
CA THR C 674 33.30 79.17 20.57
C THR C 674 34.23 79.79 21.60
N CYS C 675 34.68 81.01 21.34
CA CYS C 675 35.55 81.71 22.27
C CYS C 675 34.73 82.34 23.39
N SER C 676 35.35 82.53 24.56
CA SER C 676 34.64 83.08 25.70
C SER C 676 35.55 83.67 26.78
N VAL C 677 34.96 84.55 27.59
CA VAL C 677 35.64 85.17 28.72
C VAL C 677 36.04 84.12 29.76
N ASP C 678 35.26 83.06 29.89
CA ASP C 678 35.56 82.04 30.89
C ASP C 678 36.92 81.45 30.56
N LYS C 679 37.18 81.32 29.27
CA LYS C 679 38.29 80.55 28.72
C LYS C 679 37.89 79.10 28.41
N LYS C 680 36.61 78.88 28.14
CA LYS C 680 36.14 77.58 27.71
C LYS C 680 36.01 77.53 26.19
N VAL C 681 37.05 77.07 25.52
CA VAL C 681 36.98 76.98 24.06
C VAL C 681 36.14 75.76 23.72
N LYS C 682 34.83 75.97 23.66
CA LYS C 682 33.87 74.91 23.42
C LYS C 682 33.60 74.69 21.93
N ILE C 683 34.29 73.70 21.35
CA ILE C 683 34.06 73.31 19.97
C ILE C 683 32.93 72.28 19.91
N TRP C 684 31.71 72.79 19.80
CA TRP C 684 30.51 71.98 19.66
C TRP C 684 30.44 71.43 18.24
N ASN C 685 29.78 70.29 18.04
CA ASN C 685 29.54 69.80 16.69
C ASN C 685 28.58 70.73 15.96
N SER C 686 28.78 70.91 14.66
CA SER C 686 27.92 71.78 13.87
C SER C 686 26.63 71.10 13.40
N MET C 687 26.55 69.79 13.57
CA MET C 687 25.39 69.05 13.10
C MET C 687 24.53 68.57 14.25
N THR C 688 25.07 67.63 15.02
CA THR C 688 24.38 67.12 16.20
C THR C 688 24.19 68.23 17.22
N GLY C 689 25.13 69.17 17.22
CA GLY C 689 25.09 70.30 18.13
C GLY C 689 25.72 69.96 19.46
N GLU C 690 26.07 68.69 19.62
CA GLU C 690 26.71 68.23 20.84
C GLU C 690 28.19 68.62 20.84
N LEU C 691 28.75 68.83 22.02
CA LEU C 691 30.15 69.22 22.14
C LEU C 691 31.07 68.11 21.63
N VAL C 692 32.16 68.50 20.98
CA VAL C 692 33.18 67.54 20.58
C VAL C 692 34.53 67.92 21.19
N HIS C 693 35.14 68.99 20.68
CA HIS C 693 36.43 69.43 21.18
C HIS C 693 36.30 70.52 22.24
N THR C 694 37.34 70.67 23.06
CA THR C 694 37.35 71.72 24.06
C THR C 694 38.78 72.06 24.44
N TYR C 695 39.05 73.33 24.71
CA TYR C 695 40.43 73.75 24.99
C TYR C 695 40.52 74.95 25.94
N ASP C 696 41.67 75.06 26.60
CA ASP C 696 41.98 76.23 27.42
C ASP C 696 43.50 76.32 27.63
N GLU C 697 44.03 77.53 27.62
CA GLU C 697 45.48 77.72 27.82
C GLU C 697 45.79 79.18 28.12
N HIS C 698 44.94 80.08 27.64
CA HIS C 698 45.18 81.52 27.71
C HIS C 698 45.26 82.04 29.14
N SER C 699 46.20 82.94 29.38
CA SER C 699 46.28 83.64 30.65
C SER C 699 45.13 84.64 30.80
N GLU C 700 44.59 85.07 29.68
CA GLU C 700 43.52 86.06 29.67
C GLU C 700 42.38 85.63 28.76
N GLN C 701 41.39 86.48 28.59
CA GLN C 701 40.26 86.18 27.74
C GLN C 701 40.69 86.07 26.28
N VAL C 702 40.11 85.10 25.56
CA VAL C 702 40.47 84.85 24.17
C VAL C 702 40.06 86.03 23.27
N ASN C 703 40.91 86.39 22.31
CA ASN C 703 40.56 87.42 21.35
C ASN C 703 39.92 86.86 20.09
N CYS C 704 40.34 85.67 19.68
CA CYS C 704 39.83 85.10 18.44
C CYS C 704 40.08 83.60 18.33
N CYS C 705 39.19 82.95 17.58
CA CYS C 705 39.31 81.53 17.31
C CYS C 705 39.04 81.27 15.83
N HIS C 706 39.73 80.28 15.27
CA HIS C 706 39.55 79.92 13.88
C HIS C 706 40.05 78.50 13.64
N PHE C 707 39.31 77.74 12.84
CA PHE C 707 39.78 76.44 12.36
C PHE C 707 40.73 76.63 11.18
N THR C 708 41.61 75.66 10.97
CA THR C 708 42.57 75.73 9.88
C THR C 708 41.83 75.73 8.55
N ASN C 709 42.23 76.61 7.65
CA ASN C 709 41.65 76.67 6.31
C ASN C 709 41.97 75.41 5.50
N SER C 710 43.10 74.79 5.81
CA SER C 710 43.46 73.53 5.17
C SER C 710 42.50 72.42 5.61
N SER C 711 42.10 71.60 4.64
CA SER C 711 41.26 70.44 4.94
C SER C 711 42.04 69.40 5.72
N HIS C 712 43.35 69.39 5.53
CA HIS C 712 44.21 68.38 6.14
C HIS C 712 44.52 68.69 7.59
N HIS C 713 45.42 69.65 7.81
CA HIS C 713 45.84 70.00 9.16
C HIS C 713 44.68 70.54 9.98
N LEU C 714 44.62 70.12 11.23
CA LEU C 714 43.58 70.59 12.14
C LEU C 714 44.21 71.37 13.28
N LEU C 715 44.18 72.69 13.16
CA LEU C 715 44.81 73.53 14.17
C LEU C 715 43.84 74.60 14.63
N LEU C 716 44.08 75.15 15.81
CA LEU C 716 43.24 76.19 16.35
C LEU C 716 44.09 77.35 16.87
N ALA C 717 44.44 78.25 15.96
CA ALA C 717 45.11 79.48 16.37
C ALA C 717 44.15 80.33 17.19
N THR C 718 44.65 80.87 18.30
CA THR C 718 43.81 81.67 19.20
C THR C 718 44.59 82.81 19.85
N GLY C 719 44.23 84.03 19.51
CA GLY C 719 44.77 85.20 20.18
C GLY C 719 44.03 85.44 21.48
N SER C 720 44.59 86.29 22.33
CA SER C 720 43.99 86.60 23.63
C SER C 720 44.61 87.85 24.25
N SER C 721 43.98 88.35 25.32
CA SER C 721 44.39 89.60 25.94
C SER C 721 45.78 89.49 26.60
N ASP C 722 46.23 88.26 26.82
CA ASP C 722 47.53 88.00 27.43
C ASP C 722 48.65 88.16 26.41
N CYS C 723 48.25 88.45 25.17
CA CYS C 723 49.13 88.71 24.02
C CYS C 723 49.66 87.43 23.38
N PHE C 724 49.78 86.36 24.18
CA PHE C 724 50.25 85.07 23.67
C PHE C 724 49.29 84.50 22.63
N LEU C 725 49.85 84.03 21.51
CA LEU C 725 49.09 83.19 20.61
C LEU C 725 49.04 81.77 21.16
N LYS C 726 47.98 81.04 20.84
CA LYS C 726 47.94 79.62 21.15
C LYS C 726 47.57 78.85 19.89
N LEU C 727 48.57 78.20 19.29
CA LEU C 727 48.34 77.35 18.14
C LEU C 727 48.00 75.95 18.60
N TRP C 728 46.71 75.68 18.78
CA TRP C 728 46.25 74.38 19.20
C TRP C 728 46.42 73.33 18.11
N ASP C 729 46.73 72.11 18.52
CA ASP C 729 46.62 70.97 17.62
C ASP C 729 45.27 70.33 17.91
N LEU C 730 44.33 70.46 16.97
CA LEU C 730 42.97 70.02 17.20
C LEU C 730 42.88 68.52 17.45
N ASN C 731 43.87 67.78 16.97
CA ASN C 731 43.92 66.35 17.18
C ASN C 731 44.46 65.99 18.57
N GLN C 732 44.92 67.00 19.31
CA GLN C 732 45.45 66.76 20.65
C GLN C 732 44.85 67.71 21.69
N LYS C 733 44.69 67.20 22.91
CA LYS C 733 44.05 67.96 23.99
C LYS C 733 44.86 69.19 24.39
N GLU C 734 46.18 69.11 24.24
CA GLU C 734 47.05 70.23 24.60
C GLU C 734 47.60 70.93 23.36
N CYS C 735 48.00 72.19 23.56
CA CYS C 735 48.40 73.08 22.47
C CYS C 735 49.62 72.60 21.70
N ARG C 736 49.57 72.70 20.38
CA ARG C 736 50.72 72.37 19.53
C ARG C 736 51.87 73.35 19.74
N ASN C 737 51.53 74.61 20.00
CA ASN C 737 52.56 75.63 20.19
C ASN C 737 52.06 76.96 20.75
N THR C 738 52.47 77.28 21.96
CA THR C 738 52.34 78.63 22.49
C THR C 738 53.24 79.56 21.68
N MET C 739 52.75 80.76 21.36
CA MET C 739 53.51 81.69 20.53
C MET C 739 53.47 83.12 21.07
N PHE C 740 54.38 83.44 21.99
CA PHE C 740 54.58 84.84 22.35
C PHE C 740 55.20 85.55 21.17
N GLY C 741 54.78 86.79 20.93
CA GLY C 741 55.31 87.56 19.83
C GLY C 741 54.77 88.96 19.82
N HIS C 742 53.44 89.09 19.86
CA HIS C 742 52.81 90.40 19.89
C HIS C 742 53.17 91.15 21.17
N THR C 743 53.50 92.42 21.01
CA THR C 743 53.81 93.27 22.16
C THR C 743 52.53 93.82 22.78
N ASN C 744 51.42 93.59 22.08
CA ASN C 744 50.09 94.02 22.55
C ASN C 744 49.06 92.93 22.32
N SER C 745 47.89 93.10 22.94
CA SER C 745 46.84 92.09 22.85
C SER C 745 46.41 91.89 21.40
N VAL C 746 46.19 90.64 21.04
CA VAL C 746 45.82 90.28 19.67
C VAL C 746 44.51 90.94 19.27
N ASN C 747 44.48 91.53 18.09
CA ASN C 747 43.26 92.15 17.58
C ASN C 747 42.41 91.19 16.77
N HIS C 748 43.06 90.30 16.04
CA HIS C 748 42.36 89.36 15.17
C HIS C 748 43.27 88.18 14.84
N CYS C 749 42.69 87.08 14.38
CA CYS C 749 43.47 85.90 14.03
C CYS C 749 42.84 85.10 12.89
N ARG C 750 43.67 84.69 11.94
CA ARG C 750 43.21 83.88 10.81
C ARG C 750 44.33 82.95 10.35
N PHE C 751 43.98 81.73 9.95
CA PHE C 751 44.94 80.88 9.25
C PHE C 751 45.22 81.37 7.84
N SER C 752 46.48 81.26 7.43
CA SER C 752 46.90 81.57 6.08
C SER C 752 46.44 80.47 5.12
N PRO C 753 46.29 80.78 3.83
CA PRO C 753 45.98 79.75 2.85
C PRO C 753 47.08 78.68 2.83
N ASP C 754 48.31 79.11 3.08
CA ASP C 754 49.40 78.18 3.34
C ASP C 754 49.36 77.82 4.80
N ASP C 755 48.91 76.61 5.09
CA ASP C 755 48.70 76.16 6.47
C ASP C 755 50.01 76.11 7.24
N LYS C 756 51.11 75.98 6.51
CA LYS C 756 52.46 76.02 7.11
C LYS C 756 52.71 77.37 7.75
N LEU C 757 52.14 78.41 7.15
CA LEU C 757 52.20 79.76 7.69
C LEU C 757 51.01 80.06 8.60
N LEU C 758 51.19 80.99 9.52
CA LEU C 758 50.09 81.44 10.37
C LEU C 758 50.26 82.92 10.72
N ALA C 759 49.53 83.76 9.99
CA ALA C 759 49.57 85.20 10.22
C ALA C 759 48.79 85.58 11.48
N SER C 760 49.15 86.72 12.07
CA SER C 760 48.44 87.23 13.22
C SER C 760 48.58 88.74 13.34
N CYS C 761 47.61 89.37 14.00
CA CYS C 761 47.60 90.82 14.15
C CYS C 761 47.38 91.21 15.61
N SER C 762 47.75 92.45 15.93
CA SER C 762 47.61 92.96 17.29
C SER C 762 47.71 94.49 17.34
N ALA C 763 47.49 95.05 18.53
CA ALA C 763 47.38 96.49 18.70
C ALA C 763 48.66 97.24 18.34
N ASP C 764 49.81 96.54 18.42
CA ASP C 764 51.07 97.11 17.96
C ASP C 764 50.99 97.38 16.46
N GLY C 765 50.14 96.62 15.79
CA GLY C 765 49.80 96.86 14.40
C GLY C 765 50.66 96.10 13.42
N THR C 766 51.84 95.67 13.87
CA THR C 766 52.73 94.89 13.01
C THR C 766 52.10 93.56 12.66
N LEU C 767 52.18 93.17 11.40
CA LEU C 767 51.74 91.85 10.99
C LEU C 767 52.74 90.82 11.50
N LYS C 768 52.27 89.60 11.78
CA LYS C 768 53.19 88.56 12.17
C LYS C 768 52.90 87.25 11.46
N LEU C 769 53.63 87.01 10.38
CA LEU C 769 53.53 85.76 9.62
C LEU C 769 54.41 84.69 10.26
N TRP C 770 53.83 83.95 11.19
CA TRP C 770 54.52 82.90 11.93
C TRP C 770 54.74 81.67 11.07
N ASP C 771 55.81 80.93 11.34
CA ASP C 771 56.03 79.64 10.69
C ASP C 771 55.51 78.52 11.58
N ALA C 772 54.27 78.11 11.36
CA ALA C 772 53.62 77.11 12.20
C ALA C 772 54.30 75.75 12.11
N THR C 773 54.87 75.43 10.95
CA THR C 773 55.51 74.14 10.74
C THR C 773 56.74 73.95 11.63
N SER C 774 57.48 75.03 11.84
CA SER C 774 58.65 74.98 12.72
C SER C 774 58.29 75.37 14.14
N ALA C 775 57.03 75.75 14.34
CA ALA C 775 56.55 76.29 15.62
C ALA C 775 57.39 77.48 16.06
N ASN C 776 57.82 78.28 15.07
CA ASN C 776 58.73 79.40 15.30
C ASN C 776 58.42 80.59 14.40
N GLU C 777 59.00 81.74 14.74
CA GLU C 777 58.86 82.96 13.95
C GLU C 777 59.51 82.80 12.57
N ARG C 778 58.86 83.37 11.56
CA ARG C 778 59.42 83.42 10.21
C ARG C 778 59.49 84.84 9.70
N LYS C 779 58.36 85.51 9.71
CA LYS C 779 58.29 86.89 9.20
C LYS C 779 57.36 87.74 10.06
N SER C 780 57.58 89.05 10.02
CA SER C 780 56.74 89.99 10.77
C SER C 780 56.94 91.42 10.27
N ILE C 781 56.11 91.84 9.33
CA ILE C 781 56.19 93.19 8.78
C ILE C 781 55.92 94.24 9.85
N ASN C 782 56.76 95.27 9.92
CA ASN C 782 56.47 96.42 10.76
C ASN C 782 55.46 97.33 10.07
N VAL C 783 54.63 98.02 10.86
CA VAL C 783 53.61 98.88 10.27
C VAL C 783 53.69 100.29 10.85
N LYS C 784 54.56 101.10 10.26
CA LYS C 784 54.60 102.52 10.53
C LYS C 784 54.29 103.24 9.22
N GLN C 785 53.76 102.48 8.27
CA GLN C 785 53.52 102.94 6.92
C GLN C 785 52.48 104.06 6.90
N PHE C 786 51.66 104.11 7.94
CA PHE C 786 50.76 105.24 8.14
C PHE C 786 51.59 106.41 8.66
N PHE C 787 52.41 106.97 7.78
CA PHE C 787 53.22 108.12 8.14
C PHE C 787 52.34 109.35 8.31
N LEU C 788 52.67 110.16 9.31
CA LEU C 788 51.87 111.33 9.63
C LEU C 788 52.66 112.28 10.53
N ASN C 789 53.18 113.35 9.93
CA ASN C 789 54.03 114.30 10.65
C ASN C 789 53.22 115.37 11.36
N LEU C 790 52.57 115.00 12.46
CA LEU C 790 51.81 115.93 13.28
C LEU C 790 52.69 116.67 14.27
N GLU C 791 52.09 117.62 14.98
CA GLU C 791 52.74 118.35 16.06
C GLU C 791 52.68 117.55 17.35
N ASP C 792 52.13 116.34 17.24
CA ASP C 792 52.02 115.41 18.36
C ASP C 792 53.43 115.06 18.87
N PRO C 793 53.64 115.19 20.20
CA PRO C 793 54.94 114.89 20.83
C PRO C 793 55.44 113.47 20.57
N GLN C 794 54.52 112.52 20.44
CA GLN C 794 54.89 111.15 20.06
C GLN C 794 55.57 111.18 18.70
N GLU C 795 56.53 110.27 18.49
CA GLU C 795 57.30 110.24 17.24
C GLU C 795 56.46 109.74 16.08
N ASP C 796 56.98 108.76 15.35
CA ASP C 796 56.20 108.10 14.31
C ASP C 796 54.99 107.40 14.94
N MET C 797 53.85 107.50 14.27
CA MET C 797 52.59 107.01 14.85
C MET C 797 52.59 105.50 15.06
N GLU C 798 52.00 105.08 16.17
CA GLU C 798 51.88 103.68 16.50
C GLU C 798 50.59 103.10 15.92
N VAL C 799 50.69 102.52 14.73
CA VAL C 799 49.53 102.00 14.02
C VAL C 799 48.88 100.86 14.81
N ILE C 800 47.55 100.84 14.80
CA ILE C 800 46.80 99.81 15.51
C ILE C 800 45.88 99.09 14.51
N VAL C 801 46.42 98.10 13.82
CA VAL C 801 45.64 97.32 12.86
C VAL C 801 44.52 96.53 13.54
N LYS C 802 43.36 96.47 12.90
CA LYS C 802 42.24 95.69 13.42
C LYS C 802 42.00 94.45 12.58
N CYS C 803 41.24 94.61 11.50
CA CYS C 803 40.90 93.47 10.64
C CYS C 803 42.14 92.90 9.98
N CYS C 804 42.22 91.57 9.91
CA CYS C 804 43.31 90.89 9.22
C CYS C 804 42.83 90.35 7.89
N SER C 805 42.53 91.26 6.95
CA SER C 805 41.98 90.88 5.65
C SER C 805 42.98 90.10 4.80
N TRP C 806 42.45 89.19 3.99
CA TRP C 806 43.28 88.42 3.08
C TRP C 806 42.93 88.67 1.62
N SER C 807 43.92 88.52 0.75
CA SER C 807 43.68 88.49 -0.69
C SER C 807 42.95 87.19 -1.00
N ALA C 808 42.24 87.15 -2.12
CA ALA C 808 41.40 85.99 -2.44
C ALA C 808 42.25 84.72 -2.52
N ASP C 809 43.49 84.86 -2.96
CA ASP C 809 44.44 83.75 -2.89
C ASP C 809 45.07 83.65 -1.51
N GLY C 810 45.02 84.74 -0.74
CA GLY C 810 45.58 84.77 0.60
C GLY C 810 47.09 84.91 0.60
N ALA C 811 47.66 85.25 -0.55
CA ALA C 811 49.11 85.34 -0.70
C ALA C 811 49.67 86.62 -0.09
N ARG C 812 48.77 87.56 0.22
CA ARG C 812 49.16 88.85 0.77
C ARG C 812 48.13 89.29 1.79
N ILE C 813 48.51 90.17 2.72
CA ILE C 813 47.57 90.57 3.76
C ILE C 813 47.10 92.01 3.66
N MET C 814 45.83 92.16 3.31
CA MET C 814 45.11 93.42 3.43
C MET C 814 44.83 93.71 4.91
N VAL C 815 44.92 94.98 5.30
CA VAL C 815 44.67 95.40 6.67
C VAL C 815 44.09 96.81 6.66
N ALA C 816 43.64 97.28 7.82
CA ALA C 816 43.20 98.66 7.92
C ALA C 816 43.38 99.19 9.34
N ALA C 817 43.77 100.45 9.45
CA ALA C 817 43.95 101.07 10.76
C ALA C 817 43.98 102.59 10.66
N LYS C 818 43.59 103.23 11.76
CA LYS C 818 43.59 104.69 11.85
C LYS C 818 42.84 105.35 10.70
N ASN C 819 43.59 105.88 9.73
CA ASN C 819 42.98 106.56 8.60
C ASN C 819 43.26 105.89 7.27
N LYS C 820 43.96 104.75 7.29
CA LYS C 820 44.36 104.10 6.05
C LYS C 820 44.26 102.58 6.06
N ILE C 821 43.74 102.04 4.97
CA ILE C 821 43.87 100.64 4.63
C ILE C 821 45.27 100.42 4.05
N PHE C 822 45.83 99.24 4.26
CA PHE C 822 47.11 98.86 3.65
C PHE C 822 47.00 97.49 3.00
N LEU C 823 47.85 97.21 2.03
CA LEU C 823 47.94 95.87 1.47
C LEU C 823 49.39 95.41 1.53
N PHE C 824 49.77 94.84 2.68
CA PHE C 824 51.13 94.35 2.87
C PHE C 824 51.37 93.05 2.13
N ASP C 825 52.60 92.88 1.67
CA ASP C 825 53.04 91.63 1.05
C ASP C 825 53.94 90.89 2.03
N ILE C 826 53.34 90.01 2.83
CA ILE C 826 54.07 89.27 3.85
C ILE C 826 55.11 88.30 3.30
N HIS C 827 54.87 87.79 2.09
CA HIS C 827 55.83 86.88 1.49
C HIS C 827 57.14 87.58 1.15
N THR C 828 57.07 88.88 0.85
CA THR C 828 58.26 89.67 0.59
C THR C 828 58.59 90.58 1.78
N SER C 829 57.74 90.53 2.80
CA SER C 829 57.89 91.35 4.00
C SER C 829 57.98 92.83 3.68
N GLY C 830 57.11 93.31 2.80
CA GLY C 830 57.10 94.72 2.44
C GLY C 830 55.72 95.25 2.09
N LEU C 831 55.55 96.56 2.24
CA LEU C 831 54.30 97.24 1.89
C LEU C 831 54.06 97.23 0.38
N LEU C 832 52.80 97.14 -0.01
CA LEU C 832 52.41 97.36 -1.40
C LEU C 832 51.26 98.35 -1.49
N GLY C 833 50.05 97.88 -1.22
CA GLY C 833 48.87 98.72 -1.32
C GLY C 833 48.69 99.64 -0.11
N GLU C 834 47.82 100.64 -0.27
CA GLU C 834 47.55 101.60 0.78
C GLU C 834 46.31 102.43 0.43
N ILE C 835 45.15 101.98 0.89
CA ILE C 835 43.89 102.64 0.56
C ILE C 835 43.45 103.57 1.69
N HIS C 836 43.60 104.88 1.49
CA HIS C 836 43.23 105.85 2.51
C HIS C 836 41.72 105.83 2.75
N THR C 837 41.31 105.96 4.00
CA THR C 837 39.89 105.95 4.36
C THR C 837 39.30 107.35 4.30
N GLY C 838 37.97 107.45 4.38
CA GLY C 838 37.30 108.73 4.30
C GLY C 838 37.68 109.69 5.40
N HIS C 839 38.03 110.91 5.02
CA HIS C 839 38.46 111.96 5.94
C HIS C 839 39.53 111.47 6.90
N HIS C 840 39.41 111.87 8.17
CA HIS C 840 40.40 111.47 9.17
C HIS C 840 39.76 111.21 10.54
N SER C 841 40.21 110.15 11.19
CA SER C 841 39.73 109.76 12.51
C SER C 841 40.56 108.58 13.02
N THR C 842 39.87 107.48 13.32
CA THR C 842 40.51 106.22 13.65
C THR C 842 39.52 105.10 13.40
N ILE C 843 39.91 104.12 12.58
CA ILE C 843 38.97 103.08 12.16
C ILE C 843 38.44 102.27 13.34
N GLN C 844 37.13 102.06 13.35
CA GLN C 844 36.49 101.20 14.34
C GLN C 844 36.22 99.83 13.74
N TYR C 845 36.03 99.80 12.43
CA TYR C 845 35.80 98.54 11.72
C TYR C 845 36.13 98.65 10.23
N CYS C 846 36.48 97.51 9.62
CA CYS C 846 36.82 97.47 8.21
C CYS C 846 36.60 96.07 7.64
N ASP C 847 36.43 95.98 6.32
CA ASP C 847 36.21 94.70 5.66
C ASP C 847 36.51 94.75 4.17
N PHE C 848 37.61 94.12 3.77
CA PHE C 848 37.96 93.95 2.35
C PHE C 848 37.06 92.96 1.63
N SER C 849 36.74 93.26 0.37
CA SER C 849 36.00 92.34 -0.48
C SER C 849 36.85 91.87 -1.67
N PRO C 850 37.11 90.56 -1.75
CA PRO C 850 37.92 90.00 -2.84
C PRO C 850 37.34 90.26 -4.23
N GLN C 851 36.00 90.28 -4.34
CA GLN C 851 35.36 90.72 -5.58
C GLN C 851 35.43 92.22 -5.74
N ASN C 852 35.57 92.67 -7.00
CA ASN C 852 35.53 94.08 -7.35
C ASN C 852 36.47 94.97 -6.56
N HIS C 853 37.40 94.34 -5.84
CA HIS C 853 38.32 95.05 -4.95
C HIS C 853 37.59 95.97 -3.98
N LEU C 854 36.38 95.58 -3.58
CA LEU C 854 35.56 96.41 -2.69
C LEU C 854 36.04 96.41 -1.24
N ALA C 855 35.71 97.48 -0.54
CA ALA C 855 36.04 97.64 0.87
C ALA C 855 34.87 98.24 1.64
N VAL C 856 34.08 97.37 2.26
CA VAL C 856 33.01 97.85 3.14
C VAL C 856 33.60 98.18 4.49
N VAL C 857 33.81 99.47 4.72
CA VAL C 857 34.48 99.91 5.93
C VAL C 857 33.59 100.77 6.80
N ALA C 858 33.38 100.34 8.04
CA ALA C 858 32.71 101.14 9.04
C ALA C 858 33.73 101.95 9.82
N LEU C 859 34.01 103.16 9.33
CA LEU C 859 35.04 104.00 9.93
C LEU C 859 34.71 104.33 11.38
N SER C 860 33.70 105.16 11.59
CA SER C 860 33.21 105.49 12.92
C SER C 860 31.77 105.96 12.85
N GLN C 861 30.99 105.72 13.90
CA GLN C 861 29.58 106.11 13.89
C GLN C 861 28.84 105.41 12.75
N TYR C 862 29.05 104.10 12.62
CA TYR C 862 28.33 103.33 11.63
C TYR C 862 28.53 103.95 10.26
N CYS C 863 29.72 104.48 10.01
CA CYS C 863 30.01 105.03 8.70
C CYS C 863 30.45 103.90 7.78
N VAL C 864 29.49 103.07 7.39
CA VAL C 864 29.75 101.87 6.63
C VAL C 864 29.82 102.20 5.13
N GLU C 865 30.90 102.87 4.74
CA GLU C 865 31.08 103.25 3.34
C GLU C 865 31.55 102.09 2.49
N LEU C 866 31.14 102.09 1.22
CA LEU C 866 31.64 101.13 0.25
C LEU C 866 32.72 101.76 -0.62
N TRP C 867 33.96 101.49 -0.24
CA TRP C 867 35.14 101.94 -0.97
C TRP C 867 35.57 100.90 -2.00
N ASN C 868 36.55 101.24 -2.81
CA ASN C 868 37.10 100.29 -3.77
C ASN C 868 38.62 100.25 -3.63
N THR C 869 39.15 99.12 -3.19
CA THR C 869 40.58 98.98 -2.90
C THR C 869 41.45 99.04 -4.14
N ASP C 870 42.71 99.44 -3.93
CA ASP C 870 43.72 99.59 -4.99
C ASP C 870 43.38 100.77 -5.90
N SER C 871 42.16 100.80 -6.43
CA SER C 871 41.68 101.96 -7.16
C SER C 871 41.56 103.16 -6.21
N ARG C 872 41.40 102.85 -4.92
CA ARG C 872 41.44 103.85 -3.85
C ARG C 872 40.39 104.96 -4.02
N SER C 873 39.17 104.55 -4.33
CA SER C 873 38.05 105.48 -4.40
C SER C 873 36.76 104.82 -3.92
N LYS C 874 35.93 105.61 -3.24
CA LYS C 874 34.66 105.13 -2.72
C LYS C 874 33.70 104.76 -3.84
N VAL C 875 32.96 103.67 -3.65
CA VAL C 875 31.93 103.27 -4.61
C VAL C 875 30.59 103.88 -4.24
N ALA C 876 30.10 103.62 -3.03
CA ALA C 876 28.82 104.20 -2.62
C ALA C 876 28.59 104.19 -1.11
N ASP C 877 27.77 105.12 -0.64
CA ASP C 877 27.41 105.19 0.77
C ASP C 877 26.40 104.11 1.13
N CYS C 878 26.44 103.66 2.39
CA CYS C 878 25.50 102.67 2.87
C CYS C 878 24.90 103.08 4.22
N ARG C 879 23.91 103.96 4.20
CA ARG C 879 23.10 104.25 5.41
C ARG C 879 22.12 103.11 5.81
N GLY C 880 21.78 103.03 7.10
CA GLY C 880 20.86 102.01 7.61
C GLY C 880 21.09 101.07 8.78
N HIS C 881 22.17 101.23 9.54
CA HIS C 881 22.28 100.51 10.82
C HIS C 881 22.18 101.49 12.00
N LEU C 882 21.45 101.07 13.03
CA LEU C 882 21.20 101.86 14.25
C LEU C 882 22.07 101.25 15.37
N SER C 883 22.64 102.09 16.23
CA SER C 883 23.62 101.70 17.29
C SER C 883 25.10 101.75 16.91
N TRP C 884 25.38 102.32 15.74
CA TRP C 884 26.72 102.24 15.15
C TRP C 884 27.08 100.76 14.97
N VAL C 885 27.28 100.33 13.73
CA VAL C 885 27.51 98.92 13.45
C VAL C 885 28.30 98.24 14.54
N HIS C 886 28.23 96.93 14.55
CA HIS C 886 29.06 96.13 15.45
C HIS C 886 29.86 95.17 14.61
N GLY C 887 29.42 94.94 13.37
CA GLY C 887 30.23 94.13 12.48
C GLY C 887 29.58 93.74 11.17
N VAL C 888 30.42 93.42 10.18
CA VAL C 888 30.01 93.09 8.83
C VAL C 888 30.94 92.01 8.28
N MET C 889 30.43 91.12 7.42
CA MET C 889 31.31 90.20 6.71
C MET C 889 30.63 89.64 5.47
N PHE C 890 31.40 89.46 4.41
CA PHE C 890 30.89 89.01 3.12
C PHE C 890 30.60 87.51 3.07
N SER C 891 29.70 87.13 2.18
CA SER C 891 29.42 85.74 1.89
C SER C 891 30.63 85.10 1.23
N PRO C 892 30.80 83.78 1.40
CA PRO C 892 31.91 83.10 0.72
C PRO C 892 31.83 83.26 -0.79
N ASP C 893 30.61 83.33 -1.32
CA ASP C 893 30.41 83.69 -2.72
C ASP C 893 30.82 85.15 -2.96
N GLY C 894 30.70 85.97 -1.94
CA GLY C 894 31.06 87.37 -2.04
C GLY C 894 29.94 88.20 -2.63
N SER C 895 28.83 87.53 -2.94
CA SER C 895 27.69 88.18 -3.56
C SER C 895 26.82 88.91 -2.55
N SER C 896 27.12 88.72 -1.27
CA SER C 896 26.35 89.33 -0.20
C SER C 896 27.16 89.47 1.08
N PHE C 897 26.64 90.21 2.05
CA PHE C 897 27.31 90.35 3.34
C PHE C 897 26.35 90.59 4.49
N LEU C 898 26.65 89.99 5.63
CA LEU C 898 25.91 90.24 6.87
C LEU C 898 26.32 91.57 7.48
N THR C 899 25.43 92.16 8.27
CA THR C 899 25.77 93.38 9.01
C THR C 899 25.28 93.32 10.45
N SER C 900 26.09 92.73 11.32
CA SER C 900 25.79 92.72 12.75
C SER C 900 25.84 94.15 13.28
N SER C 901 24.97 94.46 14.24
CA SER C 901 24.90 95.83 14.76
C SER C 901 24.54 95.87 16.23
N ASP C 902 24.83 97.01 16.86
CA ASP C 902 24.59 97.17 18.30
C ASP C 902 23.11 97.10 18.65
N ASP C 903 22.23 97.38 17.70
CA ASP C 903 20.80 97.37 18.00
C ASP C 903 20.44 95.96 18.47
N GLN C 904 21.20 94.99 17.95
CA GLN C 904 20.83 93.57 17.91
C GLN C 904 20.24 93.11 16.55
N THR C 905 20.76 93.66 15.45
CA THR C 905 20.18 93.53 14.12
C THR C 905 21.21 93.08 13.09
N ILE C 906 20.83 92.15 12.24
CA ILE C 906 21.71 91.68 11.17
C ILE C 906 21.03 91.87 9.81
N ARG C 907 21.53 92.81 9.03
CA ARG C 907 20.92 93.09 7.75
C ARG C 907 21.69 92.46 6.60
N LEU C 908 21.03 91.57 5.89
CA LEU C 908 21.53 91.01 4.64
C LEU C 908 21.55 92.07 3.54
N TRP C 909 22.55 92.00 2.67
CA TRP C 909 22.66 92.94 1.56
C TRP C 909 23.25 92.32 0.31
N GLU C 910 22.63 92.60 -0.84
CA GLU C 910 23.17 92.21 -2.13
C GLU C 910 24.40 93.06 -2.47
N THR C 911 25.37 92.44 -3.14
CA THR C 911 26.59 93.14 -3.54
C THR C 911 26.33 94.28 -4.52
N LYS C 912 25.41 94.04 -5.46
CA LYS C 912 25.11 95.00 -6.53
C LYS C 912 24.55 96.33 -6.03
N LYS C 913 23.70 96.27 -5.02
CA LYS C 913 22.99 97.46 -4.54
C LYS C 913 23.92 98.54 -3.99
N VAL C 914 24.97 98.13 -3.30
CA VAL C 914 25.88 99.06 -2.63
C VAL C 914 26.59 100.00 -3.60
N CYS C 915 27.01 99.48 -4.75
CA CYS C 915 27.78 100.26 -5.72
C CYS C 915 26.98 101.45 -6.27
N LYS C 916 25.70 101.22 -6.56
CA LYS C 916 24.83 102.25 -7.10
C LYS C 916 24.68 103.38 -6.09
N ASN C 917 24.63 104.62 -6.56
CA ASN C 917 24.55 105.75 -5.63
C ASN C 917 23.11 105.95 -5.15
N SER C 918 22.97 106.45 -3.93
CA SER C 918 21.65 106.69 -3.34
C SER C 918 21.66 107.89 -2.41
N ALA C 919 21.91 109.07 -2.97
CA ALA C 919 21.93 110.30 -2.18
C ALA C 919 20.57 110.60 -1.59
N VAL C 920 20.22 109.89 -0.52
CA VAL C 920 18.94 110.08 0.14
C VAL C 920 19.08 110.08 1.65
N MET C 921 18.05 109.65 2.36
CA MET C 921 18.06 109.61 3.82
C MET C 921 18.56 110.93 4.41
N LEU C 922 17.64 111.87 4.59
CA LEU C 922 17.98 113.17 5.15
C LEU C 922 18.83 113.04 6.43
N LYS C 923 19.55 114.13 6.72
CA LYS C 923 20.44 114.22 7.88
C LYS C 923 19.65 114.16 9.18
N GLN C 924 20.29 113.62 10.21
CA GLN C 924 19.58 113.20 11.43
C GLN C 924 18.83 114.30 12.20
N GLU C 925 19.46 115.45 12.35
CA GLU C 925 18.83 116.56 13.06
C GLU C 925 18.45 117.68 12.09
N VAL C 926 17.17 118.01 12.07
CA VAL C 926 16.67 119.06 11.19
C VAL C 926 15.54 119.85 11.86
N ASP C 927 15.33 121.07 11.41
CA ASP C 927 14.23 121.88 11.90
C ASP C 927 13.22 122.06 10.79
N VAL C 928 11.94 121.80 11.10
CA VAL C 928 10.85 121.98 10.14
C VAL C 928 9.83 123.04 10.60
N VAL C 929 9.48 123.97 9.70
CA VAL C 929 8.52 125.03 10.02
C VAL C 929 7.22 124.87 9.22
N PHE C 930 6.09 124.86 9.93
CA PHE C 930 4.80 124.59 9.28
C PHE C 930 3.90 125.82 9.14
N GLN C 931 3.61 126.13 7.87
CA GLN C 931 2.89 127.33 7.49
C GLN C 931 1.51 127.08 6.92
N GLU C 932 0.92 125.92 7.19
CA GLU C 932 -0.40 125.54 6.65
C GLU C 932 -0.56 124.18 5.90
N ASN C 933 -1.05 124.24 4.65
CA ASN C 933 -1.34 123.11 3.73
C ASN C 933 -0.17 122.26 3.19
N GLU C 934 1.00 122.88 3.13
CA GLU C 934 2.25 122.21 2.80
C GLU C 934 3.22 122.43 3.95
N VAL C 935 3.95 121.39 4.35
CA VAL C 935 4.94 121.46 5.43
C VAL C 935 6.34 121.32 4.83
N MET C 936 7.26 122.21 5.20
CA MET C 936 8.63 122.19 4.68
C MET C 936 9.60 121.73 5.79
N VAL C 937 10.46 120.75 5.48
CA VAL C 937 11.39 120.20 6.46
C VAL C 937 12.82 120.70 6.18
N LEU C 938 13.48 121.23 7.19
CA LEU C 938 14.87 121.66 7.06
C LEU C 938 15.75 120.46 6.79
N ALA C 939 16.73 120.63 5.89
CA ALA C 939 17.62 119.53 5.52
C ALA C 939 19.07 119.96 5.40
N VAL C 940 19.98 119.00 5.57
CA VAL C 940 21.40 119.23 5.38
C VAL C 940 21.85 118.42 4.17
N ASP C 941 22.53 119.09 3.24
CA ASP C 941 22.88 118.45 1.98
C ASP C 941 23.75 117.23 2.23
N HIS C 942 23.57 116.21 1.39
CA HIS C 942 24.32 114.97 1.54
C HIS C 942 25.82 115.21 1.37
N ILE C 943 26.17 116.27 0.65
CA ILE C 943 27.57 116.60 0.43
C ILE C 943 28.02 117.83 1.22
N ARG C 944 27.26 118.93 1.12
CA ARG C 944 27.72 120.19 1.70
C ARG C 944 26.68 120.86 2.61
N ARG C 945 25.91 121.79 2.06
CA ARG C 945 25.06 122.65 2.88
C ARG C 945 23.67 122.06 3.10
N LEU C 946 22.74 122.37 2.19
CA LEU C 946 21.35 121.99 2.39
C LEU C 946 20.50 122.00 1.12
N GLN C 947 19.37 121.30 1.19
CA GLN C 947 18.32 121.36 0.18
C GLN C 947 16.97 121.34 0.89
N LEU C 948 16.08 122.22 0.44
CA LEU C 948 14.75 122.25 1.02
C LEU C 948 13.83 121.50 0.07
N ILE C 949 13.35 120.35 0.54
CA ILE C 949 12.35 119.61 -0.21
C ILE C 949 11.00 119.68 0.50
N ASN C 950 10.05 120.35 -0.14
CA ASN C 950 8.69 120.40 0.38
C ASN C 950 8.06 119.03 0.24
N GLY C 951 7.12 118.72 1.14
CA GLY C 951 6.39 117.47 1.06
C GLY C 951 5.44 117.51 -0.12
N ARG C 952 5.04 116.33 -0.58
CA ARG C 952 4.12 116.19 -1.71
C ARG C 952 4.62 116.88 -2.97
N THR C 953 5.94 116.94 -3.14
CA THR C 953 6.54 117.49 -4.36
C THR C 953 8.01 117.11 -4.49
N GLY C 954 8.53 117.23 -5.70
CA GLY C 954 9.93 116.96 -5.98
C GLY C 954 10.74 118.24 -6.04
N GLN C 955 10.21 119.30 -5.44
CA GLN C 955 10.81 120.62 -5.53
C GLN C 955 11.98 120.81 -4.56
N ILE C 956 13.15 120.35 -4.96
CA ILE C 956 14.39 120.55 -4.20
C ILE C 956 14.77 122.03 -4.18
N ASP C 957 15.29 122.52 -3.07
CA ASP C 957 15.74 123.91 -2.96
C ASP C 957 17.14 123.98 -2.36
N TYR C 958 18.14 123.72 -3.20
CA TYR C 958 19.54 123.71 -2.78
C TYR C 958 20.08 125.11 -2.52
N LEU C 959 21.01 125.20 -1.57
CA LEU C 959 21.70 126.46 -1.25
C LEU C 959 23.17 126.18 -0.94
N THR C 960 24.02 127.19 -1.11
CA THR C 960 25.45 127.01 -0.89
C THR C 960 26.01 127.78 0.32
N GLU C 961 26.86 127.09 1.08
CA GLU C 961 27.60 127.67 2.20
C GLU C 961 28.67 126.65 2.61
N ALA C 962 29.69 127.08 3.33
CA ALA C 962 30.72 126.16 3.79
C ALA C 962 30.23 125.34 4.97
N GLN C 963 29.30 124.43 4.69
CA GLN C 963 28.71 123.54 5.69
C GLN C 963 28.07 124.31 6.85
N VAL C 964 26.79 124.59 6.73
CA VAL C 964 26.05 125.26 7.81
C VAL C 964 25.98 124.37 9.05
N SER C 965 26.11 124.98 10.22
CA SER C 965 26.06 124.24 11.47
C SER C 965 24.63 123.99 11.94
N CYS C 966 23.78 124.98 11.71
CA CYS C 966 22.38 124.92 12.10
C CYS C 966 21.62 126.00 11.34
N CYS C 967 20.29 125.93 11.32
CA CYS C 967 19.51 126.87 10.52
C CYS C 967 18.21 127.31 11.21
N CYS C 968 17.71 128.48 10.80
CA CYS C 968 16.46 129.01 11.31
C CYS C 968 15.82 130.02 10.35
N LEU C 969 14.55 129.81 10.03
CA LEU C 969 13.80 130.77 9.22
C LEU C 969 13.32 131.97 10.05
N SER C 970 13.18 133.10 9.38
CA SER C 970 12.67 134.32 9.98
C SER C 970 11.16 134.29 10.22
N PRO C 971 10.69 135.06 11.21
CA PRO C 971 9.25 135.22 11.42
C PRO C 971 8.61 135.90 10.21
N HIS C 972 7.38 135.53 9.89
CA HIS C 972 6.68 136.06 8.72
C HIS C 972 7.49 135.86 7.44
N LEU C 973 8.24 134.77 7.38
CA LEU C 973 9.02 134.40 6.21
C LEU C 973 10.00 135.48 5.78
N GLN C 974 10.16 135.64 4.47
CA GLN C 974 10.95 136.71 3.84
C GLN C 974 12.47 136.61 4.06
N TYR C 975 12.89 135.68 4.91
CA TYR C 975 14.32 135.49 5.16
C TYR C 975 14.63 134.04 5.52
N ILE C 976 15.93 133.74 5.54
CA ILE C 976 16.44 132.44 5.96
C ILE C 976 17.73 132.70 6.73
N ALA C 977 18.12 131.80 7.63
CA ALA C 977 19.33 132.03 8.41
C ALA C 977 20.04 130.74 8.79
N PHE C 978 21.31 130.86 9.13
CA PHE C 978 22.11 129.72 9.53
C PHE C 978 23.27 130.12 10.45
N GLY C 979 23.70 129.17 11.28
CA GLY C 979 24.85 129.35 12.14
C GLY C 979 26.14 128.95 11.47
N ASP C 980 27.22 128.87 12.24
CA ASP C 980 28.52 128.51 11.70
C ASP C 980 29.40 127.90 12.80
N GLU C 981 30.48 127.23 12.37
CA GLU C 981 31.40 126.58 13.29
C GLU C 981 32.08 127.59 14.20
N ASN C 982 32.24 128.81 13.71
CA ASN C 982 32.81 129.90 14.49
C ASN C 982 31.76 130.58 15.37
N GLY C 983 30.50 130.15 15.21
CA GLY C 983 29.40 130.75 15.94
C GLY C 983 28.81 131.96 15.21
N ALA C 984 29.38 132.28 14.06
CA ALA C 984 28.86 133.34 13.20
C ALA C 984 27.48 132.93 12.69
N ILE C 985 26.57 133.88 12.56
CA ILE C 985 25.23 133.56 12.11
C ILE C 985 24.74 134.51 11.02
N GLU C 986 24.71 134.02 9.79
CA GLU C 986 24.17 134.79 8.65
C GLU C 986 22.65 134.71 8.56
N ILE C 987 22.04 135.76 8.03
CA ILE C 987 20.61 135.72 7.73
C ILE C 987 20.36 136.18 6.28
N LEU C 988 20.50 135.24 5.34
CA LEU C 988 20.28 135.54 3.93
C LEU C 988 18.84 135.94 3.65
N GLU C 989 18.65 137.01 2.86
CA GLU C 989 17.32 137.40 2.43
C GLU C 989 16.83 136.49 1.31
N LEU C 990 15.52 136.24 1.26
CA LEU C 990 14.95 135.44 0.18
C LEU C 990 14.86 136.22 -1.12
N VAL C 991 14.51 137.50 -1.01
CA VAL C 991 14.31 138.36 -2.18
C VAL C 991 15.59 138.53 -2.97
N ASN C 992 16.73 138.54 -2.27
CA ASN C 992 18.01 138.73 -2.92
C ASN C 992 19.13 138.02 -2.18
N ASN C 993 19.88 137.20 -2.89
CA ASN C 993 21.01 136.47 -2.32
C ASN C 993 22.18 137.38 -1.94
N ARG C 994 22.27 138.54 -2.57
CA ARG C 994 23.34 139.48 -2.27
C ARG C 994 23.26 140.07 -0.87
N ILE C 995 22.04 140.22 -0.35
CA ILE C 995 21.83 140.84 0.95
C ILE C 995 21.90 139.84 2.09
N PHE C 996 22.77 140.11 3.04
CA PHE C 996 22.93 139.26 4.21
C PHE C 996 23.59 140.02 5.34
N GLN C 997 23.45 139.52 6.56
CA GLN C 997 24.19 140.02 7.71
C GLN C 997 24.90 138.82 8.31
N SER C 998 26.17 138.95 8.65
CA SER C 998 26.92 137.87 9.28
C SER C 998 27.31 138.32 10.68
N ARG C 999 27.08 137.48 11.70
CA ARG C 999 27.44 137.86 13.05
C ARG C 999 28.58 136.98 13.57
N PHE C 1000 29.64 137.60 14.08
CA PHE C 1000 30.77 136.81 14.58
C PHE C 1000 30.74 136.79 16.10
N GLN C 1001 30.61 135.59 16.68
CA GLN C 1001 30.36 135.52 18.11
C GLN C 1001 30.52 134.07 18.57
N HIS C 1002 30.66 133.88 19.88
CA HIS C 1002 30.76 132.57 20.52
C HIS C 1002 32.11 131.90 20.27
N LYS C 1003 32.67 131.33 21.33
CA LYS C 1003 33.97 130.67 21.26
C LYS C 1003 33.95 129.46 20.33
N LYS C 1004 32.78 128.83 20.22
CA LYS C 1004 32.63 127.64 19.38
C LYS C 1004 31.39 127.76 18.51
N THR C 1005 30.91 126.63 18.02
CA THR C 1005 29.70 126.60 17.22
C THR C 1005 28.51 127.06 18.06
N VAL C 1006 27.65 127.89 17.46
CA VAL C 1006 26.47 128.40 18.14
C VAL C 1006 25.49 127.28 18.49
N TRP C 1007 24.89 127.35 19.68
CA TRP C 1007 23.89 126.38 20.07
C TRP C 1007 22.51 126.82 19.59
N HIS C 1008 21.62 127.08 20.54
CA HIS C 1008 20.24 127.44 20.24
C HIS C 1008 20.16 128.77 19.50
N ILE C 1009 19.23 128.85 18.55
CA ILE C 1009 18.97 130.07 17.81
C ILE C 1009 17.46 130.32 17.74
N GLN C 1010 17.05 131.54 18.04
CA GLN C 1010 15.64 131.87 17.99
C GLN C 1010 15.44 133.35 17.70
N PHE C 1011 14.36 133.65 16.96
CA PHE C 1011 14.05 135.01 16.55
C PHE C 1011 12.94 135.61 17.41
N THR C 1012 12.92 136.93 17.51
CA THR C 1012 11.86 137.63 18.23
C THR C 1012 10.57 137.63 17.40
N ALA C 1013 9.48 138.06 18.02
CA ALA C 1013 8.20 138.19 17.30
C ALA C 1013 8.34 139.21 16.18
N ASP C 1014 9.24 140.17 16.38
CA ASP C 1014 9.65 141.08 15.32
C ASP C 1014 10.49 140.32 14.31
N GLU C 1015 10.44 140.74 13.05
CA GLU C 1015 11.25 140.13 12.01
C GLU C 1015 12.74 140.35 12.30
N LYS C 1016 13.02 141.41 13.05
CA LYS C 1016 14.38 141.77 13.44
C LYS C 1016 14.85 141.03 14.68
N THR C 1017 16.14 141.18 14.98
CA THR C 1017 16.78 140.71 16.21
C THR C 1017 16.97 139.18 16.27
N LEU C 1018 18.18 138.74 15.92
CA LEU C 1018 18.62 137.38 16.17
C LEU C 1018 18.86 137.15 17.66
N ILE C 1019 18.58 135.95 18.15
CA ILE C 1019 19.00 135.59 19.50
C ILE C 1019 19.67 134.22 19.43
N SER C 1020 20.75 134.04 20.19
CA SER C 1020 21.54 132.82 20.12
C SER C 1020 22.32 132.57 21.42
N SER C 1021 22.93 131.39 21.51
CA SER C 1021 23.80 131.08 22.64
C SER C 1021 24.78 129.96 22.26
N SER C 1022 25.85 129.83 23.05
CA SER C 1022 26.82 128.76 22.84
C SER C 1022 27.68 128.56 24.09
N ASP C 1023 28.98 128.42 23.90
CA ASP C 1023 29.90 128.17 25.01
C ASP C 1023 30.00 129.37 25.95
N ASP C 1024 29.68 130.56 25.45
CA ASP C 1024 29.72 131.76 26.27
C ASP C 1024 28.67 131.71 27.39
N ALA C 1025 29.04 132.22 28.55
CA ALA C 1025 28.11 132.30 29.67
C ALA C 1025 26.93 133.20 29.34
N GLU C 1026 27.20 134.21 28.53
CA GLU C 1026 26.18 135.17 28.12
C GLU C 1026 25.25 134.59 27.05
N ILE C 1027 24.01 135.04 27.05
CA ILE C 1027 23.10 134.70 25.97
C ILE C 1027 23.09 135.82 24.94
N GLN C 1028 23.63 135.52 23.76
CA GLN C 1028 23.70 136.50 22.68
C GLN C 1028 22.32 136.97 22.22
N VAL C 1029 22.21 138.27 21.98
CA VAL C 1029 21.08 138.85 21.28
C VAL C 1029 21.64 139.82 20.26
N TRP C 1030 21.81 139.34 19.04
CA TRP C 1030 22.38 140.15 17.97
C TRP C 1030 21.33 140.56 16.96
N ASN C 1031 20.85 141.80 17.08
CA ASN C 1031 19.93 142.30 16.09
C ASN C 1031 20.67 142.41 14.76
N TRP C 1032 20.04 141.96 13.68
CA TRP C 1032 20.68 141.99 12.36
C TRP C 1032 20.40 143.33 11.68
N GLN C 1033 21.11 143.57 10.57
CA GLN C 1033 21.05 144.85 9.86
C GLN C 1033 21.58 145.97 10.73
N LEU C 1034 20.89 146.22 11.84
CA LEU C 1034 21.34 147.17 12.84
C LEU C 1034 22.66 146.71 13.46
N ASP C 1035 22.89 145.39 13.39
CA ASP C 1035 24.09 144.75 13.92
C ASP C 1035 24.26 145.02 15.41
N LYS C 1036 23.14 145.11 16.12
CA LYS C 1036 23.18 145.35 17.57
C LYS C 1036 23.64 144.10 18.31
N CYS C 1037 24.28 144.29 19.45
CA CYS C 1037 24.87 143.16 20.18
C CYS C 1037 24.52 143.17 21.66
N ILE C 1038 23.23 143.18 21.99
CA ILE C 1038 22.82 143.13 23.38
C ILE C 1038 23.17 141.76 23.95
N PHE C 1039 23.67 141.72 25.18
CA PHE C 1039 24.02 140.44 25.79
C PHE C 1039 23.25 140.16 27.08
N LEU C 1040 22.95 138.89 27.33
CA LEU C 1040 22.36 138.45 28.58
C LEU C 1040 23.45 137.91 29.50
N ARG C 1041 23.96 138.76 30.38
CA ARG C 1041 25.10 138.40 31.22
C ARG C 1041 24.65 137.55 32.40
N GLY C 1042 24.48 136.25 32.17
CA GLY C 1042 24.00 135.33 33.18
C GLY C 1042 25.03 134.82 34.17
N HIS C 1043 26.31 135.03 33.87
CA HIS C 1043 27.42 134.59 34.72
C HIS C 1043 27.36 133.10 35.05
N GLN C 1044 26.78 132.34 34.14
CA GLN C 1044 26.77 130.88 34.19
C GLN C 1044 28.05 130.32 33.57
N GLU C 1045 28.33 129.04 33.81
CA GLU C 1045 29.44 128.37 33.15
C GLU C 1045 29.12 128.40 31.66
N THR C 1046 27.85 128.15 31.37
CA THR C 1046 27.25 128.46 30.08
C THR C 1046 25.75 128.42 30.27
N VAL C 1047 25.00 129.07 29.38
CA VAL C 1047 23.56 128.85 29.36
C VAL C 1047 23.24 127.71 28.41
N LYS C 1048 22.54 126.69 28.92
CA LYS C 1048 22.26 125.50 28.15
C LYS C 1048 21.28 125.74 27.03
N ASP C 1049 20.19 126.44 27.33
CA ASP C 1049 19.16 126.66 26.32
C ASP C 1049 18.25 127.82 26.73
N PHE C 1050 17.47 128.33 25.79
CA PHE C 1050 16.53 129.40 26.07
C PHE C 1050 15.34 129.32 25.12
N ARG C 1051 14.24 129.95 25.52
CA ARG C 1051 13.02 129.97 24.72
C ARG C 1051 12.26 131.29 24.88
N LEU C 1052 11.46 131.63 23.87
CA LEU C 1052 10.60 132.81 23.91
C LEU C 1052 9.41 132.66 24.85
N LEU C 1053 9.13 133.72 25.61
CA LEU C 1053 7.90 133.79 26.39
C LEU C 1053 6.91 134.73 25.70
N LYS C 1054 5.63 134.63 26.06
CA LYS C 1054 4.60 135.43 25.40
C LYS C 1054 4.82 136.92 25.61
N ASN C 1055 5.44 137.28 26.72
CA ASN C 1055 5.78 138.67 27.01
C ASN C 1055 7.07 139.08 26.30
N SER C 1056 7.68 140.15 26.77
CA SER C 1056 8.99 140.56 26.30
C SER C 1056 10.06 139.72 27.00
N ARG C 1057 9.61 138.93 27.98
CA ARG C 1057 10.48 138.05 28.74
C ARG C 1057 11.10 136.95 27.87
N LEU C 1058 12.33 136.57 28.20
CA LEU C 1058 13.00 135.48 27.49
C LEU C 1058 13.45 134.39 28.45
N LEU C 1059 12.71 133.28 28.48
CA LEU C 1059 13.02 132.16 29.37
C LEU C 1059 14.36 131.54 29.02
N SER C 1060 15.09 131.05 30.03
CA SER C 1060 16.37 130.37 29.80
C SER C 1060 16.75 129.46 30.96
N TRP C 1061 17.69 128.57 30.70
CA TRP C 1061 18.26 127.72 31.75
C TRP C 1061 19.65 127.23 31.36
N SER C 1062 20.46 126.97 32.37
CA SER C 1062 21.87 126.60 32.16
C SER C 1062 22.21 125.27 32.81
N PHE C 1063 23.50 125.03 32.97
CA PHE C 1063 23.99 123.84 33.64
C PHE C 1063 23.94 123.92 35.17
N ASP C 1064 23.69 125.10 35.70
CA ASP C 1064 23.44 125.22 37.13
C ASP C 1064 21.98 124.90 37.45
N GLY C 1065 21.17 124.76 36.41
CA GLY C 1065 19.79 124.39 36.56
C GLY C 1065 18.87 125.54 36.94
N THR C 1066 19.43 126.75 36.94
CA THR C 1066 18.61 127.93 37.19
C THR C 1066 17.61 128.10 36.05
N VAL C 1067 16.36 128.38 36.39
CA VAL C 1067 15.35 128.67 35.39
C VAL C 1067 15.16 130.19 35.36
N LYS C 1068 16.06 130.85 34.64
CA LYS C 1068 16.04 132.30 34.52
C LYS C 1068 14.91 132.80 33.62
N VAL C 1069 14.36 133.94 33.98
CA VAL C 1069 13.39 134.63 33.13
C VAL C 1069 13.93 136.00 32.78
N TRP C 1070 14.53 136.09 31.60
CA TRP C 1070 15.14 137.31 31.11
C TRP C 1070 14.14 138.16 30.33
N ASN C 1071 14.66 138.93 29.37
CA ASN C 1071 13.83 139.70 28.44
C ASN C 1071 14.36 139.59 27.01
N ILE C 1072 13.45 139.64 26.04
CA ILE C 1072 13.84 139.57 24.64
C ILE C 1072 14.53 140.85 24.22
N ILE C 1073 15.39 140.74 23.21
CA ILE C 1073 16.17 141.88 22.70
C ILE C 1073 17.05 142.44 23.81
N THR C 1074 16.46 143.23 24.70
CA THR C 1074 17.18 143.77 25.85
C THR C 1074 17.42 142.70 26.91
N GLY C 1075 18.68 142.51 27.28
CA GLY C 1075 19.02 141.60 28.36
C GLY C 1075 18.63 142.14 29.72
N ASN C 1076 17.79 141.41 30.44
CA ASN C 1076 17.36 141.83 31.77
C ASN C 1076 16.72 140.66 32.51
N LYS C 1077 17.43 140.14 33.50
CA LYS C 1077 16.98 138.96 34.23
C LYS C 1077 15.90 139.36 35.24
N GLU C 1078 14.67 139.55 34.74
CA GLU C 1078 13.53 139.98 35.56
C GLU C 1078 13.02 139.04 36.66
N LYS C 1079 12.91 137.75 36.36
CA LYS C 1079 12.47 136.74 37.34
C LYS C 1079 13.51 135.63 37.30
N ASP C 1080 14.03 135.20 38.44
CA ASP C 1080 15.06 134.15 38.44
C ASP C 1080 14.63 132.92 39.25
N PHE C 1081 14.79 131.72 38.70
CA PHE C 1081 14.38 130.49 39.41
C PHE C 1081 15.51 129.48 39.56
N VAL C 1082 15.61 128.83 40.72
CA VAL C 1082 16.66 127.84 40.92
C VAL C 1082 15.98 126.49 41.17
N CYS C 1083 15.31 126.00 40.14
CA CYS C 1083 14.50 124.79 40.26
C CYS C 1083 15.32 123.53 40.47
N HIS C 1084 16.58 123.56 40.05
CA HIS C 1084 17.44 122.39 40.16
C HIS C 1084 18.89 122.76 40.44
N GLN C 1085 19.48 122.13 41.44
CA GLN C 1085 20.91 122.28 41.68
C GLN C 1085 21.68 121.68 40.52
N GLY C 1086 21.12 120.62 39.92
CA GLY C 1086 21.65 120.03 38.71
C GLY C 1086 21.09 120.74 37.50
N THR C 1087 21.53 120.32 36.32
CA THR C 1087 21.10 120.96 35.08
C THR C 1087 19.62 120.75 34.84
N VAL C 1088 18.96 121.76 34.27
CA VAL C 1088 17.58 121.58 33.82
C VAL C 1088 17.54 120.57 32.67
N LEU C 1089 17.03 119.38 32.94
CA LEU C 1089 17.08 118.33 31.93
C LEU C 1089 16.20 118.49 30.67
N SER C 1090 14.93 118.79 30.86
CA SER C 1090 14.02 119.16 29.80
C SER C 1090 13.11 120.12 30.58
N CYS C 1091 12.79 121.27 30.01
CA CYS C 1091 11.81 122.17 30.62
C CYS C 1091 10.82 122.48 29.51
N ASP C 1092 9.52 122.39 29.78
CA ASP C 1092 8.52 122.74 28.77
C ASP C 1092 7.64 123.86 29.30
N ILE C 1093 7.31 124.80 28.41
CA ILE C 1093 6.33 125.87 28.69
C ILE C 1093 5.00 125.66 27.94
N SER C 1094 3.88 125.89 28.63
CA SER C 1094 2.53 125.55 28.14
C SER C 1094 2.00 126.25 26.87
N HIS C 1095 2.24 127.55 26.74
CA HIS C 1095 1.86 128.33 25.54
C HIS C 1095 0.48 129.03 25.49
N ASP C 1096 -0.37 128.84 26.50
CA ASP C 1096 -1.50 129.72 26.70
C ASP C 1096 -1.10 130.79 27.70
N ALA C 1097 -1.41 132.04 27.39
CA ALA C 1097 -0.95 133.19 28.17
C ALA C 1097 0.52 133.03 28.58
N THR C 1098 0.79 133.23 29.86
CA THR C 1098 2.06 132.87 30.46
C THR C 1098 1.75 132.26 31.82
N LYS C 1099 0.56 131.67 31.90
CA LYS C 1099 -0.06 131.24 33.15
C LYS C 1099 0.73 130.14 33.86
N PHE C 1100 1.45 129.32 33.11
CA PHE C 1100 2.25 128.25 33.70
C PHE C 1100 3.52 127.90 32.92
N SER C 1101 4.47 127.32 33.63
CA SER C 1101 5.64 126.69 33.04
C SER C 1101 6.19 125.69 34.04
N SER C 1102 6.86 124.65 33.56
CA SER C 1102 7.36 123.62 34.44
C SER C 1102 8.62 122.96 33.89
N THR C 1103 9.35 122.32 34.80
CA THR C 1103 10.56 121.60 34.44
C THR C 1103 10.80 120.43 35.36
N SER C 1104 11.50 119.42 34.85
CA SER C 1104 11.92 118.27 35.63
C SER C 1104 13.34 117.92 35.24
N ALA C 1105 14.16 117.54 36.20
CA ALA C 1105 15.57 117.36 35.94
C ALA C 1105 16.22 116.34 36.87
N ASP C 1106 15.70 115.11 36.84
CA ASP C 1106 16.21 114.01 37.65
C ASP C 1106 16.24 114.42 39.12
N LYS C 1107 15.14 114.99 39.57
CA LYS C 1107 15.03 115.47 40.94
C LYS C 1107 13.57 115.63 41.32
N THR C 1108 12.98 116.75 40.92
CA THR C 1108 11.56 117.02 41.17
C THR C 1108 10.92 117.72 39.97
N ALA C 1109 9.65 117.43 39.72
CA ALA C 1109 8.94 118.08 38.63
C ALA C 1109 8.29 119.39 39.10
N LYS C 1110 9.10 120.45 39.14
CA LYS C 1110 8.59 121.75 39.59
C LYS C 1110 7.73 122.45 38.54
N ILE C 1111 6.80 123.25 39.02
CA ILE C 1111 5.89 124.02 38.17
C ILE C 1111 5.56 125.36 38.82
N TRP C 1112 5.44 126.40 37.99
CA TRP C 1112 5.30 127.77 38.45
C TRP C 1112 4.42 128.59 37.50
N SER C 1113 3.99 129.75 37.97
CA SER C 1113 3.20 130.68 37.16
C SER C 1113 3.97 131.97 36.90
N PHE C 1114 5.28 131.92 37.13
CA PHE C 1114 6.19 133.07 36.99
C PHE C 1114 5.99 134.18 38.02
N ASP C 1115 4.78 134.29 38.57
CA ASP C 1115 4.48 135.34 39.54
C ASP C 1115 5.32 135.20 40.80
N LEU C 1116 5.67 133.97 41.16
CA LEU C 1116 6.52 133.73 42.32
C LEU C 1116 7.95 133.42 41.90
N LEU C 1117 8.90 133.72 42.79
CA LEU C 1117 10.31 133.44 42.53
C LEU C 1117 10.63 131.96 42.74
N LEU C 1118 9.66 131.25 43.30
CA LEU C 1118 9.78 129.81 43.50
C LEU C 1118 8.57 129.13 42.88
N PRO C 1119 8.72 127.87 42.45
CA PRO C 1119 7.63 127.18 41.74
C PRO C 1119 6.37 127.01 42.59
N LEU C 1120 5.21 127.11 41.95
CA LEU C 1120 3.93 126.98 42.66
C LEU C 1120 3.75 125.58 43.24
N HIS C 1121 4.41 124.60 42.65
CA HIS C 1121 4.41 123.27 43.24
C HIS C 1121 5.68 122.53 42.84
N GLU C 1122 6.10 121.58 43.67
CA GLU C 1122 7.30 120.81 43.41
C GLU C 1122 6.94 119.33 43.41
N LEU C 1123 6.56 118.80 42.25
CA LEU C 1123 6.09 117.42 42.18
C LEU C 1123 7.18 116.45 42.61
N ARG C 1124 6.80 115.48 43.42
CA ARG C 1124 7.73 114.50 43.97
C ARG C 1124 7.11 113.11 43.96
N GLY C 1125 6.40 112.79 42.89
CA GLY C 1125 5.73 111.51 42.76
C GLY C 1125 6.60 110.41 42.18
N HIS C 1126 7.85 110.74 41.87
CA HIS C 1126 8.72 109.77 41.22
C HIS C 1126 10.08 109.68 41.90
N ASN C 1127 10.30 108.57 42.61
CA ASN C 1127 11.56 108.31 43.30
C ASN C 1127 12.70 108.09 42.31
N GLY C 1128 12.35 107.64 41.11
CA GLY C 1128 13.33 107.46 40.05
C GLY C 1128 13.60 108.76 39.34
N CYS C 1129 12.86 109.80 39.74
CA CYS C 1129 13.04 111.16 39.25
C CYS C 1129 12.68 111.33 37.78
N VAL C 1130 11.70 112.19 37.52
CA VAL C 1130 11.24 112.47 36.16
C VAL C 1130 12.32 113.16 35.32
N ARG C 1131 12.45 112.72 34.07
CA ARG C 1131 13.49 113.22 33.16
C ARG C 1131 13.03 114.40 32.30
N CYS C 1132 11.75 114.41 31.93
CA CYS C 1132 11.26 115.45 31.02
C CYS C 1132 9.75 115.66 31.18
N SER C 1133 9.26 116.78 30.67
CA SER C 1133 7.85 117.13 30.81
C SER C 1133 7.35 117.98 29.64
N ALA C 1134 6.05 117.94 29.39
CA ALA C 1134 5.43 118.75 28.34
C ALA C 1134 4.00 119.12 28.69
N PHE C 1135 3.63 120.37 28.43
CA PHE C 1135 2.28 120.87 28.68
C PHE C 1135 1.22 120.46 27.68
N SER C 1136 -0.02 120.46 28.16
CA SER C 1136 -1.20 120.18 27.33
C SER C 1136 -1.41 121.25 26.27
N VAL C 1137 -2.05 120.84 25.18
CA VAL C 1137 -2.36 121.75 24.11
C VAL C 1137 -3.53 122.64 24.56
N ASP C 1138 -3.19 123.67 25.33
CA ASP C 1138 -4.15 124.61 25.89
C ASP C 1138 -5.24 123.93 26.72
N SER C 1139 -4.84 122.98 27.55
CA SER C 1139 -5.77 122.29 28.44
C SER C 1139 -5.32 122.39 29.90
N THR C 1140 -5.28 121.26 30.60
CA THR C 1140 -4.85 121.24 31.99
C THR C 1140 -3.96 120.03 32.30
N LEU C 1141 -3.65 119.28 31.25
CA LEU C 1141 -2.74 118.14 31.36
C LEU C 1141 -1.28 118.57 31.40
N LEU C 1142 -0.42 117.75 32.00
CA LEU C 1142 1.01 118.02 32.02
C LEU C 1142 1.81 116.74 32.18
N ALA C 1143 2.29 116.20 31.06
CA ALA C 1143 3.07 114.96 31.06
C ALA C 1143 4.39 115.13 31.79
N THR C 1144 4.84 114.06 32.43
CA THR C 1144 6.17 114.04 33.05
C THR C 1144 6.88 112.75 32.64
N GLY C 1145 7.79 112.87 31.67
CA GLY C 1145 8.47 111.75 31.09
C GLY C 1145 9.61 111.14 31.91
N ASP C 1146 9.63 109.81 31.98
CA ASP C 1146 10.67 109.09 32.69
C ASP C 1146 11.77 108.63 31.74
N ASP C 1147 12.92 108.24 32.28
CA ASP C 1147 14.06 107.79 31.48
C ASP C 1147 13.73 106.54 30.68
N ASN C 1148 12.82 105.72 31.21
CA ASN C 1148 12.43 104.48 30.55
C ASN C 1148 11.21 104.69 29.66
N GLY C 1149 10.90 105.95 29.37
CA GLY C 1149 9.82 106.29 28.47
C GLY C 1149 8.48 106.32 29.16
N GLU C 1150 8.48 106.02 30.46
CA GLU C 1150 7.27 106.10 31.25
C GLU C 1150 6.79 107.54 31.32
N ILE C 1151 5.49 107.74 31.25
CA ILE C 1151 4.91 109.08 31.32
C ILE C 1151 3.95 109.15 32.49
N ARG C 1152 4.04 110.22 33.27
CA ARG C 1152 3.07 110.43 34.34
C ARG C 1152 2.36 111.75 34.12
N ILE C 1153 1.09 111.68 33.73
CA ILE C 1153 0.30 112.88 33.51
C ILE C 1153 -0.01 113.53 34.86
N TRP C 1154 0.03 114.86 34.90
CA TRP C 1154 -0.29 115.61 36.10
C TRP C 1154 -1.19 116.78 35.75
N ASN C 1155 -2.30 116.93 36.47
CA ASN C 1155 -3.20 118.03 36.22
C ASN C 1155 -2.51 119.35 36.55
N VAL C 1156 -2.75 120.37 35.73
CA VAL C 1156 -2.14 121.66 35.98
C VAL C 1156 -2.93 122.38 37.07
N SER C 1157 -2.70 121.94 38.30
CA SER C 1157 -3.33 122.50 39.49
C SER C 1157 -2.54 122.00 40.69
N ASN C 1158 -1.40 122.64 40.95
CA ASN C 1158 -0.42 122.16 41.92
C ASN C 1158 0.01 120.74 41.57
N GLY C 1159 -0.80 119.76 41.95
CA GLY C 1159 -0.56 118.37 41.63
C GLY C 1159 -1.42 117.43 42.44
N GLU C 1160 -1.75 116.28 41.86
CA GLU C 1160 -2.51 115.25 42.54
C GLU C 1160 -2.18 113.90 41.92
N LEU C 1161 -2.38 112.83 42.66
CA LEU C 1161 -1.97 111.50 42.20
C LEU C 1161 -2.85 111.02 41.05
N LEU C 1162 -2.71 111.70 39.92
CA LEU C 1162 -3.40 111.30 38.69
C LEU C 1162 -2.85 109.97 38.18
N HIS C 1163 -3.71 109.17 37.56
CA HIS C 1163 -3.28 107.85 37.15
C HIS C 1163 -2.14 108.09 36.20
N LEU C 1164 -1.06 107.34 36.36
CA LEU C 1164 0.09 107.48 35.48
C LEU C 1164 -0.34 107.10 34.07
N CYS C 1165 0.16 107.81 33.07
CA CYS C 1165 -0.15 107.47 31.69
C CYS C 1165 0.43 106.08 31.50
N ALA C 1166 1.61 105.89 32.08
CA ALA C 1166 2.24 104.58 32.17
C ALA C 1166 2.43 103.93 30.80
N PRO C 1167 2.89 104.69 29.82
CA PRO C 1167 2.78 104.27 28.42
C PRO C 1167 3.46 102.93 28.09
N LEU C 1168 4.63 102.64 28.65
CA LEU C 1168 5.31 101.38 28.38
C LEU C 1168 5.48 100.51 29.63
N SER C 1169 4.99 99.27 29.57
CA SER C 1169 5.08 98.38 30.73
C SER C 1169 5.96 97.15 30.47
N GLU C 1170 5.66 96.40 29.42
CA GLU C 1170 6.44 95.21 29.08
C GLU C 1170 7.17 95.42 27.76
N GLU C 1171 8.47 95.13 27.75
CA GLU C 1171 9.28 95.30 26.55
C GLU C 1171 10.64 94.65 26.74
N GLY C 1172 11.53 95.35 27.42
CA GLY C 1172 12.85 94.84 27.71
C GLY C 1172 13.91 95.75 27.09
N ALA C 1173 15.07 95.17 26.80
CA ALA C 1173 16.19 95.94 26.24
C ALA C 1173 16.40 95.65 24.76
N ALA C 1174 15.44 94.95 24.16
CA ALA C 1174 15.63 94.39 22.83
C ALA C 1174 15.88 95.39 21.70
N THR C 1175 15.22 96.55 21.73
CA THR C 1175 15.36 97.46 20.59
C THR C 1175 15.23 99.00 20.72
N HIS C 1176 15.77 99.69 19.70
CA HIS C 1176 15.68 101.14 19.42
C HIS C 1176 15.33 102.16 20.51
N GLY C 1177 14.49 101.73 21.43
CA GLY C 1177 13.68 102.55 22.30
C GLY C 1177 14.31 103.59 23.21
N GLY C 1178 15.43 103.31 23.86
CA GLY C 1178 15.95 104.30 24.79
C GLY C 1178 15.55 105.75 24.58
N TRP C 1179 15.42 106.46 25.69
CA TRP C 1179 15.15 107.90 25.69
C TRP C 1179 13.65 108.25 25.66
N VAL C 1180 13.29 109.28 26.41
CA VAL C 1180 11.95 109.84 26.42
C VAL C 1180 12.01 111.22 25.78
N THR C 1181 12.35 111.25 24.50
CA THR C 1181 12.65 112.50 23.80
C THR C 1181 11.57 113.58 23.83
N ASP C 1182 10.32 113.20 23.57
CA ASP C 1182 9.27 114.18 23.45
C ASP C 1182 7.88 113.59 23.65
N LEU C 1183 6.92 114.47 23.93
CA LEU C 1183 5.53 114.10 23.97
C LEU C 1183 4.72 115.04 23.08
N CYS C 1184 3.92 114.46 22.20
CA CYS C 1184 3.02 115.25 21.34
C CYS C 1184 1.54 115.02 21.64
N PHE C 1185 0.97 115.84 22.50
CA PHE C 1185 -0.45 115.76 22.82
C PHE C 1185 -1.34 116.02 21.61
N SER C 1186 -2.43 115.26 21.54
CA SER C 1186 -3.45 115.48 20.51
C SER C 1186 -4.21 116.77 20.80
N PRO C 1187 -4.73 117.43 19.75
CA PRO C 1187 -5.50 118.65 19.96
C PRO C 1187 -6.70 118.42 20.87
N ASP C 1188 -7.28 117.22 20.77
CA ASP C 1188 -8.36 116.82 21.68
C ASP C 1188 -7.86 116.73 23.11
N GLY C 1189 -6.57 116.41 23.25
CA GLY C 1189 -5.96 116.28 24.56
C GLY C 1189 -6.22 114.91 25.14
N LYS C 1190 -6.96 114.10 24.39
CA LYS C 1190 -7.29 112.75 24.82
C LYS C 1190 -6.20 111.76 24.47
N MET C 1191 -5.20 112.21 23.71
CA MET C 1191 -4.12 111.33 23.28
C MET C 1191 -2.74 111.95 23.45
N LEU C 1192 -1.80 111.12 23.88
CA LEU C 1192 -0.40 111.53 23.91
C LEU C 1192 0.39 110.71 22.91
N ILE C 1193 1.07 111.40 22.00
CA ILE C 1193 1.96 110.77 21.04
C ILE C 1193 3.34 110.65 21.67
N SER C 1194 3.57 109.52 22.34
CA SER C 1194 4.89 109.22 22.89
C SER C 1194 5.83 108.86 21.76
N ALA C 1195 7.09 109.28 21.88
CA ALA C 1195 8.08 108.99 20.86
C ALA C 1195 9.44 108.69 21.48
N GLY C 1196 9.74 107.40 21.62
CA GLY C 1196 11.02 106.96 22.14
C GLY C 1196 11.70 106.02 21.16
N GLY C 1197 11.51 104.72 21.37
CA GLY C 1197 12.00 103.74 20.42
C GLY C 1197 11.12 103.77 19.18
N TYR C 1198 9.87 104.19 19.36
CA TYR C 1198 8.95 104.38 18.25
C TYR C 1198 7.70 105.10 18.74
N ILE C 1199 6.95 105.69 17.82
CA ILE C 1199 5.71 106.37 18.18
C ILE C 1199 4.67 105.41 18.74
N LYS C 1200 4.03 105.81 19.83
CA LYS C 1200 2.80 105.15 20.25
C LYS C 1200 1.85 106.17 20.86
N TRP C 1201 0.61 106.12 20.42
CA TRP C 1201 -0.41 107.05 20.84
C TRP C 1201 -1.10 106.57 22.10
N TRP C 1202 -0.45 106.75 23.25
CA TRP C 1202 -1.04 106.33 24.50
C TRP C 1202 -2.29 107.14 24.71
N ASN C 1203 -3.34 106.48 25.19
CA ASN C 1203 -4.53 107.18 25.65
C ASN C 1203 -4.21 107.86 26.96
N VAL C 1204 -4.67 109.10 27.12
CA VAL C 1204 -4.43 109.82 28.36
C VAL C 1204 -5.15 109.12 29.49
N VAL C 1205 -4.46 108.96 30.62
CA VAL C 1205 -4.98 108.29 31.81
C VAL C 1205 -5.49 106.87 31.52
N THR C 1206 -4.69 105.89 31.94
CA THR C 1206 -5.04 104.47 31.85
C THR C 1206 -5.16 103.95 30.41
N GLY C 1207 -4.31 102.99 30.07
CA GLY C 1207 -4.40 102.33 28.78
C GLY C 1207 -3.81 103.12 27.62
N GLU C 1208 -4.05 102.66 26.41
CA GLU C 1208 -3.55 103.34 25.21
C GLU C 1208 -4.65 103.50 24.16
N SER C 1209 -4.49 104.51 23.32
CA SER C 1209 -5.36 104.70 22.16
C SER C 1209 -4.68 104.09 20.92
N SER C 1210 -4.24 104.93 19.99
CA SER C 1210 -3.55 104.46 18.79
C SER C 1210 -2.06 104.25 19.02
N GLN C 1211 -1.72 103.21 19.78
CA GLN C 1211 -0.33 102.86 20.07
C GLN C 1211 0.48 102.46 18.84
N THR C 1212 -0.15 101.70 17.95
CA THR C 1212 0.49 100.99 16.83
C THR C 1212 1.80 101.52 16.25
N PHE C 1213 1.78 101.89 14.98
CA PHE C 1213 2.99 102.36 14.31
C PHE C 1213 4.18 101.39 14.48
N TYR C 1214 5.29 101.94 14.94
CA TYR C 1214 6.59 101.29 14.93
C TYR C 1214 7.43 101.93 13.83
N THR C 1215 8.38 102.77 14.22
CA THR C 1215 9.20 103.51 13.28
C THR C 1215 10.33 102.69 12.68
N ASN C 1216 10.71 103.01 11.45
CA ASN C 1216 11.84 102.33 10.83
C ASN C 1216 13.19 102.72 11.41
N GLY C 1217 13.41 104.02 11.54
CA GLY C 1217 14.63 104.56 12.13
C GLY C 1217 14.79 104.36 13.62
N THR C 1218 13.70 104.60 14.34
CA THR C 1218 13.71 104.62 15.79
C THR C 1218 14.29 105.95 16.25
N ASN C 1219 14.34 106.16 17.56
CA ASN C 1219 15.09 107.27 18.14
C ASN C 1219 14.79 108.67 17.62
N LEU C 1220 13.51 108.98 17.40
CA LEU C 1220 13.14 110.33 17.02
C LEU C 1220 13.47 111.28 18.17
N LYS C 1221 14.02 112.44 17.85
CA LYS C 1221 14.34 113.44 18.85
C LYS C 1221 13.59 114.77 18.70
N LYS C 1222 12.61 114.85 17.80
CA LYS C 1222 11.91 116.13 17.63
C LYS C 1222 10.42 115.98 17.39
N ILE C 1223 9.63 116.98 17.79
CA ILE C 1223 8.23 116.87 17.50
C ILE C 1223 7.75 118.13 16.72
N HIS C 1224 7.09 117.87 15.60
CA HIS C 1224 6.47 118.91 14.81
C HIS C 1224 4.99 118.61 14.64
N VAL C 1225 4.15 119.60 14.93
CA VAL C 1225 2.71 119.46 14.77
C VAL C 1225 2.10 120.61 13.97
N SER C 1226 1.24 120.29 13.01
CA SER C 1226 0.55 121.33 12.25
C SER C 1226 -0.52 122.00 13.12
N PRO C 1227 -0.74 123.29 12.92
CA PRO C 1227 -1.74 124.01 13.70
C PRO C 1227 -3.01 123.17 13.80
N ASP C 1228 -3.40 122.61 12.67
CA ASP C 1228 -4.52 121.67 12.60
C ASP C 1228 -4.21 120.46 13.47
N PHE C 1229 -2.94 120.05 13.48
CA PHE C 1229 -2.52 118.87 14.22
C PHE C 1229 -2.75 117.59 13.41
N LYS C 1230 -3.20 117.76 12.17
CA LYS C 1230 -3.47 116.62 11.30
C LYS C 1230 -2.21 115.80 10.96
N THR C 1231 -1.09 116.47 10.67
CA THR C 1231 0.13 115.79 10.22
C THR C 1231 1.37 116.08 11.06
N TYR C 1232 1.99 115.03 11.51
CA TYR C 1232 3.30 115.07 12.12
C TYR C 1232 4.17 114.07 11.39
N VAL C 1233 5.35 114.50 10.96
CA VAL C 1233 6.28 113.60 10.30
C VAL C 1233 7.53 113.54 11.16
N THR C 1234 8.05 112.34 11.44
CA THR C 1234 9.24 112.21 12.26
C THR C 1234 10.37 111.65 11.39
N VAL C 1235 11.56 112.22 11.53
CA VAL C 1235 12.76 111.55 11.04
C VAL C 1235 13.59 111.14 12.27
N ASP C 1236 13.78 109.83 12.43
CA ASP C 1236 14.53 109.32 13.58
C ASP C 1236 15.69 108.41 13.17
N ASN C 1237 16.86 108.64 13.76
CA ASN C 1237 18.01 107.77 13.58
C ASN C 1237 18.53 107.84 12.14
N LEU C 1238 18.07 108.86 11.42
CA LEU C 1238 18.50 109.05 10.04
C LEU C 1238 17.82 108.01 9.15
N GLY C 1239 16.82 107.33 9.68
CA GLY C 1239 16.12 106.32 8.92
C GLY C 1239 15.58 106.98 7.68
N ILE C 1240 15.08 108.20 7.88
CA ILE C 1240 14.53 109.06 6.83
C ILE C 1240 13.48 109.93 7.51
N LEU C 1241 12.82 110.79 6.74
CA LEU C 1241 11.69 111.54 7.31
C LEU C 1241 10.40 110.81 6.95
N TYR C 1242 9.49 110.58 7.91
CA TYR C 1242 8.21 109.90 7.63
C TYR C 1242 7.05 110.91 7.84
N ILE C 1243 6.12 111.02 6.89
CA ILE C 1243 4.99 111.97 7.01
C ILE C 1243 3.67 111.18 7.22
N LEU C 1244 2.86 111.62 8.17
CA LEU C 1244 1.56 110.99 8.44
C LEU C 1244 0.38 111.91 8.11
N GLN C 1245 -0.60 111.38 7.39
CA GLN C 1245 -1.78 112.16 7.02
C GLN C 1245 -3.04 111.31 7.14
N THR C 1246 -3.52 111.16 8.37
CA THR C 1246 -4.73 110.37 8.62
C THR C 1246 -5.83 110.71 7.63
N LEU C 1247 -6.62 109.70 7.27
CA LEU C 1247 -7.73 109.90 6.33
C LEU C 1247 -9.06 109.93 7.04
N GLU C 1248 -10.12 109.52 6.33
CA GLU C 1248 -11.46 109.50 6.91
C GLU C 1248 -11.73 108.20 7.63
N GLY D 2 34.10 99.77 48.16
CA GLY D 2 34.79 98.83 47.25
C GLY D 2 36.24 98.52 47.50
N ASP D 3 36.67 97.40 46.94
CA ASP D 3 38.07 97.04 46.88
C ASP D 3 38.81 97.79 45.73
N VAL D 4 39.55 98.82 46.14
CA VAL D 4 40.25 99.71 45.21
C VAL D 4 41.25 98.94 44.33
N GLU D 5 41.93 97.95 44.91
CA GLU D 5 42.90 97.17 44.18
C GLU D 5 42.23 96.36 43.07
N LYS D 6 41.09 95.74 43.36
CA LYS D 6 40.35 95.00 42.32
C LYS D 6 39.77 95.96 41.29
N GLY D 7 39.27 97.10 41.80
CA GLY D 7 38.79 98.16 40.92
C GLY D 7 39.85 98.58 39.90
N LYS D 8 41.08 98.72 40.37
CA LYS D 8 42.20 99.05 39.50
C LYS D 8 42.37 97.99 38.42
N LYS D 9 42.35 96.72 38.83
CA LYS D 9 42.46 95.62 37.88
C LYS D 9 41.38 95.75 36.81
N ILE D 10 40.14 95.96 37.29
CA ILE D 10 39.03 96.09 36.34
C ILE D 10 39.26 97.28 35.40
N PHE D 11 39.72 98.40 35.94
CA PHE D 11 40.01 99.55 35.10
C PHE D 11 41.06 99.25 34.02
N VAL D 12 42.14 98.58 34.46
CA VAL D 12 43.23 98.22 33.59
C VAL D 12 42.71 97.28 32.50
N GLN D 13 41.95 96.27 32.90
CA GLN D 13 41.35 95.31 31.96
C GLN D 13 40.29 95.82 30.97
N LYS D 14 39.39 96.67 31.45
CA LYS D 14 38.19 97.02 30.76
C LYS D 14 38.04 98.51 30.36
N CYS D 15 38.84 99.41 30.91
CA CYS D 15 38.66 100.84 30.63
C CYS D 15 39.89 101.54 30.06
N ALA D 16 41.07 101.03 30.42
CA ALA D 16 42.32 101.69 30.09
C ALA D 16 42.61 101.76 28.60
N GLN D 17 42.11 100.81 27.86
CA GLN D 17 42.28 100.84 26.42
C GLN D 17 41.60 102.04 25.75
N CYS D 18 40.62 102.67 26.40
CA CYS D 18 40.01 103.87 25.86
C CYS D 18 40.06 105.11 26.79
N HIS D 19 40.57 104.98 28.02
CA HIS D 19 40.55 106.13 28.91
C HIS D 19 41.68 106.20 29.93
N THR D 20 42.23 107.40 30.11
CA THR D 20 43.17 107.66 31.20
C THR D 20 42.45 108.27 32.41
N VAL D 21 43.04 108.11 33.61
CA VAL D 21 42.50 108.68 34.81
C VAL D 21 43.42 109.73 35.45
N GLU D 22 44.69 109.77 35.00
CA GLU D 22 45.66 110.71 35.58
C GLU D 22 45.48 112.11 35.03
N LYS D 23 45.84 113.06 35.87
CA LYS D 23 45.80 114.46 35.55
C LYS D 23 46.67 114.76 34.38
N GLY D 24 46.12 115.48 33.42
CA GLY D 24 46.80 115.73 32.16
C GLY D 24 47.03 114.50 31.29
N GLY D 25 46.53 113.33 31.70
CA GLY D 25 46.55 112.14 30.84
C GLY D 25 45.83 112.46 29.52
N LYS D 26 46.31 111.89 28.43
CA LYS D 26 45.84 112.24 27.08
C LYS D 26 44.46 111.69 26.83
N HIS D 27 43.72 112.36 25.94
CA HIS D 27 42.46 111.76 25.49
C HIS D 27 42.87 110.59 24.57
N LYS D 28 42.27 109.45 24.79
CA LYS D 28 42.43 108.33 23.89
C LYS D 28 41.10 108.25 23.11
N THR D 29 40.59 107.06 22.81
CA THR D 29 39.29 106.95 22.16
C THR D 29 38.23 107.67 22.99
N GLY D 30 38.30 107.49 24.29
CA GLY D 30 37.44 108.20 25.23
C GLY D 30 38.13 109.32 25.98
N PRO D 31 37.37 110.18 26.61
CA PRO D 31 37.86 111.30 27.38
C PRO D 31 38.64 110.92 28.63
N ASN D 32 39.58 111.77 29.02
CA ASN D 32 40.29 111.61 30.28
C ASN D 32 39.27 111.72 31.39
N LEU D 33 39.37 110.84 32.38
CA LEU D 33 38.42 110.78 33.46
C LEU D 33 38.88 111.49 34.72
N HIS D 34 40.03 112.17 34.69
CA HIS D 34 40.42 112.92 35.90
C HIS D 34 39.39 114.00 36.21
N GLY D 35 39.02 114.10 37.48
CA GLY D 35 38.00 115.07 37.93
C GLY D 35 36.57 114.68 37.60
N LEU D 36 36.35 113.41 37.28
CA LEU D 36 35.04 112.93 36.84
C LEU D 36 33.91 113.15 37.89
N PHE D 37 34.21 112.87 39.13
CA PHE D 37 33.19 112.87 40.18
C PHE D 37 32.75 114.28 40.49
N GLY D 38 31.44 114.49 40.49
CA GLY D 38 30.85 115.82 40.73
C GLY D 38 30.85 116.68 39.48
N ARG D 39 31.15 116.09 38.33
CA ARG D 39 31.16 116.86 37.09
C ARG D 39 29.98 116.42 36.23
N LYS D 40 29.40 117.36 35.50
CA LYS D 40 28.30 117.04 34.58
C LYS D 40 28.77 116.28 33.34
N THR D 41 27.92 115.42 32.78
CA THR D 41 28.24 114.73 31.54
C THR D 41 28.75 115.67 30.45
N GLY D 42 29.71 115.19 29.67
CA GLY D 42 30.14 115.87 28.45
C GLY D 42 30.96 117.12 28.64
N GLN D 43 31.73 117.18 29.72
CA GLN D 43 32.45 118.42 30.03
C GLN D 43 33.96 118.39 29.94
N ALA D 44 34.59 117.24 29.68
CA ALA D 44 36.05 117.23 29.59
C ALA D 44 36.40 118.22 28.47
N PRO D 45 37.10 119.34 28.79
CA PRO D 45 37.43 120.23 27.70
C PRO D 45 38.42 119.49 26.81
N GLY D 46 38.33 119.75 25.53
CA GLY D 46 39.23 119.07 24.58
C GLY D 46 38.80 117.70 24.10
N PHE D 47 37.68 117.17 24.61
CA PHE D 47 37.06 115.99 24.02
C PHE D 47 35.77 116.32 23.28
N THR D 48 35.62 115.72 22.11
CA THR D 48 34.44 115.90 21.25
C THR D 48 33.51 114.75 21.52
N TYR D 49 32.44 115.06 22.23
CA TYR D 49 31.46 114.06 22.61
C TYR D 49 30.37 113.93 21.55
N THR D 50 29.59 112.86 21.61
CA THR D 50 28.31 112.86 20.93
C THR D 50 27.40 113.88 21.60
N ASP D 51 26.40 114.35 20.87
CA ASP D 51 25.33 115.15 21.41
C ASP D 51 24.59 114.43 22.54
N ALA D 52 24.41 113.13 22.42
CA ALA D 52 23.76 112.38 23.49
C ALA D 52 24.53 112.52 24.84
N ASN D 53 25.83 112.20 24.81
CA ASN D 53 26.68 112.30 26.00
C ASN D 53 26.78 113.75 26.44
N LYS D 54 26.88 114.65 25.47
CA LYS D 54 27.00 116.07 25.73
C LYS D 54 25.75 116.68 26.39
N ASN D 55 24.59 116.08 26.13
CA ASN D 55 23.34 116.63 26.66
C ASN D 55 22.60 115.72 27.61
N LYS D 56 23.20 114.60 28.05
CA LYS D 56 22.56 113.74 29.05
C LYS D 56 22.09 114.52 30.30
N GLY D 57 22.86 115.51 30.71
CA GLY D 57 22.45 116.41 31.76
C GLY D 57 22.45 115.84 33.17
N ILE D 58 23.33 114.87 33.44
CA ILE D 58 23.48 114.35 34.80
C ILE D 58 24.88 114.63 35.35
N THR D 59 24.99 114.49 36.68
CA THR D 59 26.25 114.66 37.37
C THR D 59 26.84 113.30 37.67
N TRP D 60 28.10 113.11 37.29
CA TRP D 60 28.75 111.83 37.56
C TRP D 60 29.01 111.71 39.05
N LYS D 61 28.57 110.59 39.63
CA LYS D 61 28.80 110.29 41.03
C LYS D 61 28.49 108.82 41.13
N GLU D 62 28.56 108.29 42.33
CA GLU D 62 28.45 106.86 42.50
C GLU D 62 27.16 106.27 41.96
N GLU D 63 26.03 106.92 42.31
CA GLU D 63 24.70 106.46 41.91
C GLU D 63 24.61 106.43 40.39
N THR D 64 24.99 107.53 39.73
CA THR D 64 24.88 107.62 38.28
C THR D 64 25.86 106.66 37.58
N LEU D 65 27.07 106.55 38.12
CA LEU D 65 28.05 105.59 37.60
C LEU D 65 27.59 104.13 37.74
N MET D 66 27.00 103.79 38.90
CA MET D 66 26.49 102.45 39.14
C MET D 66 25.49 102.06 38.06
N GLU D 67 24.60 102.99 37.72
CA GLU D 67 23.60 102.74 36.66
C GLU D 67 24.23 102.74 35.26
N TYR D 68 25.01 103.77 34.94
CA TYR D 68 25.72 103.83 33.64
C TYR D 68 26.51 102.57 33.32
N LEU D 69 27.38 102.20 34.25
CA LEU D 69 28.32 101.10 34.03
C LEU D 69 27.66 99.73 33.90
N GLU D 70 26.45 99.60 34.40
CA GLU D 70 25.67 98.39 34.19
C GLU D 70 25.28 98.29 32.71
N ASN D 71 25.00 99.42 32.07
CA ASN D 71 24.61 99.37 30.66
C ASN D 71 24.67 100.75 30.04
N PRO D 72 25.86 101.16 29.59
CA PRO D 72 26.03 102.49 29.03
C PRO D 72 25.01 102.89 27.96
N LYS D 73 24.73 102.01 27.00
CA LYS D 73 23.84 102.39 25.89
C LYS D 73 22.45 102.76 26.36
N LYS D 74 21.94 101.98 27.32
CA LYS D 74 20.65 102.21 27.92
C LYS D 74 20.61 103.55 28.68
N TYR D 75 21.68 103.88 29.41
CA TYR D 75 21.73 105.15 30.15
C TYR D 75 21.96 106.35 29.22
N ILE D 76 22.77 106.19 28.18
CA ILE D 76 23.02 107.28 27.20
C ILE D 76 22.90 106.69 25.79
N PRO D 77 21.64 106.51 25.34
CA PRO D 77 21.38 105.96 24.02
C PRO D 77 22.08 106.82 23.02
N GLY D 78 22.73 106.16 22.06
CA GLY D 78 23.49 106.87 21.06
C GLY D 78 24.92 107.20 21.50
N THR D 79 25.34 106.90 22.72
CA THR D 79 26.76 107.07 23.03
C THR D 79 27.67 106.34 22.03
N LYS D 80 28.82 106.92 21.71
CA LYS D 80 29.82 106.17 20.87
C LYS D 80 30.80 105.34 21.72
N MET D 81 30.61 105.32 23.02
CA MET D 81 31.38 104.41 23.86
C MET D 81 30.91 102.98 23.64
N ILE D 82 31.82 102.10 23.25
CA ILE D 82 31.52 100.67 23.13
C ILE D 82 31.89 99.97 24.45
N PHE D 83 30.86 99.53 25.19
CA PHE D 83 31.05 98.78 26.40
C PHE D 83 29.75 98.08 26.74
N ALA D 84 29.77 96.75 26.86
CA ALA D 84 28.50 96.02 27.15
C ALA D 84 27.92 96.44 28.50
N GLY D 85 28.78 96.40 29.51
CA GLY D 85 28.40 96.75 30.88
C GLY D 85 28.92 95.71 31.86
N ILE D 86 29.08 96.12 33.12
CA ILE D 86 29.54 95.24 34.17
C ILE D 86 28.27 94.79 34.91
N LYS D 87 27.94 93.51 34.74
CA LYS D 87 26.66 93.00 35.24
C LYS D 87 26.73 92.80 36.77
N LYS D 88 27.88 92.39 37.31
CA LYS D 88 28.01 92.16 38.76
C LYS D 88 28.17 93.45 39.56
N LYS D 89 27.32 93.65 40.56
CA LYS D 89 27.36 94.86 41.38
C LYS D 89 28.69 95.02 42.11
N THR D 90 29.22 93.93 42.66
CA THR D 90 30.47 93.98 43.43
C THR D 90 31.62 94.61 42.63
N GLU D 91 31.80 94.09 41.41
CA GLU D 91 32.78 94.58 40.47
C GLU D 91 32.56 96.08 40.14
N ARG D 92 31.30 96.45 39.90
CA ARG D 92 30.94 97.86 39.69
C ARG D 92 31.35 98.73 40.87
N GLU D 93 31.02 98.26 42.07
CA GLU D 93 31.42 99.00 43.29
C GLU D 93 32.92 99.11 43.39
N ASP D 94 33.64 98.01 43.11
CA ASP D 94 35.11 98.04 43.16
C ASP D 94 35.70 99.05 42.16
N LEU D 95 35.23 98.98 40.92
CA LEU D 95 35.70 99.88 39.86
C LEU D 95 35.40 101.32 40.25
N ILE D 96 34.16 101.55 40.70
CA ILE D 96 33.76 102.91 41.09
C ILE D 96 34.60 103.44 42.25
N ALA D 97 34.87 102.57 43.25
CA ALA D 97 35.75 102.96 44.32
C ALA D 97 37.16 103.25 43.81
N TYR D 98 37.68 102.42 42.90
CA TYR D 98 39.00 102.75 42.34
C TYR D 98 38.97 104.14 41.62
N LEU D 99 37.97 104.35 40.76
CA LEU D 99 37.88 105.62 39.99
C LEU D 99 37.76 106.83 40.92
N LYS D 100 36.99 106.66 41.99
CA LYS D 100 36.86 107.74 42.96
C LYS D 100 38.21 108.16 43.53
N LYS D 101 39.08 107.19 43.80
CA LYS D 101 40.40 107.50 44.29
C LYS D 101 41.26 108.07 43.18
N ALA D 102 41.38 107.34 42.08
CA ALA D 102 42.38 107.69 41.09
C ALA D 102 42.05 108.99 40.37
N THR D 103 40.77 109.26 40.11
CA THR D 103 40.43 110.46 39.34
C THR D 103 40.50 111.74 40.14
N ASN D 104 40.80 111.65 41.43
CA ASN D 104 41.06 112.86 42.22
C ASN D 104 42.57 113.01 42.38
N GLU D 105 43.22 111.93 42.81
CA GLU D 105 44.66 111.94 43.02
C GLU D 105 45.34 112.97 42.13
N GLY E 105 4.42 27.05 46.77
CA GLY E 105 5.78 26.71 46.44
C GLY E 105 5.88 25.42 45.65
N ILE E 106 5.98 25.55 44.33
CA ILE E 106 6.14 24.38 43.48
C ILE E 106 7.47 23.68 43.74
N THR E 107 7.43 22.37 43.91
CA THR E 107 8.66 21.61 43.95
C THR E 107 9.20 21.51 42.53
N SER E 108 10.50 21.34 42.39
CA SER E 108 11.07 21.18 41.06
C SER E 108 10.49 19.93 40.44
N TYR E 109 10.34 18.90 41.27
CA TYR E 109 9.84 17.61 40.81
C TYR E 109 8.41 17.73 40.29
N VAL E 110 7.58 18.50 40.99
CA VAL E 110 6.20 18.64 40.57
C VAL E 110 6.13 19.07 39.12
N ARG E 111 6.97 20.04 38.75
CA ARG E 111 7.00 20.55 37.38
C ARG E 111 7.40 19.46 36.40
N THR E 112 8.31 18.58 36.84
CA THR E 112 8.77 17.49 36.00
C THR E 112 7.65 16.50 35.72
N VAL E 113 6.87 16.15 36.73
CA VAL E 113 5.72 15.28 36.50
C VAL E 113 4.68 15.97 35.61
N LEU E 114 4.45 17.24 35.93
CA LEU E 114 3.46 18.03 35.23
C LEU E 114 3.80 18.20 33.77
N CYS E 115 5.07 18.37 33.46
CA CYS E 115 5.48 18.55 32.08
C CYS E 115 5.13 17.30 31.29
N GLU E 116 5.38 16.15 31.89
CA GLU E 116 5.08 14.88 31.24
C GLU E 116 3.59 14.77 31.02
N GLY E 117 2.84 15.20 32.02
CA GLY E 117 1.39 15.18 31.93
C GLY E 117 0.87 16.05 30.81
N GLY E 118 1.48 17.20 30.62
CA GLY E 118 1.04 18.13 29.59
C GLY E 118 0.02 19.17 29.94
N VAL E 119 -0.38 19.25 31.20
CA VAL E 119 -1.22 20.35 31.67
C VAL E 119 -0.56 21.67 31.36
N PRO E 120 -1.35 22.65 30.92
CA PRO E 120 -0.80 23.99 30.70
C PRO E 120 -0.28 24.59 31.99
N GLN E 121 0.78 25.39 31.90
CA GLN E 121 1.26 26.15 33.04
C GLN E 121 0.32 27.31 33.29
N ARG E 122 0.07 27.63 34.56
CA ARG E 122 -0.87 28.69 34.91
C ARG E 122 -0.46 30.03 34.31
N PRO E 123 -1.44 30.85 33.93
CA PRO E 123 -1.13 32.14 33.34
C PRO E 123 -0.32 32.96 34.33
N VAL E 124 0.62 33.76 33.83
CA VAL E 124 1.51 34.52 34.69
C VAL E 124 0.71 35.47 35.57
N VAL E 125 -0.41 35.97 35.05
CA VAL E 125 -1.25 36.88 35.83
C VAL E 125 -2.41 36.15 36.49
N PHE E 126 -2.16 35.42 37.58
CA PHE E 126 -3.22 34.66 38.23
C PHE E 126 -3.36 35.01 39.72
N VAL E 127 -4.47 34.58 40.33
CA VAL E 127 -4.69 34.85 41.74
C VAL E 127 -5.38 33.68 42.40
N THR E 128 -4.64 32.93 43.20
CA THR E 128 -5.14 31.73 43.85
C THR E 128 -6.55 31.88 44.38
N ARG E 129 -7.28 30.78 44.44
CA ARG E 129 -8.60 30.80 45.04
C ARG E 129 -8.46 29.73 46.07
N LYS E 130 -7.92 30.07 47.22
CA LYS E 130 -7.45 29.04 48.10
C LYS E 130 -8.60 28.15 48.51
N LYS E 131 -9.73 28.74 48.86
CA LYS E 131 -10.81 27.93 49.38
C LYS E 131 -11.25 26.94 48.33
N LEU E 132 -11.45 27.41 47.11
CA LEU E 132 -11.94 26.53 46.05
C LEU E 132 -10.93 25.44 45.72
N VAL E 133 -9.66 25.81 45.63
CA VAL E 133 -8.67 24.84 45.24
C VAL E 133 -8.62 23.78 46.30
N ASN E 134 -8.71 24.24 47.54
CA ASN E 134 -8.64 23.36 48.68
C ASN E 134 -9.79 22.40 48.65
N ALA E 135 -10.96 22.89 48.28
CA ALA E 135 -12.11 22.02 48.30
C ALA E 135 -11.95 20.95 47.24
N ILE E 136 -11.55 21.33 46.03
CA ILE E 136 -11.47 20.32 44.98
C ILE E 136 -10.46 19.29 45.43
N GLN E 137 -9.32 19.78 45.91
CA GLN E 137 -8.20 18.92 46.25
C GLN E 137 -8.54 17.94 47.36
N GLN E 138 -9.29 18.41 48.36
CA GLN E 138 -9.64 17.55 49.48
C GLN E 138 -10.64 16.53 48.98
N LYS E 139 -11.60 17.00 48.20
CA LYS E 139 -12.55 16.12 47.57
C LYS E 139 -11.81 15.24 46.60
N LEU E 140 -10.87 15.83 45.87
CA LEU E 140 -10.21 15.08 44.83
C LEU E 140 -9.49 13.94 45.50
N SER E 141 -9.06 14.20 46.74
CA SER E 141 -8.37 13.21 47.55
C SER E 141 -9.27 12.03 47.87
N LYS E 142 -10.58 12.28 47.84
CA LYS E 142 -11.58 11.38 48.41
C LYS E 142 -11.62 10.01 47.77
N LEU E 143 -11.51 9.96 46.45
CA LEU E 143 -11.52 8.69 45.77
C LEU E 143 -10.10 8.16 45.84
N LYS E 144 -9.69 7.78 47.05
CA LYS E 144 -8.32 7.34 47.27
C LYS E 144 -7.96 6.18 46.34
N GLY E 145 -8.96 5.35 46.05
CA GLY E 145 -8.76 4.20 45.17
C GLY E 145 -10.08 3.85 44.53
N GLU E 146 -10.04 2.91 43.59
CA GLU E 146 -11.24 2.49 42.89
C GLU E 146 -11.76 3.64 42.03
N PRO E 147 -12.25 3.31 40.84
CA PRO E 147 -12.74 4.31 39.90
C PRO E 147 -13.39 5.51 40.57
N GLY E 148 -13.85 6.47 39.78
CA GLY E 148 -14.47 7.67 40.32
C GLY E 148 -14.36 8.86 39.39
N TRP E 149 -15.43 9.65 39.31
CA TRP E 149 -15.44 10.83 38.45
C TRP E 149 -15.77 12.09 39.23
N VAL E 150 -15.12 13.19 38.86
CA VAL E 150 -15.35 14.49 39.52
C VAL E 150 -15.79 15.42 38.41
N THR E 151 -16.84 16.22 38.59
CA THR E 151 -17.33 17.15 37.56
C THR E 151 -17.13 18.54 38.15
N ILE E 152 -16.65 19.53 37.40
CA ILE E 152 -16.55 20.89 37.94
C ILE E 152 -17.32 21.79 36.97
N HIS E 153 -18.24 22.66 37.39
CA HIS E 153 -18.94 23.51 36.39
C HIS E 153 -19.35 24.94 36.71
N GLY E 154 -19.47 25.75 35.68
CA GLY E 154 -19.77 27.16 35.85
C GLY E 154 -20.23 27.78 34.55
N MET E 155 -20.79 28.96 34.64
CA MET E 155 -21.15 29.68 33.44
C MET E 155 -19.83 30.04 32.80
N ALA E 156 -19.84 30.34 31.51
CA ALA E 156 -18.60 30.42 30.77
C ALA E 156 -17.63 31.41 31.36
N GLY E 157 -16.39 30.97 31.47
CA GLY E 157 -15.27 31.74 31.97
C GLY E 157 -15.36 32.00 33.46
N CYS E 158 -15.39 30.92 34.23
CA CYS E 158 -15.48 31.02 35.68
C CYS E 158 -14.21 30.58 36.39
N GLY E 159 -13.15 30.40 35.62
CA GLY E 159 -11.90 29.88 36.16
C GLY E 159 -11.91 28.37 36.26
N LYS E 160 -12.79 27.74 35.50
CA LYS E 160 -12.95 26.30 35.60
C LYS E 160 -11.71 25.50 35.25
N SER E 161 -11.03 25.79 34.15
CA SER E 161 -9.79 25.06 33.84
C SER E 161 -8.64 25.38 34.77
N VAL E 162 -8.47 26.66 35.06
CA VAL E 162 -7.31 27.09 35.79
C VAL E 162 -7.34 26.41 37.13
N LEU E 163 -8.52 26.29 37.72
CA LEU E 163 -8.61 25.60 38.99
C LEU E 163 -8.15 24.17 38.81
N ALA E 164 -8.55 23.53 37.73
CA ALA E 164 -8.17 22.14 37.53
C ALA E 164 -6.67 22.07 37.45
N ALA E 165 -6.07 22.98 36.70
CA ALA E 165 -4.63 23.01 36.58
C ALA E 165 -4.01 23.33 37.92
N GLU E 166 -4.59 24.31 38.61
CA GLU E 166 -4.11 24.75 39.92
C GLU E 166 -4.19 23.70 41.03
N ALA E 167 -5.30 22.97 41.08
CA ALA E 167 -5.50 21.96 42.10
C ALA E 167 -4.38 20.94 42.08
N VAL E 168 -4.01 20.50 40.90
CA VAL E 168 -2.99 19.47 40.77
C VAL E 168 -1.61 20.11 40.88
N ARG E 169 -1.58 21.44 40.83
CA ARG E 169 -0.32 22.18 40.81
C ARG E 169 0.53 21.93 42.04
N ASP E 170 -0.17 21.72 43.16
CA ASP E 170 0.41 21.40 44.47
C ASP E 170 1.03 19.99 44.59
N HIS E 171 2.14 19.91 45.32
CA HIS E 171 2.81 18.66 45.66
C HIS E 171 2.10 17.68 46.61
N SER E 172 1.48 18.17 47.68
CA SER E 172 1.03 17.28 48.75
C SER E 172 -0.02 16.27 48.31
N LEU E 173 -1.11 16.78 47.76
CA LEU E 173 -2.18 15.93 47.33
C LEU E 173 -1.71 15.02 46.22
N LEU E 174 -0.99 15.59 45.25
CA LEU E 174 -0.53 14.81 44.13
C LEU E 174 0.52 13.75 44.46
N GLU E 175 1.54 14.13 45.21
CA GLU E 175 2.66 13.23 45.40
C GLU E 175 2.37 12.00 46.26
N GLY E 176 1.78 12.20 47.43
CA GLY E 176 1.46 11.08 48.28
C GLY E 176 0.35 10.23 47.70
N CYS E 177 -0.68 10.93 47.25
CA CYS E 177 -1.87 10.31 46.68
C CYS E 177 -1.67 9.62 45.34
N PHE E 178 -0.88 10.23 44.46
CA PHE E 178 -0.94 9.86 43.06
C PHE E 178 0.39 9.38 42.47
N PRO E 179 0.81 8.18 42.84
CA PRO E 179 2.04 7.61 42.29
C PRO E 179 2.01 7.61 40.77
N GLY E 180 0.82 7.44 40.19
CA GLY E 180 0.67 7.54 38.76
C GLY E 180 0.77 8.99 38.33
N GLY E 181 1.20 9.22 37.10
CA GLY E 181 1.43 10.57 36.63
C GLY E 181 0.05 11.10 36.33
N VAL E 182 -0.08 12.37 35.99
CA VAL E 182 -1.35 12.99 35.60
C VAL E 182 -1.38 13.18 34.09
N HIS E 183 -2.47 12.82 33.43
CA HIS E 183 -2.55 13.03 31.99
C HIS E 183 -3.71 13.97 31.73
N TRP E 184 -3.55 14.95 30.86
CA TRP E 184 -4.57 15.96 30.62
C TRP E 184 -5.04 15.69 29.22
N VAL E 185 -6.33 15.70 28.95
CA VAL E 185 -6.77 15.61 27.58
C VAL E 185 -7.68 16.77 27.25
N SER E 186 -7.44 17.45 26.14
CA SER E 186 -8.32 18.54 25.75
C SER E 186 -9.42 18.09 24.81
N VAL E 187 -10.55 17.62 25.35
CA VAL E 187 -11.61 17.06 24.52
C VAL E 187 -12.31 18.01 23.55
N GLY E 188 -12.59 19.23 23.97
CA GLY E 188 -13.31 20.16 23.12
C GLY E 188 -14.71 19.66 22.77
N LYS E 189 -15.19 20.00 21.59
CA LYS E 189 -16.51 19.57 21.12
C LYS E 189 -16.30 18.70 19.89
N GLN E 190 -16.94 17.53 19.81
CA GLN E 190 -16.54 16.63 18.72
C GLN E 190 -17.65 15.83 18.05
N ASP E 191 -17.57 15.73 16.73
CA ASP E 191 -18.32 14.80 15.92
C ASP E 191 -17.65 13.46 16.17
N LYS E 192 -18.33 12.38 15.79
CA LYS E 192 -17.87 11.05 16.17
C LYS E 192 -16.48 10.79 15.62
N SER E 193 -16.22 11.25 14.40
CA SER E 193 -14.94 11.02 13.76
C SER E 193 -13.82 11.75 14.49
N GLY E 194 -14.09 12.99 14.88
CA GLY E 194 -13.09 13.81 15.54
C GLY E 194 -12.68 13.19 16.85
N LEU E 195 -13.65 12.66 17.57
CA LEU E 195 -13.42 12.08 18.87
C LEU E 195 -12.45 10.93 18.71
N LEU E 196 -12.58 10.23 17.60
CA LEU E 196 -11.80 9.02 17.43
C LEU E 196 -10.31 9.35 17.49
N MET E 197 -9.91 10.44 16.85
CA MET E 197 -8.49 10.76 16.77
C MET E 197 -7.89 11.04 18.14
N LYS E 198 -8.64 11.71 18.99
CA LYS E 198 -8.11 12.10 20.29
C LYS E 198 -7.72 10.83 21.00
N LEU E 199 -8.54 9.80 20.82
CA LEU E 199 -8.28 8.55 21.51
C LEU E 199 -6.97 7.93 21.06
N GLN E 200 -6.74 7.91 19.76
CA GLN E 200 -5.51 7.35 19.25
C GLN E 200 -4.36 8.18 19.79
N ASN E 201 -4.53 9.49 19.81
CA ASN E 201 -3.47 10.36 20.26
C ASN E 201 -3.14 10.12 21.72
N LEU E 202 -4.17 9.86 22.52
CA LEU E 202 -3.94 9.50 23.92
C LEU E 202 -3.24 8.15 24.02
N CYS E 203 -3.53 7.29 23.05
CA CYS E 203 -2.89 5.99 22.99
C CYS E 203 -1.39 6.16 22.77
N THR E 204 -1.05 6.96 21.77
CA THR E 204 0.34 7.22 21.46
C THR E 204 1.03 7.92 22.62
N ARG E 205 0.33 8.84 23.27
CA ARG E 205 0.94 9.56 24.38
C ARG E 205 1.28 8.66 25.56
N LEU E 206 0.31 7.83 25.95
CA LEU E 206 0.46 6.96 27.10
C LEU E 206 1.51 5.88 26.94
N ASP E 207 1.54 5.27 25.76
CA ASP E 207 2.50 4.23 25.45
C ASP E 207 3.80 4.83 24.91
N GLN E 208 4.60 5.39 25.79
CA GLN E 208 5.89 5.96 25.38
C GLN E 208 6.88 4.88 24.96
N ASP E 209 6.80 3.72 25.61
CA ASP E 209 7.70 2.60 25.34
C ASP E 209 7.48 2.06 23.94
N GLU E 210 6.23 2.00 23.52
CA GLU E 210 5.86 1.47 22.20
C GLU E 210 5.78 -0.06 22.19
N SER E 211 5.88 -0.67 23.38
CA SER E 211 5.82 -2.12 23.48
C SER E 211 4.52 -2.61 22.87
N PHE E 212 3.44 -1.87 23.12
CA PHE E 212 2.15 -2.21 22.55
C PHE E 212 2.18 -1.95 21.05
N SER E 213 1.29 -2.62 20.33
CA SER E 213 1.29 -2.59 18.88
C SER E 213 1.37 -1.17 18.32
N GLN E 214 2.27 -0.97 17.36
CA GLN E 214 2.38 0.33 16.71
C GLN E 214 1.09 0.66 15.97
N ARG E 215 0.42 -0.37 15.48
CA ARG E 215 -0.86 -0.20 14.81
C ARG E 215 -1.85 0.43 15.79
N LEU E 216 -2.70 1.31 15.27
CA LEU E 216 -3.66 1.98 16.12
C LEU E 216 -5.05 1.44 15.83
N PRO E 217 -5.90 1.37 16.86
CA PRO E 217 -7.26 0.87 16.67
C PRO E 217 -8.08 1.75 15.74
N LEU E 218 -8.93 1.13 14.92
CA LEU E 218 -9.86 1.88 14.09
C LEU E 218 -11.22 1.95 14.76
N ASN E 219 -11.32 1.28 15.91
CA ASN E 219 -12.56 1.21 16.69
C ASN E 219 -12.43 1.82 18.08
N ILE E 220 -13.43 2.61 18.47
CA ILE E 220 -13.39 3.36 19.70
C ILE E 220 -13.16 2.47 20.90
N GLU E 221 -13.92 1.38 20.94
CA GLU E 221 -13.87 0.45 22.06
C GLU E 221 -12.48 -0.13 22.24
N GLU E 222 -11.82 -0.46 21.13
CA GLU E 222 -10.49 -1.03 21.18
C GLU E 222 -9.55 -0.04 21.85
N ALA E 223 -9.76 1.24 21.56
CA ALA E 223 -8.99 2.30 22.19
C ALA E 223 -9.32 2.34 23.66
N LYS E 224 -10.58 2.05 23.99
CA LYS E 224 -11.01 2.02 25.37
C LYS E 224 -10.26 0.92 26.10
N ASP E 225 -10.03 -0.19 25.39
CA ASP E 225 -9.30 -1.32 25.94
C ASP E 225 -7.84 -0.94 26.18
N ARG E 226 -7.23 -0.30 25.18
CA ARG E 226 -5.85 0.14 25.31
C ARG E 226 -5.70 1.14 26.46
N LEU E 227 -6.72 1.93 26.72
CA LEU E 227 -6.65 2.91 27.80
C LEU E 227 -6.77 2.23 29.14
N ARG E 228 -7.75 1.34 29.26
CA ARG E 228 -8.03 0.66 30.50
C ARG E 228 -6.84 -0.17 30.91
N ILE E 229 -6.31 -0.91 29.93
CA ILE E 229 -5.19 -1.81 30.15
C ILE E 229 -3.93 -1.03 30.51
N LEU E 230 -3.71 0.06 29.79
CA LEU E 230 -2.59 0.96 30.03
C LEU E 230 -2.69 1.63 31.41
N MET E 231 -3.89 2.07 31.76
CA MET E 231 -4.14 2.64 33.06
C MET E 231 -3.97 1.59 34.15
N LEU E 232 -4.44 0.38 33.85
CA LEU E 232 -4.38 -0.71 34.80
C LEU E 232 -2.97 -1.19 35.13
N ARG E 233 -2.11 -1.31 34.12
CA ARG E 233 -0.77 -1.85 34.32
C ARG E 233 0.31 -0.78 34.15
N LYS E 234 0.30 -0.10 33.00
CA LYS E 234 1.34 0.86 32.66
C LYS E 234 1.35 2.04 33.61
N HIS E 235 0.17 2.52 33.96
CA HIS E 235 0.00 3.63 34.88
C HIS E 235 -1.41 3.64 35.44
N PRO E 236 -1.59 2.93 36.65
CA PRO E 236 -2.97 2.93 37.13
C PRO E 236 -3.22 4.07 38.12
N ARG E 237 -2.27 4.29 39.03
CA ARG E 237 -2.39 5.36 39.99
C ARG E 237 -2.58 6.69 39.26
N SER E 238 -2.70 6.62 37.94
CA SER E 238 -2.89 7.81 37.11
C SER E 238 -4.26 8.45 37.26
N LEU E 239 -4.28 9.78 37.15
CA LEU E 239 -5.50 10.58 37.09
C LEU E 239 -5.53 11.25 35.73
N LEU E 240 -6.70 11.25 35.08
CA LEU E 240 -6.93 11.85 33.77
C LEU E 240 -7.81 13.08 34.00
N ILE E 241 -7.52 14.22 33.39
CA ILE E 241 -8.36 15.43 33.51
C ILE E 241 -8.93 15.74 32.13
N LEU E 242 -10.17 16.16 32.03
CA LEU E 242 -10.66 16.50 30.71
C LEU E 242 -11.04 17.97 30.66
N ASP E 243 -11.05 18.51 29.45
CA ASP E 243 -11.36 19.92 29.25
C ASP E 243 -12.65 20.03 28.44
N ASP E 244 -13.59 20.85 28.92
CA ASP E 244 -14.90 20.90 28.28
C ASP E 244 -15.58 19.53 28.34
N VAL E 245 -16.02 19.07 27.18
CA VAL E 245 -16.88 17.88 27.03
C VAL E 245 -18.30 18.39 26.87
N TRP E 246 -18.93 18.05 25.76
CA TRP E 246 -20.27 18.52 25.50
C TRP E 246 -21.34 17.47 25.25
N ASP E 247 -20.97 16.19 25.26
CA ASP E 247 -22.01 15.18 25.10
C ASP E 247 -21.63 13.88 25.76
N SER E 248 -22.64 13.12 26.19
CA SER E 248 -22.37 11.93 26.98
C SER E 248 -21.58 10.82 26.28
N TRP E 249 -21.90 10.48 25.04
CA TRP E 249 -21.18 9.36 24.44
C TRP E 249 -19.67 9.54 24.61
N VAL E 250 -19.25 10.80 24.68
CA VAL E 250 -17.84 11.12 24.82
C VAL E 250 -17.26 10.49 26.07
N LEU E 251 -17.87 10.77 27.21
CA LEU E 251 -17.44 10.13 28.46
C LEU E 251 -17.75 8.65 28.43
N LYS E 252 -18.70 8.24 27.61
CA LYS E 252 -18.95 6.83 27.46
C LYS E 252 -17.66 6.23 26.93
N ALA E 253 -17.04 6.91 25.98
CA ALA E 253 -15.80 6.46 25.37
C ALA E 253 -14.65 6.39 26.36
N PHE E 254 -14.57 7.37 27.25
CA PHE E 254 -13.45 7.47 28.18
C PHE E 254 -13.72 6.69 29.44
N ASP E 255 -14.84 5.98 29.47
CA ASP E 255 -15.29 5.38 30.71
C ASP E 255 -14.51 4.11 30.93
N SER E 256 -13.27 4.29 31.37
CA SER E 256 -12.30 3.22 31.47
C SER E 256 -12.34 2.49 32.79
N GLN E 257 -13.17 2.95 33.71
CA GLN E 257 -13.24 2.34 35.04
C GLN E 257 -12.06 2.83 35.87
N CYS E 258 -11.33 3.80 35.33
CA CYS E 258 -10.17 4.37 35.99
C CYS E 258 -10.48 5.84 36.15
N GLN E 259 -10.05 6.43 37.25
CA GLN E 259 -10.54 7.77 37.57
C GLN E 259 -10.18 8.72 36.44
N ILE E 260 -11.17 9.50 36.05
CA ILE E 260 -11.05 10.51 35.06
C ILE E 260 -11.89 11.60 35.67
N LEU E 261 -11.44 12.84 35.66
CA LEU E 261 -12.26 13.97 36.12
C LEU E 261 -12.50 14.89 34.97
N LEU E 262 -13.76 15.27 34.71
CA LEU E 262 -14.11 16.08 33.56
C LEU E 262 -14.50 17.44 34.06
N THR E 263 -14.03 18.50 33.44
CA THR E 263 -14.39 19.84 33.89
C THR E 263 -15.14 20.56 32.78
N THR E 264 -16.26 21.22 33.07
CA THR E 264 -17.15 21.63 31.99
C THR E 264 -18.09 22.78 32.18
N ARG E 265 -19.03 22.84 31.25
CA ARG E 265 -20.24 23.68 31.45
C ARG E 265 -21.58 23.00 31.80
N ASP E 266 -21.90 21.92 31.09
CA ASP E 266 -23.07 21.11 31.44
C ASP E 266 -22.70 20.15 32.54
N LYS E 267 -23.63 19.95 33.47
CA LYS E 267 -23.44 19.00 34.55
C LYS E 267 -24.24 17.73 34.28
N SER E 268 -25.04 17.81 33.23
CA SER E 268 -25.79 16.68 32.72
C SER E 268 -24.87 15.63 32.11
N VAL E 269 -23.67 16.05 31.71
CA VAL E 269 -22.85 15.21 30.88
C VAL E 269 -22.52 13.90 31.56
N THR E 270 -22.13 13.94 32.83
CA THR E 270 -21.78 12.71 33.51
C THR E 270 -23.01 12.05 34.10
N ASP E 271 -23.94 11.66 33.25
CA ASP E 271 -25.07 10.88 33.72
C ASP E 271 -25.04 9.46 33.17
N SER E 272 -24.45 9.30 32.00
CA SER E 272 -24.27 7.97 31.42
C SER E 272 -23.34 7.14 32.29
N VAL E 273 -22.33 7.78 32.84
CA VAL E 273 -21.28 7.11 33.58
C VAL E 273 -21.76 6.49 34.89
N MET E 274 -20.99 5.50 35.33
CA MET E 274 -21.23 4.68 36.50
C MET E 274 -20.06 4.78 37.48
N GLY E 275 -20.37 4.71 38.76
CA GLY E 275 -19.37 4.88 39.79
C GLY E 275 -19.62 6.16 40.55
N PRO E 276 -18.97 6.35 41.69
CA PRO E 276 -19.23 7.54 42.52
C PRO E 276 -18.95 8.86 41.78
N LYS E 277 -19.88 9.80 41.81
CA LYS E 277 -19.67 11.09 41.18
C LYS E 277 -19.85 12.25 42.17
N TYR E 278 -18.90 13.19 42.18
CA TYR E 278 -19.02 14.36 43.02
C TYR E 278 -18.88 15.59 42.15
N VAL E 279 -19.57 16.66 42.49
CA VAL E 279 -19.43 17.89 41.73
C VAL E 279 -19.07 19.06 42.61
N VAL E 280 -18.08 19.85 42.19
CA VAL E 280 -17.74 21.08 42.87
C VAL E 280 -18.21 22.14 41.94
N PRO E 281 -18.96 23.14 42.42
CA PRO E 281 -19.64 24.01 41.46
C PRO E 281 -19.04 25.37 41.62
N VAL E 282 -18.50 25.90 40.55
CA VAL E 282 -17.84 27.19 40.63
C VAL E 282 -18.76 28.27 40.14
N GLU E 283 -19.30 29.06 41.07
CA GLU E 283 -20.06 30.24 40.72
C GLU E 283 -19.09 31.30 40.20
N SER E 284 -19.51 32.09 39.22
CA SER E 284 -18.64 33.10 38.68
C SER E 284 -18.84 34.33 39.53
N SER E 285 -17.89 34.61 40.41
CA SER E 285 -18.00 35.77 41.28
C SER E 285 -16.68 36.51 41.41
N LEU E 286 -15.74 35.86 42.09
CA LEU E 286 -14.44 36.45 42.38
C LEU E 286 -14.59 37.38 43.57
N GLY E 287 -13.50 38.03 43.96
CA GLY E 287 -13.52 38.92 45.09
C GLY E 287 -13.02 40.30 44.73
N LYS E 288 -13.67 41.33 45.26
CA LYS E 288 -13.29 42.69 44.92
C LYS E 288 -11.86 42.93 45.35
N GLU E 289 -11.48 42.37 46.49
CA GLU E 289 -10.10 42.48 46.95
C GLU E 289 -9.15 41.83 45.95
N LYS E 290 -9.53 40.64 45.50
CA LYS E 290 -8.74 39.86 44.55
C LYS E 290 -8.59 40.48 43.16
N GLY E 291 -9.67 41.04 42.63
CA GLY E 291 -9.64 41.60 41.30
C GLY E 291 -8.73 42.81 41.27
N LEU E 292 -8.77 43.57 42.36
CA LEU E 292 -7.84 44.67 42.51
C LEU E 292 -6.41 44.14 42.51
N GLU E 293 -6.27 42.96 43.10
CA GLU E 293 -4.99 42.26 43.12
C GLU E 293 -4.58 41.91 41.71
N ILE E 294 -5.55 41.38 40.97
CA ILE E 294 -5.38 41.01 39.56
C ILE E 294 -5.14 42.22 38.66
N LEU E 295 -5.88 43.30 38.90
CA LEU E 295 -5.75 44.49 38.09
C LEU E 295 -4.36 45.06 38.30
N SER E 296 -3.88 45.02 39.54
CA SER E 296 -2.59 45.57 39.82
C SER E 296 -1.52 44.82 39.04
N LEU E 297 -1.64 43.50 39.01
CA LEU E 297 -0.66 42.70 38.29
C LEU E 297 -0.70 43.03 36.81
N PHE E 298 -1.91 43.24 36.29
CA PHE E 298 -2.10 43.53 34.88
C PHE E 298 -1.41 44.84 34.48
N VAL E 299 -1.51 45.84 35.36
CA VAL E 299 -0.88 47.14 35.10
C VAL E 299 0.36 47.42 35.95
N ASN E 300 0.76 46.47 36.76
CA ASN E 300 2.00 46.57 37.55
C ASN E 300 2.18 47.73 38.55
N MET E 301 1.15 48.09 39.31
CA MET E 301 1.31 49.16 40.30
C MET E 301 0.77 48.84 41.72
N LYS E 302 1.41 49.40 42.74
CA LYS E 302 0.95 49.21 44.11
C LYS E 302 -0.55 49.44 44.04
N LYS E 303 -1.32 48.67 44.78
CA LYS E 303 -2.76 48.67 44.59
C LYS E 303 -3.34 50.05 44.84
N ALA E 304 -2.85 50.74 45.86
CA ALA E 304 -3.34 52.08 46.16
C ALA E 304 -3.04 53.04 45.01
N ASP E 305 -1.84 52.93 44.45
CA ASP E 305 -1.44 53.79 43.33
C ASP E 305 -2.45 53.71 42.19
N LEU E 306 -3.35 52.74 42.24
CA LEU E 306 -4.31 52.56 41.17
C LEU E 306 -5.35 53.66 41.17
N PRO E 307 -5.74 54.08 39.97
CA PRO E 307 -6.58 55.24 39.76
C PRO E 307 -7.99 55.04 40.26
N GLU E 308 -8.68 56.14 40.51
CA GLU E 308 -10.01 56.12 41.07
C GLU E 308 -10.94 55.39 40.12
N GLN E 309 -10.65 55.44 38.84
CA GLN E 309 -11.51 54.83 37.85
C GLN E 309 -11.63 53.33 38.09
N ALA E 310 -10.51 52.74 38.50
CA ALA E 310 -10.39 51.28 38.53
C ALA E 310 -11.45 50.59 39.36
N HIS E 311 -11.83 51.18 40.48
CA HIS E 311 -12.74 50.52 41.41
C HIS E 311 -14.07 50.19 40.76
N SER E 312 -14.54 51.08 39.91
CA SER E 312 -15.89 51.03 39.38
C SER E 312 -16.05 49.99 38.29
N ILE E 313 -15.01 49.84 37.46
CA ILE E 313 -15.08 48.91 36.36
C ILE E 313 -15.20 47.48 36.87
N ILE E 314 -14.61 47.22 38.02
CA ILE E 314 -14.66 45.89 38.58
C ILE E 314 -16.08 45.53 38.93
N LYS E 315 -16.87 46.54 39.26
CA LYS E 315 -18.27 46.30 39.61
C LYS E 315 -19.00 45.74 38.41
N GLU E 316 -18.66 46.26 37.25
CA GLU E 316 -19.17 45.79 35.97
C GLU E 316 -18.71 44.37 35.73
N CYS E 317 -17.45 44.09 36.08
CA CYS E 317 -16.88 42.79 35.80
C CYS E 317 -17.74 41.68 36.41
N LYS E 318 -18.21 41.89 37.62
CA LYS E 318 -19.04 40.90 38.28
C LYS E 318 -18.27 39.62 38.49
N GLY E 319 -16.95 39.73 38.58
CA GLY E 319 -16.11 38.58 38.89
C GLY E 319 -15.89 37.56 37.79
N SER E 320 -16.23 37.87 36.56
CA SER E 320 -15.94 36.89 35.56
C SER E 320 -14.51 37.21 35.27
N PRO E 321 -13.61 36.42 35.84
CA PRO E 321 -12.17 36.65 35.70
C PRO E 321 -11.78 36.79 34.24
N LEU E 322 -12.61 36.26 33.37
CA LEU E 322 -12.37 36.36 31.95
C LEU E 322 -12.51 37.82 31.58
N VAL E 323 -13.52 38.51 32.13
CA VAL E 323 -13.67 39.94 31.88
C VAL E 323 -12.50 40.79 32.42
N VAL E 324 -12.02 40.45 33.60
CA VAL E 324 -10.93 41.13 34.24
C VAL E 324 -9.63 40.95 33.48
N SER E 325 -9.30 39.72 33.13
CA SER E 325 -8.14 39.51 32.32
C SER E 325 -8.39 40.20 30.99
N LEU E 326 -9.62 40.10 30.49
CA LEU E 326 -9.91 40.72 29.22
C LEU E 326 -9.77 42.23 29.22
N ILE E 327 -10.30 42.89 30.25
CA ILE E 327 -10.02 44.30 30.43
C ILE E 327 -8.55 44.50 30.75
N GLY E 328 -7.99 43.65 31.62
CA GLY E 328 -6.65 43.92 32.10
C GLY E 328 -5.61 43.93 31.01
N ALA E 329 -5.62 42.90 30.17
CA ALA E 329 -4.69 42.84 29.06
C ALA E 329 -4.96 44.00 28.14
N LEU E 330 -6.24 44.32 27.98
CA LEU E 330 -6.63 45.34 27.05
C LEU E 330 -5.98 46.63 27.47
N LEU E 331 -5.89 46.83 28.76
CA LEU E 331 -5.21 48.00 29.30
C LEU E 331 -3.70 47.94 29.15
N ARG E 332 -3.11 46.78 28.93
CA ARG E 332 -1.65 46.79 28.96
C ARG E 332 -1.16 47.68 27.83
N ASP E 333 -1.80 47.57 26.68
CA ASP E 333 -1.49 48.39 25.53
C ASP E 333 -1.75 49.89 25.67
N PHE E 334 -2.86 50.25 26.30
CA PHE E 334 -3.26 51.64 26.32
C PHE E 334 -3.57 52.13 27.73
N PRO E 335 -2.55 52.36 28.53
CA PRO E 335 -2.74 52.81 29.91
C PRO E 335 -3.50 54.12 30.02
N ASN E 336 -3.41 54.96 28.99
CA ASN E 336 -4.05 56.26 28.97
C ASN E 336 -5.57 56.20 28.84
N ARG E 337 -6.08 55.28 28.02
CA ARG E 337 -7.52 55.21 27.79
C ARG E 337 -8.22 54.45 28.90
N TRP E 338 -7.95 54.83 30.15
CA TRP E 338 -8.57 54.16 31.30
C TRP E 338 -10.08 54.33 31.49
N GLU E 339 -10.59 55.55 31.43
CA GLU E 339 -12.03 55.78 31.64
C GLU E 339 -12.90 55.12 30.55
N TYR E 340 -12.41 55.21 29.33
CA TYR E 340 -13.06 54.80 28.10
C TYR E 340 -13.74 53.46 28.27
N TYR E 341 -12.98 52.47 28.74
CA TYR E 341 -13.55 51.14 28.92
C TYR E 341 -14.52 51.12 30.07
N LEU E 342 -14.34 52.03 31.01
CA LEU E 342 -15.26 52.14 32.13
C LEU E 342 -16.64 52.49 31.60
N LYS E 343 -16.70 53.54 30.79
CA LYS E 343 -17.95 53.95 30.18
C LYS E 343 -18.41 52.90 29.19
N GLN E 344 -17.47 52.15 28.64
CA GLN E 344 -17.78 51.13 27.66
C GLN E 344 -18.60 50.02 28.30
N LEU E 345 -18.14 49.55 29.46
CA LEU E 345 -18.90 48.56 30.21
C LEU E 345 -20.15 49.19 30.81
N GLN E 346 -20.12 50.50 31.02
CA GLN E 346 -21.34 51.21 31.40
C GLN E 346 -22.35 51.16 30.25
N ASN E 347 -21.82 51.09 29.04
CA ASN E 347 -22.61 50.91 27.82
C ASN E 347 -23.34 49.57 27.83
N LYS E 348 -22.66 48.55 28.36
CA LYS E 348 -23.21 47.19 28.41
C LYS E 348 -22.98 46.34 27.16
N GLN E 349 -22.24 46.86 26.18
CA GLN E 349 -21.88 46.06 25.02
C GLN E 349 -20.45 45.53 25.07
N PHE E 350 -20.31 44.24 24.81
CA PHE E 350 -19.03 43.57 24.99
C PHE E 350 -18.30 43.35 23.68
N LYS E 351 -18.88 43.88 22.61
CA LYS E 351 -18.26 43.80 21.29
C LYS E 351 -17.00 44.66 21.24
N ARG E 352 -16.95 45.67 22.09
CA ARG E 352 -15.81 46.58 22.15
C ARG E 352 -14.57 45.94 22.77
N ILE E 353 -14.77 45.08 23.77
CA ILE E 353 -13.64 44.46 24.44
C ILE E 353 -13.15 43.22 23.71
N ARG E 354 -11.91 43.23 23.26
CA ARG E 354 -11.34 42.03 22.65
C ARG E 354 -9.86 41.93 22.89
N LYS E 355 -9.39 40.71 23.16
CA LYS E 355 -7.97 40.47 23.25
C LYS E 355 -7.69 39.07 22.76
N SER E 356 -6.58 38.90 22.03
CA SER E 356 -6.11 37.56 21.77
C SER E 356 -5.61 37.11 23.12
N SER E 357 -5.83 35.85 23.47
CA SER E 357 -5.46 35.38 24.79
C SER E 357 -5.25 33.89 24.79
N SER E 358 -4.71 33.36 25.87
CA SER E 358 -4.51 31.93 25.95
C SER E 358 -5.88 31.32 25.84
N TYR E 359 -6.84 31.96 26.48
CA TYR E 359 -8.23 31.54 26.41
C TYR E 359 -8.71 31.57 24.97
N ASP E 360 -9.68 30.71 24.66
CA ASP E 360 -10.05 30.35 23.29
C ASP E 360 -11.11 31.22 22.62
N TYR E 361 -11.20 32.48 23.01
CA TYR E 361 -12.24 33.31 22.43
C TYR E 361 -11.87 34.79 22.46
N GLU E 362 -12.25 35.54 21.44
CA GLU E 362 -11.85 36.93 21.37
C GLU E 362 -12.40 37.70 22.56
N ALA E 363 -13.61 37.35 22.95
CA ALA E 363 -14.38 38.08 23.97
C ALA E 363 -15.51 37.31 24.68
N LEU E 364 -15.94 37.92 25.78
CA LEU E 364 -16.92 37.34 26.68
C LEU E 364 -18.23 37.09 25.95
N ASP E 365 -18.60 37.98 25.05
CA ASP E 365 -19.77 37.75 24.23
C ASP E 365 -19.48 36.47 23.45
N GLU E 366 -18.22 36.29 23.10
CA GLU E 366 -17.82 35.17 22.25
C GLU E 366 -18.12 33.86 22.95
N ALA E 367 -17.87 33.81 24.26
CA ALA E 367 -18.12 32.56 25.00
C ALA E 367 -19.60 32.08 25.10
N MET E 368 -20.47 33.05 25.35
CA MET E 368 -21.90 32.81 25.52
C MET E 368 -22.50 32.25 24.25
N SER E 369 -22.10 32.78 23.11
CA SER E 369 -22.66 32.31 21.84
C SER E 369 -22.46 30.82 21.68
N ILE E 370 -21.29 30.35 22.11
CA ILE E 370 -20.94 28.93 22.03
C ILE E 370 -21.87 28.09 22.89
N SER E 371 -22.20 28.56 24.08
CA SER E 371 -23.15 27.85 24.93
C SER E 371 -24.56 27.74 24.37
N VAL E 372 -25.06 28.81 23.77
CA VAL E 372 -26.46 28.83 23.33
C VAL E 372 -26.79 27.79 22.27
N GLU E 373 -25.86 27.52 21.37
CA GLU E 373 -26.17 26.74 20.17
C GLU E 373 -26.66 25.32 20.45
N MET E 374 -26.08 24.67 21.46
CA MET E 374 -26.29 23.24 21.67
C MET E 374 -27.74 22.80 21.87
N LEU E 375 -28.53 23.68 22.47
CA LEU E 375 -29.86 23.30 22.89
C LEU E 375 -30.67 22.82 21.70
N ARG E 376 -31.46 21.77 21.94
CA ARG E 376 -32.31 21.17 20.93
C ARG E 376 -33.34 22.18 20.49
N GLU E 377 -33.69 22.14 19.21
CA GLU E 377 -34.41 23.25 18.61
C GLU E 377 -35.65 23.59 19.39
N ASP E 378 -36.35 22.58 19.91
CA ASP E 378 -37.56 22.86 20.65
C ASP E 378 -37.26 23.70 21.87
N ILE E 379 -36.20 23.37 22.59
CA ILE E 379 -35.79 24.16 23.75
C ILE E 379 -35.35 25.56 23.38
N LYS E 380 -34.70 25.69 22.22
CA LYS E 380 -33.93 26.88 21.90
C LYS E 380 -34.78 28.14 21.86
N ASP E 381 -35.99 28.01 21.34
CA ASP E 381 -36.91 29.14 21.24
C ASP E 381 -37.23 29.65 22.64
N TYR E 382 -37.40 28.71 23.58
CA TYR E 382 -37.84 29.07 24.91
C TYR E 382 -36.85 29.98 25.60
N TYR E 383 -35.57 29.69 25.46
CA TYR E 383 -34.61 30.51 26.17
C TYR E 383 -34.85 31.99 25.92
N THR E 384 -35.17 32.35 24.69
CA THR E 384 -35.30 33.76 24.33
C THR E 384 -36.38 34.43 25.16
N ASP E 385 -37.45 33.70 25.41
CA ASP E 385 -38.53 34.24 26.21
C ASP E 385 -37.87 34.56 27.54
N LEU E 386 -36.94 33.70 27.93
CA LEU E 386 -36.28 33.83 29.22
C LEU E 386 -35.49 35.13 29.29
N SER E 387 -35.32 35.73 28.12
CA SER E 387 -34.53 36.95 27.94
C SER E 387 -35.11 38.12 28.70
N ILE E 388 -36.44 38.20 28.72
CA ILE E 388 -37.13 39.36 29.27
C ILE E 388 -36.79 39.57 30.74
N LEU E 389 -36.56 38.49 31.49
CA LEU E 389 -36.44 38.58 32.95
C LEU E 389 -35.32 39.50 33.46
N GLN E 390 -35.64 40.23 34.54
CA GLN E 390 -34.81 41.28 35.11
C GLN E 390 -33.42 40.72 35.38
N LYS E 391 -32.43 41.60 35.54
CA LYS E 391 -31.09 41.17 35.86
C LYS E 391 -31.13 40.46 37.20
N ASP E 392 -31.85 41.02 38.15
CA ASP E 392 -31.82 40.51 39.52
C ASP E 392 -33.20 40.29 40.14
N VAL E 393 -33.94 39.37 39.55
CA VAL E 393 -35.23 38.98 40.11
C VAL E 393 -35.25 37.47 40.18
N LYS E 394 -35.59 36.94 41.35
CA LYS E 394 -35.82 35.52 41.43
C LYS E 394 -37.31 35.39 41.23
N VAL E 395 -37.70 35.00 40.01
CA VAL E 395 -39.12 34.90 39.73
C VAL E 395 -39.67 33.54 40.17
N PRO E 396 -40.85 33.58 40.77
CA PRO E 396 -41.57 32.36 41.13
C PRO E 396 -41.91 31.62 39.84
N THR E 397 -41.73 30.30 39.86
CA THR E 397 -41.89 29.48 38.68
C THR E 397 -43.15 29.76 37.86
N LYS E 398 -44.24 30.06 38.55
CA LYS E 398 -45.55 30.22 37.93
C LYS E 398 -45.54 31.16 36.73
N VAL E 399 -44.94 32.33 36.90
CA VAL E 399 -44.97 33.35 35.86
C VAL E 399 -44.36 32.79 34.59
N LEU E 400 -43.38 31.93 34.74
CA LEU E 400 -42.80 31.25 33.60
C LEU E 400 -43.82 30.29 33.00
N CYS E 401 -44.65 29.73 33.87
CA CYS E 401 -45.71 28.84 33.41
C CYS E 401 -46.70 29.62 32.57
N ILE E 402 -47.03 30.82 33.03
CA ILE E 402 -47.99 31.67 32.35
C ILE E 402 -47.53 32.12 30.97
N LEU E 403 -46.28 32.55 30.88
CA LEU E 403 -45.77 33.00 29.59
C LEU E 403 -45.73 31.85 28.63
N TRP E 404 -45.23 30.71 29.11
CA TRP E 404 -45.18 29.51 28.31
C TRP E 404 -46.56 28.94 28.00
N ASP E 405 -47.46 29.05 28.96
CA ASP E 405 -48.80 28.48 28.83
C ASP E 405 -48.70 26.97 28.91
N MET E 406 -47.62 26.48 29.52
CA MET E 406 -47.38 25.05 29.62
C MET E 406 -47.38 24.55 31.06
N GLU E 407 -47.98 23.40 31.30
CA GLU E 407 -48.27 22.95 32.67
C GLU E 407 -47.04 22.82 33.55
N THR E 408 -47.22 23.08 34.84
CA THR E 408 -46.12 23.30 35.78
C THR E 408 -45.15 22.13 36.00
N GLU E 409 -45.66 20.90 36.05
CA GLU E 409 -44.80 19.75 36.30
C GLU E 409 -43.79 19.68 35.16
N GLU E 410 -44.27 19.96 33.96
CA GLU E 410 -43.43 20.01 32.76
C GLU E 410 -42.46 21.18 32.72
N VAL E 411 -42.93 22.35 33.11
CA VAL E 411 -42.15 23.57 32.95
C VAL E 411 -40.87 23.55 33.76
N GLU E 412 -40.92 22.97 34.94
CA GLU E 412 -39.77 22.93 35.82
C GLU E 412 -38.61 22.17 35.18
N ASP E 413 -38.94 21.10 34.49
CA ASP E 413 -37.93 20.16 34.03
C ASP E 413 -37.06 20.76 32.94
N ILE E 414 -37.69 21.53 32.05
CA ILE E 414 -36.91 22.18 31.01
C ILE E 414 -35.94 23.15 31.66
N LEU E 415 -36.42 23.81 32.70
CA LEU E 415 -35.57 24.73 33.43
C LEU E 415 -34.45 24.00 34.14
N GLN E 416 -34.75 22.78 34.59
CA GLN E 416 -33.74 21.97 35.22
C GLN E 416 -32.66 21.66 34.22
N GLU E 417 -33.06 21.41 32.98
CA GLU E 417 -32.10 21.15 31.92
C GLU E 417 -31.25 22.38 31.67
N PHE E 418 -31.84 23.56 31.75
CA PHE E 418 -31.08 24.78 31.62
C PHE E 418 -30.07 24.86 32.74
N VAL E 419 -30.50 24.59 33.97
CA VAL E 419 -29.64 24.88 35.08
C VAL E 419 -28.41 24.03 34.86
N ASN E 420 -28.62 22.81 34.35
CA ASN E 420 -27.48 21.98 34.03
C ASN E 420 -26.64 22.62 32.94
N LYS E 421 -27.29 23.16 31.92
CA LYS E 421 -26.54 23.90 30.91
C LYS E 421 -25.82 25.10 31.53
N SER E 422 -26.03 25.30 32.83
CA SER E 422 -25.42 26.39 33.56
C SER E 422 -25.76 27.72 32.90
N LEU E 423 -26.99 27.83 32.41
CA LEU E 423 -27.43 29.06 31.77
C LEU E 423 -28.52 29.74 32.58
N LEU E 424 -28.76 29.24 33.79
CA LEU E 424 -29.82 29.75 34.64
C LEU E 424 -29.72 29.14 36.03
N PHE E 425 -29.27 29.93 37.00
CA PHE E 425 -29.00 29.43 38.33
C PHE E 425 -30.25 29.04 39.12
N CYS E 426 -30.13 27.93 39.84
CA CYS E 426 -31.20 27.40 40.68
C CYS E 426 -31.31 28.11 42.01
N ASP E 427 -32.51 28.06 42.58
CA ASP E 427 -32.74 28.58 43.93
C ASP E 427 -33.68 27.67 44.71
N ARG E 428 -33.11 26.75 45.48
CA ARG E 428 -33.91 25.84 46.27
C ARG E 428 -34.31 26.50 47.59
N ASN E 429 -35.18 27.49 47.51
CA ASN E 429 -35.75 28.09 48.70
C ASN E 429 -37.09 27.43 48.90
N GLY E 430 -37.13 26.52 49.87
CA GLY E 430 -38.38 25.85 50.21
C GLY E 430 -38.91 25.16 48.98
N LYS E 431 -40.22 24.92 48.97
CA LYS E 431 -40.85 24.30 47.82
C LYS E 431 -40.65 25.23 46.62
N SER E 432 -40.75 26.52 46.86
CA SER E 432 -40.62 27.52 45.82
C SER E 432 -39.24 27.50 45.19
N PHE E 433 -39.21 27.77 43.89
CA PHE E 433 -37.97 27.90 43.15
C PHE E 433 -37.94 29.25 42.45
N ARG E 434 -36.84 29.97 42.65
CA ARG E 434 -36.62 31.19 41.90
C ARG E 434 -35.37 30.96 41.08
N TYR E 435 -35.51 31.04 39.77
CA TYR E 435 -34.36 31.03 38.89
C TYR E 435 -33.94 32.43 38.50
N TYR E 436 -32.64 32.63 38.31
CA TYR E 436 -32.11 33.94 38.00
C TYR E 436 -30.75 33.82 37.32
N LEU E 437 -30.25 34.95 36.82
CA LEU E 437 -29.08 34.98 35.97
C LEU E 437 -27.97 35.83 36.54
N HIS E 438 -26.79 35.70 35.96
CA HIS E 438 -25.70 36.61 36.21
C HIS E 438 -25.92 37.86 35.39
N ASP E 439 -25.36 38.97 35.86
CA ASP E 439 -25.48 40.24 35.16
C ASP E 439 -24.92 40.11 33.74
N LEU E 440 -23.89 39.28 33.60
CA LEU E 440 -23.27 39.03 32.31
C LEU E 440 -24.20 38.24 31.41
N GLN E 441 -24.88 37.25 31.99
CA GLN E 441 -25.81 36.41 31.24
C GLN E 441 -26.97 37.24 30.72
N VAL E 442 -27.45 38.17 31.56
CA VAL E 442 -28.57 39.02 31.17
C VAL E 442 -28.16 39.95 30.05
N ASP E 443 -26.97 40.54 30.20
CA ASP E 443 -26.46 41.50 29.25
C ASP E 443 -26.30 40.84 27.88
N PHE E 444 -25.83 39.60 27.88
CA PHE E 444 -25.62 38.91 26.63
C PHE E 444 -26.97 38.82 25.93
N LEU E 445 -28.02 38.57 26.71
CA LEU E 445 -29.33 38.32 26.12
C LEU E 445 -29.81 39.51 25.33
N THR E 446 -29.74 40.68 25.95
CA THR E 446 -30.18 41.89 25.28
C THR E 446 -29.27 42.16 24.10
N GLU E 447 -28.00 41.80 24.24
CA GLU E 447 -27.04 41.97 23.17
C GLU E 447 -27.44 41.13 21.97
N LYS E 448 -27.92 39.92 22.23
CA LYS E 448 -28.28 38.99 21.17
C LYS E 448 -29.79 38.82 20.87
N ASN E 449 -30.65 39.34 21.74
CA ASN E 449 -32.09 39.21 21.54
C ASN E 449 -32.91 40.50 21.56
N CYS E 450 -32.25 41.64 21.42
CA CYS E 450 -32.90 42.93 21.70
C CYS E 450 -34.12 43.24 20.83
N SER E 451 -34.05 42.93 19.52
CA SER E 451 -35.15 43.25 18.63
C SER E 451 -36.42 42.49 19.02
N GLN E 452 -36.27 41.24 19.39
CA GLN E 452 -37.40 40.43 19.83
C GLN E 452 -38.03 40.97 21.10
N LEU E 453 -37.19 41.45 22.01
CA LEU E 453 -37.62 41.73 23.38
C LEU E 453 -38.76 42.72 23.46
N GLN E 454 -38.71 43.78 22.66
CA GLN E 454 -39.78 44.76 22.61
C GLN E 454 -41.06 44.06 22.15
N ASP E 455 -40.91 43.16 21.19
CA ASP E 455 -42.04 42.43 20.63
C ASP E 455 -42.65 41.45 21.63
N LEU E 456 -41.83 40.69 22.34
CA LEU E 456 -42.34 39.64 23.19
C LEU E 456 -43.20 40.09 24.37
N HIS E 457 -42.76 41.20 24.96
CA HIS E 457 -43.27 41.66 26.24
C HIS E 457 -44.76 41.77 26.07
N LYS E 458 -45.17 42.18 24.87
CA LYS E 458 -46.57 42.27 24.56
C LYS E 458 -47.10 40.86 24.72
N LYS E 459 -46.28 39.89 24.36
CA LYS E 459 -46.68 38.48 24.42
C LYS E 459 -47.00 38.02 25.84
N ILE E 460 -46.21 38.45 26.81
CA ILE E 460 -46.47 38.08 28.20
C ILE E 460 -47.74 38.69 28.76
N ILE E 461 -47.97 39.96 28.46
CA ILE E 461 -49.11 40.66 29.03
C ILE E 461 -50.43 40.03 28.57
N THR E 462 -50.50 39.69 27.29
CA THR E 462 -51.75 39.17 26.76
C THR E 462 -52.09 37.84 27.39
N GLN E 463 -51.07 37.05 27.66
CA GLN E 463 -51.24 35.77 28.32
C GLN E 463 -51.76 35.97 29.74
N PHE E 464 -51.24 36.98 30.42
CA PHE E 464 -51.70 37.28 31.78
C PHE E 464 -53.15 37.72 31.72
N GLN E 465 -53.51 38.40 30.63
CA GLN E 465 -54.88 38.79 30.38
C GLN E 465 -55.77 37.58 30.14
N ARG E 466 -55.20 36.53 29.56
CA ARG E 466 -55.97 35.32 29.34
C ARG E 466 -56.20 34.61 30.66
N TYR E 467 -55.42 34.99 31.66
CA TYR E 467 -55.66 34.53 33.01
C TYR E 467 -56.08 35.69 33.89
N HIS E 468 -55.39 35.87 35.01
CA HIS E 468 -55.83 36.83 36.01
C HIS E 468 -55.84 38.26 35.52
N GLN E 469 -56.93 38.97 35.78
CA GLN E 469 -56.97 40.42 35.61
C GLN E 469 -56.33 41.08 36.83
N PRO E 470 -55.79 42.30 36.67
CA PRO E 470 -55.10 42.93 37.80
C PRO E 470 -56.00 43.10 39.03
N HIS E 471 -57.28 43.36 38.82
CA HIS E 471 -58.23 43.37 39.92
C HIS E 471 -58.51 41.96 40.39
N THR E 472 -58.36 41.01 39.49
CA THR E 472 -58.64 39.60 39.75
C THR E 472 -57.43 38.97 40.45
N LEU E 473 -56.37 39.75 40.60
CA LEU E 473 -55.19 39.31 41.34
C LEU E 473 -55.50 39.10 42.83
N SER E 474 -54.79 38.17 43.47
CA SER E 474 -55.04 37.84 44.88
C SER E 474 -53.78 37.77 45.74
N PRO E 475 -53.94 37.98 47.05
CA PRO E 475 -52.79 38.01 47.97
C PRO E 475 -52.10 36.65 48.16
N ASP E 476 -52.87 35.57 48.11
CA ASP E 476 -52.36 34.23 48.39
C ASP E 476 -51.45 33.70 47.29
N GLN E 477 -51.85 33.95 46.04
CA GLN E 477 -51.09 33.47 44.89
C GLN E 477 -49.63 33.86 45.01
N GLU E 478 -48.73 32.92 44.74
CA GLU E 478 -47.29 33.15 44.85
C GLU E 478 -46.74 34.20 43.88
N ASP E 479 -47.23 34.17 42.64
CA ASP E 479 -46.70 34.99 41.56
C ASP E 479 -46.99 36.48 41.69
N CYS E 480 -48.03 36.81 42.43
CA CYS E 480 -48.64 38.13 42.32
C CYS E 480 -47.69 39.27 42.64
N MET E 481 -46.82 39.08 43.63
CA MET E 481 -45.94 40.16 44.04
C MET E 481 -45.01 40.55 42.91
N TYR E 482 -44.60 39.54 42.13
CA TYR E 482 -43.80 39.79 40.95
C TYR E 482 -44.56 40.63 39.96
N TRP E 483 -45.85 40.28 39.96
CA TRP E 483 -46.87 40.72 39.06
C TRP E 483 -47.19 42.18 39.12
N TYR E 484 -47.30 42.73 40.33
CA TYR E 484 -47.51 44.15 40.41
C TYR E 484 -46.31 44.87 39.86
N ASN E 485 -45.15 44.61 40.48
CA ASN E 485 -43.90 45.31 40.17
C ASN E 485 -43.35 45.12 38.76
N PHE E 486 -43.39 43.89 38.26
CA PHE E 486 -42.91 43.61 36.94
C PHE E 486 -44.07 43.57 35.97
N LEU E 487 -45.28 43.53 36.51
CA LEU E 487 -46.43 43.73 35.67
C LEU E 487 -46.30 45.15 35.16
N ALA E 488 -46.00 46.05 36.09
CA ALA E 488 -45.89 47.44 35.74
C ALA E 488 -44.76 47.54 34.75
N TYR E 489 -43.71 46.79 35.02
CA TYR E 489 -42.52 46.86 34.17
C TYR E 489 -42.77 46.44 32.72
N HIS E 490 -43.48 45.34 32.50
CA HIS E 490 -43.56 44.77 31.15
C HIS E 490 -44.28 45.64 30.13
N MET E 491 -45.39 46.21 30.57
CA MET E 491 -46.22 47.13 29.80
C MET E 491 -45.40 48.29 29.27
N ALA E 492 -44.37 48.68 30.00
CA ALA E 492 -43.56 49.81 29.58
C ALA E 492 -42.77 49.44 28.34
N SER E 493 -42.16 48.26 28.37
CA SER E 493 -41.44 47.77 27.21
C SER E 493 -42.45 47.60 26.07
N ALA E 494 -43.65 47.15 26.43
CA ALA E 494 -44.66 46.85 25.44
C ALA E 494 -44.80 48.10 24.61
N LYS E 495 -44.67 49.24 25.27
CA LYS E 495 -44.81 50.53 24.60
C LYS E 495 -46.27 50.89 24.46
N MET E 496 -47.14 50.07 25.05
CA MET E 496 -48.56 50.33 24.98
C MET E 496 -48.89 51.23 26.14
N HIS E 497 -49.22 52.47 25.81
CA HIS E 497 -49.49 53.49 26.82
C HIS E 497 -50.94 53.47 27.29
N LYS E 498 -51.86 53.13 26.39
CA LYS E 498 -53.27 53.04 26.77
C LYS E 498 -53.47 51.89 27.74
N GLU E 499 -52.78 50.79 27.51
CA GLU E 499 -52.82 49.66 28.43
C GLU E 499 -52.18 50.03 29.74
N LEU E 500 -51.15 50.88 29.65
CA LEU E 500 -50.45 51.33 30.83
C LEU E 500 -51.40 52.14 31.68
N CYS E 501 -52.26 52.88 31.01
CA CYS E 501 -53.35 53.60 31.66
C CYS E 501 -54.36 52.63 32.23
N ALA E 502 -54.53 51.51 31.56
CA ALA E 502 -55.48 50.49 32.00
C ALA E 502 -55.02 49.86 33.30
N LEU E 503 -53.71 49.90 33.54
CA LEU E 503 -53.18 49.31 34.77
C LEU E 503 -52.80 50.33 35.84
N MET E 504 -51.69 51.04 35.62
CA MET E 504 -51.09 51.82 36.69
C MET E 504 -52.01 52.90 37.27
N PHE E 505 -52.84 53.47 36.40
CA PHE E 505 -53.72 54.55 36.79
C PHE E 505 -54.71 54.07 37.83
N SER E 506 -55.17 52.84 37.66
CA SER E 506 -56.27 52.32 38.47
C SER E 506 -55.96 52.54 39.95
N LEU E 507 -56.80 53.35 40.59
CA LEU E 507 -56.57 53.72 41.99
C LEU E 507 -56.66 52.51 42.92
N ASP E 508 -57.53 51.57 42.58
CA ASP E 508 -57.69 50.38 43.40
C ASP E 508 -56.44 49.50 43.32
N TRP E 509 -55.81 49.52 42.15
CA TRP E 509 -54.56 48.82 41.95
C TRP E 509 -53.50 49.43 42.83
N ILE E 510 -53.58 50.74 42.97
CA ILE E 510 -52.72 51.49 43.88
C ILE E 510 -53.01 51.06 45.30
N LYS E 511 -54.28 50.78 45.58
CA LYS E 511 -54.70 50.42 46.92
C LYS E 511 -54.11 49.09 47.33
N ALA E 512 -54.28 48.09 46.47
CA ALA E 512 -53.72 46.78 46.76
C ALA E 512 -52.20 46.82 46.78
N LYS E 513 -51.62 47.62 45.90
CA LYS E 513 -50.17 47.67 45.82
C LYS E 513 -49.59 48.30 47.08
N THR E 514 -50.30 49.31 47.57
CA THR E 514 -49.95 50.00 48.80
C THR E 514 -50.05 49.01 49.94
N GLU E 515 -51.05 48.13 49.83
CA GLU E 515 -51.44 47.25 50.94
C GLU E 515 -50.33 46.31 51.37
N LEU E 516 -49.63 45.70 50.41
CA LEU E 516 -48.50 44.81 50.72
C LEU E 516 -47.11 45.28 50.24
N VAL E 517 -47.08 46.14 49.23
CA VAL E 517 -45.86 46.72 48.69
C VAL E 517 -45.35 47.92 49.47
N GLY E 518 -46.28 48.77 49.91
CA GLY E 518 -45.91 50.04 50.51
C GLY E 518 -45.92 51.12 49.45
N PRO E 519 -45.92 52.38 49.90
CA PRO E 519 -46.08 53.51 49.00
C PRO E 519 -44.79 54.05 48.37
N ALA E 520 -43.73 53.25 48.34
CA ALA E 520 -42.51 53.68 47.67
C ALA E 520 -42.35 53.15 46.26
N HIS E 521 -42.71 51.90 46.06
CA HIS E 521 -42.49 51.30 44.74
C HIS E 521 -43.27 52.04 43.67
N LEU E 522 -44.49 52.44 43.99
CA LEU E 522 -45.35 53.13 43.04
C LEU E 522 -44.73 54.46 42.61
N ILE E 523 -44.13 55.17 43.56
CA ILE E 523 -43.46 56.43 43.25
C ILE E 523 -42.29 56.20 42.29
N HIS E 524 -41.53 55.14 42.54
CA HIS E 524 -40.40 54.79 41.70
C HIS E 524 -40.88 54.44 40.28
N GLU E 525 -42.00 53.72 40.21
CA GLU E 525 -42.60 53.34 38.94
C GLU E 525 -43.05 54.58 38.18
N PHE E 526 -43.58 55.56 38.91
CA PHE E 526 -44.12 56.76 38.32
C PHE E 526 -43.04 57.56 37.58
N VAL E 527 -41.84 57.61 38.14
CA VAL E 527 -40.78 58.35 37.48
C VAL E 527 -40.47 57.70 36.14
N GLU E 528 -40.46 56.37 36.12
CA GLU E 528 -40.32 55.61 34.89
C GLU E 528 -41.52 55.87 34.00
N TYR E 529 -42.67 56.01 34.66
CA TYR E 529 -43.97 56.16 34.01
C TYR E 529 -44.04 57.41 33.14
N ARG E 530 -43.44 58.48 33.62
CA ARG E 530 -43.59 59.80 33.00
C ARG E 530 -43.09 59.88 31.55
N HIS E 531 -41.93 59.29 31.29
CA HIS E 531 -41.38 59.22 29.94
C HIS E 531 -42.26 58.36 29.02
N ILE E 532 -42.76 57.25 29.57
CA ILE E 532 -43.49 56.25 28.80
C ILE E 532 -44.77 56.73 28.13
N LEU E 533 -45.54 57.55 28.83
CA LEU E 533 -46.86 57.95 28.33
C LEU E 533 -46.86 59.30 27.63
N ASP E 534 -47.50 60.31 28.23
CA ASP E 534 -47.64 61.62 27.60
C ASP E 534 -47.34 62.75 28.57
N GLU E 535 -46.90 63.89 28.04
CA GLU E 535 -46.59 65.04 28.86
C GLU E 535 -47.84 65.56 29.57
N LYS E 536 -48.96 65.57 28.88
CA LYS E 536 -50.21 66.05 29.45
C LYS E 536 -50.62 65.18 30.63
N ASP E 537 -50.47 63.87 30.48
CA ASP E 537 -50.73 62.94 31.56
C ASP E 537 -49.74 63.19 32.69
N CYS E 538 -48.49 63.47 32.31
CA CYS E 538 -47.43 63.76 33.25
C CYS E 538 -47.97 64.66 34.35
N ALA E 539 -48.82 65.61 33.95
CA ALA E 539 -49.49 66.48 34.90
C ALA E 539 -50.38 65.65 35.80
N VAL E 540 -51.05 64.67 35.20
CA VAL E 540 -51.92 63.79 35.94
C VAL E 540 -51.05 63.06 36.95
N SER E 541 -49.87 62.65 36.49
CA SER E 541 -48.90 62.00 37.37
C SER E 541 -48.42 62.99 38.42
N GLU E 542 -48.32 64.25 38.04
CA GLU E 542 -47.93 65.31 38.97
C GLU E 542 -49.01 65.48 40.03
N ASN E 543 -50.27 65.37 39.60
CA ASN E 543 -51.40 65.47 40.52
C ASN E 543 -51.46 64.27 41.46
N PHE E 544 -51.11 63.10 40.95
CA PHE E 544 -51.10 61.88 41.75
C PHE E 544 -49.96 61.91 42.78
N GLN E 545 -48.80 62.38 42.36
CA GLN E 545 -47.65 62.47 43.25
C GLN E 545 -48.02 63.43 44.38
N GLU E 546 -48.72 64.50 44.01
CA GLU E 546 -49.22 65.46 44.99
C GLU E 546 -50.20 64.78 45.91
N PHE E 547 -50.96 63.82 45.37
CA PHE E 547 -51.90 63.04 46.17
C PHE E 547 -51.16 62.08 47.09
N LEU E 548 -49.93 61.73 46.71
CA LEU E 548 -49.12 60.82 47.50
C LEU E 548 -48.47 61.55 48.67
N SER E 549 -48.07 62.79 48.45
CA SER E 549 -47.44 63.60 49.49
C SER E 549 -48.21 63.48 50.81
N LEU E 550 -49.53 63.37 50.71
CA LEU E 550 -50.38 63.24 51.89
C LEU E 550 -50.46 61.78 52.34
N ASN E 551 -50.12 60.87 51.44
CA ASN E 551 -50.14 59.44 51.74
C ASN E 551 -49.09 58.89 52.70
N GLY E 552 -47.85 59.35 52.57
CA GLY E 552 -46.76 58.73 53.31
C GLY E 552 -46.84 58.76 54.82
N HIS E 553 -47.27 59.89 55.37
CA HIS E 553 -47.23 60.14 56.80
C HIS E 553 -48.08 59.21 57.67
N LEU E 554 -49.33 59.01 57.28
CA LEU E 554 -50.25 58.19 58.05
C LEU E 554 -50.84 57.01 57.29
N LEU E 555 -50.62 56.96 55.98
CA LEU E 555 -51.30 56.00 55.12
C LEU E 555 -50.99 54.52 55.43
N GLY E 556 -49.72 54.23 55.72
CA GLY E 556 -49.30 52.87 55.97
C GLY E 556 -49.78 52.18 57.22
N ARG E 557 -49.83 52.93 58.32
CA ARG E 557 -50.27 52.40 59.60
C ARG E 557 -51.03 51.09 59.44
N GLN E 558 -52.36 51.18 59.42
CA GLN E 558 -53.21 50.00 59.29
C GLN E 558 -54.61 50.41 58.82
N PRO E 559 -55.38 51.03 59.72
CA PRO E 559 -56.72 51.49 59.36
C PRO E 559 -56.70 52.30 58.07
N PHE E 560 -56.26 51.68 56.96
CA PHE E 560 -56.14 52.40 55.70
C PHE E 560 -57.35 53.28 55.45
N PRO E 561 -57.54 54.28 56.30
CA PRO E 561 -58.67 55.21 56.16
C PRO E 561 -59.24 55.22 54.74
N ASN E 562 -60.57 55.14 54.62
CA ASN E 562 -61.20 55.17 53.31
C ASN E 562 -60.66 56.31 52.44
N ILE E 563 -59.57 56.03 51.72
CA ILE E 563 -58.95 57.02 50.85
C ILE E 563 -59.99 57.77 50.04
N VAL E 564 -60.94 57.04 49.46
CA VAL E 564 -62.00 57.63 48.65
C VAL E 564 -62.59 58.86 49.33
N GLN E 565 -62.50 58.89 50.66
CA GLN E 565 -63.03 60.00 51.44
C GLN E 565 -61.94 61.04 51.72
N LEU E 566 -60.74 60.57 52.01
CA LEU E 566 -59.62 61.44 52.31
C LEU E 566 -59.01 62.01 51.02
N GLY E 567 -59.42 61.46 49.89
CA GLY E 567 -58.92 61.90 48.60
C GLY E 567 -59.48 63.24 48.19
N LEU E 568 -60.78 63.44 48.41
CA LEU E 568 -61.44 64.69 48.07
C LEU E 568 -60.88 65.85 48.88
N CYS E 569 -59.59 66.12 48.71
CA CYS E 569 -58.93 67.21 49.42
C CYS E 569 -57.98 67.97 48.51
N GLU E 570 -57.63 67.35 47.39
CA GLU E 570 -56.72 67.99 46.42
C GLU E 570 -57.34 69.24 45.82
N PRO E 571 -56.51 70.08 45.22
CA PRO E 571 -56.98 71.34 44.62
C PRO E 571 -56.95 71.30 43.09
N GLU E 572 -57.47 72.34 42.46
CA GLU E 572 -57.49 72.42 41.00
C GLU E 572 -58.53 71.47 40.42
N THR E 573 -58.08 70.28 40.04
CA THR E 573 -58.97 69.27 39.46
C THR E 573 -58.23 67.97 39.22
N SER E 574 -57.26 68.00 38.32
CA SER E 574 -56.45 66.83 38.01
C SER E 574 -57.25 65.56 37.82
N GLU E 575 -56.57 64.54 37.32
CA GLU E 575 -57.18 63.24 37.09
C GLU E 575 -57.67 62.73 38.43
N VAL E 576 -56.89 62.96 39.48
CA VAL E 576 -57.27 62.46 40.79
C VAL E 576 -58.53 63.12 41.30
N TYR E 577 -58.61 64.44 41.17
CA TYR E 577 -59.76 65.13 41.68
C TYR E 577 -60.98 64.65 40.94
N GLN E 578 -60.86 64.57 39.62
CA GLN E 578 -62.02 64.23 38.83
C GLN E 578 -62.48 62.85 39.21
N GLN E 579 -61.54 61.94 39.39
CA GLN E 579 -61.86 60.57 39.74
C GLN E 579 -62.57 60.51 41.10
N ALA E 580 -62.11 61.35 42.03
CA ALA E 580 -62.56 61.30 43.40
C ALA E 580 -64.01 61.77 43.53
N LYS E 581 -64.36 62.85 42.85
CA LYS E 581 -65.71 63.38 43.02
C LYS E 581 -66.75 62.38 42.55
N LEU E 582 -66.48 61.76 41.40
CA LEU E 582 -67.40 60.78 40.85
C LEU E 582 -67.54 59.58 41.77
N GLN E 583 -66.41 59.16 42.33
CA GLN E 583 -66.42 58.00 43.22
C GLN E 583 -67.28 58.33 44.43
N ALA E 584 -67.11 59.56 44.92
CA ALA E 584 -67.85 60.02 46.07
C ALA E 584 -69.34 60.05 45.78
N LYS E 585 -69.70 60.51 44.60
CA LYS E 585 -71.11 60.58 44.20
C LYS E 585 -71.70 59.18 44.16
N GLN E 586 -70.93 58.23 43.66
CA GLN E 586 -71.35 56.84 43.60
C GLN E 586 -71.56 56.27 45.00
N GLU E 587 -70.64 56.58 45.91
CA GLU E 587 -70.75 56.14 47.29
C GLU E 587 -71.96 56.72 47.97
N VAL E 588 -72.23 57.99 47.67
CA VAL E 588 -73.18 58.82 48.40
C VAL E 588 -74.62 58.32 48.36
N ASP E 589 -75.09 57.90 47.19
CA ASP E 589 -76.47 57.46 47.08
C ASP E 589 -76.71 56.25 47.97
N ASN E 590 -75.75 55.33 47.96
CA ASN E 590 -75.81 54.15 48.81
C ASN E 590 -75.77 54.49 50.29
N GLY E 591 -74.95 55.46 50.65
CA GLY E 591 -74.73 55.80 52.05
C GLY E 591 -73.29 56.20 52.30
N MET E 592 -72.80 55.96 53.52
CA MET E 592 -71.40 56.25 53.86
C MET E 592 -71.16 57.67 54.41
N LEU E 593 -72.17 58.52 54.36
CA LEU E 593 -72.19 59.72 55.17
C LEU E 593 -70.91 60.53 54.99
N TYR E 594 -70.40 60.59 53.76
CA TYR E 594 -69.20 61.37 53.50
C TYR E 594 -69.46 62.83 53.75
N LEU E 595 -68.51 63.54 54.34
CA LEU E 595 -68.70 64.98 54.54
C LEU E 595 -67.87 65.76 53.54
N GLU E 596 -68.55 66.60 52.74
CA GLU E 596 -67.84 67.46 51.80
C GLU E 596 -67.00 68.51 52.52
N TRP E 597 -65.87 68.91 51.92
CA TRP E 597 -65.06 70.00 52.47
C TRP E 597 -65.00 71.19 51.51
N ILE E 598 -65.36 72.37 52.02
CA ILE E 598 -65.48 73.57 51.17
C ILE E 598 -64.39 74.64 51.20
N ASN E 599 -63.34 74.43 51.99
CA ASN E 599 -62.29 75.46 52.17
C ASN E 599 -60.87 75.18 51.66
N LYS E 600 -60.66 74.14 50.84
CA LYS E 600 -59.31 73.69 50.55
C LYS E 600 -58.44 74.79 49.94
N LYS E 601 -59.00 75.51 48.97
CA LYS E 601 -58.24 76.54 48.26
C LYS E 601 -57.85 77.66 49.20
N ASN E 602 -58.57 77.76 50.31
CA ASN E 602 -58.33 78.78 51.32
C ASN E 602 -57.34 78.32 52.40
N ILE E 603 -56.99 77.03 52.37
CA ILE E 603 -56.20 76.42 53.44
C ILE E 603 -55.14 75.41 52.99
N THR E 604 -54.15 75.19 53.86
CA THR E 604 -53.05 74.25 53.65
C THR E 604 -51.97 74.71 52.68
N ASN E 605 -50.80 75.00 53.22
CA ASN E 605 -49.58 75.13 52.43
C ASN E 605 -48.83 73.82 52.41
N LEU E 606 -49.10 73.01 51.39
CA LEU E 606 -48.65 71.62 51.36
C LEU E 606 -47.13 71.45 51.31
N SER E 607 -46.61 70.53 52.13
CA SER E 607 -45.22 70.10 52.04
C SER E 607 -45.04 69.13 50.87
N ARG E 608 -43.86 69.13 50.27
CA ARG E 608 -43.59 68.26 49.13
C ARG E 608 -43.61 66.77 49.46
N LEU E 609 -43.25 66.42 50.70
CA LEU E 609 -43.18 65.02 51.08
C LEU E 609 -43.21 64.82 52.59
N VAL E 610 -43.70 63.65 53.03
CA VAL E 610 -43.69 63.30 54.45
C VAL E 610 -43.31 61.83 54.62
N VAL E 611 -42.51 61.54 55.65
CA VAL E 611 -42.07 60.18 55.93
C VAL E 611 -42.27 59.83 57.40
N ARG E 612 -42.81 58.65 57.61
CA ARG E 612 -42.79 58.00 58.90
C ARG E 612 -41.98 56.76 58.68
N PRO E 613 -40.77 56.77 59.22
CA PRO E 613 -39.92 55.58 59.28
C PRO E 613 -40.22 54.68 60.47
N HIS E 614 -40.68 55.26 61.58
CA HIS E 614 -40.78 54.51 62.82
C HIS E 614 -42.09 54.79 63.56
N THR E 615 -42.70 53.75 64.11
CA THR E 615 -43.85 53.92 65.00
C THR E 615 -43.38 54.56 66.30
N ASP E 616 -42.09 54.43 66.57
CA ASP E 616 -41.45 54.93 67.80
C ASP E 616 -40.69 56.23 67.55
N ALA E 617 -40.76 57.14 68.52
CA ALA E 617 -40.30 58.53 68.32
C ALA E 617 -38.90 58.60 67.74
N VAL E 618 -38.73 59.49 66.76
CA VAL E 618 -37.46 59.71 66.10
C VAL E 618 -36.48 60.43 67.04
N TYR E 619 -35.21 60.08 66.99
CA TYR E 619 -34.23 60.86 67.75
C TYR E 619 -33.18 61.60 66.93
N HIS E 620 -32.83 61.09 65.76
CA HIS E 620 -31.89 61.79 64.89
C HIS E 620 -31.99 61.31 63.44
N ALA E 621 -31.59 62.18 62.51
CA ALA E 621 -31.59 61.87 61.10
C ALA E 621 -30.46 62.62 60.40
N CYS E 622 -29.95 62.06 59.31
CA CYS E 622 -28.84 62.70 58.59
C CYS E 622 -28.84 62.39 57.09
N PHE E 623 -28.52 63.40 56.30
CA PHE E 623 -28.35 63.24 54.86
C PHE E 623 -27.11 62.42 54.51
N SER E 624 -27.19 61.67 53.43
CA SER E 624 -25.99 61.10 52.83
C SER E 624 -25.16 62.25 52.32
N GLU E 625 -23.85 62.11 52.35
CA GLU E 625 -22.96 63.16 51.87
C GLU E 625 -23.23 63.42 50.40
N ASP E 626 -23.59 62.35 49.69
CA ASP E 626 -23.99 62.45 48.29
C ASP E 626 -25.35 63.14 48.16
N GLY E 627 -26.15 63.05 49.23
CA GLY E 627 -27.49 63.62 49.24
C GLY E 627 -28.53 62.70 48.65
N GLN E 628 -28.09 61.54 48.19
CA GLN E 628 -28.99 60.56 47.58
C GLN E 628 -29.92 59.87 48.58
N ARG E 629 -29.52 59.84 49.85
CA ARG E 629 -30.32 59.11 50.85
C ARG E 629 -30.21 59.70 52.25
N ILE E 630 -31.12 59.29 53.12
CA ILE E 630 -31.18 59.82 54.48
C ILE E 630 -31.38 58.69 55.49
N ALA E 631 -30.71 58.78 56.64
CA ALA E 631 -30.96 57.83 57.75
C ALA E 631 -31.53 58.53 59.01
N SER E 632 -32.63 57.99 59.54
CA SER E 632 -33.24 58.45 60.79
C SER E 632 -33.24 57.26 61.78
N CYS E 633 -32.97 57.54 63.06
CA CYS E 633 -33.17 56.57 64.14
C CYS E 633 -34.50 56.84 64.88
N GLY E 634 -34.59 56.42 66.15
CA GLY E 634 -35.80 56.62 66.94
C GLY E 634 -35.72 56.11 68.38
N ALA E 635 -36.80 56.26 69.15
CA ALA E 635 -36.82 55.80 70.54
C ALA E 635 -36.67 54.28 70.60
N ASP E 636 -37.23 53.60 69.61
CA ASP E 636 -37.15 52.15 69.60
C ASP E 636 -35.67 51.80 69.56
N LYS E 637 -34.94 52.61 68.80
CA LYS E 637 -33.48 52.45 68.69
C LYS E 637 -33.04 51.67 67.45
N THR E 638 -34.02 51.21 66.67
CA THR E 638 -33.75 50.72 65.33
C THR E 638 -33.44 51.96 64.51
N LEU E 639 -32.60 51.82 63.48
CA LEU E 639 -32.31 52.92 62.56
C LEU E 639 -32.76 52.48 61.18
N GLN E 640 -33.45 53.36 60.44
CA GLN E 640 -33.91 53.04 59.10
C GLN E 640 -33.23 53.95 58.09
N VAL E 641 -32.66 53.36 57.02
CA VAL E 641 -31.92 54.16 56.04
C VAL E 641 -32.70 54.21 54.72
N PHE E 642 -32.91 55.37 54.12
CA PHE E 642 -33.78 55.43 52.93
C PHE E 642 -33.33 56.37 51.82
N LYS E 643 -33.78 56.12 50.58
CA LYS E 643 -33.47 57.08 49.53
C LYS E 643 -34.70 57.94 49.35
N ALA E 644 -34.55 59.23 49.59
CA ALA E 644 -35.70 60.12 49.71
C ALA E 644 -36.56 60.31 48.47
N GLU E 645 -35.91 60.51 47.33
CA GLU E 645 -36.63 60.69 46.07
C GLU E 645 -37.81 59.74 45.95
N THR E 646 -37.59 58.60 45.33
CA THR E 646 -38.63 57.60 45.14
C THR E 646 -39.30 57.26 46.47
N GLY E 647 -38.70 57.73 47.56
CA GLY E 647 -39.24 57.47 48.88
C GLY E 647 -39.62 56.02 49.09
N GLU E 648 -38.62 55.15 49.06
CA GLU E 648 -38.84 53.72 49.24
C GLU E 648 -37.77 53.10 50.14
N LYS E 649 -38.20 52.24 51.06
CA LYS E 649 -37.29 51.59 51.98
C LYS E 649 -36.06 51.06 51.25
N LEU E 650 -34.88 51.50 51.68
CA LEU E 650 -33.62 51.08 51.08
C LEU E 650 -32.73 50.36 52.08
N LEU E 651 -33.12 50.42 53.35
CA LEU E 651 -32.34 49.78 54.42
C LEU E 651 -33.19 49.49 55.67
N GLU E 652 -33.01 48.32 56.28
CA GLU E 652 -33.63 47.97 57.56
C GLU E 652 -32.49 47.58 58.53
N ILE E 653 -32.49 48.09 59.76
CA ILE E 653 -31.45 47.75 60.75
C ILE E 653 -32.12 47.06 61.95
N LYS E 654 -31.57 45.92 62.43
CA LYS E 654 -32.41 45.08 63.26
C LYS E 654 -32.60 45.72 64.63
N ALA E 655 -31.50 46.16 65.22
CA ALA E 655 -31.54 46.81 66.53
C ALA E 655 -30.24 47.57 66.84
N HIS E 656 -30.33 48.50 67.78
CA HIS E 656 -29.15 49.13 68.36
C HIS E 656 -29.27 48.97 69.87
N GLU E 657 -28.21 48.55 70.55
CA GLU E 657 -28.33 48.37 71.98
C GLU E 657 -28.62 49.73 72.62
N ASP E 658 -29.64 49.75 73.46
CA ASP E 658 -30.07 50.97 74.14
C ASP E 658 -30.92 51.79 73.16
N GLU E 659 -31.35 52.97 73.58
CA GLU E 659 -32.04 53.89 72.68
C GLU E 659 -31.04 54.70 71.87
N VAL E 660 -31.27 54.84 70.56
CA VAL E 660 -30.35 55.58 69.71
C VAL E 660 -30.24 57.00 70.23
N LEU E 661 -29.03 57.56 70.27
CA LEU E 661 -28.92 58.96 70.62
C LEU E 661 -28.69 59.88 69.42
N CYS E 662 -27.90 59.38 68.46
CA CYS E 662 -27.72 60.04 67.16
C CYS E 662 -26.90 59.16 66.24
N CYS E 663 -26.97 59.44 64.94
CA CYS E 663 -26.25 58.65 63.95
C CYS E 663 -25.76 59.55 62.83
N ALA E 664 -24.81 59.06 62.05
CA ALA E 664 -24.26 59.87 60.96
C ALA E 664 -23.49 59.05 59.91
N PHE E 665 -23.60 59.48 58.66
CA PHE E 665 -22.87 58.87 57.56
C PHE E 665 -21.39 59.21 57.52
N SER E 666 -20.60 58.32 56.94
CA SER E 666 -19.21 58.59 56.63
C SER E 666 -19.14 59.58 55.48
N THR E 667 -18.01 60.29 55.37
CA THR E 667 -17.85 61.35 54.39
C THR E 667 -18.04 60.82 52.95
N ASP E 668 -17.68 59.57 52.74
CA ASP E 668 -17.92 58.93 51.46
C ASP E 668 -19.15 58.01 51.52
N ASP E 669 -19.92 58.17 52.59
CA ASP E 669 -21.16 57.40 52.80
C ASP E 669 -20.90 55.90 52.77
N ARG E 670 -19.73 55.51 53.25
CA ARG E 670 -19.36 54.11 53.30
C ARG E 670 -19.54 53.53 54.70
N PHE E 671 -19.91 54.37 55.65
CA PHE E 671 -20.07 53.95 57.04
C PHE E 671 -21.17 54.75 57.73
N ILE E 672 -21.74 54.17 58.78
CA ILE E 672 -22.74 54.84 59.58
C ILE E 672 -22.48 54.64 61.07
N ALA E 673 -21.93 55.67 61.71
CA ALA E 673 -21.76 55.65 63.15
C ALA E 673 -23.12 55.74 63.84
N THR E 674 -23.27 55.07 64.97
CA THR E 674 -24.52 55.11 65.72
C THR E 674 -24.27 55.31 67.22
N CYS E 675 -24.63 56.48 67.72
CA CYS E 675 -24.45 56.78 69.14
C CYS E 675 -25.58 56.15 69.95
N SER E 676 -25.32 55.85 71.21
CA SER E 676 -26.34 55.22 72.06
C SER E 676 -26.08 55.35 73.55
N VAL E 677 -27.15 55.19 74.32
CA VAL E 677 -27.10 55.22 75.78
C VAL E 677 -26.26 54.08 76.33
N ASP E 678 -26.24 52.95 75.63
CA ASP E 678 -25.48 51.81 76.11
C ASP E 678 -24.01 52.20 76.17
N LYS E 679 -23.61 53.00 75.21
CA LYS E 679 -22.21 53.30 74.92
C LYS E 679 -21.62 52.35 73.88
N LYS E 680 -22.47 51.82 73.02
CA LYS E 680 -22.00 50.99 71.91
C LYS E 680 -21.93 51.82 70.63
N VAL E 681 -20.77 52.39 70.35
CA VAL E 681 -20.62 53.17 69.13
C VAL E 681 -20.52 52.20 67.97
N LYS E 682 -21.67 51.79 67.44
CA LYS E 682 -21.76 50.81 66.37
C LYS E 682 -21.69 51.44 64.98
N ILE E 683 -20.50 51.43 64.40
CA ILE E 683 -20.31 51.91 63.03
C ILE E 683 -20.55 50.76 62.05
N TRP E 684 -21.82 50.63 61.67
CA TRP E 684 -22.27 49.65 60.69
C TRP E 684 -21.85 50.11 59.29
N ASN E 685 -21.66 49.18 58.36
CA ASN E 685 -21.41 49.56 56.97
C ASN E 685 -22.68 50.20 56.38
N SER E 686 -22.50 51.19 55.51
CA SER E 686 -23.63 51.88 54.90
C SER E 686 -24.20 51.13 53.69
N MET E 687 -23.47 50.13 53.22
CA MET E 687 -23.91 49.41 52.01
C MET E 687 -24.40 48.01 52.36
N THR E 688 -23.47 47.16 52.79
CA THR E 688 -23.82 45.80 53.20
C THR E 688 -24.74 45.85 54.41
N GLY E 689 -24.58 46.88 55.22
CA GLY E 689 -25.37 47.08 56.42
C GLY E 689 -24.81 46.31 57.60
N GLU E 690 -23.77 45.54 57.32
CA GLU E 690 -23.10 44.77 58.37
C GLU E 690 -22.17 45.68 59.17
N LEU E 691 -21.97 45.36 60.44
CA LEU E 691 -21.12 46.16 61.30
C LEU E 691 -19.67 46.13 60.81
N VAL E 692 -18.98 47.26 60.94
CA VAL E 692 -17.55 47.31 60.65
C VAL E 692 -16.78 47.78 61.87
N HIS E 693 -16.90 49.07 62.19
CA HIS E 693 -16.20 49.63 63.34
C HIS E 693 -17.07 49.65 64.59
N THR E 694 -16.42 49.71 65.75
CA THR E 694 -17.14 49.83 67.00
C THR E 694 -16.25 50.45 68.07
N TYR E 695 -16.85 51.26 68.94
CA TYR E 695 -16.03 51.96 69.94
C TYR E 695 -16.78 52.23 71.25
N ASP E 696 -16.02 52.41 72.32
CA ASP E 696 -16.55 52.84 73.61
C ASP E 696 -15.44 53.44 74.47
N GLU E 697 -15.74 54.48 75.21
CA GLU E 697 -14.75 55.12 76.07
C GLU E 697 -15.41 56.05 77.08
N HIS E 698 -16.58 56.56 76.71
CA HIS E 698 -17.27 57.58 77.50
C HIS E 698 -17.66 57.11 78.89
N SER E 699 -17.49 57.98 79.88
CA SER E 699 -17.98 57.71 81.23
C SER E 699 -19.49 57.78 81.29
N GLU E 700 -20.08 58.50 80.34
CA GLU E 700 -21.52 58.71 80.31
C GLU E 700 -22.06 58.46 78.91
N GLN E 701 -23.36 58.70 78.72
CA GLN E 701 -23.98 58.51 77.42
C GLN E 701 -23.43 59.51 76.40
N VAL E 702 -23.23 59.05 75.17
CA VAL E 702 -22.67 59.88 74.12
C VAL E 702 -23.61 61.02 73.74
N ASN E 703 -23.07 62.21 73.50
CA ASN E 703 -23.88 63.33 73.04
C ASN E 703 -23.92 63.43 71.53
N CYS E 704 -22.83 63.08 70.87
CA CYS E 704 -22.77 63.22 69.42
C CYS E 704 -21.65 62.40 68.78
N CYS E 705 -21.88 62.02 67.53
CA CYS E 705 -20.89 61.28 66.75
C CYS E 705 -20.81 61.89 65.35
N HIS E 706 -19.62 61.87 64.78
CA HIS E 706 -19.40 62.40 63.43
C HIS E 706 -18.12 61.80 62.85
N PHE E 707 -18.16 61.46 61.57
CA PHE E 707 -16.96 61.10 60.83
C PHE E 707 -16.22 62.34 60.37
N THR E 708 -14.91 62.21 60.18
CA THR E 708 -14.09 63.34 59.75
C THR E 708 -14.54 63.81 58.37
N ASN E 709 -14.67 65.13 58.22
CA ASN E 709 -15.04 65.71 56.93
C ASN E 709 -13.95 65.51 55.90
N SER E 710 -12.71 65.40 56.35
CA SER E 710 -11.60 65.10 55.46
C SER E 710 -11.72 63.68 54.91
N SER E 711 -11.45 63.53 53.62
CA SER E 711 -11.43 62.22 52.99
C SER E 711 -10.26 61.39 53.49
N HIS E 712 -9.20 62.07 53.90
CA HIS E 712 -7.97 61.42 54.31
C HIS E 712 -8.07 60.88 55.73
N HIS E 713 -7.96 61.78 56.71
CA HIS E 713 -7.96 61.38 58.11
C HIS E 713 -9.28 60.75 58.49
N LEU E 714 -9.20 59.68 59.28
CA LEU E 714 -10.39 58.99 59.75
C LEU E 714 -10.48 59.10 61.26
N LEU E 715 -11.29 60.04 61.74
CA LEU E 715 -11.41 60.27 63.16
C LEU E 715 -12.87 60.28 63.58
N LEU E 716 -13.11 60.04 64.85
CA LEU E 716 -14.47 60.03 65.37
C LEU E 716 -14.54 60.87 66.64
N ALA E 717 -14.74 62.17 66.47
CA ALA E 717 -14.99 63.05 67.61
C ALA E 717 -16.34 62.69 68.21
N THR E 718 -16.39 62.60 69.55
CA THR E 718 -17.62 62.22 70.24
C THR E 718 -17.76 62.92 71.58
N GLY E 719 -18.75 63.79 71.69
CA GLY E 719 -19.10 64.40 72.96
C GLY E 719 -19.95 63.45 73.78
N SER E 720 -20.11 63.75 75.06
CA SER E 720 -20.89 62.91 75.96
C SER E 720 -21.23 63.64 77.27
N SER E 721 -22.12 63.06 78.05
CA SER E 721 -22.62 63.69 79.27
C SER E 721 -21.53 63.83 80.34
N ASP E 722 -20.45 63.07 80.17
CA ASP E 722 -19.33 63.11 81.10
C ASP E 722 -18.44 64.32 80.85
N CYS E 723 -18.81 65.09 79.81
CA CYS E 723 -18.16 66.34 79.40
C CYS E 723 -16.91 66.10 78.57
N PHE E 724 -16.24 64.96 78.79
CA PHE E 724 -15.04 64.62 78.04
C PHE E 724 -15.34 64.45 76.55
N LEU E 725 -14.51 65.05 75.70
CA LEU E 725 -14.52 64.70 74.29
C LEU E 725 -13.74 63.40 74.09
N LYS E 726 -14.10 62.64 73.07
CA LYS E 726 -13.31 61.49 72.68
C LYS E 726 -13.01 61.57 71.18
N LEU E 727 -11.77 61.94 70.86
CA LEU E 727 -11.33 61.96 69.48
C LEU E 727 -10.78 60.61 69.09
N TRP E 728 -11.66 59.76 68.56
CA TRP E 728 -11.26 58.43 68.13
C TRP E 728 -10.39 58.46 66.90
N ASP E 729 -9.44 57.54 66.82
CA ASP E 729 -8.75 57.27 65.57
C ASP E 729 -9.46 56.09 64.93
N LEU E 730 -10.18 56.32 63.84
CA LEU E 730 -11.02 55.29 63.25
C LEU E 730 -10.20 54.10 62.76
N ASN E 731 -8.92 54.34 62.48
CA ASN E 731 -8.02 53.28 62.06
C ASN E 731 -7.53 52.44 63.24
N GLN E 732 -7.85 52.86 64.46
CA GLN E 732 -7.41 52.13 65.64
C GLN E 732 -8.57 51.86 66.62
N LYS E 733 -8.50 50.72 67.30
CA LYS E 733 -9.56 50.31 68.21
C LYS E 733 -9.72 51.24 69.40
N GLU E 734 -8.61 51.85 69.82
CA GLU E 734 -8.65 52.76 70.96
C GLU E 734 -8.51 54.22 70.53
N CYS E 735 -8.98 55.12 71.39
CA CYS E 735 -9.10 56.54 71.09
C CYS E 735 -7.76 57.22 70.80
N ARG E 736 -7.74 58.06 69.76
CA ARG E 736 -6.55 58.85 69.46
C ARG E 736 -6.26 59.88 70.53
N ASN E 737 -7.32 60.42 71.14
CA ASN E 737 -7.15 61.44 72.18
C ASN E 737 -8.40 61.76 72.98
N THR E 738 -8.39 61.43 74.26
CA THR E 738 -9.37 61.95 75.20
C THR E 738 -9.15 63.46 75.36
N MET E 739 -10.23 64.23 75.41
CA MET E 739 -10.11 65.68 75.49
C MET E 739 -11.05 66.29 76.51
N PHE E 740 -10.63 66.36 77.77
CA PHE E 740 -11.35 67.15 78.74
C PHE E 740 -11.18 68.62 78.40
N GLY E 741 -12.24 69.40 78.56
CA GLY E 741 -12.19 70.82 78.23
C GLY E 741 -13.47 71.51 78.62
N HIS E 742 -14.59 71.00 78.13
CA HIS E 742 -15.89 71.58 78.45
C HIS E 742 -16.18 71.46 79.93
N THR E 743 -16.68 72.54 80.51
CA THR E 743 -17.06 72.56 81.91
C THR E 743 -18.46 71.98 82.09
N ASN E 744 -19.14 71.76 80.97
CA ASN E 744 -20.48 71.19 80.95
C ASN E 744 -20.62 70.14 79.86
N SER E 745 -21.70 69.37 79.91
CA SER E 745 -21.92 68.29 78.96
C SER E 745 -21.98 68.85 77.54
N VAL E 746 -21.36 68.14 76.61
CA VAL E 746 -21.30 68.55 75.21
C VAL E 746 -22.70 68.66 74.62
N ASN E 747 -22.97 69.76 73.92
CA ASN E 747 -24.26 69.93 73.27
C ASN E 747 -24.28 69.42 71.83
N HIS E 748 -23.14 69.54 71.15
CA HIS E 748 -23.04 69.13 69.76
C HIS E 748 -21.57 68.95 69.38
N CYS E 749 -21.32 68.24 68.29
CA CYS E 749 -19.96 68.00 67.83
C CYS E 749 -19.86 67.88 66.31
N ARG E 750 -18.86 68.54 65.74
CA ARG E 750 -18.62 68.49 64.30
C ARG E 750 -17.13 68.63 64.02
N PHE E 751 -16.62 67.91 63.02
CA PHE E 751 -15.29 68.18 62.50
C PHE E 751 -15.22 69.48 61.72
N SER E 752 -14.13 70.21 61.89
CA SER E 752 -13.85 71.42 61.13
C SER E 752 -13.45 71.06 59.72
N PRO E 753 -13.64 71.99 58.75
CA PRO E 753 -13.15 71.75 57.39
C PRO E 753 -11.64 71.53 57.39
N ASP E 754 -10.95 72.21 58.31
CA ASP E 754 -9.55 71.91 58.57
C ASP E 754 -9.51 70.77 59.56
N ASP E 755 -9.16 69.58 59.06
CA ASP E 755 -9.19 68.38 59.87
C ASP E 755 -8.20 68.44 61.03
N LYS E 756 -7.18 69.29 60.88
CA LYS E 756 -6.20 69.53 61.93
C LYS E 756 -6.88 70.16 63.15
N LEU E 757 -7.90 70.97 62.88
CA LEU E 757 -8.73 71.57 63.92
C LEU E 757 -9.93 70.70 64.25
N LEU E 758 -10.44 70.84 65.46
CA LEU E 758 -11.67 70.14 65.85
C LEU E 758 -12.47 70.99 66.84
N ALA E 759 -13.48 71.68 66.32
CA ALA E 759 -14.35 72.50 67.14
C ALA E 759 -15.31 71.67 67.97
N SER E 760 -15.77 72.23 69.08
CA SER E 760 -16.76 71.55 69.91
C SER E 760 -17.59 72.56 70.73
N CYS E 761 -18.80 72.15 71.10
CA CYS E 761 -19.70 73.02 71.84
C CYS E 761 -20.25 72.31 73.07
N SER E 762 -20.73 73.10 74.02
CA SER E 762 -21.29 72.56 75.26
C SER E 762 -22.13 73.59 76.00
N ALA E 763 -22.77 73.15 77.09
CA ALA E 763 -23.75 73.97 77.80
C ALA E 763 -23.15 75.24 78.39
N ASP E 764 -21.84 75.23 78.65
CA ASP E 764 -21.15 76.45 79.07
C ASP E 764 -21.23 77.49 77.98
N GLY E 765 -21.37 77.02 76.74
CA GLY E 765 -21.65 77.87 75.59
C GLY E 765 -20.42 78.33 74.86
N THR E 766 -19.27 78.29 75.53
CA THR E 766 -18.02 78.68 74.90
C THR E 766 -17.66 77.72 73.79
N LEU E 767 -17.24 78.26 72.65
CA LEU E 767 -16.75 77.43 71.56
C LEU E 767 -15.39 76.88 71.94
N LYS E 768 -15.05 75.69 71.45
CA LYS E 768 -13.72 75.16 71.69
C LYS E 768 -13.07 74.58 70.44
N LEU E 769 -12.25 75.40 69.79
CA LEU E 769 -11.51 74.99 68.62
C LEU E 769 -10.22 74.28 69.04
N TRP E 770 -10.33 72.96 69.20
CA TRP E 770 -9.21 72.12 69.63
C TRP E 770 -8.20 71.93 68.51
N ASP E 771 -6.94 71.72 68.87
CA ASP E 771 -5.93 71.36 67.88
C ASP E 771 -5.75 69.85 67.88
N ALA E 772 -6.45 69.16 66.99
CA ALA E 772 -6.44 67.71 66.95
C ALA E 772 -5.07 67.15 66.58
N THR E 773 -4.31 67.89 65.77
CA THR E 773 -3.00 67.43 65.31
C THR E 773 -2.00 67.31 66.47
N SER E 774 -2.09 68.22 67.43
CA SER E 774 -1.23 68.18 68.60
C SER E 774 -1.88 67.43 69.75
N ALA E 775 -3.13 67.01 69.52
CA ALA E 775 -3.95 66.39 70.56
C ALA E 775 -4.06 67.29 71.79
N ASN E 776 -4.10 68.60 71.54
CA ASN E 776 -4.09 69.61 72.59
C ASN E 776 -4.97 70.81 72.27
N GLU E 777 -5.25 71.62 73.28
CA GLU E 777 -6.02 72.84 73.12
C GLU E 777 -5.28 73.86 72.24
N ARG E 778 -6.03 74.57 71.40
CA ARG E 778 -5.49 75.65 70.60
C ARG E 778 -6.25 76.94 70.84
N LYS E 779 -7.56 76.89 70.66
CA LYS E 779 -8.40 78.07 70.82
C LYS E 779 -9.73 77.72 71.46
N SER E 780 -10.35 78.70 72.10
CA SER E 780 -11.65 78.52 72.73
C SER E 780 -12.31 79.86 73.04
N ILE E 781 -13.13 80.35 72.12
CA ILE E 781 -13.83 81.61 72.31
C ILE E 781 -14.79 81.54 73.49
N ASN E 782 -14.76 82.55 74.35
CA ASN E 782 -15.77 82.70 75.39
C ASN E 782 -17.06 83.27 74.80
N VAL E 783 -18.20 82.90 75.37
CA VAL E 783 -19.47 83.37 74.84
C VAL E 783 -20.32 83.98 75.94
N LYS E 784 -20.07 85.26 76.21
CA LYS E 784 -20.93 86.07 77.05
C LYS E 784 -21.48 87.21 76.20
N GLN E 785 -21.34 87.04 74.88
CA GLN E 785 -21.70 88.06 73.91
C GLN E 785 -23.18 88.35 73.93
N PHE E 786 -23.96 87.40 74.42
CA PHE E 786 -25.37 87.63 74.69
C PHE E 786 -25.48 88.47 75.96
N PHE E 787 -25.09 89.73 75.85
CA PHE E 787 -25.18 90.64 76.99
C PHE E 787 -26.64 90.96 77.28
N LEU E 788 -26.97 91.05 78.57
CA LEU E 788 -28.34 91.28 78.98
C LEU E 788 -28.38 91.73 80.45
N ASN E 789 -28.57 93.03 80.66
CA ASN E 789 -28.54 93.60 82.01
C ASN E 789 -29.90 93.52 82.68
N LEU E 790 -30.29 92.32 83.11
CA LEU E 790 -31.54 92.13 83.84
C LEU E 790 -31.38 92.41 85.32
N GLU E 791 -32.51 92.35 86.03
CA GLU E 791 -32.54 92.47 87.48
C GLU E 791 -32.23 91.13 88.14
N ASP E 792 -31.91 90.14 87.29
CA ASP E 792 -31.54 88.81 87.73
C ASP E 792 -30.27 88.89 88.58
N PRO E 793 -30.31 88.26 89.78
CA PRO E 793 -29.16 88.26 90.71
C PRO E 793 -27.88 87.67 90.10
N GLN E 794 -28.01 86.72 89.19
CA GLN E 794 -26.85 86.20 88.46
C GLN E 794 -26.20 87.34 87.69
N GLU E 795 -24.88 87.29 87.53
CA GLU E 795 -24.14 88.35 86.87
C GLU E 795 -24.39 88.34 85.36
N ASP E 796 -23.30 88.36 84.59
CA ASP E 796 -23.42 88.21 83.15
C ASP E 796 -24.00 86.84 82.83
N MET E 797 -24.91 86.80 81.85
CA MET E 797 -25.65 85.59 81.55
C MET E 797 -24.76 84.45 81.06
N GLU E 798 -25.07 83.24 81.51
CA GLU E 798 -24.35 82.05 81.11
C GLU E 798 -24.96 81.44 79.85
N VAL E 799 -24.41 81.82 78.70
CA VAL E 799 -24.95 81.40 77.41
C VAL E 799 -24.85 79.88 77.25
N ILE E 800 -25.88 79.28 76.67
CA ILE E 800 -25.91 77.84 76.45
C ILE E 800 -26.11 77.56 74.96
N VAL E 801 -25.01 77.56 74.21
CA VAL E 801 -25.06 77.28 72.78
C VAL E 801 -25.52 75.85 72.50
N LYS E 802 -26.34 75.69 71.47
CA LYS E 802 -26.80 74.36 71.07
C LYS E 802 -26.17 73.93 69.76
N CYS E 803 -26.75 74.35 68.63
CA CYS E 803 -26.25 73.96 67.32
C CYS E 803 -24.85 74.54 67.08
N CYS E 804 -23.98 73.72 66.49
CA CYS E 804 -22.65 74.17 66.12
C CYS E 804 -22.57 74.39 64.62
N SER E 805 -23.26 75.43 64.15
CA SER E 805 -23.35 75.72 62.72
C SER E 805 -22.01 76.14 62.13
N TRP E 806 -21.79 75.80 60.87
CA TRP E 806 -20.57 76.20 60.17
C TRP E 806 -20.86 77.09 58.97
N SER E 807 -19.90 77.96 58.65
CA SER E 807 -19.94 78.70 57.39
C SER E 807 -19.70 77.70 56.27
N ALA E 808 -20.13 78.03 55.06
CA ALA E 808 -20.04 77.09 53.95
C ALA E 808 -18.61 76.65 53.69
N ASP E 809 -17.66 77.56 53.94
CA ASP E 809 -16.26 77.20 53.92
C ASP E 809 -15.81 76.57 55.25
N GLY E 810 -16.61 76.81 56.29
CA GLY E 810 -16.30 76.28 57.62
C GLY E 810 -15.20 77.03 58.33
N ALA E 811 -14.84 78.20 57.80
CA ALA E 811 -13.74 78.99 58.35
C ALA E 811 -14.14 79.72 59.63
N ARG E 812 -15.44 79.77 59.90
CA ARG E 812 -15.97 80.47 61.06
C ARG E 812 -17.16 79.69 61.61
N ILE E 813 -17.48 79.88 62.89
CA ILE E 813 -18.56 79.10 63.48
C ILE E 813 -19.80 79.92 63.83
N MET E 814 -20.86 79.66 63.06
CA MET E 814 -22.20 80.13 63.40
C MET E 814 -22.74 79.32 64.58
N VAL E 815 -23.47 79.95 65.48
CA VAL E 815 -24.06 79.30 66.65
C VAL E 815 -25.37 79.98 66.99
N ALA E 816 -26.12 79.40 67.91
CA ALA E 816 -27.32 80.06 68.41
C ALA E 816 -27.63 79.64 69.83
N ALA E 817 -28.11 80.59 70.64
CA ALA E 817 -28.46 80.30 72.02
C ALA E 817 -29.35 81.37 72.61
N LYS E 818 -30.16 80.97 73.59
CA LYS E 818 -31.06 81.90 74.30
C LYS E 818 -31.93 82.70 73.35
N ASN E 819 -31.57 83.95 73.14
CA ASN E 819 -32.36 84.83 72.27
C ASN E 819 -31.59 85.31 71.04
N LYS E 820 -30.36 84.84 70.87
CA LYS E 820 -29.53 85.33 69.77
C LYS E 820 -28.70 84.27 69.10
N ILE E 821 -28.67 84.34 67.76
CA ILE E 821 -27.68 83.66 66.94
C ILE E 821 -26.39 84.48 66.99
N PHE E 822 -25.24 83.82 66.88
CA PHE E 822 -23.95 84.50 66.79
C PHE E 822 -23.14 83.92 65.63
N LEU E 823 -22.20 84.70 65.11
CA LEU E 823 -21.26 84.18 64.13
C LEU E 823 -19.84 84.47 64.60
N PHE E 824 -19.32 83.57 65.43
CA PHE E 824 -17.97 83.73 65.96
C PHE E 824 -16.91 83.41 64.91
N ASP E 825 -15.79 84.11 64.99
CA ASP E 825 -14.63 83.85 64.16
C ASP E 825 -13.56 83.16 65.00
N ILE E 826 -13.59 81.83 64.99
CA ILE E 826 -12.66 81.03 65.79
C ILE E 826 -11.20 81.19 65.38
N HIS E 827 -10.96 81.46 64.10
CA HIS E 827 -9.59 81.64 63.64
C HIS E 827 -8.95 82.90 64.24
N THR E 828 -9.76 83.90 64.54
CA THR E 828 -9.28 85.11 65.20
C THR E 828 -9.69 85.14 66.67
N SER E 829 -10.43 84.12 67.09
CA SER E 829 -10.92 84.00 68.46
C SER E 829 -11.72 85.23 68.89
N GLY E 830 -12.61 85.70 68.03
CA GLY E 830 -13.44 86.85 68.35
C GLY E 830 -14.81 86.81 67.70
N LEU E 831 -15.76 87.52 68.32
CA LEU E 831 -17.12 87.63 67.79
C LEU E 831 -17.17 88.43 66.49
N LEU E 832 -18.06 88.04 65.60
CA LEU E 832 -18.37 88.87 64.43
C LEU E 832 -19.87 89.08 64.29
N GLY E 833 -20.56 88.07 63.78
CA GLY E 833 -22.00 88.17 63.55
C GLY E 833 -22.81 87.98 64.82
N GLU E 834 -24.09 88.36 64.76
CA GLU E 834 -24.99 88.24 65.89
C GLU E 834 -26.43 88.46 65.44
N ILE E 835 -27.12 87.38 65.11
CA ILE E 835 -28.49 87.47 64.61
C ILE E 835 -29.51 87.21 65.70
N HIS E 836 -30.16 88.27 66.18
CA HIS E 836 -31.15 88.14 67.24
C HIS E 836 -32.34 87.30 66.77
N THR E 837 -32.87 86.46 67.65
CA THR E 837 -34.02 85.62 67.32
C THR E 837 -35.33 86.34 67.63
N GLY E 838 -36.44 85.76 67.16
CA GLY E 838 -37.74 86.37 67.36
C GLY E 838 -38.12 86.52 68.82
N HIS E 839 -38.56 87.72 69.19
CA HIS E 839 -38.95 88.04 70.56
C HIS E 839 -37.90 87.61 71.57
N HIS E 840 -38.34 87.06 72.69
CA HIS E 840 -37.43 86.62 73.73
C HIS E 840 -37.92 85.35 74.44
N SER E 841 -36.97 84.44 74.69
CA SER E 841 -37.24 83.18 75.35
C SER E 841 -35.92 82.44 75.60
N THR E 842 -35.83 81.23 75.07
CA THR E 842 -34.59 80.47 75.06
C THR E 842 -34.67 79.44 73.94
N ILE E 843 -33.69 79.45 73.04
CA ILE E 843 -33.74 78.60 71.86
C ILE E 843 -33.78 77.12 72.21
N GLN E 844 -34.70 76.40 71.56
CA GLN E 844 -34.78 74.95 71.70
C GLN E 844 -34.10 74.28 70.52
N TYR E 845 -34.11 74.96 69.38
CA TYR E 845 -33.46 74.46 68.17
C TYR E 845 -33.10 75.57 67.19
N CYS E 846 -32.10 75.33 66.36
CA CYS E 846 -31.66 76.30 65.37
C CYS E 846 -30.92 75.62 64.22
N ASP E 847 -30.88 76.29 63.07
CA ASP E 847 -30.21 75.73 61.89
C ASP E 847 -29.86 76.79 60.87
N PHE E 848 -28.57 77.10 60.75
CA PHE E 848 -28.06 77.99 59.71
C PHE E 848 -28.10 77.37 58.31
N SER E 849 -28.41 78.19 57.31
CA SER E 849 -28.36 77.77 55.91
C SER E 849 -27.29 78.53 55.14
N PRO E 850 -26.27 77.83 54.62
CA PRO E 850 -25.20 78.47 53.86
C PRO E 850 -25.68 79.23 52.63
N GLN E 851 -26.72 78.73 51.97
CA GLN E 851 -27.38 79.48 50.90
C GLN E 851 -28.23 80.62 51.46
N ASN E 852 -28.25 81.72 50.72
CA ASN E 852 -29.13 82.86 51.02
C ASN E 852 -28.98 83.39 52.44
N HIS E 853 -27.95 82.94 53.14
CA HIS E 853 -27.73 83.28 54.54
C HIS E 853 -28.98 82.99 55.40
N LEU E 854 -29.72 81.95 55.03
CA LEU E 854 -30.95 81.61 55.73
C LEU E 854 -30.72 80.95 57.09
N ALA E 855 -31.70 81.10 57.97
CA ALA E 855 -31.67 80.50 59.30
C ALA E 855 -33.03 79.92 59.67
N VAL E 856 -33.20 78.62 59.45
CA VAL E 856 -34.41 77.94 59.88
C VAL E 856 -34.27 77.60 61.35
N VAL E 857 -34.92 78.41 62.18
CA VAL E 857 -34.77 78.28 63.63
C VAL E 857 -36.07 77.94 64.30
N ALA E 858 -36.10 76.81 65.00
CA ALA E 858 -37.21 76.45 65.85
C ALA E 858 -36.97 76.97 67.26
N LEU E 859 -37.44 78.19 67.52
CA LEU E 859 -37.20 78.84 68.80
C LEU E 859 -37.80 78.04 69.96
N SER E 860 -39.12 78.02 70.03
CA SER E 860 -39.83 77.22 71.02
C SER E 860 -41.26 76.95 70.56
N GLN E 861 -41.82 75.81 70.95
CA GLN E 861 -43.16 75.46 70.49
C GLN E 861 -43.21 75.36 68.97
N TYR E 862 -42.25 74.66 68.40
CA TYR E 862 -42.24 74.41 66.97
C TYR E 862 -42.33 75.74 66.24
N CYS E 863 -41.69 76.77 66.78
CA CYS E 863 -41.66 78.05 66.11
C CYS E 863 -40.55 78.05 65.09
N VAL E 864 -40.77 77.31 64.00
CA VAL E 864 -39.76 77.09 62.97
C VAL E 864 -39.75 78.24 61.98
N GLU E 865 -39.27 79.39 62.42
CA GLU E 865 -39.23 80.57 61.56
C GLU E 865 -38.07 80.52 60.57
N LEU E 866 -38.27 81.11 59.40
CA LEU E 866 -37.20 81.27 58.43
C LEU E 866 -36.65 82.68 58.47
N TRP E 867 -35.54 82.82 59.19
CA TRP E 867 -34.80 84.08 59.32
C TRP E 867 -33.74 84.19 58.24
N ASN E 868 -33.09 85.35 58.17
CA ASN E 868 -31.99 85.52 57.24
C ASN E 868 -30.79 86.09 57.98
N THR E 869 -29.72 85.31 58.06
CA THR E 869 -28.54 85.66 58.86
C THR E 869 -27.77 86.83 58.27
N ASP E 870 -27.04 87.52 59.15
CA ASP E 870 -26.24 88.70 58.81
C ASP E 870 -27.12 89.89 58.46
N SER E 871 -28.05 89.70 57.53
CA SER E 871 -29.07 90.69 57.25
C SER E 871 -29.98 90.86 58.46
N ARG E 872 -30.04 89.82 59.28
CA ARG E 872 -30.72 89.85 60.57
C ARG E 872 -32.20 90.22 60.47
N SER E 873 -32.89 89.60 59.52
CA SER E 873 -34.33 89.78 59.38
C SER E 873 -35.00 88.49 58.93
N LYS E 874 -36.20 88.24 59.45
CA LYS E 874 -36.97 87.04 59.10
C LYS E 874 -37.38 87.05 57.64
N VAL E 875 -37.33 85.88 57.00
CA VAL E 875 -37.80 85.75 55.63
C VAL E 875 -39.27 85.34 55.61
N ALA E 876 -39.61 84.24 56.25
CA ALA E 876 -41.01 83.79 56.27
C ALA E 876 -41.33 82.79 57.37
N ASP E 877 -42.59 82.76 57.78
CA ASP E 877 -43.06 81.81 58.78
C ASP E 877 -43.21 80.42 58.16
N CYS E 878 -43.05 79.39 58.98
CA CYS E 878 -43.23 78.02 58.52
C CYS E 878 -44.08 77.22 59.51
N ARG E 879 -45.40 77.38 59.47
CA ARG E 879 -46.32 76.48 60.19
C ARG E 879 -46.45 75.06 59.60
N GLY E 880 -46.80 74.07 60.43
CA GLY E 880 -46.95 72.69 60.00
C GLY E 880 -46.30 71.45 60.62
N HIS E 881 -45.63 71.57 61.75
CA HIS E 881 -45.22 70.37 62.50
C HIS E 881 -46.01 70.27 63.81
N LEU E 882 -46.44 69.04 64.14
CA LEU E 882 -47.23 68.73 65.34
C LEU E 882 -46.28 68.04 66.33
N SER E 883 -46.42 68.33 67.63
CA SER E 883 -45.53 67.85 68.71
C SER E 883 -44.35 68.77 69.06
N TRP E 884 -44.36 69.98 68.52
CA TRP E 884 -43.19 70.85 68.59
C TRP E 884 -41.99 70.14 67.97
N VAL E 885 -41.46 70.69 66.87
CA VAL E 885 -40.40 70.02 66.14
C VAL E 885 -39.46 69.26 67.06
N HIS E 886 -38.71 68.35 66.47
CA HIS E 886 -37.67 67.64 67.18
C HIS E 886 -36.38 67.86 66.45
N GLY E 887 -36.46 68.25 65.18
CA GLY E 887 -35.24 68.61 64.47
C GLY E 887 -35.40 68.87 62.98
N VAL E 888 -34.43 69.60 62.43
CA VAL E 888 -34.44 70.02 61.03
C VAL E 888 -33.00 70.04 60.53
N MET E 889 -32.77 69.74 59.25
CA MET E 889 -31.44 69.94 58.67
C MET E 889 -31.53 70.01 57.15
N PHE E 890 -30.70 70.88 56.57
CA PHE E 890 -30.71 71.13 55.12
C PHE E 890 -30.03 70.03 54.32
N SER E 891 -30.42 69.93 53.06
CA SER E 891 -29.77 69.05 52.10
C SER E 891 -28.36 69.55 51.83
N PRO E 892 -27.44 68.65 51.45
CA PRO E 892 -26.08 69.09 51.10
C PRO E 892 -26.11 70.07 49.94
N ASP E 893 -27.06 69.90 49.04
CA ASP E 893 -27.30 70.90 48.00
C ASP E 893 -27.83 72.19 48.60
N GLY E 894 -28.52 72.08 49.72
CA GLY E 894 -29.08 73.23 50.40
C GLY E 894 -30.41 73.64 49.81
N SER E 895 -30.86 72.89 48.81
CA SER E 895 -32.09 73.21 48.10
C SER E 895 -33.31 72.69 48.85
N SER E 896 -33.08 71.93 49.91
CA SER E 896 -34.17 71.35 50.68
C SER E 896 -33.73 71.03 52.11
N PHE E 897 -34.69 70.71 52.97
CA PHE E 897 -34.36 70.31 54.33
C PHE E 897 -35.39 69.37 54.95
N LEU E 898 -34.89 68.40 55.72
CA LEU E 898 -35.75 67.50 56.48
C LEU E 898 -36.28 68.19 57.72
N THR E 899 -37.43 67.73 58.22
CA THR E 899 -37.97 68.24 59.47
C THR E 899 -38.46 67.13 60.39
N SER E 900 -37.54 66.56 61.16
CA SER E 900 -37.91 65.56 62.16
C SER E 900 -38.80 66.21 63.22
N SER E 901 -39.76 65.45 63.75
CA SER E 901 -40.69 66.03 64.72
C SER E 901 -41.16 65.01 65.75
N ASP E 902 -41.68 65.51 66.86
CA ASP E 902 -42.10 64.66 67.97
C ASP E 902 -43.27 63.75 67.58
N ASP E 903 -44.03 64.12 66.57
CA ASP E 903 -45.18 63.31 66.19
C ASP E 903 -44.65 61.93 65.80
N GLN E 904 -43.42 61.93 65.30
CA GLN E 904 -42.85 60.85 64.48
C GLN E 904 -42.90 61.09 62.95
N THR E 905 -42.72 62.36 62.55
CA THR E 905 -42.97 62.81 61.19
C THR E 905 -41.78 63.59 60.62
N ILE E 906 -41.42 63.30 59.38
CA ILE E 906 -40.35 64.03 58.70
C ILE E 906 -40.86 64.68 57.42
N ARG E 907 -40.97 66.00 57.42
CA ARG E 907 -41.50 66.68 56.26
C ARG E 907 -40.40 67.30 55.42
N LEU E 908 -40.31 66.84 54.18
CA LEU E 908 -39.46 67.45 53.17
C LEU E 908 -39.97 68.82 52.77
N TRP E 909 -39.06 69.74 52.48
CA TRP E 909 -39.44 71.08 52.04
C TRP E 909 -38.47 71.68 51.05
N GLU E 910 -39.02 72.28 50.00
CA GLU E 910 -38.23 73.05 49.04
C GLU E 910 -37.75 74.35 49.66
N THR E 911 -36.54 74.77 49.28
CA THR E 911 -35.97 76.02 49.78
C THR E 911 -36.78 77.25 49.39
N LYS E 912 -37.26 77.26 48.15
CA LYS E 912 -37.97 78.41 47.59
C LYS E 912 -39.26 78.75 48.32
N LYS E 913 -40.01 77.72 48.73
CA LYS E 913 -41.33 77.91 49.32
C LYS E 913 -41.30 78.71 50.62
N VAL E 914 -40.29 78.48 51.45
CA VAL E 914 -40.21 79.10 52.76
C VAL E 914 -40.13 80.62 52.72
N CYS E 915 -39.36 81.15 51.77
CA CYS E 915 -39.14 82.59 51.66
C CYS E 915 -40.43 83.37 51.40
N LYS E 916 -41.28 82.82 50.53
CA LYS E 916 -42.54 83.46 50.16
C LYS E 916 -43.45 83.53 51.39
N ASN E 917 -44.19 84.62 51.54
CA ASN E 917 -45.03 84.77 52.71
C ASN E 917 -46.33 83.99 52.56
N SER E 918 -46.86 83.52 53.69
CA SER E 918 -48.11 82.75 53.68
C SER E 918 -48.92 82.99 54.95
N ALA E 919 -49.38 84.22 55.13
CA ALA E 919 -50.18 84.58 56.30
C ALA E 919 -51.50 83.83 56.31
N VAL E 920 -51.45 82.56 56.70
CA VAL E 920 -52.64 81.72 56.74
C VAL E 920 -52.67 80.88 58.02
N MET E 921 -53.30 79.70 57.93
CA MET E 921 -53.40 78.81 59.08
C MET E 921 -53.86 79.54 60.33
N LEU E 922 -55.17 79.66 60.49
CA LEU E 922 -55.76 80.34 61.65
C LEU E 922 -55.14 79.86 62.97
N LYS E 923 -55.25 80.72 63.98
CA LYS E 923 -54.72 80.47 65.32
C LYS E 923 -55.43 79.30 65.99
N GLN E 924 -54.69 78.60 66.84
CA GLN E 924 -55.12 77.27 67.32
C GLN E 924 -56.45 77.22 68.08
N GLU E 925 -56.68 78.17 68.97
CA GLU E 925 -57.91 78.20 69.74
C GLU E 925 -58.79 79.36 69.29
N VAL E 926 -60.00 79.05 68.87
CA VAL E 926 -60.94 80.05 68.41
C VAL E 926 -62.37 79.67 68.80
N ASP E 927 -63.25 80.67 68.88
CA ASP E 927 -64.65 80.43 69.16
C ASP E 927 -65.45 80.77 67.91
N VAL E 928 -66.33 79.85 67.49
CA VAL E 928 -67.21 80.07 66.34
C VAL E 928 -68.70 80.06 66.73
N VAL E 929 -69.45 81.06 66.27
CA VAL E 929 -70.89 81.15 66.57
C VAL E 929 -71.74 80.96 65.30
N PHE E 930 -72.69 80.03 65.37
CA PHE E 930 -73.48 79.67 64.19
C PHE E 930 -74.92 80.19 64.21
N GLN E 931 -75.22 81.02 63.23
CA GLN E 931 -76.48 81.74 63.13
C GLN E 931 -77.37 81.32 61.98
N GLU E 932 -77.14 80.11 61.44
CA GLU E 932 -77.90 79.60 60.28
C GLU E 932 -77.13 79.08 59.02
N ASN E 933 -77.43 79.66 57.86
CA ASN E 933 -76.89 79.34 56.51
C ASN E 933 -75.40 79.60 56.21
N GLU E 934 -74.84 80.57 56.94
CA GLU E 934 -73.42 80.87 56.93
C GLU E 934 -72.90 80.75 58.36
N VAL E 935 -71.73 80.14 58.53
CA VAL E 935 -71.10 79.98 59.84
C VAL E 935 -69.85 80.84 59.91
N MET E 936 -69.71 81.63 60.98
CA MET E 936 -68.56 82.53 61.15
C MET E 936 -67.63 81.97 62.25
N VAL E 937 -66.33 81.89 61.95
CA VAL E 937 -65.35 81.34 62.90
C VAL E 937 -64.49 82.47 63.49
N LEU E 938 -64.40 82.50 64.82
CA LEU E 938 -63.55 83.48 65.49
C LEU E 938 -62.09 83.23 65.14
N ALA E 939 -61.34 84.30 64.92
CA ALA E 939 -59.94 84.19 64.54
C ALA E 939 -59.05 85.19 65.24
N VAL E 940 -57.76 84.84 65.36
CA VAL E 940 -56.76 85.74 65.92
C VAL E 940 -55.79 86.13 64.81
N ASP E 941 -55.57 87.42 64.65
CA ASP E 941 -54.79 87.92 63.52
C ASP E 941 -53.38 87.33 63.57
N HIS E 942 -52.82 87.09 62.39
CA HIS E 942 -51.49 86.50 62.29
C HIS E 942 -50.44 87.41 62.91
N ILE E 943 -50.75 88.71 62.95
CA ILE E 943 -49.81 89.68 63.52
C ILE E 943 -50.29 90.22 64.88
N ARG E 944 -51.54 90.68 64.95
CA ARG E 944 -52.00 91.37 66.14
C ARG E 944 -53.31 90.82 66.71
N ARG E 945 -54.44 91.43 66.34
CA ARG E 945 -55.71 91.12 67.00
C ARG E 945 -56.47 89.99 66.32
N LEU E 946 -57.31 90.34 65.33
CA LEU E 946 -58.19 89.36 64.72
C LEU E 946 -58.73 89.77 63.35
N GLN E 947 -59.21 88.75 62.63
CA GLN E 947 -59.98 88.94 61.40
C GLN E 947 -61.10 87.91 61.38
N LEU E 948 -62.30 88.37 61.00
CA LEU E 948 -63.42 87.46 60.91
C LEU E 948 -63.59 87.13 59.44
N ILE E 949 -63.32 85.88 59.11
CA ILE E 949 -63.59 85.38 57.77
C ILE E 949 -64.76 84.42 57.77
N ASN E 950 -65.86 84.83 57.16
CA ASN E 950 -67.01 83.95 57.00
C ASN E 950 -66.67 82.84 56.02
N GLY E 951 -67.30 81.69 56.19
CA GLY E 951 -67.11 80.59 55.28
C GLY E 951 -67.77 80.91 53.95
N ARG E 952 -67.33 80.23 52.90
CA ARG E 952 -67.86 80.40 51.55
C ARG E 952 -67.76 81.85 51.07
N THR E 953 -66.74 82.55 51.52
CA THR E 953 -66.48 83.93 51.06
C THR E 953 -65.08 84.40 51.42
N GLY E 954 -64.62 85.44 50.74
CA GLY E 954 -63.33 86.04 51.01
C GLY E 954 -63.46 87.29 51.87
N GLN E 955 -64.58 87.41 52.57
CA GLN E 955 -64.90 88.60 53.33
C GLN E 955 -64.19 88.65 54.68
N ILE E 956 -62.94 89.10 54.67
CA ILE E 956 -62.17 89.32 55.89
C ILE E 956 -62.77 90.46 56.71
N ASP E 957 -62.75 90.33 58.03
CA ASP E 957 -63.26 91.40 58.90
C ASP E 957 -62.25 91.70 60.01
N TYR E 958 -61.23 92.47 59.66
CA TYR E 958 -60.16 92.82 60.59
C TYR E 958 -60.61 93.84 61.65
N LEU E 959 -60.02 93.74 62.84
CA LEU E 959 -60.27 94.68 63.93
C LEU E 959 -58.97 94.96 64.68
N THR E 960 -58.90 96.10 65.36
CA THR E 960 -57.68 96.48 66.07
C THR E 960 -57.82 96.51 67.60
N GLU E 961 -56.81 95.97 68.27
CA GLU E 961 -56.68 96.00 69.73
C GLU E 961 -55.26 95.55 70.07
N ALA E 962 -54.79 95.85 71.28
CA ALA E 962 -53.46 95.41 71.68
C ALA E 962 -53.47 93.93 72.04
N GLN E 963 -53.62 93.09 71.02
CA GLN E 963 -53.64 91.63 71.18
C GLN E 963 -54.71 91.16 72.16
N VAL E 964 -55.90 90.86 71.63
CA VAL E 964 -56.98 90.33 72.45
C VAL E 964 -56.62 88.96 73.02
N SER E 965 -57.01 88.72 74.27
CA SER E 965 -56.71 87.46 74.93
C SER E 965 -57.74 86.38 74.57
N CYS E 966 -58.99 86.80 74.44
CA CYS E 966 -60.10 85.90 74.13
C CYS E 966 -61.28 86.75 73.67
N CYS E 967 -62.28 86.13 73.05
CA CYS E 967 -63.39 86.90 72.49
C CYS E 967 -64.75 86.22 72.66
N CYS E 968 -65.80 87.02 72.62
CA CYS E 968 -67.17 86.51 72.72
C CYS E 968 -68.19 87.48 72.13
N LEU E 969 -69.03 86.98 71.24
CA LEU E 969 -70.14 87.77 70.69
C LEU E 969 -71.32 87.86 71.65
N SER E 970 -72.06 88.96 71.55
CA SER E 970 -73.25 89.19 72.35
C SER E 970 -74.44 88.36 71.87
N PRO E 971 -75.38 88.06 72.79
CA PRO E 971 -76.63 87.42 72.40
C PRO E 971 -77.44 88.32 71.47
N HIS E 972 -78.14 87.72 70.52
CA HIS E 972 -78.91 88.47 69.52
C HIS E 972 -78.03 89.47 68.77
N LEU E 973 -76.77 89.10 68.58
CA LEU E 973 -75.81 89.91 67.81
C LEU E 973 -75.65 91.32 68.38
N GLN E 974 -75.49 92.28 67.47
CA GLN E 974 -75.46 93.72 67.78
C GLN E 974 -74.23 94.18 68.56
N TYR E 975 -73.41 93.25 69.01
CA TYR E 975 -72.20 93.59 69.74
C TYR E 975 -71.10 92.55 69.55
N ILE E 976 -69.90 92.91 69.99
CA ILE E 976 -68.74 92.01 69.96
C ILE E 976 -67.97 92.29 71.25
N ALA E 977 -67.20 91.32 71.73
CA ALA E 977 -66.45 91.53 72.97
C ALA E 977 -65.15 90.75 73.03
N PHE E 978 -64.25 91.20 73.89
CA PHE E 978 -62.96 90.54 74.07
C PHE E 978 -62.38 90.76 75.45
N GLY E 979 -61.55 89.83 75.89
CA GLY E 979 -60.84 89.92 77.15
C GLY E 979 -59.51 90.62 76.99
N ASP E 980 -58.69 90.58 78.04
CA ASP E 980 -57.39 91.23 78.01
C ASP E 980 -56.43 90.56 79.00
N GLU E 981 -55.14 90.84 78.84
CA GLU E 981 -54.10 90.25 79.67
C GLU E 981 -54.26 90.68 81.13
N ASN E 982 -54.82 91.86 81.34
CA ASN E 982 -55.12 92.36 82.67
C ASN E 982 -56.44 91.83 83.21
N GLY E 983 -57.16 91.09 82.36
CA GLY E 983 -58.47 90.57 82.71
C GLY E 983 -59.58 91.54 82.41
N ALA E 984 -59.22 92.70 81.88
CA ALA E 984 -60.19 93.69 81.43
C ALA E 984 -60.99 93.13 80.25
N ILE E 985 -62.27 93.44 80.18
CA ILE E 985 -63.09 92.91 79.10
C ILE E 985 -63.95 93.98 78.44
N GLU E 986 -63.56 94.39 77.24
CA GLU E 986 -64.33 95.35 76.45
C GLU E 986 -65.47 94.69 75.68
N ILE E 987 -66.55 95.43 75.44
CA ILE E 987 -67.62 94.97 74.58
C ILE E 987 -67.95 96.03 73.53
N LEU E 988 -67.18 96.04 72.44
CA LEU E 988 -67.40 96.98 71.35
C LEU E 988 -68.76 96.79 70.69
N GLU E 989 -69.47 97.90 70.45
CA GLU E 989 -70.73 97.83 69.70
C GLU E 989 -70.45 97.69 68.20
N LEU E 990 -71.32 96.98 67.50
CA LEU E 990 -71.19 96.84 66.05
C LEU E 990 -71.61 98.11 65.32
N VAL E 991 -72.67 98.74 65.81
CA VAL E 991 -73.23 99.93 65.17
C VAL E 991 -72.25 101.08 65.17
N ASN E 992 -71.44 101.17 66.22
CA ASN E 992 -70.47 102.25 66.33
C ASN E 992 -69.23 101.81 67.10
N ASN E 993 -68.06 102.02 66.49
CA ASN E 993 -66.79 101.69 67.12
C ASN E 993 -66.46 102.59 68.32
N ARG E 994 -67.03 103.78 68.36
CA ARG E 994 -66.78 104.70 69.47
C ARG E 994 -67.35 104.20 70.80
N ILE E 995 -68.45 103.46 70.75
CA ILE E 995 -69.11 103.01 71.96
C ILE E 995 -68.56 101.67 72.46
N PHE E 996 -68.13 101.65 73.71
CA PHE E 996 -67.59 100.46 74.32
C PHE E 996 -67.65 100.58 75.84
N GLN E 997 -67.57 99.44 76.52
CA GLN E 997 -67.42 99.41 77.97
C GLN E 997 -66.17 98.56 78.23
N SER E 998 -65.29 99.01 79.11
CA SER E 998 -64.10 98.22 79.47
C SER E 998 -64.19 97.86 80.93
N ARG E 999 -63.97 96.59 81.27
CA ARG E 999 -64.04 96.17 82.66
C ARG E 999 -62.66 95.77 83.19
N PHE E 1000 -62.25 96.35 84.31
CA PHE E 1000 -60.93 96.02 84.85
C PHE E 1000 -61.09 95.07 86.04
N GLN E 1001 -60.52 93.87 85.92
CA GLN E 1001 -60.81 92.85 86.91
C GLN E 1001 -59.84 91.68 86.73
N HIS E 1002 -59.75 90.82 87.74
CA HIS E 1002 -58.93 89.60 87.72
C HIS E 1002 -57.44 89.90 87.81
N LYS E 1003 -56.75 89.13 88.65
CA LYS E 1003 -55.32 89.30 88.86
C LYS E 1003 -54.52 89.05 87.59
N LYS E 1004 -55.04 88.18 86.73
CA LYS E 1004 -54.36 87.83 85.50
C LYS E 1004 -55.32 87.89 84.32
N THR E 1005 -54.97 87.22 83.22
CA THR E 1005 -55.83 87.15 82.06
C THR E 1005 -57.13 86.44 82.40
N VAL E 1006 -58.25 86.97 81.93
CA VAL E 1006 -59.56 86.38 82.19
C VAL E 1006 -59.69 84.99 81.54
N TRP E 1007 -60.31 84.06 82.27
CA TRP E 1007 -60.56 82.73 81.72
C TRP E 1007 -61.87 82.71 80.93
N HIS E 1008 -62.82 81.93 81.43
CA HIS E 1008 -64.10 81.74 80.75
C HIS E 1008 -64.90 83.04 80.70
N ILE E 1009 -65.58 83.25 79.58
CA ILE E 1009 -66.46 84.40 79.42
C ILE E 1009 -67.79 83.95 78.83
N GLN E 1010 -68.89 84.41 79.41
CA GLN E 1010 -70.20 84.03 78.91
C GLN E 1010 -71.23 85.11 79.22
N PHE E 1011 -72.19 85.27 78.32
CA PHE E 1011 -73.22 86.29 78.45
C PHE E 1011 -74.54 85.68 78.90
N THR E 1012 -75.37 86.50 79.55
CA THR E 1012 -76.70 86.06 79.96
C THR E 1012 -77.63 86.00 78.76
N ALA E 1013 -78.82 85.44 78.95
CA ALA E 1013 -79.83 85.39 77.90
C ALA E 1013 -80.22 86.81 77.50
N ASP E 1014 -80.13 87.72 78.47
CA ASP E 1014 -80.25 89.14 78.20
C ASP E 1014 -79.03 89.62 77.43
N GLU E 1015 -79.20 90.64 76.60
CA GLU E 1015 -78.09 91.21 75.85
C GLU E 1015 -77.08 91.83 76.82
N LYS E 1016 -77.57 92.22 77.99
CA LYS E 1016 -76.76 92.82 79.05
C LYS E 1016 -76.06 91.78 79.92
N THR E 1017 -75.16 92.27 80.77
CA THR E 1017 -74.48 91.49 81.81
C THR E 1017 -73.41 90.52 81.28
N LEU E 1018 -72.16 90.97 81.33
CA LEU E 1018 -71.01 90.10 81.13
C LEU E 1018 -70.83 89.16 82.32
N ILE E 1019 -70.37 87.94 82.07
CA ILE E 1019 -69.95 87.07 83.15
C ILE E 1019 -68.57 86.50 82.80
N SER E 1020 -67.70 86.40 83.80
CA SER E 1020 -66.33 85.96 83.55
C SER E 1020 -65.67 85.36 84.79
N SER E 1021 -64.49 84.79 84.63
CA SER E 1021 -63.73 84.27 85.75
C SER E 1021 -62.24 84.19 85.40
N SER E 1022 -61.39 84.09 86.42
CA SER E 1022 -59.95 83.94 86.22
C SER E 1022 -59.28 83.43 87.48
N ASP E 1023 -58.15 84.03 87.84
CA ASP E 1023 -57.38 83.59 88.99
C ASP E 1023 -58.12 83.86 90.30
N ASP E 1024 -59.04 84.83 90.28
CA ASP E 1024 -59.82 85.14 91.47
C ASP E 1024 -60.73 83.97 91.88
N ALA E 1025 -60.87 83.78 93.19
CA ALA E 1025 -61.75 82.74 93.71
C ALA E 1025 -63.20 83.03 93.32
N GLU E 1026 -63.52 84.31 93.25
CA GLU E 1026 -64.86 84.74 92.89
C GLU E 1026 -65.14 84.59 91.40
N ILE E 1027 -66.40 84.35 91.06
CA ILE E 1027 -66.80 84.38 89.65
C ILE E 1027 -67.38 85.75 89.32
N GLN E 1028 -66.67 86.49 88.50
CA GLN E 1028 -67.10 87.82 88.10
C GLN E 1028 -68.43 87.81 87.33
N VAL E 1029 -69.28 88.78 87.68
CA VAL E 1029 -70.45 89.08 86.87
C VAL E 1029 -70.50 90.59 86.73
N TRP E 1030 -69.96 91.08 85.62
CA TRP E 1030 -69.90 92.52 85.38
C TRP E 1030 -70.88 92.94 84.30
N ASN E 1031 -72.02 93.48 84.73
CA ASN E 1031 -72.97 94.01 83.75
C ASN E 1031 -72.32 95.21 83.08
N TRP E 1032 -72.43 95.28 81.76
CA TRP E 1032 -71.82 96.38 81.01
C TRP E 1032 -72.78 97.56 80.92
N GLN E 1033 -72.27 98.70 80.45
CA GLN E 1033 -73.02 99.95 80.40
C GLN E 1033 -73.36 100.41 81.82
N LEU E 1034 -74.16 99.60 82.51
CA LEU E 1034 -74.49 99.84 83.91
C LEU E 1034 -73.23 99.72 84.77
N ASP E 1035 -72.24 99.00 84.24
CA ASP E 1035 -70.96 98.79 84.90
C ASP E 1035 -71.12 98.12 86.27
N LYS E 1036 -72.13 97.27 86.39
CA LYS E 1036 -72.39 96.57 87.65
C LYS E 1036 -71.35 95.50 87.89
N CYS E 1037 -71.05 95.21 89.16
CA CYS E 1037 -69.98 94.29 89.50
C CYS E 1037 -70.40 93.25 90.53
N ILE E 1038 -71.45 92.50 90.23
CA ILE E 1038 -71.88 91.43 91.14
C ILE E 1038 -70.83 90.33 91.14
N PHE E 1039 -70.53 89.78 92.32
CA PHE E 1039 -69.54 88.71 92.40
C PHE E 1039 -70.11 87.41 92.97
N LEU E 1040 -69.60 86.29 92.48
CA LEU E 1040 -69.91 84.98 93.03
C LEU E 1040 -68.81 84.55 93.99
N ARG E 1041 -69.01 84.80 95.28
CA ARG E 1041 -67.97 84.56 96.28
C ARG E 1041 -67.92 83.08 96.66
N GLY E 1042 -67.26 82.28 95.83
CA GLY E 1042 -67.17 80.85 96.04
C GLY E 1042 -66.15 80.36 97.04
N HIS E 1043 -65.23 81.25 97.44
CA HIS E 1043 -64.18 80.93 98.40
C HIS E 1043 -63.34 79.71 98.00
N GLN E 1044 -63.26 79.49 96.69
CA GLN E 1044 -62.37 78.49 96.09
C GLN E 1044 -60.97 79.05 95.90
N GLU E 1045 -60.00 78.16 95.66
CA GLU E 1045 -58.65 78.62 95.34
C GLU E 1045 -58.78 79.39 94.03
N THR E 1046 -59.59 78.85 93.14
CA THR E 1046 -60.13 79.57 92.00
C THR E 1046 -61.32 78.76 91.48
N VAL E 1047 -62.21 79.40 90.74
CA VAL E 1047 -63.21 78.63 90.01
C VAL E 1047 -62.69 78.31 88.62
N LYS E 1048 -62.67 77.02 88.29
CA LYS E 1048 -62.07 76.56 87.04
C LYS E 1048 -62.90 76.97 85.82
N ASP E 1049 -64.21 76.78 85.90
CA ASP E 1049 -65.07 77.08 84.77
C ASP E 1049 -66.52 77.21 85.20
N PHE E 1050 -67.35 77.77 84.33
CA PHE E 1050 -68.77 77.90 84.61
C PHE E 1050 -69.58 77.91 83.32
N ARG E 1051 -70.86 77.60 83.43
CA ARG E 1051 -71.76 77.56 82.29
C ARG E 1051 -73.18 78.01 82.66
N LEU E 1052 -73.92 78.49 81.66
CA LEU E 1052 -75.32 78.88 81.84
C LEU E 1052 -76.25 77.68 82.00
N LEU E 1053 -77.19 77.81 82.94
CA LEU E 1053 -78.28 76.85 83.06
C LEU E 1053 -79.56 77.46 82.49
N LYS E 1054 -80.54 76.61 82.18
CA LYS E 1054 -81.78 77.08 81.56
C LYS E 1054 -82.53 78.05 82.47
N ASN E 1055 -82.36 77.89 83.78
CA ASN E 1055 -82.97 78.79 84.74
C ASN E 1055 -82.13 80.05 84.92
N SER E 1056 -82.35 80.75 86.03
CA SER E 1056 -81.51 81.89 86.39
C SER E 1056 -80.24 81.38 87.04
N ARG E 1057 -80.21 80.07 87.28
CA ARG E 1057 -79.06 79.40 87.88
C ARG E 1057 -77.82 79.47 86.98
N LEU E 1058 -76.65 79.56 87.61
CA LEU E 1058 -75.39 79.54 86.86
C LEU E 1058 -74.47 78.43 87.35
N LEU E 1059 -74.37 77.36 86.56
CA LEU E 1059 -73.53 76.21 86.92
C LEU E 1059 -72.07 76.60 86.95
N SER E 1060 -71.29 75.98 87.83
CA SER E 1060 -69.86 76.24 87.92
C SER E 1060 -69.12 75.10 88.61
N TRP E 1061 -67.79 75.07 88.43
CA TRP E 1061 -66.94 74.13 89.12
C TRP E 1061 -65.51 74.64 89.20
N SER E 1062 -64.79 74.21 90.24
CA SER E 1062 -63.46 74.71 90.52
C SER E 1062 -62.44 73.58 90.61
N PHE E 1063 -61.29 73.90 91.20
CA PHE E 1063 -60.24 72.91 91.41
C PHE E 1063 -60.48 72.02 92.63
N ASP E 1064 -61.45 72.37 93.47
CA ASP E 1064 -61.85 71.48 94.53
C ASP E 1064 -62.84 70.44 94.03
N GLY E 1065 -63.29 70.62 92.80
CA GLY E 1065 -64.18 69.67 92.15
C GLY E 1065 -65.63 69.81 92.57
N THR E 1066 -65.93 70.86 93.33
CA THR E 1066 -67.32 71.14 93.68
C THR E 1066 -68.10 71.49 92.42
N VAL E 1067 -69.29 70.92 92.28
CA VAL E 1067 -70.16 71.29 91.17
C VAL E 1067 -71.23 72.24 91.72
N LYS E 1068 -70.85 73.50 91.84
CA LYS E 1068 -71.74 74.53 92.35
C LYS E 1068 -72.84 74.90 91.37
N VAL E 1069 -74.01 75.21 91.92
CA VAL E 1069 -75.10 75.75 91.12
C VAL E 1069 -75.48 77.11 91.68
N TRP E 1070 -74.95 78.15 91.04
CA TRP E 1070 -75.16 79.53 91.44
C TRP E 1070 -76.38 80.13 90.76
N ASN E 1071 -76.36 81.43 90.55
CA ASN E 1071 -77.38 82.15 89.80
C ASN E 1071 -76.76 83.17 88.85
N ILE E 1072 -77.42 83.39 87.71
CA ILE E 1072 -76.93 84.36 86.73
C ILE E 1072 -77.13 85.78 87.25
N ILE E 1073 -76.28 86.69 86.77
CA ILE E 1073 -76.31 88.09 87.19
C ILE E 1073 -76.06 88.18 88.69
N THR E 1074 -77.09 87.91 89.49
CA THR E 1074 -76.96 87.89 90.94
C THR E 1074 -76.22 86.65 91.42
N GLY E 1075 -75.15 86.85 92.18
CA GLY E 1075 -74.43 85.74 92.78
C GLY E 1075 -75.21 85.12 93.93
N ASN E 1076 -75.49 83.83 93.83
CA ASN E 1076 -76.21 83.12 94.87
C ASN E 1076 -76.08 81.61 94.68
N LYS E 1077 -75.30 80.98 95.55
CA LYS E 1077 -75.02 79.55 95.42
C LYS E 1077 -76.20 78.74 95.93
N GLU E 1078 -77.23 78.62 95.08
CA GLU E 1078 -78.48 77.91 95.42
C GLU E 1078 -78.41 76.40 95.68
N LYS E 1079 -77.70 75.67 94.82
CA LYS E 1079 -77.52 74.22 94.98
C LYS E 1079 -76.02 73.96 94.91
N ASP E 1080 -75.46 73.21 95.85
CA ASP E 1080 -74.01 72.96 95.84
C ASP E 1080 -73.69 71.47 95.76
N PHE E 1081 -72.78 71.07 94.87
CA PHE E 1081 -72.42 69.64 94.74
C PHE E 1081 -70.92 69.38 94.89
N VAL E 1082 -70.57 68.29 95.58
CA VAL E 1082 -69.15 67.97 95.76
C VAL E 1082 -68.90 66.62 95.08
N CYS E 1083 -69.04 66.62 93.75
CA CYS E 1083 -68.96 65.39 92.98
C CYS E 1083 -67.55 64.78 92.95
N HIS E 1084 -66.55 65.61 93.18
CA HIS E 1084 -65.16 65.14 93.13
C HIS E 1084 -64.28 65.85 94.14
N GLN E 1085 -63.52 65.09 94.91
CA GLN E 1085 -62.51 65.66 95.78
C GLN E 1085 -61.42 66.31 94.93
N GLY E 1086 -61.17 65.72 93.76
CA GLY E 1086 -60.27 66.29 92.77
C GLY E 1086 -61.02 67.24 91.88
N THR E 1087 -60.31 67.87 90.95
CA THR E 1087 -60.92 68.86 90.06
C THR E 1087 -61.94 68.20 89.15
N VAL E 1088 -63.01 68.93 88.85
CA VAL E 1088 -63.94 68.48 87.82
C VAL E 1088 -63.25 68.49 86.46
N LEU E 1089 -62.96 67.30 85.94
CA LEU E 1089 -62.19 67.25 84.70
C LEU E 1089 -62.84 67.73 83.40
N SER E 1090 -64.05 67.24 83.13
CA SER E 1090 -64.90 67.73 82.05
C SER E 1090 -66.27 67.50 82.69
N CYS E 1091 -67.18 68.47 82.61
CA CYS E 1091 -68.54 68.27 83.06
C CYS E 1091 -69.41 68.71 81.89
N ASP E 1092 -70.41 67.92 81.50
CA ASP E 1092 -71.31 68.32 80.43
C ASP E 1092 -72.73 68.37 80.95
N ILE E 1093 -73.49 69.38 80.51
CA ILE E 1093 -74.93 69.50 80.77
C ILE E 1093 -75.77 69.23 79.51
N SER E 1094 -76.86 68.47 79.68
CA SER E 1094 -77.67 67.95 78.57
C SER E 1094 -78.40 68.94 77.63
N HIS E 1095 -78.99 69.99 78.19
CA HIS E 1095 -79.64 71.08 77.43
C HIS E 1095 -81.15 70.96 77.09
N ASP E 1096 -81.80 69.86 77.43
CA ASP E 1096 -83.25 69.82 77.49
C ASP E 1096 -83.68 70.10 78.93
N ALA E 1097 -84.65 70.99 79.09
CA ALA E 1097 -85.07 71.49 80.41
C ALA E 1097 -83.85 71.78 81.29
N THR E 1098 -83.89 71.26 82.51
CA THR E 1098 -82.71 71.22 83.37
C THR E 1098 -82.72 69.85 84.05
N LYS E 1099 -83.31 68.89 83.34
CA LYS E 1099 -83.65 67.58 83.88
C LYS E 1099 -82.44 66.76 84.30
N PHE E 1100 -81.30 66.98 83.66
CA PHE E 1100 -80.07 66.27 84.02
C PHE E 1100 -78.79 67.06 83.79
N SER E 1101 -77.75 66.66 84.51
CA SER E 1101 -76.39 67.12 84.28
C SER E 1101 -75.44 66.09 84.88
N SER E 1102 -74.25 65.99 84.32
CA SER E 1102 -73.31 64.97 84.79
C SER E 1102 -71.86 65.43 84.62
N THR E 1103 -70.98 64.78 85.37
CA THR E 1103 -69.56 65.05 85.29
C THR E 1103 -68.75 63.80 85.62
N SER E 1104 -67.53 63.76 85.08
CA SER E 1104 -66.58 62.70 85.38
C SER E 1104 -65.21 63.34 85.52
N ALA E 1105 -64.43 62.85 86.49
CA ALA E 1105 -63.17 63.51 86.80
C ALA E 1105 -62.13 62.56 87.37
N ASP E 1106 -61.80 61.54 86.59
CA ASP E 1106 -60.80 60.54 86.98
C ASP E 1106 -61.16 59.94 88.34
N LYS E 1107 -62.43 59.55 88.47
CA LYS E 1107 -62.93 58.99 89.71
C LYS E 1107 -64.23 58.24 89.45
N THR E 1108 -65.33 58.98 89.37
CA THR E 1108 -66.63 58.37 89.07
C THR E 1108 -67.45 59.28 88.14
N ALA E 1109 -68.25 58.68 87.28
CA ALA E 1109 -69.11 59.45 86.40
C ALA E 1109 -70.45 59.76 87.05
N LYS E 1110 -70.47 60.79 87.89
CA LYS E 1110 -71.69 61.17 88.60
C LYS E 1110 -72.70 61.90 87.70
N ILE E 1111 -73.98 61.74 88.02
CA ILE E 1111 -75.07 62.36 87.29
C ILE E 1111 -76.21 62.71 88.24
N TRP E 1112 -76.85 63.85 87.98
CA TRP E 1112 -77.84 64.42 88.88
C TRP E 1112 -78.94 65.15 88.10
N SER E 1113 -80.03 65.45 88.80
CA SER E 1113 -81.14 66.21 88.21
C SER E 1113 -81.29 67.57 88.89
N PHE E 1114 -80.26 67.97 89.63
CA PHE E 1114 -80.22 69.23 90.40
C PHE E 1114 -81.15 69.26 91.62
N ASP E 1115 -82.21 68.46 91.57
CA ASP E 1115 -83.19 68.45 92.67
C ASP E 1115 -82.55 67.97 93.97
N LEU E 1116 -81.58 67.09 93.87
CA LEU E 1116 -80.87 66.59 95.05
C LEU E 1116 -79.51 67.27 95.21
N LEU E 1117 -79.02 67.34 96.44
CA LEU E 1117 -77.72 67.94 96.73
C LEU E 1117 -76.60 66.98 96.38
N LEU E 1118 -76.97 65.73 96.10
CA LEU E 1118 -76.03 64.71 95.68
C LEU E 1118 -76.52 64.10 94.38
N PRO E 1119 -75.59 63.57 93.56
CA PRO E 1119 -75.96 63.07 92.24
C PRO E 1119 -76.93 61.89 92.30
N LEU E 1120 -77.85 61.83 91.34
CA LEU E 1120 -78.85 60.76 91.29
C LEU E 1120 -78.21 59.40 91.06
N HIS E 1121 -77.02 59.39 90.45
CA HIS E 1121 -76.27 58.15 90.34
C HIS E 1121 -74.78 58.45 90.25
N GLU E 1122 -73.96 57.51 90.68
CA GLU E 1122 -72.51 57.67 90.65
C GLU E 1122 -71.90 56.52 89.86
N LEU E 1123 -71.77 56.71 88.56
CA LEU E 1123 -71.30 55.63 87.70
C LEU E 1123 -69.88 55.21 88.08
N ARG E 1124 -69.67 53.89 88.14
CA ARG E 1124 -68.40 53.32 88.55
C ARG E 1124 -68.04 52.13 87.67
N GLY E 1125 -68.31 52.25 86.38
CA GLY E 1125 -68.05 51.18 85.44
C GLY E 1125 -66.64 51.18 84.87
N HIS E 1126 -65.83 52.13 85.31
CA HIS E 1126 -64.49 52.26 84.74
C HIS E 1126 -63.42 52.39 85.83
N ASN E 1127 -62.65 51.32 86.02
CA ASN E 1127 -61.56 51.29 86.98
C ASN E 1127 -60.42 52.23 86.60
N GLY E 1128 -60.31 52.51 85.31
CA GLY E 1128 -59.32 53.45 84.81
C GLY E 1128 -59.85 54.87 84.93
N CYS E 1129 -61.08 54.99 85.38
CA CYS E 1129 -61.73 56.28 85.66
C CYS E 1129 -61.98 57.11 84.41
N VAL E 1130 -63.25 57.42 84.15
CA VAL E 1130 -63.64 58.22 83.01
C VAL E 1130 -63.13 59.66 83.10
N ARG E 1131 -62.64 60.18 81.97
CA ARG E 1131 -62.05 61.51 81.92
C ARG E 1131 -63.03 62.62 81.55
N CYS E 1132 -64.01 62.29 80.71
CA CYS E 1132 -64.95 63.30 80.22
C CYS E 1132 -66.27 62.69 79.79
N SER E 1133 -67.29 63.54 79.66
CA SER E 1133 -68.63 63.07 79.32
C SER E 1133 -69.43 64.12 78.55
N ALA E 1134 -70.41 63.66 77.77
CA ALA E 1134 -71.28 64.56 77.02
C ALA E 1134 -72.67 63.98 76.84
N PHE E 1135 -73.70 64.81 77.02
CA PHE E 1135 -75.09 64.40 76.86
C PHE E 1135 -75.58 64.26 75.43
N SER E 1136 -76.61 63.43 75.27
CA SER E 1136 -77.28 63.23 74.00
C SER E 1136 -77.99 64.48 73.52
N VAL E 1137 -78.14 64.57 72.21
CA VAL E 1137 -78.85 65.70 71.62
C VAL E 1137 -80.35 65.51 71.86
N ASP E 1138 -80.77 65.88 73.06
CA ASP E 1138 -82.16 65.75 73.51
C ASP E 1138 -82.69 64.31 73.38
N SER E 1139 -81.87 63.35 73.82
CA SER E 1139 -82.27 61.94 73.82
C SER E 1139 -82.11 61.34 75.22
N THR E 1140 -81.48 60.18 75.29
CA THR E 1140 -81.25 59.51 76.57
C THR E 1140 -79.85 58.92 76.67
N LEU E 1141 -79.04 59.19 75.65
CA LEU E 1141 -77.64 58.75 75.63
C LEU E 1141 -76.77 59.65 76.48
N LEU E 1142 -75.64 59.12 76.97
CA LEU E 1142 -74.68 59.92 77.71
C LEU E 1142 -73.28 59.32 77.64
N ALA E 1143 -72.47 59.85 76.72
CA ALA E 1143 -71.12 59.36 76.52
C ALA E 1143 -70.24 59.63 77.74
N THR E 1144 -69.30 58.73 77.99
CA THR E 1144 -68.30 58.92 79.03
C THR E 1144 -66.91 58.61 78.45
N GLY E 1145 -66.18 59.67 78.14
CA GLY E 1145 -64.89 59.57 77.48
C GLY E 1145 -63.71 59.18 78.35
N ASP E 1146 -62.90 58.26 77.84
CA ASP E 1146 -61.70 57.81 78.55
C ASP E 1146 -60.46 58.57 78.07
N ASP E 1147 -59.38 58.47 78.82
CA ASP E 1147 -58.14 59.16 78.48
C ASP E 1147 -57.55 58.67 77.16
N ASN E 1148 -57.82 57.40 76.83
CA ASN E 1148 -57.32 56.80 75.60
C ASN E 1148 -58.32 56.95 74.46
N GLY E 1149 -59.30 57.82 74.65
CA GLY E 1149 -60.27 58.11 73.62
C GLY E 1149 -61.41 57.13 73.60
N GLU E 1150 -61.36 56.15 74.51
CA GLU E 1150 -62.44 55.19 74.64
C GLU E 1150 -63.69 55.90 75.12
N ILE E 1151 -64.83 55.50 74.58
CA ILE E 1151 -66.10 56.09 74.98
C ILE E 1151 -67.02 55.02 75.52
N ARG E 1152 -67.68 55.30 76.63
CA ARG E 1152 -68.67 54.37 77.15
C ARG E 1152 -70.02 55.08 77.25
N ILE E 1153 -70.94 54.71 76.36
CA ILE E 1153 -72.26 55.29 76.37
C ILE E 1153 -73.04 54.77 77.59
N TRP E 1154 -73.82 55.66 78.21
CA TRP E 1154 -74.64 55.28 79.36
C TRP E 1154 -76.02 55.89 79.19
N ASN E 1155 -77.05 55.06 79.34
CA ASN E 1155 -78.42 55.54 79.24
C ASN E 1155 -78.71 56.53 80.37
N VAL E 1156 -79.44 57.60 80.06
CA VAL E 1156 -79.76 58.58 81.08
C VAL E 1156 -80.93 58.05 81.91
N SER E 1157 -80.60 57.12 82.80
CA SER E 1157 -81.54 56.49 83.71
C SER E 1157 -80.74 55.79 84.79
N ASN E 1158 -80.25 56.55 85.75
CA ASN E 1158 -79.27 56.08 86.73
C ASN E 1158 -78.04 55.54 86.03
N GLY E 1159 -78.13 54.30 85.56
CA GLY E 1159 -77.06 53.67 84.81
C GLY E 1159 -77.25 52.18 84.68
N GLU E 1160 -76.76 51.63 83.57
CA GLU E 1160 -76.79 50.20 83.34
C GLU E 1160 -75.66 49.82 82.40
N LEU E 1161 -75.24 48.56 82.44
CA LEU E 1161 -74.06 48.14 81.68
C LEU E 1161 -74.35 48.12 80.18
N LEU E 1162 -74.54 49.32 79.63
CA LEU E 1162 -74.72 49.49 78.19
C LEU E 1162 -73.44 49.15 77.46
N HIS E 1163 -73.57 48.60 76.25
CA HIS E 1163 -72.39 48.17 75.53
C HIS E 1163 -71.54 49.42 75.37
N LEU E 1164 -70.25 49.28 75.64
CA LEU E 1164 -69.36 50.42 75.50
C LEU E 1164 -69.31 50.82 74.03
N CYS E 1165 -69.26 52.12 73.76
CA CYS E 1165 -69.16 52.58 72.39
C CYS E 1165 -67.84 52.03 71.89
N ALA E 1166 -66.84 52.07 72.77
CA ALA E 1166 -65.57 51.42 72.54
C ALA E 1166 -64.89 51.89 71.27
N PRO E 1167 -64.89 53.19 71.02
CA PRO E 1167 -64.59 53.71 69.67
C PRO E 1167 -63.22 53.31 69.13
N LEU E 1168 -62.17 53.30 69.95
CA LEU E 1168 -60.84 52.91 69.48
C LEU E 1168 -60.31 51.66 70.16
N SER E 1169 -59.93 50.66 69.38
CA SER E 1169 -59.43 49.41 69.94
C SER E 1169 -57.95 49.13 69.59
N GLU E 1170 -57.64 49.13 68.30
CA GLU E 1170 -56.27 48.88 67.85
C GLU E 1170 -55.69 50.14 67.21
N GLU E 1171 -54.49 50.52 67.64
CA GLU E 1171 -53.84 51.71 67.11
C GLU E 1171 -52.39 51.76 67.56
N GLY E 1172 -52.18 52.21 68.80
CA GLY E 1172 -50.86 52.28 69.37
C GLY E 1172 -50.51 53.71 69.72
N ALA E 1173 -49.22 54.02 69.74
CA ALA E 1173 -48.75 55.34 70.12
C ALA E 1173 -48.27 56.15 68.91
N ALA E 1174 -48.53 55.63 67.72
CA ALA E 1174 -47.92 56.13 66.50
C ALA E 1174 -48.22 57.60 66.14
N THR E 1175 -49.46 58.06 66.35
CA THR E 1175 -49.80 59.40 65.89
C THR E 1175 -50.84 60.31 66.62
N HIS E 1176 -50.74 61.61 66.36
CA HIS E 1176 -51.67 62.72 66.75
C HIS E 1176 -52.67 62.58 67.91
N GLY E 1177 -53.13 61.37 68.08
CA GLY E 1177 -54.36 61.04 68.77
C GLY E 1177 -54.58 61.46 70.22
N GLY E 1178 -53.58 61.37 71.10
CA GLY E 1178 -53.88 61.69 72.48
C GLY E 1178 -55.06 62.61 72.77
N TRP E 1179 -55.70 62.37 73.91
CA TRP E 1179 -56.73 63.19 74.45
C TRP E 1179 -58.07 62.71 73.98
N VAL E 1180 -59.04 62.93 74.84
CA VAL E 1180 -60.38 62.65 74.48
C VAL E 1180 -61.14 63.99 74.63
N THR E 1181 -60.91 64.93 73.71
CA THR E 1181 -61.36 66.30 73.84
C THR E 1181 -62.87 66.54 73.86
N ASP E 1182 -63.59 65.90 72.95
CA ASP E 1182 -65.02 66.16 72.82
C ASP E 1182 -65.77 65.03 72.13
N LEU E 1183 -67.08 65.03 72.33
CA LEU E 1183 -67.97 64.15 71.59
C LEU E 1183 -69.08 64.95 70.94
N CYS E 1184 -69.28 64.75 69.65
CA CYS E 1184 -70.37 65.40 68.93
C CYS E 1184 -71.44 64.41 68.42
N PHE E 1185 -72.47 64.19 69.23
CA PHE E 1185 -73.58 63.32 68.83
C PHE E 1185 -74.32 63.83 67.60
N SER E 1186 -74.71 62.90 66.73
CA SER E 1186 -75.54 63.21 65.58
C SER E 1186 -76.96 63.56 66.05
N PRO E 1187 -77.66 64.41 65.27
CA PRO E 1187 -79.04 64.75 65.64
C PRO E 1187 -79.93 63.52 65.74
N ASP E 1188 -79.64 62.52 64.91
CA ASP E 1188 -80.34 61.25 64.98
C ASP E 1188 -80.03 60.54 66.29
N GLY E 1189 -78.84 60.81 66.82
CA GLY E 1189 -78.41 60.20 68.07
C GLY E 1189 -77.83 58.83 67.81
N LYS E 1190 -77.85 58.42 66.55
CA LYS E 1190 -77.34 57.11 66.16
C LYS E 1190 -75.84 57.14 65.93
N MET E 1191 -75.26 58.34 65.95
CA MET E 1191 -73.82 58.48 65.69
C MET E 1191 -73.13 59.40 66.68
N LEU E 1192 -71.92 59.01 67.08
CA LEU E 1192 -71.08 59.87 67.88
C LEU E 1192 -69.85 60.28 67.07
N ILE E 1193 -69.65 61.58 66.94
CA ILE E 1193 -68.47 62.13 66.30
C ILE E 1193 -67.37 62.28 67.34
N SER E 1194 -66.57 61.22 67.48
CA SER E 1194 -65.40 61.27 68.34
C SER E 1194 -64.32 62.12 67.70
N ALA E 1195 -63.60 62.88 68.52
CA ALA E 1195 -62.54 63.74 68.00
C ALA E 1195 -61.35 63.77 68.96
N GLY E 1196 -60.34 62.95 68.64
CA GLY E 1196 -59.11 62.91 69.41
C GLY E 1196 -57.92 63.16 68.53
N GLY E 1197 -57.29 62.09 68.05
CA GLY E 1197 -56.23 62.23 67.08
C GLY E 1197 -56.81 62.60 65.73
N TYR E 1198 -58.08 62.23 65.52
CA TYR E 1198 -58.81 62.61 64.32
C TYR E 1198 -60.27 62.26 64.49
N ILE E 1199 -61.15 62.88 63.69
CA ILE E 1199 -62.57 62.57 63.74
C ILE E 1199 -62.86 61.14 63.32
N LYS E 1200 -63.71 60.46 64.09
CA LYS E 1200 -64.32 59.23 63.60
C LYS E 1200 -65.75 59.13 64.11
N TRP E 1201 -66.65 58.80 63.20
CA TRP E 1201 -68.07 58.73 63.51
C TRP E 1201 -68.44 57.34 64.00
N TRP E 1202 -68.14 57.06 65.26
CA TRP E 1202 -68.47 55.77 65.82
C TRP E 1202 -69.98 55.63 65.81
N ASN E 1203 -70.45 54.44 65.44
CA ASN E 1203 -71.85 54.11 65.60
C ASN E 1203 -72.15 53.90 67.07
N VAL E 1204 -73.28 54.44 67.54
CA VAL E 1204 -73.64 54.29 68.93
C VAL E 1204 -73.90 52.81 69.21
N VAL E 1205 -73.36 52.33 70.33
CA VAL E 1205 -73.49 50.93 70.75
C VAL E 1205 -72.99 49.94 69.70
N THR E 1206 -71.81 49.38 69.95
CA THR E 1206 -71.21 48.34 69.11
C THR E 1206 -70.85 48.80 67.70
N GLY E 1207 -69.56 48.75 67.37
CA GLY E 1207 -69.11 49.05 66.02
C GLY E 1207 -69.02 50.53 65.71
N GLU E 1208 -68.82 50.85 64.44
CA GLU E 1208 -68.71 52.23 64.00
C GLU E 1208 -69.58 52.50 62.77
N SER E 1209 -69.98 53.74 62.61
CA SER E 1209 -70.66 54.19 61.40
C SER E 1209 -69.64 54.83 60.45
N SER E 1210 -69.71 56.15 60.27
CA SER E 1210 -68.77 56.85 59.40
C SER E 1210 -67.48 57.23 60.13
N GLN E 1211 -66.67 56.23 60.43
CA GLN E 1211 -65.39 56.44 61.12
C GLN E 1211 -64.37 57.27 60.31
N THR E 1212 -64.33 57.02 59.01
CA THR E 1212 -63.29 57.50 58.08
C THR E 1212 -62.52 58.79 58.42
N PHE E 1213 -62.64 59.79 57.57
CA PHE E 1213 -61.90 61.04 57.76
C PHE E 1213 -60.39 60.81 57.98
N TYR E 1214 -59.89 61.38 59.07
CA TYR E 1214 -58.46 61.53 59.34
C TYR E 1214 -58.10 62.99 59.11
N THR E 1215 -57.90 63.73 60.19
CA THR E 1215 -57.61 65.15 60.12
C THR E 1215 -56.15 65.46 59.78
N ASN E 1216 -55.94 66.58 59.09
CA ASN E 1216 -54.56 67.00 58.80
C ASN E 1216 -53.79 67.50 60.02
N GLY E 1217 -54.42 68.39 60.77
CA GLY E 1217 -53.85 68.92 61.99
C GLY E 1217 -53.74 67.96 63.15
N THR E 1218 -54.82 67.21 63.37
CA THR E 1218 -54.97 66.35 64.52
C THR E 1218 -55.35 67.22 65.72
N ASN E 1219 -55.57 66.58 66.87
CA ASN E 1219 -55.71 67.30 68.13
C ASN E 1219 -56.75 68.43 68.20
N LEU E 1220 -57.92 68.20 67.61
CA LEU E 1220 -59.00 69.17 67.73
C LEU E 1220 -59.42 69.25 69.20
N LYS E 1221 -59.66 70.46 69.68
CA LYS E 1221 -60.12 70.67 71.05
C LYS E 1221 -61.50 71.31 71.18
N LYS E 1222 -62.23 71.48 70.07
CA LYS E 1222 -63.54 72.13 70.20
C LYS E 1222 -64.61 71.52 69.30
N ILE E 1223 -65.87 71.58 69.71
CA ILE E 1223 -66.89 71.08 68.83
C ILE E 1223 -67.96 72.17 68.55
N HIS E 1224 -68.19 72.38 67.26
CA HIS E 1224 -69.25 73.29 66.83
C HIS E 1224 -70.22 72.54 65.92
N VAL E 1225 -71.51 72.66 66.22
CA VAL E 1225 -72.55 72.03 65.40
C VAL E 1225 -73.65 73.01 65.02
N SER E 1226 -74.04 73.00 63.75
CA SER E 1226 -75.15 73.84 63.30
C SER E 1226 -76.48 73.29 63.81
N PRO E 1227 -77.41 74.18 64.12
CA PRO E 1227 -78.72 73.75 64.62
C PRO E 1227 -79.22 72.58 63.79
N ASP E 1228 -79.07 72.71 62.49
CA ASP E 1228 -79.38 71.64 61.54
C ASP E 1228 -78.49 70.44 61.84
N PHE E 1229 -77.24 70.71 62.22
CA PHE E 1229 -76.26 69.67 62.47
C PHE E 1229 -75.59 69.21 61.18
N LYS E 1230 -75.93 69.86 60.08
CA LYS E 1230 -75.36 69.51 58.78
C LYS E 1230 -73.85 69.74 58.69
N THR E 1231 -73.34 70.83 59.24
CA THR E 1231 -71.93 71.20 59.11
C THR E 1231 -71.20 71.42 60.44
N TYR E 1232 -70.12 70.72 60.60
CA TYR E 1232 -69.16 70.96 61.68
C TYR E 1232 -67.79 71.11 61.03
N VAL E 1233 -67.09 72.18 61.38
CA VAL E 1233 -65.74 72.39 60.87
C VAL E 1233 -64.80 72.37 62.06
N THR E 1234 -63.70 71.63 61.99
CA THR E 1234 -62.75 71.57 63.10
C THR E 1234 -61.44 72.23 62.65
N VAL E 1235 -60.85 73.04 63.52
CA VAL E 1235 -59.45 73.42 63.37
C VAL E 1235 -58.67 72.76 64.50
N ASP E 1236 -57.74 71.88 64.15
CA ASP E 1236 -56.95 71.18 65.17
C ASP E 1236 -55.44 71.32 64.95
N ASN E 1237 -54.72 71.64 66.02
CA ASN E 1237 -53.27 71.67 65.99
C ASN E 1237 -52.77 72.82 65.12
N LEU E 1238 -53.67 73.73 64.79
CA LEU E 1238 -53.32 74.87 63.96
C LEU E 1238 -53.14 74.43 62.51
N GLY E 1239 -53.57 73.20 62.20
CA GLY E 1239 -53.43 72.68 60.87
C GLY E 1239 -54.14 73.63 59.93
N ILE E 1240 -55.29 74.11 60.41
CA ILE E 1240 -56.15 75.07 59.71
C ILE E 1240 -57.56 74.78 60.17
N LEU E 1241 -58.54 75.53 59.65
CA LEU E 1241 -59.94 75.20 59.95
C LEU E 1241 -60.48 74.35 58.77
N TYR E 1242 -61.15 73.23 59.05
CA TYR E 1242 -61.72 72.37 57.99
C TYR E 1242 -63.27 72.41 58.09
N ILE E 1243 -63.98 72.65 56.99
CA ILE E 1243 -65.45 72.71 57.00
C ILE E 1243 -66.04 71.49 56.27
N LEU E 1244 -67.05 70.85 56.86
CA LEU E 1244 -67.70 69.70 56.24
C LEU E 1244 -69.16 69.99 55.87
N GLN E 1245 -69.54 69.64 54.65
CA GLN E 1245 -70.91 69.86 54.18
C GLN E 1245 -71.40 68.68 53.37
N THR E 1246 -71.80 67.62 54.06
CA THR E 1246 -72.30 66.42 53.41
C THR E 1246 -73.28 66.75 52.29
N LEU E 1247 -73.27 65.96 51.23
CA LEU E 1247 -74.16 66.17 50.10
C LEU E 1247 -75.30 65.17 50.10
N GLU E 1248 -75.82 64.86 48.91
CA GLU E 1248 -76.92 63.92 48.77
C GLU E 1248 -76.41 62.49 48.68
N GLY F 2 -39.06 52.55 96.84
CA GLY F 2 -37.85 52.78 96.01
C GLY F 2 -36.55 53.06 96.69
N ASP F 3 -35.48 52.84 95.95
CA ASP F 3 -34.15 53.27 96.35
C ASP F 3 -33.92 54.77 96.09
N VAL F 4 -33.99 55.53 97.17
CA VAL F 4 -33.88 56.99 97.12
C VAL F 4 -32.55 57.45 96.52
N GLU F 5 -31.48 56.74 96.85
CA GLU F 5 -30.16 57.08 96.35
C GLU F 5 -30.09 56.92 94.83
N LYS F 6 -30.64 55.84 94.29
CA LYS F 6 -30.68 55.63 92.85
C LYS F 6 -31.61 56.65 92.19
N GLY F 7 -32.75 56.88 92.88
CA GLY F 7 -33.69 57.91 92.43
C GLY F 7 -33.01 59.27 92.25
N LYS F 8 -32.17 59.62 93.22
CA LYS F 8 -31.39 60.86 93.16
C LYS F 8 -30.52 60.87 91.91
N LYS F 9 -29.80 59.77 91.68
CA LYS F 9 -28.96 59.66 90.50
C LYS F 9 -29.78 59.91 89.23
N ILE F 10 -30.93 59.23 89.19
CA ILE F 10 -31.80 59.40 88.00
C ILE F 10 -32.25 60.87 87.88
N PHE F 11 -32.61 61.48 88.98
CA PHE F 11 -33.01 62.89 88.94
C PHE F 11 -31.89 63.79 88.41
N VAL F 12 -30.68 63.56 88.93
CA VAL F 12 -29.51 64.33 88.55
C VAL F 12 -29.24 64.12 87.07
N GLN F 13 -29.27 62.87 86.61
CA GLN F 13 -29.07 62.53 85.20
C GLN F 13 -30.12 62.99 84.18
N LYS F 14 -31.40 62.89 84.54
CA LYS F 14 -32.48 63.01 83.63
C LYS F 14 -33.47 64.17 83.89
N CYS F 15 -33.43 64.80 85.07
CA CYS F 15 -34.42 65.84 85.39
C CYS F 15 -33.82 67.18 85.76
N ALA F 16 -32.62 67.15 86.33
CA ALA F 16 -32.00 68.33 86.89
C ALA F 16 -31.67 69.41 85.88
N GLN F 17 -31.42 69.00 84.65
CA GLN F 17 -31.16 69.96 83.61
C GLN F 17 -32.37 70.88 83.29
N CYS F 18 -33.58 70.47 83.67
CA CYS F 18 -34.74 71.33 83.50
C CYS F 18 -35.53 71.61 84.80
N HIS F 19 -35.18 71.01 85.92
CA HIS F 19 -35.98 71.23 87.12
C HIS F 19 -35.23 71.16 88.45
N THR F 20 -35.54 72.09 89.34
CA THR F 20 -35.05 72.02 90.73
C THR F 20 -36.11 71.37 91.63
N VAL F 21 -35.66 70.81 92.77
CA VAL F 21 -36.56 70.22 93.75
C VAL F 21 -36.52 70.95 95.10
N GLU F 22 -35.52 71.80 95.31
CA GLU F 22 -35.36 72.51 96.58
C GLU F 22 -36.32 73.70 96.68
N LYS F 23 -36.69 73.97 97.92
CA LYS F 23 -37.53 75.09 98.25
C LYS F 23 -36.92 76.37 97.82
N GLY F 24 -37.69 77.19 97.14
CA GLY F 24 -37.18 78.41 96.54
C GLY F 24 -36.18 78.21 95.42
N GLY F 25 -35.90 76.97 95.02
CA GLY F 25 -35.08 76.72 93.84
C GLY F 25 -35.72 77.40 92.63
N LYS F 26 -34.88 77.89 91.72
CA LYS F 26 -35.34 78.72 90.60
C LYS F 26 -36.07 77.91 89.57
N HIS F 27 -36.97 78.56 88.83
CA HIS F 27 -37.56 77.88 87.68
C HIS F 27 -36.43 77.84 86.62
N LYS F 28 -36.22 76.68 86.03
CA LYS F 28 -35.34 76.54 84.90
C LYS F 28 -36.27 76.39 83.69
N THR F 29 -35.92 75.56 82.71
CA THR F 29 -36.81 75.29 81.59
C THR F 29 -38.17 74.80 82.10
N GLY F 30 -38.13 73.92 83.09
CA GLY F 30 -39.33 73.46 83.77
C GLY F 30 -39.53 74.07 85.15
N PRO F 31 -40.73 73.92 85.69
CA PRO F 31 -41.09 74.42 87.00
C PRO F 31 -40.37 73.75 88.15
N ASN F 32 -40.18 74.49 89.23
CA ASN F 32 -39.64 73.95 90.48
C ASN F 32 -40.62 72.89 90.96
N LEU F 33 -40.09 71.76 91.40
CA LEU F 33 -40.91 70.65 91.83
C LEU F 33 -41.11 70.57 93.33
N HIS F 34 -40.61 71.53 94.09
CA HIS F 34 -40.87 71.48 95.54
C HIS F 34 -42.38 71.56 95.81
N GLY F 35 -42.85 70.70 96.70
CA GLY F 35 -44.28 70.63 97.04
C GLY F 35 -45.14 69.94 96.00
N LEU F 36 -44.51 69.18 95.09
CA LEU F 36 -45.23 68.57 93.98
C LEU F 36 -46.33 67.58 94.41
N PHE F 37 -46.05 66.78 95.42
CA PHE F 37 -46.96 65.70 95.80
C PHE F 37 -48.20 66.27 96.47
N GLY F 38 -49.36 65.83 96.00
CA GLY F 38 -50.65 66.31 96.51
C GLY F 38 -51.05 67.63 95.89
N ARG F 39 -50.34 68.06 94.85
CA ARG F 39 -50.68 69.33 94.21
C ARG F 39 -51.26 69.03 92.84
N LYS F 40 -52.22 69.85 92.41
CA LYS F 40 -52.81 69.71 91.07
C LYS F 40 -51.85 70.16 89.95
N THR F 41 -51.96 69.55 88.78
CA THR F 41 -51.17 69.97 87.63
C THR F 41 -51.22 71.47 87.39
N GLY F 42 -50.10 72.05 86.98
CA GLY F 42 -50.07 73.43 86.49
C GLY F 42 -50.19 74.51 87.54
N GLN F 43 -49.72 74.25 88.75
CA GLN F 43 -49.93 75.19 89.84
C GLN F 43 -48.71 75.88 90.41
N ALA F 44 -47.50 75.55 89.99
CA ALA F 44 -46.32 76.23 90.54
C ALA F 44 -46.54 77.74 90.23
N PRO F 45 -46.70 78.59 91.27
CA PRO F 45 -46.88 79.98 90.93
C PRO F 45 -45.57 80.46 90.33
N GLY F 46 -45.67 81.38 89.38
CA GLY F 46 -44.46 81.88 88.73
C GLY F 46 -43.92 81.06 87.57
N PHE F 47 -44.53 79.92 87.27
CA PHE F 47 -44.24 79.23 86.03
C PHE F 47 -45.39 79.32 85.02
N THR F 48 -45.04 79.56 83.76
CA THR F 48 -45.98 79.68 82.65
C THR F 48 -46.05 78.35 81.98
N TYR F 49 -47.16 77.64 82.21
CA TYR F 49 -47.36 76.32 81.66
C TYR F 49 -48.03 76.39 80.30
N THR F 50 -48.01 75.30 79.54
CA THR F 50 -48.94 75.15 78.45
C THR F 50 -50.35 75.03 79.03
N ASP F 51 -51.35 75.35 78.22
CA ASP F 51 -52.73 75.08 78.54
C ASP F 51 -52.99 73.59 78.81
N ALA F 52 -52.33 72.71 78.07
CA ALA F 52 -52.49 71.29 78.32
C ALA F 52 -52.08 70.90 79.77
N ASN F 53 -50.88 71.29 80.17
CA ASN F 53 -50.38 71.00 81.53
C ASN F 53 -51.22 71.75 82.54
N LYS F 54 -51.59 72.98 82.20
CA LYS F 54 -52.39 73.83 83.09
C LYS F 54 -53.80 73.28 83.32
N ASN F 55 -54.34 72.53 82.37
CA ASN F 55 -55.70 72.03 82.48
C ASN F 55 -55.83 70.51 82.52
N LYS F 56 -54.72 69.78 82.65
CA LYS F 56 -54.80 68.32 82.79
C LYS F 56 -55.76 67.88 83.92
N GLY F 57 -55.80 68.64 85.00
CA GLY F 57 -56.77 68.42 86.04
C GLY F 57 -56.55 67.19 86.91
N ILE F 58 -55.31 66.77 87.09
CA ILE F 58 -54.99 65.66 88.01
C ILE F 58 -54.12 66.13 89.18
N THR F 59 -54.08 65.29 90.20
CA THR F 59 -53.25 65.53 91.38
C THR F 59 -51.99 64.71 91.26
N TRP F 60 -50.85 65.36 91.43
CA TRP F 60 -49.57 64.64 91.37
C TRP F 60 -49.44 63.77 92.61
N LYS F 61 -49.17 62.48 92.40
CA LYS F 61 -48.93 61.54 93.46
C LYS F 61 -48.31 60.36 92.77
N GLU F 62 -48.04 59.32 93.52
CA GLU F 62 -47.27 58.21 93.00
C GLU F 62 -47.89 57.58 91.76
N GLU F 63 -49.20 57.31 91.82
CA GLU F 63 -49.94 56.65 90.74
C GLU F 63 -49.84 57.51 89.48
N THR F 64 -50.15 58.81 89.61
CA THR F 64 -50.14 59.69 88.45
C THR F 64 -48.72 59.91 87.90
N LEU F 65 -47.75 60.04 88.81
CA LEU F 65 -46.35 60.15 88.39
C LEU F 65 -45.84 58.88 87.68
N MET F 66 -46.21 57.70 88.18
CA MET F 66 -45.82 56.43 87.58
C MET F 66 -46.28 56.40 86.13
N GLU F 67 -47.50 56.83 85.88
CA GLU F 67 -48.04 56.86 84.50
C GLU F 67 -47.41 57.98 83.66
N TYR F 68 -47.38 59.20 84.20
CA TYR F 68 -46.73 60.33 83.50
C TYR F 68 -45.31 60.04 83.03
N LEU F 69 -44.49 59.61 83.98
CA LEU F 69 -43.06 59.42 83.75
C LEU F 69 -42.74 58.30 82.76
N GLU F 70 -43.66 57.37 82.58
CA GLU F 70 -43.53 56.35 81.55
C GLU F 70 -43.63 57.01 80.17
N ASN F 71 -44.48 58.03 80.03
CA ASN F 71 -44.61 58.67 78.72
C ASN F 71 -45.35 59.99 78.85
N PRO F 72 -44.60 61.05 79.19
CA PRO F 72 -45.23 62.37 79.40
C PRO F 72 -46.18 62.82 78.28
N LYS F 73 -45.78 62.70 77.02
CA LYS F 73 -46.59 63.23 75.92
C LYS F 73 -47.96 62.57 75.85
N LYS F 74 -47.99 61.26 76.06
CA LYS F 74 -49.19 60.48 76.08
C LYS F 74 -50.10 60.90 77.24
N TYR F 75 -49.54 61.16 78.42
CA TYR F 75 -50.35 61.57 79.58
C TYR F 75 -50.80 63.04 79.47
N ILE F 76 -49.97 63.91 78.92
CA ILE F 76 -50.33 65.33 78.72
C ILE F 76 -49.94 65.74 77.30
N PRO F 77 -50.78 65.34 76.32
CA PRO F 77 -50.52 65.65 74.94
C PRO F 77 -50.39 67.13 74.80
N GLY F 78 -49.39 67.56 74.04
CA GLY F 78 -49.12 68.96 73.89
C GLY F 78 -48.24 69.56 74.98
N THR F 79 -47.83 68.79 76.01
CA THR F 79 -46.85 69.35 76.94
C THR F 79 -45.60 69.87 76.22
N LYS F 80 -45.02 70.95 76.71
CA LYS F 80 -43.69 71.39 76.16
C LYS F 80 -42.49 70.76 76.88
N MET F 81 -42.76 69.88 77.83
CA MET F 81 -41.67 69.11 78.44
C MET F 81 -41.16 68.08 77.44
N ILE F 82 -39.87 68.12 77.14
CA ILE F 82 -39.22 67.12 76.30
C ILE F 82 -38.64 66.01 77.20
N PHE F 83 -39.26 64.84 77.15
CA PHE F 83 -38.77 63.68 77.86
C PHE F 83 -39.40 62.43 77.26
N ALA F 84 -38.59 61.48 76.80
CA ALA F 84 -39.17 60.27 76.17
C ALA F 84 -40.02 59.48 77.17
N GLY F 85 -39.41 59.22 78.32
CA GLY F 85 -40.06 58.46 79.39
C GLY F 85 -39.11 57.40 79.95
N ILE F 86 -39.36 56.99 81.18
CA ILE F 86 -38.56 55.97 81.84
C ILE F 86 -39.35 54.66 81.68
N LYS F 87 -38.83 53.76 80.85
CA LYS F 87 -39.57 52.57 80.48
C LYS F 87 -39.54 51.54 81.62
N LYS F 88 -38.44 51.45 82.37
CA LYS F 88 -38.34 50.48 83.48
C LYS F 88 -39.08 50.93 84.74
N LYS F 89 -39.96 50.09 85.25
CA LYS F 89 -40.74 50.41 86.44
C LYS F 89 -39.86 50.66 87.67
N THR F 90 -38.84 49.84 87.85
CA THR F 90 -37.96 49.96 89.03
C THR F 90 -37.35 51.36 89.16
N GLU F 91 -36.78 51.83 88.05
CA GLU F 91 -36.21 53.16 87.94
C GLU F 91 -37.26 54.26 88.22
N ARG F 92 -38.46 54.10 87.65
CA ARG F 92 -39.58 55.00 87.94
C ARG F 92 -39.90 55.06 89.43
N GLU F 93 -39.99 53.87 90.04
CA GLU F 93 -40.24 53.80 91.51
C GLU F 93 -39.13 54.48 92.27
N ASP F 94 -37.88 54.23 91.88
CA ASP F 94 -36.73 54.86 92.56
C ASP F 94 -36.79 56.39 92.46
N LEU F 95 -36.99 56.89 91.24
CA LEU F 95 -37.07 58.33 91.01
C LEU F 95 -38.21 58.93 91.80
N ILE F 96 -39.37 58.27 91.74
CA ILE F 96 -40.55 58.77 92.45
C ILE F 96 -40.33 58.79 93.97
N ALA F 97 -39.69 57.73 94.49
CA ALA F 97 -39.32 57.71 95.90
C ALA F 97 -38.34 58.84 96.22
N TYR F 98 -37.35 59.07 95.36
CA TYR F 98 -36.45 60.20 95.62
C TYR F 98 -37.24 61.55 95.65
N LEU F 99 -38.07 61.77 94.62
CA LEU F 99 -38.84 63.04 94.53
C LEU F 99 -39.77 63.23 95.74
N LYS F 100 -40.37 62.13 96.18
CA LYS F 100 -41.22 62.21 97.36
C LYS F 100 -40.46 62.75 98.57
N LYS F 101 -39.21 62.31 98.74
CA LYS F 101 -38.42 62.81 99.83
C LYS F 101 -37.97 64.23 99.57
N ALA F 102 -37.33 64.46 98.43
CA ALA F 102 -36.65 65.72 98.24
C ALA F 102 -37.64 66.89 98.09
N THR F 103 -38.78 66.67 97.43
CA THR F 103 -39.72 67.77 97.21
C THR F 103 -40.51 68.18 98.43
N ASN F 104 -40.35 67.46 99.53
CA ASN F 104 -40.94 67.92 100.79
C ASN F 104 -39.86 68.58 101.65
N GLU F 105 -38.74 67.90 101.79
CA GLU F 105 -37.62 68.41 102.58
C GLU F 105 -37.62 69.93 102.61
N GLY G 105 -18.20 -8.08 51.47
CA GLY G 105 -16.88 -7.51 51.65
C GLY G 105 -15.95 -7.86 50.51
N ILE G 106 -15.82 -6.93 49.56
CA ILE G 106 -14.91 -7.12 48.44
C ILE G 106 -13.45 -7.16 48.92
N THR G 107 -12.70 -8.15 48.48
CA THR G 107 -11.27 -8.15 48.71
C THR G 107 -10.65 -7.12 47.78
N SER G 108 -9.50 -6.58 48.14
CA SER G 108 -8.83 -5.63 47.27
C SER G 108 -8.47 -6.35 45.98
N TYR G 109 -8.05 -7.59 46.13
CA TYR G 109 -7.61 -8.40 44.99
C TYR G 109 -8.77 -8.62 44.02
N VAL G 110 -9.95 -8.91 44.54
CA VAL G 110 -11.09 -9.16 43.68
C VAL G 110 -11.26 -8.03 42.69
N ARG G 111 -11.16 -6.80 43.17
CA ARG G 111 -11.31 -5.63 42.32
C ARG G 111 -10.23 -5.58 41.25
N THR G 112 -9.03 -6.04 41.60
CA THR G 112 -7.91 -6.05 40.67
C THR G 112 -8.17 -7.03 39.55
N VAL G 113 -8.68 -8.22 39.85
CA VAL G 113 -9.03 -9.16 38.79
C VAL G 113 -10.18 -8.62 37.95
N LEU G 114 -11.17 -8.07 38.65
CA LEU G 114 -12.37 -7.56 38.00
C LEU G 114 -12.06 -6.41 37.07
N CYS G 115 -11.13 -5.56 37.46
CA CYS G 115 -10.77 -4.43 36.61
C CYS G 115 -10.22 -4.93 35.29
N GLU G 116 -9.37 -5.96 35.37
CA GLU G 116 -8.78 -6.53 34.18
C GLU G 116 -9.87 -7.14 33.32
N GLY G 117 -10.83 -7.78 33.97
CA GLY G 117 -11.94 -8.38 33.27
C GLY G 117 -12.77 -7.35 32.54
N GLY G 118 -12.98 -6.20 33.15
CA GLY G 118 -13.77 -5.15 32.55
C GLY G 118 -15.26 -5.12 32.84
N VAL G 119 -15.75 -6.00 33.69
CA VAL G 119 -17.12 -5.92 34.17
C VAL G 119 -17.37 -4.56 34.79
N PRO G 120 -18.55 -3.99 34.53
CA PRO G 120 -18.90 -2.72 35.17
C PRO G 120 -18.99 -2.87 36.68
N GLN G 121 -18.62 -1.82 37.40
CA GLN G 121 -18.81 -1.79 38.85
C GLN G 121 -20.29 -1.58 39.14
N ARG G 122 -20.80 -2.24 40.18
CA ARG G 122 -22.22 -2.17 40.51
C ARG G 122 -22.65 -0.73 40.79
N PRO G 123 -23.88 -0.39 40.42
CA PRO G 123 -24.37 0.96 40.66
C PRO G 123 -24.32 1.27 42.14
N VAL G 124 -24.01 2.52 42.49
CA VAL G 124 -23.86 2.89 43.89
C VAL G 124 -25.16 2.65 44.65
N VAL G 125 -26.29 2.81 43.98
CA VAL G 125 -27.57 2.57 44.63
C VAL G 125 -28.11 1.18 44.32
N PHE G 126 -27.57 0.15 44.99
CA PHE G 126 -28.01 -1.22 44.72
C PHE G 126 -28.48 -1.95 45.98
N VAL G 127 -29.16 -3.08 45.80
CA VAL G 127 -29.63 -3.85 46.94
C VAL G 127 -29.53 -5.33 46.66
N THR G 128 -28.57 -5.99 47.29
CA THR G 128 -28.29 -7.40 47.07
C THR G 128 -29.56 -8.25 46.94
N ARG G 129 -29.46 -9.33 46.21
CA ARG G 129 -30.57 -10.26 46.12
C ARG G 129 -29.92 -11.54 46.53
N LYS G 130 -29.81 -11.75 47.82
CA LYS G 130 -28.89 -12.77 48.28
C LYS G 130 -29.29 -14.11 47.73
N LYS G 131 -30.59 -14.43 47.77
CA LYS G 131 -30.99 -15.76 47.36
C LYS G 131 -30.64 -15.97 45.90
N LEU G 132 -30.96 -15.01 45.06
CA LEU G 132 -30.71 -15.17 43.64
C LEU G 132 -29.23 -15.26 43.34
N VAL G 133 -28.44 -14.41 43.97
CA VAL G 133 -27.02 -14.37 43.67
C VAL G 133 -26.45 -15.70 44.08
N ASN G 134 -26.92 -16.18 45.21
CA ASN G 134 -26.43 -17.42 45.77
C ASN G 134 -26.76 -18.55 44.83
N ALA G 135 -27.95 -18.51 44.24
CA ALA G 135 -28.32 -19.61 43.39
C ALA G 135 -27.45 -19.61 42.16
N ILE G 136 -27.25 -18.46 41.53
CA ILE G 136 -26.47 -18.46 40.29
C ILE G 136 -25.09 -18.97 40.64
N GLN G 137 -24.53 -18.44 41.73
CA GLN G 137 -23.16 -18.72 42.10
C GLN G 137 -22.94 -20.20 42.42
N GLN G 138 -23.91 -20.82 43.08
CA GLN G 138 -23.78 -22.22 43.45
C GLN G 138 -23.90 -23.04 42.19
N LYS G 139 -24.86 -22.67 41.35
CA LYS G 139 -25.02 -23.29 40.05
C LYS G 139 -23.81 -22.97 39.22
N LEU G 140 -23.37 -21.73 39.32
CA LEU G 140 -22.28 -21.31 38.45
C LEU G 140 -21.07 -22.16 38.80
N SER G 141 -21.02 -22.55 40.07
CA SER G 141 -19.96 -23.39 40.59
C SER G 141 -19.98 -24.76 39.95
N LYS G 142 -21.16 -25.16 39.47
CA LYS G 142 -21.46 -26.54 39.09
C LYS G 142 -20.60 -27.07 37.98
N LEU G 143 -20.36 -26.26 36.95
CA LEU G 143 -19.52 -26.71 35.86
C LEU G 143 -18.09 -26.48 36.30
N LYS G 144 -17.66 -27.28 37.27
CA LYS G 144 -16.33 -27.11 37.85
C LYS G 144 -15.25 -27.17 36.76
N GLY G 145 -15.50 -27.98 35.74
CA GLY G 145 -14.57 -28.12 34.64
C GLY G 145 -15.33 -28.56 33.40
N GLU G 146 -14.64 -28.60 32.28
CA GLU G 146 -15.27 -28.98 31.02
C GLU G 146 -16.29 -27.93 30.62
N PRO G 147 -16.36 -27.66 29.32
CA PRO G 147 -17.27 -26.63 28.79
C PRO G 147 -18.57 -26.51 29.57
N GLY G 148 -19.44 -25.59 29.16
CA GLY G 148 -20.71 -25.40 29.83
C GLY G 148 -21.26 -23.99 29.66
N TRP G 149 -22.56 -23.89 29.48
CA TRP G 149 -23.20 -22.59 29.30
C TRP G 149 -24.31 -22.37 30.33
N VAL G 150 -24.44 -21.13 30.79
CA VAL G 150 -25.46 -20.77 31.77
C VAL G 150 -26.26 -19.66 31.12
N THR G 151 -27.60 -19.70 31.15
CA THR G 151 -28.45 -18.67 30.53
C THR G 151 -29.19 -18.01 31.69
N ILE G 152 -29.34 -16.70 31.73
CA ILE G 152 -30.15 -16.06 32.78
C ILE G 152 -31.20 -15.23 32.07
N HIS G 153 -32.50 -15.30 32.38
CA HIS G 153 -33.47 -14.43 31.66
C HIS G 153 -34.69 -13.86 32.35
N GLY G 154 -35.18 -12.75 31.83
CA GLY G 154 -36.28 -12.04 32.46
C GLY G 154 -36.89 -11.06 31.50
N MET G 155 -38.07 -10.56 31.83
CA MET G 155 -38.67 -9.52 31.04
C MET G 155 -37.79 -8.32 31.26
N ALA G 156 -37.85 -7.34 30.36
CA ALA G 156 -36.85 -6.30 30.35
C ALA G 156 -36.75 -5.56 31.67
N GLY G 157 -35.50 -5.38 32.09
CA GLY G 157 -35.15 -4.68 33.31
C GLY G 157 -35.52 -5.44 34.55
N CYS G 158 -34.97 -6.64 34.69
CA CYS G 158 -35.23 -7.50 35.84
C CYS G 158 -34.03 -7.65 36.77
N GLY G 159 -33.01 -6.84 36.53
CA GLY G 159 -31.76 -6.97 37.26
C GLY G 159 -30.87 -8.04 36.70
N LYS G 160 -31.09 -8.38 35.44
CA LYS G 160 -30.37 -9.46 34.81
C LYS G 160 -28.85 -9.25 34.73
N SER G 161 -28.40 -8.09 34.28
CA SER G 161 -26.95 -7.85 34.26
C SER G 161 -26.33 -7.69 35.62
N VAL G 162 -26.99 -6.94 36.47
CA VAL G 162 -26.42 -6.59 37.74
C VAL G 162 -26.15 -7.86 38.50
N LEU G 163 -27.05 -8.81 38.39
CA LEU G 163 -26.83 -10.08 39.06
C LEU G 163 -25.59 -10.72 38.51
N ALA G 164 -25.41 -10.67 37.20
CA ALA G 164 -24.26 -11.31 36.60
C ALA G 164 -23.02 -10.65 37.15
N ALA G 165 -23.03 -9.33 37.20
CA ALA G 165 -21.89 -8.60 37.76
C ALA G 165 -21.73 -8.92 39.22
N GLU G 166 -22.84 -8.95 39.94
CA GLU G 166 -22.86 -9.23 41.38
C GLU G 166 -22.40 -10.64 41.76
N ALA G 167 -22.83 -11.63 41.01
CA ALA G 167 -22.48 -13.01 41.30
C ALA G 167 -20.97 -13.19 41.33
N VAL G 168 -20.29 -12.60 40.35
CA VAL G 168 -18.86 -12.77 40.24
C VAL G 168 -18.16 -11.79 41.20
N ARG G 169 -18.94 -10.87 41.75
CA ARG G 169 -18.41 -9.81 42.60
C ARG G 169 -17.71 -10.36 43.83
N ASP G 170 -18.23 -11.48 44.33
CA ASP G 170 -17.70 -12.23 45.48
C ASP G 170 -16.37 -12.96 45.22
N HIS G 171 -15.52 -12.96 46.25
CA HIS G 171 -14.27 -13.71 46.26
C HIS G 171 -14.31 -15.25 46.28
N SER G 172 -15.21 -15.84 47.08
CA SER G 172 -15.13 -17.27 47.35
C SER G 172 -15.30 -18.15 46.12
N LEU G 173 -16.41 -17.95 45.42
CA LEU G 173 -16.71 -18.73 44.25
C LEU G 173 -15.67 -18.45 43.17
N LEU G 174 -15.37 -17.18 42.98
CA LEU G 174 -14.40 -16.82 41.94
C LEU G 174 -12.98 -17.26 42.20
N GLU G 175 -12.47 -17.01 43.40
CA GLU G 175 -11.06 -17.24 43.64
C GLU G 175 -10.62 -18.70 43.66
N GLY G 176 -11.32 -19.53 44.42
CA GLY G 176 -10.98 -20.94 44.46
C GLY G 176 -11.28 -21.63 43.17
N CYS G 177 -12.48 -21.36 42.67
CA CYS G 177 -12.98 -21.95 41.44
C CYS G 177 -12.27 -21.51 40.16
N PHE G 178 -11.94 -20.23 40.08
CA PHE G 178 -11.63 -19.64 38.77
C PHE G 178 -10.23 -19.04 38.68
N PRO G 179 -9.21 -19.87 38.63
CA PRO G 179 -7.84 -19.37 38.48
C PRO G 179 -7.72 -18.47 37.26
N GLY G 180 -8.49 -18.76 36.22
CA GLY G 180 -8.54 -17.90 35.06
C GLY G 180 -9.29 -16.63 35.39
N GLY G 181 -8.97 -15.55 34.70
CA GLY G 181 -9.57 -14.26 35.02
C GLY G 181 -10.94 -14.33 34.41
N VAL G 182 -11.79 -13.34 34.63
CA VAL G 182 -13.14 -13.25 34.05
C VAL G 182 -13.13 -12.24 32.93
N HIS G 183 -13.71 -12.54 31.78
CA HIS G 183 -13.76 -11.57 30.69
C HIS G 183 -15.21 -11.30 30.39
N TRP G 184 -15.60 -10.05 30.20
CA TRP G 184 -17.00 -9.69 30.00
C TRP G 184 -17.07 -9.22 28.58
N VAL G 185 -18.06 -9.62 27.82
CA VAL G 185 -18.22 -9.04 26.50
C VAL G 185 -19.61 -8.47 26.34
N SER G 186 -19.72 -7.25 25.86
CA SER G 186 -21.05 -6.67 25.65
C SER G 186 -21.55 -6.89 24.24
N VAL G 187 -22.21 -8.02 23.98
CA VAL G 187 -22.63 -8.36 22.62
C VAL G 187 -23.65 -7.45 21.96
N GLY G 188 -24.66 -7.02 22.70
CA GLY G 188 -25.71 -6.20 22.11
C GLY G 188 -26.49 -6.93 21.04
N LYS G 189 -26.95 -6.20 20.03
CA LYS G 189 -27.69 -6.79 18.91
C LYS G 189 -26.86 -6.54 17.65
N GLN G 190 -26.64 -7.55 16.80
CA GLN G 190 -25.68 -7.31 15.73
C GLN G 190 -26.01 -7.94 14.37
N ASP G 191 -25.77 -7.16 13.31
CA ASP G 191 -25.72 -7.62 11.94
C ASP G 191 -24.40 -8.38 11.85
N LYS G 192 -24.23 -9.17 10.80
CA LYS G 192 -23.10 -10.07 10.71
C LYS G 192 -21.79 -9.30 10.75
N SER G 193 -21.75 -8.15 10.11
CA SER G 193 -20.53 -7.36 10.06
C SER G 193 -20.17 -6.82 11.43
N GLY G 194 -21.18 -6.35 12.15
CA GLY G 194 -20.95 -5.76 13.46
C GLY G 194 -20.38 -6.78 14.41
N LEU G 195 -20.89 -8.00 14.33
CA LEU G 195 -20.48 -9.07 15.21
C LEU G 195 -19.01 -9.31 15.00
N LEU G 196 -18.57 -9.17 13.77
CA LEU G 196 -17.21 -9.53 13.45
C LEU G 196 -16.24 -8.69 14.27
N MET G 197 -16.52 -7.40 14.41
CA MET G 197 -15.60 -6.51 15.10
C MET G 197 -15.42 -6.89 16.56
N LYS G 198 -16.51 -7.28 17.21
CA LYS G 198 -16.44 -7.59 18.63
C LYS G 198 -15.44 -8.69 18.82
N LEU G 199 -15.43 -9.62 17.88
CA LEU G 199 -14.54 -10.76 17.99
C LEU G 199 -13.09 -10.31 17.93
N GLN G 200 -12.77 -9.45 16.98
CA GLN G 200 -11.41 -8.98 16.86
C GLN G 200 -11.05 -8.24 18.14
N ASN G 201 -11.99 -7.45 18.66
CA ASN G 201 -11.72 -6.68 19.85
C ASN G 201 -11.46 -7.57 21.04
N LEU G 202 -12.18 -8.69 21.12
CA LEU G 202 -11.92 -9.66 22.17
C LEU G 202 -10.57 -10.32 21.97
N CYS G 203 -10.18 -10.44 20.70
CA CYS G 203 -8.87 -10.99 20.36
C CYS G 203 -7.77 -10.08 20.91
N THR G 204 -7.90 -8.80 20.62
CA THR G 204 -6.93 -7.82 21.08
C THR G 204 -6.93 -7.76 22.59
N ARG G 205 -8.09 -7.84 23.20
CA ARG G 205 -8.16 -7.77 24.66
C ARG G 205 -7.45 -8.93 25.34
N LEU G 206 -7.76 -10.14 24.89
CA LEU G 206 -7.22 -11.34 25.49
C LEU G 206 -5.72 -11.52 25.34
N ASP G 207 -5.22 -11.19 24.16
CA ASP G 207 -3.79 -11.27 23.87
C ASP G 207 -3.08 -9.97 24.26
N GLN G 208 -2.88 -9.79 25.55
CA GLN G 208 -2.16 -8.60 26.03
C GLN G 208 -0.68 -8.62 25.65
N ASP G 209 -0.11 -9.83 25.64
CA ASP G 209 1.30 -10.01 25.32
C ASP G 209 1.61 -9.63 23.88
N GLU G 210 0.69 -9.97 22.98
CA GLU G 210 0.85 -9.68 21.56
C GLU G 210 1.71 -10.73 20.85
N SER G 211 2.05 -11.80 21.57
CA SER G 211 2.87 -12.86 21.00
C SER G 211 2.20 -13.39 19.73
N PHE G 212 0.88 -13.53 19.79
CA PHE G 212 0.11 -13.97 18.64
C PHE G 212 0.13 -12.88 17.58
N SER G 213 -0.10 -13.29 16.33
CA SER G 213 0.02 -12.39 15.19
C SER G 213 -0.72 -11.07 15.40
N GLN G 214 -0.04 -9.96 15.11
CA GLN G 214 -0.67 -8.65 15.21
C GLN G 214 -1.82 -8.56 14.21
N ARG G 215 -1.68 -9.25 13.08
CA ARG G 215 -2.73 -9.28 12.08
C ARG G 215 -3.99 -9.89 12.70
N LEU G 216 -5.15 -9.37 12.31
CA LEU G 216 -6.40 -9.85 12.86
C LEU G 216 -7.12 -10.64 11.80
N PRO G 217 -7.85 -11.69 12.22
CA PRO G 217 -8.60 -12.50 11.27
C PRO G 217 -9.70 -11.72 10.55
N LEU G 218 -9.91 -12.01 9.28
CA LEU G 218 -11.02 -11.41 8.54
C LEU G 218 -12.20 -12.37 8.53
N ASN G 219 -11.99 -13.55 9.10
CA ASN G 219 -13.00 -14.62 9.14
C ASN G 219 -13.40 -15.00 10.57
N ILE G 220 -14.70 -15.13 10.79
CA ILE G 220 -15.25 -15.35 12.12
C ILE G 220 -14.64 -16.58 12.77
N GLU G 221 -14.58 -17.66 12.00
CA GLU G 221 -14.08 -18.94 12.51
C GLU G 221 -12.65 -18.82 13.00
N GLU G 222 -11.83 -18.08 12.25
CA GLU G 222 -10.43 -17.90 12.62
C GLU G 222 -10.36 -17.23 13.98
N ALA G 223 -11.27 -16.30 14.21
CA ALA G 223 -11.37 -15.64 15.50
C ALA G 223 -11.80 -16.65 16.55
N LYS G 224 -12.65 -17.57 16.15
CA LYS G 224 -13.10 -18.63 17.04
C LYS G 224 -11.91 -19.47 17.46
N ASP G 225 -11.00 -19.68 16.52
CA ASP G 225 -9.78 -20.45 16.78
C ASP G 225 -8.89 -19.70 17.76
N ARG G 226 -8.70 -18.41 17.52
CA ARG G 226 -7.89 -17.58 18.40
C ARG G 226 -8.48 -17.54 19.81
N LEU G 227 -9.81 -17.62 19.92
CA LEU G 227 -10.44 -17.59 21.22
C LEU G 227 -10.24 -18.90 21.95
N ARG G 228 -10.49 -19.99 21.24
CA ARG G 228 -10.43 -21.32 21.80
C ARG G 228 -9.02 -21.60 22.27
N ILE G 229 -8.06 -21.27 21.41
CA ILE G 229 -6.65 -21.51 21.67
C ILE G 229 -6.17 -20.66 22.83
N LEU G 230 -6.59 -19.39 22.83
CA LEU G 230 -6.26 -18.46 23.90
C LEU G 230 -6.88 -18.87 25.23
N MET G 231 -8.13 -19.32 25.18
CA MET G 231 -8.81 -19.83 26.36
C MET G 231 -8.14 -21.11 26.83
N LEU G 232 -7.74 -21.95 25.88
CA LEU G 232 -7.13 -23.23 26.18
C LEU G 232 -5.75 -23.12 26.84
N ARG G 233 -4.91 -22.22 26.34
CA ARG G 233 -3.55 -22.11 26.86
C ARG G 233 -3.31 -20.82 27.65
N LYS G 234 -3.63 -19.69 27.03
CA LYS G 234 -3.36 -18.38 27.63
C LYS G 234 -4.16 -18.16 28.90
N HIS G 235 -5.43 -18.54 28.91
CA HIS G 235 -6.21 -18.34 30.12
C HIS G 235 -6.96 -19.59 30.53
N PRO G 236 -6.31 -20.55 31.15
CA PRO G 236 -6.88 -21.89 31.25
C PRO G 236 -8.24 -21.97 31.95
N ARG G 237 -8.44 -21.25 33.04
CA ARG G 237 -9.68 -21.40 33.81
C ARG G 237 -10.72 -20.29 33.61
N SER G 238 -10.55 -19.50 32.56
CA SER G 238 -11.35 -18.29 32.34
C SER G 238 -12.83 -18.54 32.15
N LEU G 239 -13.64 -17.61 32.63
CA LEU G 239 -15.09 -17.58 32.41
C LEU G 239 -15.39 -16.32 31.59
N LEU G 240 -16.24 -16.45 30.59
CA LEU G 240 -16.67 -15.35 29.71
C LEU G 240 -18.13 -15.07 30.03
N ILE G 241 -18.53 -13.80 30.18
CA ILE G 241 -19.94 -13.44 30.43
C ILE G 241 -20.44 -12.65 29.23
N LEU G 242 -21.67 -12.86 28.80
CA LEU G 242 -22.14 -12.05 27.69
C LEU G 242 -23.31 -11.20 28.12
N ASP G 243 -23.55 -10.11 27.39
CA ASP G 243 -24.63 -9.19 27.71
C ASP G 243 -25.63 -9.20 26.57
N ASP G 244 -26.91 -9.35 26.89
CA ASP G 244 -27.91 -9.52 25.85
C ASP G 244 -27.63 -10.77 25.01
N VAL G 245 -27.58 -10.56 23.70
CA VAL G 245 -27.53 -11.63 22.71
C VAL G 245 -28.93 -11.82 22.18
N TRP G 246 -29.11 -11.65 20.88
CA TRP G 246 -30.44 -11.78 20.30
C TRP G 246 -30.61 -12.80 19.19
N ASP G 247 -29.55 -13.49 18.80
CA ASP G 247 -29.75 -14.52 17.79
C ASP G 247 -28.71 -15.63 17.91
N SER G 248 -29.09 -16.84 17.49
CA SER G 248 -28.23 -17.98 17.72
C SER G 248 -26.86 -17.95 17.03
N TRP G 249 -26.79 -17.57 15.76
CA TRP G 249 -25.49 -17.64 15.11
C TRP G 249 -24.43 -16.96 15.96
N VAL G 250 -24.87 -15.99 16.76
CA VAL G 250 -23.96 -15.23 17.61
C VAL G 250 -23.24 -16.15 18.58
N LEU G 251 -24.00 -16.93 19.34
CA LEU G 251 -23.40 -17.92 20.22
C LEU G 251 -22.73 -19.02 19.44
N LYS G 252 -23.16 -19.21 18.19
CA LYS G 252 -22.48 -20.18 17.36
C LYS G 252 -21.05 -19.69 17.24
N ALA G 253 -20.90 -18.38 17.04
CA ALA G 253 -19.59 -17.77 16.90
C ALA G 253 -18.73 -17.92 18.15
N PHE G 254 -19.33 -17.77 19.31
CA PHE G 254 -18.62 -17.76 20.57
C PHE G 254 -18.47 -19.16 21.11
N ASP G 255 -18.93 -20.14 20.36
CA ASP G 255 -19.03 -21.49 20.88
C ASP G 255 -17.67 -22.13 20.83
N SER G 256 -16.85 -21.73 21.80
CA SER G 256 -15.44 -22.07 21.84
C SER G 256 -15.14 -23.37 22.55
N GLN G 257 -16.18 -23.99 23.12
CA GLN G 257 -16.00 -25.23 23.87
C GLN G 257 -15.44 -24.89 25.26
N CYS G 258 -15.39 -23.59 25.56
CA CYS G 258 -14.89 -23.10 26.83
C CYS G 258 -16.04 -22.35 27.46
N GLN G 259 -16.17 -22.43 28.77
CA GLN G 259 -17.39 -21.94 29.39
C GLN G 259 -17.59 -20.49 29.07
N ILE G 260 -18.81 -20.16 28.67
CA ILE G 260 -19.23 -18.83 28.37
C ILE G 260 -20.62 -18.84 28.96
N LEU G 261 -21.01 -17.81 29.70
CA LEU G 261 -22.37 -17.71 30.19
C LEU G 261 -23.02 -16.50 29.57
N LEU G 262 -24.21 -16.64 28.99
CA LEU G 262 -24.88 -15.56 28.28
C LEU G 262 -26.06 -15.13 29.11
N THR G 263 -26.27 -13.84 29.27
CA THR G 263 -27.41 -13.38 30.05
C THR G 263 -28.34 -12.56 29.16
N THR G 264 -29.65 -12.79 29.19
CA THR G 264 -30.49 -12.25 28.14
C THR G 264 -31.95 -12.01 28.37
N ARG G 265 -32.64 -11.83 27.26
CA ARG G 265 -34.12 -11.92 27.27
C ARG G 265 -34.80 -13.17 26.67
N ASP G 266 -34.32 -13.61 25.50
CA ASP G 266 -34.79 -14.87 24.92
C ASP G 266 -34.03 -16.01 25.55
N LYS G 267 -34.72 -17.10 25.79
CA LYS G 267 -34.09 -18.30 26.32
C LYS G 267 -33.94 -19.34 25.22
N SER G 268 -34.52 -19.01 24.07
CA SER G 268 -34.37 -19.78 22.85
C SER G 268 -32.95 -19.71 22.31
N VAL G 269 -32.22 -18.66 22.69
CA VAL G 269 -30.97 -18.35 22.02
C VAL G 269 -29.98 -19.50 22.14
N THR G 270 -29.83 -20.07 23.32
CA THR G 270 -28.88 -21.14 23.48
C THR G 270 -29.50 -22.48 23.14
N ASP G 271 -29.91 -22.64 21.88
CA ASP G 271 -30.38 -23.94 21.44
C ASP G 271 -29.44 -24.54 20.40
N SER G 272 -28.76 -23.69 19.66
CA SER G 272 -27.77 -24.13 18.71
C SER G 272 -26.61 -24.80 19.42
N VAL G 273 -26.26 -24.26 20.58
CA VAL G 273 -25.09 -24.70 21.32
C VAL G 273 -25.21 -26.10 21.89
N MET G 274 -24.05 -26.69 22.15
CA MET G 274 -23.85 -28.05 22.61
C MET G 274 -23.09 -28.06 23.93
N GLY G 275 -23.42 -29.02 24.78
CA GLY G 275 -22.82 -29.09 26.10
C GLY G 275 -23.88 -28.80 27.15
N PRO G 276 -23.59 -29.08 28.42
CA PRO G 276 -24.59 -28.89 29.47
C PRO G 276 -25.09 -27.45 29.57
N LYS G 277 -26.42 -27.26 29.61
CA LYS G 277 -26.97 -25.92 29.77
C LYS G 277 -27.90 -25.82 30.98
N TYR G 278 -27.73 -24.78 31.79
CA TYR G 278 -28.62 -24.56 32.92
C TYR G 278 -29.17 -23.16 32.82
N VAL G 279 -30.40 -22.95 33.26
CA VAL G 279 -30.96 -21.61 33.24
C VAL G 279 -31.47 -21.21 34.61
N VAL G 280 -31.12 -20.00 35.04
CA VAL G 280 -31.67 -19.44 36.27
C VAL G 280 -32.61 -18.37 35.78
N PRO G 281 -33.83 -18.32 36.27
CA PRO G 281 -34.80 -17.47 35.59
C PRO G 281 -35.18 -16.40 36.56
N VAL G 282 -34.98 -15.15 36.19
CA VAL G 282 -35.24 -14.06 37.09
C VAL G 282 -36.58 -13.45 36.76
N GLU G 283 -37.56 -13.72 37.61
CA GLU G 283 -38.86 -13.05 37.53
C GLU G 283 -38.68 -11.61 37.99
N SER G 284 -39.40 -10.68 37.38
CA SER G 284 -39.27 -9.29 37.77
C SER G 284 -40.26 -9.07 38.87
N SER G 285 -39.77 -9.00 40.11
CA SER G 285 -40.64 -8.80 41.25
C SER G 285 -40.06 -7.82 42.25
N LEU G 286 -38.99 -8.24 42.91
CA LEU G 286 -38.36 -7.45 43.95
C LEU G 286 -39.14 -7.62 45.23
N GLY G 287 -38.73 -6.94 46.28
CA GLY G 287 -39.39 -7.03 47.56
C GLY G 287 -39.80 -5.67 48.09
N LYS G 288 -40.98 -5.59 48.67
CA LYS G 288 -41.48 -4.33 49.15
C LYS G 288 -40.54 -3.79 50.21
N GLU G 289 -40.01 -4.68 51.04
CA GLU G 289 -39.04 -4.29 52.05
C GLU G 289 -37.79 -3.70 51.38
N LYS G 290 -37.32 -4.38 50.35
CA LYS G 290 -36.13 -3.99 49.59
C LYS G 290 -36.26 -2.67 48.82
N GLY G 291 -37.39 -2.45 48.18
CA GLY G 291 -37.59 -1.26 47.38
C GLY G 291 -37.60 -0.04 48.28
N LEU G 292 -38.19 -0.21 49.45
CA LEU G 292 -38.15 0.86 50.45
C LEU G 292 -36.70 1.11 50.83
N GLU G 293 -35.92 0.04 50.86
CA GLU G 293 -34.50 0.12 51.11
C GLU G 293 -33.83 0.91 50.02
N ILE G 294 -34.19 0.58 48.78
CA ILE G 294 -33.71 1.26 47.59
C ILE G 294 -34.16 2.72 47.51
N LEU G 295 -35.43 2.96 47.84
CA LEU G 295 -35.96 4.31 47.77
C LEU G 295 -35.24 5.18 48.78
N SER G 296 -34.96 4.61 49.95
CA SER G 296 -34.28 5.38 50.97
C SER G 296 -32.92 5.81 50.48
N LEU G 297 -32.21 4.90 49.83
CA LEU G 297 -30.88 5.23 49.35
C LEU G 297 -30.97 6.32 48.30
N PHE G 298 -32.00 6.24 47.47
CA PHE G 298 -32.19 7.20 46.38
C PHE G 298 -32.41 8.61 46.94
N VAL G 299 -33.17 8.72 48.02
CA VAL G 299 -33.44 10.01 48.65
C VAL G 299 -32.72 10.24 49.97
N ASN G 300 -31.89 9.28 50.39
CA ASN G 300 -31.06 9.43 51.58
C ASN G 300 -31.72 9.67 52.95
N MET G 301 -32.82 8.99 53.27
CA MET G 301 -33.44 9.17 54.59
C MET G 301 -33.81 7.88 55.34
N LYS G 302 -33.75 7.91 56.67
CA LYS G 302 -34.13 6.76 57.47
C LYS G 302 -35.44 6.30 56.87
N LYS G 303 -35.65 5.00 56.79
CA LYS G 303 -36.78 4.48 56.02
C LYS G 303 -38.10 5.00 56.57
N ALA G 304 -38.22 5.06 57.89
CA ALA G 304 -39.45 5.56 58.49
C ALA G 304 -39.68 7.01 58.11
N ASP G 305 -38.62 7.81 58.15
CA ASP G 305 -38.72 9.23 57.79
C ASP G 305 -39.35 9.44 56.43
N LEU G 306 -39.47 8.36 55.66
CA LEU G 306 -40.03 8.45 54.32
C LEU G 306 -41.52 8.73 54.35
N PRO G 307 -41.96 9.57 53.42
CA PRO G 307 -43.31 10.11 53.39
C PRO G 307 -44.34 9.05 53.09
N GLU G 308 -45.58 9.33 53.48
CA GLU G 308 -46.67 8.39 53.33
C GLU G 308 -46.88 8.06 51.86
N GLN G 309 -46.54 9.00 51.00
CA GLN G 309 -46.77 8.82 49.57
C GLN G 309 -45.97 7.62 49.08
N ALA G 310 -44.76 7.46 49.62
CA ALA G 310 -43.79 6.53 49.06
C ALA G 310 -44.29 5.10 48.96
N HIS G 311 -45.06 4.65 49.94
CA HIS G 311 -45.47 3.25 50.01
C HIS G 311 -46.25 2.84 48.77
N SER G 312 -47.06 3.74 48.28
CA SER G 312 -48.06 3.44 47.26
C SER G 312 -47.44 3.33 45.88
N ILE G 313 -46.47 4.19 45.61
CA ILE G 313 -45.84 4.20 44.29
C ILE G 313 -45.12 2.89 44.04
N ILE G 314 -44.60 2.28 45.10
CA ILE G 314 -43.88 1.03 44.93
C ILE G 314 -44.82 -0.04 44.43
N LYS G 315 -46.09 0.08 44.80
CA LYS G 315 -47.08 -0.89 44.38
C LYS G 315 -47.21 -0.88 42.86
N GLU G 316 -47.13 0.34 42.31
CA GLU G 316 -47.13 0.56 40.89
C GLU G 316 -45.89 -0.05 40.28
N CYS G 317 -44.76 0.12 40.97
CA CYS G 317 -43.50 -0.33 40.42
C CYS G 317 -43.55 -1.81 40.07
N LYS G 318 -44.17 -2.62 40.92
CA LYS G 318 -44.29 -4.03 40.63
C LYS G 318 -42.92 -4.67 40.59
N GLY G 319 -41.95 -4.09 41.28
CA GLY G 319 -40.64 -4.66 41.39
C GLY G 319 -39.73 -4.57 40.17
N SER G 320 -40.07 -3.78 39.18
CA SER G 320 -39.15 -3.70 38.09
C SER G 320 -38.18 -2.68 38.61
N PRO G 321 -37.05 -3.16 39.11
CA PRO G 321 -36.04 -2.30 39.73
C PRO G 321 -35.68 -1.16 38.80
N LEU G 322 -35.92 -1.35 37.51
CA LEU G 322 -35.66 -0.32 36.54
C LEU G 322 -36.62 0.82 36.81
N VAL G 323 -37.88 0.51 37.11
CA VAL G 323 -38.85 1.55 37.47
C VAL G 323 -38.50 2.29 38.77
N VAL G 324 -38.02 1.56 39.76
CA VAL G 324 -37.63 2.12 41.05
C VAL G 324 -36.43 3.03 40.91
N SER G 325 -35.39 2.55 40.25
CA SER G 325 -34.27 3.42 40.01
C SER G 325 -34.76 4.56 39.16
N LEU G 326 -35.61 4.27 38.19
CA LEU G 326 -36.10 5.32 37.31
C LEU G 326 -36.90 6.38 38.04
N ILE G 327 -37.82 5.97 38.90
CA ILE G 327 -38.47 6.92 39.79
C ILE G 327 -37.47 7.51 40.77
N GLY G 328 -36.60 6.67 41.31
CA GLY G 328 -35.75 7.14 42.39
C GLY G 328 -34.82 8.27 41.98
N ALA G 329 -34.13 8.09 40.86
CA ALA G 329 -33.25 9.11 40.36
C ALA G 329 -34.08 10.33 40.02
N LEU G 330 -35.27 10.07 39.48
CA LEU G 330 -36.11 11.15 39.01
C LEU G 330 -36.41 12.03 40.18
N LEU G 331 -36.59 11.42 41.35
CA LEU G 331 -36.81 12.19 42.56
C LEU G 331 -35.57 12.90 43.06
N ARG G 332 -34.38 12.52 42.65
CA ARG G 332 -33.24 13.15 43.29
C ARG G 332 -33.29 14.64 43.01
N ASP G 333 -33.61 14.97 41.77
CA ASP G 333 -33.75 16.35 41.34
C ASP G 333 -34.88 17.14 42.00
N PHE G 334 -36.04 16.52 42.17
CA PHE G 334 -37.21 17.26 42.63
C PHE G 334 -37.88 16.60 43.81
N PRO G 335 -37.29 16.72 44.98
CA PRO G 335 -37.84 16.09 46.20
C PRO G 335 -39.26 16.58 46.52
N ASN G 336 -39.59 17.79 46.10
CA ASN G 336 -40.88 18.38 46.37
C ASN G 336 -42.03 17.76 45.59
N ARG G 337 -41.81 17.41 44.33
CA ARG G 337 -42.88 16.89 43.50
C ARG G 337 -43.07 15.38 43.75
N TRP G 338 -43.21 15.01 45.02
CA TRP G 338 -43.41 13.61 45.37
C TRP G 338 -44.70 12.94 44.94
N GLU G 339 -45.85 13.57 45.21
CA GLU G 339 -47.14 12.96 44.85
C GLU G 339 -47.32 12.80 43.34
N TYR G 340 -46.89 13.81 42.61
CA TYR G 340 -47.02 13.99 41.18
C TYR G 340 -46.76 12.69 40.44
N TYR G 341 -45.61 12.09 40.70
CA TYR G 341 -45.26 10.85 40.04
C TYR G 341 -46.13 9.71 40.53
N LEU G 342 -46.63 9.83 41.74
CA LEU G 342 -47.53 8.83 42.26
C LEU G 342 -48.78 8.77 41.41
N LYS G 343 -49.39 9.93 41.20
CA LYS G 343 -50.56 10.03 40.35
C LYS G 343 -50.20 9.72 38.91
N GLN G 344 -48.94 9.96 38.55
CA GLN G 344 -48.47 9.74 37.20
C GLN G 344 -48.51 8.25 36.88
N LEU G 345 -47.97 7.44 37.79
CA LEU G 345 -48.04 6.00 37.64
C LEU G 345 -49.47 5.51 37.84
N GLN G 346 -50.27 6.26 38.59
CA GLN G 346 -51.70 5.97 38.66
C GLN G 346 -52.35 6.19 37.30
N ASN G 347 -51.76 7.10 36.54
CA ASN G 347 -52.17 7.37 35.17
C ASN G 347 -51.92 6.15 34.28
N LYS G 348 -50.82 5.46 34.54
CA LYS G 348 -50.45 4.28 33.76
C LYS G 348 -49.63 4.57 32.51
N GLN G 349 -49.26 5.83 32.28
CA GLN G 349 -48.38 6.15 31.16
C GLN G 349 -46.92 6.39 31.58
N PHE G 350 -46.00 5.75 30.88
CA PHE G 350 -44.61 5.76 31.29
C PHE G 350 -43.78 6.73 30.47
N LYS G 351 -44.45 7.47 29.60
CA LYS G 351 -43.80 8.48 28.78
C LYS G 351 -43.30 9.64 29.66
N ARG G 352 -43.97 9.83 30.79
CA ARG G 352 -43.63 10.90 31.72
C ARG G 352 -42.33 10.64 32.47
N ILE G 353 -42.05 9.38 32.80
CA ILE G 353 -40.85 9.06 33.55
C ILE G 353 -39.65 8.88 32.65
N ARG G 354 -38.62 9.71 32.82
CA ARG G 354 -37.39 9.52 32.07
C ARG G 354 -36.17 9.95 32.86
N LYS G 355 -35.10 9.19 32.74
CA LYS G 355 -33.84 9.61 33.32
C LYS G 355 -32.72 9.09 32.45
N SER G 356 -31.68 9.89 32.27
CA SER G 356 -30.47 9.37 31.70
C SER G 356 -29.92 8.47 32.78
N SER G 357 -29.37 7.34 32.42
CA SER G 357 -28.92 6.38 33.42
C SER G 357 -27.85 5.48 32.85
N SER G 358 -27.20 4.72 33.71
CA SER G 358 -26.18 3.80 33.25
C SER G 358 -26.89 2.86 32.31
N TYR G 359 -28.09 2.47 32.68
CA TYR G 359 -28.93 1.63 31.85
C TYR G 359 -29.19 2.31 30.51
N ASP G 360 -29.40 1.50 29.48
CA ASP G 360 -29.34 1.92 28.08
C ASP G 360 -30.63 2.44 27.47
N TYR G 361 -31.51 3.00 28.27
CA TYR G 361 -32.78 3.46 27.74
C TYR G 361 -33.39 4.57 28.56
N GLU G 362 -34.04 5.53 27.91
CA GLU G 362 -34.57 6.67 28.63
C GLU G 362 -35.59 6.23 29.68
N ALA G 363 -36.37 5.23 29.32
CA ALA G 363 -37.51 4.76 30.10
C ALA G 363 -38.00 3.31 29.84
N LEU G 364 -38.83 2.87 30.79
CA LEU G 364 -39.33 1.51 30.82
C LEU G 364 -40.14 1.22 29.57
N ASP G 365 -40.89 2.20 29.09
CA ASP G 365 -41.59 2.01 27.84
C ASP G 365 -40.52 1.76 26.80
N GLU G 366 -39.38 2.41 26.97
CA GLU G 366 -38.29 2.35 26.00
C GLU G 366 -37.80 0.93 25.86
N ALA G 367 -37.72 0.21 26.98
CA ALA G 367 -37.21 -1.18 26.92
C ALA G 367 -38.09 -2.20 26.15
N MET G 368 -39.40 -2.10 26.39
CA MET G 368 -40.39 -2.99 25.81
C MET G 368 -40.41 -2.86 24.30
N SER G 369 -40.31 -1.64 23.80
CA SER G 369 -40.34 -1.44 22.36
C SER G 369 -39.26 -2.25 21.67
N ILE G 370 -38.09 -2.30 22.29
CA ILE G 370 -36.94 -3.04 21.77
C ILE G 370 -37.25 -4.54 21.69
N SER G 371 -37.93 -5.08 22.69
CA SER G 371 -38.31 -6.48 22.65
C SER G 371 -39.31 -6.84 21.56
N VAL G 372 -40.30 -5.98 21.33
CA VAL G 372 -41.37 -6.32 20.38
C VAL G 372 -40.90 -6.52 18.95
N GLU G 373 -39.91 -5.76 18.51
CA GLU G 373 -39.56 -5.68 17.10
C GLU G 373 -39.11 -7.01 16.50
N MET G 374 -38.37 -7.79 17.26
CA MET G 374 -37.68 -8.96 16.73
C MET G 374 -38.58 -10.01 16.06
N LEU G 375 -39.79 -10.14 16.57
CA LEU G 375 -40.64 -11.24 16.18
C LEU G 375 -40.88 -11.18 14.68
N ARG G 376 -40.89 -12.38 14.08
CA ARG G 376 -41.09 -12.54 12.66
C ARG G 376 -42.48 -12.06 12.29
N GLU G 377 -42.61 -11.46 11.11
CA GLU G 377 -43.78 -10.68 10.80
C GLU G 377 -45.06 -11.47 11.04
N ASP G 378 -45.04 -12.75 10.72
CA ASP G 378 -46.23 -13.55 10.89
C ASP G 378 -46.63 -13.60 12.36
N ILE G 379 -45.66 -13.78 13.25
CA ILE G 379 -45.94 -13.78 14.69
C ILE G 379 -46.40 -12.41 15.18
N LYS G 380 -45.85 -11.36 14.60
CA LYS G 380 -45.93 -10.03 15.19
C LYS G 380 -47.37 -9.55 15.34
N ASP G 381 -48.20 -9.84 14.35
CA ASP G 381 -49.60 -9.44 14.38
C ASP G 381 -50.30 -10.09 15.56
N TYR G 382 -49.95 -11.34 15.82
CA TYR G 382 -50.64 -12.12 16.84
C TYR G 382 -50.47 -11.48 18.21
N TYR G 383 -49.27 -11.03 18.53
CA TYR G 383 -49.09 -10.49 19.86
C TYR G 383 -50.15 -9.45 20.20
N THR G 384 -50.50 -8.61 19.24
CA THR G 384 -51.43 -7.52 19.52
C THR G 384 -52.77 -8.04 19.99
N ASP G 385 -53.20 -9.15 19.41
CA ASP G 385 -54.45 -9.75 19.83
C ASP G 385 -54.25 -10.05 21.30
N LEU G 386 -53.03 -10.45 21.64
CA LEU G 386 -52.72 -10.86 22.99
C LEU G 386 -52.89 -9.68 23.94
N SER G 387 -53.01 -8.49 23.35
CA SER G 387 -53.10 -7.23 24.08
C SER G 387 -54.35 -7.16 24.94
N ILE G 388 -55.45 -7.70 24.42
CA ILE G 388 -56.75 -7.57 25.06
C ILE G 388 -56.75 -8.17 26.46
N LEU G 389 -55.98 -9.23 26.68
CA LEU G 389 -56.09 -10.00 27.93
C LEU G 389 -55.82 -9.21 29.22
N GLN G 390 -56.61 -9.52 30.25
CA GLN G 390 -56.64 -8.79 31.51
C GLN G 390 -55.23 -8.71 32.07
N LYS G 391 -55.01 -7.79 33.01
CA LYS G 391 -53.72 -7.68 33.66
C LYS G 391 -53.44 -8.98 34.40
N ASP G 392 -54.46 -9.50 35.09
CA ASP G 392 -54.25 -10.65 35.95
C ASP G 392 -55.27 -11.77 35.76
N VAL G 393 -55.24 -12.36 34.57
CA VAL G 393 -56.06 -13.52 34.29
C VAL G 393 -55.17 -14.58 33.69
N LYS G 394 -55.23 -15.78 34.24
CA LYS G 394 -54.56 -16.89 33.60
C LYS G 394 -55.64 -17.50 32.73
N VAL G 395 -55.60 -17.20 31.43
CA VAL G 395 -56.62 -17.72 30.55
C VAL G 395 -56.28 -19.12 30.07
N PRO G 396 -57.29 -19.99 30.06
CA PRO G 396 -57.15 -21.32 29.50
C PRO G 396 -56.84 -21.20 28.02
N THR G 397 -55.90 -22.01 27.54
CA THR G 397 -55.42 -21.92 26.17
C THR G 397 -56.50 -21.77 25.12
N LYS G 398 -57.61 -22.48 25.32
CA LYS G 398 -58.68 -22.57 24.33
C LYS G 398 -59.13 -21.22 23.79
N VAL G 399 -59.37 -20.27 24.70
CA VAL G 399 -59.92 -18.99 24.29
C VAL G 399 -58.99 -18.32 23.31
N LEU G 400 -57.69 -18.56 23.48
CA LEU G 400 -56.71 -18.06 22.54
C LEU G 400 -56.88 -18.80 21.21
N CYS G 401 -57.28 -20.06 21.29
CA CYS G 401 -57.53 -20.83 20.08
C CYS G 401 -58.71 -20.24 19.33
N ILE G 402 -59.74 -19.87 20.08
CA ILE G 402 -60.95 -19.32 19.50
C ILE G 402 -60.72 -17.99 18.80
N LEU G 403 -59.99 -17.09 19.45
CA LEU G 403 -59.74 -15.80 18.84
C LEU G 403 -58.91 -15.96 17.60
N TRP G 404 -57.88 -16.78 17.71
CA TRP G 404 -57.02 -17.09 16.57
C TRP G 404 -57.74 -17.88 15.49
N ASP G 405 -58.61 -18.79 15.90
CA ASP G 405 -59.30 -19.67 14.97
C ASP G 405 -58.31 -20.68 14.42
N MET G 406 -57.23 -20.90 15.17
CA MET G 406 -56.17 -21.81 14.72
C MET G 406 -56.02 -23.00 15.65
N GLU G 407 -55.81 -24.20 15.09
CA GLU G 407 -55.91 -25.44 15.85
C GLU G 407 -54.94 -25.52 17.02
N THR G 408 -55.36 -26.19 18.08
CA THR G 408 -54.71 -26.14 19.39
C THR G 408 -53.27 -26.63 19.48
N GLU G 409 -52.93 -27.69 18.77
CA GLU G 409 -51.58 -28.23 18.83
C GLU G 409 -50.62 -27.16 18.33
N GLU G 410 -51.06 -26.45 17.30
CA GLU G 410 -50.31 -25.33 16.73
C GLU G 410 -50.25 -24.11 17.63
N VAL G 411 -51.37 -23.77 18.24
CA VAL G 411 -51.47 -22.51 18.98
C VAL G 411 -50.52 -22.44 20.15
N GLU G 412 -50.33 -23.58 20.82
CA GLU G 412 -49.49 -23.62 22.00
C GLU G 412 -48.06 -23.24 21.66
N ASP G 413 -47.59 -23.67 20.49
CA ASP G 413 -46.18 -23.58 20.17
C ASP G 413 -45.76 -22.15 19.94
N ILE G 414 -46.63 -21.37 19.31
CA ILE G 414 -46.32 -19.97 19.09
C ILE G 414 -46.20 -19.29 20.44
N LEU G 415 -47.09 -19.68 21.35
CA LEU G 415 -47.05 -19.13 22.69
C LEU G 415 -45.78 -19.57 23.41
N GLN G 416 -45.33 -20.77 23.11
CA GLN G 416 -44.09 -21.25 23.70
C GLN G 416 -42.96 -20.38 23.24
N GLU G 417 -42.99 -19.98 21.97
CA GLU G 417 -41.99 -19.09 21.43
C GLU G 417 -42.04 -17.74 22.13
N PHE G 418 -43.23 -17.27 22.45
CA PHE G 418 -43.35 -16.04 23.21
C PHE G 418 -42.71 -16.23 24.56
N VAL G 419 -43.02 -17.32 25.24
CA VAL G 419 -42.60 -17.43 26.61
C VAL G 419 -41.10 -17.32 26.59
N ASN G 420 -40.48 -17.91 25.58
CA ASN G 420 -39.05 -17.78 25.46
C ASN G 420 -38.67 -16.33 25.23
N LYS G 421 -39.41 -15.64 24.38
CA LYS G 421 -39.17 -14.21 24.22
C LYS G 421 -39.39 -13.47 25.54
N SER G 422 -39.80 -14.21 26.56
CA SER G 422 -40.06 -13.65 27.88
C SER G 422 -41.07 -12.52 27.80
N LEU G 423 -42.06 -12.69 26.91
CA LEU G 423 -43.09 -11.69 26.75
C LEU G 423 -44.44 -12.20 27.21
N LEU G 424 -44.44 -13.36 27.86
CA LEU G 424 -45.66 -14.00 28.30
C LEU G 424 -45.35 -15.21 29.17
N PHE G 425 -45.57 -15.05 30.48
CA PHE G 425 -45.20 -16.08 31.43
C PHE G 425 -46.01 -17.36 31.36
N CYS G 426 -45.31 -18.48 31.49
CA CYS G 426 -45.91 -19.81 31.47
C CYS G 426 -46.57 -20.20 32.77
N ASP G 427 -47.54 -21.10 32.70
CA ASP G 427 -48.15 -21.66 33.89
C ASP G 427 -48.42 -23.15 33.71
N ARG G 428 -47.48 -23.98 34.16
CA ARG G 428 -47.65 -25.41 34.05
C ARG G 428 -48.49 -25.94 35.22
N ASN G 429 -49.78 -25.61 35.21
CA ASN G 429 -50.70 -26.18 36.16
C ASN G 429 -51.36 -27.33 35.45
N GLY G 430 -50.95 -28.54 35.81
CA GLY G 430 -51.56 -29.73 35.26
C GLY G 430 -51.43 -29.69 33.75
N LYS G 431 -52.33 -30.41 33.07
CA LYS G 431 -52.33 -30.41 31.62
C LYS G 431 -52.62 -28.99 31.16
N SER G 432 -53.51 -28.32 31.87
CA SER G 432 -53.91 -26.97 31.53
C SER G 432 -52.76 -25.99 31.62
N PHE G 433 -52.76 -25.02 30.72
CA PHE G 433 -51.80 -23.94 30.72
C PHE G 433 -52.53 -22.61 30.77
N ARG G 434 -52.12 -21.76 31.71
CA ARG G 434 -52.60 -20.41 31.75
C ARG G 434 -51.40 -19.52 31.54
N TYR G 435 -51.44 -18.73 30.47
CA TYR G 435 -50.44 -17.70 30.26
C TYR G 435 -50.92 -16.34 30.74
N TYR G 436 -50.00 -15.53 31.24
CA TYR G 436 -50.35 -14.23 31.78
C TYR G 436 -49.13 -13.31 31.79
N LEU G 437 -49.38 -12.04 32.09
CA LEU G 437 -48.38 -11.00 31.93
C LEU G 437 -48.09 -10.28 33.24
N HIS G 438 -47.02 -9.50 33.22
CA HIS G 438 -46.73 -8.56 34.28
C HIS G 438 -47.59 -7.34 34.08
N ASP G 439 -47.87 -6.63 35.17
CA ASP G 439 -48.66 -5.41 35.11
C ASP G 439 -48.01 -4.40 34.18
N LEU G 440 -46.67 -4.43 34.15
CA LEU G 440 -45.91 -3.55 33.29
C LEU G 440 -46.08 -3.93 31.83
N GLN G 441 -46.07 -5.23 31.56
CA GLN G 441 -46.22 -5.76 30.22
C GLN G 441 -47.60 -5.40 29.66
N VAL G 442 -48.61 -5.49 30.51
CA VAL G 442 -49.97 -5.18 30.09
C VAL G 442 -50.11 -3.70 29.79
N ASP G 443 -49.54 -2.88 30.68
CA ASP G 443 -49.63 -1.44 30.55
C ASP G 443 -48.97 -0.99 29.27
N PHE G 444 -47.85 -1.62 28.92
CA PHE G 444 -47.15 -1.22 27.73
C PHE G 444 -48.09 -1.46 26.56
N LEU G 445 -48.84 -2.55 26.62
CA LEU G 445 -49.66 -2.94 25.47
C LEU G 445 -50.70 -1.88 25.15
N THR G 446 -51.40 -1.44 26.18
CA THR G 446 -52.42 -0.42 25.99
C THR G 446 -51.75 0.86 25.55
N GLU G 447 -50.54 1.09 26.06
CA GLU G 447 -49.79 2.28 25.71
C GLU G 447 -49.48 2.27 24.22
N LYS G 448 -49.15 1.10 23.69
CA LYS G 448 -48.77 0.96 22.29
C LYS G 448 -49.82 0.36 21.33
N ASN G 449 -50.90 -0.20 21.87
CA ASN G 449 -51.94 -0.80 21.05
C ASN G 449 -53.37 -0.30 21.26
N CYS G 450 -53.53 0.84 21.93
CA CYS G 450 -54.84 1.23 22.43
C CYS G 450 -55.91 1.44 21.34
N SER G 451 -55.55 2.04 20.22
CA SER G 451 -56.52 2.31 19.16
C SER G 451 -57.11 1.02 18.60
N GLN G 452 -56.26 0.02 18.42
CA GLN G 452 -56.69 -1.28 17.93
C GLN G 452 -57.65 -1.97 18.90
N LEU G 453 -57.37 -1.83 20.20
CA LEU G 453 -58.00 -2.65 21.21
C LEU G 453 -59.53 -2.54 21.21
N GLN G 454 -60.04 -1.32 21.05
CA GLN G 454 -61.48 -1.13 20.98
C GLN G 454 -62.02 -1.87 19.77
N ASP G 455 -61.26 -1.82 18.68
CA ASP G 455 -61.65 -2.47 17.44
C ASP G 455 -61.64 -3.99 17.53
N LEU G 456 -60.60 -4.56 18.13
CA LEU G 456 -60.43 -6.01 18.13
C LEU G 456 -61.51 -6.78 18.89
N HIS G 457 -61.89 -6.22 20.02
CA HIS G 457 -62.70 -6.90 21.02
C HIS G 457 -63.93 -7.37 20.29
N LYS G 458 -64.38 -6.56 19.35
CA LYS G 458 -65.51 -6.93 18.52
C LYS G 458 -65.09 -8.20 17.81
N LYS G 459 -63.81 -8.28 17.46
CA LYS G 459 -63.28 -9.41 16.72
C LYS G 459 -63.39 -10.72 17.51
N ILE G 460 -63.11 -10.67 18.81
CA ILE G 460 -63.23 -11.87 19.64
C ILE G 460 -64.67 -12.37 19.80
N ILE G 461 -65.59 -11.44 20.01
CA ILE G 461 -66.97 -11.81 20.28
C ILE G 461 -67.58 -12.53 19.08
N THR G 462 -67.31 -12.02 17.88
CA THR G 462 -67.92 -12.58 16.69
C THR G 462 -67.45 -14.01 16.47
N GLN G 463 -66.18 -14.25 16.78
CA GLN G 463 -65.60 -15.59 16.69
C GLN G 463 -66.28 -16.53 17.66
N PHE G 464 -66.55 -16.05 18.87
CA PHE G 464 -67.22 -16.86 19.87
C PHE G 464 -68.63 -17.16 19.40
N GLN G 465 -69.21 -16.21 18.67
CA GLN G 465 -70.52 -16.41 18.05
C GLN G 465 -70.45 -17.45 16.96
N ARG G 466 -69.32 -17.56 16.29
CA ARG G 466 -69.16 -18.58 15.25
C ARG G 466 -69.04 -19.95 15.89
N TYR G 467 -68.76 -19.95 17.19
CA TYR G 467 -68.79 -21.17 17.96
C TYR G 467 -69.92 -21.12 18.97
N HIS G 468 -69.59 -21.37 20.23
CA HIS G 468 -70.62 -21.53 21.25
C HIS G 468 -71.45 -20.27 21.47
N GLN G 469 -72.76 -20.44 21.53
CA GLN G 469 -73.65 -19.40 22.00
C GLN G 469 -73.66 -19.41 23.52
N PRO G 470 -73.96 -18.27 24.16
CA PRO G 470 -73.92 -18.22 25.63
C PRO G 470 -74.85 -19.25 26.28
N HIS G 471 -76.00 -19.50 25.68
CA HIS G 471 -76.86 -20.57 26.15
C HIS G 471 -76.27 -21.93 25.80
N THR G 472 -75.47 -21.95 24.73
CA THR G 472 -74.88 -23.17 24.21
C THR G 472 -73.61 -23.48 25.00
N LEU G 473 -73.25 -22.59 25.91
CA LEU G 473 -72.12 -22.81 26.83
C LEU G 473 -72.39 -23.98 27.78
N SER G 474 -71.33 -24.68 28.19
CA SER G 474 -71.47 -25.85 29.05
C SER G 474 -70.51 -25.86 30.26
N PRO G 475 -70.89 -26.58 31.31
CA PRO G 475 -70.09 -26.61 32.54
C PRO G 475 -68.74 -27.34 32.41
N ASP G 476 -68.68 -28.36 31.57
CA ASP G 476 -67.49 -29.20 31.43
C ASP G 476 -66.36 -28.49 30.71
N GLN G 477 -66.69 -27.74 29.67
CA GLN G 477 -65.70 -27.04 28.87
C GLN G 477 -64.79 -26.20 29.77
N GLU G 478 -63.48 -26.28 29.54
CA GLU G 478 -62.51 -25.55 30.34
C GLU G 478 -62.61 -24.02 30.25
N ASP G 479 -62.85 -23.52 29.05
CA ASP G 479 -62.83 -22.09 28.78
C ASP G 479 -63.97 -21.30 29.41
N CYS G 480 -65.07 -21.98 29.68
CA CYS G 480 -66.35 -21.31 29.91
C CYS G 480 -66.32 -20.31 31.07
N MET G 481 -65.61 -20.66 32.14
CA MET G 481 -65.61 -19.80 33.31
C MET G 481 -65.00 -18.46 32.97
N TYR G 482 -64.00 -18.47 32.10
CA TYR G 482 -63.40 -17.25 31.63
C TYR G 482 -64.42 -16.42 30.87
N TRP G 483 -65.21 -17.22 30.17
CA TRP G 483 -66.20 -16.85 29.20
C TRP G 483 -67.34 -16.05 29.75
N TYR G 484 -67.88 -16.45 30.90
CA TYR G 484 -68.93 -15.65 31.48
C TYR G 484 -68.36 -14.30 31.88
N ASN G 485 -67.35 -14.35 32.75
CA ASN G 485 -66.77 -13.15 33.35
C ASN G 485 -66.07 -12.17 32.40
N PHE G 486 -65.31 -12.72 31.44
CA PHE G 486 -64.62 -11.89 30.48
C PHE G 486 -65.43 -11.85 29.21
N LEU G 487 -66.41 -12.73 29.09
CA LEU G 487 -67.35 -12.60 28.02
C LEU G 487 -68.07 -11.29 28.29
N ALA G 488 -68.46 -11.11 29.54
CA ALA G 488 -69.20 -9.93 29.91
C ALA G 488 -68.26 -8.77 29.66
N TYR G 489 -67.00 -8.96 30.00
CA TYR G 489 -66.03 -7.89 29.87
C TYR G 489 -65.82 -7.40 28.44
N HIS G 490 -65.70 -8.31 27.48
CA HIS G 490 -65.29 -7.92 26.13
C HIS G 490 -66.28 -7.04 25.39
N MET G 491 -67.54 -7.42 25.50
CA MET G 491 -68.68 -6.70 24.93
C MET G 491 -68.70 -5.25 25.36
N ALA G 492 -68.19 -4.98 26.55
CA ALA G 492 -68.19 -3.62 27.08
C ALA G 492 -67.22 -2.77 26.26
N SER G 493 -66.03 -3.30 26.03
CA SER G 493 -65.06 -2.61 25.21
C SER G 493 -65.64 -2.48 23.81
N ALA G 494 -66.34 -3.53 23.38
CA ALA G 494 -66.86 -3.58 22.03
C ALA G 494 -67.66 -2.31 21.86
N LYS G 495 -68.31 -1.88 22.93
CA LYS G 495 -69.13 -0.68 22.90
C LYS G 495 -70.50 -1.00 22.31
N MET G 496 -70.74 -2.28 22.05
CA MET G 496 -72.01 -2.70 21.49
C MET G 496 -72.94 -2.94 22.66
N HIS G 497 -73.90 -2.05 22.80
CA HIS G 497 -74.84 -2.11 23.92
C HIS G 497 -76.02 -3.03 23.65
N LYS G 498 -76.45 -3.12 22.40
CA LYS G 498 -77.54 -4.03 22.07
C LYS G 498 -77.10 -5.47 22.24
N GLU G 499 -75.85 -5.76 21.88
CA GLU G 499 -75.30 -7.08 22.10
C GLU G 499 -75.14 -7.34 23.58
N LEU G 500 -74.84 -6.28 24.31
CA LEU G 500 -74.66 -6.38 25.74
C LEU G 500 -75.99 -6.77 26.37
N CYS G 501 -77.06 -6.24 25.79
CA CYS G 501 -78.42 -6.63 26.14
C CYS G 501 -78.68 -8.07 25.74
N ALA G 502 -78.07 -8.49 24.64
CA ALA G 502 -78.25 -9.85 24.15
C ALA G 502 -77.63 -10.85 25.11
N LEU G 503 -76.63 -10.40 25.87
CA LEU G 503 -75.97 -11.31 26.81
C LEU G 503 -76.40 -11.10 28.27
N MET G 504 -75.95 -10.00 28.88
CA MET G 504 -76.05 -9.86 30.33
C MET G 504 -77.47 -9.89 30.85
N PHE G 505 -78.39 -9.36 30.05
CA PHE G 505 -79.79 -9.26 30.45
C PHE G 505 -80.37 -10.64 30.65
N SER G 506 -79.98 -11.56 29.78
CA SER G 506 -80.61 -12.88 29.72
C SER G 506 -80.64 -13.48 31.11
N LEU G 507 -81.84 -13.71 31.62
CA LEU G 507 -82.02 -14.21 32.98
C LEU G 507 -81.46 -15.60 33.16
N ASP G 508 -81.54 -16.42 32.11
CA ASP G 508 -81.02 -17.77 32.17
C ASP G 508 -79.50 -17.76 32.26
N TRP G 509 -78.89 -16.76 31.62
CA TRP G 509 -77.47 -16.56 31.70
C TRP G 509 -77.08 -16.21 33.12
N ILE G 510 -77.97 -15.46 33.77
CA ILE G 510 -77.82 -15.14 35.17
C ILE G 510 -77.93 -16.40 35.99
N LYS G 511 -78.79 -17.33 35.53
CA LYS G 511 -79.03 -18.56 36.26
C LYS G 511 -77.79 -19.42 36.27
N ALA G 512 -77.23 -19.65 35.09
CA ALA G 512 -76.03 -20.45 34.99
C ALA G 512 -74.86 -19.77 35.68
N LYS G 513 -74.80 -18.45 35.56
CA LYS G 513 -73.67 -17.72 36.15
C LYS G 513 -73.72 -17.82 37.67
N THR G 514 -74.95 -17.75 38.20
CA THR G 514 -75.21 -17.88 39.61
C THR G 514 -74.80 -19.27 40.04
N GLU G 515 -75.03 -20.22 39.16
CA GLU G 515 -74.92 -21.65 39.47
C GLU G 515 -73.52 -22.06 39.89
N LEU G 516 -72.51 -21.57 39.18
CA LEU G 516 -71.10 -21.85 39.51
C LEU G 516 -70.24 -20.65 39.94
N VAL G 517 -70.64 -19.45 39.52
CA VAL G 517 -69.98 -18.20 39.87
C VAL G 517 -70.39 -17.65 41.23
N GLY G 518 -71.67 -17.76 41.55
CA GLY G 518 -72.21 -17.12 42.73
C GLY G 518 -72.77 -15.76 42.36
N PRO G 519 -73.57 -15.19 43.24
CA PRO G 519 -74.31 -13.95 42.95
C PRO G 519 -73.56 -12.66 43.25
N ALA G 520 -72.23 -12.70 43.33
CA ALA G 520 -71.47 -11.48 43.53
C ALA G 520 -70.88 -10.92 42.24
N HIS G 521 -70.38 -11.78 41.38
CA HIS G 521 -69.72 -11.30 40.18
C HIS G 521 -70.67 -10.49 39.30
N LEU G 522 -71.92 -10.96 39.22
CA LEU G 522 -72.92 -10.30 38.39
C LEU G 522 -73.19 -8.89 38.89
N ILE G 523 -73.25 -8.72 40.21
CA ILE G 523 -73.45 -7.40 40.79
C ILE G 523 -72.30 -6.47 40.44
N HIS G 524 -71.08 -6.99 40.51
CA HIS G 524 -69.89 -6.22 40.17
C HIS G 524 -69.93 -5.81 38.70
N GLU G 525 -70.36 -6.73 37.85
CA GLU G 525 -70.49 -6.48 36.42
C GLU G 525 -71.52 -5.40 36.16
N PHE G 526 -72.60 -5.43 36.93
CA PHE G 526 -73.70 -4.49 36.76
C PHE G 526 -73.26 -3.05 36.98
N VAL G 527 -72.41 -2.82 37.96
CA VAL G 527 -71.94 -1.47 38.22
C VAL G 527 -71.18 -0.95 37.00
N GLU G 528 -70.36 -1.82 36.42
CA GLU G 528 -69.67 -1.52 35.17
C GLU G 528 -70.70 -1.35 34.07
N TYR G 529 -71.75 -2.15 34.15
CA TYR G 529 -72.80 -2.23 33.15
C TYR G 529 -73.54 -0.91 32.97
N ARG G 530 -73.76 -0.21 34.07
CA ARG G 530 -74.61 0.97 34.08
C ARG G 530 -74.13 2.11 33.18
N HIS G 531 -72.83 2.38 33.23
CA HIS G 531 -72.22 3.39 32.36
C HIS G 531 -72.30 2.99 30.89
N ILE G 532 -72.09 1.70 30.62
CA ILE G 532 -71.96 1.18 29.27
C ILE G 532 -73.21 1.34 28.39
N LEU G 533 -74.39 1.13 28.97
CA LEU G 533 -75.62 1.11 28.19
C LEU G 533 -76.37 2.43 28.21
N ASP G 534 -77.55 2.46 28.84
CA ASP G 534 -78.39 3.65 28.85
C ASP G 534 -78.93 3.94 30.25
N GLU G 535 -79.22 5.22 30.50
CA GLU G 535 -79.77 5.64 31.78
C GLU G 535 -81.13 5.02 32.05
N LYS G 536 -81.96 4.94 31.00
CA LYS G 536 -83.29 4.36 31.13
C LYS G 536 -83.20 2.88 31.52
N ASP G 537 -82.27 2.17 30.88
CA ASP G 537 -82.01 0.79 31.24
C ASP G 537 -81.50 0.72 32.67
N CYS G 538 -80.64 1.67 33.02
CA CYS G 538 -80.08 1.77 34.35
C CYS G 538 -81.15 1.47 35.38
N ALA G 539 -82.36 1.96 35.11
CA ALA G 539 -83.51 1.69 35.96
C ALA G 539 -83.79 0.20 35.91
N VAL G 540 -83.67 -0.38 34.73
CA VAL G 540 -83.89 -1.81 34.56
C VAL G 540 -82.86 -2.52 35.41
N SER G 541 -81.63 -2.00 35.38
CA SER G 541 -80.56 -2.52 36.21
C SER G 541 -80.88 -2.30 37.69
N GLU G 542 -81.53 -1.18 37.98
CA GLU G 542 -81.96 -0.87 39.33
C GLU G 542 -83.02 -1.86 39.78
N ASN G 543 -83.90 -2.24 38.86
CA ASN G 543 -84.93 -3.22 39.13
C ASN G 543 -84.35 -4.61 39.35
N PHE G 544 -83.31 -4.92 38.58
CA PHE G 544 -82.65 -6.22 38.69
C PHE G 544 -81.86 -6.32 40.00
N GLN G 545 -81.19 -5.25 40.38
CA GLN G 545 -80.43 -5.22 41.62
C GLN G 545 -81.41 -5.42 42.76
N GLU G 546 -82.58 -4.79 42.64
CA GLU G 546 -83.65 -4.95 43.61
C GLU G 546 -84.10 -6.41 43.62
N PHE G 547 -84.05 -7.05 42.45
CA PHE G 547 -84.41 -8.45 42.34
C PHE G 547 -83.33 -9.33 42.97
N LEU G 548 -82.11 -8.80 43.06
CA LEU G 548 -80.99 -9.52 43.64
C LEU G 548 -81.04 -9.47 45.16
N SER G 549 -81.46 -8.32 45.69
CA SER G 549 -81.56 -8.14 47.14
C SER G 549 -82.21 -9.34 47.80
N LEU G 550 -83.17 -9.94 47.10
CA LEU G 550 -83.88 -11.11 47.61
C LEU G 550 -83.10 -12.39 47.31
N ASN G 551 -82.19 -12.30 46.34
CA ASN G 551 -81.38 -13.45 45.95
C ASN G 551 -80.30 -13.92 46.92
N GLY G 552 -79.60 -13.00 47.56
CA GLY G 552 -78.42 -13.38 48.34
C GLY G 552 -78.65 -14.31 49.51
N HIS G 553 -79.73 -14.07 50.25
CA HIS G 553 -79.99 -14.75 51.52
C HIS G 553 -80.19 -16.27 51.44
N LEU G 554 -81.01 -16.72 50.50
CA LEU G 554 -81.31 -18.12 50.37
C LEU G 554 -80.98 -18.72 48.99
N LEU G 555 -80.66 -17.86 48.03
CA LEU G 555 -80.52 -18.28 46.64
C LEU G 555 -79.41 -19.32 46.37
N GLY G 556 -78.27 -19.13 47.02
CA GLY G 556 -77.12 -19.99 46.82
C GLY G 556 -77.21 -21.43 47.30
N ARG G 557 -77.80 -21.62 48.48
CA ARG G 557 -77.95 -22.94 49.07
C ARG G 557 -77.75 -24.04 48.04
N GLN G 558 -78.85 -24.55 47.50
CA GLN G 558 -78.80 -25.63 46.53
C GLN G 558 -80.10 -25.70 45.72
N PRO G 559 -81.17 -26.16 46.37
CA PRO G 559 -82.47 -26.23 45.71
C PRO G 559 -82.82 -24.90 45.05
N PHE G 560 -81.99 -24.45 44.10
CA PHE G 560 -82.21 -23.16 43.45
C PHE G 560 -83.68 -22.94 43.11
N PRO G 561 -84.52 -22.88 44.15
CA PRO G 561 -85.96 -22.67 43.96
C PRO G 561 -86.28 -22.06 42.59
N ASN G 562 -87.26 -22.63 41.89
CA ASN G 562 -87.66 -22.09 40.59
C ASN G 562 -87.83 -20.57 40.63
N ILE G 563 -86.74 -19.86 40.40
CA ILE G 563 -86.76 -18.39 40.41
C ILE G 563 -87.97 -17.86 39.63
N VAL G 564 -88.21 -18.42 38.45
CA VAL G 564 -89.32 -17.99 37.62
C VAL G 564 -90.60 -17.85 38.44
N GLN G 565 -90.68 -18.59 39.54
CA GLN G 565 -91.85 -18.55 40.41
C GLN G 565 -91.65 -17.55 41.55
N LEU G 566 -90.44 -17.51 42.10
CA LEU G 566 -90.11 -16.61 43.19
C LEU G 566 -89.86 -15.20 42.68
N GLY G 567 -89.74 -15.06 41.36
CA GLY G 567 -89.49 -13.77 40.75
C GLY G 567 -90.71 -12.87 40.78
N LEU G 568 -91.87 -13.45 40.47
CA LEU G 568 -93.12 -12.70 40.45
C LEU G 568 -93.47 -12.17 41.84
N CYS G 569 -92.58 -11.31 42.37
CA CYS G 569 -92.80 -10.73 43.69
C CYS G 569 -92.43 -9.26 43.71
N GLU G 570 -91.67 -8.83 42.71
CA GLU G 570 -91.24 -7.44 42.61
C GLU G 570 -92.43 -6.51 42.41
N PRO G 571 -92.22 -5.21 42.65
CA PRO G 571 -93.30 -4.23 42.52
C PRO G 571 -93.10 -3.32 41.31
N GLU G 572 -94.08 -2.47 41.04
CA GLU G 572 -94.02 -1.55 39.91
C GLU G 572 -94.20 -2.28 38.58
N THR G 573 -93.09 -2.65 37.97
CA THR G 573 -93.12 -3.36 36.69
C THR G 573 -91.71 -3.77 36.25
N SER G 574 -90.88 -2.77 35.97
CA SER G 574 -89.51 -3.02 35.57
C SER G 574 -89.35 -4.11 34.52
N GLU G 575 -88.14 -4.18 33.98
CA GLU G 575 -87.82 -5.18 32.97
C GLU G 575 -88.02 -6.53 33.60
N VAL G 576 -87.65 -6.66 34.86
CA VAL G 576 -87.77 -7.96 35.52
C VAL G 576 -89.22 -8.38 35.66
N TYR G 577 -90.06 -7.45 36.10
CA TYR G 577 -91.45 -7.81 36.31
C TYR G 577 -92.05 -8.22 34.99
N GLN G 578 -91.77 -7.43 33.96
CA GLN G 578 -92.41 -7.68 32.68
C GLN G 578 -91.97 -9.04 32.20
N GLN G 579 -90.69 -9.34 32.35
CA GLN G 579 -90.15 -10.61 31.90
C GLN G 579 -90.80 -11.78 32.64
N ALA G 580 -91.04 -11.57 33.93
CA ALA G 580 -91.50 -12.63 34.80
C ALA G 580 -92.93 -13.04 34.50
N LYS G 581 -93.80 -12.07 34.27
CA LYS G 581 -95.20 -12.40 34.05
C LYS G 581 -95.37 -13.23 32.79
N LEU G 582 -94.67 -12.84 31.74
CA LEU G 582 -94.75 -13.57 30.48
C LEU G 582 -94.21 -14.98 30.63
N GLN G 583 -93.11 -15.11 31.38
CA GLN G 583 -92.51 -16.41 31.58
C GLN G 583 -93.52 -17.30 32.31
N ALA G 584 -94.18 -16.71 33.29
CA ALA G 584 -95.15 -17.41 34.10
C ALA G 584 -96.32 -17.88 33.24
N LYS G 585 -96.76 -17.01 32.34
CA LYS G 585 -97.87 -17.34 31.45
C LYS G 585 -97.49 -18.51 30.56
N GLN G 586 -96.25 -18.50 30.08
CA GLN G 586 -95.74 -19.58 29.25
C GLN G 586 -95.69 -20.90 30.02
N GLU G 587 -95.25 -20.83 31.28
CA GLU G 587 -95.19 -22.00 32.14
C GLU G 587 -96.58 -22.56 32.40
N VAL G 588 -97.53 -21.65 32.59
CA VAL G 588 -98.84 -21.97 33.12
C VAL G 588 -99.68 -22.90 32.26
N ASP G 589 -99.67 -22.69 30.95
CA ASP G 589 -100.49 -23.51 30.08
C ASP G 589 -100.03 -24.96 30.15
N ASN G 590 -98.71 -25.15 30.16
CA ASN G 590 -98.13 -26.47 30.29
C ASN G 590 -98.44 -27.12 31.63
N GLY G 591 -98.40 -26.33 32.69
CA GLY G 591 -98.59 -26.85 34.04
C GLY G 591 -97.71 -26.11 35.04
N MET G 592 -97.30 -26.79 36.10
CA MET G 592 -96.41 -26.19 37.10
C MET G 592 -97.13 -25.47 38.25
N LEU G 593 -98.43 -25.32 38.14
CA LEU G 593 -99.27 -25.00 39.29
C LEU G 593 -98.73 -23.79 40.05
N TYR G 594 -98.25 -22.80 39.34
CA TYR G 594 -97.74 -21.59 39.98
C TYR G 594 -98.87 -20.87 40.70
N LEU G 595 -98.61 -20.35 41.89
CA LEU G 595 -99.64 -19.59 42.58
C LEU G 595 -99.37 -18.10 42.47
N GLU G 596 -100.33 -17.36 41.92
CA GLU G 596 -100.20 -15.91 41.85
C GLU G 596 -100.25 -15.27 43.25
N TRP G 597 -99.55 -14.16 43.43
CA TRP G 597 -99.62 -13.40 44.68
C TRP G 597 -100.20 -12.01 44.46
N ILE G 598 -101.25 -11.67 45.22
CA ILE G 598 -102.00 -10.43 45.01
C ILE G 598 -101.79 -9.25 45.99
N ASN G 599 -100.90 -9.40 46.97
CA ASN G 599 -100.72 -8.36 48.00
C ASN G 599 -99.38 -7.61 48.08
N LYS G 600 -98.51 -7.73 47.08
CA LYS G 600 -97.14 -7.26 47.24
C LYS G 600 -97.06 -5.78 47.60
N LYS G 601 -97.84 -4.96 46.90
CA LYS G 601 -97.79 -3.52 47.11
C LYS G 601 -98.28 -3.15 48.52
N ASN G 602 -99.01 -4.08 49.13
CA ASN G 602 -99.53 -3.90 50.47
C ASN G 602 -98.58 -4.41 51.55
N ILE G 603 -97.52 -5.11 51.12
CA ILE G 603 -96.62 -5.82 52.04
C ILE G 603 -95.13 -5.76 51.72
N THR G 604 -94.30 -5.98 52.73
CA THR G 604 -92.84 -6.01 52.63
C THR G 604 -92.18 -4.65 52.52
N ASN G 605 -91.48 -4.26 53.58
CA ASN G 605 -90.52 -3.16 53.53
C ASN G 605 -89.13 -3.70 53.28
N LEU G 606 -88.75 -3.73 52.00
CA LEU G 606 -87.55 -4.45 51.57
C LEU G 606 -86.24 -3.86 52.10
N SER G 607 -85.35 -4.74 52.58
CA SER G 607 -83.99 -4.36 52.92
C SER G 607 -83.14 -4.23 51.66
N ARG G 608 -82.15 -3.35 51.69
CA ARG G 608 -81.31 -3.12 50.52
C ARG G 608 -80.44 -4.33 50.13
N LEU G 609 -80.07 -5.14 51.11
CA LEU G 609 -79.20 -6.28 50.84
C LEU G 609 -79.26 -7.34 51.94
N VAL G 610 -78.97 -8.59 51.58
CA VAL G 610 -78.88 -9.68 52.54
C VAL G 610 -77.70 -10.59 52.21
N VAL G 611 -77.00 -11.05 53.24
CA VAL G 611 -75.86 -11.93 53.05
C VAL G 611 -75.95 -13.14 54.00
N ARG G 612 -75.68 -14.30 53.41
CA ARG G 612 -75.41 -15.49 54.16
C ARG G 612 -73.97 -15.83 53.80
N PRO G 613 -73.08 -15.61 54.76
CA PRO G 613 -71.70 -16.07 54.65
C PRO G 613 -71.51 -17.52 55.07
N HIS G 614 -72.32 -18.00 56.01
CA HIS G 614 -72.06 -19.30 56.62
C HIS G 614 -73.34 -20.13 56.76
N THR G 615 -73.24 -21.43 56.48
CA THR G 615 -74.34 -22.36 56.78
C THR G 615 -74.49 -22.52 58.28
N ASP G 616 -73.41 -22.19 59.00
CA ASP G 616 -73.34 -22.31 60.45
C ASP G 616 -73.50 -20.96 61.15
N ALA G 617 -74.20 -20.97 62.28
CA ALA G 617 -74.65 -19.74 62.92
C ALA G 617 -73.54 -18.71 63.10
N VAL G 618 -73.85 -17.46 62.77
CA VAL G 618 -72.92 -16.36 62.90
C VAL G 618 -72.68 -16.01 64.37
N TYR G 619 -71.45 -15.65 64.73
CA TYR G 619 -71.23 -15.17 66.10
C TYR G 619 -70.77 -13.72 66.21
N HIS G 620 -70.06 -13.20 65.21
CA HIS G 620 -69.68 -11.80 65.24
C HIS G 620 -69.32 -11.28 63.84
N ALA G 621 -69.44 -9.97 63.66
CA ALA G 621 -69.12 -9.32 62.40
C ALA G 621 -68.61 -7.91 62.66
N CYS G 622 -67.77 -7.40 61.78
CA CYS G 622 -67.22 -6.06 61.95
C CYS G 622 -66.87 -5.36 60.64
N PHE G 623 -67.16 -4.06 60.58
CA PHE G 623 -66.79 -3.23 59.45
C PHE G 623 -65.29 -3.02 59.36
N SER G 624 -64.79 -2.91 58.12
CA SER G 624 -63.44 -2.40 57.92
C SER G 624 -63.44 -0.95 58.38
N GLU G 625 -62.32 -0.49 58.91
CA GLU G 625 -62.20 0.89 59.37
C GLU G 625 -62.42 1.83 58.19
N ASP G 626 -62.00 1.39 57.02
CA ASP G 626 -62.24 2.12 55.78
C ASP G 626 -63.71 2.05 55.39
N GLY G 627 -64.39 1.01 55.85
CA GLY G 627 -65.80 0.79 55.53
C GLY G 627 -66.02 0.07 54.22
N GLN G 628 -64.92 -0.23 53.54
CA GLN G 628 -64.96 -0.91 52.25
C GLN G 628 -65.38 -2.38 52.34
N ARG G 629 -65.17 -2.99 53.51
CA ARG G 629 -65.45 -4.42 53.63
C ARG G 629 -65.85 -4.83 55.04
N ILE G 630 -66.42 -6.03 55.16
CA ILE G 630 -66.91 -6.53 56.44
C ILE G 630 -66.48 -7.97 56.67
N ALA G 631 -66.11 -8.32 57.91
CA ALA G 631 -65.84 -9.71 58.27
C ALA G 631 -66.84 -10.26 59.32
N SER G 632 -67.44 -11.43 59.04
CA SER G 632 -68.32 -12.15 59.97
C SER G 632 -67.69 -13.53 60.23
N CYS G 633 -67.77 -14.00 61.48
CA CYS G 633 -67.45 -15.39 61.83
C CYS G 633 -68.72 -16.24 61.96
N GLY G 634 -68.67 -17.31 62.75
CA GLY G 634 -69.82 -18.20 62.95
C GLY G 634 -69.58 -19.36 63.90
N ALA G 635 -70.60 -20.20 64.10
CA ALA G 635 -70.48 -21.35 64.99
C ALA G 635 -69.45 -22.34 64.45
N ASP G 636 -69.37 -22.45 63.13
CA ASP G 636 -68.43 -23.37 62.52
C ASP G 636 -67.05 -22.93 62.97
N LYS G 637 -66.88 -21.61 63.05
CA LYS G 637 -65.62 -21.01 63.51
C LYS G 637 -64.69 -20.59 62.38
N THR G 638 -65.10 -20.84 61.15
CA THR G 638 -64.46 -20.26 59.99
C THR G 638 -64.89 -18.80 60.01
N LEU G 639 -64.05 -17.90 59.50
CA LEU G 639 -64.40 -16.49 59.38
C LEU G 639 -64.35 -16.13 57.89
N GLN G 640 -65.36 -15.42 57.40
CA GLN G 640 -65.38 -15.02 56.00
C GLN G 640 -65.32 -13.51 55.88
N VAL G 641 -64.41 -13.01 55.03
CA VAL G 641 -64.22 -11.56 54.91
C VAL G 641 -64.73 -11.08 53.55
N PHE G 642 -65.53 -10.02 53.49
CA PHE G 642 -66.14 -9.65 52.19
C PHE G 642 -66.26 -8.16 51.92
N LYS G 643 -66.35 -7.78 50.64
CA LYS G 643 -66.58 -6.37 50.36
C LYS G 643 -68.05 -6.23 50.05
N ALA G 644 -68.74 -5.45 50.87
CA ALA G 644 -70.20 -5.43 50.86
C ALA G 644 -70.88 -4.93 49.59
N GLU G 645 -70.37 -3.83 49.05
CA GLU G 645 -70.93 -3.25 47.82
C GLU G 645 -71.28 -4.34 46.81
N THR G 646 -70.33 -4.63 45.90
CA THR G 646 -70.54 -5.65 44.88
C THR G 646 -70.98 -6.96 45.50
N GLY G 647 -70.91 -7.05 46.82
CA GLY G 647 -71.31 -8.25 47.54
C GLY G 647 -70.75 -9.51 46.91
N GLU G 648 -69.42 -9.63 46.93
CA GLU G 648 -68.75 -10.79 46.35
C GLU G 648 -67.62 -11.28 47.25
N LYS G 649 -67.52 -12.58 47.43
CA LYS G 649 -66.49 -13.18 48.27
C LYS G 649 -65.13 -12.55 48.00
N LEU G 650 -64.51 -12.01 49.03
CA LEU G 650 -63.20 -11.37 48.91
C LEU G 650 -62.16 -12.06 49.79
N LEU G 651 -62.62 -12.95 50.65
CA LEU G 651 -61.72 -13.69 51.56
C LEU G 651 -62.34 -15.01 52.06
N GLU G 652 -61.55 -16.08 52.10
CA GLU G 652 -61.96 -17.35 52.70
C GLU G 652 -60.92 -17.69 53.79
N ILE G 653 -61.34 -18.10 54.99
CA ILE G 653 -60.41 -18.46 56.07
C ILE G 653 -60.62 -19.95 56.43
N LYS G 654 -59.56 -20.75 56.55
CA LYS G 654 -59.78 -22.18 56.49
C LYS G 654 -60.46 -22.66 57.77
N ALA G 655 -59.91 -22.24 58.90
CA ALA G 655 -60.46 -22.61 60.20
C ALA G 655 -59.93 -21.73 61.33
N HIS G 656 -60.66 -21.70 62.45
CA HIS G 656 -60.16 -21.12 63.68
C HIS G 656 -60.31 -22.19 64.75
N GLU G 657 -59.28 -22.42 65.56
CA GLU G 657 -59.41 -23.45 66.58
C GLU G 657 -60.51 -23.06 67.55
N ASP G 658 -61.42 -24.00 67.78
CA ASP G 658 -62.56 -23.77 68.66
C ASP G 658 -63.63 -23.03 67.87
N GLU G 659 -64.74 -22.68 68.53
CA GLU G 659 -65.75 -21.83 67.92
C GLU G 659 -65.37 -20.35 68.06
N VAL G 660 -65.51 -19.58 66.98
CA VAL G 660 -65.15 -18.17 67.03
C VAL G 660 -65.99 -17.49 68.10
N LEU G 661 -65.37 -16.61 68.89
CA LEU G 661 -66.17 -15.83 69.84
C LEU G 661 -66.43 -14.40 69.37
N CYS G 662 -65.42 -13.80 68.74
CA CYS G 662 -65.55 -12.50 68.08
C CYS G 662 -64.27 -12.17 67.31
N CYS G 663 -64.37 -11.23 66.37
CA CYS G 663 -63.23 -10.85 65.56
C CYS G 663 -63.28 -9.36 65.27
N ALA G 664 -62.15 -8.79 64.86
CA ALA G 664 -62.10 -7.37 64.58
C ALA G 664 -60.91 -6.94 63.73
N PHE G 665 -61.13 -5.94 62.87
CA PHE G 665 -60.07 -5.36 62.05
C PHE G 665 -59.12 -4.46 62.81
N SER G 666 -57.89 -4.36 62.30
CA SER G 666 -56.93 -3.38 62.77
C SER G 666 -57.37 -2.00 62.31
N THR G 667 -56.89 -0.97 63.02
CA THR G 667 -57.32 0.41 62.77
C THR G 667 -57.01 0.84 61.33
N ASP G 668 -55.94 0.28 60.76
CA ASP G 668 -55.61 0.52 59.36
C ASP G 668 -56.04 -0.66 58.50
N ASP G 669 -56.85 -1.54 59.08
CA ASP G 669 -57.37 -2.72 58.38
C ASP G 669 -56.26 -3.58 57.82
N ARG G 670 -55.15 -3.63 58.54
CA ARG G 670 -54.00 -4.43 58.13
C ARG G 670 -53.92 -5.74 58.91
N PHE G 671 -54.83 -5.91 59.87
CA PHE G 671 -54.84 -7.10 60.72
C PHE G 671 -56.25 -7.47 61.13
N ILE G 672 -56.45 -8.74 61.47
CA ILE G 672 -57.73 -9.21 61.96
C ILE G 672 -57.55 -10.13 63.16
N ALA G 673 -57.79 -9.60 64.36
CA ALA G 673 -57.79 -10.40 65.57
C ALA G 673 -58.99 -11.34 65.55
N THR G 674 -58.81 -12.54 66.10
CA THR G 674 -59.89 -13.51 66.17
C THR G 674 -59.95 -14.17 67.56
N CYS G 675 -60.99 -13.86 68.31
CA CYS G 675 -61.18 -14.44 69.63
C CYS G 675 -61.77 -15.84 69.51
N SER G 676 -61.50 -16.69 70.50
CA SER G 676 -61.99 -18.06 70.46
C SER G 676 -62.02 -18.76 71.81
N VAL G 677 -62.84 -19.80 71.89
CA VAL G 677 -62.97 -20.64 73.08
C VAL G 677 -61.65 -21.36 73.39
N ASP G 678 -60.89 -21.68 72.35
CA ASP G 678 -59.64 -22.40 72.56
C ASP G 678 -58.73 -21.54 73.41
N LYS G 679 -58.81 -20.23 73.17
CA LYS G 679 -57.85 -19.25 73.68
C LYS G 679 -56.72 -18.99 72.69
N LYS G 680 -56.97 -19.21 71.41
CA LYS G 680 -56.00 -18.89 70.38
C LYS G 680 -56.32 -17.53 69.74
N VAL G 681 -55.72 -16.47 70.27
CA VAL G 681 -55.96 -15.15 69.71
C VAL G 681 -55.17 -15.05 68.41
N LYS G 682 -55.79 -15.51 67.33
CA LYS G 682 -55.16 -15.56 66.01
C LYS G 682 -55.36 -14.28 65.21
N ILE G 683 -54.36 -13.40 65.27
CA ILE G 683 -54.36 -12.19 64.47
C ILE G 683 -53.76 -12.46 63.09
N TRP G 684 -54.65 -12.87 62.17
CA TRP G 684 -54.31 -13.13 60.79
C TRP G 684 -54.13 -11.80 60.07
N ASN G 685 -53.32 -11.77 59.01
CA ASN G 685 -53.23 -10.58 58.18
C ASN G 685 -54.55 -10.35 57.44
N SER G 686 -54.92 -9.09 57.26
CA SER G 686 -56.18 -8.76 56.58
C SER G 686 -56.05 -8.76 55.07
N MET G 687 -54.83 -8.84 54.56
CA MET G 687 -54.62 -8.78 53.12
C MET G 687 -54.19 -10.13 52.57
N THR G 688 -52.98 -10.56 52.94
CA THR G 688 -52.47 -11.86 52.53
C THR G 688 -53.34 -12.96 53.11
N GLY G 689 -53.92 -12.69 54.28
CA GLY G 689 -54.79 -13.64 54.96
C GLY G 689 -53.99 -14.60 55.80
N GLU G 690 -52.67 -14.50 55.70
CA GLU G 690 -51.78 -15.34 56.49
C GLU G 690 -51.68 -14.82 57.91
N LEU G 691 -51.44 -15.71 58.86
CA LEU G 691 -51.34 -15.33 60.26
C LEU G 691 -50.14 -14.41 60.48
N VAL G 692 -50.28 -13.44 61.37
CA VAL G 692 -49.16 -12.60 61.77
C VAL G 692 -48.96 -12.68 63.28
N HIS G 693 -49.87 -12.07 64.04
CA HIS G 693 -49.77 -12.08 65.50
C HIS G 693 -50.59 -13.20 66.12
N THR G 694 -50.23 -13.57 67.34
CA THR G 694 -50.99 -14.57 68.08
C THR G 694 -50.76 -14.41 69.57
N TYR G 695 -51.80 -14.66 70.36
CA TYR G 695 -51.69 -14.43 71.80
C TYR G 695 -52.57 -15.38 72.64
N ASP G 696 -52.18 -15.56 73.90
CA ASP G 696 -52.98 -16.29 74.87
C ASP G 696 -52.55 -15.92 76.28
N GLU G 697 -53.50 -15.80 77.20
CA GLU G 697 -53.18 -15.46 78.59
C GLU G 697 -54.37 -15.74 79.51
N HIS G 698 -55.57 -15.69 78.93
CA HIS G 698 -56.80 -15.79 79.69
C HIS G 698 -56.96 -17.12 80.42
N SER G 699 -57.45 -17.06 81.66
CA SER G 699 -57.79 -18.25 82.40
C SER G 699 -59.05 -18.91 81.82
N GLU G 700 -59.86 -18.12 81.14
CA GLU G 700 -61.12 -18.60 80.58
C GLU G 700 -61.26 -18.15 79.13
N GLN G 701 -62.40 -18.45 78.52
CA GLN G 701 -62.67 -18.06 77.15
C GLN G 701 -62.72 -16.54 77.02
N VAL G 702 -62.18 -16.03 75.93
CA VAL G 702 -62.13 -14.59 75.69
C VAL G 702 -63.53 -14.02 75.47
N ASN G 703 -63.80 -12.83 76.04
CA ASN G 703 -65.08 -12.18 75.80
C ASN G 703 -65.03 -11.20 74.64
N CYS G 704 -63.88 -10.57 74.43
CA CYS G 704 -63.78 -9.58 73.37
C CYS G 704 -62.34 -9.25 72.99
N CYS G 705 -62.17 -8.85 71.73
CA CYS G 705 -60.87 -8.43 71.22
C CYS G 705 -61.05 -7.15 70.41
N HIS G 706 -60.03 -6.29 70.46
CA HIS G 706 -60.04 -5.03 69.73
C HIS G 706 -58.63 -4.51 69.55
N PHE G 707 -58.33 -3.99 68.37
CA PHE G 707 -57.08 -3.27 68.14
C PHE G 707 -57.21 -1.83 68.65
N THR G 708 -56.08 -1.23 69.00
CA THR G 708 -56.08 0.14 69.50
C THR G 708 -56.59 1.10 68.42
N ASN G 709 -57.48 2.00 68.81
CA ASN G 709 -57.99 3.00 67.88
C ASN G 709 -56.91 3.97 67.44
N SER G 710 -55.91 4.17 68.30
CA SER G 710 -54.77 5.00 67.94
C SER G 710 -53.94 4.33 66.83
N SER G 711 -53.52 5.13 65.86
CA SER G 711 -52.65 4.64 64.80
C SER G 711 -51.27 4.30 65.35
N HIS G 712 -50.89 4.98 66.43
CA HIS G 712 -49.56 4.83 67.00
C HIS G 712 -49.44 3.57 67.84
N HIS G 713 -50.00 3.63 69.05
CA HIS G 713 -49.90 2.52 69.99
C HIS G 713 -50.58 1.28 69.44
N LEU G 714 -49.96 0.13 69.65
CA LEU G 714 -50.51 -1.13 69.21
C LEU G 714 -50.80 -2.01 70.42
N LEU G 715 -52.06 -2.02 70.84
CA LEU G 715 -52.42 -2.78 72.03
C LEU G 715 -53.63 -3.66 71.73
N LEU G 716 -53.79 -4.70 72.53
CA LEU G 716 -54.91 -5.62 72.36
C LEU G 716 -55.60 -5.85 73.69
N ALA G 717 -56.53 -4.96 74.04
CA ALA G 717 -57.37 -5.18 75.21
C ALA G 717 -58.28 -6.38 74.96
N THR G 718 -58.39 -7.26 75.94
CA THR G 718 -59.19 -8.47 75.80
C THR G 718 -59.86 -8.86 77.12
N GLY G 719 -61.19 -8.79 77.14
CA GLY G 719 -61.95 -9.31 78.26
C GLY G 719 -62.13 -10.81 78.14
N SER G 720 -62.55 -11.46 79.21
CA SER G 720 -62.75 -12.90 79.23
C SER G 720 -63.58 -13.34 80.43
N SER G 721 -64.00 -14.61 80.41
CA SER G 721 -64.91 -15.13 81.43
C SER G 721 -64.23 -15.20 82.81
N ASP G 722 -62.90 -15.13 82.82
CA ASP G 722 -62.13 -15.17 84.05
C ASP G 722 -62.15 -13.82 84.77
N CYS G 723 -62.79 -12.86 84.11
CA CYS G 723 -63.01 -11.49 84.61
C CYS G 723 -61.79 -10.59 84.38
N PHE G 724 -60.60 -11.20 84.35
CA PHE G 724 -59.37 -10.44 84.12
C PHE G 724 -59.36 -9.80 82.74
N LEU G 725 -59.00 -8.51 82.69
CA LEU G 725 -58.65 -7.90 81.42
C LEU G 725 -57.23 -8.31 81.04
N LYS G 726 -56.95 -8.36 79.74
CA LYS G 726 -55.59 -8.53 79.27
C LYS G 726 -55.26 -7.45 78.26
N LEU G 727 -54.47 -6.47 78.69
CA LEU G 727 -54.01 -5.42 77.80
C LEU G 727 -52.71 -5.85 77.14
N TRP G 728 -52.84 -6.48 75.97
CA TRP G 728 -51.68 -6.94 75.22
C TRP G 728 -50.89 -5.78 74.64
N ASP G 729 -49.58 -5.94 74.58
CA ASP G 729 -48.75 -5.05 73.78
C ASP G 729 -48.52 -5.77 72.46
N LEU G 730 -49.13 -5.28 71.38
CA LEU G 730 -49.11 -5.98 70.10
C LEU G 730 -47.70 -6.11 69.55
N ASN G 731 -46.80 -5.23 69.99
CA ASN G 731 -45.41 -5.29 69.58
C ASN G 731 -44.62 -6.34 70.37
N GLN G 732 -45.25 -6.93 71.38
CA GLN G 732 -44.58 -7.95 72.18
C GLN G 732 -45.41 -9.21 72.34
N LYS G 733 -44.74 -10.35 72.42
CA LYS G 733 -45.41 -11.65 72.50
C LYS G 733 -46.21 -11.81 73.78
N GLU G 734 -45.75 -11.18 74.86
CA GLU G 734 -46.45 -11.27 76.13
C GLU G 734 -47.18 -9.97 76.49
N CYS G 735 -48.18 -10.11 77.35
CA CYS G 735 -49.11 -9.03 77.67
C CYS G 735 -48.44 -7.81 78.31
N ARG G 736 -48.83 -6.62 77.88
CA ARG G 736 -48.34 -5.38 78.49
C ARG G 736 -48.85 -5.22 79.92
N ASN G 737 -50.07 -5.69 80.17
CA ASN G 737 -50.65 -5.57 81.51
C ASN G 737 -51.92 -6.38 81.74
N THR G 738 -51.82 -7.38 82.62
CA THR G 738 -53.01 -8.02 83.17
C THR G 738 -53.76 -7.01 84.03
N MET G 739 -55.09 -7.00 83.94
CA MET G 739 -55.87 -6.03 84.70
C MET G 739 -57.10 -6.65 85.35
N PHE G 740 -56.92 -7.18 86.56
CA PHE G 740 -58.07 -7.57 87.37
C PHE G 740 -58.79 -6.30 87.80
N GLY G 741 -60.12 -6.34 87.81
CA GLY G 741 -60.90 -5.18 88.20
C GLY G 741 -62.37 -5.51 88.25
N HIS G 742 -62.89 -6.06 87.16
CA HIS G 742 -64.30 -6.42 87.10
C HIS G 742 -64.60 -7.54 88.10
N THR G 743 -65.72 -7.37 88.81
CA THR G 743 -66.16 -8.37 89.76
C THR G 743 -66.93 -9.49 89.06
N ASN G 744 -67.22 -9.25 87.78
CA ASN G 744 -67.93 -10.21 86.94
C ASN G 744 -67.30 -10.31 85.56
N SER G 745 -67.69 -11.33 84.81
CA SER G 745 -67.11 -11.57 83.48
C SER G 745 -67.37 -10.37 82.57
N VAL G 746 -66.35 -10.02 81.79
CA VAL G 746 -66.43 -8.87 80.90
C VAL G 746 -67.54 -9.05 79.87
N ASN G 747 -68.35 -8.02 79.68
CA ASN G 747 -69.41 -8.07 78.68
C ASN G 747 -68.97 -7.55 77.31
N HIS G 748 -68.08 -6.57 77.32
CA HIS G 748 -67.62 -5.96 76.08
C HIS G 748 -66.31 -5.20 76.34
N CYS G 749 -65.57 -4.91 75.27
CA CYS G 749 -64.31 -4.20 75.39
C CYS G 749 -64.03 -3.32 74.18
N ARG G 750 -63.57 -2.09 74.44
CA ARG G 750 -63.21 -1.15 73.38
C ARG G 750 -62.10 -0.23 73.87
N PHE G 751 -61.17 0.11 72.98
CA PHE G 751 -60.23 1.19 73.26
C PHE G 751 -60.90 2.56 73.23
N SER G 752 -60.48 3.42 74.16
CA SER G 752 -60.93 4.80 74.19
C SER G 752 -60.25 5.60 73.09
N PRO G 753 -60.88 6.71 72.64
CA PRO G 753 -60.22 7.58 71.68
C PRO G 753 -58.89 8.10 72.24
N ASP G 754 -58.85 8.30 73.55
CA ASP G 754 -57.60 8.56 74.24
C ASP G 754 -56.95 7.22 74.54
N ASP G 755 -55.92 6.88 73.79
CA ASP G 755 -55.27 5.58 73.89
C ASP G 755 -54.65 5.36 75.27
N LYS G 756 -54.35 6.47 75.94
CA LYS G 756 -53.83 6.42 77.30
C LYS G 756 -54.86 5.81 78.25
N LEU G 757 -56.13 6.06 77.94
CA LEU G 757 -57.25 5.46 78.67
C LEU G 757 -57.70 4.16 78.03
N LEU G 758 -58.32 3.30 78.83
CA LEU G 758 -58.89 2.06 78.33
C LEU G 758 -60.12 1.68 79.13
N ALA G 759 -61.29 2.01 78.57
CA ALA G 759 -62.57 1.69 79.21
C ALA G 759 -62.89 0.21 79.09
N SER G 760 -63.70 -0.30 80.01
CA SER G 760 -64.15 -1.68 79.95
C SER G 760 -65.49 -1.86 80.68
N CYS G 761 -66.24 -2.89 80.28
CA CYS G 761 -67.54 -3.16 80.85
C CYS G 761 -67.67 -4.61 81.28
N SER G 762 -68.62 -4.87 82.17
CA SER G 762 -68.85 -6.22 82.67
C SER G 762 -70.22 -6.35 83.35
N ALA G 763 -70.56 -7.58 83.75
CA ALA G 763 -71.90 -7.90 84.24
C ALA G 763 -72.25 -7.14 85.52
N ASP G 764 -71.24 -6.73 86.28
CA ASP G 764 -71.47 -5.87 87.43
C ASP G 764 -72.06 -4.54 86.98
N GLY G 765 -71.76 -4.18 85.75
CA GLY G 765 -72.39 -3.05 85.09
C GLY G 765 -71.62 -1.75 85.24
N THR G 766 -70.76 -1.69 86.25
CA THR G 766 -69.95 -0.49 86.45
C THR G 766 -68.98 -0.31 85.30
N LEU G 767 -68.86 0.93 84.82
CA LEU G 767 -67.86 1.24 83.81
C LEU G 767 -66.50 1.25 84.46
N LYS G 768 -65.47 0.90 83.70
CA LYS G 768 -64.12 0.98 84.25
C LYS G 768 -63.14 1.63 83.27
N LEU G 769 -62.92 2.93 83.46
CA LEU G 769 -61.97 3.69 82.67
C LEU G 769 -60.56 3.54 83.26
N TRP G 770 -59.87 2.51 82.78
CA TRP G 770 -58.52 2.19 83.23
C TRP G 770 -57.49 3.17 82.69
N ASP G 771 -56.41 3.37 83.42
CA ASP G 771 -55.30 4.17 82.92
C ASP G 771 -54.23 3.25 82.35
N ALA G 772 -54.29 3.02 81.04
CA ALA G 772 -53.38 2.07 80.39
C ALA G 772 -51.93 2.53 80.45
N THR G 773 -51.71 3.84 80.45
CA THR G 773 -50.35 4.39 80.46
C THR G 773 -49.61 4.04 81.75
N SER G 774 -50.33 4.03 82.86
CA SER G 774 -49.72 3.68 84.14
C SER G 774 -49.89 2.20 84.44
N ALA G 775 -50.60 1.51 83.55
CA ALA G 775 -50.98 0.12 83.74
C ALA G 775 -51.73 -0.08 85.06
N ASN G 776 -52.54 0.92 85.41
CA ASN G 776 -53.24 0.97 86.69
C ASN G 776 -54.63 1.58 86.57
N GLU G 777 -55.44 1.39 87.61
CA GLU G 777 -56.78 1.96 87.68
C GLU G 777 -56.72 3.50 87.74
N ARG G 778 -57.67 4.14 87.07
CA ARG G 778 -57.82 5.58 87.12
C ARG G 778 -59.22 5.97 87.55
N LYS G 779 -60.21 5.47 86.81
CA LYS G 779 -61.59 5.79 87.09
C LYS G 779 -62.51 4.58 86.88
N SER G 780 -63.65 4.58 87.54
CA SER G 780 -64.63 3.51 87.40
C SER G 780 -65.99 3.92 87.95
N ILE G 781 -66.85 4.44 87.08
CA ILE G 781 -68.18 4.86 87.47
C ILE G 781 -69.01 3.68 87.96
N ASN G 782 -69.68 3.85 89.09
CA ASN G 782 -70.67 2.87 89.55
C ASN G 782 -71.97 3.04 88.78
N VAL G 783 -72.69 1.95 88.57
CA VAL G 783 -73.94 2.04 87.81
C VAL G 783 -75.09 1.41 88.58
N LYS G 784 -75.69 2.21 89.45
CA LYS G 784 -76.95 1.86 90.11
C LYS G 784 -77.99 2.89 89.69
N GLN G 785 -77.64 3.63 88.63
CA GLN G 785 -78.45 4.74 88.15
C GLN G 785 -79.81 4.27 87.65
N PHE G 786 -79.89 3.00 87.28
CA PHE G 786 -81.17 2.37 86.99
C PHE G 786 -81.88 2.12 88.32
N PHE G 787 -82.33 3.19 88.95
CA PHE G 787 -83.07 3.08 90.21
C PHE G 787 -84.43 2.47 89.95
N LEU G 788 -84.87 1.62 90.86
CA LEU G 788 -86.15 0.91 90.70
C LEU G 788 -86.59 0.32 92.03
N ASN G 789 -87.54 0.97 92.69
CA ASN G 789 -87.99 0.55 94.01
C ASN G 789 -89.10 -0.51 93.93
N LEU G 790 -88.71 -1.73 93.59
CA LEU G 790 -89.64 -2.85 93.53
C LEU G 790 -89.83 -3.50 94.90
N GLU G 791 -90.75 -4.46 94.95
CA GLU G 791 -91.00 -5.26 96.14
C GLU G 791 -90.00 -6.41 96.21
N ASP G 792 -89.08 -6.42 95.25
CA ASP G 792 -88.01 -7.42 95.18
C ASP G 792 -87.14 -7.33 96.43
N PRO G 793 -86.90 -8.48 97.10
CA PRO G 793 -86.08 -8.53 98.32
C PRO G 793 -84.66 -7.99 98.15
N GLN G 794 -84.10 -8.13 96.95
CA GLN G 794 -82.80 -7.54 96.65
C GLN G 794 -82.90 -6.02 96.81
N GLU G 795 -81.81 -5.39 97.24
CA GLU G 795 -81.81 -3.95 97.49
C GLU G 795 -81.85 -3.16 96.19
N ASP G 796 -80.93 -2.20 96.04
CA ASP G 796 -80.80 -1.48 94.79
C ASP G 796 -80.40 -2.45 93.69
N MET G 797 -80.98 -2.29 92.51
CA MET G 797 -80.81 -3.24 91.43
C MET G 797 -79.37 -3.32 90.93
N GLU G 798 -78.93 -4.53 90.62
CA GLU G 798 -77.59 -4.77 90.10
C GLU G 798 -77.59 -4.68 88.58
N VAL G 799 -77.28 -3.49 88.07
CA VAL G 799 -77.31 -3.24 86.63
C VAL G 799 -76.30 -4.10 85.90
N ILE G 800 -76.69 -4.62 84.73
CA ILE G 800 -75.82 -5.46 83.92
C ILE G 800 -75.66 -4.82 82.53
N VAL G 801 -74.72 -3.90 82.40
CA VAL G 801 -74.45 -3.24 81.13
C VAL G 801 -73.93 -4.23 80.09
N LYS G 802 -74.38 -4.07 78.85
CA LYS G 802 -73.89 -4.92 77.76
C LYS G 802 -72.99 -4.14 76.81
N CYS G 803 -73.61 -3.43 75.86
CA CYS G 803 -72.85 -2.68 74.87
C CYS G 803 -72.08 -1.54 75.53
N CYS G 804 -70.84 -1.33 75.08
CA CYS G 804 -70.02 -0.24 75.55
C CYS G 804 -69.95 0.85 74.50
N SER G 805 -71.07 1.53 74.27
CA SER G 805 -71.18 2.54 73.23
C SER G 805 -70.32 3.77 73.53
N TRP G 806 -69.82 4.40 72.47
CA TRP G 806 -69.03 5.62 72.61
C TRP G 806 -69.70 6.80 71.92
N SER G 807 -69.43 8.00 72.45
CA SER G 807 -69.78 9.23 71.77
C SER G 807 -68.88 9.35 70.55
N ALA G 808 -69.31 10.12 69.54
CA ALA G 808 -68.56 10.19 68.29
C ALA G 808 -67.14 10.69 68.53
N ASP G 809 -66.97 11.56 69.52
CA ASP G 809 -65.63 11.95 69.95
C ASP G 809 -65.04 10.92 70.93
N GLY G 810 -65.90 10.10 71.52
CA GLY G 810 -65.47 9.08 72.46
C GLY G 810 -65.13 9.64 73.83
N ALA G 811 -65.51 10.89 74.06
CA ALA G 811 -65.17 11.57 75.32
C ALA G 811 -66.05 11.11 76.48
N ARG G 812 -67.13 10.41 76.15
CA ARG G 812 -68.09 9.94 77.14
C ARG G 812 -68.60 8.57 76.74
N ILE G 813 -69.09 7.79 77.69
CA ILE G 813 -69.53 6.44 77.36
C ILE G 813 -71.04 6.23 77.45
N MET G 814 -71.66 6.05 76.29
CA MET G 814 -73.02 5.57 76.18
C MET G 814 -73.06 4.08 76.52
N VAL G 815 -74.12 3.64 77.19
CA VAL G 815 -74.30 2.25 77.58
C VAL G 815 -75.78 1.92 77.59
N ALA G 816 -76.11 0.65 77.75
CA ALA G 816 -77.50 0.26 77.91
C ALA G 816 -77.64 -1.02 78.71
N ALA G 817 -78.66 -1.08 79.55
CA ALA G 817 -78.89 -2.26 80.38
C ALA G 817 -80.31 -2.29 80.93
N LYS G 818 -80.80 -3.50 81.18
CA LYS G 818 -82.13 -3.70 81.75
C LYS G 818 -83.22 -2.98 80.97
N ASN G 819 -83.68 -1.86 81.50
CA ASN G 819 -84.74 -1.10 80.86
C ASN G 819 -84.32 0.29 80.42
N LYS G 820 -83.04 0.63 80.61
CA LYS G 820 -82.58 1.98 80.32
C LYS G 820 -81.20 2.05 79.68
N ILE G 821 -81.10 2.91 78.68
CA ILE G 821 -79.83 3.38 78.15
C ILE G 821 -79.31 4.46 79.10
N PHE G 822 -78.00 4.59 79.22
CA PHE G 822 -77.38 5.67 80.00
C PHE G 822 -76.28 6.34 79.18
N LEU G 823 -75.95 7.58 79.50
CA LEU G 823 -74.81 8.24 78.91
C LEU G 823 -73.92 8.77 80.03
N PHE G 824 -73.03 7.90 80.51
CA PHE G 824 -72.12 8.29 81.57
C PHE G 824 -70.98 9.18 81.06
N ASP G 825 -70.53 10.09 81.92
CA ASP G 825 -69.38 10.91 81.64
C ASP G 825 -68.20 10.42 82.47
N ILE G 826 -67.41 9.53 81.88
CA ILE G 826 -66.28 8.92 82.56
C ILE G 826 -65.18 9.91 82.94
N HIS G 827 -65.03 10.97 82.14
CA HIS G 827 -64.01 11.97 82.45
C HIS G 827 -64.32 12.72 83.74
N THR G 828 -65.60 12.85 84.06
CA THR G 828 -66.03 13.48 85.32
C THR G 828 -66.52 12.44 86.31
N SER G 829 -66.51 11.18 85.89
CA SER G 829 -66.97 10.06 86.71
C SER G 829 -68.38 10.26 87.24
N GLY G 830 -69.28 10.71 86.37
CA GLY G 830 -70.67 10.91 86.77
C GLY G 830 -71.66 10.67 85.65
N LEU G 831 -72.90 10.36 86.04
CA LEU G 831 -73.99 10.16 85.10
C LEU G 831 -74.39 11.45 84.39
N LEU G 832 -74.78 11.34 83.12
CA LEU G 832 -75.40 12.46 82.42
C LEU G 832 -76.70 12.01 81.76
N GLY G 833 -76.59 11.35 80.61
CA GLY G 833 -77.76 10.93 79.87
C GLY G 833 -78.40 9.67 80.43
N GLU G 834 -79.63 9.41 79.99
CA GLU G 834 -80.39 8.26 80.47
C GLU G 834 -81.62 8.03 79.59
N ILE G 835 -81.46 7.21 78.54
CA ILE G 835 -82.54 6.98 77.60
C ILE G 835 -83.31 5.69 77.92
N HIS G 836 -84.51 5.82 78.48
CA HIS G 836 -85.31 4.66 78.83
C HIS G 836 -85.70 3.87 77.59
N THR G 837 -85.69 2.55 77.69
CA THR G 837 -86.04 1.68 76.57
C THR G 837 -87.55 1.40 76.56
N GLY G 838 -88.03 0.82 75.46
CA GLY G 838 -89.45 0.52 75.33
C GLY G 838 -89.99 -0.43 76.38
N HIS G 839 -91.10 -0.04 77.00
CA HIS G 839 -91.72 -0.82 78.06
C HIS G 839 -90.73 -1.26 79.13
N HIS G 840 -90.86 -2.51 79.58
CA HIS G 840 -89.97 -3.02 80.62
C HIS G 840 -89.65 -4.50 80.40
N SER G 841 -88.38 -4.84 80.62
CA SER G 841 -87.89 -6.21 80.48
C SER G 841 -86.43 -6.26 80.93
N THR G 842 -85.56 -6.71 80.03
CA THR G 842 -84.12 -6.66 80.22
C THR G 842 -83.46 -6.72 78.86
N ILE G 843 -82.60 -5.74 78.57
CA ILE G 843 -82.01 -5.61 77.24
C ILE G 843 -81.19 -6.83 76.86
N GLN G 844 -81.41 -7.32 75.65
CA GLN G 844 -80.61 -8.40 75.10
C GLN G 844 -79.54 -7.84 74.15
N TYR G 845 -79.85 -6.70 73.55
CA TYR G 845 -78.92 -6.03 72.65
C TYR G 845 -79.23 -4.54 72.51
N CYS G 846 -78.20 -3.75 72.18
CA CYS G 846 -78.35 -2.32 72.00
C CYS G 846 -77.24 -1.76 71.11
N ASP G 847 -77.49 -0.60 70.51
CA ASP G 847 -76.52 0.03 69.63
C ASP G 847 -76.79 1.52 69.42
N PHE G 848 -75.95 2.35 70.01
CA PHE G 848 -75.99 3.80 69.79
C PHE G 848 -75.50 4.21 68.41
N SER G 849 -76.15 5.23 67.83
CA SER G 849 -75.72 5.81 66.57
C SER G 849 -75.27 7.26 66.76
N PRO G 850 -73.99 7.55 66.47
CA PRO G 850 -73.46 8.91 66.61
C PRO G 850 -74.18 9.94 65.75
N GLN G 851 -74.64 9.54 64.57
CA GLN G 851 -75.50 10.39 63.77
C GLN G 851 -76.91 10.45 64.33
N ASN G 852 -77.54 11.62 64.21
CA ASN G 852 -78.95 11.82 64.57
C ASN G 852 -79.29 11.37 65.99
N HIS G 853 -78.27 11.11 66.79
CA HIS G 853 -78.45 10.58 68.15
C HIS G 853 -79.33 9.33 68.16
N LEU G 854 -79.24 8.53 67.10
CA LEU G 854 -80.09 7.34 66.98
C LEU G 854 -79.62 6.19 67.86
N ALA G 855 -80.58 5.32 68.20
CA ALA G 855 -80.32 4.14 69.01
C ALA G 855 -81.07 2.93 68.47
N VAL G 856 -80.40 2.12 67.65
CA VAL G 856 -80.97 0.88 67.18
C VAL G 856 -80.81 -0.17 68.26
N VAL G 857 -81.89 -0.42 69.00
CA VAL G 857 -81.83 -1.31 70.14
C VAL G 857 -82.72 -2.52 69.97
N ALA G 858 -82.12 -3.70 70.02
CA ALA G 858 -82.86 -4.95 70.05
C ALA G 858 -83.13 -5.35 71.50
N LEU G 859 -84.26 -4.89 72.03
CA LEU G 859 -84.59 -5.12 73.44
C LEU G 859 -84.68 -6.62 73.73
N SER G 860 -85.73 -7.26 73.23
CA SER G 860 -85.89 -8.70 73.37
C SER G 860 -86.81 -9.22 72.26
N GLN G 861 -86.60 -10.47 71.83
CA GLN G 861 -87.41 -11.02 70.74
C GLN G 861 -87.23 -10.19 69.47
N TYR G 862 -85.99 -9.88 69.13
CA TYR G 862 -85.70 -9.19 67.89
C TYR G 862 -86.51 -7.90 67.86
N CYS G 863 -86.68 -7.27 69.00
CA CYS G 863 -87.38 -5.99 69.05
C CYS G 863 -86.39 -4.88 68.70
N VAL G 864 -86.01 -4.81 67.43
CA VAL G 864 -84.98 -3.90 66.97
C VAL G 864 -85.58 -2.53 66.67
N GLU G 865 -85.94 -1.82 67.73
CA GLU G 865 -86.54 -0.49 67.57
C GLU G 865 -85.49 0.58 67.27
N LEU G 866 -85.90 1.58 66.51
CA LEU G 866 -85.06 2.75 66.27
C LEU G 866 -85.49 3.90 67.15
N TRP G 867 -84.77 4.05 68.27
CA TRP G 867 -84.97 5.13 69.22
C TRP G 867 -84.09 6.33 68.88
N ASN G 868 -84.27 7.43 69.60
CA ASN G 868 -83.43 8.58 69.40
C ASN G 868 -82.89 9.04 70.77
N THR G 869 -81.57 8.94 70.95
CA THR G 869 -80.94 9.21 72.23
C THR G 869 -80.98 10.69 72.61
N ASP G 870 -80.92 10.95 73.93
CA ASP G 870 -80.97 12.29 74.51
C ASP G 870 -82.35 12.90 74.37
N SER G 871 -82.87 12.92 73.14
CA SER G 871 -84.26 13.30 72.92
C SER G 871 -85.20 12.29 73.56
N ARG G 872 -84.69 11.06 73.72
CA ARG G 872 -85.37 10.01 74.48
C ARG G 872 -86.75 9.68 73.92
N SER G 873 -86.84 9.53 72.60
CA SER G 873 -88.06 9.10 71.95
C SER G 873 -87.76 8.22 70.75
N LYS G 874 -88.59 7.21 70.53
CA LYS G 874 -88.44 6.29 69.40
C LYS G 874 -88.64 6.99 68.07
N VAL G 875 -87.82 6.63 67.09
CA VAL G 875 -87.98 7.15 65.74
C VAL G 875 -88.90 6.26 64.91
N ALA G 876 -88.55 4.98 64.79
CA ALA G 876 -89.39 4.06 64.02
C ALA G 876 -89.13 2.59 64.31
N ASP G 877 -90.16 1.77 64.09
CA ASP G 877 -90.05 0.32 64.26
C ASP G 877 -89.27 -0.29 63.10
N CYS G 878 -88.58 -1.41 63.37
CA CYS G 878 -87.85 -2.12 62.34
C CYS G 878 -88.14 -3.63 62.41
N ARG G 879 -89.27 -4.07 61.88
CA ARG G 879 -89.52 -5.51 61.67
C ARG G 879 -88.70 -6.15 60.53
N GLY G 880 -88.46 -7.47 60.61
CA GLY G 880 -87.70 -8.20 59.61
C GLY G 880 -86.50 -9.11 59.83
N HIS G 881 -86.15 -9.43 61.08
CA HIS G 881 -85.17 -10.49 61.32
C HIS G 881 -85.85 -11.70 61.98
N LEU G 882 -85.48 -12.89 61.53
CA LEU G 882 -86.03 -14.17 61.99
C LEU G 882 -84.95 -14.82 62.89
N SER G 883 -85.37 -15.48 63.99
CA SER G 883 -84.48 -16.05 65.02
C SER G 883 -84.14 -15.14 66.21
N TRP G 884 -84.83 -14.00 66.30
CA TRP G 884 -84.45 -12.96 67.23
C TRP G 884 -83.01 -12.52 66.94
N VAL G 885 -82.82 -11.26 66.54
CA VAL G 885 -81.51 -10.80 66.13
C VAL G 885 -80.40 -11.45 66.94
N HIS G 886 -79.19 -11.38 66.39
CA HIS G 886 -78.01 -11.82 67.11
C HIS G 886 -77.05 -10.66 67.18
N GLY G 887 -77.23 -9.67 66.30
CA GLY G 887 -76.42 -8.47 66.41
C GLY G 887 -76.54 -7.47 65.28
N VAL G 888 -76.18 -6.23 65.58
CA VAL G 888 -76.31 -5.11 64.66
C VAL G 888 -75.13 -4.15 64.88
N MET G 889 -74.65 -3.48 63.84
CA MET G 889 -73.68 -2.42 64.03
C MET G 889 -73.63 -1.49 62.82
N PHE G 890 -73.45 -0.20 63.09
CA PHE G 890 -73.47 0.83 62.05
C PHE G 890 -72.19 0.89 61.24
N SER G 891 -72.31 1.40 60.02
CA SER G 891 -71.17 1.68 59.17
C SER G 891 -70.34 2.80 59.77
N PRO G 892 -69.03 2.83 59.50
CA PRO G 892 -68.19 3.93 59.98
C PRO G 892 -68.70 5.27 59.48
N ASP G 893 -69.26 5.29 58.27
CA ASP G 893 -69.95 6.47 57.77
C ASP G 893 -71.21 6.73 58.59
N GLY G 894 -71.80 5.68 59.13
CA GLY G 894 -73.01 5.78 59.93
C GLY G 894 -74.24 5.85 59.06
N SER G 895 -74.04 5.76 57.75
CA SER G 895 -75.14 5.84 56.79
C SER G 895 -75.86 4.52 56.64
N SER G 896 -75.33 3.47 57.25
CA SER G 896 -75.91 2.14 57.15
C SER G 896 -75.50 1.25 58.33
N PHE G 897 -76.15 0.10 58.46
CA PHE G 897 -75.78 -0.84 59.51
C PHE G 897 -76.07 -2.28 59.14
N LEU G 898 -75.17 -3.18 59.55
CA LEU G 898 -75.37 -4.62 59.40
C LEU G 898 -76.34 -5.14 60.44
N THR G 899 -77.01 -6.25 60.15
CA THR G 899 -77.87 -6.90 61.13
C THR G 899 -77.66 -8.41 61.16
N SER G 900 -76.67 -8.86 61.92
CA SER G 900 -76.45 -10.29 62.12
C SER G 900 -77.65 -10.88 62.86
N SER G 901 -78.00 -12.12 62.54
CA SER G 901 -79.17 -12.73 63.15
C SER G 901 -79.02 -14.23 63.33
N ASP G 902 -79.84 -14.81 64.20
CA ASP G 902 -79.76 -16.22 64.52
C ASP G 902 -80.09 -17.12 63.33
N ASP G 903 -80.83 -16.59 62.35
CA ASP G 903 -81.20 -17.41 61.21
C ASP G 903 -79.92 -17.86 60.53
N GLN G 904 -78.89 -17.02 60.67
CA GLN G 904 -77.70 -16.99 59.79
C GLN G 904 -77.75 -15.92 58.67
N THR G 905 -78.33 -14.77 58.97
CA THR G 905 -78.67 -13.75 57.99
C THR G 905 -78.16 -12.36 58.38
N ILE G 906 -77.59 -11.65 57.42
CA ILE G 906 -77.11 -10.29 57.67
C ILE G 906 -77.78 -9.31 56.71
N ARG G 907 -78.67 -8.48 57.24
CA ARG G 907 -79.39 -7.55 56.38
C ARG G 907 -78.81 -6.15 56.47
N LEU G 908 -78.35 -5.68 55.32
CA LEU G 908 -77.95 -4.28 55.15
C LEU G 908 -79.15 -3.35 55.21
N TRP G 909 -78.95 -2.17 55.77
CA TRP G 909 -80.03 -1.18 55.84
C TRP G 909 -79.52 0.24 55.72
N GLU G 910 -80.23 1.04 54.92
CA GLU G 910 -79.98 2.48 54.82
C GLU G 910 -80.45 3.18 56.09
N THR G 911 -79.72 4.23 56.50
CA THR G 911 -80.07 4.99 57.68
C THR G 911 -81.41 5.71 57.55
N LYS G 912 -81.69 6.24 56.37
CA LYS G 912 -82.88 7.03 56.12
C LYS G 912 -84.19 6.26 56.29
N LYS G 913 -84.19 5.00 55.85
CA LYS G 913 -85.40 4.18 55.82
C LYS G 913 -85.99 3.95 57.21
N VAL G 914 -85.13 3.74 58.20
CA VAL G 914 -85.58 3.39 59.55
C VAL G 914 -86.42 4.48 60.22
N CYS G 915 -86.05 5.74 60.01
CA CYS G 915 -86.75 6.85 60.66
C CYS G 915 -88.21 6.96 60.22
N LYS G 916 -88.46 6.76 58.93
CA LYS G 916 -89.81 6.84 58.38
C LYS G 916 -90.68 5.75 58.99
N ASN G 917 -91.95 6.07 59.25
CA ASN G 917 -92.82 5.08 59.90
C ASN G 917 -93.36 4.09 58.88
N SER G 918 -93.60 2.86 59.34
CA SER G 918 -94.10 1.81 58.46
C SER G 918 -95.01 0.85 59.23
N ALA G 919 -96.14 1.36 59.70
CA ALA G 919 -97.11 0.55 60.43
C ALA G 919 -97.69 -0.55 59.54
N VAL G 920 -96.92 -1.61 59.34
CA VAL G 920 -97.35 -2.72 58.49
C VAL G 920 -96.99 -4.06 59.12
N MET G 921 -96.76 -5.07 58.28
CA MET G 921 -96.41 -6.40 58.75
C MET G 921 -97.34 -6.86 59.86
N LEU G 922 -98.47 -7.46 59.47
CA LEU G 922 -99.45 -7.97 60.43
C LEU G 922 -98.80 -8.81 61.54
N LYS G 923 -99.50 -8.90 62.66
CA LYS G 923 -99.06 -9.63 63.85
C LYS G 923 -98.98 -11.12 63.56
N GLN G 924 -98.05 -11.79 64.25
CA GLN G 924 -97.63 -13.14 63.88
C GLN G 924 -98.71 -14.22 63.88
N GLU G 925 -99.55 -14.22 64.91
CA GLU G 925 -100.63 -15.21 64.99
C GLU G 925 -101.98 -14.55 64.76
N VAL G 926 -102.71 -15.04 63.77
CA VAL G 926 -104.02 -14.51 63.44
C VAL G 926 -104.95 -15.62 62.96
N ASP G 927 -106.25 -15.39 63.08
CA ASP G 927 -107.24 -16.33 62.59
C ASP G 927 -107.96 -15.71 61.40
N VAL G 928 -108.05 -16.46 60.30
CA VAL G 928 -108.77 -16.00 59.10
C VAL G 928 -109.97 -16.89 58.76
N VAL G 929 -111.13 -16.28 58.51
CA VAL G 929 -112.35 -17.03 58.18
C VAL G 929 -112.78 -16.77 56.72
N PHE G 930 -112.97 -17.85 55.96
CA PHE G 930 -113.27 -17.73 54.53
C PHE G 930 -114.72 -18.03 54.15
N GLN G 931 -115.37 -17.00 53.61
CA GLN G 931 -116.79 -17.02 53.30
C GLN G 931 -117.12 -17.00 51.81
N GLU G 932 -116.16 -17.36 50.97
CA GLU G 932 -116.34 -17.34 49.50
C GLU G 932 -115.29 -16.60 48.61
N ASN G 933 -115.77 -15.63 47.80
CA ASN G 933 -115.01 -14.80 46.84
C ASN G 933 -113.97 -13.80 47.36
N GLU G 934 -114.19 -13.34 48.59
CA GLU G 934 -113.24 -12.51 49.32
C GLU G 934 -112.90 -13.22 50.63
N VAL G 935 -111.62 -13.23 51.00
CA VAL G 935 -111.15 -13.85 52.24
C VAL G 935 -110.70 -12.76 53.22
N MET G 936 -111.17 -12.83 54.46
CA MET G 936 -110.83 -11.82 55.49
C MET G 936 -109.86 -12.44 56.51
N VAL G 937 -108.76 -11.75 56.80
CA VAL G 937 -107.74 -12.26 57.73
C VAL G 937 -107.81 -11.49 59.06
N LEU G 938 -107.88 -12.22 60.16
CA LEU G 938 -107.87 -11.61 61.48
C LEU G 938 -106.54 -10.92 61.73
N ALA G 939 -106.58 -9.75 62.35
CA ALA G 939 -105.37 -8.97 62.59
C ALA G 939 -105.33 -8.34 63.96
N VAL G 940 -104.12 -8.08 64.46
CA VAL G 940 -103.93 -7.38 65.72
C VAL G 940 -103.30 -6.03 65.43
N ASP G 941 -103.89 -4.97 65.96
CA ASP G 941 -103.47 -3.62 65.62
C ASP G 941 -102.01 -3.42 66.01
N HIS G 942 -101.29 -2.62 65.21
CA HIS G 942 -99.89 -2.37 65.44
C HIS G 942 -99.67 -1.67 66.78
N ILE G 943 -100.70 -0.97 67.25
CA ILE G 943 -100.61 -0.26 68.52
C ILE G 943 -101.45 -0.91 69.62
N ARG G 944 -102.71 -1.20 69.34
CA ARG G 944 -103.62 -1.67 70.39
C ARG G 944 -104.37 -2.95 70.04
N ARG G 945 -105.59 -2.83 69.52
CA ARG G 945 -106.47 -3.98 69.36
C ARG G 945 -106.32 -4.65 68.01
N LEU G 946 -107.09 -4.19 67.02
CA LEU G 946 -107.13 -4.87 65.73
C LEU G 946 -107.68 -4.02 64.58
N GLN G 947 -107.38 -4.46 63.37
CA GLN G 947 -107.97 -3.93 62.14
C GLN G 947 -108.24 -5.10 61.20
N LEU G 948 -109.42 -5.09 60.59
CA LEU G 948 -109.74 -6.13 59.63
C LEU G 948 -109.53 -5.55 58.26
N ILE G 949 -108.53 -6.06 57.57
CA ILE G 949 -108.31 -5.69 56.17
C ILE G 949 -108.66 -6.86 55.26
N ASN G 950 -109.72 -6.69 54.47
CA ASN G 950 -110.07 -7.69 53.47
C ASN G 950 -109.03 -7.69 52.37
N GLY G 951 -108.84 -8.85 51.74
CA GLY G 951 -107.94 -8.93 50.61
C GLY G 951 -108.53 -8.21 49.41
N ARG G 952 -107.66 -7.85 48.48
CA ARG G 952 -108.05 -7.15 47.26
C ARG G 952 -108.81 -5.85 47.54
N THR G 953 -108.49 -5.19 48.65
CA THR G 953 -109.06 -3.90 48.99
C THR G 953 -108.28 -3.19 50.09
N GLY G 954 -108.48 -1.88 50.19
CA GLY G 954 -107.85 -1.07 51.22
C GLY G 954 -108.79 -0.81 52.38
N GLN G 955 -109.82 -1.66 52.50
CA GLN G 955 -110.87 -1.45 53.49
C GLN G 955 -110.47 -1.93 54.89
N ILE G 956 -109.75 -1.07 55.61
CA ILE G 956 -109.40 -1.32 57.00
C ILE G 956 -110.65 -1.31 57.88
N ASP G 957 -110.69 -2.19 58.89
CA ASP G 957 -111.81 -2.23 59.81
C ASP G 957 -111.31 -2.25 61.27
N TYR G 958 -110.94 -1.08 61.77
CA TYR G 958 -110.39 -0.94 63.11
C TYR G 958 -111.46 -1.10 64.19
N LEU G 959 -111.05 -1.62 65.34
CA LEU G 959 -111.93 -1.75 66.51
C LEU G 959 -111.14 -1.46 67.79
N THR G 960 -111.85 -1.08 68.84
CA THR G 960 -111.19 -0.72 70.10
C THR G 960 -111.47 -1.68 71.26
N GLU G 961 -110.41 -2.00 71.99
CA GLU G 961 -110.46 -2.81 73.21
C GLU G 961 -109.11 -2.69 73.90
N ALA G 962 -109.03 -3.01 75.19
CA ALA G 962 -107.75 -2.95 75.89
C ALA G 962 -106.90 -4.16 75.54
N GLN G 963 -106.40 -4.18 74.31
CA GLN G 963 -105.55 -5.25 73.79
C GLN G 963 -106.20 -6.63 73.89
N VAL G 964 -106.91 -7.03 72.83
CA VAL G 964 -107.52 -8.35 72.79
C VAL G 964 -106.46 -9.45 72.81
N SER G 965 -106.74 -10.52 73.52
CA SER G 965 -105.80 -11.64 73.62
C SER G 965 -105.93 -12.59 72.43
N CYS G 966 -107.16 -12.80 71.98
CA CYS G 966 -107.46 -13.69 70.86
C CYS G 966 -108.85 -13.36 70.36
N CYS G 967 -109.22 -13.84 69.17
CA CYS G 967 -110.49 -13.48 68.58
C CYS G 967 -111.17 -14.63 67.84
N CYS G 968 -112.49 -14.53 67.70
CA CYS G 968 -113.27 -15.53 66.96
C CYS G 968 -114.60 -14.98 66.48
N LEU G 969 -114.88 -15.14 65.19
CA LEU G 969 -116.17 -14.77 64.63
C LEU G 969 -117.25 -15.81 64.92
N SER G 970 -118.49 -15.34 65.00
CA SER G 970 -119.65 -16.20 65.22
C SER G 970 -120.04 -16.98 63.97
N PRO G 971 -120.69 -18.14 64.16
CA PRO G 971 -121.25 -18.89 63.03
C PRO G 971 -122.34 -18.08 62.34
N HIS G 972 -122.45 -18.22 61.02
CA HIS G 972 -123.40 -17.45 60.23
C HIS G 972 -123.25 -15.95 60.45
N LEU G 973 -122.01 -15.52 60.68
CA LEU G 973 -121.67 -14.10 60.84
C LEU G 973 -122.46 -13.43 61.96
N GLN G 974 -122.83 -12.17 61.73
CA GLN G 974 -123.71 -11.39 62.60
C GLN G 974 -123.09 -11.01 63.95
N TYR G 975 -121.92 -11.55 64.26
CA TYR G 975 -121.24 -11.23 65.51
C TYR G 975 -119.73 -11.33 65.37
N ILE G 976 -119.04 -10.82 66.40
CA ILE G 976 -117.58 -10.89 66.49
C ILE G 976 -117.26 -11.14 67.96
N ALA G 977 -116.11 -11.74 68.25
CA ALA G 977 -115.77 -12.03 69.64
C ALA G 977 -114.28 -12.00 69.91
N PHE G 978 -113.92 -11.84 71.18
CA PHE G 978 -112.52 -11.82 71.58
C PHE G 978 -112.33 -12.25 73.03
N GLY G 979 -111.15 -12.77 73.33
CA GLY G 979 -110.78 -13.15 74.68
C GLY G 979 -110.13 -12.00 75.42
N ASP G 980 -109.56 -12.31 76.59
CA ASP G 980 -108.93 -11.28 77.42
C ASP G 980 -107.86 -11.90 78.31
N GLU G 981 -106.99 -11.06 78.86
CA GLU G 981 -105.90 -11.49 79.73
C GLU G 981 -106.42 -12.16 80.98
N ASN G 982 -107.61 -11.74 81.42
CA ASN G 982 -108.28 -12.34 82.57
C ASN G 982 -109.04 -13.60 82.19
N GLY G 983 -109.07 -13.91 80.89
CA GLY G 983 -109.83 -15.03 80.38
C GLY G 983 -111.27 -14.70 80.08
N ALA G 984 -111.64 -13.44 80.33
CA ALA G 984 -112.96 -12.93 79.98
C ALA G 984 -113.13 -12.95 78.46
N ILE G 985 -114.33 -13.26 77.98
CA ILE G 985 -114.55 -13.32 76.54
C ILE G 985 -115.82 -12.59 76.12
N GLU G 986 -115.63 -11.43 75.50
CA GLU G 986 -116.75 -10.65 74.96
C GLU G 986 -117.18 -11.13 73.58
N ILE G 987 -118.46 -10.96 73.25
CA ILE G 987 -118.94 -11.22 71.91
C ILE G 987 -119.74 -10.02 71.40
N LEU G 988 -119.03 -9.03 70.87
CA LEU G 988 -119.68 -7.83 70.32
C LEU G 988 -120.57 -8.16 69.12
N GLU G 989 -121.77 -7.59 69.11
CA GLU G 989 -122.65 -7.73 67.95
C GLU G 989 -122.20 -6.80 66.82
N LEU G 990 -122.39 -7.23 65.58
CA LEU G 990 -122.06 -6.40 64.43
C LEU G 990 -123.09 -5.29 64.21
N VAL G 991 -124.35 -5.63 64.42
CA VAL G 991 -125.46 -4.70 64.18
C VAL G 991 -125.38 -3.50 65.11
N ASN G 992 -124.90 -3.72 66.32
CA ASN G 992 -124.80 -2.63 67.30
C ASN G 992 -123.63 -2.85 68.26
N ASN G 993 -122.79 -1.83 68.37
CA ASN G 993 -121.65 -1.88 69.28
C ASN G 993 -122.03 -1.86 70.75
N ARG G 994 -123.21 -1.34 71.05
CA ARG G 994 -123.69 -1.28 72.43
C ARG G 994 -123.96 -2.67 73.03
N ILE G 995 -124.37 -3.60 72.20
CA ILE G 995 -124.74 -4.94 72.67
C ILE G 995 -123.54 -5.88 72.72
N PHE G 996 -123.31 -6.45 73.90
CA PHE G 996 -122.22 -7.40 74.10
C PHE G 996 -122.48 -8.25 75.32
N GLN G 997 -121.80 -9.39 75.40
CA GLN G 997 -121.80 -10.21 76.61
C GLN G 997 -120.32 -10.39 76.97
N SER G 998 -119.98 -10.23 78.25
CA SER G 998 -118.60 -10.44 78.70
C SER G 998 -118.60 -11.62 79.67
N ARG G 999 -117.68 -12.57 79.48
CA ARG G 999 -117.63 -13.72 80.38
C ARG G 999 -116.35 -13.69 81.20
N PHE G 1000 -116.48 -13.81 82.53
CA PHE G 1000 -115.29 -13.77 83.37
C PHE G 1000 -114.94 -15.19 83.83
N GLN G 1001 -113.77 -15.66 83.47
CA GLN G 1001 -113.47 -17.07 83.68
C GLN G 1001 -111.97 -17.32 83.44
N HIS G 1002 -111.49 -18.46 83.91
CA HIS G 1002 -110.10 -18.90 83.73
C HIS G 1002 -109.12 -18.10 84.57
N LYS G 1003 -108.18 -18.81 85.20
CA LYS G 1003 -107.18 -18.21 86.06
C LYS G 1003 -106.26 -17.26 85.28
N LYS G 1004 -106.06 -17.54 84.01
CA LYS G 1004 -105.19 -16.73 83.17
C LYS G 1004 -105.88 -16.41 81.85
N THR G 1005 -105.09 -16.04 80.85
CA THR G 1005 -105.62 -15.76 79.52
C THR G 1005 -106.24 -17.02 78.92
N VAL G 1006 -107.39 -16.86 78.29
CA VAL G 1006 -108.10 -17.99 77.68
C VAL G 1006 -107.29 -18.58 76.51
N TRP G 1007 -107.29 -19.91 76.41
CA TRP G 1007 -106.63 -20.58 75.30
C TRP G 1007 -107.57 -20.69 74.11
N HIS G 1008 -107.89 -21.93 73.75
CA HIS G 1008 -108.72 -22.21 72.58
C HIS G 1008 -110.14 -21.66 72.75
N ILE G 1009 -110.70 -21.14 71.67
CA ILE G 1009 -112.07 -20.66 71.66
C ILE G 1009 -112.79 -21.18 70.42
N GLN G 1010 -113.99 -21.73 70.61
CA GLN G 1010 -114.75 -22.25 69.49
C GLN G 1010 -116.24 -22.17 69.76
N PHE G 1011 -117.01 -21.93 68.70
CA PHE G 1011 -118.46 -21.78 68.81
C PHE G 1011 -119.18 -23.04 68.33
N THR G 1012 -120.39 -23.26 68.83
CA THR G 1012 -121.21 -24.37 68.40
C THR G 1012 -121.79 -24.11 67.02
N ALA G 1013 -122.41 -25.12 66.42
CA ALA G 1013 -123.07 -24.96 65.13
C ALA G 1013 -124.21 -23.96 65.27
N ASP G 1014 -124.78 -23.88 66.47
CA ASP G 1014 -125.71 -22.82 66.82
C ASP G 1014 -124.95 -21.51 66.94
N GLU G 1015 -125.63 -20.41 66.64
CA GLU G 1015 -125.03 -19.08 66.79
C GLU G 1015 -124.71 -18.81 68.26
N LYS G 1016 -125.45 -19.47 69.14
CA LYS G 1016 -125.27 -19.35 70.58
C LYS G 1016 -124.17 -20.26 71.12
N THR G 1017 -123.84 -20.06 72.39
CA THR G 1017 -122.94 -20.91 73.18
C THR G 1017 -121.46 -20.77 72.80
N LEU G 1018 -120.74 -19.95 73.57
CA LEU G 1018 -119.28 -19.90 73.53
C LEU G 1018 -118.69 -21.16 74.14
N ILE G 1019 -117.56 -21.61 73.61
CA ILE G 1019 -116.81 -22.68 74.27
C ILE G 1019 -115.34 -22.24 74.34
N SER G 1020 -114.68 -22.51 75.45
CA SER G 1020 -113.31 -22.06 75.66
C SER G 1020 -112.56 -22.93 76.67
N SER G 1021 -111.26 -22.68 76.80
CA SER G 1021 -110.44 -23.36 77.80
C SER G 1021 -109.20 -22.56 78.12
N SER G 1022 -108.57 -22.86 79.25
CA SER G 1022 -107.32 -22.21 79.65
C SER G 1022 -106.60 -23.02 80.72
N ASP G 1023 -106.10 -22.33 81.74
CA ASP G 1023 -105.34 -23.00 82.80
C ASP G 1023 -106.22 -23.92 83.64
N ASP G 1024 -107.53 -23.68 83.64
CA ASP G 1024 -108.45 -24.52 84.39
C ASP G 1024 -108.49 -25.94 83.81
N ALA G 1025 -108.62 -26.92 84.70
CA ALA G 1025 -108.73 -28.31 84.29
C ALA G 1025 -110.01 -28.53 83.49
N GLU G 1026 -111.04 -27.77 83.84
CA GLU G 1026 -112.33 -27.86 83.17
C GLU G 1026 -112.31 -27.18 81.80
N ILE G 1027 -113.12 -27.68 80.88
CA ILE G 1027 -113.31 -27.00 79.62
C ILE G 1027 -114.58 -26.14 79.70
N GLN G 1028 -114.38 -24.83 79.67
CA GLN G 1028 -115.49 -23.89 79.74
C GLN G 1028 -116.46 -24.02 78.57
N VAL G 1029 -117.74 -23.96 78.88
CA VAL G 1029 -118.78 -23.79 77.88
C VAL G 1029 -119.73 -22.72 78.39
N TRP G 1030 -119.49 -21.49 77.96
CA TRP G 1030 -120.28 -20.36 78.41
C TRP G 1030 -121.22 -19.87 77.32
N ASN G 1031 -122.49 -20.25 77.41
CA ASN G 1031 -123.45 -19.73 76.46
C ASN G 1031 -123.61 -18.25 76.72
N TRP G 1032 -123.61 -17.44 75.66
CA TRP G 1032 -123.72 -15.99 75.78
C TRP G 1032 -125.18 -15.57 75.82
N GLN G 1033 -125.44 -14.31 76.17
CA GLN G 1033 -126.78 -13.78 76.36
C GLN G 1033 -127.47 -14.48 77.53
N LEU G 1034 -127.68 -15.78 77.38
CA LEU G 1034 -128.21 -16.61 78.44
C LEU G 1034 -127.23 -16.65 79.62
N ASP G 1035 -125.96 -16.39 79.31
CA ASP G 1035 -124.88 -16.36 80.30
C ASP G 1035 -124.74 -17.69 81.01
N LYS G 1036 -125.03 -18.79 80.31
CA LYS G 1036 -124.93 -20.12 80.90
C LYS G 1036 -123.48 -20.53 81.08
N CYS G 1037 -123.20 -21.36 82.08
CA CYS G 1037 -121.83 -21.70 82.41
C CYS G 1037 -121.62 -23.20 82.59
N ILE G 1038 -121.97 -23.99 81.58
CA ILE G 1038 -121.76 -25.42 81.66
C ILE G 1038 -120.25 -25.71 81.64
N PHE G 1039 -119.78 -26.65 82.45
CA PHE G 1039 -118.37 -26.97 82.48
C PHE G 1039 -118.09 -28.43 82.13
N LEU G 1040 -116.95 -28.66 81.48
CA LEU G 1040 -116.46 -30.00 81.20
C LEU G 1040 -115.42 -30.39 82.25
N ARG G 1041 -115.86 -31.08 83.30
CA ARG G 1041 -114.99 -31.40 84.42
C ARG G 1041 -114.08 -32.58 84.11
N GLY G 1042 -113.00 -32.32 83.39
CA GLY G 1042 -112.09 -33.36 82.98
C GLY G 1042 -111.07 -33.84 84.00
N HIS G 1043 -110.94 -33.09 85.10
CA HIS G 1043 -110.00 -33.42 86.17
C HIS G 1043 -108.56 -33.62 85.68
N GLN G 1044 -108.23 -32.94 84.59
CA GLN G 1044 -106.87 -32.87 84.07
C GLN G 1044 -106.08 -31.76 84.77
N GLU G 1045 -104.76 -31.78 84.61
CA GLU G 1045 -103.94 -30.69 85.11
C GLU G 1045 -104.38 -29.45 84.38
N THR G 1046 -104.61 -29.62 83.07
CA THR G 1046 -105.36 -28.69 82.26
C THR G 1046 -105.76 -29.43 80.99
N VAL G 1047 -106.78 -28.96 80.29
CA VAL G 1047 -107.03 -29.46 78.95
C VAL G 1047 -106.28 -28.61 77.94
N LYS G 1048 -105.46 -29.27 77.12
CA LYS G 1048 -104.59 -28.56 76.19
C LYS G 1048 -105.37 -27.92 75.05
N ASP G 1049 -106.29 -28.67 74.46
CA ASP G 1049 -107.04 -28.15 73.32
C ASP G 1049 -108.31 -28.97 73.09
N PHE G 1050 -109.22 -28.44 72.30
CA PHE G 1050 -110.46 -29.15 71.97
C PHE G 1050 -110.97 -28.71 70.60
N ARG G 1051 -111.81 -29.55 70.00
CA ARG G 1051 -112.38 -29.28 68.69
C ARG G 1051 -113.81 -29.82 68.57
N LEU G 1052 -114.58 -29.23 67.67
CA LEU G 1052 -115.94 -29.68 67.37
C LEU G 1052 -115.96 -30.99 66.59
N LEU G 1053 -116.87 -31.89 66.97
CA LEU G 1053 -117.17 -33.08 66.19
C LEU G 1053 -118.48 -32.90 65.45
N LYS G 1054 -118.72 -33.70 64.42
CA LYS G 1054 -119.91 -33.57 63.59
C LYS G 1054 -121.18 -33.79 64.41
N ASN G 1055 -121.09 -34.61 65.45
CA ASN G 1055 -122.20 -34.86 66.35
C ASN G 1055 -122.33 -33.75 67.39
N SER G 1056 -123.02 -34.05 68.47
CA SER G 1056 -123.09 -33.14 69.62
C SER G 1056 -121.84 -33.32 70.45
N ARG G 1057 -121.04 -34.33 70.10
CA ARG G 1057 -119.79 -34.63 70.78
C ARG G 1057 -118.76 -33.50 70.62
N LEU G 1058 -117.95 -33.30 71.66
CA LEU G 1058 -116.89 -32.30 71.61
C LEU G 1058 -115.53 -32.93 71.91
N LEU G 1059 -114.73 -33.14 70.87
CA LEU G 1059 -113.41 -33.75 71.01
C LEU G 1059 -112.48 -32.86 71.83
N SER G 1060 -111.58 -33.47 72.60
CA SER G 1060 -110.62 -32.72 73.39
C SER G 1060 -109.41 -33.57 73.77
N TRP G 1061 -108.33 -32.90 74.17
CA TRP G 1061 -107.15 -33.58 74.70
C TRP G 1061 -106.33 -32.65 75.59
N SER G 1062 -105.62 -33.25 76.54
CA SER G 1062 -104.89 -32.50 77.55
C SER G 1062 -103.41 -32.86 77.57
N PHE G 1063 -102.75 -32.49 78.66
CA PHE G 1063 -101.35 -32.82 78.85
C PHE G 1063 -101.12 -34.25 79.34
N ASP G 1064 -102.18 -34.94 79.73
CA ASP G 1064 -102.06 -36.37 80.02
C ASP G 1064 -102.15 -37.18 78.74
N GLY G 1065 -102.50 -36.52 77.65
CA GLY G 1065 -102.57 -37.16 76.35
C GLY G 1065 -103.83 -37.95 76.11
N THR G 1066 -104.77 -37.84 77.04
CA THR G 1066 -106.07 -38.47 76.84
C THR G 1066 -106.78 -37.82 75.66
N VAL G 1067 -107.36 -38.64 74.79
CA VAL G 1067 -108.17 -38.12 73.70
C VAL G 1067 -109.63 -38.28 74.08
N LYS G 1068 -110.12 -37.34 74.87
CA LYS G 1068 -111.50 -37.35 75.35
C LYS G 1068 -112.49 -37.00 74.26
N VAL G 1069 -113.65 -37.64 74.32
CA VAL G 1069 -114.76 -37.27 73.47
C VAL G 1069 -115.94 -36.87 74.34
N TRP G 1070 -116.10 -35.55 74.50
CA TRP G 1070 -117.14 -34.98 75.33
C TRP G 1070 -118.40 -34.71 74.52
N ASN G 1071 -119.16 -33.69 74.94
CA ASN G 1071 -120.32 -33.22 74.21
C ASN G 1071 -120.37 -31.69 74.16
N ILE G 1072 -120.89 -31.15 73.07
CA ILE G 1072 -121.01 -29.69 72.92
C ILE G 1072 -122.08 -29.15 73.87
N ILE G 1073 -121.92 -27.89 74.25
CA ILE G 1073 -122.83 -27.22 75.17
C ILE G 1073 -122.83 -27.96 76.52
N THR G 1074 -123.55 -29.07 76.58
CA THR G 1074 -123.58 -29.89 77.78
C THR G 1074 -122.30 -30.69 77.94
N GLY G 1075 -121.64 -30.55 79.09
CA GLY G 1075 -120.47 -31.32 79.39
C GLY G 1075 -120.81 -32.77 79.70
N ASN G 1076 -120.24 -33.69 78.93
CA ASN G 1076 -120.48 -35.11 79.15
C ASN G 1076 -119.44 -35.95 78.39
N LYS G 1077 -118.52 -36.55 79.14
CA LYS G 1077 -117.42 -37.30 78.55
C LYS G 1077 -117.92 -38.66 78.08
N GLU G 1078 -118.57 -38.68 76.93
CA GLU G 1078 -119.16 -39.91 76.35
C GLU G 1078 -118.21 -41.05 75.92
N LYS G 1079 -117.12 -40.70 75.25
CA LYS G 1079 -116.12 -41.69 74.81
C LYS G 1079 -114.77 -41.16 75.29
N ASP G 1080 -113.97 -41.98 75.95
CA ASP G 1080 -112.67 -41.50 76.47
C ASP G 1080 -111.50 -42.31 75.88
N PHE G 1081 -110.45 -41.64 75.41
CA PHE G 1081 -109.30 -42.35 74.84
C PHE G 1081 -107.96 -41.96 75.49
N VAL G 1082 -107.10 -42.94 75.72
CA VAL G 1082 -105.80 -42.65 76.33
C VAL G 1082 -104.72 -43.01 75.31
N CYS G 1083 -104.69 -42.28 74.20
CA CYS G 1083 -103.81 -42.60 73.09
C CYS G 1083 -102.34 -42.37 73.41
N HIS G 1084 -102.06 -41.51 74.38
CA HIS G 1084 -100.68 -41.20 74.73
C HIS G 1084 -100.51 -40.94 76.22
N GLN G 1085 -99.52 -41.59 76.83
CA GLN G 1085 -99.16 -41.28 78.21
C GLN G 1085 -98.61 -39.85 78.28
N GLY G 1086 -97.94 -39.44 77.21
CA GLY G 1086 -97.48 -38.07 77.06
C GLY G 1086 -98.57 -37.23 76.44
N THR G 1087 -98.31 -35.93 76.28
CA THR G 1087 -99.29 -35.00 75.74
C THR G 1087 -99.61 -35.34 74.30
N VAL G 1088 -100.86 -35.14 73.91
CA VAL G 1088 -101.24 -35.22 72.50
C VAL G 1088 -100.57 -34.11 71.72
N LEU G 1089 -99.56 -34.44 70.93
CA LEU G 1089 -98.79 -33.41 70.25
C LEU G 1089 -99.48 -32.58 69.13
N SER G 1090 -100.12 -33.28 68.21
CA SER G 1090 -100.98 -32.68 67.20
C SER G 1090 -101.97 -33.81 67.02
N CYS G 1091 -103.27 -33.51 66.98
CA CYS G 1091 -104.27 -34.53 66.66
C CYS G 1091 -105.12 -33.91 65.55
N ASP G 1092 -105.38 -34.63 64.47
CA ASP G 1092 -106.22 -34.12 63.41
C ASP G 1092 -107.43 -35.02 63.23
N ILE G 1093 -108.60 -34.42 63.00
CA ILE G 1093 -109.83 -35.13 62.63
C ILE G 1093 -110.22 -34.92 61.16
N SER G 1094 -110.63 -36.00 60.49
CA SER G 1094 -110.85 -36.04 59.03
C SER G 1094 -111.93 -35.13 58.41
N HIS G 1095 -113.09 -35.02 59.07
CA HIS G 1095 -114.18 -34.13 58.63
C HIS G 1095 -115.27 -34.66 57.67
N ASP G 1096 -115.16 -35.89 57.19
CA ASP G 1096 -116.29 -36.59 56.59
C ASP G 1096 -116.93 -37.46 57.66
N ALA G 1097 -118.25 -37.39 57.76
CA ALA G 1097 -119.00 -38.03 58.83
C ALA G 1097 -118.31 -37.83 60.19
N THR G 1098 -118.13 -38.93 60.92
CA THR G 1098 -117.27 -38.97 62.09
C THR G 1098 -116.51 -40.29 62.03
N LYS G 1099 -116.33 -40.76 60.80
CA LYS G 1099 -115.86 -42.11 60.51
C LYS G 1099 -114.44 -42.38 61.01
N PHE G 1100 -113.61 -41.34 61.10
CA PHE G 1100 -112.25 -41.49 61.59
C PHE G 1100 -111.70 -40.26 62.31
N SER G 1101 -110.70 -40.51 63.15
CA SER G 1101 -109.88 -39.46 63.75
C SER G 1101 -108.56 -40.09 64.18
N SER G 1102 -107.50 -39.31 64.22
CA SER G 1102 -106.19 -39.85 64.55
C SER G 1102 -105.32 -38.81 65.24
N THR G 1103 -104.30 -39.32 65.93
CA THR G 1103 -103.34 -38.46 66.60
C THR G 1103 -101.97 -39.13 66.67
N SER G 1104 -100.94 -38.30 66.75
CA SER G 1104 -99.57 -38.77 66.92
C SER G 1104 -98.89 -37.83 67.91
N ALA G 1105 -98.07 -38.39 68.80
CA ALA G 1105 -97.51 -37.59 69.88
C ALA G 1105 -96.16 -38.11 70.36
N ASP G 1106 -95.20 -38.18 69.45
CA ASP G 1106 -93.85 -38.64 69.75
C ASP G 1106 -93.90 -40.02 70.41
N LYS G 1107 -94.68 -40.91 69.80
CA LYS G 1107 -94.86 -42.25 70.33
C LYS G 1107 -95.40 -43.16 69.24
N THR G 1108 -96.70 -43.11 69.01
CA THR G 1108 -97.34 -43.90 67.96
C THR G 1108 -98.44 -43.10 67.27
N ALA G 1109 -98.63 -43.33 65.97
CA ALA G 1109 -99.69 -42.65 65.24
C ALA G 1109 -100.99 -43.43 65.32
N LYS G 1110 -101.72 -43.25 66.42
CA LYS G 1110 -102.99 -43.96 66.61
C LYS G 1110 -104.13 -43.38 65.79
N ILE G 1111 -105.07 -44.25 65.42
CA ILE G 1111 -106.24 -43.88 64.63
C ILE G 1111 -107.45 -44.72 65.06
N TRP G 1112 -108.61 -44.07 65.07
CA TRP G 1112 -109.83 -44.67 65.60
C TRP G 1112 -111.07 -44.20 64.83
N SER G 1113 -112.18 -44.90 65.04
CA SER G 1113 -113.46 -44.53 64.44
C SER G 1113 -114.46 -44.09 65.50
N PHE G 1114 -113.96 -43.82 66.70
CA PHE G 1114 -114.77 -43.43 67.87
C PHE G 1114 -115.64 -44.56 68.44
N ASP G 1115 -116.00 -45.53 67.61
CA ASP G 1115 -116.86 -46.62 68.05
C ASP G 1115 -116.19 -47.45 69.15
N LEU G 1116 -114.88 -47.55 69.11
CA LEU G 1116 -114.13 -48.28 70.13
C LEU G 1116 -113.49 -47.32 71.13
N LEU G 1117 -113.27 -47.81 72.35
CA LEU G 1117 -112.64 -47.00 73.40
C LEU G 1117 -111.13 -46.95 73.19
N LEU G 1118 -110.65 -47.77 72.26
CA LEU G 1118 -109.24 -47.79 71.90
C LEU G 1118 -109.13 -47.63 70.38
N PRO G 1119 -108.00 -47.08 69.91
CA PRO G 1119 -107.86 -46.77 68.48
C PRO G 1119 -107.91 -48.02 67.60
N LEU G 1120 -108.51 -47.89 66.42
CA LEU G 1120 -108.64 -49.01 65.49
C LEU G 1120 -107.28 -49.50 65.00
N HIS G 1121 -106.28 -48.62 65.02
CA HIS G 1121 -104.93 -49.05 64.72
C HIS G 1121 -103.94 -48.13 65.42
N GLU G 1122 -102.75 -48.66 65.71
CA GLU G 1122 -101.71 -47.90 66.38
C GLU G 1122 -100.45 -47.93 65.52
N LEU G 1123 -100.33 -46.95 64.62
CA LEU G 1123 -99.22 -46.94 63.68
C LEU G 1123 -97.89 -46.84 64.40
N ARG G 1124 -96.92 -47.66 63.97
CA ARG G 1124 -95.62 -47.73 64.59
C ARG G 1124 -94.53 -47.84 63.54
N GLY G 1125 -94.69 -47.10 62.45
CA GLY G 1125 -93.74 -47.12 61.36
C GLY G 1125 -92.57 -46.17 61.51
N HIS G 1126 -92.54 -45.43 62.63
CA HIS G 1126 -91.52 -44.42 62.81
C HIS G 1126 -90.86 -44.53 64.19
N ASN G 1127 -89.62 -45.01 64.20
CA ASN G 1127 -88.83 -45.14 65.42
C ASN G 1127 -88.48 -43.78 66.01
N GLY G 1128 -88.43 -42.76 65.16
CA GLY G 1128 -88.18 -41.41 65.60
C GLY G 1128 -89.45 -40.76 66.08
N CYS G 1129 -90.56 -41.49 65.96
CA CYS G 1129 -91.87 -41.09 66.47
C CYS G 1129 -92.45 -39.89 65.73
N VAL G 1130 -93.61 -40.08 65.11
CA VAL G 1130 -94.31 -39.03 64.37
C VAL G 1130 -94.78 -37.90 65.29
N ARG G 1131 -94.60 -36.67 64.83
CA ARG G 1131 -94.93 -35.49 65.63
C ARG G 1131 -96.34 -34.96 65.39
N CYS G 1132 -96.84 -35.10 64.17
CA CYS G 1132 -98.15 -34.55 63.82
C CYS G 1132 -98.78 -35.27 62.64
N SER G 1133 -100.09 -35.08 62.46
CA SER G 1133 -100.82 -35.77 61.41
C SER G 1133 -102.02 -34.96 60.91
N ALA G 1134 -102.43 -35.21 59.68
CA ALA G 1134 -103.60 -34.55 59.10
C ALA G 1134 -104.32 -35.45 58.09
N PHE G 1135 -105.66 -35.45 58.17
CA PHE G 1135 -106.49 -36.23 57.26
C PHE G 1135 -106.66 -35.68 55.85
N SER G 1136 -106.94 -36.59 54.93
CA SER G 1136 -107.22 -36.26 53.54
C SER G 1136 -108.50 -35.44 53.40
N VAL G 1137 -108.56 -34.65 52.34
CA VAL G 1137 -109.74 -33.86 52.05
C VAL G 1137 -110.82 -34.80 51.52
N ASP G 1138 -111.50 -35.45 52.45
CA ASP G 1138 -112.56 -36.42 52.15
C ASP G 1138 -112.10 -37.53 51.20
N SER G 1139 -110.90 -38.08 51.47
CA SER G 1139 -110.37 -39.20 50.70
C SER G 1139 -110.01 -40.37 51.61
N THR G 1140 -108.81 -40.91 51.44
CA THR G 1140 -108.36 -42.02 52.26
C THR G 1140 -106.89 -41.86 52.69
N LEU G 1141 -106.32 -40.72 52.35
CA LEU G 1141 -104.96 -40.39 52.74
C LEU G 1141 -104.90 -39.91 54.18
N LEU G 1142 -103.74 -40.07 54.82
CA LEU G 1142 -103.53 -39.56 56.17
C LEU G 1142 -102.06 -39.30 56.46
N ALA G 1143 -101.65 -38.04 56.29
CA ALA G 1143 -100.27 -37.64 56.52
C ALA G 1143 -99.85 -37.82 57.98
N THR G 1144 -98.58 -38.16 58.18
CA THR G 1144 -98.01 -38.22 59.53
C THR G 1144 -96.68 -37.46 59.53
N GLY G 1145 -96.72 -36.24 60.06
CA GLY G 1145 -95.58 -35.35 60.05
C GLY G 1145 -94.49 -35.62 61.07
N ASP G 1146 -93.24 -35.57 60.63
CA ASP G 1146 -92.09 -35.77 61.50
C ASP G 1146 -91.53 -34.43 61.98
N ASP G 1147 -90.69 -34.47 63.01
CA ASP G 1147 -90.09 -33.26 63.56
C ASP G 1147 -89.19 -32.54 62.56
N ASN G 1148 -88.62 -33.31 61.64
CA ASN G 1148 -87.74 -32.74 60.62
C ASN G 1148 -88.50 -32.40 59.35
N GLY G 1149 -89.82 -32.36 59.46
CA GLY G 1149 -90.66 -31.97 58.35
C GLY G 1149 -90.98 -33.11 57.41
N GLU G 1150 -90.42 -34.28 57.72
CA GLU G 1150 -90.70 -35.48 56.96
C GLU G 1150 -92.18 -35.85 57.10
N ILE G 1151 -92.78 -36.29 56.01
CA ILE G 1151 -94.17 -36.69 56.03
C ILE G 1151 -94.30 -38.14 55.60
N ARG G 1152 -95.09 -38.91 56.33
CA ARG G 1152 -95.37 -40.28 55.91
C ARG G 1152 -96.87 -40.45 55.71
N ILE G 1153 -97.27 -40.57 54.45
CA ILE G 1153 -98.69 -40.78 54.14
C ILE G 1153 -99.10 -42.19 54.54
N TRP G 1154 -100.30 -42.32 55.09
CA TRP G 1154 -100.83 -43.61 55.48
C TRP G 1154 -102.28 -43.73 55.02
N ASN G 1155 -102.61 -44.82 54.34
CA ASN G 1155 -103.97 -45.04 53.87
C ASN G 1155 -104.90 -45.18 55.07
N VAL G 1156 -106.10 -44.60 54.98
CA VAL G 1156 -107.05 -44.70 56.07
C VAL G 1156 -107.73 -46.07 55.99
N SER G 1157 -106.98 -47.08 56.44
CA SER G 1157 -107.45 -48.46 56.48
C SER G 1157 -106.48 -49.23 57.38
N ASN G 1158 -106.66 -49.09 58.68
CA ASN G 1158 -105.70 -49.58 59.67
C ASN G 1158 -104.32 -48.96 59.41
N GLY G 1159 -103.60 -49.55 58.46
CA GLY G 1159 -102.30 -49.04 58.07
C GLY G 1159 -101.53 -50.04 57.23
N GLU G 1160 -100.70 -49.53 56.32
CA GLU G 1160 -99.84 -50.36 55.50
C GLU G 1160 -98.61 -49.54 55.08
N LEU G 1161 -97.52 -50.22 54.76
CA LEU G 1161 -96.27 -49.53 54.47
C LEU G 1161 -96.35 -48.75 53.16
N LEU G 1162 -97.17 -47.71 53.15
CA LEU G 1162 -97.28 -46.81 52.02
C LEU G 1162 -95.98 -46.03 51.83
N HIS G 1163 -95.65 -45.72 50.59
CA HIS G 1163 -94.38 -45.06 50.33
C HIS G 1163 -94.45 -43.76 51.12
N LEU G 1164 -93.38 -43.44 51.83
CA LEU G 1164 -93.34 -42.21 52.59
C LEU G 1164 -93.41 -41.04 51.62
N CYS G 1165 -94.14 -40.00 51.99
CA CYS G 1165 -94.20 -38.81 51.15
C CYS G 1165 -92.78 -38.30 51.09
N ALA G 1166 -92.11 -38.37 52.23
CA ALA G 1166 -90.68 -38.10 52.32
C ALA G 1166 -90.31 -36.71 51.80
N PRO G 1167 -91.08 -35.70 52.17
CA PRO G 1167 -91.02 -34.42 51.46
C PRO G 1167 -89.64 -33.75 51.45
N LEU G 1168 -88.89 -33.80 52.55
CA LEU G 1168 -87.57 -33.18 52.57
C LEU G 1168 -86.44 -34.20 52.79
N SER G 1169 -85.47 -34.22 51.90
CA SER G 1169 -84.36 -35.17 52.02
C SER G 1169 -83.00 -34.51 52.26
N GLU G 1170 -82.62 -33.60 51.38
CA GLU G 1170 -81.36 -32.88 51.50
C GLU G 1170 -81.59 -31.41 51.79
N GLU G 1171 -80.92 -30.88 52.81
CA GLU G 1171 -81.09 -29.49 53.19
C GLU G 1171 -80.02 -29.08 54.19
N GLY G 1172 -80.25 -29.44 55.44
CA GLY G 1172 -79.29 -29.16 56.50
C GLY G 1172 -79.93 -28.26 57.55
N ALA G 1173 -79.09 -27.51 58.26
CA ALA G 1173 -79.57 -26.63 59.33
C ALA G 1173 -79.55 -25.17 58.93
N ALA G 1174 -79.33 -24.92 57.64
CA ALA G 1174 -79.04 -23.57 57.17
C ALA G 1174 -80.13 -22.52 57.39
N THR G 1175 -81.41 -22.89 57.25
CA THR G 1175 -82.44 -21.87 57.33
C THR G 1175 -83.89 -22.16 57.82
N HIS G 1176 -84.57 -21.07 58.24
CA HIS G 1176 -86.00 -20.97 58.61
C HIS G 1176 -86.82 -22.19 59.02
N GLY G 1177 -86.49 -23.33 58.44
CA GLY G 1177 -87.32 -24.50 58.32
C GLY G 1177 -87.88 -25.18 59.55
N GLY G 1178 -87.13 -25.34 60.64
CA GLY G 1178 -87.69 -26.09 61.74
C GLY G 1178 -89.20 -26.16 61.87
N TRP G 1179 -89.68 -27.29 62.40
CA TRP G 1179 -91.05 -27.53 62.72
C TRP G 1179 -91.76 -28.15 61.57
N VAL G 1180 -92.74 -28.95 61.94
CA VAL G 1180 -93.60 -29.51 60.95
C VAL G 1180 -95.02 -29.05 61.32
N THR G 1181 -95.32 -27.76 61.10
CA THR G 1181 -96.52 -27.11 61.59
C THR G 1181 -97.86 -27.64 61.06
N ASP G 1182 -97.95 -27.83 59.76
CA ASP G 1182 -99.22 -28.21 59.15
C ASP G 1182 -99.06 -28.88 57.80
N LEU G 1183 -100.12 -29.57 57.39
CA LEU G 1183 -100.21 -30.10 56.04
C LEU G 1183 -101.52 -29.66 55.40
N CYS G 1184 -101.42 -29.11 54.20
CA CYS G 1184 -102.61 -28.72 53.44
C CYS G 1184 -102.80 -29.54 52.15
N PHE G 1185 -103.55 -30.62 52.25
CA PHE G 1185 -103.86 -31.45 51.08
C PHE G 1185 -104.64 -30.69 50.00
N SER G 1186 -104.30 -30.96 48.75
CA SER G 1186 -105.03 -30.43 47.61
C SER G 1186 -106.40 -31.10 47.52
N PRO G 1187 -107.40 -30.38 46.98
CA PRO G 1187 -108.73 -30.97 46.82
C PRO G 1187 -108.70 -32.24 45.99
N ASP G 1188 -107.79 -32.28 45.02
CA ASP G 1188 -107.57 -33.48 44.22
C ASP G 1188 -107.02 -34.61 45.09
N GLY G 1189 -106.29 -34.23 46.14
CA GLY G 1189 -105.71 -35.19 47.05
C GLY G 1189 -104.39 -35.71 46.50
N LYS G 1190 -104.04 -35.22 45.32
CA LYS G 1190 -102.80 -35.64 44.66
C LYS G 1190 -101.62 -34.80 45.13
N MET G 1191 -101.88 -33.77 45.93
CA MET G 1191 -100.82 -32.89 46.39
C MET G 1191 -100.92 -32.57 47.88
N LEU G 1192 -99.77 -32.54 48.53
CA LEU G 1192 -99.70 -32.07 49.91
C LEU G 1192 -98.91 -30.79 49.97
N ILE G 1193 -99.54 -29.74 50.52
CA ILE G 1193 -98.87 -28.47 50.76
C ILE G 1193 -98.19 -28.52 52.11
N SER G 1194 -96.93 -28.96 52.11
CA SER G 1194 -96.13 -28.94 53.33
C SER G 1194 -95.73 -27.51 53.65
N ALA G 1195 -95.71 -27.18 54.94
CA ALA G 1195 -95.33 -25.84 55.36
C ALA G 1195 -94.50 -25.87 56.64
N GLY G 1196 -93.18 -25.78 56.47
CA GLY G 1196 -92.27 -25.73 57.58
C GLY G 1196 -91.39 -24.49 57.51
N GLY G 1197 -90.20 -24.65 56.94
CA GLY G 1197 -89.35 -23.51 56.69
C GLY G 1197 -89.90 -22.70 55.53
N TYR G 1198 -90.66 -23.38 54.66
CA TYR G 1198 -91.35 -22.72 53.56
C TYR G 1198 -92.31 -23.70 52.91
N ILE G 1199 -93.29 -23.18 52.17
CA ILE G 1199 -94.23 -24.04 51.47
C ILE G 1199 -93.55 -24.88 50.39
N LYS G 1200 -93.89 -26.16 50.33
CA LYS G 1200 -93.58 -26.95 49.15
C LYS G 1200 -94.69 -27.96 48.90
N TRP G 1201 -95.12 -28.02 47.65
CA TRP G 1201 -96.21 -28.89 47.25
C TRP G 1201 -95.71 -30.27 46.88
N TRP G 1202 -95.44 -31.08 47.88
CA TRP G 1202 -94.97 -32.42 47.63
C TRP G 1202 -96.06 -33.17 46.91
N ASN G 1203 -95.68 -33.95 45.90
CA ASN G 1203 -96.61 -34.88 45.28
C ASN G 1203 -96.85 -36.04 46.23
N VAL G 1204 -98.11 -36.45 46.34
CA VAL G 1204 -98.43 -37.55 47.22
C VAL G 1204 -97.78 -38.83 46.69
N VAL G 1205 -97.17 -39.58 47.60
CA VAL G 1205 -96.46 -40.82 47.28
C VAL G 1205 -95.37 -40.63 46.23
N THR G 1206 -94.11 -40.63 46.69
CA THR G 1206 -92.93 -40.55 45.84
C THR G 1206 -92.80 -39.24 45.07
N GLY G 1207 -91.72 -38.51 45.34
CA GLY G 1207 -91.41 -37.30 44.60
C GLY G 1207 -92.20 -36.09 45.03
N GLU G 1208 -92.11 -35.02 44.25
CA GLU G 1208 -92.83 -33.78 44.56
C GLU G 1208 -93.55 -33.25 43.32
N SER G 1209 -94.62 -32.50 43.55
CA SER G 1209 -95.31 -31.77 42.50
C SER G 1209 -94.80 -30.33 42.47
N SER G 1210 -95.64 -29.37 42.86
CA SER G 1210 -95.24 -27.97 42.89
C SER G 1210 -94.52 -27.58 44.19
N GLN G 1211 -93.30 -28.08 44.33
CA GLN G 1211 -92.48 -27.79 45.51
C GLN G 1211 -92.11 -26.31 45.68
N THR G 1212 -91.80 -25.68 44.55
CA THR G 1212 -91.19 -24.33 44.48
C THR G 1212 -91.39 -23.35 45.63
N PHE G 1213 -92.01 -22.21 45.34
CA PHE G 1213 -92.19 -21.18 46.35
C PHE G 1213 -90.90 -20.79 47.08
N TYR G 1214 -90.95 -20.85 48.41
CA TYR G 1214 -89.95 -20.29 49.29
C TYR G 1214 -90.52 -19.01 49.90
N THR G 1215 -90.91 -19.09 51.16
CA THR G 1215 -91.53 -17.96 51.85
C THR G 1215 -90.54 -16.92 52.34
N ASN G 1216 -90.99 -15.66 52.38
CA ASN G 1216 -90.14 -14.61 52.91
C ASN G 1216 -89.95 -14.67 54.43
N GLY G 1217 -91.06 -14.81 55.14
CA GLY G 1217 -91.05 -14.94 56.59
C GLY G 1217 -90.49 -16.24 57.14
N THR G 1218 -90.90 -17.33 56.51
CA THR G 1218 -90.61 -18.67 56.99
C THR G 1218 -91.56 -18.98 58.15
N ASN G 1219 -91.46 -20.19 58.69
CA ASN G 1219 -92.12 -20.53 59.95
C ASN G 1219 -93.63 -20.29 60.03
N LEU G 1220 -94.35 -20.59 58.97
CA LEU G 1220 -95.81 -20.49 59.01
C LEU G 1220 -96.33 -21.51 60.04
N LYS G 1221 -97.30 -21.09 60.84
CA LYS G 1221 -97.92 -21.98 61.81
C LYS G 1221 -99.41 -22.23 61.60
N LYS G 1222 -99.99 -21.79 60.48
CA LYS G 1222 -101.43 -22.00 60.30
C LYS G 1222 -101.81 -22.33 58.86
N ILE G 1223 -102.89 -23.09 58.68
CA ILE G 1223 -103.30 -23.34 57.32
C ILE G 1223 -104.77 -22.92 57.12
N HIS G 1224 -104.98 -22.11 56.08
CA HIS G 1224 -106.31 -21.70 55.67
C HIS G 1224 -106.54 -22.09 54.22
N VAL G 1225 -107.66 -22.74 53.95
CA VAL G 1225 -108.01 -23.13 52.58
C VAL G 1225 -109.44 -22.73 52.23
N SER G 1226 -109.61 -22.14 51.04
CA SER G 1226 -110.95 -21.79 50.59
C SER G 1226 -111.71 -23.05 50.18
N PRO G 1227 -113.02 -23.06 50.41
CA PRO G 1227 -113.85 -24.22 50.05
C PRO G 1227 -113.44 -24.72 48.68
N ASP G 1228 -113.28 -23.79 47.76
CA ASP G 1228 -112.79 -24.07 46.42
C ASP G 1228 -111.38 -24.64 46.51
N PHE G 1229 -110.61 -24.14 47.47
CA PHE G 1229 -109.22 -24.56 47.64
C PHE G 1229 -108.28 -23.80 46.71
N LYS G 1230 -108.84 -22.84 45.97
CA LYS G 1230 -108.06 -22.04 45.04
C LYS G 1230 -107.00 -21.18 45.71
N THR G 1231 -107.30 -20.55 46.84
CA THR G 1231 -106.40 -19.62 47.50
C THR G 1231 -106.10 -19.95 48.97
N TYR G 1232 -104.83 -20.04 49.26
CA TYR G 1232 -104.33 -20.11 50.62
C TYR G 1232 -103.28 -19.02 50.77
N VAL G 1233 -103.40 -18.21 51.81
CA VAL G 1233 -102.41 -17.17 52.07
C VAL G 1233 -101.79 -17.49 53.42
N THR G 1234 -100.47 -17.45 53.51
CA THR G 1234 -99.78 -17.74 54.78
C THR G 1234 -99.09 -16.46 55.27
N VAL G 1235 -99.22 -16.18 56.56
CA VAL G 1235 -98.33 -15.23 57.20
C VAL G 1235 -97.42 -16.00 58.16
N ASP G 1236 -96.13 -15.98 57.91
CA ASP G 1236 -95.17 -16.70 58.73
C ASP G 1236 -94.05 -15.82 59.28
N ASN G 1237 -93.77 -15.94 60.57
CA ASN G 1237 -92.64 -15.26 61.19
C ASN G 1237 -92.86 -13.76 61.21
N LEU G 1238 -94.09 -13.34 60.95
CA LEU G 1238 -94.43 -11.93 60.94
C LEU G 1238 -93.87 -11.27 59.69
N GLY G 1239 -93.44 -12.09 58.73
CA GLY G 1239 -92.89 -11.57 57.50
C GLY G 1239 -93.94 -10.68 56.87
N ILE G 1240 -95.18 -11.15 56.95
CA ILE G 1240 -96.36 -10.47 56.45
C ILE G 1240 -97.35 -11.56 56.07
N LEU G 1241 -98.52 -11.18 55.58
CA LEU G 1241 -99.46 -12.20 55.06
C LEU G 1241 -99.26 -12.29 53.54
N TYR G 1242 -99.13 -13.50 52.97
CA TYR G 1242 -98.95 -13.68 51.52
C TYR G 1242 -100.21 -14.39 50.95
N ILE G 1243 -100.81 -13.88 49.87
CA ILE G 1243 -102.01 -14.49 49.28
C ILE G 1243 -101.66 -15.12 47.92
N LEU G 1244 -102.12 -16.35 47.67
CA LEU G 1244 -101.88 -17.03 46.40
C LEU G 1244 -103.18 -17.26 45.61
N GLN G 1245 -103.15 -16.91 44.33
CA GLN G 1245 -104.32 -17.08 43.47
C GLN G 1245 -103.91 -17.60 42.09
N THR G 1246 -103.65 -18.90 42.01
CA THR G 1246 -103.24 -19.53 40.76
C THR G 1246 -104.11 -19.06 39.59
N LEU G 1247 -103.52 -18.95 38.42
CA LEU G 1247 -104.24 -18.51 37.23
C LEU G 1247 -104.53 -19.69 36.30
N GLU G 1248 -104.65 -19.40 35.01
CA GLU G 1248 -104.93 -20.42 34.02
C GLU G 1248 -103.65 -21.10 33.53
N GLY H 2 -72.80 -40.36 83.45
CA GLY H 2 -71.91 -39.18 83.41
C GLY H 2 -71.12 -38.84 84.63
N ASP H 3 -70.08 -38.06 84.42
CA ASP H 3 -69.32 -37.44 85.49
C ASP H 3 -70.02 -36.17 86.03
N VAL H 4 -70.65 -36.35 87.19
CA VAL H 4 -71.45 -35.30 87.82
C VAL H 4 -70.62 -34.05 88.12
N GLU H 5 -69.36 -34.24 88.55
CA GLU H 5 -68.49 -33.14 88.86
C GLU H 5 -68.20 -32.29 87.61
N LYS H 6 -67.92 -32.95 86.49
CA LYS H 6 -67.68 -32.22 85.24
C LYS H 6 -68.97 -31.56 84.76
N GLY H 7 -70.07 -32.31 84.90
CA GLY H 7 -71.39 -31.78 84.59
C GLY H 7 -71.67 -30.46 85.34
N LYS H 8 -71.32 -30.44 86.62
CA LYS H 8 -71.45 -29.25 87.44
C LYS H 8 -70.65 -28.10 86.83
N LYS H 9 -69.39 -28.38 86.48
CA LYS H 9 -68.54 -27.36 85.85
C LYS H 9 -69.22 -26.80 84.61
N ILE H 10 -69.71 -27.73 83.78
CA ILE H 10 -70.39 -27.29 82.55
C ILE H 10 -71.61 -26.43 82.89
N PHE H 11 -72.39 -26.85 83.87
CA PHE H 11 -73.54 -26.06 84.27
C PHE H 11 -73.15 -24.64 84.73
N VAL H 12 -72.11 -24.59 85.56
CA VAL H 12 -71.62 -23.33 86.10
C VAL H 12 -71.15 -22.45 84.95
N GLN H 13 -70.37 -23.03 84.04
CA GLN H 13 -69.85 -22.31 82.86
C GLN H 13 -70.88 -21.84 81.80
N LYS H 14 -71.85 -22.70 81.49
CA LYS H 14 -72.69 -22.54 80.35
C LYS H 14 -74.20 -22.36 80.65
N CYS H 15 -74.67 -22.63 81.85
CA CYS H 15 -76.10 -22.57 82.13
C CYS H 15 -76.50 -21.64 83.27
N ALA H 16 -75.57 -21.47 84.23
CA ALA H 16 -75.86 -20.75 85.45
C ALA H 16 -76.15 -19.28 85.25
N GLN H 17 -75.59 -18.70 84.22
CA GLN H 17 -75.87 -17.31 83.92
C GLN H 17 -77.34 -17.04 83.55
N CYS H 18 -78.08 -18.08 83.14
CA CYS H 18 -79.52 -17.91 82.88
C CYS H 18 -80.43 -18.85 83.69
N HIS H 19 -79.89 -19.77 84.48
CA HIS H 19 -80.78 -20.71 85.18
C HIS H 19 -80.27 -21.22 86.52
N THR H 20 -81.17 -21.28 87.50
CA THR H 20 -80.88 -21.95 88.77
C THR H 20 -81.40 -23.39 88.75
N VAL H 21 -80.82 -24.25 89.61
CA VAL H 21 -81.26 -25.63 89.74
C VAL H 21 -81.81 -25.94 91.13
N GLU H 22 -81.55 -25.06 92.10
CA GLU H 22 -81.98 -25.29 93.49
C GLU H 22 -83.46 -24.97 93.67
N LYS H 23 -84.05 -25.70 94.61
CA LYS H 23 -85.42 -25.53 94.99
C LYS H 23 -85.67 -24.15 95.47
N GLY H 24 -86.72 -23.53 94.94
CA GLY H 24 -87.01 -22.13 95.22
C GLY H 24 -85.98 -21.14 94.69
N GLY H 25 -84.96 -21.61 93.95
CA GLY H 25 -84.05 -20.70 93.25
C GLY H 25 -84.84 -19.80 92.31
N LYS H 26 -84.39 -18.56 92.17
CA LYS H 26 -85.16 -17.53 91.45
C LYS H 26 -85.13 -17.78 89.96
N HIS H 27 -86.17 -17.29 89.27
CA HIS H 27 -86.11 -17.30 87.81
C HIS H 27 -85.09 -16.20 87.45
N LYS H 28 -84.18 -16.52 86.57
CA LYS H 28 -83.29 -15.55 86.00
C LYS H 28 -83.80 -15.33 84.56
N THR H 29 -82.92 -15.14 83.58
CA THR H 29 -83.37 -15.03 82.20
C THR H 29 -84.20 -16.27 81.80
N GLY H 30 -83.72 -17.43 82.22
CA GLY H 30 -84.45 -18.67 82.04
C GLY H 30 -85.12 -19.18 83.31
N PRO H 31 -86.01 -20.14 83.16
CA PRO H 31 -86.74 -20.75 84.26
C PRO H 31 -85.87 -21.57 85.20
N ASN H 32 -86.27 -21.64 86.45
CA ASN H 32 -85.63 -22.52 87.43
C ASN H 32 -85.82 -23.94 86.93
N LEU H 33 -84.77 -24.74 87.02
CA LEU H 33 -84.77 -26.10 86.53
C LEU H 33 -85.02 -27.15 87.60
N HIS H 34 -85.29 -26.74 88.83
CA HIS H 34 -85.60 -27.76 89.85
C HIS H 34 -86.87 -28.53 89.46
N GLY H 35 -86.80 -29.85 89.58
CA GLY H 35 -87.92 -30.73 89.19
C GLY H 35 -88.08 -30.94 87.70
N LEU H 36 -87.04 -30.61 86.93
CA LEU H 36 -87.11 -30.68 85.48
C LEU H 36 -87.44 -32.08 84.91
N PHE H 37 -86.82 -33.10 85.48
CA PHE H 37 -86.93 -34.44 84.93
C PHE H 37 -88.31 -35.01 85.17
N GLY H 38 -88.91 -35.53 84.10
CA GLY H 38 -90.27 -36.09 84.17
C GLY H 38 -91.33 -35.00 84.07
N ARG H 39 -90.93 -33.78 83.73
CA ARG H 39 -91.91 -32.70 83.64
C ARG H 39 -92.05 -32.32 82.16
N LYS H 40 -93.26 -31.94 81.77
CA LYS H 40 -93.51 -31.48 80.40
C LYS H 40 -92.92 -30.10 80.13
N THR H 41 -92.52 -29.84 78.88
CA THR H 41 -92.04 -28.52 78.50
C THR H 41 -92.98 -27.40 78.94
N GLY H 42 -92.40 -26.27 79.34
CA GLY H 42 -93.16 -25.05 79.57
C GLY H 42 -94.01 -25.01 80.82
N GLN H 43 -93.60 -25.71 81.86
CA GLN H 43 -94.46 -25.83 83.04
C GLN H 43 -93.96 -25.18 84.31
N ALA H 44 -92.77 -24.61 84.35
CA ALA H 44 -92.30 -23.97 85.59
C ALA H 44 -93.36 -22.89 85.91
N PRO H 45 -94.10 -23.01 87.03
CA PRO H 45 -95.05 -21.95 87.29
C PRO H 45 -94.26 -20.70 87.58
N GLY H 46 -94.79 -19.57 87.19
CA GLY H 46 -94.09 -18.31 87.41
C GLY H 46 -93.04 -17.91 86.37
N PHE H 47 -92.81 -18.76 85.38
CA PHE H 47 -92.04 -18.35 84.21
C PHE H 47 -92.91 -18.18 82.96
N THR H 48 -92.66 -17.11 82.23
CA THR H 48 -93.37 -16.78 81.00
C THR H 48 -92.54 -17.29 79.85
N TYR H 49 -93.01 -18.38 79.26
CA TYR H 49 -92.31 -19.02 78.15
C TYR H 49 -92.76 -18.44 76.82
N THR H 50 -92.00 -18.69 75.76
CA THR H 50 -92.55 -18.55 74.42
C THR H 50 -93.64 -19.62 74.23
N ASP H 51 -94.54 -19.35 73.28
CA ASP H 51 -95.50 -20.32 72.84
C ASP H 51 -94.83 -21.58 72.29
N ALA H 52 -93.70 -21.44 71.61
CA ALA H 52 -92.98 -22.61 71.11
C ALA H 52 -92.57 -23.56 72.28
N ASN H 53 -91.89 -23.01 73.28
CA ASN H 53 -91.46 -23.80 74.44
C ASN H 53 -92.68 -24.29 75.21
N LYS H 54 -93.68 -23.42 75.32
CA LYS H 54 -94.91 -23.75 76.04
C LYS H 54 -95.72 -24.87 75.38
N ASN H 55 -95.60 -25.03 74.07
CA ASN H 55 -96.37 -26.03 73.35
C ASN H 55 -95.56 -27.12 72.68
N LYS H 56 -94.25 -27.20 72.94
CA LYS H 56 -93.45 -28.30 72.38
C LYS H 56 -94.04 -29.68 72.67
N GLY H 57 -94.63 -29.85 73.84
CA GLY H 57 -95.37 -31.06 74.16
C GLY H 57 -94.53 -32.30 74.41
N ILE H 58 -93.31 -32.15 74.90
CA ILE H 58 -92.48 -33.29 75.28
C ILE H 58 -92.19 -33.29 76.78
N THR H 59 -91.74 -34.46 77.25
CA THR H 59 -91.36 -34.64 78.65
C THR H 59 -89.85 -34.58 78.74
N TRP H 60 -89.35 -33.74 79.65
CA TRP H 60 -87.91 -33.63 79.83
C TRP H 60 -87.40 -34.88 80.49
N LYS H 61 -86.38 -35.49 79.89
CA LYS H 61 -85.73 -36.68 80.42
C LYS H 61 -84.45 -36.76 79.64
N GLU H 62 -83.68 -37.79 79.90
CA GLU H 62 -82.36 -37.89 79.32
C GLU H 62 -82.33 -37.82 77.81
N GLU H 63 -83.21 -38.62 77.18
CA GLU H 63 -83.28 -38.72 75.72
C GLU H 63 -83.61 -37.35 75.13
N THR H 64 -84.66 -36.70 75.67
CA THR H 64 -85.07 -35.41 75.13
C THR H 64 -84.03 -34.31 75.40
N LEU H 65 -83.43 -34.34 76.60
CA LEU H 65 -82.35 -33.40 76.91
C LEU H 65 -81.11 -33.59 76.03
N MET H 66 -80.73 -34.85 75.75
CA MET H 66 -79.60 -35.16 74.90
C MET H 66 -79.80 -34.51 73.53
N GLU H 67 -81.00 -34.61 72.99
CA GLU H 67 -81.32 -33.99 71.69
C GLU H 67 -81.41 -32.46 71.78
N TYR H 68 -82.19 -31.95 72.74
CA TYR H 68 -82.29 -30.50 72.96
C TYR H 68 -80.95 -29.80 73.07
N LEU H 69 -80.14 -30.30 74.00
CA LEU H 69 -78.86 -29.65 74.34
C LEU H 69 -77.84 -29.66 73.20
N GLU H 70 -77.98 -30.57 72.27
CA GLU H 70 -77.16 -30.57 71.08
C GLU H 70 -77.51 -29.35 70.22
N ASN H 71 -78.78 -28.95 70.18
CA ASN H 71 -79.15 -27.80 69.37
C ASN H 71 -80.54 -27.32 69.73
N PRO H 72 -80.64 -26.48 70.77
CA PRO H 72 -81.95 -26.02 71.24
C PRO H 72 -82.86 -25.45 70.15
N LYS H 73 -82.35 -24.60 69.26
CA LYS H 73 -83.20 -23.94 68.28
C LYS H 73 -83.89 -24.94 67.34
N LYS H 74 -83.13 -25.95 66.93
CA LYS H 74 -83.61 -27.01 66.08
C LYS H 74 -84.70 -27.83 66.79
N TYR H 75 -84.51 -28.13 68.08
CA TYR H 75 -85.52 -28.90 68.84
C TYR H 75 -86.76 -28.07 69.19
N ILE H 76 -86.58 -26.78 69.49
CA ILE H 76 -87.71 -25.87 69.79
C ILE H 76 -87.51 -24.57 69.01
N PRO H 77 -87.82 -24.62 67.70
CA PRO H 77 -87.68 -23.46 66.84
C PRO H 77 -88.46 -22.34 67.45
N GLY H 78 -87.86 -21.16 67.46
CA GLY H 78 -88.49 -20.01 68.06
C GLY H 78 -88.26 -19.88 69.56
N THR H 79 -87.58 -20.84 70.22
CA THR H 79 -87.23 -20.60 71.62
C THR H 79 -86.49 -19.27 71.82
N LYS H 80 -86.73 -18.58 72.93
CA LYS H 80 -85.90 -17.38 73.24
C LYS H 80 -84.64 -17.71 74.06
N MET H 81 -84.41 -18.98 74.31
CA MET H 81 -83.15 -19.39 74.93
C MET H 81 -82.03 -19.24 73.92
N ILE H 82 -81.00 -18.47 74.25
CA ILE H 82 -79.80 -18.34 73.42
C ILE H 82 -78.75 -19.37 73.91
N PHE H 83 -78.52 -20.39 73.09
CA PHE H 83 -77.50 -21.38 73.37
C PHE H 83 -77.18 -22.12 72.09
N ALA H 84 -75.92 -22.13 71.65
CA ALA H 84 -75.58 -22.81 70.38
C ALA H 84 -75.86 -24.31 70.47
N GLY H 85 -75.35 -24.90 71.53
CA GLY H 85 -75.49 -26.35 71.76
C GLY H 85 -74.16 -26.97 72.16
N ILE H 86 -74.23 -28.10 72.86
CA ILE H 86 -73.04 -28.82 73.27
C ILE H 86 -72.85 -29.94 72.24
N LYS H 87 -71.82 -29.81 71.42
CA LYS H 87 -71.64 -30.71 70.29
C LYS H 87 -71.11 -32.07 70.75
N LYS H 88 -70.26 -32.09 71.78
CA LYS H 88 -69.69 -33.37 72.28
C LYS H 88 -70.67 -34.15 73.17
N LYS H 89 -70.90 -35.41 72.82
CA LYS H 89 -71.83 -36.26 73.57
C LYS H 89 -71.41 -36.44 75.03
N THR H 90 -70.12 -36.66 75.25
CA THR H 90 -69.61 -36.91 76.62
C THR H 90 -70.00 -35.77 77.59
N GLU H 91 -69.73 -34.54 77.15
CA GLU H 91 -70.07 -33.34 77.90
C GLU H 91 -71.60 -33.24 78.15
N ARG H 92 -72.38 -33.53 77.11
CA ARG H 92 -73.84 -33.59 77.25
C ARG H 92 -74.27 -34.60 78.31
N GLU H 93 -73.68 -35.80 78.24
CA GLU H 93 -73.98 -36.83 79.26
C GLU H 93 -73.60 -36.36 80.64
N ASP H 94 -72.42 -35.74 80.76
CA ASP H 94 -71.96 -35.22 82.07
C ASP H 94 -72.93 -34.17 82.63
N LEU H 95 -73.27 -33.19 81.80
CA LEU H 95 -74.18 -32.12 82.19
C LEU H 95 -75.53 -32.71 82.59
N ILE H 96 -76.04 -33.61 81.75
CA ILE H 96 -77.34 -34.23 82.02
C ILE H 96 -77.31 -35.03 83.33
N ALA H 97 -76.21 -35.77 83.57
CA ALA H 97 -76.06 -36.47 84.83
C ALA H 97 -76.00 -35.48 86.00
N TYR H 98 -75.26 -34.38 85.84
CA TYR H 98 -75.28 -33.39 86.93
C TYR H 98 -76.72 -32.85 87.19
N LEU H 99 -77.42 -32.46 86.11
CA LEU H 99 -78.79 -31.89 86.27
C LEU H 99 -79.74 -32.90 86.91
N LYS H 100 -79.59 -34.15 86.52
CA LYS H 100 -80.42 -35.19 87.12
C LYS H 100 -80.27 -35.23 88.64
N LYS H 101 -79.04 -35.07 89.12
CA LYS H 101 -78.82 -35.04 90.55
C LYS H 101 -79.30 -33.74 91.15
N ALA H 102 -78.82 -32.63 90.62
CA ALA H 102 -79.03 -31.37 91.30
C ALA H 102 -80.51 -30.93 91.26
N THR H 103 -81.22 -31.19 90.16
CA THR H 103 -82.59 -30.73 90.05
C THR H 103 -83.59 -31.55 90.86
N ASN H 104 -83.13 -32.61 91.50
CA ASN H 104 -84.00 -33.33 92.43
C ASN H 104 -83.63 -32.93 93.86
N GLU H 105 -82.35 -32.98 94.16
CA GLU H 105 -81.85 -32.63 95.48
C GLU H 105 -82.78 -31.64 96.17
N GLY I 105 -15.17 -44.26 30.24
CA GLY I 105 -14.49 -43.40 31.20
C GLY I 105 -13.43 -42.54 30.54
N ILE I 106 -13.80 -41.29 30.24
CA ILE I 106 -12.86 -40.34 29.67
C ILE I 106 -11.73 -40.01 30.65
N THR I 107 -10.50 -40.08 30.20
CA THR I 107 -9.38 -39.60 31.00
C THR I 107 -9.44 -38.07 30.98
N SER I 108 -8.89 -37.43 32.00
CA SER I 108 -8.86 -35.97 32.01
C SER I 108 -8.01 -35.52 30.83
N TYR I 109 -6.93 -36.24 30.58
CA TYR I 109 -6.00 -35.91 29.53
C TYR I 109 -6.68 -35.97 28.16
N VAL I 110 -7.49 -37.01 27.95
CA VAL I 110 -8.14 -37.15 26.67
C VAL I 110 -8.88 -35.87 26.29
N ARG I 111 -9.59 -35.30 27.26
CA ARG I 111 -10.34 -34.07 27.03
C ARG I 111 -9.41 -32.92 26.66
N THR I 112 -8.22 -32.91 27.26
CA THR I 112 -7.24 -31.87 26.99
C THR I 112 -6.74 -31.96 25.56
N VAL I 113 -6.45 -33.16 25.08
CA VAL I 113 -6.05 -33.30 23.67
C VAL I 113 -7.20 -32.94 22.74
N LEU I 114 -8.38 -33.42 23.11
CA LEU I 114 -9.57 -33.23 22.32
C LEU I 114 -9.94 -31.77 22.21
N CYS I 115 -9.77 -31.01 23.28
CA CYS I 115 -10.09 -29.59 23.25
C CYS I 115 -9.22 -28.90 22.23
N GLU I 116 -7.94 -29.26 22.21
CA GLU I 116 -7.00 -28.66 21.27
C GLU I 116 -7.41 -29.02 19.85
N GLY I 117 -7.84 -30.27 19.69
CA GLY I 117 -8.29 -30.74 18.39
C GLY I 117 -9.50 -29.97 17.89
N GLY I 118 -10.42 -29.66 18.80
CA GLY I 118 -11.62 -28.94 18.43
C GLY I 118 -12.85 -29.75 18.03
N VAL I 119 -12.77 -31.07 18.12
CA VAL I 119 -13.95 -31.91 17.95
C VAL I 119 -15.03 -31.48 18.91
N PRO I 120 -16.29 -31.47 18.45
CA PRO I 120 -17.39 -31.16 19.35
C PRO I 120 -17.51 -32.20 20.44
N GLN I 121 -17.93 -31.78 21.64
CA GLN I 121 -18.24 -32.72 22.71
C GLN I 121 -19.56 -33.41 22.39
N ARG I 122 -19.67 -34.69 22.71
CA ARG I 122 -20.86 -35.47 22.39
C ARG I 122 -22.10 -34.86 23.06
N PRO I 123 -23.25 -34.95 22.38
CA PRO I 123 -24.48 -34.40 22.94
C PRO I 123 -24.77 -35.07 24.27
N VAL I 124 -25.33 -34.32 25.22
CA VAL I 124 -25.56 -34.85 26.56
C VAL I 124 -26.51 -36.04 26.49
N VAL I 125 -27.43 -36.02 25.54
CA VAL I 125 -28.36 -37.14 25.40
C VAL I 125 -27.91 -38.13 24.33
N PHE I 126 -26.93 -38.97 24.63
CA PHE I 126 -26.42 -39.92 23.65
C PHE I 126 -26.47 -41.36 24.12
N VAL I 127 -26.30 -42.31 23.20
CA VAL I 127 -26.31 -43.72 23.57
C VAL I 127 -25.30 -44.49 22.74
N THR I 128 -24.21 -44.88 23.37
CA THR I 128 -23.11 -45.58 22.71
C THR I 128 -23.58 -46.61 21.70
N ARG I 129 -22.78 -46.85 20.67
CA ARG I 129 -23.09 -47.90 19.74
C ARG I 129 -21.83 -48.72 19.79
N LYS I 130 -21.73 -49.59 20.77
CA LYS I 130 -20.45 -50.15 21.08
C LYS I 130 -19.90 -50.88 19.89
N LYS I 131 -20.73 -51.69 19.23
CA LYS I 131 -20.19 -52.51 18.15
C LYS I 131 -19.64 -51.62 17.06
N LEU I 132 -20.41 -50.60 16.67
CA LEU I 132 -19.97 -49.75 15.58
C LEU I 132 -18.73 -48.97 15.94
N VAL I 133 -18.68 -48.44 17.16
CA VAL I 133 -17.56 -47.61 17.54
C VAL I 133 -16.33 -48.49 17.53
N ASN I 134 -16.52 -49.70 18.02
CA ASN I 134 -15.45 -50.65 18.13
C ASN I 134 -14.92 -50.98 16.75
N ALA I 135 -15.82 -51.13 15.80
CA ALA I 135 -15.36 -51.50 14.48
C ALA I 135 -14.56 -50.38 13.89
N ILE I 136 -15.05 -49.14 13.98
CA ILE I 136 -14.30 -48.06 13.34
C ILE I 136 -12.94 -48.00 13.99
N GLN I 137 -12.93 -48.05 15.31
CA GLN I 137 -11.70 -47.87 16.08
C GLN I 137 -10.67 -48.95 15.77
N GLN I 138 -11.12 -50.19 15.62
CA GLN I 138 -10.21 -51.28 15.36
C GLN I 138 -9.68 -51.11 13.95
N LYS I 139 -10.58 -50.80 13.03
CA LYS I 139 -10.21 -50.50 11.67
C LYS I 139 -9.36 -49.25 11.68
N LEU I 140 -9.78 -48.28 12.48
CA LEU I 140 -9.08 -47.00 12.44
C LEU I 140 -7.67 -47.25 12.87
N SER I 141 -7.51 -48.25 13.73
CA SER I 141 -6.20 -48.66 14.23
C SER I 141 -5.33 -49.20 13.12
N LYS I 142 -5.97 -49.69 12.06
CA LYS I 142 -5.33 -50.51 11.05
C LYS I 142 -4.22 -49.82 10.28
N LEU I 143 -4.43 -48.56 9.95
CA LEU I 143 -3.38 -47.83 9.24
C LEU I 143 -2.44 -47.32 10.31
N LYS I 144 -1.71 -48.24 10.92
CA LYS I 144 -0.82 -47.89 12.02
C LYS I 144 0.17 -46.81 11.59
N GLY I 145 0.57 -46.85 10.33
CA GLY I 145 1.49 -45.87 9.79
C GLY I 145 1.28 -45.74 8.30
N GLU I 146 1.96 -44.78 7.68
CA GLU I 146 1.81 -44.55 6.25
C GLU I 146 0.41 -44.06 5.95
N PRO I 147 0.31 -43.13 5.01
CA PRO I 147 -0.97 -42.52 4.65
C PRO I 147 -2.15 -43.49 4.75
N GLY I 148 -3.35 -43.01 4.45
CA GLY I 148 -4.54 -43.84 4.52
C GLY I 148 -5.80 -43.04 4.77
N TRP I 149 -6.88 -43.44 4.10
CA TRP I 149 -8.16 -42.75 4.24
C TRP I 149 -9.27 -43.71 4.69
N VAL I 150 -10.17 -43.21 5.53
CA VAL I 150 -11.29 -44.01 6.02
C VAL I 150 -12.53 -43.24 5.63
N THR I 151 -13.56 -43.86 5.07
CA THR I 151 -14.79 -43.18 4.66
C THR I 151 -15.89 -43.77 5.54
N ILE I 152 -16.81 -42.98 6.08
CA ILE I 152 -17.93 -43.55 6.84
C ILE I 152 -19.21 -43.03 6.19
N HIS I 153 -20.22 -43.83 5.85
CA HIS I 153 -21.43 -43.24 5.23
C HIS I 153 -22.81 -43.81 5.50
N GLY I 154 -23.83 -42.97 5.37
CA GLY I 154 -25.19 -43.36 5.69
C GLY I 154 -26.17 -42.40 5.10
N MET I 155 -27.44 -42.78 5.07
CA MET I 155 -28.48 -41.88 4.63
C MET I 155 -28.51 -40.81 5.70
N ALA I 156 -29.07 -39.66 5.39
CA ALA I 156 -28.91 -38.52 6.26
C ALA I 156 -29.41 -38.77 7.67
N GLY I 157 -28.58 -38.37 8.62
CA GLY I 157 -28.84 -38.48 10.03
C GLY I 157 -28.79 -39.89 10.52
N CYS I 158 -27.64 -40.53 10.36
CA CYS I 158 -27.45 -41.91 10.79
C CYS I 158 -26.50 -42.04 11.97
N GLY I 159 -26.16 -40.91 12.58
CA GLY I 159 -25.17 -40.90 13.64
C GLY I 159 -23.75 -40.87 13.11
N LYS I 160 -23.60 -40.44 11.86
CA LYS I 160 -22.31 -40.47 11.21
C LYS I 160 -21.24 -39.62 11.89
N SER I 161 -21.54 -38.37 12.24
CA SER I 161 -20.54 -37.56 12.94
C SER I 161 -20.28 -38.00 14.36
N VAL I 162 -21.34 -38.32 15.07
CA VAL I 162 -21.22 -38.58 16.48
C VAL I 162 -20.31 -39.77 16.65
N LEU I 163 -20.45 -40.75 15.75
CA LEU I 163 -19.57 -41.89 15.83
C LEU I 163 -18.14 -41.44 15.65
N ALA I 164 -17.91 -40.53 14.71
CA ALA I 164 -16.54 -40.10 14.46
C ALA I 164 -16.02 -39.44 15.71
N ALA I 165 -16.84 -38.61 16.32
CA ALA I 165 -16.44 -37.95 17.56
C ALA I 165 -16.25 -38.98 18.66
N GLU I 166 -17.19 -39.92 18.74
CA GLU I 166 -17.17 -40.98 19.75
C GLU I 166 -15.99 -41.94 19.64
N ALA I 167 -15.65 -42.34 18.42
CA ALA I 167 -14.56 -43.28 18.20
C ALA I 167 -13.27 -42.76 18.80
N VAL I 168 -13.00 -41.48 18.58
CA VAL I 168 -11.76 -40.89 19.04
C VAL I 168 -11.89 -40.52 20.52
N ARG I 169 -13.12 -40.58 21.02
CA ARG I 169 -13.42 -40.15 22.38
C ARG I 169 -12.66 -40.93 23.42
N ASP I 170 -12.43 -42.22 23.10
CA ASP I 170 -11.68 -43.18 23.90
C ASP I 170 -10.16 -42.94 23.97
N HIS I 171 -9.59 -43.18 25.14
CA HIS I 171 -8.14 -43.14 25.37
C HIS I 171 -7.24 -44.20 24.70
N SER I 172 -7.67 -45.46 24.70
CA SER I 172 -6.76 -46.55 24.32
C SER I 172 -6.25 -46.45 22.89
N LEU I 173 -7.19 -46.39 21.95
CA LEU I 173 -6.82 -46.33 20.55
C LEU I 173 -6.07 -45.05 20.27
N LEU I 174 -6.57 -43.95 20.79
CA LEU I 174 -5.95 -42.67 20.54
C LEU I 174 -4.58 -42.49 21.17
N GLU I 175 -4.45 -42.82 22.44
CA GLU I 175 -3.21 -42.50 23.15
C GLU I 175 -1.99 -43.29 22.72
N GLY I 176 -2.11 -44.61 22.66
CA GLY I 176 -0.98 -45.43 22.23
C GLY I 176 -0.68 -45.23 20.78
N CYS I 177 -1.74 -45.28 19.99
CA CYS I 177 -1.66 -45.15 18.53
C CYS I 177 -1.25 -43.79 18.02
N PHE I 178 -1.75 -42.73 18.65
CA PHE I 178 -1.73 -41.41 18.00
C PHE I 178 -1.00 -40.33 18.79
N PRO I 179 0.32 -40.42 18.84
CA PRO I 179 1.12 -39.39 19.53
C PRO I 179 0.79 -38.00 18.99
N GLY I 180 0.45 -37.91 17.72
CA GLY I 180 0.00 -36.66 17.15
C GLY I 180 -1.40 -36.34 17.63
N GLY I 181 -1.74 -35.07 17.69
CA GLY I 181 -3.02 -34.66 18.25
C GLY I 181 -3.99 -34.96 17.15
N VAL I 182 -5.30 -34.79 17.38
CA VAL I 182 -6.35 -34.97 16.39
C VAL I 182 -6.85 -33.61 15.93
N HIS I 183 -7.01 -33.38 14.64
CA HIS I 183 -7.54 -32.10 14.19
C HIS I 183 -8.81 -32.38 13.44
N TRP I 184 -9.86 -31.60 13.67
CA TRP I 184 -11.17 -31.84 13.07
C TRP I 184 -11.36 -30.71 12.10
N VAL I 185 -11.83 -30.95 10.90
CA VAL I 185 -12.18 -29.84 10.03
C VAL I 185 -13.61 -29.98 9.56
N SER I 186 -14.40 -28.92 9.67
CA SER I 186 -15.77 -29.00 9.18
C SER I 186 -15.90 -28.51 7.74
N VAL I 187 -15.70 -29.39 6.77
CA VAL I 187 -15.69 -28.98 5.37
C VAL I 187 -16.99 -28.43 4.80
N GLY I 188 -18.13 -29.04 5.14
CA GLY I 188 -19.39 -28.60 4.57
C GLY I 188 -19.45 -28.77 3.07
N LYS I 189 -20.17 -27.89 2.39
CA LYS I 189 -20.28 -27.92 0.94
C LYS I 189 -19.67 -26.63 0.39
N GLN I 190 -18.80 -26.70 -0.62
CA GLN I 190 -18.08 -25.48 -0.95
C GLN I 190 -17.84 -25.22 -2.45
N ASP I 191 -18.01 -23.95 -2.84
CA ASP I 191 -17.55 -23.42 -4.10
C ASP I 191 -16.05 -23.28 -3.93
N LYS I 192 -15.33 -23.10 -5.04
CA LYS I 192 -13.88 -23.15 -5.01
C LYS I 192 -13.32 -22.10 -4.08
N SER I 193 -13.93 -20.92 -4.08
CA SER I 193 -13.44 -19.82 -3.25
C SER I 193 -13.61 -20.14 -1.78
N GLY I 194 -14.76 -20.70 -1.43
CA GLY I 194 -15.06 -21.00 -0.04
C GLY I 194 -14.09 -22.00 0.52
N LEU I 195 -13.74 -22.98 -0.30
CA LEU I 195 -12.86 -24.05 0.12
C LEU I 195 -11.53 -23.44 0.48
N LEU I 196 -11.15 -22.41 -0.25
CA LEU I 196 -9.83 -21.85 -0.07
C LEU I 196 -9.65 -21.38 1.36
N MET I 197 -10.67 -20.71 1.91
CA MET I 197 -10.55 -20.13 3.24
C MET I 197 -10.32 -21.18 4.31
N LYS I 198 -10.99 -22.32 4.18
CA LYS I 198 -10.91 -23.35 5.20
C LYS I 198 -9.46 -23.76 5.30
N LEU I 199 -8.80 -23.81 4.16
CA LEU I 199 -7.42 -24.24 4.14
C LEU I 199 -6.54 -23.27 4.91
N GLN I 200 -6.72 -21.98 4.67
CA GLN I 200 -5.92 -21.01 5.37
C GLN I 200 -6.21 -21.13 6.85
N ASN I 201 -7.48 -21.32 7.20
CA ASN I 201 -7.85 -21.41 8.59
C ASN I 201 -7.21 -22.61 9.26
N LEU I 202 -7.11 -23.72 8.53
CA LEU I 202 -6.42 -24.89 9.05
C LEU I 202 -4.93 -24.61 9.19
N CYS I 203 -4.43 -23.75 8.30
CA CYS I 203 -3.04 -23.34 8.37
C CYS I 203 -2.77 -22.58 9.66
N THR I 204 -3.62 -21.60 9.93
CA THR I 204 -3.49 -20.80 11.13
C THR I 204 -3.68 -21.68 12.37
N ARG I 205 -4.61 -22.62 12.30
CA ARG I 205 -4.85 -23.47 13.47
C ARG I 205 -3.65 -24.34 13.81
N LEU I 206 -3.12 -25.01 12.79
CA LEU I 206 -2.02 -25.95 12.97
C LEU I 206 -0.71 -25.30 13.43
N ASP I 207 -0.40 -24.16 12.84
CA ASP I 207 0.80 -23.41 13.20
C ASP I 207 0.55 -22.47 14.38
N GLN I 208 0.46 -23.03 15.57
CA GLN I 208 0.26 -22.22 16.77
C GLN I 208 1.48 -21.36 17.10
N ASP I 209 2.66 -21.89 16.81
CA ASP I 209 3.91 -21.21 17.09
C ASP I 209 4.06 -19.96 16.24
N GLU I 210 3.63 -20.04 14.98
CA GLU I 210 3.72 -18.92 14.06
C GLU I 210 5.11 -18.82 13.41
N SER I 211 5.96 -19.81 13.66
CA SER I 211 7.30 -19.81 13.11
C SER I 211 7.22 -19.70 11.60
N PHE I 212 6.25 -20.40 11.00
CA PHE I 212 6.04 -20.34 9.57
C PHE I 212 5.49 -18.97 9.21
N SER I 213 5.67 -18.59 7.95
CA SER I 213 5.33 -17.25 7.48
C SER I 213 3.92 -16.83 7.90
N GLN I 214 3.81 -15.62 8.45
CA GLN I 214 2.51 -15.08 8.81
C GLN I 214 1.65 -14.92 7.57
N ARG I 215 2.28 -14.64 6.44
CA ARG I 215 1.57 -14.52 5.19
C ARG I 215 0.89 -15.84 4.86
N LEU I 216 -0.30 -15.77 4.29
CA LEU I 216 -1.05 -16.97 3.98
C LEU I 216 -1.04 -17.18 2.48
N PRO I 217 -1.02 -18.44 2.04
CA PRO I 217 -1.03 -18.75 0.61
C PRO I 217 -2.29 -18.27 -0.08
N LEU I 218 -2.17 -17.80 -1.31
CA LEU I 218 -3.32 -17.44 -2.11
C LEU I 218 -3.68 -18.59 -3.05
N ASN I 219 -2.84 -19.63 -3.02
CA ASN I 219 -3.00 -20.80 -3.87
C ASN I 219 -3.22 -22.09 -3.08
N ILE I 220 -4.19 -22.89 -3.52
CA ILE I 220 -4.62 -24.07 -2.81
C ILE I 220 -3.46 -25.01 -2.56
N GLU I 221 -2.68 -25.26 -3.61
CA GLU I 221 -1.56 -26.19 -3.56
C GLU I 221 -0.55 -25.78 -2.50
N GLU I 222 -0.27 -24.48 -2.41
CA GLU I 222 0.68 -23.96 -1.44
C GLU I 222 0.21 -24.31 -0.04
N ALA I 223 -1.11 -24.23 0.16
CA ALA I 223 -1.71 -24.61 1.42
C ALA I 223 -1.54 -26.10 1.63
N LYS I 224 -1.60 -26.85 0.55
CA LYS I 224 -1.41 -28.28 0.59
C LYS I 224 0.00 -28.58 1.08
N ASP I 225 0.95 -27.74 0.64
CA ASP I 225 2.33 -27.88 1.03
C ASP I 225 2.49 -27.58 2.53
N ARG I 226 1.88 -26.49 2.97
CA ARG I 226 1.92 -26.11 4.37
C ARG I 226 1.31 -27.20 5.25
N LEU I 227 0.30 -27.90 4.73
CA LEU I 227 -0.35 -28.94 5.51
C LEU I 227 0.53 -30.17 5.60
N ARG I 228 1.06 -30.57 4.45
CA ARG I 228 1.87 -31.77 4.35
C ARG I 228 3.10 -31.63 5.21
N ILE I 229 3.74 -30.47 5.08
CA ILE I 229 4.98 -30.16 5.80
C ILE I 229 4.73 -30.08 7.29
N LEU I 230 3.63 -29.42 7.65
CA LEU I 230 3.21 -29.30 9.05
C LEU I 230 2.85 -30.65 9.65
N MET I 231 2.14 -31.48 8.88
CA MET I 231 1.80 -32.82 9.30
C MET I 231 3.07 -33.66 9.41
N LEU I 232 3.98 -33.47 8.46
CA LEU I 232 5.21 -34.23 8.42
C LEU I 232 6.16 -33.96 9.58
N ARG I 233 6.33 -32.70 9.94
CA ARG I 233 7.28 -32.33 10.98
C ARG I 233 6.61 -31.84 12.27
N LYS I 234 5.73 -30.85 12.13
CA LYS I 234 5.10 -30.23 13.29
C LYS I 234 4.21 -31.20 14.04
N HIS I 235 3.44 -32.02 13.34
CA HIS I 235 2.58 -32.95 14.04
C HIS I 235 2.71 -34.36 13.51
N PRO I 236 3.75 -35.08 13.86
CA PRO I 236 4.10 -36.30 13.11
C PRO I 236 3.02 -37.37 13.05
N ARG I 237 2.31 -37.64 14.15
CA ARG I 237 1.35 -38.74 14.16
C ARG I 237 -0.13 -38.34 14.02
N SER I 238 -0.38 -37.10 13.61
CA SER I 238 -1.71 -36.51 13.62
C SER I 238 -2.71 -37.22 12.72
N LEU I 239 -3.97 -37.23 13.15
CA LEU I 239 -5.10 -37.72 12.36
C LEU I 239 -6.02 -36.53 12.14
N LEU I 240 -6.52 -36.38 10.92
CA LEU I 240 -7.43 -35.31 10.52
C LEU I 240 -8.80 -35.95 10.26
N ILE I 241 -9.90 -35.36 10.76
CA ILE I 241 -11.25 -35.90 10.52
C ILE I 241 -12.00 -34.88 9.68
N LEU I 242 -12.81 -35.28 8.72
CA LEU I 242 -13.56 -34.29 8.00
C LEU I 242 -15.04 -34.49 8.19
N ASP I 243 -15.82 -33.44 7.98
CA ASP I 243 -17.26 -33.49 8.17
C ASP I 243 -17.93 -33.25 6.83
N ASP I 244 -18.87 -34.11 6.48
CA ASP I 244 -19.47 -34.02 5.16
C ASP I 244 -18.41 -34.22 4.07
N VAL I 245 -18.37 -33.28 3.14
CA VAL I 245 -17.59 -33.37 1.90
C VAL I 245 -18.53 -33.80 0.80
N TRP I 246 -18.65 -32.98 -0.23
CA TRP I 246 -19.56 -33.29 -1.31
C TRP I 246 -18.97 -33.38 -2.71
N ASP I 247 -17.67 -33.15 -2.86
CA ASP I 247 -17.10 -33.30 -4.19
C ASP I 247 -15.63 -33.66 -4.14
N SER I 248 -15.16 -34.37 -5.15
CA SER I 248 -13.81 -34.90 -5.10
C SER I 248 -12.68 -33.87 -5.04
N TRP I 249 -12.73 -32.82 -5.85
CA TRP I 249 -11.60 -31.89 -5.83
C TRP I 249 -11.26 -31.50 -4.40
N VAL I 250 -12.27 -31.52 -3.54
CA VAL I 250 -12.09 -31.13 -2.15
C VAL I 250 -11.06 -32.01 -1.47
N LEU I 251 -11.27 -33.32 -1.52
CA LEU I 251 -10.27 -34.24 -1.00
C LEU I 251 -9.00 -34.21 -1.82
N LYS I 252 -9.11 -33.78 -3.07
CA LYS I 252 -7.91 -33.62 -3.85
C LYS I 252 -7.06 -32.60 -3.12
N ALA I 253 -7.71 -31.55 -2.65
CA ALA I 253 -7.04 -30.47 -1.93
C ALA I 253 -6.39 -30.95 -0.64
N PHE I 254 -7.08 -31.81 0.09
CA PHE I 254 -6.63 -32.25 1.41
C PHE I 254 -5.72 -33.45 1.28
N ASP I 255 -5.42 -33.85 0.06
CA ASP I 255 -4.72 -35.11 -0.16
C ASP I 255 -3.25 -34.90 0.12
N SER I 256 -2.95 -34.86 1.41
CA SER I 256 -1.62 -34.49 1.89
C SER I 256 -0.68 -35.66 2.02
N GLN I 257 -1.17 -36.87 1.77
CA GLN I 257 -0.35 -38.07 1.91
C GLN I 257 -0.25 -38.43 3.39
N CYS I 258 -1.03 -37.72 4.21
CA CYS I 258 -1.05 -37.94 5.65
C CYS I 258 -2.48 -38.34 5.97
N GLN I 259 -2.66 -39.24 6.92
CA GLN I 259 -3.97 -39.82 7.10
C GLN I 259 -4.99 -38.74 7.39
N ILE I 260 -6.11 -38.81 6.69
CA ILE I 260 -7.22 -37.94 6.85
C ILE I 260 -8.36 -38.90 6.71
N LEU I 261 -9.36 -38.84 7.57
CA LEU I 261 -10.55 -39.66 7.43
C LEU I 261 -11.74 -38.77 7.17
N LEU I 262 -12.54 -39.04 6.14
CA LEU I 262 -13.65 -38.18 5.76
C LEU I 262 -14.92 -38.91 6.09
N THR I 263 -15.89 -38.24 6.69
CA THR I 263 -17.15 -38.91 7.02
C THR I 263 -18.30 -38.23 6.27
N THR I 264 -19.18 -38.98 5.63
CA THR I 264 -20.07 -38.36 4.68
C THR I 264 -21.39 -38.98 4.33
N ARG I 265 -21.94 -38.48 3.23
CA ARG I 265 -23.05 -39.20 2.56
C ARG I 265 -22.77 -39.98 1.25
N ASP I 266 -22.01 -39.36 0.34
CA ASP I 266 -21.57 -40.05 -0.86
C ASP I 266 -20.33 -40.85 -0.53
N LYS I 267 -20.24 -42.03 -1.12
CA LYS I 267 -19.07 -42.88 -0.95
C LYS I 267 -18.21 -42.83 -2.19
N SER I 268 -18.75 -42.16 -3.22
CA SER I 268 -18.05 -41.88 -4.45
C SER I 268 -16.92 -40.88 -4.23
N VAL I 269 -17.02 -40.10 -3.17
CA VAL I 269 -16.16 -38.95 -3.04
C VAL I 269 -14.69 -39.35 -3.01
N THR I 270 -14.34 -40.37 -2.24
CA THR I 270 -12.95 -40.76 -2.18
C THR I 270 -12.60 -41.73 -3.29
N ASP I 271 -12.71 -41.26 -4.54
CA ASP I 271 -12.24 -42.05 -5.65
C ASP I 271 -11.04 -41.42 -6.33
N SER I 272 -10.95 -40.11 -6.26
CA SER I 272 -9.80 -39.39 -6.78
C SER I 272 -8.55 -39.76 -6.01
N VAL I 273 -8.71 -39.94 -4.70
CA VAL I 273 -7.60 -40.17 -3.80
C VAL I 273 -6.90 -41.50 -4.01
N MET I 274 -5.65 -41.54 -3.56
CA MET I 274 -4.71 -42.63 -3.70
C MET I 274 -4.22 -43.11 -2.33
N GLY I 275 -3.98 -44.40 -2.21
CA GLY I 275 -3.61 -44.98 -0.94
C GLY I 275 -4.71 -45.89 -0.44
N PRO I 276 -4.44 -46.70 0.57
CA PRO I 276 -5.44 -47.66 1.06
C PRO I 276 -6.73 -46.98 1.54
N LYS I 277 -7.89 -47.45 1.08
CA LYS I 277 -9.16 -46.89 1.55
C LYS I 277 -10.06 -47.97 2.15
N TYR I 278 -10.64 -47.70 3.31
CA TYR I 278 -11.58 -48.61 3.92
C TYR I 278 -12.85 -47.86 4.22
N VAL I 279 -14.00 -48.53 4.12
CA VAL I 279 -15.26 -47.87 4.45
C VAL I 279 -16.04 -48.65 5.49
N VAL I 280 -16.54 -47.96 6.50
CA VAL I 280 -17.42 -48.56 7.49
C VAL I 280 -18.76 -47.97 7.15
N PRO I 281 -19.81 -48.77 7.03
CA PRO I 281 -21.03 -48.22 6.45
C PRO I 281 -22.07 -48.26 7.52
N VAL I 282 -22.62 -47.10 7.85
CA VAL I 282 -23.59 -47.05 8.93
C VAL I 282 -24.99 -47.03 8.36
N GLU I 283 -25.68 -48.16 8.50
CA GLU I 283 -27.09 -48.23 8.16
C GLU I 283 -27.86 -47.46 9.22
N SER I 284 -28.95 -46.79 8.83
CA SER I 284 -29.72 -46.04 9.79
C SER I 284 -30.75 -47.00 10.34
N SER I 285 -30.52 -47.48 11.55
CA SER I 285 -31.43 -48.42 12.18
C SER I 285 -31.68 -48.10 13.64
N LEU I 286 -30.64 -48.32 14.44
CA LEU I 286 -30.71 -48.15 15.88
C LEU I 286 -31.36 -49.37 16.48
N GLY I 287 -31.54 -49.37 17.79
CA GLY I 287 -32.13 -50.50 18.48
C GLY I 287 -33.33 -50.08 19.31
N LYS I 288 -34.37 -50.91 19.30
CA LYS I 288 -35.59 -50.57 20.01
C LYS I 288 -35.27 -50.44 21.49
N GLU I 289 -34.39 -51.29 21.98
CA GLU I 289 -33.96 -51.22 23.37
C GLU I 289 -33.26 -49.88 23.64
N LYS I 290 -32.38 -49.51 22.72
CA LYS I 290 -31.61 -48.27 22.81
C LYS I 290 -32.43 -46.98 22.72
N GLY I 291 -33.40 -46.94 21.81
CA GLY I 291 -34.20 -45.74 21.62
C GLY I 291 -35.03 -45.48 22.85
N LEU I 292 -35.52 -46.56 23.45
CA LEU I 292 -36.23 -46.45 24.72
C LEU I 292 -35.28 -45.87 25.75
N GLU I 293 -34.01 -46.25 25.64
CA GLU I 293 -32.97 -45.73 26.50
C GLU I 293 -32.81 -44.23 26.26
N ILE I 294 -32.78 -43.87 24.98
CA ILE I 294 -32.69 -42.48 24.54
C ILE I 294 -33.93 -41.68 24.90
N LEU I 295 -35.10 -42.26 24.73
CA LEU I 295 -36.34 -41.57 25.03
C LEU I 295 -36.39 -41.27 26.52
N SER I 296 -35.94 -42.23 27.32
CA SER I 296 -35.97 -42.05 28.75
C SER I 296 -35.12 -40.86 29.14
N LEU I 297 -33.94 -40.76 28.54
CA LEU I 297 -33.04 -39.68 28.87
C LEU I 297 -33.67 -38.35 28.47
N PHE I 298 -34.36 -38.35 27.33
CA PHE I 298 -34.99 -37.14 26.81
C PHE I 298 -36.06 -36.63 27.77
N VAL I 299 -36.84 -37.54 28.33
CA VAL I 299 -37.89 -37.18 29.28
C VAL I 299 -37.59 -37.52 30.75
N ASN I 300 -36.40 -38.04 31.01
CA ASN I 300 -35.95 -38.30 32.37
C ASN I 300 -36.74 -39.25 33.29
N MET I 301 -37.24 -40.37 32.77
CA MET I 301 -37.95 -41.32 33.62
C MET I 301 -37.54 -42.80 33.50
N LYS I 302 -37.63 -43.55 34.59
CA LYS I 302 -37.32 -44.96 34.56
C LYS I 302 -38.03 -45.48 33.32
N LYS I 303 -37.39 -46.41 32.61
CA LYS I 303 -37.88 -46.78 31.29
C LYS I 303 -39.29 -47.34 31.38
N ALA I 304 -39.55 -48.15 32.40
CA ALA I 304 -40.88 -48.71 32.56
C ALA I 304 -41.92 -47.62 32.80
N ASP I 305 -41.57 -46.65 33.62
CA ASP I 305 -42.46 -45.54 33.92
C ASP I 305 -42.95 -44.86 32.65
N LEU I 306 -42.33 -45.17 31.52
CA LEU I 306 -42.69 -44.53 30.27
C LEU I 306 -44.04 -45.02 29.77
N PRO I 307 -44.81 -44.09 29.20
CA PRO I 307 -46.19 -44.31 28.83
C PRO I 307 -46.34 -45.30 27.70
N GLU I 308 -47.52 -45.88 27.59
CA GLU I 308 -47.80 -46.90 26.59
C GLU I 308 -47.62 -46.32 25.20
N GLN I 309 -47.85 -45.02 25.07
CA GLN I 309 -47.77 -44.40 23.76
C GLN I 309 -46.37 -44.53 23.19
N ALA I 310 -45.38 -44.43 24.07
CA ALA I 310 -43.98 -44.30 23.65
C ALA I 310 -43.50 -45.41 22.73
N HIS I 311 -43.93 -46.63 22.99
CA HIS I 311 -43.40 -47.78 22.25
C HIS I 311 -43.66 -47.66 20.77
N SER I 312 -44.81 -47.12 20.42
CA SER I 312 -45.29 -47.14 19.04
C SER I 312 -44.62 -46.11 18.17
N ILE I 313 -44.34 -44.94 18.74
CA ILE I 313 -43.73 -43.88 17.98
C ILE I 313 -42.33 -44.28 17.52
N ILE I 314 -41.66 -45.09 18.32
CA ILE I 314 -40.31 -45.50 17.96
C ILE I 314 -40.36 -46.34 16.69
N LYS I 315 -41.48 -47.04 16.50
CA LYS I 315 -41.63 -47.86 15.30
C LYS I 315 -41.59 -46.99 14.06
N GLU I 316 -42.21 -45.83 14.18
CA GLU I 316 -42.21 -44.81 13.15
C GLU I 316 -40.80 -44.30 12.94
N CYS I 317 -40.07 -44.13 14.05
CA CYS I 317 -38.75 -43.53 13.97
C CYS I 317 -37.86 -44.33 13.01
N LYS I 318 -37.95 -45.64 13.08
CA LYS I 318 -37.15 -46.47 12.19
C LYS I 318 -35.68 -46.27 12.46
N GLY I 319 -35.35 -45.87 13.68
CA GLY I 319 -33.96 -45.75 14.08
C GLY I 319 -33.18 -44.55 13.55
N SER I 320 -33.83 -43.57 12.96
CA SER I 320 -33.05 -42.46 12.52
C SER I 320 -32.96 -41.67 13.80
N PRO I 321 -31.82 -41.79 14.48
CA PRO I 321 -31.61 -41.14 15.77
C PRO I 321 -31.93 -39.66 15.68
N LEU I 322 -31.89 -39.13 14.47
CA LEU I 322 -32.21 -37.74 14.26
C LEU I 322 -33.68 -37.57 14.55
N VAL I 323 -34.51 -38.51 14.12
CA VAL I 323 -35.95 -38.45 14.44
C VAL I 323 -36.25 -38.59 15.94
N VAL I 324 -35.53 -39.46 16.62
CA VAL I 324 -35.68 -39.70 18.04
C VAL I 324 -35.27 -38.48 18.86
N SER I 325 -34.10 -37.95 18.56
CA SER I 325 -33.71 -36.73 19.23
C SER I 325 -34.71 -35.67 18.84
N LEU I 326 -35.11 -35.66 17.57
CA LEU I 326 -36.05 -34.64 17.13
C LEU I 326 -37.40 -34.72 17.82
N ILE I 327 -37.95 -35.93 17.93
CA ILE I 327 -39.14 -36.12 18.76
C ILE I 327 -38.79 -35.86 20.22
N GLY I 328 -37.65 -36.38 20.68
CA GLY I 328 -37.38 -36.34 22.10
C GLY I 328 -37.27 -34.93 22.65
N ALA I 329 -36.52 -34.08 21.99
CA ALA I 329 -36.40 -32.70 22.41
C ALA I 329 -37.75 -32.05 22.31
N LEU I 330 -38.49 -32.43 21.26
CA LEU I 330 -39.76 -31.79 20.99
C LEU I 330 -40.64 -32.04 22.18
N LEU I 331 -40.54 -33.21 22.75
CA LEU I 331 -41.29 -33.54 23.95
C LEU I 331 -40.79 -32.83 25.19
N ARG I 332 -39.58 -32.31 25.21
CA ARG I 332 -39.12 -31.78 26.49
C ARG I 332 -40.03 -30.63 26.89
N ASP I 333 -40.38 -29.82 25.91
CA ASP I 333 -41.28 -28.69 26.12
C ASP I 333 -42.71 -29.06 26.49
N PHE I 334 -43.26 -30.08 25.85
CA PHE I 334 -44.68 -30.38 26.04
C PHE I 334 -44.93 -31.83 26.39
N PRO I 335 -44.65 -32.19 27.63
CA PRO I 335 -44.82 -33.59 28.08
C PRO I 335 -46.26 -34.09 27.94
N ASN I 336 -47.22 -33.16 27.99
CA ASN I 336 -48.63 -33.50 27.91
C ASN I 336 -49.08 -33.94 26.52
N ARG I 337 -48.57 -33.32 25.47
CA ARG I 337 -49.02 -33.65 24.12
C ARG I 337 -48.29 -34.87 23.59
N TRP I 338 -48.29 -35.95 24.37
CA TRP I 338 -47.62 -37.19 23.96
C TRP I 338 -48.21 -37.94 22.77
N GLU I 339 -49.51 -38.19 22.75
CA GLU I 339 -50.13 -38.94 21.65
C GLU I 339 -50.02 -38.23 20.30
N TYR I 340 -50.22 -36.91 20.36
CA TYR I 340 -50.30 -36.00 19.25
C TYR I 340 -49.24 -36.30 18.22
N TYR I 341 -47.98 -36.35 18.65
CA TYR I 341 -46.89 -36.63 17.74
C TYR I 341 -46.93 -38.06 17.26
N LEU I 342 -47.52 -38.93 18.05
CA LEU I 342 -47.67 -40.32 17.65
C LEU I 342 -48.55 -40.38 16.41
N LYS I 343 -49.71 -39.75 16.48
CA LYS I 343 -50.61 -39.69 15.35
C LYS I 343 -50.00 -38.86 14.23
N GLN I 344 -49.11 -37.94 14.60
CA GLN I 344 -48.48 -37.08 13.63
C GLN I 344 -47.57 -37.87 12.71
N LEU I 345 -46.75 -38.74 13.32
CA LEU I 345 -45.91 -39.62 12.54
C LEU I 345 -46.76 -40.70 11.88
N GLN I 346 -47.92 -41.00 12.45
CA GLN I 346 -48.87 -41.87 11.77
C GLN I 346 -49.38 -41.19 10.51
N ASN I 347 -49.41 -39.86 10.55
CA ASN I 347 -49.76 -39.03 9.40
C ASN I 347 -48.74 -39.20 8.28
N LYS I 348 -47.47 -39.34 8.65
CA LYS I 348 -46.39 -39.49 7.70
C LYS I 348 -45.80 -38.18 7.17
N GLN I 349 -46.25 -37.04 7.70
CA GLN I 349 -45.64 -35.77 7.34
C GLN I 349 -44.69 -35.23 8.39
N PHE I 350 -43.51 -34.82 7.96
CA PHE I 350 -42.44 -34.45 8.88
C PHE I 350 -42.30 -32.95 9.01
N LYS I 351 -43.20 -32.22 8.35
CA LYS I 351 -43.22 -30.77 8.43
C LYS I 351 -43.62 -30.31 9.84
N ARG I 352 -44.37 -31.16 10.53
CA ARG I 352 -44.84 -30.86 11.88
C ARG I 352 -43.72 -30.91 12.91
N ILE I 353 -42.78 -31.83 12.75
CA ILE I 353 -41.71 -31.98 13.73
C ILE I 353 -40.56 -31.01 13.45
N ARG I 354 -40.27 -30.12 14.39
CA ARG I 354 -39.11 -29.24 14.24
C ARG I 354 -38.49 -28.90 15.58
N LYS I 355 -37.18 -28.86 15.62
CA LYS I 355 -36.48 -28.39 16.80
C LYS I 355 -35.20 -27.71 16.36
N SER I 356 -34.85 -26.61 17.02
CA SER I 356 -33.52 -26.08 16.86
C SER I 356 -32.65 -27.10 17.58
N SER I 357 -31.49 -27.40 17.03
CA SER I 357 -30.66 -28.44 17.60
C SER I 357 -29.22 -28.23 17.22
N SER I 358 -28.32 -28.97 17.86
CA SER I 358 -26.91 -28.85 17.52
C SER I 358 -26.81 -29.22 16.06
N TYR I 359 -27.56 -30.24 15.67
CA TYR I 359 -27.63 -30.67 14.29
C TYR I 359 -28.11 -29.51 13.41
N ASP I 360 -27.69 -29.53 12.15
CA ASP I 360 -27.76 -28.38 11.25
C ASP I 360 -29.04 -28.22 10.43
N TYR I 361 -30.15 -28.72 10.95
CA TYR I 361 -31.38 -28.66 10.16
C TYR I 361 -32.61 -28.68 11.04
N GLU I 362 -33.64 -27.93 10.65
CA GLU I 362 -34.83 -27.84 11.50
C GLU I 362 -35.46 -29.21 11.70
N ALA I 363 -35.44 -30.00 10.64
CA ALA I 363 -36.13 -31.28 10.56
C ALA I 363 -35.62 -32.32 9.52
N LEU I 364 -36.08 -33.53 9.73
CA LEU I 364 -35.66 -34.69 8.95
C LEU I 364 -35.99 -34.49 7.49
N ASP I 365 -37.13 -33.87 7.21
CA ASP I 365 -37.45 -33.54 5.83
C ASP I 365 -36.35 -32.62 5.36
N GLU I 366 -35.87 -31.79 6.27
CA GLU I 366 -34.89 -30.76 5.94
C GLU I 366 -33.61 -31.42 5.42
N ALA I 367 -33.22 -32.52 6.03
CA ALA I 367 -31.98 -33.20 5.59
C ALA I 367 -31.99 -33.80 4.17
N MET I 368 -33.10 -34.44 3.84
CA MET I 368 -33.27 -35.13 2.57
C MET I 368 -33.23 -34.14 1.42
N SER I 369 -33.84 -32.98 1.61
CA SER I 369 -33.85 -31.99 0.54
C SER I 369 -32.43 -31.63 0.10
N ILE I 370 -31.54 -31.54 1.08
CA ILE I 370 -30.14 -31.22 0.84
C ILE I 370 -29.47 -32.29 0.00
N SER I 371 -29.76 -33.56 0.27
CA SER I 371 -29.22 -34.64 -0.54
C SER I 371 -29.67 -34.65 -2.00
N VAL I 372 -30.95 -34.38 -2.24
CA VAL I 372 -31.51 -34.50 -3.58
C VAL I 372 -30.87 -33.57 -4.61
N GLU I 373 -30.52 -32.36 -4.19
CA GLU I 373 -30.15 -31.31 -5.13
C GLU I 373 -28.94 -31.64 -5.99
N MET I 374 -27.94 -32.28 -5.40
CA MET I 374 -26.64 -32.44 -6.05
C MET I 374 -26.65 -33.13 -7.41
N LEU I 375 -27.57 -34.07 -7.58
CA LEU I 375 -27.54 -34.93 -8.73
C LEU I 375 -27.61 -34.10 -10.00
N ARG I 376 -26.84 -34.53 -11.00
CA ARG I 376 -26.76 -33.87 -12.29
C ARG I 376 -28.11 -33.94 -12.96
N GLU I 377 -28.47 -32.89 -13.69
CA GLU I 377 -29.84 -32.69 -14.10
C GLU I 377 -30.38 -33.93 -14.80
N ASP I 378 -29.55 -34.58 -15.61
CA ASP I 378 -30.03 -35.74 -16.33
C ASP I 378 -30.46 -36.83 -15.36
N ILE I 379 -29.67 -37.06 -14.33
CA ILE I 379 -30.03 -38.04 -13.30
C ILE I 379 -31.27 -37.64 -12.51
N LYS I 380 -31.42 -36.34 -12.28
CA LYS I 380 -32.36 -35.85 -11.27
C LYS I 380 -33.79 -36.25 -11.56
N ASP I 381 -34.16 -36.22 -12.83
CA ASP I 381 -35.52 -36.57 -13.24
C ASP I 381 -35.79 -38.03 -12.89
N TYR I 382 -34.78 -38.88 -13.07
CA TYR I 382 -34.96 -40.31 -12.89
C TYR I 382 -35.34 -40.63 -11.46
N TYR I 383 -34.70 -39.99 -10.49
CA TYR I 383 -35.02 -40.36 -9.13
C TYR I 383 -36.51 -40.34 -8.86
N THR I 384 -37.21 -39.36 -9.42
CA THR I 384 -38.62 -39.19 -9.12
C THR I 384 -39.41 -40.42 -9.55
N ASP I 385 -39.03 -41.00 -10.67
CA ASP I 385 -39.68 -42.19 -11.15
C ASP I 385 -39.49 -43.20 -10.03
N LEU I 386 -38.32 -43.13 -9.40
CA LEU I 386 -37.96 -44.09 -8.37
C LEU I 386 -38.90 -43.95 -7.18
N SER I 387 -39.65 -42.86 -7.18
CA SER I 387 -40.57 -42.50 -6.10
C SER I 387 -41.68 -43.51 -5.93
N ILE I 388 -42.16 -44.05 -7.05
CA ILE I 388 -43.33 -44.90 -7.04
C ILE I 388 -43.10 -46.15 -6.20
N LEU I 389 -41.88 -46.66 -6.16
CA LEU I 389 -41.61 -47.97 -5.55
C LEU I 389 -42.00 -48.09 -4.07
N GLN I 390 -42.54 -49.27 -3.71
CA GLN I 390 -43.12 -49.56 -2.42
C GLN I 390 -42.11 -49.23 -1.33
N LYS I 391 -42.59 -49.09 -0.10
CA LYS I 391 -41.70 -48.83 1.02
C LYS I 391 -40.76 -50.03 1.16
N ASP I 392 -41.32 -51.22 1.05
CA ASP I 392 -40.55 -52.43 1.33
C ASP I 392 -40.64 -53.50 0.25
N VAL I 393 -40.15 -53.17 -0.93
CA VAL I 393 -40.07 -54.14 -2.01
C VAL I 393 -38.66 -54.09 -2.56
N LYS I 394 -38.03 -55.25 -2.68
CA LYS I 394 -36.77 -55.30 -3.38
C LYS I 394 -37.16 -55.66 -4.80
N VAL I 395 -37.19 -54.66 -5.67
CA VAL I 395 -37.59 -54.93 -7.05
C VAL I 395 -36.43 -55.42 -7.88
N PRO I 396 -36.70 -56.43 -8.70
CA PRO I 396 -35.72 -56.92 -9.66
C PRO I 396 -35.41 -55.81 -10.64
N THR I 397 -34.14 -55.65 -10.97
CA THR I 397 -33.67 -54.55 -11.80
C THR I 397 -34.51 -54.30 -13.04
N LYS I 398 -34.98 -55.38 -13.66
CA LYS I 398 -35.66 -55.31 -14.95
C LYS I 398 -36.80 -54.29 -14.99
N VAL I 399 -37.65 -54.31 -13.97
CA VAL I 399 -38.83 -53.45 -13.96
C VAL I 399 -38.40 -51.99 -14.05
N LEU I 400 -37.25 -51.69 -13.47
CA LEU I 400 -36.69 -50.36 -13.58
C LEU I 400 -36.25 -50.12 -15.01
N CYS I 401 -35.80 -51.20 -15.67
CA CYS I 401 -35.41 -51.09 -17.06
C CYS I 401 -36.62 -50.75 -17.91
N ILE I 402 -37.73 -51.41 -17.60
CA ILE I 402 -38.97 -51.23 -18.35
C ILE I 402 -39.53 -49.81 -18.22
N LEU I 403 -39.56 -49.29 -17.01
CA LEU I 403 -40.09 -47.95 -16.82
C LEU I 403 -39.21 -46.94 -17.52
N TRP I 404 -37.91 -47.10 -17.34
CA TRP I 404 -36.94 -46.25 -18.01
C TRP I 404 -36.93 -46.43 -19.52
N ASP I 405 -37.10 -47.68 -19.95
CA ASP I 405 -37.03 -48.01 -21.37
C ASP I 405 -35.58 -47.92 -21.82
N MET I 406 -34.66 -48.03 -20.87
CA MET I 406 -33.23 -47.91 -21.15
C MET I 406 -32.47 -49.20 -20.87
N GLU I 407 -31.53 -49.56 -21.74
CA GLU I 407 -30.93 -50.89 -21.72
C GLU I 407 -30.23 -51.22 -20.40
N THR I 408 -30.26 -52.50 -20.04
CA THR I 408 -29.90 -52.97 -18.70
C THR I 408 -28.47 -52.71 -18.22
N GLU I 409 -27.48 -52.84 -19.10
CA GLU I 409 -26.10 -52.65 -18.71
C GLU I 409 -25.96 -51.22 -18.22
N GLU I 410 -26.63 -50.31 -18.92
CA GLU I 410 -26.66 -48.90 -18.57
C GLU I 410 -27.45 -48.58 -17.30
N VAL I 411 -28.60 -49.23 -17.14
CA VAL I 411 -29.51 -48.88 -16.06
C VAL I 411 -28.92 -49.13 -14.69
N GLU I 412 -28.14 -50.19 -14.57
CA GLU I 412 -27.56 -50.57 -13.29
C GLU I 412 -26.64 -49.48 -12.79
N ASP I 413 -25.89 -48.87 -13.70
CA ASP I 413 -24.80 -47.99 -13.30
C ASP I 413 -25.32 -46.71 -12.68
N ILE I 414 -26.41 -46.19 -13.23
CA ILE I 414 -27.00 -44.98 -12.66
C ILE I 414 -27.45 -45.30 -11.24
N LEU I 415 -28.00 -46.49 -11.07
CA LEU I 415 -28.43 -46.92 -9.76
C LEU I 415 -27.24 -47.10 -8.83
N GLN I 416 -26.11 -47.52 -9.39
CA GLN I 416 -24.91 -47.65 -8.60
C GLN I 416 -24.49 -46.29 -8.11
N GLU I 417 -24.65 -45.27 -8.94
CA GLU I 417 -24.34 -43.91 -8.56
C GLU I 417 -25.26 -43.47 -7.43
N PHE I 418 -26.52 -43.86 -7.49
CA PHE I 418 -27.44 -43.56 -6.41
C PHE I 418 -26.95 -44.22 -5.14
N VAL I 419 -26.60 -45.48 -5.22
CA VAL I 419 -26.33 -46.21 -4.00
C VAL I 419 -25.22 -45.46 -3.32
N ASN I 420 -24.26 -44.98 -4.11
CA ASN I 420 -23.21 -44.18 -3.54
C ASN I 420 -23.77 -42.92 -2.92
N LYS I 421 -24.69 -42.26 -3.62
CA LYS I 421 -25.35 -41.11 -3.01
C LYS I 421 -26.10 -41.50 -1.76
N SER I 422 -26.07 -42.80 -1.43
CA SER I 422 -26.74 -43.33 -0.26
C SER I 422 -28.21 -42.97 -0.28
N LEU I 423 -28.81 -42.99 -1.47
CA LEU I 423 -30.22 -42.67 -1.61
C LEU I 423 -31.02 -43.89 -2.04
N LEU I 424 -30.37 -45.04 -2.04
CA LEU I 424 -31.00 -46.28 -2.49
C LEU I 424 -30.11 -47.47 -2.18
N PHE I 425 -30.49 -48.25 -1.18
CA PHE I 425 -29.66 -49.35 -0.70
C PHE I 425 -29.52 -50.51 -1.68
N CYS I 426 -28.30 -51.03 -1.76
CA CYS I 426 -27.97 -52.17 -2.61
C CYS I 426 -28.38 -53.50 -2.02
N ASP I 427 -28.59 -54.48 -2.89
CA ASP I 427 -28.84 -55.84 -2.46
C ASP I 427 -28.13 -56.85 -3.37
N ARG I 428 -26.94 -57.26 -2.95
CA ARG I 428 -26.19 -58.22 -3.74
C ARG I 428 -26.64 -59.65 -3.41
N ASN I 429 -27.85 -59.99 -3.82
CA ASN I 429 -28.33 -61.34 -3.71
C ASN I 429 -28.09 -61.98 -5.05
N GLY I 430 -27.06 -62.81 -5.11
CA GLY I 430 -26.77 -63.54 -6.34
C GLY I 430 -26.55 -62.56 -7.46
N LYS I 431 -26.74 -63.01 -8.69
CA LYS I 431 -26.62 -62.14 -9.84
C LYS I 431 -27.66 -61.04 -9.71
N SER I 432 -28.84 -61.42 -9.24
CA SER I 432 -29.95 -60.49 -9.10
C SER I 432 -29.63 -59.38 -8.10
N PHE I 433 -30.14 -58.20 -8.40
CA PHE I 433 -30.03 -57.06 -7.52
C PHE I 433 -31.42 -56.52 -7.21
N ARG I 434 -31.70 -56.34 -5.93
CA ARG I 434 -32.91 -55.66 -5.52
C ARG I 434 -32.48 -54.42 -4.79
N TYR I 435 -32.88 -53.28 -5.31
CA TYR I 435 -32.70 -52.03 -4.60
C TYR I 435 -33.95 -51.62 -3.84
N TYR I 436 -33.76 -50.98 -2.69
CA TYR I 436 -34.89 -50.58 -1.85
C TYR I 436 -34.49 -49.45 -0.93
N LEU I 437 -35.48 -48.88 -0.25
CA LEU I 437 -35.32 -47.66 0.51
C LEU I 437 -35.65 -47.84 1.98
N HIS I 438 -35.27 -46.85 2.77
CA HIS I 438 -35.72 -46.73 4.14
C HIS I 438 -37.12 -46.16 4.14
N ASP I 439 -37.88 -46.48 5.19
CA ASP I 439 -39.23 -45.99 5.33
C ASP I 439 -39.24 -44.46 5.32
N LEU I 440 -38.17 -43.88 5.85
CA LEU I 440 -38.02 -42.43 5.89
C LEU I 440 -37.78 -41.88 4.48
N GLN I 441 -36.95 -42.58 3.71
CA GLN I 441 -36.62 -42.19 2.35
C GLN I 441 -37.87 -42.21 1.48
N VAL I 442 -38.70 -43.24 1.67
CA VAL I 442 -39.92 -43.38 0.89
C VAL I 442 -40.90 -42.26 1.24
N ASP I 443 -41.03 -42.01 2.54
CA ASP I 443 -41.97 -41.01 3.02
C ASP I 443 -41.59 -39.65 2.48
N PHE I 444 -40.30 -39.36 2.42
CA PHE I 444 -39.86 -38.07 1.95
C PHE I 444 -40.35 -37.94 0.52
N LEU I 445 -40.28 -39.02 -0.23
CA LEU I 445 -40.59 -38.96 -1.66
C LEU I 445 -42.01 -38.51 -1.90
N THR I 446 -42.94 -39.15 -1.20
CA THR I 446 -44.35 -38.81 -1.35
C THR I 446 -44.55 -37.40 -0.85
N GLU I 447 -43.79 -37.02 0.17
CA GLU I 447 -43.88 -35.68 0.73
C GLU I 447 -43.48 -34.64 -0.32
N LYS I 448 -42.46 -34.98 -1.10
CA LYS I 448 -41.94 -34.05 -2.11
C LYS I 448 -42.31 -34.34 -3.59
N ASN I 449 -42.88 -35.50 -3.86
CA ASN I 449 -43.26 -35.87 -5.22
C ASN I 449 -44.70 -36.29 -5.45
N CYS I 450 -45.59 -36.01 -4.49
CA CYS I 450 -46.91 -36.62 -4.50
C CYS I 450 -47.78 -36.30 -5.73
N SER I 451 -47.75 -35.06 -6.20
CA SER I 451 -48.58 -34.67 -7.34
C SER I 451 -48.21 -35.45 -8.59
N GLN I 452 -46.91 -35.63 -8.81
CA GLN I 452 -46.42 -36.39 -9.94
C GLN I 452 -46.84 -37.85 -9.88
N LEU I 453 -46.83 -38.42 -8.68
CA LEU I 453 -46.93 -39.86 -8.50
C LEU I 453 -48.19 -40.46 -9.12
N GLN I 454 -49.33 -39.77 -8.93
CA GLN I 454 -50.57 -40.23 -9.52
C GLN I 454 -50.43 -40.23 -11.03
N ASP I 455 -49.76 -39.21 -11.55
CA ASP I 455 -49.56 -39.06 -12.98
C ASP I 455 -48.63 -40.13 -13.56
N LEU I 456 -47.53 -40.41 -12.89
CA LEU I 456 -46.51 -41.30 -13.45
C LEU I 456 -46.96 -42.75 -13.64
N HIS I 457 -47.72 -43.23 -12.66
CA HIS I 457 -48.03 -44.64 -12.52
C HIS I 457 -48.65 -45.05 -13.83
N LYS I 458 -49.40 -44.14 -14.42
CA LYS I 458 -50.00 -44.39 -15.71
C LYS I 458 -48.83 -44.62 -16.64
N LYS I 459 -47.73 -43.90 -16.40
CA LYS I 459 -46.55 -43.97 -17.26
C LYS I 459 -45.93 -45.37 -17.24
N ILE I 460 -45.86 -46.00 -16.08
CA ILE I 460 -45.30 -47.35 -16.00
C ILE I 460 -46.15 -48.41 -16.70
N ILE I 461 -47.46 -48.32 -16.52
CA ILE I 461 -48.35 -49.33 -17.07
C ILE I 461 -48.28 -49.35 -18.59
N THR I 462 -48.26 -48.18 -19.20
CA THR I 462 -48.29 -48.11 -20.66
C THR I 462 -47.02 -48.72 -21.24
N GLN I 463 -45.91 -48.50 -20.55
CA GLN I 463 -44.63 -49.08 -20.96
C GLN I 463 -44.69 -50.60 -20.88
N PHE I 464 -45.32 -51.13 -19.84
CA PHE I 464 -45.45 -52.56 -19.69
C PHE I 464 -46.33 -53.10 -20.80
N GLN I 465 -47.29 -52.28 -21.21
CA GLN I 465 -48.15 -52.62 -22.34
C GLN I 465 -47.35 -52.63 -23.64
N ARG I 466 -46.33 -51.79 -23.72
CA ARG I 466 -45.49 -51.77 -24.92
C ARG I 466 -44.63 -53.02 -24.96
N TYR I 467 -44.52 -53.67 -23.81
CA TYR I 467 -43.88 -54.97 -23.74
C TYR I 467 -44.90 -56.04 -23.40
N HIS I 468 -44.61 -56.83 -22.37
CA HIS I 468 -45.42 -58.00 -22.07
C HIS I 468 -46.86 -57.66 -21.70
N GLN I 469 -47.80 -58.38 -22.31
CA GLN I 469 -49.18 -58.35 -21.87
C GLN I 469 -49.33 -59.29 -20.67
N PRO I 470 -50.33 -59.04 -19.79
CA PRO I 470 -50.46 -59.88 -18.60
C PRO I 470 -50.64 -61.36 -18.91
N HIS I 471 -51.33 -61.68 -20.00
CA HIS I 471 -51.40 -63.06 -20.47
C HIS I 471 -50.08 -63.48 -21.09
N THR I 472 -49.34 -62.51 -21.59
CA THR I 472 -48.08 -62.74 -22.27
C THR I 472 -46.96 -62.87 -21.24
N LEU I 473 -47.31 -62.67 -19.97
CA LEU I 473 -46.37 -62.88 -18.87
C LEU I 473 -45.97 -64.34 -18.72
N SER I 474 -44.75 -64.59 -18.25
CA SER I 474 -44.23 -65.95 -18.13
C SER I 474 -43.57 -66.27 -16.78
N PRO I 475 -43.55 -67.55 -16.42
CA PRO I 475 -43.01 -67.96 -15.11
C PRO I 475 -41.50 -67.77 -14.94
N ASP I 476 -40.75 -67.93 -16.03
CA ASP I 476 -39.29 -67.87 -15.99
C ASP I 476 -38.75 -66.47 -15.76
N GLN I 477 -39.37 -65.49 -16.42
CA GLN I 477 -38.94 -64.10 -16.31
C GLN I 477 -38.81 -63.69 -14.84
N GLU I 478 -37.71 -63.03 -14.50
CA GLU I 478 -37.46 -62.60 -13.13
C GLU I 478 -38.46 -61.57 -12.58
N ASP I 479 -38.85 -60.62 -13.41
CA ASP I 479 -39.66 -59.49 -13.00
C ASP I 479 -41.12 -59.84 -12.66
N CYS I 480 -41.59 -60.95 -13.21
CA CYS I 480 -43.03 -61.20 -13.28
C CYS I 480 -43.71 -61.22 -11.92
N MET I 481 -43.05 -61.78 -10.92
CA MET I 481 -43.69 -61.92 -9.62
C MET I 481 -43.98 -60.55 -9.04
N TYR I 482 -43.10 -59.61 -9.31
CA TYR I 482 -43.32 -58.23 -8.90
C TYR I 482 -44.56 -57.68 -9.58
N TRP I 483 -44.64 -58.14 -10.82
CA TRP I 483 -45.55 -57.74 -11.84
C TRP I 483 -46.99 -58.03 -11.56
N TYR I 484 -47.29 -59.23 -11.05
CA TYR I 484 -48.65 -59.51 -10.70
C TYR I 484 -49.06 -58.61 -9.55
N ASN I 485 -48.32 -58.72 -8.45
CA ASN I 485 -48.64 -58.02 -7.20
C ASN I 485 -48.59 -56.49 -7.25
N PHE I 486 -47.57 -55.94 -7.90
CA PHE I 486 -47.44 -54.52 -8.01
C PHE I 486 -47.98 -54.07 -9.34
N LEU I 487 -48.21 -55.01 -10.24
CA LEU I 487 -48.92 -54.69 -11.45
C LEU I 487 -50.31 -54.30 -10.97
N ALA I 488 -50.85 -55.12 -10.08
CA ALA I 488 -52.18 -54.86 -9.58
C ALA I 488 -52.13 -53.53 -8.88
N TYR I 489 -51.05 -53.31 -8.15
CA TYR I 489 -50.92 -52.10 -7.37
C TYR I 489 -50.92 -50.82 -8.21
N HIS I 490 -50.17 -50.79 -9.31
CA HIS I 490 -49.95 -49.53 -10.03
C HIS I 490 -51.21 -48.93 -10.66
N MET I 491 -51.99 -49.80 -11.27
CA MET I 491 -53.26 -49.49 -11.91
C MET I 491 -54.20 -48.78 -10.94
N ALA I 492 -54.07 -49.10 -9.66
CA ALA I 492 -54.94 -48.51 -8.67
C ALA I 492 -54.63 -47.03 -8.53
N SER I 493 -53.34 -46.72 -8.42
CA SER I 493 -52.90 -45.34 -8.36
C SER I 493 -53.31 -44.67 -9.66
N ALA I 494 -53.19 -45.41 -10.75
CA ALA I 494 -53.43 -44.86 -12.07
C ALA I 494 -54.82 -44.25 -12.00
N LYS I 495 -55.69 -44.90 -11.24
CA LYS I 495 -57.06 -44.44 -11.09
C LYS I 495 -57.89 -44.90 -12.29
N MET I 496 -57.28 -45.71 -13.15
CA MET I 496 -57.98 -46.20 -14.32
C MET I 496 -58.67 -47.48 -13.91
N HIS I 497 -59.99 -47.41 -13.83
CA HIS I 497 -60.80 -48.52 -13.37
C HIS I 497 -61.15 -49.50 -14.48
N LYS I 498 -61.31 -48.99 -15.70
CA LYS I 498 -61.59 -49.86 -16.83
C LYS I 498 -60.39 -50.75 -17.12
N GLU I 499 -59.19 -50.16 -17.00
CA GLU I 499 -57.96 -50.94 -17.16
C GLU I 499 -57.82 -51.94 -16.03
N LEU I 500 -58.31 -51.53 -14.86
CA LEU I 500 -58.24 -52.39 -13.70
C LEU I 500 -59.12 -53.61 -13.94
N CYS I 501 -60.23 -53.38 -14.64
CA CYS I 501 -61.09 -54.44 -15.10
C CYS I 501 -60.39 -55.28 -16.16
N ALA I 502 -59.55 -54.63 -16.95
CA ALA I 502 -58.81 -55.30 -18.01
C ALA I 502 -57.81 -56.29 -17.41
N LEU I 503 -57.37 -56.00 -16.19
CA LEU I 503 -56.40 -56.90 -15.54
C LEU I 503 -57.00 -57.81 -14.48
N MET I 504 -57.36 -57.26 -13.33
CA MET I 504 -57.67 -58.08 -12.17
C MET I 504 -58.83 -59.04 -12.39
N PHE I 505 -59.80 -58.61 -13.18
CA PHE I 505 -61.00 -59.39 -13.42
C PHE I 505 -60.64 -60.70 -14.11
N SER I 506 -59.68 -60.61 -15.03
CA SER I 506 -59.38 -61.73 -15.91
C SER I 506 -59.17 -62.98 -15.09
N LEU I 507 -60.03 -63.96 -15.31
CA LEU I 507 -60.00 -65.19 -14.52
C LEU I 507 -58.72 -65.99 -14.74
N ASP I 508 -58.19 -65.93 -15.96
CA ASP I 508 -56.96 -66.64 -16.28
C ASP I 508 -55.79 -66.02 -15.54
N TRP I 509 -55.86 -64.71 -15.36
CA TRP I 509 -54.85 -63.99 -14.59
C TRP I 509 -54.90 -64.45 -13.16
N ILE I 510 -56.11 -64.73 -12.70
CA ILE I 510 -56.33 -65.29 -11.39
C ILE I 510 -55.73 -66.69 -11.33
N LYS I 511 -55.81 -67.39 -12.46
CA LYS I 511 -55.32 -68.76 -12.52
C LYS I 511 -53.81 -68.79 -12.35
N ALA I 512 -53.12 -67.98 -13.15
CA ALA I 512 -51.68 -67.94 -13.06
C ALA I 512 -51.23 -67.39 -11.71
N LYS I 513 -51.98 -66.41 -11.20
CA LYS I 513 -51.58 -65.79 -9.94
C LYS I 513 -51.72 -66.78 -8.80
N THR I 514 -52.77 -67.59 -8.88
CA THR I 514 -53.04 -68.65 -7.92
C THR I 514 -51.92 -69.65 -8.01
N GLU I 515 -51.43 -69.86 -9.23
CA GLU I 515 -50.51 -70.95 -9.55
C GLU I 515 -49.19 -70.86 -8.79
N LEU I 516 -48.62 -69.66 -8.71
CA LEU I 516 -47.37 -69.44 -7.96
C LEU I 516 -47.47 -68.51 -6.73
N VAL I 517 -48.47 -67.64 -6.71
CA VAL I 517 -48.74 -66.73 -5.61
C VAL I 517 -49.52 -67.36 -4.47
N GLY I 518 -50.51 -68.18 -4.82
CA GLY I 518 -51.43 -68.70 -3.84
C GLY I 518 -52.67 -67.82 -3.78
N PRO I 519 -53.73 -68.34 -3.18
CA PRO I 519 -55.03 -67.65 -3.20
C PRO I 519 -55.26 -66.64 -2.07
N ALA I 520 -54.19 -66.13 -1.46
CA ALA I 520 -54.35 -65.11 -0.45
C ALA I 520 -54.11 -63.70 -0.96
N HIS I 521 -53.10 -63.54 -1.81
CA HIS I 521 -52.77 -62.20 -2.26
C HIS I 521 -53.92 -61.55 -3.02
N LEU I 522 -54.61 -62.35 -3.82
CA LEU I 522 -55.72 -61.87 -4.63
C LEU I 522 -56.84 -61.34 -3.74
N ILE I 523 -57.11 -62.04 -2.64
CA ILE I 523 -58.13 -61.61 -1.70
C ILE I 523 -57.76 -60.27 -1.07
N HIS I 524 -56.48 -60.13 -0.73
CA HIS I 524 -55.98 -58.88 -0.15
C HIS I 524 -56.11 -57.74 -1.15
N GLU I 525 -55.80 -58.04 -2.40
CA GLU I 525 -55.92 -57.06 -3.48
C GLU I 525 -57.37 -56.63 -3.66
N PHE I 526 -58.28 -57.59 -3.52
CA PHE I 526 -59.70 -57.35 -3.74
C PHE I 526 -60.25 -56.32 -2.76
N VAL I 527 -59.80 -56.39 -1.51
CA VAL I 527 -60.29 -55.44 -0.52
C VAL I 527 -59.88 -54.03 -0.94
N GLU I 528 -58.65 -53.90 -1.42
CA GLU I 528 -58.17 -52.64 -1.98
C GLU I 528 -58.98 -52.32 -3.23
N TYR I 529 -59.32 -53.37 -3.95
CA TYR I 529 -60.00 -53.27 -5.24
C TYR I 529 -61.38 -52.60 -5.13
N ARG I 530 -62.08 -52.90 -4.05
CA ARG I 530 -63.47 -52.50 -3.89
C ARG I 530 -63.71 -50.98 -3.89
N HIS I 531 -62.85 -50.25 -3.19
CA HIS I 531 -62.89 -48.79 -3.18
C HIS I 531 -62.57 -48.21 -4.55
N ILE I 532 -61.60 -48.81 -5.22
CA ILE I 532 -61.06 -48.29 -6.47
C ILE I 532 -62.04 -48.21 -7.64
N LEU I 533 -62.89 -49.22 -7.77
CA LEU I 533 -63.78 -49.29 -8.93
C LEU I 533 -65.19 -48.75 -8.66
N ASP I 534 -66.19 -49.63 -8.66
CA ASP I 534 -67.58 -49.22 -8.49
C ASP I 534 -68.32 -50.09 -7.49
N GLU I 535 -69.35 -49.54 -6.87
CA GLU I 535 -70.15 -50.26 -5.89
C GLU I 535 -70.87 -51.44 -6.55
N LYS I 536 -71.38 -51.22 -7.76
CA LYS I 536 -72.09 -52.27 -8.48
C LYS I 536 -71.16 -53.44 -8.79
N ASP I 537 -69.93 -53.13 -9.19
CA ASP I 537 -68.92 -54.15 -9.40
C ASP I 537 -68.61 -54.84 -8.07
N CYS I 538 -68.56 -54.03 -7.03
CA CYS I 538 -68.30 -54.52 -5.67
C CYS I 538 -69.06 -55.82 -5.46
N ALA I 539 -70.29 -55.85 -5.98
CA ALA I 539 -71.11 -57.05 -5.92
C ALA I 539 -70.42 -58.14 -6.72
N VAL I 540 -69.86 -57.76 -7.86
CA VAL I 540 -69.15 -58.70 -8.71
C VAL I 540 -67.98 -59.24 -7.89
N SER I 541 -67.34 -58.35 -7.16
CA SER I 541 -66.25 -58.72 -6.27
C SER I 541 -66.78 -59.60 -5.15
N GLU I 542 -68.01 -59.32 -4.72
CA GLU I 542 -68.66 -60.11 -3.69
C GLU I 542 -68.93 -61.51 -4.23
N ASN I 543 -69.32 -61.59 -5.49
CA ASN I 543 -69.56 -62.86 -6.15
C ASN I 543 -68.28 -63.66 -6.33
N PHE I 544 -67.19 -62.95 -6.63
CA PHE I 544 -65.89 -63.59 -6.81
C PHE I 544 -65.34 -64.10 -5.48
N GLN I 545 -65.50 -63.32 -4.43
CA GLN I 545 -65.04 -63.72 -3.11
C GLN I 545 -65.80 -64.97 -2.70
N GLU I 546 -67.08 -64.98 -3.03
CA GLU I 546 -67.92 -66.16 -2.79
C GLU I 546 -67.40 -67.33 -3.61
N PHE I 547 -66.87 -67.03 -4.80
CA PHE I 547 -66.28 -68.06 -5.64
C PHE I 547 -64.95 -68.54 -5.06
N LEU I 548 -64.34 -67.71 -4.24
CA LEU I 548 -63.07 -68.05 -3.61
C LEU I 548 -63.28 -68.95 -2.40
N SER I 549 -64.36 -68.69 -1.67
CA SER I 549 -64.68 -69.48 -0.49
C SER I 549 -64.53 -70.96 -0.77
N LEU I 550 -64.87 -71.37 -1.99
CA LEU I 550 -64.76 -72.77 -2.39
C LEU I 550 -63.34 -73.09 -2.85
N ASN I 551 -62.58 -72.05 -3.19
CA ASN I 551 -61.21 -72.22 -3.65
C ASN I 551 -60.16 -72.66 -2.61
N GLY I 552 -60.23 -72.12 -1.41
CA GLY I 552 -59.16 -72.32 -0.45
C GLY I 552 -58.87 -73.75 -0.02
N HIS I 553 -59.95 -74.52 0.20
CA HIS I 553 -59.85 -75.84 0.79
C HIS I 553 -59.08 -76.90 -0.01
N LEU I 554 -59.38 -76.98 -1.30
CA LEU I 554 -58.74 -77.98 -2.15
C LEU I 554 -57.99 -77.40 -3.34
N LEU I 555 -58.15 -76.11 -3.60
CA LEU I 555 -57.65 -75.49 -4.82
C LEU I 555 -56.13 -75.53 -5.01
N GLY I 556 -55.41 -75.29 -3.92
CA GLY I 556 -53.95 -75.24 -3.96
C GLY I 556 -53.21 -76.54 -4.24
N ARG I 557 -53.68 -77.62 -3.64
CA ARG I 557 -53.04 -78.93 -3.81
C ARG I 557 -52.11 -78.95 -5.02
N GLN I 558 -52.62 -79.45 -6.14
CA GLN I 558 -51.83 -79.56 -7.36
C GLN I 558 -52.74 -79.69 -8.58
N PRO I 559 -53.37 -80.85 -8.72
CA PRO I 559 -54.28 -81.07 -9.84
C PRO I 559 -55.31 -79.94 -9.94
N PHE I 560 -54.83 -78.71 -10.15
CA PHE I 560 -55.72 -77.56 -10.19
C PHE I 560 -56.98 -77.86 -11.00
N PRO I 561 -57.78 -78.80 -10.51
CA PRO I 561 -59.02 -79.18 -11.19
C PRO I 561 -59.52 -78.09 -12.15
N ASN I 562 -59.88 -78.47 -13.37
CA ASN I 562 -60.40 -77.51 -14.33
C ASN I 562 -61.46 -76.61 -13.72
N ILE I 563 -61.01 -75.49 -13.12
CA ILE I 563 -61.92 -74.55 -12.50
C ILE I 563 -63.12 -74.25 -13.39
N VAL I 564 -62.85 -74.02 -14.67
CA VAL I 564 -63.91 -73.72 -15.62
C VAL I 564 -65.09 -74.68 -15.47
N GLN I 565 -64.80 -75.87 -14.95
CA GLN I 565 -65.84 -76.88 -14.75
C GLN I 565 -66.39 -76.81 -13.33
N LEU I 566 -65.52 -76.59 -12.36
CA LEU I 566 -65.91 -76.50 -10.96
C LEU I 566 -66.52 -75.15 -10.64
N GLY I 567 -66.37 -74.21 -11.57
CA GLY I 567 -66.90 -72.86 -11.40
C GLY I 567 -68.41 -72.82 -11.51
N LEU I 568 -68.95 -73.52 -12.51
CA LEU I 568 -70.39 -73.56 -12.73
C LEU I 568 -71.11 -74.20 -11.54
N CYS I 569 -70.99 -73.57 -10.38
CA CYS I 569 -71.65 -74.07 -9.17
C CYS I 569 -72.24 -72.94 -8.36
N GLU I 570 -71.82 -71.71 -8.64
CA GLU I 570 -72.31 -70.54 -7.93
C GLU I 570 -73.79 -70.32 -8.20
N PRO I 571 -74.43 -69.52 -7.36
CA PRO I 571 -75.87 -69.25 -7.50
C PRO I 571 -76.15 -67.83 -7.98
N GLU I 572 -77.42 -67.53 -8.25
CA GLU I 572 -77.81 -66.21 -8.72
C GLU I 572 -77.38 -65.98 -10.16
N THR I 573 -76.23 -65.36 -10.34
CA THR I 573 -75.70 -65.07 -11.67
C THR I 573 -74.29 -64.47 -11.58
N SER I 574 -74.22 -63.27 -11.02
CA SER I 574 -72.95 -62.59 -10.86
C SER I 574 -72.07 -62.61 -12.09
N GLU I 575 -71.02 -61.81 -12.03
CA GLU I 575 -70.06 -61.72 -13.11
C GLU I 575 -69.44 -63.09 -13.29
N VAL I 576 -69.20 -63.78 -12.19
CA VAL I 576 -68.57 -65.08 -12.28
C VAL I 576 -69.48 -66.09 -12.97
N TYR I 577 -70.74 -66.11 -12.59
CA TYR I 577 -71.64 -67.08 -13.16
C TYR I 577 -71.73 -66.82 -14.66
N GLN I 578 -71.89 -65.54 -15.00
CA GLN I 578 -72.12 -65.23 -16.39
C GLN I 578 -70.91 -65.65 -17.18
N GLN I 579 -69.73 -65.37 -16.64
CA GLN I 579 -68.49 -65.71 -17.32
C GLN I 579 -68.37 -67.22 -17.52
N ALA I 580 -68.80 -67.98 -16.51
CA ALA I 580 -68.61 -69.40 -16.47
C ALA I 580 -69.46 -70.12 -17.51
N LYS I 581 -70.71 -69.72 -17.65
CA LYS I 581 -71.60 -70.42 -18.56
C LYS I 581 -71.10 -70.29 -19.99
N LEU I 582 -70.68 -69.09 -20.36
CA LEU I 582 -70.19 -68.84 -21.70
C LEU I 582 -68.92 -69.65 -21.96
N GLN I 583 -68.05 -69.69 -20.96
CA GLN I 583 -66.80 -70.43 -21.11
C GLN I 583 -67.12 -71.89 -21.35
N ALA I 584 -68.10 -72.38 -20.59
CA ALA I 584 -68.51 -73.77 -20.68
C ALA I 584 -69.07 -74.07 -22.06
N LYS I 585 -69.87 -73.15 -22.59
CA LYS I 585 -70.45 -73.31 -23.91
C LYS I 585 -69.36 -73.39 -24.96
N GLN I 586 -68.33 -72.55 -24.80
CA GLN I 586 -67.19 -72.55 -25.70
C GLN I 586 -66.43 -73.87 -25.65
N GLU I 587 -66.25 -74.39 -24.44
CA GLU I 587 -65.57 -75.67 -24.23
C GLU I 587 -66.35 -76.80 -24.87
N VAL I 588 -67.67 -76.73 -24.72
CA VAL I 588 -68.57 -77.84 -25.01
C VAL I 588 -68.58 -78.30 -26.46
N ASP I 589 -68.58 -77.37 -27.41
CA ASP I 589 -68.63 -77.75 -28.81
C ASP I 589 -67.40 -78.55 -29.17
N ASN I 590 -66.26 -78.11 -28.67
CA ASN I 590 -65.00 -78.81 -28.89
C ASN I 590 -64.98 -80.20 -28.25
N GLY I 591 -65.54 -80.29 -27.05
CA GLY I 591 -65.49 -81.53 -26.29
C GLY I 591 -65.35 -81.25 -24.81
N MET I 592 -64.72 -82.17 -24.07
CA MET I 592 -64.48 -81.98 -22.64
C MET I 592 -65.58 -82.51 -21.73
N LEU I 593 -66.71 -82.91 -22.31
CA LEU I 593 -67.66 -83.76 -21.62
C LEU I 593 -68.04 -83.18 -20.27
N TYR I 594 -68.20 -81.87 -20.19
CA TYR I 594 -68.58 -81.24 -18.94
C TYR I 594 -69.99 -81.68 -18.54
N LEU I 595 -70.21 -81.93 -17.27
CA LEU I 595 -71.55 -82.31 -16.83
C LEU I 595 -72.23 -81.13 -16.15
N GLU I 596 -73.39 -80.73 -16.68
CA GLU I 596 -74.17 -79.66 -16.05
C GLU I 596 -74.72 -80.09 -14.70
N TRP I 597 -74.87 -79.15 -13.77
CA TRP I 597 -75.50 -79.44 -12.47
C TRP I 597 -76.78 -78.63 -12.30
N ILE I 598 -77.89 -79.33 -12.00
CA ILE I 598 -79.21 -78.70 -11.95
C ILE I 598 -79.86 -78.41 -10.58
N ASN I 599 -79.17 -78.72 -9.49
CA ASN I 599 -79.75 -78.57 -8.15
C ASN I 599 -79.15 -77.52 -7.18
N LYS I 600 -78.30 -76.62 -7.65
CA LYS I 600 -77.52 -75.80 -6.73
C LYS I 600 -78.39 -75.00 -5.77
N LYS I 601 -79.43 -74.37 -6.29
CA LYS I 601 -80.30 -73.51 -5.48
C LYS I 601 -81.03 -74.33 -4.43
N ASN I 602 -81.10 -75.64 -4.66
CA ASN I 602 -81.75 -76.56 -3.74
C ASN I 602 -80.79 -77.14 -2.70
N ILE I 603 -79.50 -76.87 -2.88
CA ILE I 603 -78.45 -77.51 -2.07
C ILE I 603 -77.28 -76.61 -1.67
N THR I 604 -76.59 -77.02 -0.60
CA THR I 604 -75.40 -76.33 -0.07
C THR I 604 -75.71 -75.06 0.72
N ASN I 605 -75.49 -75.13 2.04
CA ASN I 605 -75.41 -73.96 2.88
C ASN I 605 -73.94 -73.54 3.05
N LEU I 606 -73.49 -72.64 2.18
CA LEU I 606 -72.09 -72.33 2.05
C LEU I 606 -71.46 -71.70 3.29
N SER I 607 -70.27 -72.17 3.66
CA SER I 607 -69.46 -71.52 4.68
C SER I 607 -68.76 -70.29 4.11
N ARG I 608 -68.50 -69.30 4.95
CA ARG I 608 -67.87 -68.07 4.48
C ARG I 608 -66.41 -68.26 4.02
N LEU I 609 -65.72 -69.23 4.60
CA LEU I 609 -64.31 -69.45 4.27
C LEU I 609 -63.82 -70.84 4.66
N VAL I 610 -62.80 -71.32 3.95
CA VAL I 610 -62.17 -72.60 4.28
C VAL I 610 -60.65 -72.48 4.13
N VAL I 611 -59.91 -73.10 5.05
CA VAL I 611 -58.46 -73.08 5.01
C VAL I 611 -57.89 -74.48 5.19
N ARG I 612 -56.91 -74.79 4.35
CA ARG I 612 -56.05 -75.92 4.54
C ARG I 612 -54.67 -75.30 4.72
N PRO I 613 -54.20 -75.34 5.95
CA PRO I 613 -52.82 -74.97 6.28
C PRO I 613 -51.83 -76.11 6.06
N HIS I 614 -52.26 -77.35 6.25
CA HIS I 614 -51.34 -78.47 6.27
C HIS I 614 -51.84 -79.67 5.48
N THR I 615 -50.95 -80.32 4.74
CA THR I 615 -51.29 -81.60 4.11
C THR I 615 -51.46 -82.67 5.16
N ASP I 616 -50.88 -82.42 6.34
CA ASP I 616 -50.88 -83.35 7.46
C ASP I 616 -51.90 -82.94 8.53
N ALA I 617 -52.56 -83.94 9.12
CA ALA I 617 -53.73 -83.70 9.97
C ALA I 617 -53.48 -82.64 11.03
N VAL I 618 -54.46 -81.75 11.17
CA VAL I 618 -54.41 -80.68 12.16
C VAL I 618 -54.56 -81.23 13.58
N TYR I 619 -53.85 -80.66 14.55
CA TYR I 619 -54.10 -81.07 15.93
C TYR I 619 -54.64 -79.96 16.86
N HIS I 620 -54.29 -78.71 16.58
CA HIS I 620 -54.84 -77.62 17.38
C HIS I 620 -54.74 -76.28 16.65
N ALA I 621 -55.61 -75.35 17.03
CA ALA I 621 -55.62 -74.02 16.45
C ALA I 621 -56.11 -73.01 17.47
N CYS I 622 -55.67 -71.76 17.36
CA CYS I 622 -56.06 -70.74 18.32
C CYS I 622 -56.10 -69.33 17.72
N PHE I 623 -57.10 -68.56 18.13
CA PHE I 623 -57.21 -67.15 17.75
C PHE I 623 -56.14 -66.30 18.41
N SER I 624 -55.70 -65.27 17.70
CA SER I 624 -54.92 -64.22 18.33
C SER I 624 -55.84 -63.52 19.33
N GLU I 625 -55.28 -63.04 20.43
CA GLU I 625 -56.08 -62.36 21.44
C GLU I 625 -56.71 -61.11 20.83
N ASP I 626 -56.00 -60.51 19.88
CA ASP I 626 -56.50 -59.39 19.12
C ASP I 626 -57.59 -59.84 18.15
N GLY I 627 -57.54 -61.11 17.76
CA GLY I 627 -58.49 -61.68 16.82
C GLY I 627 -58.09 -61.45 15.37
N GLN I 628 -56.98 -60.76 15.18
CA GLN I 628 -56.48 -60.46 13.84
C GLN I 628 -55.93 -61.67 13.10
N ARG I 629 -55.50 -62.71 13.84
CA ARG I 629 -54.86 -63.85 13.20
C ARG I 629 -55.08 -65.15 13.96
N ILE I 630 -54.79 -66.27 13.30
CA ILE I 630 -55.01 -67.59 13.89
C ILE I 630 -53.82 -68.50 13.63
N ALA I 631 -53.44 -69.31 14.62
CA ALA I 631 -52.41 -70.35 14.41
C ALA I 631 -52.96 -71.79 14.58
N SER I 632 -52.69 -72.65 13.60
CA SER I 632 -53.05 -74.08 13.64
C SER I 632 -51.73 -74.88 13.52
N CYS I 633 -51.64 -75.98 14.28
CA CYS I 633 -50.58 -76.98 14.09
C CYS I 633 -51.08 -78.19 13.27
N GLY I 634 -50.46 -79.35 13.46
CA GLY I 634 -50.85 -80.56 12.73
C GLY I 634 -50.04 -81.82 13.08
N ALA I 635 -50.35 -82.94 12.44
CA ALA I 635 -49.65 -84.19 12.70
C ALA I 635 -48.18 -84.07 12.28
N ASP I 636 -47.93 -83.30 11.23
CA ASP I 636 -46.57 -83.14 10.76
C ASP I 636 -45.79 -82.52 11.90
N LYS I 637 -46.47 -81.61 12.60
CA LYS I 637 -45.88 -80.94 13.77
C LYS I 637 -45.29 -79.56 13.46
N THR I 638 -45.34 -79.17 12.19
CA THR I 638 -45.09 -77.80 11.80
C THR I 638 -46.31 -77.04 12.27
N LEU I 639 -46.14 -75.76 12.61
CA LEU I 639 -47.26 -74.90 12.98
C LEU I 639 -47.30 -73.75 11.98
N GLN I 640 -48.48 -73.42 11.46
CA GLN I 640 -48.61 -72.31 10.51
C GLN I 640 -49.46 -71.20 11.11
N VAL I 641 -48.96 -69.96 11.04
CA VAL I 641 -49.68 -68.84 11.65
C VAL I 641 -50.25 -67.92 10.56
N PHE I 642 -51.52 -67.54 10.63
CA PHE I 642 -52.09 -66.79 9.50
C PHE I 642 -53.07 -65.67 9.88
N LYS I 643 -53.24 -64.68 9.00
CA LYS I 643 -54.26 -63.67 9.28
C LYS I 643 -55.48 -64.05 8.46
N ALA I 644 -56.57 -64.31 9.15
CA ALA I 644 -57.73 -64.94 8.53
C ALA I 644 -58.45 -64.14 7.45
N GLU I 645 -58.66 -62.85 7.70
CA GLU I 645 -59.32 -61.98 6.75
C GLU I 645 -58.85 -62.24 5.32
N THR I 646 -57.84 -61.48 4.90
CA THR I 646 -57.29 -61.62 3.56
C THR I 646 -56.89 -63.08 3.28
N GLY I 647 -56.92 -63.90 4.32
CA GLY I 647 -56.57 -65.30 4.19
C GLY I 647 -55.30 -65.51 3.39
N GLU I 648 -54.18 -65.03 3.93
CA GLU I 648 -52.90 -65.16 3.26
C GLU I 648 -51.80 -65.53 4.25
N LYS I 649 -50.94 -66.47 3.87
CA LYS I 649 -49.84 -66.91 4.72
C LYS I 649 -49.13 -65.73 5.35
N LEU I 650 -49.08 -65.72 6.68
CA LEU I 650 -48.42 -64.65 7.42
C LEU I 650 -47.27 -65.18 8.26
N LEU I 651 -47.17 -66.50 8.36
CA LEU I 651 -46.10 -67.14 9.15
C LEU I 651 -45.84 -68.59 8.71
N GLU I 652 -44.56 -68.98 8.62
CA GLU I 652 -44.17 -70.38 8.36
C GLU I 652 -43.24 -70.80 9.52
N ILE I 653 -43.45 -71.98 10.12
CA ILE I 653 -42.60 -72.47 11.22
C ILE I 653 -41.90 -73.76 10.77
N LYS I 654 -40.59 -73.90 10.99
CA LYS I 654 -39.89 -74.92 10.22
C LYS I 654 -40.26 -76.31 10.72
N ALA I 655 -40.19 -76.47 12.05
CA ALA I 655 -40.52 -77.74 12.67
C ALA I 655 -40.75 -77.60 14.17
N HIS I 656 -41.43 -78.58 14.76
CA HIS I 656 -41.52 -78.71 16.21
C HIS I 656 -41.10 -80.14 16.53
N GLU I 657 -40.23 -80.33 17.52
CA GLU I 657 -39.80 -81.69 17.81
C GLU I 657 -41.00 -82.49 18.28
N ASP I 658 -41.17 -83.66 17.67
CA ASP I 658 -42.29 -84.54 17.95
C ASP I 658 -43.51 -84.03 17.21
N GLU I 659 -44.66 -84.69 17.40
CA GLU I 659 -45.92 -84.20 16.85
C GLU I 659 -46.53 -83.13 17.77
N VAL I 660 -47.00 -82.03 17.19
CA VAL I 660 -47.58 -80.97 17.99
C VAL I 660 -48.75 -81.51 18.77
N LEU I 661 -48.88 -81.13 20.04
CA LEU I 661 -50.07 -81.54 20.79
C LEU I 661 -51.10 -80.42 20.93
N CYS I 662 -50.60 -79.19 21.12
CA CYS I 662 -51.44 -77.99 21.10
C CYS I 662 -50.55 -76.74 21.19
N CYS I 663 -51.11 -75.60 20.81
CA CYS I 663 -50.37 -74.35 20.82
C CYS I 663 -51.28 -73.21 21.21
N ALA I 664 -50.69 -72.09 21.61
CA ALA I 664 -51.50 -70.95 22.04
C ALA I 664 -50.73 -69.62 22.06
N PHE I 665 -51.43 -68.54 21.73
CA PHE I 665 -50.87 -67.19 21.77
C PHE I 665 -50.73 -66.63 23.18
N SER I 666 -49.77 -65.72 23.34
CA SER I 666 -49.66 -64.93 24.56
C SER I 666 -50.80 -63.92 24.61
N THR I 667 -51.12 -63.46 25.81
CA THR I 667 -52.26 -62.59 26.02
C THR I 667 -52.14 -61.29 25.21
N ASP I 668 -50.91 -60.84 24.99
CA ASP I 668 -50.66 -59.70 24.11
C ASP I 668 -50.19 -60.15 22.74
N ASP I 669 -50.35 -61.45 22.47
CA ASP I 669 -49.99 -62.03 21.18
C ASP I 669 -48.53 -61.79 20.83
N ARG I 670 -47.69 -61.76 21.86
CA ARG I 670 -46.26 -61.54 21.68
C ARG I 670 -45.48 -62.85 21.78
N PHE I 671 -46.19 -63.94 22.06
CA PHE I 671 -45.55 -65.25 22.22
C PHE I 671 -46.48 -66.38 21.78
N ILE I 672 -45.90 -67.51 21.42
CA ILE I 672 -46.67 -68.69 21.04
C ILE I 672 -46.09 -69.94 21.68
N ALA I 673 -46.72 -70.41 22.75
CA ALA I 673 -46.35 -71.67 23.36
C ALA I 673 -46.72 -72.82 22.43
N THR I 674 -45.90 -73.87 22.42
CA THR I 674 -46.17 -75.03 21.59
C THR I 674 -45.95 -76.33 22.37
N CYS I 675 -47.04 -77.04 22.66
CA CYS I 675 -46.96 -78.31 23.38
C CYS I 675 -46.56 -79.42 22.42
N SER I 676 -45.93 -80.46 22.95
CA SER I 676 -45.49 -81.57 22.11
C SER I 676 -45.21 -82.87 22.87
N VAL I 677 -45.24 -83.96 22.12
CA VAL I 677 -44.94 -85.30 22.64
C VAL I 677 -43.49 -85.38 23.14
N ASP I 678 -42.60 -84.64 22.51
CA ASP I 678 -41.20 -84.69 22.91
C ASP I 678 -41.08 -84.23 24.34
N LYS I 679 -41.91 -83.26 24.69
CA LYS I 679 -41.80 -82.48 25.91
C LYS I 679 -40.97 -81.22 25.75
N LYS I 680 -40.92 -80.70 24.52
CA LYS I 680 -40.25 -79.43 24.27
C LYS I 680 -41.25 -78.30 24.22
N VAL I 681 -41.48 -77.64 25.35
CA VAL I 681 -42.42 -76.53 25.37
C VAL I 681 -41.73 -75.33 24.73
N LYS I 682 -41.84 -75.25 23.40
CA LYS I 682 -41.18 -74.22 22.61
C LYS I 682 -42.03 -72.97 22.46
N ILE I 683 -41.78 -71.98 23.30
CA ILE I 683 -42.45 -70.69 23.19
C ILE I 683 -41.68 -69.79 22.24
N TRP I 684 -42.03 -69.89 20.96
CA TRP I 684 -41.48 -69.09 19.89
C TRP I 684 -42.08 -67.68 19.97
N ASN I 685 -41.35 -66.67 19.49
CA ASN I 685 -41.93 -65.33 19.40
C ASN I 685 -43.03 -65.32 18.35
N SER I 686 -44.08 -64.53 18.59
CA SER I 686 -45.21 -64.45 17.65
C SER I 686 -44.95 -63.49 16.50
N MET I 687 -43.89 -62.69 16.60
CA MET I 687 -43.62 -61.69 15.57
C MET I 687 -42.41 -62.08 14.73
N THR I 688 -41.24 -62.05 15.36
CA THR I 688 -40.00 -62.44 14.70
C THR I 688 -40.07 -63.92 14.30
N GLY I 689 -40.81 -64.68 15.09
CA GLY I 689 -40.98 -66.11 14.86
C GLY I 689 -39.86 -66.92 15.45
N GLU I 690 -38.86 -66.21 15.97
CA GLU I 690 -37.72 -66.85 16.61
C GLU I 690 -38.11 -67.31 18.02
N LEU I 691 -37.47 -68.38 18.49
CA LEU I 691 -37.76 -68.92 19.81
C LEU I 691 -37.38 -67.92 20.89
N VAL I 692 -38.18 -67.87 21.95
CA VAL I 692 -37.84 -67.06 23.12
C VAL I 692 -37.78 -67.94 24.37
N HIS I 693 -38.94 -68.39 24.83
CA HIS I 693 -38.99 -69.22 26.03
C HIS I 693 -39.02 -70.71 25.69
N THR I 694 -38.62 -71.53 26.65
CA THR I 694 -38.68 -72.98 26.47
C THR I 694 -38.76 -73.67 27.82
N TYR I 695 -39.50 -74.77 27.89
CA TYR I 695 -39.69 -75.44 29.18
C TYR I 695 -39.89 -76.95 29.05
N ASP I 696 -39.59 -77.67 30.14
CA ASP I 696 -39.88 -79.09 30.24
C ASP I 696 -39.90 -79.50 31.72
N GLU I 697 -40.81 -80.40 32.08
CA GLU I 697 -40.90 -80.87 33.47
C GLU I 697 -41.75 -82.13 33.55
N HIS I 698 -42.68 -82.28 32.61
CA HIS I 698 -43.66 -83.34 32.64
C HIS I 698 -43.05 -84.74 32.57
N SER I 699 -43.59 -85.65 33.37
CA SER I 699 -43.21 -87.06 33.29
C SER I 699 -43.74 -87.70 32.01
N GLU I 700 -44.80 -87.11 31.46
CA GLU I 700 -45.44 -87.64 30.27
C GLU I 700 -45.68 -86.54 29.24
N GLN I 701 -46.34 -86.87 28.15
CA GLN I 701 -46.66 -85.90 27.12
C GLN I 701 -47.61 -84.83 27.64
N VAL I 702 -47.39 -83.59 27.24
CA VAL I 702 -48.21 -82.47 27.70
C VAL I 702 -49.64 -82.57 27.17
N ASN I 703 -50.62 -82.25 28.02
CA ASN I 703 -52.00 -82.22 27.56
C ASN I 703 -52.45 -80.85 27.08
N CYS I 704 -51.91 -79.81 27.68
CA CYS I 704 -52.32 -78.46 27.32
C CYS I 704 -51.35 -77.38 27.77
N CYS I 705 -51.34 -76.28 27.03
CA CYS I 705 -50.53 -75.12 27.36
C CYS I 705 -51.36 -73.86 27.21
N HIS I 706 -51.08 -72.87 28.06
CA HIS I 706 -51.79 -71.59 28.01
C HIS I 706 -50.97 -70.52 28.70
N PHE I 707 -50.93 -69.32 28.12
CA PHE I 707 -50.37 -68.16 28.80
C PHE I 707 -51.39 -67.56 29.76
N THR I 708 -50.89 -66.87 30.79
CA THR I 708 -51.78 -66.27 31.78
C THR I 708 -52.65 -65.21 31.11
N ASN I 709 -53.94 -65.23 31.44
CA ASN I 709 -54.87 -64.23 30.92
C ASN I 709 -54.57 -62.84 31.45
N SER I 710 -53.97 -62.78 32.65
CA SER I 710 -53.54 -61.51 33.21
C SER I 710 -52.37 -60.93 32.40
N SER I 711 -52.44 -59.63 32.16
CA SER I 711 -51.35 -58.93 31.48
C SER I 711 -50.11 -58.88 32.35
N HIS I 712 -50.32 -58.91 33.68
CA HIS I 712 -49.24 -58.77 34.63
C HIS I 712 -48.47 -60.07 34.81
N HIS I 713 -49.06 -61.00 35.56
CA HIS I 713 -48.39 -62.26 35.86
C HIS I 713 -48.12 -63.07 34.59
N LEU I 714 -46.95 -63.67 34.52
CA LEU I 714 -46.58 -64.50 33.40
C LEU I 714 -46.40 -65.93 33.85
N LEU I 715 -47.42 -66.75 33.64
CA LEU I 715 -47.37 -68.13 34.08
C LEU I 715 -47.75 -69.07 32.95
N LEU I 716 -47.33 -70.32 33.06
CA LEU I 716 -47.64 -71.31 32.06
C LEU I 716 -48.17 -72.58 32.70
N ALA I 717 -49.47 -72.61 32.97
CA ALA I 717 -50.11 -73.83 33.43
C ALA I 717 -50.08 -74.86 32.33
N THR I 718 -49.72 -76.10 32.68
CA THR I 718 -49.61 -77.16 31.70
C THR I 718 -50.02 -78.52 32.28
N GLY I 719 -51.12 -79.07 31.76
CA GLY I 719 -51.51 -80.43 32.10
C GLY I 719 -50.73 -81.42 31.27
N SER I 720 -50.79 -82.69 31.66
CA SER I 720 -50.06 -83.75 30.97
C SER I 720 -50.55 -85.14 31.36
N SER I 721 -50.13 -86.15 30.62
CA SER I 721 -50.62 -87.52 30.82
C SER I 721 -50.17 -88.09 32.16
N ASP I 722 -49.18 -87.47 32.77
CA ASP I 722 -48.65 -87.91 34.07
C ASP I 722 -49.55 -87.44 35.21
N CYS I 723 -50.60 -86.68 34.83
CA CYS I 723 -51.64 -86.16 35.73
C CYS I 723 -51.20 -84.90 36.45
N PHE I 724 -49.89 -84.76 36.68
CA PHE I 724 -49.36 -83.58 37.36
C PHE I 724 -49.61 -82.31 36.55
N LEU I 725 -50.09 -81.27 37.22
CA LEU I 725 -50.07 -79.94 36.63
C LEU I 725 -48.67 -79.35 36.76
N LYS I 726 -48.30 -78.48 35.83
CA LYS I 726 -47.07 -77.73 35.97
C LYS I 726 -47.36 -76.25 35.78
N LEU I 727 -47.38 -75.51 36.88
CA LEU I 727 -47.56 -74.07 36.83
C LEU I 727 -46.22 -73.38 36.68
N TRP I 728 -45.82 -73.17 35.43
CA TRP I 728 -44.56 -72.50 35.14
C TRP I 728 -44.58 -71.04 35.51
N ASP I 729 -43.45 -70.53 35.97
CA ASP I 729 -43.25 -69.10 36.07
C ASP I 729 -42.52 -68.68 34.81
N LEU I 730 -43.20 -67.96 33.92
CA LEU I 730 -42.62 -67.65 32.61
C LEU I 730 -41.37 -66.79 32.72
N ASN I 731 -41.24 -66.07 33.83
CA ASN I 731 -40.07 -65.25 34.08
C ASN I 731 -38.88 -66.08 34.59
N GLN I 732 -39.12 -67.35 34.87
CA GLN I 732 -38.05 -68.22 35.35
C GLN I 732 -37.96 -69.53 34.56
N LYS I 733 -36.74 -70.04 34.42
CA LYS I 733 -36.50 -71.25 33.64
C LYS I 733 -37.15 -72.48 34.24
N GLU I 734 -37.28 -72.51 35.57
CA GLU I 734 -37.90 -73.64 36.24
C GLU I 734 -39.29 -73.32 36.76
N CYS I 735 -40.08 -74.36 36.96
CA CYS I 735 -41.50 -74.25 37.28
C CYS I 735 -41.78 -73.53 38.60
N ARG I 736 -42.76 -72.65 38.60
CA ARG I 736 -43.19 -71.97 39.83
C ARG I 736 -43.82 -72.94 40.82
N ASN I 737 -44.52 -73.94 40.29
CA ASN I 737 -45.19 -74.93 41.15
C ASN I 737 -45.72 -76.17 40.44
N THR I 738 -45.12 -77.31 40.75
CA THR I 738 -45.72 -78.60 40.40
C THR I 738 -47.00 -78.77 41.19
N MET I 739 -48.06 -79.30 40.55
CA MET I 739 -49.34 -79.45 41.23
C MET I 739 -49.99 -80.81 40.95
N PHE I 740 -49.64 -81.81 41.76
CA PHE I 740 -50.39 -83.05 41.74
C PHE I 740 -51.77 -82.79 42.32
N GLY I 741 -52.79 -83.40 41.74
CA GLY I 741 -54.16 -83.20 42.20
C GLY I 741 -55.12 -84.09 41.47
N HIS I 742 -55.10 -84.03 40.15
CA HIS I 742 -55.97 -84.87 39.34
C HIS I 742 -55.64 -86.34 39.52
N THR I 743 -56.68 -87.14 39.67
CA THR I 743 -56.51 -88.59 39.80
C THR I 743 -56.38 -89.23 38.43
N ASN I 744 -56.62 -88.43 37.40
CA ASN I 744 -56.52 -88.88 36.01
C ASN I 744 -55.83 -87.84 35.14
N SER I 745 -55.45 -88.24 33.94
CA SER I 745 -54.72 -87.35 33.04
C SER I 745 -55.56 -86.10 32.72
N VAL I 746 -54.89 -84.95 32.69
CA VAL I 746 -55.57 -83.69 32.45
C VAL I 746 -56.24 -83.68 31.08
N ASN I 747 -57.49 -83.22 31.03
CA ASN I 747 -58.19 -83.13 29.75
C ASN I 747 -58.02 -81.77 29.08
N HIS I 748 -57.93 -80.72 29.90
CA HIS I 748 -57.82 -79.36 29.38
C HIS I 748 -57.27 -78.44 30.47
N CYS I 749 -56.76 -77.28 30.07
CA CYS I 749 -56.21 -76.32 31.02
C CYS I 749 -56.40 -74.87 30.57
N ARG I 750 -56.81 -74.03 31.50
CA ARG I 750 -56.99 -72.60 31.23
C ARG I 750 -56.71 -71.79 32.48
N PHE I 751 -56.10 -70.62 32.33
CA PHE I 751 -56.04 -69.66 33.43
C PHE I 751 -57.41 -69.03 33.71
N SER I 752 -57.69 -68.83 34.99
CA SER I 752 -58.88 -68.13 35.43
C SER I 752 -58.73 -66.62 35.19
N PRO I 753 -59.85 -65.90 35.05
CA PRO I 753 -59.76 -64.44 34.95
C PRO I 753 -59.08 -63.85 36.18
N ASP I 754 -59.30 -64.49 37.33
CA ASP I 754 -58.54 -64.18 38.52
C ASP I 754 -57.24 -64.98 38.46
N ASP I 755 -56.15 -64.29 38.16
CA ASP I 755 -54.87 -64.94 37.96
C ASP I 755 -54.38 -65.64 39.22
N LYS I 756 -54.87 -65.18 40.37
CA LYS I 756 -54.57 -65.80 41.65
C LYS I 756 -55.09 -67.23 41.68
N LEU I 757 -56.22 -67.44 41.01
CA LEU I 757 -56.82 -68.76 40.84
C LEU I 757 -56.32 -69.45 39.58
N LEU I 758 -56.35 -70.77 39.58
CA LEU I 758 -56.01 -71.54 38.39
C LEU I 758 -56.84 -72.82 38.33
N ALA I 759 -57.90 -72.79 37.53
CA ALA I 759 -58.76 -73.94 37.35
C ALA I 759 -58.11 -74.99 36.47
N SER I 760 -58.53 -76.24 36.63
CA SER I 760 -58.05 -77.33 35.79
C SER I 760 -59.07 -78.47 35.71
N CYS I 761 -58.99 -79.24 34.63
CA CYS I 761 -59.91 -80.34 34.41
C CYS I 761 -59.18 -81.62 34.07
N SER I 762 -59.85 -82.75 34.25
CA SER I 762 -59.27 -84.05 33.96
C SER I 762 -60.32 -85.15 33.84
N ALA I 763 -59.89 -86.36 33.49
CA ALA I 763 -60.79 -87.45 33.16
C ALA I 763 -61.66 -87.88 34.35
N ASP I 764 -61.18 -87.61 35.57
CA ASP I 764 -62.00 -87.84 36.76
C ASP I 764 -63.22 -86.95 36.72
N GLY I 765 -63.09 -85.82 36.02
CA GLY I 765 -64.21 -84.95 35.73
C GLY I 765 -64.41 -83.85 36.73
N THR I 766 -63.86 -84.02 37.93
CA THR I 766 -63.97 -83.00 38.96
C THR I 766 -63.20 -81.76 38.54
N LEU I 767 -63.82 -80.59 38.75
CA LEU I 767 -63.12 -79.33 38.51
C LEU I 767 -62.11 -79.13 39.62
N LYS I 768 -61.01 -78.44 39.31
CA LYS I 768 -60.05 -78.12 40.37
C LYS I 768 -59.58 -76.67 40.29
N LEU I 769 -60.22 -75.84 41.11
CA LEU I 769 -59.85 -74.43 41.22
C LEU I 769 -58.70 -74.27 42.21
N TRP I 770 -57.49 -74.35 41.69
CA TRP I 770 -56.28 -74.26 42.49
C TRP I 770 -56.00 -72.82 42.92
N ASP I 771 -55.34 -72.66 44.07
CA ASP I 771 -54.90 -71.33 44.50
C ASP I 771 -53.44 -71.13 44.09
N ALA I 772 -53.23 -70.52 42.93
CA ALA I 772 -51.88 -70.36 42.39
C ALA I 772 -51.01 -69.45 43.27
N THR I 773 -51.63 -68.48 43.93
CA THR I 773 -50.89 -67.53 44.76
C THR I 773 -50.22 -68.20 45.95
N SER I 774 -50.89 -69.20 46.53
CA SER I 774 -50.34 -69.95 47.64
C SER I 774 -49.60 -71.18 47.16
N ALA I 775 -49.65 -71.42 45.86
CA ALA I 775 -49.11 -72.64 45.24
C ALA I 775 -49.72 -73.88 45.88
N ASN I 776 -51.00 -73.78 46.24
CA ASN I 776 -51.70 -74.83 46.97
C ASN I 776 -53.15 -74.97 46.54
N GLU I 777 -53.78 -76.07 46.94
CA GLU I 777 -55.19 -76.31 46.66
C GLU I 777 -56.08 -75.31 47.39
N ARG I 778 -57.16 -74.89 46.74
CA ARG I 778 -58.16 -74.03 47.34
C ARG I 778 -59.53 -74.65 47.24
N LYS I 779 -59.94 -74.97 46.02
CA LYS I 779 -61.26 -75.53 45.78
C LYS I 779 -61.22 -76.61 44.70
N SER I 780 -62.20 -77.51 44.73
CA SER I 780 -62.29 -78.57 43.73
C SER I 780 -63.67 -79.23 43.76
N ILE I 781 -64.57 -78.72 42.93
CA ILE I 781 -65.93 -79.27 42.85
C ILE I 781 -65.91 -80.71 42.36
N ASN I 782 -66.65 -81.59 43.05
CA ASN I 782 -66.88 -82.93 42.56
C ASN I 782 -67.93 -82.93 41.46
N VAL I 783 -67.83 -83.85 40.51
CA VAL I 783 -68.78 -83.89 39.42
C VAL I 783 -69.39 -85.27 39.26
N LYS I 784 -70.43 -85.54 40.04
CA LYS I 784 -71.27 -86.70 39.87
C LYS I 784 -72.67 -86.22 39.53
N GLN I 785 -72.75 -84.94 39.16
CA GLN I 785 -74.01 -84.26 38.91
C GLN I 785 -74.75 -84.87 37.72
N PHE I 786 -74.01 -85.54 36.86
CA PHE I 786 -74.61 -86.34 35.80
C PHE I 786 -75.14 -87.62 36.44
N PHE I 787 -76.22 -87.48 37.21
CA PHE I 787 -76.84 -88.64 37.84
C PHE I 787 -77.54 -89.49 36.78
N LEU I 788 -77.45 -90.81 36.94
CA LEU I 788 -78.00 -91.73 35.97
C LEU I 788 -78.13 -93.13 36.57
N ASN I 789 -79.33 -93.50 36.96
CA ASN I 789 -79.56 -94.78 37.63
C ASN I 789 -79.79 -95.91 36.64
N LEU I 790 -78.71 -96.36 36.00
CA LEU I 790 -78.75 -97.48 35.07
C LEU I 790 -78.65 -98.82 35.79
N GLU I 791 -78.79 -99.90 35.02
CA GLU I 791 -78.61 -101.25 35.50
C GLU I 791 -77.13 -101.62 35.50
N ASP I 792 -76.30 -100.65 35.13
CA ASP I 792 -74.86 -100.79 35.10
C ASP I 792 -74.35 -101.11 36.50
N PRO I 793 -73.52 -102.17 36.64
CA PRO I 793 -72.96 -102.60 37.93
C PRO I 793 -72.15 -101.50 38.64
N GLN I 794 -71.51 -100.63 37.88
CA GLN I 794 -70.82 -99.48 38.46
C GLN I 794 -71.83 -98.61 39.20
N GLU I 795 -71.40 -97.97 40.28
CA GLU I 795 -72.29 -97.16 41.10
C GLU I 795 -72.68 -95.86 40.39
N ASP I 796 -72.52 -94.74 41.09
CA ASP I 796 -72.73 -93.43 40.46
C ASP I 796 -71.72 -93.25 39.34
N MET I 797 -72.17 -92.70 38.23
CA MET I 797 -71.34 -92.60 37.03
C MET I 797 -70.12 -91.72 37.22
N GLU I 798 -69.00 -92.15 36.65
CA GLU I 798 -67.75 -91.40 36.71
C GLU I 798 -67.67 -90.42 35.55
N VAL I 799 -68.08 -89.18 35.79
CA VAL I 799 -68.13 -88.17 34.75
C VAL I 799 -66.73 -87.86 34.22
N ILE I 800 -66.62 -87.66 32.91
CA ILE I 800 -65.34 -87.35 32.28
C ILE I 800 -65.47 -86.03 31.52
N VAL I 801 -65.27 -84.93 32.23
CA VAL I 801 -65.34 -83.60 31.62
C VAL I 801 -64.22 -83.40 30.60
N LYS I 802 -64.55 -82.74 29.49
CA LYS I 802 -63.56 -82.44 28.46
C LYS I 802 -63.24 -80.94 28.44
N CYS I 803 -64.05 -80.18 27.72
CA CYS I 803 -63.81 -78.74 27.59
C CYS I 803 -63.95 -78.05 28.94
N CYS I 804 -63.06 -77.09 29.20
CA CYS I 804 -63.12 -76.29 30.41
C CYS I 804 -63.63 -74.89 30.07
N SER I 805 -64.91 -74.80 29.71
CA SER I 805 -65.50 -73.55 29.27
C SER I 805 -65.60 -72.54 30.41
N TRP I 806 -65.48 -71.25 30.06
CA TRP I 806 -65.62 -70.18 31.04
C TRP I 806 -66.79 -69.26 30.73
N SER I 807 -67.36 -68.68 31.77
CA SER I 807 -68.32 -67.60 31.62
C SER I 807 -67.57 -66.38 31.09
N ALA I 808 -68.27 -65.46 30.44
CA ALA I 808 -67.61 -64.32 29.81
C ALA I 808 -66.81 -63.51 30.82
N ASP I 809 -67.29 -63.45 32.06
CA ASP I 809 -66.53 -62.87 33.14
C ASP I 809 -65.53 -63.88 33.72
N GLY I 810 -65.77 -65.16 33.46
CA GLY I 810 -64.90 -66.22 33.95
C GLY I 810 -65.10 -66.51 35.43
N ALA I 811 -66.18 -65.99 36.00
CA ALA I 811 -66.45 -66.15 37.43
C ALA I 811 -66.97 -67.54 37.77
N ARG I 812 -67.37 -68.29 36.74
CA ARG I 812 -67.93 -69.62 36.91
C ARG I 812 -67.47 -70.51 35.77
N ILE I 813 -67.47 -71.83 35.98
CA ILE I 813 -66.97 -72.72 34.94
C ILE I 813 -68.03 -73.57 34.27
N MET I 814 -68.29 -73.25 33.01
CA MET I 814 -69.08 -74.11 32.13
C MET I 814 -68.24 -75.33 31.74
N VAL I 815 -68.88 -76.48 31.62
CA VAL I 815 -68.19 -77.73 31.25
C VAL I 815 -69.17 -78.61 30.48
N ALA I 816 -68.68 -79.69 29.91
CA ALA I 816 -69.56 -80.66 29.26
C ALA I 816 -68.97 -82.06 29.29
N ALA I 817 -69.82 -83.05 29.49
CA ALA I 817 -69.36 -84.44 29.53
C ALA I 817 -70.51 -85.41 29.35
N LYS I 818 -70.19 -86.59 28.81
CA LYS I 818 -71.17 -87.66 28.60
C LYS I 818 -72.39 -87.18 27.83
N ASN I 819 -73.49 -86.96 28.55
CA ASN I 819 -74.73 -86.53 27.90
C ASN I 819 -75.19 -85.14 28.34
N LYS I 820 -74.41 -84.48 29.19
CA LYS I 820 -74.84 -83.20 29.74
C LYS I 820 -73.73 -82.16 29.85
N ILE I 821 -74.07 -80.94 29.47
CA ILE I 821 -73.31 -79.75 29.82
C ILE I 821 -73.66 -79.37 31.25
N PHE I 822 -72.70 -78.78 31.98
CA PHE I 822 -72.94 -78.26 33.31
C PHE I 822 -72.41 -76.85 33.43
N LEU I 823 -72.94 -76.07 34.37
CA LEU I 823 -72.37 -74.76 34.68
C LEU I 823 -72.10 -74.69 36.17
N PHE I 824 -70.92 -75.17 36.56
CA PHE I 824 -70.54 -75.15 37.96
C PHE I 824 -70.13 -73.76 38.43
N ASP I 825 -70.41 -73.48 39.70
CA ASP I 825 -69.98 -72.25 40.33
C ASP I 825 -68.83 -72.56 41.28
N ILE I 826 -67.61 -72.45 40.77
CA ILE I 826 -66.41 -72.77 41.54
C ILE I 826 -66.18 -71.85 42.73
N HIS I 827 -66.63 -70.60 42.63
CA HIS I 827 -66.46 -69.67 43.74
C HIS I 827 -67.30 -70.09 44.96
N THR I 828 -68.42 -70.75 44.72
CA THR I 828 -69.25 -71.28 45.80
C THR I 828 -69.09 -72.79 45.93
N SER I 829 -68.29 -73.37 45.04
CA SER I 829 -68.05 -74.81 45.02
C SER I 829 -69.33 -75.62 44.92
N GLY I 830 -70.23 -75.19 44.03
CA GLY I 830 -71.49 -75.91 43.83
C GLY I 830 -72.03 -75.82 42.42
N LEU I 831 -72.85 -76.81 42.06
CA LEU I 831 -73.49 -76.85 40.76
C LEU I 831 -74.52 -75.74 40.58
N LEU I 832 -74.64 -75.22 39.37
CA LEU I 832 -75.74 -74.34 39.03
C LEU I 832 -76.43 -74.79 37.75
N GLY I 833 -75.83 -74.50 36.61
CA GLY I 833 -76.42 -74.85 35.33
C GLY I 833 -76.23 -76.31 34.96
N GLU I 834 -76.99 -76.76 33.97
CA GLU I 834 -76.94 -78.14 33.51
C GLU I 834 -77.69 -78.30 32.19
N ILE I 835 -76.97 -78.16 31.08
CA ILE I 835 -77.59 -78.21 29.77
C ILE I 835 -77.44 -79.60 29.14
N HIS I 836 -78.52 -80.37 29.11
CA HIS I 836 -78.47 -81.71 28.55
C HIS I 836 -78.19 -81.66 27.05
N THR I 837 -77.38 -82.59 26.56
CA THR I 837 -77.03 -82.66 25.14
C THR I 837 -78.04 -83.50 24.37
N GLY I 838 -77.96 -83.44 23.04
CA GLY I 838 -78.89 -84.17 22.19
C GLY I 838 -78.83 -85.68 22.39
N HIS I 839 -80.00 -86.28 22.58
CA HIS I 839 -80.14 -87.72 22.80
C HIS I 839 -79.19 -88.22 23.89
N HIS I 840 -78.58 -89.37 23.65
CA HIS I 840 -77.66 -89.95 24.63
C HIS I 840 -76.49 -90.67 23.96
N SER I 841 -75.31 -90.47 24.52
CA SER I 841 -74.07 -91.07 24.04
C SER I 841 -72.94 -90.74 25.00
N THR I 842 -71.89 -90.13 24.46
CA THR I 842 -70.80 -89.58 25.26
C THR I 842 -70.10 -88.50 24.44
N ILE I 843 -70.01 -87.30 25.00
CA ILE I 843 -69.49 -86.15 24.26
C ILE I 843 -68.06 -86.37 23.79
N GLN I 844 -67.81 -86.06 22.51
CA GLN I 844 -66.48 -86.10 21.95
C GLN I 844 -65.88 -84.68 21.91
N TYR I 845 -66.76 -83.70 21.79
CA TYR I 845 -66.34 -82.30 21.78
C TYR I 845 -67.48 -81.35 22.17
N CYS I 846 -67.11 -80.19 22.70
CA CYS I 846 -68.09 -79.19 23.11
C CYS I 846 -67.47 -77.80 23.13
N ASP I 847 -68.32 -76.78 23.04
CA ASP I 847 -67.84 -75.39 23.04
C ASP I 847 -68.94 -74.39 23.40
N PHE I 848 -68.84 -73.82 24.60
CA PHE I 848 -69.73 -72.75 25.03
C PHE I 848 -69.46 -71.42 24.31
N SER I 849 -70.53 -70.69 24.03
CA SER I 849 -70.43 -69.34 23.47
C SER I 849 -70.97 -68.30 24.43
N PRO I 850 -70.11 -67.37 24.88
CA PRO I 850 -70.51 -66.31 25.81
C PRO I 850 -71.64 -65.42 25.27
N GLN I 851 -71.64 -65.18 23.96
CA GLN I 851 -72.77 -64.50 23.31
C GLN I 851 -73.97 -65.43 23.19
N ASN I 852 -75.16 -64.85 23.33
CA ASN I 852 -76.42 -65.55 23.09
C ASN I 852 -76.56 -66.86 23.87
N HIS I 853 -75.68 -67.07 24.83
CA HIS I 853 -75.62 -68.31 25.60
C HIS I 853 -75.56 -69.55 24.70
N LEU I 854 -74.92 -69.39 23.54
CA LEU I 854 -74.84 -70.48 22.57
C LEU I 854 -73.87 -71.59 22.97
N ALA I 855 -74.12 -72.79 22.45
CA ALA I 855 -73.27 -73.95 22.69
C ALA I 855 -73.08 -74.75 21.41
N VAL I 856 -71.98 -74.51 20.71
CA VAL I 856 -71.64 -75.30 19.55
C VAL I 856 -70.97 -76.58 20.01
N VAL I 857 -71.75 -77.66 20.04
CA VAL I 857 -71.27 -78.92 20.57
C VAL I 857 -71.22 -80.02 19.53
N ALA I 858 -70.03 -80.57 19.32
CA ALA I 858 -69.86 -81.74 18.49
C ALA I 858 -69.97 -83.00 19.34
N LEU I 859 -71.19 -83.52 19.47
CA LEU I 859 -71.44 -84.66 20.35
C LEU I 859 -70.64 -85.88 19.90
N SER I 860 -71.03 -86.46 18.76
CA SER I 860 -70.29 -87.58 18.18
C SER I 860 -70.59 -87.66 16.68
N GLN I 861 -69.64 -88.14 15.90
CA GLN I 861 -69.83 -88.20 14.45
C GLN I 861 -70.08 -86.81 13.88
N TYR I 862 -69.25 -85.86 14.27
CA TYR I 862 -69.32 -84.52 13.72
C TYR I 862 -70.74 -83.99 13.90
N CYS I 863 -71.37 -84.34 15.01
CA CYS I 863 -72.70 -83.80 15.29
C CYS I 863 -72.55 -82.44 15.94
N VAL I 864 -72.18 -81.46 15.12
CA VAL I 864 -71.87 -80.12 15.58
C VAL I 864 -73.15 -79.29 15.68
N GLU I 865 -73.97 -79.61 16.68
CA GLU I 865 -75.23 -78.90 16.86
C GLU I 865 -75.02 -77.55 17.54
N LEU I 866 -75.88 -76.59 17.20
CA LEU I 866 -75.90 -75.30 17.88
C LEU I 866 -77.04 -75.26 18.89
N TRP I 867 -76.66 -75.51 20.14
CA TRP I 867 -77.56 -75.46 21.29
C TRP I 867 -77.56 -74.07 21.91
N ASN I 868 -78.44 -73.85 22.88
CA ASN I 868 -78.46 -72.59 23.59
C ASN I 868 -78.45 -72.86 25.10
N THR I 869 -77.36 -72.47 25.77
CA THR I 869 -77.15 -72.78 27.18
C THR I 869 -78.13 -72.05 28.09
N ASP I 870 -78.35 -72.64 29.27
CA ASP I 870 -79.26 -72.13 30.30
C ASP I 870 -80.72 -72.24 29.85
N SER I 871 -81.02 -71.71 28.67
CA SER I 871 -82.33 -71.92 28.05
C SER I 871 -82.51 -73.40 27.73
N ARG I 872 -81.39 -74.09 27.54
CA ARG I 872 -81.36 -75.55 27.40
C ARG I 872 -82.18 -76.05 26.21
N SER I 873 -82.03 -75.38 25.07
CA SER I 873 -82.68 -75.82 23.84
C SER I 873 -81.78 -75.54 22.63
N LYS I 874 -81.82 -76.45 21.66
CA LYS I 874 -81.03 -76.32 20.44
C LYS I 874 -81.48 -75.13 19.60
N VAL I 875 -80.52 -74.43 19.01
CA VAL I 875 -80.84 -73.33 18.11
C VAL I 875 -80.93 -73.83 16.67
N ALA I 876 -79.87 -74.45 16.17
CA ALA I 876 -79.90 -74.97 14.80
C ALA I 876 -78.83 -76.02 14.50
N ASP I 877 -79.12 -76.88 13.53
CA ASP I 877 -78.17 -77.90 13.09
C ASP I 877 -77.07 -77.27 12.24
N CYS I 878 -75.88 -77.87 12.27
CA CYS I 878 -74.77 -77.41 11.45
C CYS I 878 -74.09 -78.58 10.74
N ARG I 879 -74.66 -79.04 9.63
CA ARG I 879 -73.98 -79.99 8.74
C ARG I 879 -72.81 -79.37 7.91
N GLY I 880 -71.83 -80.20 7.51
CA GLY I 880 -70.70 -79.74 6.72
C GLY I 880 -69.22 -79.95 7.02
N HIS I 881 -68.87 -80.76 8.02
CA HIS I 881 -67.48 -81.19 8.18
C HIS I 881 -67.35 -82.69 7.88
N LEU I 882 -66.28 -83.04 7.17
CA LEU I 882 -65.98 -84.43 6.75
C LEU I 882 -64.82 -84.93 7.64
N SER I 883 -64.87 -86.20 8.04
CA SER I 883 -63.92 -86.81 9.00
C SER I 883 -64.31 -86.78 10.48
N TRP I 884 -65.55 -86.38 10.74
CA TRP I 884 -65.99 -86.07 12.10
C TRP I 884 -65.08 -84.98 12.68
N VAL I 885 -65.66 -83.82 12.99
CA VAL I 885 -64.87 -82.68 13.43
C VAL I 885 -63.67 -83.11 14.26
N HIS I 886 -62.71 -82.21 14.38
CA HIS I 886 -61.58 -82.42 15.26
C HIS I 886 -61.53 -81.27 16.23
N GLY I 887 -62.19 -80.16 15.88
CA GLY I 887 -62.29 -79.08 16.85
C GLY I 887 -62.89 -77.78 16.33
N VAL I 888 -63.38 -76.97 17.27
CA VAL I 888 -64.07 -75.71 16.97
C VAL I 888 -63.74 -74.71 18.07
N MET I 889 -63.68 -73.42 17.73
CA MET I 889 -63.57 -72.40 18.77
C MET I 889 -63.99 -71.03 18.23
N PHE I 890 -64.66 -70.25 19.08
CA PHE I 890 -65.19 -68.95 18.70
C PHE I 890 -64.13 -67.86 18.63
N SER I 891 -64.43 -66.84 17.83
CA SER I 891 -63.61 -65.64 17.76
C SER I 891 -63.70 -64.90 19.09
N PRO I 892 -62.66 -64.13 19.44
CA PRO I 892 -62.71 -63.33 20.66
C PRO I 892 -63.88 -62.34 20.63
N ASP I 893 -64.21 -61.85 19.44
CA ASP I 893 -65.43 -61.08 19.26
C ASP I 893 -66.66 -61.94 19.49
N GLY I 894 -66.53 -63.23 19.20
CA GLY I 894 -67.63 -64.16 19.36
C GLY I 894 -68.55 -64.15 18.16
N SER I 895 -68.22 -63.32 17.18
CA SER I 895 -69.04 -63.17 15.98
C SER I 895 -68.80 -64.29 14.97
N SER I 896 -67.79 -65.12 15.23
CA SER I 896 -67.43 -66.20 14.32
C SER I 896 -66.69 -67.32 15.05
N PHE I 897 -66.51 -68.43 14.38
CA PHE I 897 -65.76 -69.55 14.96
C PHE I 897 -65.07 -70.42 13.92
N LEU I 898 -63.85 -70.85 14.24
CA LEU I 898 -63.12 -71.81 13.41
C LEU I 898 -63.67 -73.22 13.59
N THR I 899 -63.50 -74.07 12.60
CA THR I 899 -63.88 -75.47 12.72
C THR I 899 -62.79 -76.41 12.18
N SER I 900 -61.82 -76.73 13.01
CA SER I 900 -60.80 -77.71 12.65
C SER I 900 -61.46 -79.07 12.46
N SER I 901 -60.95 -79.87 11.52
CA SER I 901 -61.56 -81.15 11.24
C SER I 901 -60.55 -82.19 10.80
N ASP I 902 -60.93 -83.47 10.89
CA ASP I 902 -60.04 -84.57 10.56
C ASP I 902 -59.65 -84.58 9.08
N ASP I 903 -60.44 -83.96 8.22
CA ASP I 903 -60.14 -83.98 6.80
C ASP I 903 -58.78 -83.32 6.62
N GLN I 904 -58.49 -82.38 7.53
CA GLN I 904 -57.50 -81.32 7.36
C GLN I 904 -58.07 -79.96 6.92
N THR I 905 -59.26 -79.61 7.40
CA THR I 905 -60.05 -78.49 6.92
C THR I 905 -60.52 -77.59 8.06
N ILE I 906 -60.41 -76.28 7.85
CA ILE I 906 -60.89 -75.31 8.84
C ILE I 906 -61.92 -74.38 8.21
N ARG I 907 -63.18 -74.53 8.61
CA ARG I 907 -64.23 -73.72 8.03
C ARG I 907 -64.63 -72.58 8.95
N LEU I 908 -64.44 -71.37 8.45
CA LEU I 908 -64.95 -70.16 9.08
C LEU I 908 -66.47 -70.10 9.03
N TRP I 909 -67.09 -69.57 10.06
CA TRP I 909 -68.55 -69.43 10.08
C TRP I 909 -69.01 -68.18 10.82
N GLU I 910 -69.97 -67.47 10.23
CA GLU I 910 -70.63 -66.36 10.88
C GLU I 910 -71.54 -66.86 12.00
N THR I 911 -71.64 -66.09 13.08
CA THR I 911 -72.50 -66.44 14.20
C THR I 911 -73.98 -66.48 13.82
N LYS I 912 -74.41 -65.52 13.01
CA LYS I 912 -75.81 -65.37 12.63
C LYS I 912 -76.38 -66.56 11.87
N LYS I 913 -75.57 -67.13 10.98
CA LYS I 913 -76.03 -68.20 10.08
C LYS I 913 -76.50 -69.45 10.83
N VAL I 914 -75.78 -69.81 11.88
CA VAL I 914 -76.05 -71.05 12.61
C VAL I 914 -77.44 -71.09 13.24
N CYS I 915 -77.89 -69.98 13.79
CA CYS I 915 -79.18 -69.92 14.48
C CYS I 915 -80.36 -70.23 13.55
N LYS I 916 -80.31 -69.70 12.34
CA LYS I 916 -81.38 -69.90 11.36
C LYS I 916 -81.46 -71.38 11.00
N ASN I 917 -82.68 -71.88 10.80
CA ASN I 917 -82.83 -73.30 10.51
C ASN I 917 -82.54 -73.59 9.04
N SER I 918 -82.03 -74.79 8.76
CA SER I 918 -81.72 -75.19 7.40
C SER I 918 -81.93 -76.69 7.20
N ALA I 919 -83.17 -77.13 7.30
CA ALA I 919 -83.51 -78.54 7.11
C ALA I 919 -83.22 -78.98 5.69
N VAL I 920 -81.95 -79.23 5.40
CA VAL I 920 -81.53 -79.65 4.05
C VAL I 920 -80.49 -80.76 4.13
N MET I 921 -79.62 -80.83 3.13
CA MET I 921 -78.58 -81.85 3.07
C MET I 921 -79.14 -83.24 3.36
N LEU I 922 -79.63 -83.89 2.30
CA LEU I 922 -80.18 -85.23 2.43
C LEU I 922 -79.26 -86.17 3.22
N LYS I 923 -79.88 -87.22 3.76
CA LYS I 923 -79.21 -88.24 4.56
C LYS I 923 -78.20 -89.03 3.73
N GLN I 924 -77.14 -89.47 4.39
CA GLN I 924 -75.95 -89.96 3.68
C GLN I 924 -76.14 -91.16 2.76
N GLU I 925 -76.91 -92.15 3.20
CA GLU I 925 -77.16 -93.33 2.38
C GLU I 925 -78.61 -93.35 1.90
N VAL I 926 -78.79 -93.39 0.59
CA VAL I 926 -80.11 -93.42 -0.01
C VAL I 926 -80.12 -94.28 -1.26
N ASP I 927 -81.30 -94.76 -1.63
CA ASP I 927 -81.46 -95.53 -2.85
C ASP I 927 -82.29 -94.71 -3.83
N VAL I 928 -81.81 -94.59 -5.07
CA VAL I 928 -82.53 -93.88 -6.12
C VAL I 928 -82.91 -94.80 -7.30
N VAL I 929 -84.17 -94.75 -7.73
CA VAL I 929 -84.64 -95.57 -8.85
C VAL I 929 -84.99 -94.72 -10.07
N PHE I 930 -84.43 -95.06 -11.22
CA PHE I 930 -84.59 -94.24 -12.42
C PHE I 930 -85.52 -94.86 -13.47
N GLN I 931 -86.60 -94.13 -13.74
CA GLN I 931 -87.67 -94.58 -14.61
C GLN I 931 -87.81 -93.81 -15.92
N GLU I 932 -86.75 -93.13 -16.33
CA GLU I 932 -86.76 -92.30 -17.56
C GLU I 932 -86.30 -90.81 -17.49
N ASN I 933 -87.19 -89.90 -17.93
CA ASN I 933 -86.99 -88.42 -18.00
C ASN I 933 -86.83 -87.62 -16.70
N GLU I 934 -87.40 -88.16 -15.63
CA GLU I 934 -87.24 -87.63 -14.27
C GLU I 934 -86.66 -88.74 -13.40
N VAL I 935 -85.69 -88.40 -12.57
CA VAL I 935 -85.05 -89.36 -11.66
C VAL I 935 -85.46 -89.01 -10.21
N MET I 936 -85.90 -90.02 -9.46
CA MET I 936 -86.34 -89.81 -8.07
C MET I 936 -85.31 -90.42 -7.10
N VAL I 937 -84.88 -89.66 -6.10
CA VAL I 937 -83.87 -90.11 -5.15
C VAL I 937 -84.51 -90.43 -3.78
N LEU I 938 -84.23 -91.61 -3.26
CA LEU I 938 -84.72 -92.00 -1.95
C LEU I 938 -84.11 -91.10 -0.88
N ALA I 939 -84.91 -90.71 0.09
CA ALA I 939 -84.44 -89.80 1.15
C ALA I 939 -84.94 -90.20 2.53
N VAL I 940 -84.18 -89.79 3.55
CA VAL I 940 -84.58 -90.01 4.94
C VAL I 940 -84.88 -88.64 5.56
N ASP I 941 -86.04 -88.52 6.19
CA ASP I 941 -86.50 -87.23 6.69
C ASP I 941 -85.50 -86.69 7.70
N HIS I 942 -85.35 -85.37 7.72
CA HIS I 942 -84.41 -84.72 8.62
C HIS I 942 -84.80 -84.97 10.08
N ILE I 943 -86.08 -85.23 10.31
CA ILE I 943 -86.56 -85.48 11.67
C ILE I 943 -86.93 -86.96 11.90
N ARG I 944 -87.73 -87.52 11.00
CA ARG I 944 -88.26 -88.87 11.24
C ARG I 944 -88.03 -89.85 10.08
N ARG I 945 -89.02 -89.99 9.20
CA ARG I 945 -89.02 -91.05 8.20
C ARG I 945 -88.35 -90.62 6.89
N LEU I 946 -89.14 -90.05 5.98
CA LEU I 946 -88.64 -89.74 4.65
C LEU I 946 -89.48 -88.72 3.88
N GLN I 947 -88.85 -88.15 2.86
CA GLN I 947 -89.52 -87.32 1.86
C GLN I 947 -88.93 -87.64 0.48
N LEU I 948 -89.81 -87.80 -0.50
CA LEU I 948 -89.34 -88.05 -1.84
C LEU I 948 -89.40 -86.74 -2.60
N ILE I 949 -88.23 -86.22 -2.94
CA ILE I 949 -88.14 -85.05 -3.78
C ILE I 949 -87.62 -85.42 -5.16
N ASN I 950 -88.49 -85.30 -6.16
CA ASN I 950 -88.06 -85.52 -7.54
C ASN I 950 -87.13 -84.39 -7.97
N GLY I 951 -86.23 -84.70 -8.90
CA GLY I 951 -85.34 -83.69 -9.43
C GLY I 951 -86.12 -82.75 -10.32
N ARG I 952 -85.58 -81.55 -10.52
CA ARG I 952 -86.20 -80.53 -11.36
C ARG I 952 -87.61 -80.16 -10.90
N THR I 953 -87.86 -80.25 -9.59
CA THR I 953 -89.14 -79.84 -9.02
C THR I 953 -89.05 -79.69 -7.50
N GLY I 954 -90.02 -78.97 -6.95
CA GLY I 954 -90.11 -78.78 -5.50
C GLY I 954 -91.12 -79.72 -4.88
N GLN I 955 -91.43 -80.80 -5.59
CA GLN I 955 -92.47 -81.72 -5.17
C GLN I 955 -92.01 -82.71 -4.10
N ILE I 956 -92.03 -82.25 -2.85
CA ILE I 956 -91.73 -83.11 -1.70
C ILE I 956 -92.81 -84.18 -1.54
N ASP I 957 -92.41 -85.39 -1.14
CA ASP I 957 -93.36 -86.47 -0.90
C ASP I 957 -93.09 -87.14 0.46
N TYR I 958 -93.56 -86.50 1.52
CA TYR I 958 -93.35 -86.97 2.87
C TYR I 958 -94.20 -88.20 3.21
N LEU I 959 -93.67 -89.07 4.06
CA LEU I 959 -94.39 -90.24 4.55
C LEU I 959 -94.07 -90.47 6.03
N THR I 960 -94.96 -91.16 6.73
CA THR I 960 -94.78 -91.39 8.16
C THR I 960 -94.53 -92.86 8.55
N GLU I 961 -93.57 -93.05 9.44
CA GLU I 961 -93.25 -94.35 10.05
C GLU I 961 -92.31 -94.08 11.21
N ALA I 962 -92.18 -95.03 12.14
CA ALA I 962 -91.28 -94.85 13.26
C ALA I 962 -89.82 -95.08 12.83
N GLN I 963 -89.31 -94.13 12.05
CA GLN I 963 -87.93 -94.16 11.54
C GLN I 963 -87.63 -95.43 10.76
N VAL I 964 -87.84 -95.37 9.44
CA VAL I 964 -87.51 -96.49 8.56
C VAL I 964 -86.01 -96.76 8.56
N SER I 965 -85.65 -98.04 8.54
CA SER I 965 -84.24 -98.42 8.53
C SER I 965 -83.64 -98.40 7.13
N CYS I 966 -84.45 -98.79 6.16
CA CYS I 966 -84.05 -98.85 4.76
C CYS I 966 -85.30 -98.94 3.90
N CYS I 967 -85.17 -98.71 2.60
CA CYS I 967 -86.35 -98.68 1.73
C CYS I 967 -86.10 -99.28 0.35
N CYS I 968 -87.19 -99.72 -0.28
CA CYS I 968 -87.12 -100.29 -1.62
C CYS I 968 -88.47 -100.20 -2.34
N LEU I 969 -88.46 -99.66 -3.55
CA LEU I 969 -89.65 -99.64 -4.40
C LEU I 969 -89.90 -100.98 -5.08
N SER I 970 -91.17 -101.26 -5.35
CA SER I 970 -91.59 -102.47 -6.05
C SER I 970 -91.30 -102.41 -7.54
N PRO I 971 -91.12 -103.59 -8.17
CA PRO I 971 -91.00 -103.65 -9.64
C PRO I 971 -92.29 -103.17 -10.30
N HIS I 972 -92.16 -102.52 -11.44
CA HIS I 972 -93.31 -101.94 -12.16
C HIS I 972 -94.12 -101.00 -11.27
N LEU I 973 -93.42 -100.31 -10.36
CA LEU I 973 -94.02 -99.32 -9.48
C LEU I 973 -95.17 -99.90 -8.64
N GLN I 974 -96.20 -99.08 -8.44
CA GLN I 974 -97.45 -99.47 -7.78
C GLN I 974 -97.33 -99.76 -6.28
N TYR I 975 -96.11 -99.79 -5.76
CA TYR I 975 -95.89 -100.04 -4.34
C TYR I 975 -94.63 -99.35 -3.85
N ILE I 976 -94.48 -99.34 -2.53
CA ILE I 976 -93.30 -98.80 -1.85
C ILE I 976 -93.03 -99.71 -0.66
N ALA I 977 -91.79 -99.78 -0.19
CA ALA I 977 -91.49 -100.66 0.94
C ALA I 977 -90.35 -100.15 1.80
N PHE I 978 -90.29 -100.64 3.02
CA PHE I 978 -89.25 -100.26 3.96
C PHE I 978 -88.96 -101.35 5.00
N GLY I 979 -87.74 -101.34 5.52
CA GLY I 979 -87.34 -102.25 6.59
C GLY I 979 -87.61 -101.66 7.95
N ASP I 980 -87.08 -102.31 8.99
CA ASP I 980 -87.29 -101.84 10.35
C ASP I 980 -86.16 -102.33 11.25
N GLU I 981 -86.04 -101.71 12.43
CA GLU I 981 -84.99 -102.05 13.39
C GLU I 981 -85.12 -103.49 13.88
N ASN I 982 -86.36 -103.99 13.89
CA ASN I 982 -86.63 -105.38 14.26
C ASN I 982 -86.43 -106.32 13.08
N GLY I 983 -86.15 -105.75 11.91
CA GLY I 983 -86.01 -106.53 10.69
C GLY I 983 -87.33 -106.76 9.98
N ALA I 984 -88.40 -106.22 10.56
CA ALA I 984 -89.71 -106.26 9.93
C ALA I 984 -89.70 -105.44 8.65
N ILE I 985 -90.41 -105.88 7.62
CA ILE I 985 -90.40 -105.15 6.36
C ILE I 985 -91.81 -104.96 5.80
N GLU I 986 -92.31 -103.74 5.90
CA GLU I 986 -93.61 -103.38 5.32
C GLU I 986 -93.52 -103.05 3.83
N ILE I 987 -94.60 -103.31 3.10
CA ILE I 987 -94.69 -102.88 1.71
C ILE I 987 -96.01 -102.12 1.48
N LEU I 988 -96.00 -100.83 1.79
CA LEU I 988 -97.18 -99.99 1.60
C LEU I 988 -97.57 -99.87 0.13
N GLU I 989 -98.86 -100.02 -0.16
CA GLU I 989 -99.35 -99.79 -1.51
C GLU I 989 -99.46 -98.30 -1.80
N LEU I 990 -99.22 -97.92 -3.06
CA LEU I 990 -99.36 -96.53 -3.47
C LEU I 990 -100.83 -96.11 -3.61
N VAL I 991 -101.63 -97.02 -4.13
CA VAL I 991 -103.05 -96.74 -4.39
C VAL I 991 -103.81 -96.47 -3.10
N ASN I 992 -103.40 -97.13 -2.01
CA ASN I 992 -104.08 -96.96 -0.74
C ASN I 992 -103.13 -97.16 0.43
N ASN I 993 -103.08 -96.18 1.32
CA ASN I 993 -102.24 -96.25 2.51
C ASN I 993 -102.71 -97.30 3.52
N ARG I 994 -103.98 -97.66 3.47
CA ARG I 994 -104.52 -98.66 4.39
C ARG I 994 -103.96 -100.06 4.15
N ILE I 995 -103.63 -100.37 2.90
CA ILE I 995 -103.16 -101.70 2.54
C ILE I 995 -101.64 -101.83 2.69
N PHE I 996 -101.22 -102.83 3.47
CA PHE I 996 -99.81 -103.09 3.69
C PHE I 996 -99.62 -104.52 4.18
N GLN I 997 -98.40 -105.02 4.04
CA GLN I 997 -98.01 -106.29 4.64
C GLN I 997 -96.78 -105.99 5.48
N SER I 998 -96.73 -106.51 6.71
CA SER I 998 -95.55 -106.31 7.57
C SER I 998 -94.92 -107.67 7.83
N ARG I 999 -93.62 -107.79 7.66
CA ARG I 999 -92.96 -109.08 7.90
C ARG I 999 -92.05 -108.98 9.12
N PHE I 1000 -92.21 -109.92 10.06
CA PHE I 1000 -91.38 -109.89 11.25
C PHE I 1000 -90.29 -110.96 11.16
N GLN I 1001 -89.03 -110.54 11.17
CA GLN I 1001 -87.96 -111.48 10.86
C GLN I 1001 -86.62 -110.84 11.21
N HIS I 1002 -85.58 -111.66 11.30
CA HIS I 1002 -84.20 -111.24 11.56
C HIS I 1002 -83.99 -110.78 12.99
N LYS I 1003 -82.88 -111.22 13.58
CA LYS I 1003 -82.54 -110.90 14.95
C LYS I 1003 -82.32 -109.40 15.15
N LYS I 1004 -81.87 -108.73 14.09
CA LYS I 1004 -81.59 -107.30 14.15
C LYS I 1004 -82.20 -106.59 12.95
N THR I 1005 -81.71 -105.40 12.67
CA THR I 1005 -82.16 -104.64 11.50
C THR I 1005 -81.84 -105.39 10.22
N VAL I 1006 -82.79 -105.42 9.29
CA VAL I 1006 -82.59 -106.10 8.02
C VAL I 1006 -81.49 -105.45 7.19
N TRP I 1007 -80.66 -106.27 6.53
CA TRP I 1007 -79.63 -105.75 5.65
C TRP I 1007 -80.19 -105.53 4.25
N HIS I 1008 -79.66 -106.26 3.29
CA HIS I 1008 -80.03 -106.12 1.89
C HIS I 1008 -81.49 -106.49 1.65
N ILE I 1009 -82.14 -105.73 0.77
CA ILE I 1009 -83.52 -106.00 0.38
C ILE I 1009 -83.65 -105.92 -1.13
N GLN I 1010 -84.28 -106.92 -1.74
CA GLN I 1010 -84.46 -106.92 -3.18
C GLN I 1010 -85.72 -107.70 -3.57
N PHE I 1011 -86.36 -107.24 -4.64
CA PHE I 1011 -87.60 -107.84 -5.10
C PHE I 1011 -87.36 -108.70 -6.34
N THR I 1012 -88.23 -109.68 -6.56
CA THR I 1012 -88.16 -110.53 -7.75
C THR I 1012 -88.65 -109.76 -8.97
N ALA I 1013 -88.45 -110.35 -10.14
CA ALA I 1013 -88.96 -109.76 -11.38
C ALA I 1013 -90.48 -109.67 -11.32
N ASP I 1014 -91.09 -110.59 -10.59
CA ASP I 1014 -92.50 -110.51 -10.26
C ASP I 1014 -92.72 -109.37 -9.27
N GLU I 1015 -93.89 -108.76 -9.31
CA GLU I 1015 -94.23 -107.70 -8.37
C GLU I 1015 -94.29 -108.27 -6.95
N LYS I 1016 -94.55 -109.57 -6.86
CA LYS I 1016 -94.62 -110.27 -5.59
C LYS I 1016 -93.25 -110.72 -5.08
N THR I 1017 -93.24 -111.21 -3.84
CA THR I 1017 -92.09 -111.85 -3.20
C THR I 1017 -90.98 -110.88 -2.80
N LEU I 1018 -90.98 -110.48 -1.53
CA LEU I 1018 -89.86 -109.79 -0.91
C LEU I 1018 -88.67 -110.73 -0.72
N ILE I 1019 -87.46 -110.22 -0.85
CA ILE I 1019 -86.29 -111.00 -0.46
C ILE I 1019 -85.40 -110.10 0.41
N SER I 1020 -84.82 -110.67 1.46
CA SER I 1020 -84.04 -109.89 2.42
C SER I 1020 -83.02 -110.74 3.16
N SER I 1021 -82.15 -110.09 3.93
CA SER I 1021 -81.19 -110.79 4.77
C SER I 1021 -80.73 -109.91 5.92
N SER I 1022 -80.15 -110.51 6.95
CA SER I 1022 -79.61 -109.77 8.08
C SER I 1022 -78.64 -110.64 8.89
N ASP I 1023 -78.77 -110.58 10.22
CA ASP I 1023 -77.87 -111.32 11.10
C ASP I 1023 -78.08 -112.83 10.98
N ASP I 1024 -79.26 -113.24 10.52
CA ASP I 1024 -79.56 -114.66 10.34
C ASP I 1024 -78.67 -115.28 9.26
N ALA I 1025 -78.25 -116.53 9.49
CA ALA I 1025 -77.46 -117.25 8.51
C ALA I 1025 -78.26 -117.47 7.23
N GLU I 1026 -79.57 -117.63 7.40
CA GLU I 1026 -80.47 -117.85 6.27
C GLU I 1026 -80.72 -116.57 5.49
N ILE I 1027 -80.97 -116.70 4.19
CA ILE I 1027 -81.42 -115.56 3.40
C ILE I 1027 -82.94 -115.60 3.29
N GLN I 1028 -83.58 -114.62 3.92
CA GLN I 1028 -85.04 -114.53 3.90
C GLN I 1028 -85.60 -114.33 2.50
N VAL I 1029 -86.69 -115.05 2.23
CA VAL I 1029 -87.52 -114.78 1.06
C VAL I 1029 -88.96 -114.79 1.53
N TRP I 1030 -89.48 -113.61 1.82
CA TRP I 1030 -90.84 -113.48 2.33
C TRP I 1030 -91.77 -112.90 1.28
N ASN I 1031 -92.54 -113.77 0.62
CA ASN I 1031 -93.53 -113.27 -0.31
C ASN I 1031 -94.57 -112.51 0.47
N TRP I 1032 -94.96 -111.34 -0.03
CA TRP I 1032 -95.95 -110.51 0.66
C TRP I 1032 -97.36 -110.88 0.24
N GLN I 1033 -98.35 -110.36 0.96
CA GLN I 1033 -99.75 -110.71 0.76
C GLN I 1033 -99.99 -112.18 1.08
N LEU I 1034 -99.34 -113.04 0.31
CA LEU I 1034 -99.36 -114.48 0.57
C LEU I 1034 -98.68 -114.79 1.90
N ASP I 1035 -97.81 -113.87 2.32
CA ASP I 1035 -97.07 -113.97 3.57
C ASP I 1035 -96.22 -115.24 3.63
N LYS I 1036 -95.72 -115.66 2.47
CA LYS I 1036 -94.88 -116.86 2.40
C LYS I 1036 -93.51 -116.60 2.99
N CYS I 1037 -92.89 -117.63 3.54
CA CYS I 1037 -91.62 -117.46 4.25
C CYS I 1037 -90.57 -118.48 3.83
N ILE I 1038 -90.27 -118.55 2.53
CA ILE I 1038 -89.23 -119.45 2.07
C ILE I 1038 -87.87 -118.97 2.58
N PHE I 1039 -87.02 -119.89 3.02
CA PHE I 1039 -85.70 -119.49 3.51
C PHE I 1039 -84.56 -120.13 2.72
N LEU I 1040 -83.47 -119.39 2.59
CA LEU I 1040 -82.23 -119.91 2.01
C LEU I 1040 -81.29 -120.34 3.12
N ARG I 1041 -81.31 -121.63 3.45
CA ARG I 1041 -80.55 -122.13 4.58
C ARG I 1041 -79.08 -122.33 4.22
N GLY I 1042 -78.31 -121.25 4.23
CA GLY I 1042 -76.91 -121.30 3.84
C GLY I 1042 -75.92 -121.79 4.88
N HIS I 1043 -76.38 -121.89 6.14
CA HIS I 1043 -75.54 -122.35 7.25
C HIS I 1043 -74.24 -121.55 7.38
N GLN I 1044 -74.28 -120.30 6.96
CA GLN I 1044 -73.22 -119.33 7.16
C GLN I 1044 -73.33 -118.67 8.53
N GLU I 1045 -72.25 -118.01 8.97
CA GLU I 1045 -72.32 -117.23 10.20
C GLU I 1045 -73.35 -116.15 9.95
N THR I 1046 -73.30 -115.58 8.75
CA THR I 1046 -74.37 -114.80 8.19
C THR I 1046 -74.12 -114.70 6.70
N VAL I 1047 -75.15 -114.42 5.90
CA VAL I 1047 -74.90 -114.06 4.52
C VAL I 1047 -74.74 -112.55 4.40
N LYS I 1048 -73.61 -112.13 3.83
CA LYS I 1048 -73.27 -110.72 3.76
C LYS I 1048 -74.16 -109.94 2.81
N ASP I 1049 -74.38 -110.48 1.62
CA ASP I 1049 -75.17 -109.79 0.63
C ASP I 1049 -75.65 -110.76 -0.47
N PHE I 1050 -76.62 -110.32 -1.26
CA PHE I 1050 -77.13 -111.13 -2.35
C PHE I 1050 -77.66 -110.24 -3.47
N ARG I 1051 -77.75 -110.81 -4.67
CA ARG I 1051 -78.24 -110.09 -5.84
C ARG I 1051 -79.03 -111.01 -6.78
N LEU I 1052 -79.91 -110.40 -7.57
CA LEU I 1052 -80.67 -111.13 -8.59
C LEU I 1052 -79.83 -111.54 -9.79
N LEU I 1053 -80.04 -112.76 -10.26
CA LEU I 1053 -79.47 -113.21 -11.52
C LEU I 1053 -80.55 -113.23 -12.60
N LYS I 1054 -80.15 -113.24 -13.87
CA LYS I 1054 -81.10 -113.18 -14.96
C LYS I 1054 -82.05 -114.38 -14.96
N ASN I 1055 -81.56 -115.51 -14.46
CA ASN I 1055 -82.39 -116.71 -14.33
C ASN I 1055 -83.25 -116.66 -13.08
N SER I 1056 -83.73 -117.82 -12.65
CA SER I 1056 -84.44 -117.93 -11.39
C SER I 1056 -83.42 -118.00 -10.26
N ARG I 1057 -82.15 -118.10 -10.64
CA ARG I 1057 -81.05 -118.16 -9.69
C ARG I 1057 -80.90 -116.88 -8.88
N LEU I 1058 -80.49 -117.00 -7.63
CA LEU I 1058 -80.24 -115.85 -6.77
C LEU I 1058 -78.82 -115.85 -6.22
N LEU I 1059 -77.97 -115.00 -6.79
CA LEU I 1059 -76.56 -114.92 -6.38
C LEU I 1059 -76.46 -114.41 -4.94
N SER I 1060 -75.45 -114.89 -4.22
CA SER I 1060 -75.22 -114.45 -2.84
C SER I 1060 -73.79 -114.70 -2.38
N TRP I 1061 -73.38 -114.03 -1.32
CA TRP I 1061 -72.09 -114.28 -0.69
C TRP I 1061 -72.10 -113.85 0.77
N SER I 1062 -71.26 -114.50 1.56
CA SER I 1062 -71.24 -114.29 3.01
C SER I 1062 -69.85 -113.89 3.51
N PHE I 1063 -69.66 -114.01 4.81
CA PHE I 1063 -68.37 -113.73 5.43
C PHE I 1063 -67.36 -114.88 5.29
N ASP I 1064 -67.83 -116.04 4.84
CA ASP I 1064 -66.90 -117.11 4.51
C ASP I 1064 -66.35 -116.93 3.10
N GLY I 1065 -66.92 -115.99 2.37
CA GLY I 1065 -66.45 -115.65 1.05
C GLY I 1065 -66.96 -116.58 -0.04
N THR I 1066 -67.85 -117.49 0.34
CA THR I 1066 -68.47 -118.36 -0.65
C THR I 1066 -69.32 -117.52 -1.60
N VAL I 1067 -69.20 -117.81 -2.89
CA VAL I 1067 -70.04 -117.15 -3.88
C VAL I 1067 -71.14 -118.13 -4.28
N LYS I 1068 -72.17 -118.20 -3.45
CA LYS I 1068 -73.29 -119.10 -3.67
C LYS I 1068 -74.18 -118.65 -4.81
N VAL I 1069 -74.73 -119.62 -5.54
CA VAL I 1069 -75.74 -119.34 -6.54
C VAL I 1069 -77.00 -120.12 -6.19
N TRP I 1070 -77.93 -119.41 -5.55
CA TRP I 1070 -79.18 -119.98 -5.09
C TRP I 1070 -80.26 -119.87 -6.16
N ASN I 1071 -81.51 -119.77 -5.71
CA ASN I 1071 -82.65 -119.53 -6.59
C ASN I 1071 -83.61 -118.50 -5.98
N ILE I 1072 -84.26 -117.71 -6.84
CA ILE I 1072 -85.21 -116.71 -6.37
C ILE I 1072 -86.47 -117.39 -5.85
N ILE I 1073 -87.15 -116.71 -4.93
CA ILE I 1073 -88.36 -117.22 -4.30
C ILE I 1073 -88.05 -118.51 -3.56
N THR I 1074 -87.96 -119.61 -4.31
CA THR I 1074 -87.59 -120.90 -3.73
C THR I 1074 -86.10 -120.96 -3.39
N GLY I 1075 -85.79 -121.27 -2.13
CA GLY I 1075 -84.41 -121.46 -1.72
C GLY I 1075 -83.84 -122.75 -2.25
N ASN I 1076 -82.76 -122.66 -3.01
CA ASN I 1076 -82.11 -123.84 -3.57
C ASN I 1076 -80.70 -123.49 -4.08
N LYS I 1077 -79.69 -123.93 -3.35
CA LYS I 1077 -78.30 -123.59 -3.67
C LYS I 1077 -77.82 -124.44 -4.84
N GLU I 1078 -78.22 -124.04 -6.06
CA GLU I 1078 -77.88 -124.76 -7.29
C GLU I 1078 -76.40 -124.85 -7.71
N LYS I 1079 -75.69 -123.73 -7.63
CA LYS I 1079 -74.25 -123.69 -7.98
C LYS I 1079 -73.56 -123.04 -6.78
N ASP I 1080 -72.49 -123.63 -6.27
CA ASP I 1080 -71.81 -123.04 -5.10
C ASP I 1080 -70.34 -122.73 -5.40
N PHE I 1081 -69.87 -121.54 -5.04
CA PHE I 1081 -68.47 -121.15 -5.31
C PHE I 1081 -67.72 -120.70 -4.05
N VAL I 1082 -66.46 -121.12 -3.91
CA VAL I 1082 -65.68 -120.72 -2.74
C VAL I 1082 -64.50 -119.87 -3.24
N CYS I 1083 -64.81 -118.71 -3.80
CA CYS I 1083 -63.82 -117.86 -4.44
C CYS I 1083 -62.83 -117.26 -3.45
N HIS I 1084 -63.23 -117.14 -2.18
CA HIS I 1084 -62.37 -116.54 -1.17
C HIS I 1084 -62.54 -117.19 0.19
N GLN I 1085 -61.43 -117.55 0.82
CA GLN I 1085 -61.45 -118.02 2.19
C GLN I 1085 -61.89 -116.88 3.11
N GLY I 1086 -61.51 -115.66 2.72
CA GLY I 1086 -61.97 -114.46 3.39
C GLY I 1086 -63.28 -113.99 2.80
N THR I 1087 -63.85 -112.93 3.35
CA THR I 1087 -65.12 -112.42 2.90
C THR I 1087 -65.04 -111.90 1.48
N VAL I 1088 -66.11 -112.09 0.71
CA VAL I 1088 -66.22 -111.46 -0.59
C VAL I 1088 -66.29 -109.95 -0.44
N LEU I 1089 -65.21 -109.26 -0.79
CA LEU I 1089 -65.18 -107.82 -0.54
C LEU I 1089 -66.11 -106.91 -1.36
N SER I 1090 -66.10 -107.08 -2.68
CA SER I 1090 -67.04 -106.45 -3.58
C SER I 1090 -67.13 -107.54 -4.64
N CYS I 1091 -68.32 -107.88 -5.10
CA CYS I 1091 -68.48 -108.81 -6.22
C CYS I 1091 -69.40 -108.09 -7.19
N ASP I 1092 -69.07 -108.05 -8.49
CA ASP I 1092 -69.95 -107.43 -9.47
C ASP I 1092 -70.34 -108.46 -10.52
N ILE I 1093 -71.60 -108.42 -10.94
CA ILE I 1093 -72.10 -109.21 -12.07
C ILE I 1093 -72.39 -108.36 -13.32
N SER I 1094 -72.00 -108.86 -14.49
CA SER I 1094 -72.01 -108.11 -15.76
C SER I 1094 -73.35 -107.60 -16.32
N HIS I 1095 -74.39 -108.43 -16.25
CA HIS I 1095 -75.75 -108.05 -16.68
C HIS I 1095 -76.20 -108.30 -18.13
N ASP I 1096 -75.31 -108.79 -19.00
CA ASP I 1096 -75.71 -109.38 -20.26
C ASP I 1096 -75.81 -110.89 -20.06
N ALA I 1097 -76.90 -111.48 -20.52
CA ALA I 1097 -77.21 -112.90 -20.28
C ALA I 1097 -76.91 -113.28 -18.82
N THR I 1098 -76.18 -114.36 -18.64
CA THR I 1098 -75.59 -114.70 -17.37
C THR I 1098 -74.18 -115.22 -17.66
N LYS I 1099 -73.63 -114.71 -18.76
CA LYS I 1099 -72.41 -115.23 -19.37
C LYS I 1099 -71.17 -115.09 -18.47
N PHE I 1100 -71.16 -114.09 -17.61
CA PHE I 1100 -70.05 -113.89 -16.69
C PHE I 1100 -70.42 -113.26 -15.36
N SER I 1101 -69.57 -113.50 -14.36
CA SER I 1101 -69.62 -112.81 -13.09
C SER I 1101 -68.24 -112.91 -12.45
N SER I 1102 -67.88 -111.94 -11.62
CA SER I 1102 -66.56 -111.93 -11.03
C SER I 1102 -66.55 -111.26 -9.66
N THR I 1103 -65.52 -111.57 -8.89
CA THR I 1103 -65.33 -110.98 -7.58
C THR I 1103 -63.86 -110.87 -7.23
N SER I 1104 -63.55 -109.91 -6.36
CA SER I 1104 -62.21 -109.74 -5.83
C SER I 1104 -62.33 -109.40 -4.35
N ALA I 1105 -61.44 -109.95 -3.53
CA ALA I 1105 -61.58 -109.81 -2.09
C ALA I 1105 -60.26 -109.87 -1.36
N ASP I 1106 -59.36 -108.94 -1.70
CA ASP I 1106 -58.05 -108.83 -1.08
C ASP I 1106 -57.32 -110.17 -1.18
N LYS I 1107 -57.35 -110.74 -2.37
CA LYS I 1107 -56.71 -112.03 -2.62
C LYS I 1107 -56.47 -112.22 -4.11
N THR I 1108 -57.52 -112.62 -4.83
CA THR I 1108 -57.43 -112.80 -6.28
C THR I 1108 -58.72 -112.32 -6.95
N ALA I 1109 -58.61 -111.78 -8.15
CA ALA I 1109 -59.78 -111.35 -8.90
C ALA I 1109 -60.35 -112.50 -9.74
N LYS I 1110 -61.14 -113.36 -9.10
CA LYS I 1110 -61.73 -114.50 -9.79
C LYS I 1110 -62.89 -114.12 -10.69
N ILE I 1111 -63.07 -114.89 -11.77
CA ILE I 1111 -64.15 -114.67 -12.73
C ILE I 1111 -64.63 -116.02 -13.28
N TRP I 1112 -65.94 -116.12 -13.49
CA TRP I 1112 -66.60 -117.37 -13.85
C TRP I 1112 -67.78 -117.13 -14.79
N SER I 1113 -68.26 -118.21 -15.40
CA SER I 1113 -69.43 -118.16 -16.27
C SER I 1113 -70.58 -118.96 -15.68
N PHE I 1114 -70.48 -119.28 -14.39
CA PHE I 1114 -71.46 -120.07 -13.64
C PHE I 1114 -71.52 -121.55 -14.06
N ASP I 1115 -71.13 -121.86 -15.29
CA ASP I 1115 -71.19 -123.22 -15.78
C ASP I 1115 -70.27 -124.15 -14.99
N LEU I 1116 -69.16 -123.61 -14.50
CA LEU I 1116 -68.23 -124.39 -13.68
C LEU I 1116 -68.40 -124.08 -12.19
N LEU I 1117 -68.06 -125.03 -11.35
CA LEU I 1117 -68.14 -124.85 -9.90
C LEU I 1117 -66.96 -124.02 -9.39
N LEU I 1118 -66.00 -123.80 -10.27
CA LEU I 1118 -64.84 -122.98 -9.97
C LEU I 1118 -64.70 -121.91 -11.04
N PRO I 1119 -64.10 -120.76 -10.69
CA PRO I 1119 -64.04 -119.64 -11.64
C PRO I 1119 -63.24 -119.96 -12.89
N LEU I 1120 -63.67 -119.42 -14.03
CA LEU I 1120 -63.01 -119.66 -15.30
C LEU I 1120 -61.59 -119.10 -15.32
N HIS I 1121 -61.34 -118.09 -14.49
CA HIS I 1121 -59.99 -117.60 -14.34
C HIS I 1121 -59.82 -116.97 -12.96
N GLU I 1122 -58.59 -116.98 -12.45
CA GLU I 1122 -58.30 -116.42 -11.14
C GLU I 1122 -57.21 -115.36 -11.29
N LEU I 1123 -57.62 -114.12 -11.53
CA LEU I 1123 -56.65 -113.06 -11.80
C LEU I 1123 -55.74 -112.84 -10.60
N ARG I 1124 -54.45 -112.70 -10.88
CA ARG I 1124 -53.43 -112.55 -9.85
C ARG I 1124 -52.40 -111.52 -10.27
N GLY I 1125 -52.87 -110.44 -10.88
CA GLY I 1125 -52.00 -109.38 -11.35
C GLY I 1125 -51.68 -108.33 -10.31
N HIS I 1126 -52.21 -108.49 -9.10
CA HIS I 1126 -52.03 -107.48 -8.07
C HIS I 1126 -51.58 -108.09 -6.75
N ASN I 1127 -50.31 -107.88 -6.42
CA ASN I 1127 -49.73 -108.35 -5.16
C ASN I 1127 -50.33 -107.65 -3.94
N GLY I 1128 -50.82 -106.44 -4.17
CA GLY I 1128 -51.49 -105.69 -3.12
C GLY I 1128 -52.94 -106.10 -3.01
N CYS I 1129 -53.36 -107.01 -3.90
CA CYS I 1129 -54.68 -107.61 -3.88
C CYS I 1129 -55.80 -106.62 -4.20
N VAL I 1130 -56.53 -106.89 -5.28
CA VAL I 1130 -57.65 -106.05 -5.70
C VAL I 1130 -58.80 -106.06 -4.69
N ARG I 1131 -59.36 -104.88 -4.43
CA ARG I 1131 -60.41 -104.72 -3.44
C ARG I 1131 -61.83 -104.85 -4.01
N CYS I 1132 -62.02 -104.43 -5.26
CA CYS I 1132 -63.35 -104.42 -5.85
C CYS I 1132 -63.29 -104.47 -7.37
N SER I 1133 -64.43 -104.80 -7.99
CA SER I 1133 -64.49 -104.95 -9.44
C SER I 1133 -65.87 -104.64 -10.00
N ALA I 1134 -65.92 -104.24 -11.26
CA ALA I 1134 -67.19 -103.97 -11.93
C ALA I 1134 -67.12 -104.28 -13.42
N PHE I 1135 -68.18 -104.91 -13.95
CA PHE I 1135 -68.27 -105.25 -15.37
C PHE I 1135 -68.61 -104.10 -16.31
N SER I 1136 -68.18 -104.28 -17.56
CA SER I 1136 -68.48 -103.35 -18.64
C SER I 1136 -69.96 -103.28 -18.95
N VAL I 1137 -70.38 -102.14 -19.48
CA VAL I 1137 -71.78 -101.95 -19.85
C VAL I 1137 -72.01 -102.73 -21.15
N ASP I 1138 -72.24 -104.03 -21.00
CA ASP I 1138 -72.46 -104.95 -22.11
C ASP I 1138 -71.32 -104.92 -23.14
N SER I 1139 -70.08 -104.92 -22.64
CA SER I 1139 -68.90 -104.96 -23.51
C SER I 1139 -68.00 -106.15 -23.15
N THR I 1140 -66.71 -105.87 -22.99
CA THR I 1140 -65.74 -106.92 -22.64
C THR I 1140 -64.73 -106.42 -21.60
N LEU I 1141 -64.94 -105.19 -21.13
CA LEU I 1141 -64.11 -104.62 -20.08
C LEU I 1141 -64.49 -105.14 -18.70
N LEU I 1142 -63.54 -105.12 -17.77
CA LEU I 1142 -63.81 -105.51 -16.40
C LEU I 1142 -62.83 -104.85 -15.43
N ALA I 1143 -63.27 -103.75 -14.82
CA ALA I 1143 -62.44 -103.01 -13.88
C ALA I 1143 -62.14 -103.83 -12.63
N THR I 1144 -60.95 -103.62 -12.07
CA THR I 1144 -60.60 -104.21 -10.78
C THR I 1144 -60.01 -103.13 -9.88
N GLY I 1145 -60.83 -102.65 -8.94
CA GLY I 1145 -60.47 -101.55 -8.08
C GLY I 1145 -59.55 -101.87 -6.91
N ASP I 1146 -58.55 -101.03 -6.71
CA ASP I 1146 -57.61 -101.18 -5.60
C ASP I 1146 -58.02 -100.33 -4.41
N ASP I 1147 -57.43 -100.60 -3.25
CA ASP I 1147 -57.75 -99.87 -2.02
C ASP I 1147 -57.39 -98.40 -2.13
N ASN I 1148 -56.38 -98.08 -2.94
CA ASN I 1148 -55.93 -96.71 -3.12
C ASN I 1148 -56.62 -96.06 -4.31
N GLY I 1149 -57.70 -96.68 -4.78
CA GLY I 1149 -58.49 -96.11 -5.85
C GLY I 1149 -57.95 -96.45 -7.21
N GLU I 1150 -56.83 -97.17 -7.23
CA GLU I 1150 -56.25 -97.64 -8.48
C GLU I 1150 -57.20 -98.62 -9.16
N ILE I 1151 -57.31 -98.51 -10.48
CA ILE I 1151 -58.17 -99.41 -11.23
C ILE I 1151 -57.35 -100.17 -12.26
N ARG I 1152 -57.57 -101.47 -12.35
CA ARG I 1152 -56.92 -102.26 -13.40
C ARG I 1152 -57.97 -102.91 -14.27
N ILE I 1153 -58.10 -102.40 -15.50
CA ILE I 1153 -59.06 -102.97 -16.44
C ILE I 1153 -58.57 -104.35 -16.91
N TRP I 1154 -59.49 -105.28 -17.06
CA TRP I 1154 -59.16 -106.61 -17.53
C TRP I 1154 -60.19 -107.05 -18.58
N ASN I 1155 -59.72 -107.51 -19.73
CA ASN I 1155 -60.62 -107.96 -20.78
C ASN I 1155 -61.38 -109.19 -20.29
N VAL I 1156 -62.66 -109.28 -20.63
CA VAL I 1156 -63.46 -110.42 -20.21
C VAL I 1156 -63.16 -111.58 -21.16
N SER I 1157 -62.00 -112.20 -20.93
CA SER I 1157 -61.53 -113.35 -21.69
C SER I 1157 -60.39 -113.98 -20.91
N ASN I 1158 -60.74 -114.74 -19.87
CA ASN I 1158 -59.78 -115.24 -18.89
C ASN I 1158 -59.04 -114.07 -18.24
N GLY I 1159 -58.02 -113.58 -18.93
CA GLY I 1159 -57.27 -112.43 -18.47
C GLY I 1159 -55.97 -112.25 -19.23
N GLU I 1160 -55.55 -111.00 -19.37
CA GLU I 1160 -54.29 -110.68 -20.01
C GLU I 1160 -53.78 -109.35 -19.46
N LEU I 1161 -52.47 -109.12 -19.55
CA LEU I 1161 -51.88 -107.94 -18.93
C LEU I 1161 -52.28 -106.66 -19.67
N LEU I 1162 -53.56 -106.33 -19.58
CA LEU I 1162 -54.08 -105.09 -20.14
C LEU I 1162 -53.52 -103.90 -19.39
N HIS I 1163 -53.31 -102.79 -20.09
CA HIS I 1163 -52.69 -101.64 -19.46
C HIS I 1163 -53.61 -101.28 -18.31
N LEU I 1164 -53.03 -101.03 -17.14
CA LEU I 1164 -53.82 -100.65 -15.99
C LEU I 1164 -54.49 -99.31 -16.28
N CYS I 1165 -55.74 -99.15 -15.85
CA CYS I 1165 -56.43 -97.89 -16.03
C CYS I 1165 -55.61 -96.88 -15.25
N ALA I 1166 -55.15 -97.32 -14.08
CA ALA I 1166 -54.19 -96.57 -13.29
C ALA I 1166 -54.69 -95.19 -12.93
N PRO I 1167 -55.95 -95.06 -12.54
CA PRO I 1167 -56.61 -93.75 -12.52
C PRO I 1167 -55.94 -92.69 -11.64
N LEU I 1168 -55.41 -93.06 -10.48
CA LEU I 1168 -54.75 -92.08 -9.61
C LEU I 1168 -53.26 -92.41 -9.39
N SER I 1169 -52.40 -91.45 -9.69
CA SER I 1169 -50.96 -91.68 -9.52
C SER I 1169 -50.31 -90.78 -8.47
N GLU I 1170 -50.48 -89.47 -8.61
CA GLU I 1170 -49.93 -88.51 -7.66
C GLU I 1170 -51.04 -87.80 -6.89
N GLU I 1171 -50.92 -87.77 -5.58
CA GLU I 1171 -51.93 -87.15 -4.73
C GLU I 1171 -51.44 -87.01 -3.31
N GLY I 1172 -51.51 -88.11 -2.56
CA GLY I 1172 -51.04 -88.15 -1.20
C GLY I 1172 -52.18 -88.45 -0.25
N ALA I 1173 -52.06 -88.02 1.00
CA ALA I 1173 -53.06 -88.29 2.02
C ALA I 1173 -53.91 -87.05 2.34
N ALA I 1174 -53.77 -86.02 1.53
CA ALA I 1174 -54.30 -84.71 1.86
C ALA I 1174 -55.82 -84.62 2.02
N THR I 1175 -56.59 -85.34 1.19
CA THR I 1175 -58.04 -85.15 1.26
C THR I 1175 -59.05 -86.28 0.90
N HIS I 1176 -60.28 -86.11 1.40
CA HIS I 1176 -61.51 -86.91 1.13
C HIS I 1176 -61.46 -88.33 0.57
N GLY I 1177 -60.44 -88.58 -0.23
CA GLY I 1177 -60.38 -89.66 -1.19
C GLY I 1177 -60.52 -91.10 -0.76
N GLY I 1178 -59.95 -91.53 0.36
CA GLY I 1178 -60.03 -92.94 0.67
C GLY I 1178 -61.20 -93.73 0.09
N TRP I 1179 -60.93 -95.01 -0.20
CA TRP I 1179 -61.90 -95.98 -0.64
C TRP I 1179 -61.99 -96.01 -2.15
N VAL I 1180 -62.35 -97.17 -2.65
CA VAL I 1180 -62.59 -97.32 -4.05
C VAL I 1180 -64.00 -97.87 -4.10
N THR I 1181 -64.97 -97.01 -3.85
CA THR I 1181 -66.37 -97.41 -3.69
C THR I 1181 -67.05 -98.03 -4.92
N ASP I 1182 -66.88 -97.41 -6.08
CA ASP I 1182 -67.59 -97.85 -7.26
C ASP I 1182 -66.94 -97.41 -8.55
N LEU I 1183 -67.30 -98.09 -9.64
CA LEU I 1183 -66.92 -97.67 -10.98
C LEU I 1183 -68.16 -97.57 -11.85
N CYS I 1184 -68.31 -96.43 -12.52
CA CYS I 1184 -69.40 -96.23 -13.47
C CYS I 1184 -68.93 -96.09 -14.91
N PHE I 1185 -68.88 -97.20 -15.64
CA PHE I 1185 -68.51 -97.18 -17.05
C PHE I 1185 -69.47 -96.37 -17.91
N SER I 1186 -68.92 -95.66 -18.88
CA SER I 1186 -69.71 -94.93 -19.86
C SER I 1186 -70.38 -95.92 -20.81
N PRO I 1187 -71.55 -95.55 -21.36
CA PRO I 1187 -72.23 -96.43 -22.32
C PRO I 1187 -71.35 -96.76 -23.51
N ASP I 1188 -70.52 -95.80 -23.91
CA ASP I 1188 -69.54 -96.02 -24.96
C ASP I 1188 -68.51 -97.06 -24.53
N GLY I 1189 -68.27 -97.12 -23.22
CA GLY I 1189 -67.31 -98.05 -22.66
C GLY I 1189 -65.91 -97.49 -22.76
N LYS I 1190 -65.80 -96.30 -23.34
CA LYS I 1190 -64.51 -95.63 -23.50
C LYS I 1190 -64.12 -94.84 -22.25
N MET I 1191 -65.04 -94.75 -21.29
CA MET I 1191 -64.79 -93.98 -20.09
C MET I 1191 -65.20 -94.71 -18.81
N LEU I 1192 -64.37 -94.57 -17.78
CA LEU I 1192 -64.73 -95.07 -16.47
C LEU I 1192 -64.90 -93.90 -15.51
N ILE I 1193 -66.08 -93.81 -14.89
CA ILE I 1193 -66.35 -92.82 -13.88
C ILE I 1193 -65.92 -93.36 -12.52
N SER I 1194 -64.65 -93.11 -12.17
CA SER I 1194 -64.14 -93.47 -10.85
C SER I 1194 -64.73 -92.53 -9.81
N ALA I 1195 -65.03 -93.08 -8.63
CA ALA I 1195 -65.61 -92.28 -7.56
C ALA I 1195 -65.05 -92.71 -6.21
N GLY I 1196 -64.05 -91.96 -5.74
CA GLY I 1196 -63.46 -92.20 -4.43
C GLY I 1196 -63.51 -90.95 -3.58
N GLY I 1197 -62.43 -90.19 -3.59
CA GLY I 1197 -62.42 -88.90 -2.92
C GLY I 1197 -63.23 -87.91 -3.73
N TYR I 1198 -63.34 -88.17 -5.03
CA TYR I 1198 -64.18 -87.37 -5.93
C TYR I 1198 -64.27 -88.05 -7.29
N ILE I 1199 -65.29 -87.70 -8.06
CA ILE I 1199 -65.44 -88.25 -9.41
C ILE I 1199 -64.30 -87.87 -10.32
N LYS I 1200 -63.78 -88.83 -11.07
CA LYS I 1200 -62.94 -88.51 -12.21
C LYS I 1200 -63.18 -89.52 -13.32
N TRP I 1201 -63.36 -89.00 -14.53
CA TRP I 1201 -63.67 -89.80 -15.68
C TRP I 1201 -62.40 -90.28 -16.35
N TRP I 1202 -61.77 -91.32 -15.80
CA TRP I 1202 -60.57 -91.85 -16.38
C TRP I 1202 -60.91 -92.39 -17.76
N ASN I 1203 -60.04 -92.13 -18.72
CA ASN I 1203 -60.14 -92.78 -20.02
C ASN I 1203 -59.73 -94.24 -19.87
N VAL I 1204 -60.48 -95.13 -20.50
CA VAL I 1204 -60.15 -96.54 -20.42
C VAL I 1204 -58.80 -96.78 -21.11
N VAL I 1205 -57.96 -97.57 -20.45
CA VAL I 1205 -56.62 -97.89 -20.93
C VAL I 1205 -55.77 -96.65 -21.21
N THR I 1206 -54.83 -96.37 -20.32
CA THR I 1206 -53.85 -95.29 -20.45
C THR I 1206 -54.47 -93.89 -20.43
N GLY I 1207 -54.09 -93.10 -19.43
CA GLY I 1207 -54.50 -91.71 -19.36
C GLY I 1207 -55.91 -91.52 -18.84
N GLU I 1208 -56.41 -90.29 -18.95
CA GLU I 1208 -57.76 -89.96 -18.49
C GLU I 1208 -58.53 -89.18 -19.55
N SER I 1209 -59.86 -89.28 -19.49
CA SER I 1209 -60.74 -88.46 -20.31
C SER I 1209 -61.21 -87.26 -19.48
N SER I 1210 -62.49 -87.23 -19.13
CA SER I 1210 -63.03 -86.13 -18.32
C SER I 1210 -62.82 -86.35 -16.83
N GLN I 1211 -61.57 -86.23 -16.39
CA GLN I 1211 -61.21 -86.39 -14.98
C GLN I 1211 -61.83 -85.34 -14.05
N THR I 1212 -61.87 -84.10 -14.53
CA THR I 1212 -62.19 -82.90 -13.74
C THR I 1212 -63.06 -83.02 -12.49
N PHE I 1213 -64.21 -82.36 -12.50
CA PHE I 1213 -65.08 -82.37 -11.33
C PHE I 1213 -64.36 -81.98 -10.03
N TYR I 1214 -64.50 -82.84 -9.03
CA TYR I 1214 -64.13 -82.56 -7.65
C TYR I 1214 -65.41 -82.33 -6.86
N THR I 1215 -65.80 -83.31 -6.06
CA THR I 1215 -67.04 -83.25 -5.30
C THR I 1215 -66.95 -82.41 -4.03
N ASN I 1216 -68.07 -81.79 -3.65
CA ASN I 1216 -68.08 -81.04 -2.40
C ASN I 1216 -68.04 -81.91 -1.15
N GLY I 1217 -68.90 -82.92 -1.12
CA GLY I 1217 -68.96 -83.88 -0.02
C GLY I 1217 -67.78 -84.82 0.09
N THR I 1218 -67.39 -85.37 -1.05
CA THR I 1218 -66.39 -86.41 -1.13
C THR I 1218 -67.05 -87.73 -0.76
N ASN I 1219 -66.29 -88.83 -0.81
CA ASN I 1219 -66.73 -90.11 -0.25
C ASN I 1219 -68.08 -90.64 -0.73
N LEU I 1220 -68.37 -90.53 -2.02
CA LEU I 1220 -69.58 -91.13 -2.56
C LEU I 1220 -69.47 -92.65 -2.42
N LYS I 1221 -70.56 -93.29 -2.02
CA LYS I 1221 -70.61 -94.74 -1.90
C LYS I 1221 -71.61 -95.43 -2.83
N LYS I 1222 -72.22 -94.72 -3.76
CA LYS I 1222 -73.21 -95.38 -4.61
C LYS I 1222 -73.17 -94.90 -6.06
N ILE I 1223 -73.56 -95.76 -7.00
CA ILE I 1223 -73.59 -95.30 -8.36
C ILE I 1223 -74.99 -95.54 -8.97
N HIS I 1224 -75.54 -94.46 -9.52
CA HIS I 1224 -76.80 -94.52 -10.25
C HIS I 1224 -76.60 -94.00 -11.67
N VAL I 1225 -77.06 -94.78 -12.65
CA VAL I 1225 -76.97 -94.37 -14.05
C VAL I 1225 -78.31 -94.51 -14.76
N SER I 1226 -78.69 -93.49 -15.53
CA SER I 1226 -79.92 -93.56 -16.32
C SER I 1226 -79.72 -94.49 -17.51
N PRO I 1227 -80.76 -95.21 -17.89
CA PRO I 1227 -80.68 -96.13 -19.03
C PRO I 1227 -79.92 -95.46 -20.17
N ASP I 1228 -80.28 -94.21 -20.42
CA ASP I 1228 -79.58 -93.37 -21.39
C ASP I 1228 -78.13 -93.19 -20.96
N PHE I 1229 -77.91 -93.10 -19.65
CA PHE I 1229 -76.58 -92.87 -19.10
C PHE I 1229 -76.22 -91.39 -19.11
N LYS I 1230 -77.17 -90.56 -19.52
CA LYS I 1230 -76.94 -89.12 -19.57
C LYS I 1230 -76.69 -88.48 -18.20
N THR I 1231 -77.44 -88.88 -17.17
CA THR I 1231 -77.35 -88.26 -15.85
C THR I 1231 -77.04 -89.22 -14.70
N TYR I 1232 -76.03 -88.91 -13.97
CA TYR I 1232 -75.72 -89.56 -12.71
C TYR I 1232 -75.56 -88.46 -11.67
N VAL I 1233 -76.25 -88.60 -10.54
CA VAL I 1233 -76.13 -87.64 -9.46
C VAL I 1233 -75.58 -88.38 -8.26
N THR I 1234 -74.55 -87.83 -7.60
CA THR I 1234 -73.97 -88.49 -6.43
C THR I 1234 -74.26 -87.64 -5.19
N VAL I 1235 -74.65 -88.28 -4.10
CA VAL I 1235 -74.58 -87.64 -2.80
C VAL I 1235 -73.49 -88.34 -1.99
N ASP I 1236 -72.45 -87.60 -1.62
CA ASP I 1236 -71.34 -88.16 -0.86
C ASP I 1236 -71.05 -87.40 0.44
N ASN I 1237 -70.89 -88.15 1.52
CA ASN I 1237 -70.46 -87.56 2.78
C ASN I 1237 -71.54 -86.67 3.37
N LEU I 1238 -72.75 -86.78 2.81
CA LEU I 1238 -73.87 -85.98 3.27
C LEU I 1238 -73.71 -84.54 2.80
N GLY I 1239 -72.79 -84.33 1.87
CA GLY I 1239 -72.54 -82.99 1.36
C GLY I 1239 -73.85 -82.48 0.80
N ILE I 1240 -74.55 -83.38 0.12
CA ILE I 1240 -75.85 -83.15 -0.49
C ILE I 1240 -75.93 -84.09 -1.68
N LEU I 1241 -77.04 -84.04 -2.42
CA LEU I 1241 -77.11 -84.82 -3.67
C LEU I 1241 -76.74 -83.88 -4.83
N TYR I 1242 -75.85 -84.29 -5.74
CA TYR I 1242 -75.47 -83.45 -6.90
C TYR I 1242 -75.97 -84.14 -8.20
N ILE I 1243 -76.65 -83.41 -9.09
CA ILE I 1243 -77.17 -84.00 -10.34
C ILE I 1243 -76.37 -83.43 -11.54
N LEU I 1244 -75.97 -84.30 -12.47
CA LEU I 1244 -75.24 -83.89 -13.66
C LEU I 1244 -76.05 -84.14 -14.95
N GLN I 1245 -76.12 -83.12 -15.80
CA GLN I 1245 -76.85 -83.22 -17.06
C GLN I 1245 -76.08 -82.56 -18.20
N THR I 1246 -75.08 -83.26 -18.71
CA THR I 1246 -74.26 -82.75 -19.81
C THR I 1246 -75.11 -82.12 -20.89
N LEU I 1247 -74.60 -81.07 -21.52
CA LEU I 1247 -75.32 -80.38 -22.59
C LEU I 1247 -74.75 -80.73 -23.96
N GLU I 1248 -74.89 -79.81 -24.90
CA GLU I 1248 -74.39 -80.02 -26.25
C GLU I 1248 -72.93 -79.61 -26.37
N GLY J 2 -41.73 -109.01 18.09
CA GLY J 2 -41.74 -107.80 18.96
C GLY J 2 -41.44 -107.96 20.40
N ASP J 3 -41.06 -106.86 21.02
CA ASP J 3 -40.95 -106.76 22.47
C ASP J 3 -42.33 -106.55 23.14
N VAL J 4 -42.82 -107.65 23.72
CA VAL J 4 -44.16 -107.68 24.32
C VAL J 4 -44.29 -106.65 25.46
N GLU J 5 -43.22 -106.49 26.25
CA GLU J 5 -43.23 -105.56 27.35
C GLU J 5 -43.39 -104.12 26.87
N LYS J 6 -42.67 -103.74 25.81
CA LYS J 6 -42.81 -102.41 25.23
C LYS J 6 -44.17 -102.24 24.58
N GLY J 7 -44.60 -103.33 23.90
CA GLY J 7 -45.94 -103.36 23.32
C GLY J 7 -47.02 -103.05 24.36
N LYS J 8 -46.88 -103.66 25.53
CA LYS J 8 -47.79 -103.41 26.64
C LYS J 8 -47.79 -101.93 27.00
N LYS J 9 -46.60 -101.35 27.14
CA LYS J 9 -46.48 -99.92 27.45
C LYS J 9 -47.25 -99.10 26.42
N ILE J 10 -46.99 -99.43 25.14
CA ILE J 10 -47.67 -98.68 24.08
C ILE J 10 -49.19 -98.86 24.19
N PHE J 11 -49.65 -100.08 24.45
CA PHE J 11 -51.07 -100.30 24.62
C PHE J 11 -51.67 -99.46 25.76
N VAL J 12 -50.97 -99.47 26.90
CA VAL J 12 -51.39 -98.74 28.08
C VAL J 12 -51.44 -97.25 27.74
N GLN J 13 -50.39 -96.74 27.10
CA GLN J 13 -50.30 -95.33 26.70
C GLN J 13 -51.28 -94.82 25.63
N LYS J 14 -51.51 -95.63 24.59
CA LYS J 14 -52.16 -95.21 23.40
C LYS J 14 -53.49 -95.93 23.06
N CYS J 15 -53.81 -97.04 23.70
CA CYS J 15 -55.01 -97.80 23.33
C CYS J 15 -55.99 -98.04 24.48
N ALA J 16 -55.46 -98.10 25.70
CA ALA J 16 -56.24 -98.48 26.86
C ALA J 16 -57.35 -97.52 27.21
N GLN J 17 -57.14 -96.26 26.88
CA GLN J 17 -58.19 -95.27 27.12
C GLN J 17 -59.47 -95.51 26.31
N CYS J 18 -59.39 -96.29 25.22
CA CYS J 18 -60.59 -96.65 24.48
C CYS J 18 -60.83 -98.17 24.32
N HIS J 19 -59.91 -99.02 24.76
CA HIS J 19 -60.11 -100.45 24.54
C HIS J 19 -59.53 -101.37 25.60
N THR J 20 -60.30 -102.40 25.95
CA THR J 20 -59.80 -103.49 26.81
C THR J 20 -59.32 -104.67 25.94
N VAL J 21 -58.43 -105.50 26.49
CA VAL J 21 -57.95 -106.69 25.80
C VAL J 21 -58.33 -107.98 26.55
N GLU J 22 -58.75 -107.86 27.81
CA GLU J 22 -59.08 -109.04 28.61
C GLU J 22 -60.47 -109.59 28.26
N LYS J 23 -60.57 -110.89 28.43
CA LYS J 23 -61.80 -111.62 28.22
C LYS J 23 -62.88 -111.09 29.10
N GLY J 24 -64.03 -110.83 28.50
CA GLY J 24 -65.14 -110.19 29.20
C GLY J 24 -64.87 -108.76 29.64
N GLY J 25 -63.72 -108.18 29.30
CA GLY J 25 -63.47 -106.75 29.53
C GLY J 25 -64.56 -105.94 28.83
N LYS J 26 -64.95 -104.82 29.44
CA LYS J 26 -66.11 -104.04 28.99
C LYS J 26 -65.80 -103.29 27.72
N HIS J 27 -66.84 -103.02 26.94
CA HIS J 27 -66.65 -102.11 25.81
C HIS J 27 -66.48 -100.71 26.42
N LYS J 28 -65.47 -100.00 25.98
CA LYS J 28 -65.31 -98.61 26.34
C LYS J 28 -65.71 -97.82 25.07
N THR J 29 -65.04 -96.72 24.76
CA THR J 29 -65.32 -96.01 23.51
C THR J 29 -65.18 -96.95 22.32
N GLY J 30 -64.14 -97.77 22.35
CA GLY J 30 -63.95 -98.82 21.35
C GLY J 30 -64.28 -100.21 21.85
N PRO J 31 -64.40 -101.15 20.93
CA PRO J 31 -64.70 -102.53 21.23
C PRO J 31 -63.61 -103.28 21.98
N ASN J 32 -64.01 -104.25 22.77
CA ASN J 32 -63.05 -105.15 23.45
C ASN J 32 -62.30 -105.89 22.35
N LEU J 33 -60.99 -106.00 22.54
CA LEU J 33 -60.12 -106.61 21.56
C LEU J 33 -59.79 -108.06 21.84
N HIS J 34 -60.36 -108.66 22.88
CA HIS J 34 -60.10 -110.09 23.10
C HIS J 34 -60.59 -110.92 21.91
N GLY J 35 -59.74 -111.84 21.46
CA GLY J 35 -60.06 -112.68 20.30
C GLY J 35 -59.91 -112.00 18.96
N LEU J 36 -59.21 -110.85 18.94
CA LEU J 36 -59.09 -110.05 17.72
C LEU J 36 -58.44 -110.80 16.53
N PHE J 37 -57.38 -111.54 16.81
CA PHE J 37 -56.60 -112.15 15.75
C PHE J 37 -57.37 -113.27 15.10
N GLY J 38 -57.43 -113.25 13.77
CA GLY J 38 -58.17 -114.25 12.99
C GLY J 38 -59.65 -113.93 12.93
N ARG J 39 -60.05 -112.75 13.36
CA ARG J 39 -61.46 -112.39 13.33
C ARG J 39 -61.66 -111.33 12.27
N LYS J 40 -62.81 -111.36 11.60
CA LYS J 40 -63.15 -110.34 10.61
C LYS J 40 -63.51 -108.99 11.25
N THR J 41 -63.23 -107.90 10.53
CA THR J 41 -63.62 -106.57 11.02
C THR J 41 -65.07 -106.51 11.45
N GLY J 42 -65.33 -105.74 12.51
CA GLY J 42 -66.71 -105.40 12.88
C GLY J 42 -67.52 -106.49 13.52
N GLN J 43 -66.87 -107.41 14.22
CA GLN J 43 -67.59 -108.58 14.73
C GLN J 43 -67.71 -108.70 16.24
N ALA J 44 -67.12 -107.82 17.03
CA ALA J 44 -67.27 -107.93 18.49
C ALA J 44 -68.79 -107.86 18.75
N PRO J 45 -69.40 -108.95 19.27
CA PRO J 45 -70.83 -108.81 19.53
C PRO J 45 -70.99 -107.81 20.65
N GLY J 46 -72.06 -107.06 20.59
CA GLY J 46 -72.29 -106.04 21.63
C GLY J 46 -71.61 -104.70 21.41
N PHE J 47 -70.81 -104.55 20.36
CA PHE J 47 -70.34 -103.24 19.94
C PHE J 47 -71.00 -102.75 18.65
N THR J 48 -71.38 -101.49 18.65
CA THR J 48 -72.02 -100.83 17.51
C THR J 48 -70.97 -100.12 16.73
N TYR J 49 -70.61 -100.69 15.59
CA TYR J 49 -69.57 -100.15 14.74
C TYR J 49 -70.14 -99.17 13.75
N THR J 50 -69.29 -98.36 13.12
CA THR J 50 -69.67 -97.70 11.89
C THR J 50 -69.87 -98.76 10.80
N ASP J 51 -70.64 -98.42 9.78
CA ASP J 51 -70.76 -99.21 8.59
C ASP J 51 -69.42 -99.44 7.91
N ALA J 52 -68.56 -98.43 7.91
CA ALA J 52 -67.23 -98.60 7.33
C ALA J 52 -66.44 -99.76 8.01
N ASN J 53 -66.33 -99.69 9.34
CA ASN J 53 -65.62 -100.73 10.09
C ASN J 53 -66.37 -102.05 9.97
N LYS J 54 -67.69 -101.98 10.00
CA LYS J 54 -68.53 -103.17 9.90
C LYS J 54 -68.42 -103.87 8.54
N ASN J 55 -68.10 -103.13 7.49
CA ASN J 55 -68.04 -103.72 6.16
C ASN J 55 -66.66 -103.68 5.50
N LYS J 56 -65.61 -103.31 6.23
CA LYS J 56 -64.26 -103.34 5.66
C LYS J 56 -63.92 -104.71 5.04
N GLY J 57 -64.40 -105.78 5.63
CA GLY J 57 -64.27 -107.10 5.04
C GLY J 57 -62.88 -107.72 5.06
N ILE J 58 -62.07 -107.37 6.05
CA ILE J 58 -60.75 -108.00 6.20
C ILE J 58 -60.66 -108.78 7.52
N THR J 59 -59.65 -109.65 7.58
CA THR J 59 -59.37 -110.44 8.77
C THR J 59 -58.22 -109.79 9.53
N TRP J 60 -58.44 -109.56 10.82
CA TRP J 60 -57.38 -108.97 11.64
C TRP J 60 -56.27 -109.98 11.84
N LYS J 61 -55.04 -109.57 11.52
CA LYS J 61 -53.87 -110.40 11.73
C LYS J 61 -52.72 -109.42 11.61
N GLU J 62 -51.52 -109.92 11.70
CA GLU J 62 -50.37 -109.05 11.77
C GLU J 62 -50.24 -108.10 10.61
N GLU J 63 -50.39 -108.63 9.40
CA GLU J 63 -50.24 -107.86 8.16
C GLU J 63 -51.28 -106.74 8.15
N THR J 64 -52.54 -107.08 8.40
CA THR J 64 -53.61 -106.07 8.36
C THR J 64 -53.48 -105.05 9.51
N LEU J 65 -53.10 -105.53 10.70
CA LEU J 65 -52.85 -104.63 11.81
C LEU J 65 -51.67 -103.66 11.56
N MET J 66 -50.59 -104.18 10.96
CA MET J 66 -49.42 -103.36 10.64
C MET J 66 -49.83 -102.19 9.76
N GLU J 67 -50.68 -102.47 8.77
CA GLU J 67 -51.17 -101.40 7.87
C GLU J 67 -52.19 -100.48 8.56
N TYR J 68 -53.20 -101.07 9.20
CA TYR J 68 -54.18 -100.27 9.97
C TYR J 68 -53.57 -99.28 10.93
N LEU J 69 -52.70 -99.82 11.80
CA LEU J 69 -52.13 -99.03 12.90
C LEU J 69 -51.21 -97.90 12.45
N GLU J 70 -50.68 -98.02 11.24
CA GLU J 70 -49.92 -96.93 10.65
C GLU J 70 -50.85 -95.76 10.35
N ASN J 71 -52.09 -96.02 9.95
CA ASN J 71 -53.00 -94.93 9.65
C ASN J 71 -54.43 -95.45 9.54
N PRO J 72 -55.11 -95.56 10.68
CA PRO J 72 -56.46 -96.09 10.69
C PRO J 72 -57.42 -95.46 9.68
N LYS J 73 -57.46 -94.15 9.57
CA LYS J 73 -58.44 -93.48 8.70
C LYS J 73 -58.27 -93.88 7.24
N LYS J 74 -57.02 -93.97 6.81
CA LYS J 74 -56.68 -94.38 5.47
C LYS J 74 -57.10 -95.83 5.20
N TYR J 75 -56.91 -96.73 6.17
CA TYR J 75 -57.31 -98.14 6.00
C TYR J 75 -58.82 -98.33 6.10
N ILE J 76 -59.49 -97.58 6.99
CA ILE J 76 -60.96 -97.65 7.13
C ILE J 76 -61.52 -96.23 7.16
N PRO J 77 -61.62 -95.61 5.97
CA PRO J 77 -62.12 -94.26 5.86
C PRO J 77 -63.47 -94.22 6.48
N GLY J 78 -63.72 -93.17 7.26
CA GLY J 78 -64.97 -93.04 7.96
C GLY J 78 -65.00 -93.77 9.30
N THR J 79 -63.96 -94.50 9.71
CA THR J 79 -63.96 -95.03 11.07
C THR J 79 -64.19 -93.94 12.12
N LYS J 80 -64.91 -94.26 13.19
CA LYS J 80 -65.03 -93.29 14.32
C LYS J 80 -63.91 -93.44 15.36
N MET J 81 -62.98 -94.34 15.12
CA MET J 81 -61.80 -94.43 15.98
C MET J 81 -60.90 -93.23 15.72
N ILE J 82 -60.59 -92.46 16.76
CA ILE J 82 -59.64 -91.36 16.67
C ILE J 82 -58.24 -91.87 17.06
N PHE J 83 -57.35 -91.96 16.07
CA PHE J 83 -55.98 -92.34 16.30
C PHE J 83 -55.15 -91.92 15.10
N ALA J 84 -54.12 -91.11 15.30
CA ALA J 84 -53.32 -90.65 14.14
C ALA J 84 -52.63 -91.82 13.45
N GLY J 85 -51.96 -92.63 14.25
CA GLY J 85 -51.23 -93.80 13.75
C GLY J 85 -49.84 -93.86 14.37
N ILE J 86 -49.27 -95.07 14.40
CA ILE J 86 -47.94 -95.28 14.92
C ILE J 86 -47.01 -95.32 13.70
N LYS J 87 -46.20 -94.29 13.55
CA LYS J 87 -45.40 -94.12 12.34
C LYS J 87 -44.20 -95.08 12.35
N LYS J 88 -43.61 -95.34 13.53
CA LYS J 88 -42.44 -96.25 13.61
C LYS J 88 -42.81 -97.73 13.55
N LYS J 89 -42.20 -98.46 12.63
CA LYS J 89 -42.49 -99.89 12.46
C LYS J 89 -42.20 -100.70 13.71
N THR J 90 -41.08 -100.42 14.36
CA THR J 90 -40.65 -101.17 15.55
C THR J 90 -41.73 -101.19 16.65
N GLU J 91 -42.22 -99.98 16.95
CA GLU J 91 -43.30 -99.78 17.91
C GLU J 91 -44.58 -100.52 17.49
N ARG J 92 -44.94 -100.44 16.21
CA ARG J 92 -46.06 -101.21 15.66
C ARG J 92 -45.89 -102.70 15.88
N GLU J 93 -44.69 -103.20 15.56
CA GLU J 93 -44.40 -104.64 15.79
C GLU J 93 -44.51 -104.99 17.26
N ASP J 94 -43.97 -104.13 18.12
CA ASP J 94 -44.04 -104.38 19.58
C ASP J 94 -45.51 -104.43 20.07
N LEU J 95 -46.29 -103.43 19.68
CA LEU J 95 -47.69 -103.36 20.07
C LEU J 95 -48.43 -104.58 19.55
N ILE J 96 -48.21 -104.91 18.28
CA ILE J 96 -48.89 -106.05 17.66
C ILE J 96 -48.51 -107.36 18.36
N ALA J 97 -47.22 -107.51 18.69
CA ALA J 97 -46.79 -108.67 19.47
C ALA J 97 -47.45 -108.69 20.84
N TYR J 98 -47.54 -107.54 21.51
CA TYR J 98 -48.24 -107.54 22.80
C TYR J 98 -49.74 -107.96 22.61
N LEU J 99 -50.43 -107.36 21.64
CA LEU J 99 -51.86 -107.68 21.41
C LEU J 99 -52.07 -109.16 21.07
N LYS J 100 -51.15 -109.70 20.29
CA LYS J 100 -51.24 -111.11 19.95
C LYS J 100 -51.23 -111.99 21.21
N LYS J 101 -50.40 -111.64 22.18
CA LYS J 101 -50.39 -112.37 23.41
C LYS J 101 -51.62 -112.09 24.25
N ALA J 102 -51.87 -110.81 24.52
CA ALA J 102 -52.86 -110.48 25.51
C ALA J 102 -54.29 -110.82 25.05
N THR J 103 -54.58 -110.63 23.75
CA THR J 103 -55.94 -110.87 23.27
C THR J 103 -56.31 -112.32 23.13
N ASN J 104 -55.36 -113.23 23.37
CA ASN J 104 -55.69 -114.65 23.43
C ASN J 104 -55.79 -115.08 24.89
N GLU J 105 -54.77 -114.73 25.66
CA GLU J 105 -54.72 -115.08 27.08
C GLU J 105 -56.12 -115.24 27.64
N GLY K 105 11.24 -54.22 -0.93
CA GLY K 105 11.17 -53.93 0.49
C GLY K 105 11.53 -52.49 0.79
N ILE K 106 10.52 -51.65 0.94
CA ILE K 106 10.74 -50.26 1.31
C ILE K 106 11.33 -50.14 2.70
N THR K 107 12.40 -49.36 2.85
CA THR K 107 12.89 -49.04 4.18
C THR K 107 11.93 -48.03 4.80
N SER K 108 11.87 -47.98 6.11
CA SER K 108 11.01 -47.00 6.76
C SER K 108 11.52 -45.62 6.39
N TYR K 109 12.84 -45.48 6.36
CA TYR K 109 13.48 -44.21 6.06
C TYR K 109 13.11 -43.73 4.66
N VAL K 110 13.12 -44.63 3.70
CA VAL K 110 12.81 -44.26 2.33
C VAL K 110 11.50 -43.49 2.28
N ARG K 111 10.49 -44.01 2.98
CA ARG K 111 9.18 -43.39 3.01
C ARG K 111 9.25 -41.98 3.62
N THR K 112 10.12 -41.82 4.61
CA THR K 112 10.28 -40.54 5.27
C THR K 112 10.87 -39.51 4.31
N VAL K 113 11.88 -39.90 3.54
CA VAL K 113 12.41 -38.96 2.53
C VAL K 113 11.38 -38.67 1.45
N LEU K 114 10.71 -39.73 1.03
CA LEU K 114 9.72 -39.64 -0.02
C LEU K 114 8.55 -38.76 0.36
N CYS K 115 8.13 -38.83 1.61
CA CYS K 115 7.03 -38.01 2.06
C CYS K 115 7.39 -36.55 1.92
N GLU K 116 8.61 -36.21 2.31
CA GLU K 116 9.08 -34.84 2.23
C GLU K 116 9.11 -34.41 0.78
N GLY K 117 9.55 -35.32 -0.08
CA GLY K 117 9.60 -35.05 -1.50
C GLY K 117 8.23 -34.77 -2.09
N GLY K 118 7.23 -35.52 -1.64
CA GLY K 118 5.88 -35.34 -2.13
C GLY K 118 5.45 -36.18 -3.33
N VAL K 119 6.30 -37.08 -3.80
CA VAL K 119 5.89 -38.04 -4.80
C VAL K 119 4.68 -38.82 -4.32
N PRO K 120 3.73 -39.08 -5.22
CA PRO K 120 2.59 -39.91 -4.85
C PRO K 120 3.02 -41.31 -4.49
N GLN K 121 2.31 -41.94 -3.55
CA GLN K 121 2.53 -43.34 -3.23
C GLN K 121 1.94 -44.19 -4.34
N ARG K 122 2.61 -45.29 -4.69
CA ARG K 122 2.17 -46.14 -5.79
C ARG K 122 0.76 -46.67 -5.55
N PRO K 123 -0.02 -46.82 -6.61
CA PRO K 123 -1.37 -47.34 -6.45
C PRO K 123 -1.32 -48.72 -5.82
N VAL K 124 -2.31 -49.03 -4.98
CA VAL K 124 -2.31 -50.30 -4.25
C VAL K 124 -2.33 -51.47 -5.23
N VAL K 125 -2.97 -51.29 -6.37
CA VAL K 125 -3.02 -52.36 -7.37
C VAL K 125 -1.97 -52.17 -8.45
N PHE K 126 -0.71 -52.48 -8.15
CA PHE K 126 0.37 -52.29 -9.12
C PHE K 126 1.16 -53.57 -9.39
N VAL K 127 1.96 -53.57 -10.46
CA VAL K 127 2.78 -54.72 -10.78
C VAL K 127 4.11 -54.31 -11.34
N THR K 128 5.16 -54.47 -10.53
CA THR K 128 6.51 -54.05 -10.89
C THR K 128 6.86 -54.33 -12.34
N ARG K 129 7.73 -53.53 -12.91
CA ARG K 129 8.22 -53.80 -14.24
C ARG K 129 9.70 -53.81 -14.02
N LYS K 130 10.21 -54.95 -13.58
CA LYS K 130 11.54 -54.95 -13.01
C LYS K 130 12.53 -54.47 -14.04
N LYS K 131 12.43 -54.97 -15.26
CA LYS K 131 13.45 -54.64 -16.24
C LYS K 131 13.45 -53.14 -16.48
N LEU K 132 12.27 -52.57 -16.69
CA LEU K 132 12.20 -51.15 -16.99
C LEU K 132 12.68 -50.31 -15.83
N VAL K 133 12.27 -50.66 -14.62
CA VAL K 133 12.62 -49.84 -13.48
C VAL K 133 14.11 -49.89 -13.33
N ASN K 134 14.66 -51.07 -13.55
CA ASN K 134 16.08 -51.30 -13.41
C ASN K 134 16.82 -50.47 -14.42
N ALA K 135 16.28 -50.38 -15.63
CA ALA K 135 17.00 -49.63 -16.64
C ALA K 135 17.02 -48.18 -16.28
N ILE K 136 15.88 -47.62 -15.87
CA ILE K 136 15.86 -46.19 -15.60
C ILE K 136 16.84 -45.94 -14.47
N GLN K 137 16.75 -46.78 -13.44
CA GLN K 137 17.54 -46.58 -12.23
C GLN K 137 19.03 -46.66 -12.49
N GLN K 138 19.44 -47.59 -13.34
CA GLN K 138 20.85 -47.75 -13.63
C GLN K 138 21.30 -46.56 -14.45
N LYS K 139 20.49 -46.20 -15.42
CA LYS K 139 20.73 -45.02 -16.21
C LYS K 139 20.64 -43.82 -15.30
N LEU K 140 19.65 -43.83 -14.42
CA LEU K 140 19.43 -42.65 -13.61
C LEU K 140 20.66 -42.46 -12.76
N SER K 141 21.31 -43.56 -12.45
CA SER K 141 22.53 -43.58 -11.67
C SER K 141 23.66 -42.87 -12.40
N LYS K 142 23.55 -42.85 -13.73
CA LYS K 142 24.65 -42.51 -14.61
C LYS K 142 25.18 -41.10 -14.43
N LEU K 143 24.29 -40.13 -14.25
CA LEU K 143 24.73 -38.78 -14.04
C LEU K 143 25.07 -38.66 -12.57
N LYS K 144 26.14 -39.32 -12.17
CA LYS K 144 26.53 -39.35 -10.76
C LYS K 144 26.68 -37.95 -10.21
N GLY K 145 27.15 -37.03 -11.06
CA GLY K 145 27.33 -35.65 -10.66
C GLY K 145 27.23 -34.77 -11.88
N GLU K 146 27.25 -33.46 -11.66
CA GLU K 146 27.13 -32.51 -12.75
C GLU K 146 25.76 -32.61 -13.38
N PRO K 147 25.20 -31.46 -13.77
CA PRO K 147 23.85 -31.41 -14.35
C PRO K 147 23.50 -32.64 -15.18
N GLY K 148 22.29 -32.67 -15.74
CA GLY K 148 21.86 -33.77 -16.55
C GLY K 148 20.35 -33.94 -16.56
N TRP K 149 19.80 -34.29 -17.72
CA TRP K 149 18.36 -34.47 -17.86
C TRP K 149 18.03 -35.86 -18.40
N VAL K 150 16.94 -36.44 -17.90
CA VAL K 150 16.50 -37.75 -18.35
C VAL K 150 15.07 -37.55 -18.84
N THR K 151 14.70 -38.08 -20.01
CA THR K 151 13.35 -37.91 -20.57
C THR K 151 12.76 -39.32 -20.60
N ILE K 152 11.50 -39.53 -20.23
CA ILE K 152 10.89 -40.86 -20.35
C ILE K 152 9.63 -40.68 -21.19
N HIS K 153 9.36 -41.44 -22.25
CA HIS K 153 8.09 -41.22 -23.01
C HIS K 153 7.33 -42.37 -23.63
N GLY K 154 6.03 -42.17 -23.81
CA GLY K 154 5.17 -43.22 -24.30
C GLY K 154 3.85 -42.65 -24.78
N MET K 155 3.10 -43.45 -25.51
CA MET K 155 1.77 -43.03 -25.91
C MET K 155 0.99 -43.00 -24.63
N ALA K 156 -0.12 -42.28 -24.61
CA ALA K 156 -0.77 -41.97 -23.36
C ALA K 156 -1.14 -43.22 -22.56
N GLY K 157 -0.82 -43.15 -21.28
CA GLY K 157 -1.10 -44.19 -20.32
C GLY K 157 -0.25 -45.42 -20.52
N CYS K 158 1.06 -45.23 -20.43
CA CYS K 158 2.01 -46.33 -20.61
C CYS K 158 2.73 -46.70 -19.32
N GLY K 159 2.25 -46.17 -18.21
CA GLY K 159 2.92 -46.37 -16.94
C GLY K 159 4.07 -45.40 -16.73
N LYS K 160 4.05 -44.31 -17.46
CA LYS K 160 5.15 -43.37 -17.44
C LYS K 160 5.40 -42.73 -16.07
N SER K 161 4.38 -42.24 -15.39
CA SER K 161 4.60 -41.68 -14.05
C SER K 161 4.95 -42.72 -13.00
N VAL K 162 4.23 -43.83 -13.03
CA VAL K 162 4.35 -44.80 -11.98
C VAL K 162 5.77 -45.30 -11.97
N LEU K 163 6.35 -45.46 -13.16
CA LEU K 163 7.73 -45.89 -13.22
C LEU K 163 8.59 -44.85 -12.55
N ALA K 164 8.32 -43.58 -12.81
CA ALA K 164 9.15 -42.55 -12.23
C ALA K 164 9.05 -42.63 -10.72
N ALA K 165 7.83 -42.80 -10.23
CA ALA K 165 7.63 -42.93 -8.80
C ALA K 165 8.31 -44.20 -8.29
N GLU K 166 8.12 -45.28 -9.04
CA GLU K 166 8.69 -46.59 -8.69
C GLU K 166 10.21 -46.65 -8.68
N ALA K 167 10.84 -46.04 -9.68
CA ALA K 167 12.29 -46.05 -9.78
C ALA K 167 12.93 -45.49 -8.53
N VAL K 168 12.39 -44.38 -8.03
CA VAL K 168 12.96 -43.73 -6.89
C VAL K 168 12.49 -44.42 -5.61
N ARG K 169 11.51 -45.31 -5.77
CA ARG K 169 10.88 -45.97 -4.63
C ARG K 169 11.87 -46.80 -3.82
N ASP K 170 12.85 -47.36 -4.53
CA ASP K 170 13.95 -48.16 -3.98
C ASP K 170 14.99 -47.36 -3.17
N HIS K 171 15.49 -47.98 -2.10
CA HIS K 171 16.58 -47.46 -1.28
C HIS K 171 18.00 -47.37 -1.89
N SER K 172 18.42 -48.39 -2.63
CA SER K 172 19.82 -48.48 -3.00
C SER K 172 20.32 -47.34 -3.88
N LEU K 173 19.63 -47.14 -4.99
CA LEU K 173 20.02 -46.10 -5.92
C LEU K 173 19.86 -44.75 -5.26
N LEU K 174 18.74 -44.55 -4.59
CA LEU K 174 18.48 -43.27 -3.96
C LEU K 174 19.39 -42.93 -2.80
N GLU K 175 19.58 -43.86 -1.88
CA GLU K 175 20.29 -43.52 -0.66
C GLU K 175 21.78 -43.26 -0.80
N GLY K 176 22.49 -44.16 -1.48
CA GLY K 176 23.91 -43.96 -1.68
C GLY K 176 24.17 -42.81 -2.62
N CYS K 177 23.44 -42.83 -3.73
CA CYS K 177 23.56 -41.83 -4.78
C CYS K 177 23.12 -40.43 -4.42
N PHE K 178 22.01 -40.33 -3.68
CA PHE K 178 21.29 -39.05 -3.62
C PHE K 178 21.15 -38.49 -2.21
N PRO K 179 22.23 -37.99 -1.63
CA PRO K 179 22.17 -37.37 -0.31
C PRO K 179 21.11 -36.28 -0.27
N GLY K 180 20.92 -35.59 -1.38
CA GLY K 180 19.86 -34.61 -1.49
C GLY K 180 18.51 -35.30 -1.56
N GLY K 181 17.46 -34.64 -1.12
CA GLY K 181 16.15 -35.26 -1.05
C GLY K 181 15.67 -35.23 -2.47
N VAL K 182 14.52 -35.83 -2.77
CA VAL K 182 13.90 -35.81 -4.10
C VAL K 182 12.72 -34.85 -4.07
N HIS K 183 12.58 -33.99 -5.06
CA HIS K 183 11.43 -33.09 -5.10
C HIS K 183 10.66 -33.40 -6.36
N TRP K 184 9.34 -33.46 -6.30
CA TRP K 184 8.52 -33.85 -7.44
C TRP K 184 7.76 -32.60 -7.80
N VAL K 185 7.66 -32.23 -9.06
CA VAL K 185 6.80 -31.13 -9.42
C VAL K 185 5.80 -31.56 -10.45
N SER K 186 4.53 -31.26 -10.26
CA SER K 186 3.53 -31.62 -11.26
C SER K 186 3.28 -30.49 -12.26
N VAL K 187 4.06 -30.41 -13.31
CA VAL K 187 3.95 -29.28 -14.24
C VAL K 187 2.65 -29.14 -15.02
N GLY K 188 2.09 -30.24 -15.50
CA GLY K 188 0.88 -30.17 -16.30
C GLY K 188 1.09 -29.41 -17.59
N LYS K 189 0.05 -28.72 -18.05
CA LYS K 189 0.12 -27.91 -19.27
C LYS K 189 -0.13 -26.46 -18.88
N GLN K 190 0.69 -25.51 -19.34
CA GLN K 190 0.55 -24.18 -18.76
C GLN K 190 0.73 -23.00 -19.72
N ASP K 191 -0.12 -22.01 -19.56
CA ASP K 191 0.02 -20.68 -20.13
C ASP K 191 1.12 -20.03 -19.30
N LYS K 192 1.67 -18.93 -19.78
CA LYS K 192 2.85 -18.34 -19.16
C LYS K 192 2.57 -17.95 -17.72
N SER K 193 1.37 -17.44 -17.48
CA SER K 193 1.00 -17.00 -16.14
C SER K 193 0.92 -18.18 -15.18
N GLY K 194 0.32 -19.26 -15.64
CA GLY K 194 0.12 -20.43 -14.80
C GLY K 194 1.45 -21.00 -14.36
N LEU K 195 2.40 -21.02 -15.30
CA LEU K 195 3.71 -21.58 -15.05
C LEU K 195 4.35 -20.81 -13.93
N LEU K 196 4.09 -19.52 -13.89
CA LEU K 196 4.78 -18.68 -12.94
C LEU K 196 4.49 -19.14 -11.53
N MET K 197 3.23 -19.48 -11.24
CA MET K 197 2.86 -19.84 -9.89
C MET K 197 3.57 -21.09 -9.39
N LYS K 198 3.73 -22.07 -10.28
CA LYS K 198 4.32 -23.32 -9.88
C LYS K 198 5.71 -23.02 -9.35
N LEU K 199 6.37 -22.09 -10.00
CA LEU K 199 7.72 -21.75 -9.60
C LEU K 199 7.76 -21.19 -8.20
N GLN K 200 6.86 -20.26 -7.90
CA GLN K 200 6.83 -19.68 -6.59
C GLN K 200 6.53 -20.78 -5.59
N ASN K 201 5.61 -21.67 -5.95
CA ASN K 201 5.23 -22.73 -5.03
C ASN K 201 6.40 -23.66 -4.75
N LEU K 202 7.22 -23.92 -5.77
CA LEU K 202 8.43 -24.71 -5.56
C LEU K 202 9.41 -23.95 -4.69
N CYS K 203 9.39 -22.62 -4.81
CA CYS K 203 10.21 -21.77 -3.98
C CYS K 203 9.85 -21.94 -2.52
N THR K 204 8.56 -21.81 -2.25
CA THR K 204 8.06 -21.96 -0.89
C THR K 204 8.32 -23.36 -0.37
N ARG K 205 8.17 -24.36 -1.22
CA ARG K 205 8.38 -25.72 -0.78
C ARG K 205 9.82 -25.99 -0.37
N LEU K 206 10.75 -25.59 -1.23
CA LEU K 206 12.17 -25.84 -1.01
C LEU K 206 12.76 -25.12 0.18
N ASP K 207 12.37 -23.86 0.35
CA ASP K 207 12.83 -23.06 1.47
C ASP K 207 11.94 -23.25 2.69
N GLN K 208 12.10 -24.38 3.36
CA GLN K 208 11.33 -24.65 4.58
C GLN K 208 11.74 -23.74 5.73
N ASP K 209 13.03 -23.40 5.78
CA ASP K 209 13.58 -22.56 6.84
C ASP K 209 13.00 -21.15 6.78
N GLU K 210 12.83 -20.65 5.56
CA GLU K 210 12.33 -19.29 5.35
C GLU K 210 13.41 -18.23 5.48
N SER K 211 14.67 -18.67 5.61
CA SER K 211 15.78 -17.75 5.75
C SER K 211 15.79 -16.79 4.55
N PHE K 212 15.51 -17.33 3.39
CA PHE K 212 15.44 -16.52 2.17
C PHE K 212 14.21 -15.63 2.24
N SER K 213 14.24 -14.54 1.49
CA SER K 213 13.21 -13.51 1.56
C SER K 213 11.81 -14.10 1.47
N GLN K 214 10.93 -13.67 2.37
CA GLN K 214 9.54 -14.10 2.34
C GLN K 214 8.88 -13.63 1.06
N ARG K 215 9.32 -12.48 0.55
CA ARG K 215 8.80 -11.95 -0.70
C ARG K 215 9.11 -12.94 -1.81
N LEU K 216 8.18 -13.07 -2.76
CA LEU K 216 8.35 -14.02 -3.84
C LEU K 216 8.62 -13.24 -5.12
N PRO K 217 9.46 -13.81 -6.00
CA PRO K 217 9.78 -13.15 -7.28
C PRO K 217 8.55 -12.98 -8.16
N LEU K 218 8.48 -11.86 -8.86
CA LEU K 218 7.43 -11.65 -9.85
C LEU K 218 7.93 -12.00 -11.24
N ASN K 219 9.22 -12.34 -11.31
CA ASN K 219 9.90 -12.68 -12.56
C ASN K 219 10.42 -14.12 -12.59
N ILE K 220 10.19 -14.82 -13.70
CA ILE K 220 10.50 -16.22 -13.82
C ILE K 220 11.97 -16.49 -13.55
N GLU K 221 12.83 -15.67 -14.14
CA GLU K 221 14.27 -15.84 -14.02
C GLU K 221 14.71 -15.76 -12.57
N GLU K 222 14.13 -14.83 -11.82
CA GLU K 222 14.48 -14.65 -10.42
C GLU K 222 14.18 -15.93 -9.66
N ALA K 223 13.08 -16.57 -10.04
CA ALA K 223 12.71 -17.85 -9.46
C ALA K 223 13.73 -18.89 -9.86
N LYS K 224 14.23 -18.77 -11.08
CA LYS K 224 15.26 -19.67 -11.58
C LYS K 224 16.50 -19.53 -10.71
N ASP K 225 16.78 -18.30 -10.30
CA ASP K 225 17.92 -18.03 -9.44
C ASP K 225 17.72 -18.65 -8.07
N ARG K 226 16.54 -18.46 -7.50
CA ARG K 226 16.21 -19.04 -6.21
C ARG K 226 16.30 -20.57 -6.25
N LEU K 227 15.97 -21.16 -7.40
CA LEU K 227 16.02 -22.60 -7.52
C LEU K 227 17.45 -23.09 -7.59
N ARG K 228 18.23 -22.43 -8.45
CA ARG K 228 19.60 -22.81 -8.70
C ARG K 228 20.40 -22.69 -7.42
N ILE K 229 20.22 -21.56 -6.75
CA ILE K 229 20.94 -21.24 -5.52
C ILE K 229 20.54 -22.21 -4.42
N LEU K 230 19.25 -22.47 -4.31
CA LEU K 230 18.70 -23.41 -3.34
C LEU K 230 19.18 -24.84 -3.59
N MET K 231 19.20 -25.23 -4.87
CA MET K 231 19.70 -26.54 -5.27
C MET K 231 21.20 -26.60 -4.99
N LEU K 232 21.89 -25.51 -5.27
CA LEU K 232 23.33 -25.45 -5.10
C LEU K 232 23.81 -25.55 -3.66
N ARG K 233 23.14 -24.84 -2.76
CA ARG K 233 23.56 -24.81 -1.36
C ARG K 233 22.62 -25.55 -0.42
N LYS K 234 21.34 -25.20 -0.48
CA LYS K 234 20.35 -25.75 0.42
C LYS K 234 20.16 -27.25 0.23
N HIS K 235 20.12 -27.70 -1.01
CA HIS K 235 19.94 -29.13 -1.22
C HIS K 235 20.95 -29.69 -2.21
N PRO K 236 22.18 -29.93 -1.80
CA PRO K 236 23.25 -30.13 -2.76
C PRO K 236 23.06 -31.29 -3.74
N ARG K 237 22.56 -32.44 -3.30
CA ARG K 237 22.47 -33.60 -4.18
C ARG K 237 21.08 -33.90 -4.74
N SER K 238 20.17 -32.94 -4.64
CA SER K 238 18.76 -33.14 -4.95
C SER K 238 18.48 -33.50 -6.41
N LEU K 239 17.46 -34.32 -6.61
CA LEU K 239 16.94 -34.67 -7.93
C LEU K 239 15.50 -34.15 -7.99
N LEU K 240 15.14 -33.52 -9.10
CA LEU K 240 13.81 -32.97 -9.35
C LEU K 240 13.15 -33.85 -10.41
N ILE K 241 11.88 -34.24 -10.24
CA ILE K 241 11.17 -35.04 -11.25
C ILE K 241 10.03 -34.19 -11.79
N LEU K 242 9.73 -34.23 -13.07
CA LEU K 242 8.60 -33.47 -13.55
C LEU K 242 7.54 -34.38 -14.11
N ASP K 243 6.31 -33.89 -14.15
CA ASP K 243 5.19 -34.67 -14.65
C ASP K 243 4.64 -33.99 -15.89
N ASP K 244 4.45 -34.76 -16.96
CA ASP K 244 4.06 -34.17 -18.23
C ASP K 244 5.11 -33.18 -18.72
N VAL K 245 4.66 -31.97 -19.02
CA VAL K 245 5.46 -30.94 -19.70
C VAL K 245 5.09 -30.98 -21.16
N TRP K 246 4.59 -29.87 -21.68
CA TRP K 246 4.16 -29.82 -23.07
C TRP K 246 4.82 -28.78 -23.95
N ASP K 247 5.71 -27.97 -23.43
CA ASP K 247 6.39 -27.01 -24.30
C ASP K 247 7.76 -26.64 -23.77
N SER K 248 8.67 -26.30 -24.67
CA SER K 248 10.06 -26.09 -24.29
C SER K 248 10.30 -24.95 -23.31
N TRP K 249 9.71 -23.77 -23.52
CA TRP K 249 10.04 -22.67 -22.61
C TRP K 249 9.93 -23.12 -21.16
N VAL K 250 9.05 -24.10 -20.93
CA VAL K 250 8.82 -24.60 -19.58
C VAL K 250 10.11 -25.14 -18.98
N LEU K 251 10.75 -26.06 -19.68
CA LEU K 251 12.04 -26.57 -19.24
C LEU K 251 13.10 -25.49 -19.32
N LYS K 252 12.88 -24.50 -20.17
CA LYS K 252 13.81 -23.39 -20.21
C LYS K 252 13.78 -22.78 -18.83
N ALA K 253 12.58 -22.65 -18.27
CA ALA K 253 12.40 -22.07 -16.94
C ALA K 253 13.07 -22.89 -15.85
N PHE K 254 12.99 -24.20 -15.95
CA PHE K 254 13.48 -25.09 -14.90
C PHE K 254 14.93 -25.42 -15.12
N ASP K 255 15.54 -24.81 -16.13
CA ASP K 255 16.86 -25.22 -16.56
C ASP K 255 17.87 -24.61 -15.62
N SER K 256 17.96 -25.21 -14.44
CA SER K 256 18.73 -24.69 -13.33
C SER K 256 20.17 -25.12 -13.32
N GLN K 257 20.54 -25.99 -14.26
CA GLN K 257 21.90 -26.52 -14.31
C GLN K 257 22.06 -27.61 -13.26
N CYS K 258 20.94 -27.98 -12.64
CA CYS K 258 20.91 -29.00 -11.61
C CYS K 258 20.00 -30.08 -12.13
N GLN K 259 20.31 -31.34 -11.85
CA GLN K 259 19.61 -32.40 -12.52
C GLN K 259 18.13 -32.31 -12.26
N ILE K 260 17.36 -32.42 -13.33
CA ILE K 260 15.93 -32.42 -13.31
C ILE K 260 15.63 -33.48 -14.32
N LEU K 261 14.72 -34.40 -14.04
CA LEU K 261 14.30 -35.38 -15.03
C LEU K 261 12.84 -35.16 -15.35
N LEU K 262 12.48 -35.07 -16.63
CA LEU K 262 11.12 -34.75 -17.04
C LEU K 262 10.53 -35.99 -17.64
N THR K 263 9.29 -36.34 -17.29
CA THR K 263 8.67 -37.53 -17.86
C THR K 263 7.44 -37.13 -18.66
N THR K 264 7.26 -37.64 -19.87
CA THR K 264 6.26 -37.03 -20.74
C THR K 264 5.63 -37.82 -21.85
N ARG K 265 5.00 -37.07 -22.74
CA ARG K 265 4.63 -37.63 -24.06
C ARG K 265 5.44 -37.23 -25.31
N ASP K 266 5.75 -35.93 -25.44
CA ASP K 266 6.64 -35.48 -26.50
C ASP K 266 8.07 -35.67 -26.06
N LYS K 267 8.92 -36.05 -26.99
CA LYS K 267 10.34 -36.21 -26.71
C LYS K 267 11.10 -35.05 -27.32
N SER K 268 10.38 -34.23 -28.07
CA SER K 268 10.88 -32.99 -28.62
C SER K 268 11.14 -31.97 -27.54
N VAL K 269 10.48 -32.13 -26.40
CA VAL K 269 10.46 -31.06 -25.41
C VAL K 269 11.84 -30.70 -24.94
N THR K 270 12.67 -31.69 -24.63
CA THR K 270 14.00 -31.38 -24.14
C THR K 270 14.97 -31.19 -25.30
N ASP K 271 14.72 -30.17 -26.11
CA ASP K 271 15.67 -29.83 -27.15
C ASP K 271 16.31 -28.48 -26.89
N SER K 272 15.57 -27.61 -26.23
CA SER K 272 16.09 -26.30 -25.83
C SER K 272 17.23 -26.47 -24.84
N VAL K 273 17.09 -27.45 -23.96
CA VAL K 273 18.02 -27.66 -22.87
C VAL K 273 19.40 -28.10 -23.31
N MET K 274 20.37 -27.85 -22.43
CA MET K 274 21.79 -28.10 -22.61
C MET K 274 22.32 -29.01 -21.53
N GLY K 275 23.29 -29.84 -21.89
CA GLY K 275 23.81 -30.83 -20.97
C GLY K 275 23.44 -32.22 -21.45
N PRO K 276 24.05 -33.26 -20.88
CA PRO K 276 23.79 -34.63 -21.34
C PRO K 276 22.32 -35.03 -21.22
N LYS K 277 21.73 -35.57 -22.28
CA LYS K 277 20.35 -36.04 -22.21
C LYS K 277 20.23 -37.52 -22.60
N TYR K 278 19.50 -38.29 -21.80
CA TYR K 278 19.26 -39.69 -22.12
C TYR K 278 17.76 -39.92 -22.11
N VAL K 279 17.28 -40.81 -22.97
CA VAL K 279 15.86 -41.13 -22.97
C VAL K 279 15.62 -42.61 -22.81
N VAL K 280 14.71 -42.98 -21.93
CA VAL K 280 14.28 -44.36 -21.80
C VAL K 280 12.88 -44.35 -22.38
N PRO K 281 12.56 -45.27 -23.26
CA PRO K 281 11.33 -45.09 -24.02
C PRO K 281 10.42 -46.22 -23.63
N VAL K 282 9.25 -45.90 -23.11
CA VAL K 282 8.35 -46.93 -22.64
C VAL K 282 7.29 -47.19 -23.70
N GLU K 283 7.42 -48.32 -24.37
CA GLU K 283 6.38 -48.79 -25.28
C GLU K 283 5.20 -49.26 -24.43
N SER K 284 3.97 -49.04 -24.92
CA SER K 284 2.82 -49.47 -24.17
C SER K 284 2.54 -50.89 -24.59
N SER K 285 2.90 -51.84 -23.74
CA SER K 285 2.68 -53.25 -24.05
C SER K 285 2.16 -54.03 -22.86
N LEU K 286 3.03 -54.20 -21.87
CA LEU K 286 2.73 -54.98 -20.68
C LEU K 286 2.90 -56.45 -21.02
N GLY K 287 2.63 -57.32 -20.06
CA GLY K 287 2.78 -58.74 -20.26
C GLY K 287 1.50 -59.49 -19.94
N LYS K 288 1.18 -60.49 -20.75
CA LYS K 288 -0.05 -61.22 -20.56
C LYS K 288 -0.02 -61.89 -19.20
N GLU K 289 1.15 -62.37 -18.80
CA GLU K 289 1.30 -62.96 -17.48
C GLU K 289 1.02 -61.93 -16.39
N LYS K 290 1.57 -60.74 -16.57
CA LYS K 290 1.42 -59.63 -15.64
C LYS K 290 0.00 -59.08 -15.50
N GLY K 291 -0.70 -58.94 -16.62
CA GLY K 291 -2.04 -58.37 -16.60
C GLY K 291 -2.97 -59.31 -15.87
N LEU K 292 -2.75 -60.60 -16.07
CA LEU K 292 -3.52 -61.59 -15.32
C LEU K 292 -3.22 -61.41 -13.84
N GLU K 293 -1.97 -61.05 -13.55
CA GLU K 293 -1.54 -60.75 -12.20
C GLU K 293 -2.30 -59.56 -11.67
N ILE K 294 -2.38 -58.52 -12.51
CA ILE K 294 -3.10 -57.30 -12.23
C ILE K 294 -4.61 -57.52 -12.11
N LEU K 295 -5.16 -58.33 -13.01
CA LEU K 295 -6.59 -58.57 -13.00
C LEU K 295 -6.95 -59.31 -11.73
N SER K 296 -6.09 -60.23 -11.31
CA SER K 296 -6.37 -60.98 -10.11
C SER K 296 -6.45 -60.05 -8.92
N LEU K 297 -5.52 -59.10 -8.85
CA LEU K 297 -5.51 -58.19 -7.74
C LEU K 297 -6.77 -57.34 -7.74
N PHE K 298 -7.20 -56.96 -8.95
CA PHE K 298 -8.38 -56.11 -9.09
C PHE K 298 -9.63 -56.82 -8.58
N VAL K 299 -9.73 -58.12 -8.87
CA VAL K 299 -10.89 -58.90 -8.41
C VAL K 299 -10.59 -59.88 -7.27
N ASN K 300 -9.36 -59.87 -6.78
CA ASN K 300 -8.97 -60.65 -5.61
C ASN K 300 -9.12 -62.19 -5.64
N MET K 301 -8.77 -62.84 -6.75
CA MET K 301 -8.85 -64.31 -6.80
C MET K 301 -7.60 -65.02 -7.36
N LYS K 302 -7.33 -66.24 -6.85
CA LYS K 302 -6.22 -67.02 -7.35
C LYS K 302 -6.33 -66.93 -8.86
N LYS K 303 -5.21 -66.83 -9.56
CA LYS K 303 -5.25 -66.50 -10.96
C LYS K 303 -6.03 -67.55 -11.75
N ALA K 304 -5.84 -68.81 -11.41
CA ALA K 304 -6.56 -69.88 -12.10
C ALA K 304 -8.06 -69.74 -11.88
N ASP K 305 -8.46 -69.44 -10.65
CA ASP K 305 -9.87 -69.27 -10.33
C ASP K 305 -10.55 -68.28 -11.25
N LEU K 306 -9.76 -67.53 -11.99
CA LEU K 306 -10.31 -66.51 -12.88
C LEU K 306 -11.03 -67.12 -14.08
N PRO K 307 -12.14 -66.50 -14.44
CA PRO K 307 -13.06 -67.03 -15.44
C PRO K 307 -12.47 -67.06 -16.82
N GLU K 308 -13.04 -67.91 -17.66
CA GLU K 308 -12.55 -68.11 -19.01
C GLU K 308 -12.61 -66.80 -19.79
N GLN K 309 -13.57 -65.96 -19.43
CA GLN K 309 -13.77 -64.72 -20.15
C GLN K 309 -12.52 -63.85 -20.07
N ALA K 310 -11.89 -63.88 -18.89
CA ALA K 310 -10.83 -62.93 -18.58
C ALA K 310 -9.69 -62.89 -19.57
N HIS K 311 -9.30 -64.06 -20.08
CA HIS K 311 -8.13 -64.15 -20.94
C HIS K 311 -8.25 -63.28 -22.17
N SER K 312 -9.45 -63.22 -22.71
CA SER K 312 -9.69 -62.62 -24.02
C SER K 312 -9.69 -61.10 -23.97
N ILE K 313 -10.23 -60.56 -22.89
CA ILE K 313 -10.34 -59.11 -22.77
C ILE K 313 -8.95 -58.49 -22.72
N ILE K 314 -8.00 -59.22 -22.14
CA ILE K 314 -6.65 -58.69 -22.03
C ILE K 314 -6.06 -58.50 -23.41
N LYS K 315 -6.49 -59.33 -24.35
CA LYS K 315 -5.99 -59.23 -25.71
C LYS K 315 -6.37 -57.88 -26.30
N GLU K 316 -7.59 -57.45 -25.97
CA GLU K 316 -8.10 -56.16 -26.35
C GLU K 316 -7.28 -55.07 -25.69
N CYS K 317 -6.93 -55.30 -24.42
CA CYS K 317 -6.23 -54.28 -23.66
C CYS K 317 -4.96 -53.84 -24.37
N LYS K 318 -4.22 -54.79 -24.93
CA LYS K 318 -3.01 -54.46 -25.66
C LYS K 318 -1.99 -53.85 -24.72
N GLY K 319 -2.10 -54.17 -23.44
CA GLY K 319 -1.12 -53.72 -22.46
C GLY K 319 -1.17 -52.26 -22.04
N SER K 320 -2.23 -51.54 -22.36
CA SER K 320 -2.25 -50.20 -21.88
C SER K 320 -2.77 -50.39 -20.50
N PRO K 321 -1.86 -50.38 -19.53
CA PRO K 321 -2.23 -50.64 -18.12
C PRO K 321 -3.37 -49.74 -17.70
N LEU K 322 -3.54 -48.63 -18.39
CA LEU K 322 -4.61 -47.73 -18.10
C LEU K 322 -5.90 -48.44 -18.43
N VAL K 323 -5.95 -49.16 -19.54
CA VAL K 323 -7.14 -49.95 -19.88
C VAL K 323 -7.44 -51.07 -18.88
N VAL K 324 -6.42 -51.76 -18.41
CA VAL K 324 -6.52 -52.83 -17.45
C VAL K 324 -7.01 -52.34 -16.10
N SER K 325 -6.40 -51.29 -15.60
CA SER K 325 -6.89 -50.71 -14.38
C SER K 325 -8.29 -50.21 -14.66
N LEU K 326 -8.49 -49.61 -15.83
CA LEU K 326 -9.80 -49.08 -16.14
C LEU K 326 -10.88 -50.14 -16.21
N ILE K 327 -10.60 -51.26 -16.88
CA ILE K 327 -11.50 -52.40 -16.81
C ILE K 327 -11.52 -52.96 -15.40
N GLY K 328 -10.36 -53.07 -14.77
CA GLY K 328 -10.29 -53.78 -13.51
C GLY K 328 -11.12 -53.14 -12.42
N ALA K 329 -10.99 -51.84 -12.26
CA ALA K 329 -11.76 -51.12 -11.27
C ALA K 329 -13.21 -51.23 -11.66
N LEU K 330 -13.47 -51.16 -12.96
CA LEU K 330 -14.83 -51.13 -13.45
C LEU K 330 -15.50 -52.40 -12.99
N LEU K 331 -14.75 -53.49 -13.00
CA LEU K 331 -15.26 -54.75 -12.53
C LEU K 331 -15.42 -54.82 -11.01
N ARG K 332 -14.78 -53.94 -10.25
CA ARG K 332 -14.87 -54.16 -8.81
C ARG K 332 -16.31 -54.04 -8.39
N ASP K 333 -17.00 -53.05 -8.96
CA ASP K 333 -18.40 -52.82 -8.70
C ASP K 333 -19.36 -53.92 -9.18
N PHE K 334 -19.11 -54.46 -10.37
CA PHE K 334 -20.06 -55.39 -10.96
C PHE K 334 -19.41 -56.68 -11.41
N PRO K 335 -19.08 -57.56 -10.47
CA PRO K 335 -18.43 -58.83 -10.79
C PRO K 335 -19.24 -59.70 -11.73
N ASN K 336 -20.57 -59.54 -11.71
CA ASN K 336 -21.46 -60.34 -12.52
C ASN K 336 -21.41 -60.00 -14.01
N ARG K 337 -21.29 -58.72 -14.35
CA ARG K 337 -21.31 -58.32 -15.75
C ARG K 337 -19.94 -58.49 -16.39
N TRP K 338 -19.36 -59.68 -16.24
CA TRP K 338 -18.04 -59.97 -16.82
C TRP K 338 -17.92 -60.01 -18.34
N GLU K 339 -18.81 -60.74 -19.01
CA GLU K 339 -18.73 -60.85 -20.48
C GLU K 339 -18.96 -59.52 -21.19
N TYR K 340 -19.92 -58.76 -20.66
CA TYR K 340 -20.43 -57.51 -21.19
C TYR K 340 -19.30 -56.62 -21.68
N TYR K 341 -18.32 -56.37 -20.82
CA TYR K 341 -17.21 -55.52 -21.18
C TYR K 341 -16.32 -56.21 -22.20
N LEU K 342 -16.34 -57.53 -22.21
CA LEU K 342 -15.57 -58.27 -23.19
C LEU K 342 -16.10 -57.95 -24.57
N LYS K 343 -17.41 -58.08 -24.74
CA LYS K 343 -18.04 -57.75 -26.00
C LYS K 343 -17.96 -56.27 -26.27
N GLN K 344 -17.87 -55.49 -25.20
CA GLN K 344 -17.80 -54.04 -25.31
C GLN K 344 -16.50 -53.63 -26.00
N LEU K 345 -15.39 -54.20 -25.54
CA LEU K 345 -14.11 -53.97 -26.19
C LEU K 345 -14.07 -54.64 -27.54
N GLN K 346 -14.85 -55.71 -27.71
CA GLN K 346 -15.02 -56.30 -29.03
C GLN K 346 -15.71 -55.31 -29.96
N ASN K 347 -16.54 -54.45 -29.36
CA ASN K 347 -17.21 -53.36 -30.07
C ASN K 347 -16.19 -52.35 -30.59
N LYS K 348 -15.15 -52.12 -29.80
CA LYS K 348 -14.10 -51.16 -30.17
C LYS K 348 -14.38 -49.71 -29.75
N GLN K 349 -15.48 -49.48 -29.04
CA GLN K 349 -15.74 -48.13 -28.51
C GLN K 349 -15.42 -48.00 -27.03
N PHE K 350 -14.69 -46.94 -26.70
CA PHE K 350 -14.16 -46.79 -25.35
C PHE K 350 -14.97 -45.81 -24.53
N LYS K 351 -16.06 -45.32 -25.11
CA LYS K 351 -16.96 -44.40 -24.43
C LYS K 351 -17.70 -45.12 -23.30
N ARG K 352 -17.82 -46.43 -23.45
CA ARG K 352 -18.51 -47.25 -22.45
C ARG K 352 -17.71 -47.41 -21.16
N ILE K 353 -16.38 -47.51 -21.29
CA ILE K 353 -15.55 -47.73 -20.12
C ILE K 353 -15.20 -46.41 -19.42
N ARG K 354 -15.61 -46.27 -18.17
CA ARG K 354 -15.22 -45.09 -17.41
C ARG K 354 -15.07 -45.39 -15.94
N LYS K 355 -14.04 -44.81 -15.33
CA LYS K 355 -13.91 -44.90 -13.89
C LYS K 355 -13.26 -43.63 -13.38
N SER K 356 -13.72 -43.14 -12.23
CA SER K 356 -12.98 -42.11 -11.57
C SER K 356 -11.75 -42.83 -11.06
N SER K 357 -10.59 -42.19 -11.13
CA SER K 357 -9.36 -42.86 -10.76
C SER K 357 -8.31 -41.86 -10.35
N SER K 358 -7.22 -42.34 -9.78
CA SER K 358 -6.14 -41.45 -9.39
C SER K 358 -5.69 -40.77 -10.66
N TYR K 359 -5.64 -41.54 -11.74
CA TYR K 359 -5.30 -41.01 -13.04
C TYR K 359 -6.29 -39.93 -13.45
N ASP K 360 -5.83 -39.00 -14.26
CA ASP K 360 -6.50 -37.72 -14.51
C ASP K 360 -7.52 -37.69 -15.65
N TYR K 361 -8.14 -38.82 -15.94
CA TYR K 361 -9.08 -38.83 -17.06
C TYR K 361 -10.13 -39.92 -16.91
N GLU K 362 -11.35 -39.65 -17.33
CA GLU K 362 -12.43 -40.61 -17.12
C GLU K 362 -12.11 -41.93 -17.84
N ALA K 363 -11.50 -41.80 -19.01
CA ALA K 363 -11.27 -42.91 -19.93
C ALA K 363 -10.14 -42.75 -20.97
N LEU K 364 -9.79 -43.89 -21.54
CA LEU K 364 -8.68 -44.01 -22.47
C LEU K 364 -8.92 -43.14 -23.69
N ASP K 365 -10.17 -43.05 -24.13
CA ASP K 365 -10.49 -42.15 -25.22
C ASP K 365 -10.14 -40.76 -24.72
N GLU K 366 -10.35 -40.55 -23.43
CA GLU K 366 -10.16 -39.24 -22.82
C GLU K 366 -8.71 -38.80 -22.96
N ALA K 367 -7.78 -39.73 -22.79
CA ALA K 367 -6.35 -39.38 -22.90
C ALA K 367 -5.84 -38.92 -24.29
N MET K 368 -6.31 -39.65 -25.30
CA MET K 368 -5.91 -39.41 -26.68
C MET K 368 -6.36 -38.03 -27.15
N SER K 369 -7.57 -37.63 -26.76
CA SER K 369 -8.08 -36.34 -27.19
C SER K 369 -7.13 -35.22 -26.77
N ILE K 370 -6.58 -35.35 -25.56
CA ILE K 370 -5.64 -34.38 -25.02
C ILE K 370 -4.38 -34.29 -25.86
N SER K 371 -3.87 -35.43 -26.32
CA SER K 371 -2.70 -35.42 -27.20
C SER K 371 -2.92 -34.75 -28.55
N VAL K 372 -4.08 -34.99 -29.17
CA VAL K 372 -4.30 -34.51 -30.53
C VAL K 372 -4.27 -32.98 -30.67
N GLU K 373 -4.76 -32.28 -29.66
CA GLU K 373 -5.02 -30.85 -29.79
C GLU K 373 -3.78 -30.01 -30.09
N MET K 374 -2.66 -30.36 -29.47
CA MET K 374 -1.48 -29.51 -29.49
C MET K 374 -0.93 -29.15 -30.87
N LEU K 375 -1.07 -30.08 -31.81
CA LEU K 375 -0.41 -29.95 -33.09
C LEU K 375 -0.86 -28.66 -33.76
N ARG K 376 0.11 -28.01 -34.41
CA ARG K 376 -0.10 -26.75 -35.11
C ARG K 376 -1.06 -26.99 -36.25
N GLU K 377 -1.90 -26.01 -36.52
CA GLU K 377 -3.07 -26.23 -37.36
C GLU K 377 -2.67 -26.86 -38.68
N ASP K 378 -1.56 -26.44 -39.24
CA ASP K 378 -1.16 -26.99 -40.53
C ASP K 378 -0.93 -28.50 -40.41
N ILE K 379 -0.26 -28.93 -39.35
CA ILE K 379 -0.05 -30.36 -39.12
C ILE K 379 -1.35 -31.10 -38.86
N LYS K 380 -2.27 -30.45 -38.17
CA LYS K 380 -3.41 -31.13 -37.56
C LYS K 380 -4.27 -31.86 -38.59
N ASP K 381 -4.47 -31.23 -39.74
CA ASP K 381 -5.28 -31.82 -40.80
C ASP K 381 -4.64 -33.13 -41.26
N TYR K 382 -3.31 -33.13 -41.35
CA TYR K 382 -2.61 -34.27 -41.91
C TYR K 382 -2.84 -35.51 -41.08
N TYR K 383 -2.82 -35.40 -39.76
CA TYR K 383 -2.98 -36.61 -38.97
C TYR K 383 -4.20 -37.41 -39.40
N THR K 384 -5.29 -36.72 -39.71
CA THR K 384 -6.53 -37.41 -40.01
C THR K 384 -6.37 -38.32 -41.22
N ASP K 385 -5.60 -37.85 -42.19
CA ASP K 385 -5.35 -38.66 -43.37
C ASP K 385 -4.70 -39.91 -42.83
N LEU K 386 -3.87 -39.72 -41.81
CA LEU K 386 -3.11 -40.83 -41.24
C LEU K 386 -4.05 -41.87 -40.66
N SER K 387 -5.31 -41.48 -40.51
CA SER K 387 -6.35 -42.28 -39.88
C SER K 387 -6.63 -43.55 -40.67
N ILE K 388 -6.58 -43.44 -41.99
CA ILE K 388 -6.98 -44.54 -42.87
C ILE K 388 -6.13 -45.78 -42.63
N LEU K 389 -4.85 -45.60 -42.30
CA LEU K 389 -3.91 -46.73 -42.26
C LEU K 389 -4.28 -47.88 -41.31
N GLN K 390 -4.02 -49.10 -41.78
CA GLN K 390 -4.44 -50.34 -41.14
C GLN K 390 -3.94 -50.34 -39.69
N LYS K 391 -4.53 -51.19 -38.86
CA LYS K 391 -4.09 -51.31 -37.47
C LYS K 391 -2.64 -51.77 -37.48
N ASP K 392 -2.33 -52.75 -38.33
CA ASP K 392 -1.02 -53.37 -38.29
C ASP K 392 -0.34 -53.48 -39.66
N VAL K 393 -0.04 -52.34 -40.24
CA VAL K 393 0.70 -52.29 -41.48
C VAL K 393 1.85 -51.31 -41.28
N LYS K 394 3.06 -51.74 -41.61
CA LYS K 394 4.15 -50.79 -41.65
C LYS K 394 4.19 -50.36 -43.09
N VAL K 395 3.65 -49.17 -43.36
CA VAL K 395 3.63 -48.70 -44.73
C VAL K 395 4.93 -48.02 -45.11
N PRO K 396 5.41 -48.31 -46.31
CA PRO K 396 6.58 -47.63 -46.86
C PRO K 396 6.23 -46.15 -47.03
N THR K 397 7.18 -45.29 -46.67
CA THR K 397 6.95 -43.86 -46.66
C THR K 397 6.26 -43.31 -47.89
N LYS K 398 6.61 -43.86 -49.05
CA LYS K 398 6.15 -43.34 -50.33
C LYS K 398 4.64 -43.13 -50.41
N VAL K 399 3.88 -44.13 -49.97
CA VAL K 399 2.43 -44.09 -50.10
C VAL K 399 1.89 -42.87 -49.36
N LEU K 400 2.56 -42.53 -48.28
CA LEU K 400 2.20 -41.32 -47.54
C LEU K 400 2.54 -40.10 -48.39
N CYS K 401 3.61 -40.22 -49.18
CA CYS K 401 3.99 -39.14 -50.07
C CYS K 401 2.90 -38.94 -51.12
N ILE K 402 2.40 -40.05 -51.64
CA ILE K 402 1.38 -40.01 -52.67
C ILE K 402 0.09 -39.40 -52.21
N LEU K 403 -0.38 -39.80 -51.03
CA LEU K 403 -1.63 -39.25 -50.53
C LEU K 403 -1.48 -37.78 -50.27
N TRP K 404 -0.37 -37.41 -49.64
CA TRP K 404 -0.06 -36.03 -49.39
C TRP K 404 0.21 -35.23 -50.65
N ASP K 405 0.87 -35.87 -51.62
CA ASP K 405 1.26 -35.20 -52.85
C ASP K 405 2.39 -34.23 -52.53
N MET K 406 3.09 -34.48 -51.43
CA MET K 406 4.17 -33.60 -51.00
C MET K 406 5.53 -34.29 -51.00
N GLU K 407 6.57 -33.60 -51.44
CA GLU K 407 7.85 -34.23 -51.74
C GLU K 407 8.47 -34.94 -50.54
N THR K 408 9.20 -36.03 -50.82
CA THR K 408 9.64 -36.99 -49.81
C THR K 408 10.56 -36.48 -48.70
N GLU K 409 11.50 -35.60 -49.04
CA GLU K 409 12.43 -35.10 -48.03
C GLU K 409 11.63 -34.38 -46.97
N GLU K 410 10.62 -33.64 -47.43
CA GLU K 410 9.71 -32.94 -46.55
C GLU K 410 8.78 -33.84 -45.75
N VAL K 411 8.24 -34.86 -46.40
CA VAL K 411 7.20 -35.68 -45.79
C VAL K 411 7.70 -36.41 -44.55
N GLU K 412 8.94 -36.86 -44.59
CA GLU K 412 9.50 -37.63 -43.49
C GLU K 412 9.52 -36.80 -42.21
N ASP K 413 9.82 -35.51 -42.34
CA ASP K 413 10.12 -34.69 -41.18
C ASP K 413 8.87 -34.44 -40.36
N ILE K 414 7.74 -34.24 -41.04
CA ILE K 414 6.49 -34.04 -40.32
C ILE K 414 6.20 -35.30 -39.52
N LEU K 415 6.48 -36.44 -40.15
CA LEU K 415 6.26 -37.70 -39.47
C LEU K 415 7.22 -37.86 -38.30
N GLN K 416 8.41 -37.31 -38.44
CA GLN K 416 9.37 -37.34 -37.37
C GLN K 416 8.82 -36.55 -36.20
N GLU K 417 8.17 -35.44 -36.49
CA GLU K 417 7.54 -34.63 -35.46
C GLU K 417 6.44 -35.41 -34.78
N PHE K 418 5.69 -36.19 -35.54
CA PHE K 418 4.68 -37.05 -34.94
C PHE K 418 5.34 -38.04 -34.02
N VAL K 419 6.40 -38.68 -34.47
CA VAL K 419 6.92 -39.78 -33.70
C VAL K 419 7.29 -39.20 -32.37
N ASN K 420 7.82 -37.98 -32.36
CA ASN K 420 8.12 -37.34 -31.11
C ASN K 420 6.84 -37.10 -30.32
N LYS K 421 5.79 -36.66 -30.99
CA LYS K 421 4.51 -36.54 -30.29
C LYS K 421 4.04 -37.90 -29.79
N SER K 422 4.82 -38.94 -30.09
CA SER K 422 4.49 -40.30 -29.68
C SER K 422 3.11 -40.69 -30.16
N LEU K 423 2.77 -40.24 -31.37
CA LEU K 423 1.48 -40.57 -31.95
C LEU K 423 1.63 -41.47 -33.17
N LEU K 424 2.84 -41.96 -33.39
CA LEU K 424 3.14 -42.78 -34.54
C LEU K 424 4.55 -43.38 -34.43
N PHE K 425 4.61 -44.67 -34.15
CA PHE K 425 5.89 -45.32 -33.90
C PHE K 425 6.80 -45.44 -35.10
N CYS K 426 8.08 -45.20 -34.86
CA CYS K 426 9.12 -45.30 -35.88
C CYS K 426 9.55 -46.73 -36.17
N ASP K 427 10.07 -46.95 -37.38
CA ASP K 427 10.65 -48.23 -37.74
C ASP K 427 11.90 -48.04 -38.58
N ARG K 428 13.06 -48.04 -37.92
CA ARG K 428 14.31 -47.88 -38.64
C ARG K 428 14.78 -49.22 -39.19
N ASN K 429 14.07 -49.73 -40.18
CA ASN K 429 14.51 -50.92 -40.89
C ASN K 429 15.22 -50.42 -42.12
N GLY K 430 16.54 -50.49 -42.09
CA GLY K 430 17.33 -50.11 -43.25
C GLY K 430 17.01 -48.68 -43.62
N LYS K 431 17.26 -48.33 -44.88
CA LYS K 431 16.94 -46.99 -45.36
C LYS K 431 15.44 -46.81 -45.22
N SER K 432 14.69 -47.86 -45.53
CA SER K 432 13.24 -47.80 -45.48
C SER K 432 12.72 -47.53 -44.08
N PHE K 433 11.63 -46.79 -44.02
CA PHE K 433 10.94 -46.51 -42.78
C PHE K 433 9.48 -46.94 -42.90
N ARG K 434 9.03 -47.73 -41.93
CA ARG K 434 7.63 -48.05 -41.84
C ARG K 434 7.14 -47.47 -40.53
N TYR K 435 6.17 -46.58 -40.62
CA TYR K 435 5.49 -46.09 -39.44
C TYR K 435 4.18 -46.83 -39.20
N TYR K 436 3.84 -47.00 -37.93
CA TYR K 436 2.63 -47.75 -37.57
C TYR K 436 2.16 -47.37 -36.18
N LEU K 437 0.97 -47.85 -35.83
CA LEU K 437 0.28 -47.41 -34.62
C LEU K 437 -0.01 -48.56 -33.68
N HIS K 438 -0.39 -48.21 -32.46
CA HIS K 438 -0.94 -49.16 -31.52
C HIS K 438 -2.39 -49.40 -31.88
N ASP K 439 -2.89 -50.57 -31.51
CA ASP K 439 -4.29 -50.92 -31.77
C ASP K 439 -5.22 -49.90 -31.12
N LEU K 440 -4.78 -49.36 -29.98
CA LEU K 440 -5.54 -48.35 -29.28
C LEU K 440 -5.55 -47.03 -30.03
N GLN K 441 -4.39 -46.68 -30.59
CA GLN K 441 -4.25 -45.45 -31.36
C GLN K 441 -5.13 -45.49 -32.60
N VAL K 442 -5.18 -46.65 -33.24
CA VAL K 442 -5.98 -46.80 -34.44
C VAL K 442 -7.46 -46.71 -34.11
N ASP K 443 -7.84 -47.38 -33.03
CA ASP K 443 -9.24 -47.41 -32.62
C ASP K 443 -9.72 -46.01 -32.29
N PHE K 444 -8.87 -45.22 -31.66
CA PHE K 444 -9.26 -43.88 -31.29
C PHE K 444 -9.58 -43.14 -32.58
N LEU K 445 -8.80 -43.38 -33.62
CA LEU K 445 -8.95 -42.62 -34.84
C LEU K 445 -10.31 -42.80 -35.45
N THR K 446 -10.74 -44.05 -35.58
CA THR K 446 -12.03 -44.35 -36.15
C THR K 446 -13.10 -43.80 -35.23
N GLU K 447 -12.83 -43.83 -33.93
CA GLU K 447 -13.76 -43.31 -32.95
C GLU K 447 -13.98 -41.83 -33.16
N LYS K 448 -12.90 -41.12 -33.49
CA LYS K 448 -12.95 -39.66 -33.66
C LYS K 448 -12.92 -39.13 -35.11
N ASN K 449 -12.64 -40.00 -36.08
CA ASN K 449 -12.59 -39.58 -37.48
C ASN K 449 -13.44 -40.36 -38.46
N CYS K 450 -14.40 -41.14 -37.96
CA CYS K 450 -15.08 -42.12 -38.80
C CYS K 450 -15.84 -41.55 -40.01
N SER K 451 -16.52 -40.43 -39.83
CA SER K 451 -17.30 -39.84 -40.92
C SER K 451 -16.41 -39.44 -42.09
N GLN K 452 -15.26 -38.86 -41.78
CA GLN K 452 -14.30 -38.47 -42.81
C GLN K 452 -13.76 -39.67 -43.57
N LEU K 453 -13.52 -40.77 -42.86
CA LEU K 453 -12.74 -41.88 -43.39
C LEU K 453 -13.32 -42.46 -44.67
N GLN K 454 -14.63 -42.62 -44.72
CA GLN K 454 -15.29 -43.11 -45.92
C GLN K 454 -15.04 -42.13 -47.06
N ASP K 455 -15.07 -40.85 -46.73
CA ASP K 455 -14.86 -39.80 -47.71
C ASP K 455 -13.42 -39.76 -48.24
N LEU K 456 -12.45 -39.86 -47.35
CA LEU K 456 -11.05 -39.68 -47.74
C LEU K 456 -10.51 -40.71 -48.72
N HIS K 457 -10.91 -41.95 -48.49
CA HIS K 457 -10.32 -43.12 -49.11
C HIS K 457 -10.43 -42.88 -50.58
N LYS K 458 -11.51 -42.24 -50.99
CA LYS K 458 -11.72 -41.89 -52.37
C LYS K 458 -10.55 -40.97 -52.71
N LYS K 459 -10.16 -40.15 -51.74
CA LYS K 459 -9.10 -39.18 -51.94
C LYS K 459 -7.76 -39.84 -52.27
N ILE K 460 -7.44 -40.93 -51.59
CA ILE K 460 -6.19 -41.64 -51.86
C ILE K 460 -6.15 -42.29 -53.24
N ILE K 461 -7.25 -42.92 -53.62
CA ILE K 461 -7.29 -43.65 -54.88
C ILE K 461 -7.06 -42.71 -56.06
N THR K 462 -7.70 -41.55 -56.04
CA THR K 462 -7.63 -40.64 -57.17
C THR K 462 -6.21 -40.14 -57.36
N GLN K 463 -5.52 -39.93 -56.23
CA GLN K 463 -4.13 -39.50 -56.25
C GLN K 463 -3.26 -40.59 -56.88
N PHE K 464 -3.53 -41.85 -56.54
CA PHE K 464 -2.78 -42.95 -57.10
C PHE K 464 -3.04 -43.02 -58.60
N GLN K 465 -4.26 -42.64 -58.98
CA GLN K 465 -4.62 -42.57 -60.39
C GLN K 465 -3.86 -41.44 -61.09
N ARG K 466 -3.55 -40.38 -60.35
CA ARG K 466 -2.78 -39.28 -60.93
C ARG K 466 -1.35 -39.72 -61.13
N TYR K 467 -0.98 -40.80 -60.46
CA TYR K 467 0.31 -41.42 -60.69
C TYR K 467 0.12 -42.78 -61.32
N HIS K 468 0.73 -43.80 -60.72
CA HIS K 468 0.78 -45.12 -61.34
C HIS K 468 -0.61 -45.74 -61.52
N GLN K 469 -0.85 -46.28 -62.71
CA GLN K 469 -2.00 -47.13 -62.94
C GLN K 469 -1.66 -48.54 -62.47
N PRO K 470 -2.68 -49.34 -62.09
CA PRO K 470 -2.39 -50.68 -61.57
C PRO K 470 -1.60 -51.55 -62.53
N HIS K 471 -1.85 -51.41 -63.83
CA HIS K 471 -1.02 -52.08 -64.83
C HIS K 471 0.33 -51.42 -64.94
N THR K 472 0.37 -50.13 -64.59
CA THR K 472 1.58 -49.32 -64.70
C THR K 472 2.44 -49.54 -63.44
N LEU K 473 1.92 -50.33 -62.52
CA LEU K 473 2.67 -50.72 -61.32
C LEU K 473 3.87 -51.60 -61.67
N SER K 474 4.94 -51.52 -60.87
CA SER K 474 6.16 -52.27 -61.14
C SER K 474 6.74 -53.01 -59.93
N PRO K 475 7.50 -54.06 -60.19
CA PRO K 475 8.04 -54.89 -59.10
C PRO K 475 9.11 -54.20 -58.24
N ASP K 476 9.89 -53.32 -58.84
CA ASP K 476 11.01 -52.68 -58.17
C ASP K 476 10.57 -51.64 -57.14
N GLN K 477 9.55 -50.86 -57.50
CA GLN K 477 9.03 -49.81 -56.63
C GLN K 477 8.75 -50.36 -55.24
N GLU K 478 9.17 -49.65 -54.20
CA GLU K 478 8.98 -50.08 -52.82
C GLU K 478 7.52 -50.17 -52.37
N ASP K 479 6.71 -49.20 -52.78
CA ASP K 479 5.34 -49.05 -52.32
C ASP K 479 4.38 -50.13 -52.82
N CYS K 480 4.73 -50.75 -53.96
CA CYS K 480 3.75 -51.50 -54.73
C CYS K 480 3.09 -52.63 -53.97
N MET K 481 3.86 -53.32 -53.12
CA MET K 481 3.32 -54.48 -52.43
C MET K 481 2.20 -54.05 -51.50
N TYR K 482 2.34 -52.87 -50.93
CA TYR K 482 1.29 -52.30 -50.11
C TYR K 482 0.04 -52.06 -50.94
N TRP K 483 0.39 -51.65 -52.15
CA TRP K 483 -0.47 -51.16 -53.18
C TRP K 483 -1.46 -52.17 -53.70
N TYR K 484 -1.01 -53.40 -53.95
CA TYR K 484 -1.96 -54.40 -54.37
C TYR K 484 -2.94 -54.67 -53.25
N ASN K 485 -2.39 -55.08 -52.10
CA ASN K 485 -3.19 -55.51 -50.95
C ASN K 485 -4.08 -54.45 -50.31
N PHE K 486 -3.54 -53.24 -50.15
CA PHE K 486 -4.30 -52.16 -49.56
C PHE K 486 -4.85 -51.30 -50.66
N LEU K 487 -4.38 -51.49 -51.88
CA LEU K 487 -5.03 -50.86 -53.00
C LEU K 487 -6.40 -51.49 -53.05
N ALA K 488 -6.42 -52.81 -52.92
CA ALA K 488 -7.67 -53.53 -53.00
C ALA K 488 -8.51 -53.04 -51.85
N TYR K 489 -7.85 -52.86 -50.71
CA TYR K 489 -8.57 -52.47 -49.50
C TYR K 489 -9.26 -51.10 -49.61
N HIS K 490 -8.58 -50.10 -50.14
CA HIS K 490 -9.10 -48.73 -50.08
C HIS K 490 -10.39 -48.49 -50.87
N MET K 491 -10.42 -49.05 -52.07
CA MET K 491 -11.56 -49.02 -52.98
C MET K 491 -12.82 -49.54 -52.31
N ALA K 492 -12.65 -50.47 -51.38
CA ALA K 492 -13.79 -51.06 -50.71
C ALA K 492 -14.45 -50.02 -49.83
N SER K 493 -13.64 -49.31 -49.05
CA SER K 493 -14.14 -48.24 -48.21
C SER K 493 -14.74 -47.19 -49.12
N ALA K 494 -14.09 -46.96 -50.26
CA ALA K 494 -14.49 -45.91 -51.17
C ALA K 494 -15.96 -46.16 -51.45
N LYS K 495 -16.33 -47.44 -51.51
CA LYS K 495 -17.70 -47.82 -51.79
C LYS K 495 -17.96 -47.76 -53.29
N MET K 496 -16.91 -47.51 -54.05
CA MET K 496 -17.04 -47.44 -55.49
C MET K 496 -16.86 -48.85 -56.02
N HIS K 497 -17.96 -49.42 -56.49
CA HIS K 497 -17.96 -50.80 -56.95
C HIS K 497 -17.52 -50.94 -58.41
N LYS K 498 -17.85 -49.94 -59.23
CA LYS K 498 -17.43 -49.96 -60.62
C LYS K 498 -15.91 -49.83 -60.71
N GLU K 499 -15.33 -49.00 -59.86
CA GLU K 499 -13.89 -48.88 -59.80
C GLU K 499 -13.27 -50.16 -59.26
N LEU K 500 -14.01 -50.82 -58.37
CA LEU K 500 -13.56 -52.06 -57.79
C LEU K 500 -13.48 -53.10 -58.89
N CYS K 501 -14.43 -53.02 -59.82
CA CYS K 501 -14.42 -53.83 -61.03
C CYS K 501 -13.25 -53.44 -61.92
N ALA K 502 -12.91 -52.16 -61.90
CA ALA K 502 -11.81 -51.66 -62.72
C ALA K 502 -10.49 -52.22 -62.23
N LEU K 503 -10.42 -52.59 -60.96
CA LEU K 503 -9.19 -53.14 -60.41
C LEU K 503 -9.20 -54.65 -60.23
N MET K 504 -9.94 -55.13 -59.24
CA MET K 504 -9.80 -56.52 -58.80
C MET K 504 -10.11 -57.53 -59.89
N PHE K 505 -11.05 -57.19 -60.74
CA PHE K 505 -11.50 -58.09 -61.79
C PHE K 505 -10.36 -58.39 -62.75
N SER K 506 -9.57 -57.36 -63.03
CA SER K 506 -8.57 -57.44 -64.08
C SER K 506 -7.72 -58.68 -63.88
N LEU K 507 -7.78 -59.59 -64.85
CA LEU K 507 -7.10 -60.86 -64.75
C LEU K 507 -5.57 -60.70 -64.72
N ASP K 508 -5.08 -59.70 -65.43
CA ASP K 508 -3.65 -59.44 -65.46
C ASP K 508 -3.17 -58.94 -64.10
N TRP K 509 -4.03 -58.21 -63.42
CA TRP K 509 -3.75 -57.75 -62.07
C TRP K 509 -3.64 -58.96 -61.15
N ILE K 510 -4.48 -59.94 -61.43
CA ILE K 510 -4.44 -61.21 -60.73
C ILE K 510 -3.12 -61.90 -61.04
N LYS K 511 -2.64 -61.72 -62.26
CA LYS K 511 -1.42 -62.38 -62.69
C LYS K 511 -0.24 -61.85 -61.92
N ALA K 512 -0.10 -60.53 -61.91
CA ALA K 512 1.00 -59.92 -61.20
C ALA K 512 0.89 -60.17 -59.70
N LYS K 513 -0.34 -60.15 -59.20
CA LYS K 513 -0.53 -60.33 -57.76
C LYS K 513 -0.14 -61.74 -57.34
N THR K 514 -0.47 -62.69 -58.21
CA THR K 514 -0.14 -64.09 -58.03
C THR K 514 1.37 -64.22 -58.04
N GLU K 515 2.00 -63.40 -58.89
CA GLU K 515 3.42 -63.54 -59.22
C GLU K 515 4.32 -63.35 -58.02
N LEU K 516 4.04 -62.35 -57.19
CA LEU K 516 4.82 -62.10 -55.96
C LEU K 516 4.06 -62.27 -54.62
N VAL K 517 2.74 -62.14 -54.67
CA VAL K 517 1.87 -62.31 -53.51
C VAL K 517 1.52 -63.76 -53.22
N GLY K 518 1.28 -64.53 -54.28
CA GLY K 518 0.77 -65.88 -54.12
C GLY K 518 -0.74 -65.86 -54.23
N PRO K 519 -1.33 -67.04 -54.43
CA PRO K 519 -2.77 -67.15 -54.71
C PRO K 519 -3.67 -67.25 -53.47
N ALA K 520 -3.19 -66.82 -52.31
CA ALA K 520 -4.04 -66.81 -51.14
C ALA K 520 -4.65 -65.46 -50.83
N HIS K 521 -3.88 -64.39 -51.00
CA HIS K 521 -4.38 -63.08 -50.63
C HIS K 521 -5.61 -62.70 -51.45
N LEU K 522 -5.59 -63.06 -52.72
CA LEU K 522 -6.69 -62.74 -53.63
C LEU K 522 -7.97 -63.41 -53.19
N ILE K 523 -7.87 -64.66 -52.74
CA ILE K 523 -9.03 -65.38 -52.24
C ILE K 523 -9.61 -64.70 -51.00
N HIS K 524 -8.73 -64.26 -50.11
CA HIS K 524 -9.14 -63.56 -48.90
C HIS K 524 -9.84 -62.25 -49.25
N GLU K 525 -9.30 -61.56 -50.25
CA GLU K 525 -9.87 -60.31 -50.74
C GLU K 525 -11.26 -60.55 -51.31
N PHE K 526 -11.41 -61.67 -52.01
CA PHE K 526 -12.66 -62.00 -52.69
C PHE K 526 -13.80 -62.16 -51.70
N VAL K 527 -13.53 -62.76 -50.54
CA VAL K 527 -14.59 -62.93 -49.55
C VAL K 527 -15.08 -61.56 -49.10
N GLU K 528 -14.15 -60.65 -48.89
CA GLU K 528 -14.47 -59.26 -48.59
C GLU K 528 -15.19 -58.65 -49.78
N TYR K 529 -14.76 -59.06 -50.97
CA TYR K 529 -15.23 -58.52 -52.24
C TYR K 529 -16.72 -58.74 -52.45
N ARG K 530 -17.20 -59.91 -52.02
CA ARG K 530 -18.57 -60.34 -52.32
C ARG K 530 -19.66 -59.43 -51.77
N HIS K 531 -19.50 -59.00 -50.52
CA HIS K 531 -20.41 -58.04 -49.91
C HIS K 531 -20.39 -56.68 -50.60
N ILE K 532 -19.19 -56.26 -50.98
CA ILE K 532 -18.96 -54.91 -51.51
C ILE K 532 -19.67 -54.60 -52.82
N LEU K 533 -19.72 -55.56 -53.73
CA LEU K 533 -20.27 -55.29 -55.06
C LEU K 533 -21.73 -55.72 -55.21
N ASP K 534 -21.99 -56.75 -56.03
CA ASP K 534 -23.34 -57.18 -56.31
C ASP K 534 -23.49 -58.70 -56.22
N GLU K 535 -24.70 -59.14 -55.92
CA GLU K 535 -24.99 -60.57 -55.82
C GLU K 535 -24.78 -61.27 -57.16
N LYS K 536 -25.20 -60.62 -58.24
CA LYS K 536 -25.05 -61.20 -59.57
C LYS K 536 -23.59 -61.39 -59.92
N ASP K 537 -22.77 -60.40 -59.58
CA ASP K 537 -21.32 -60.51 -59.75
C ASP K 537 -20.79 -61.63 -58.87
N CYS K 538 -21.33 -61.70 -57.66
CA CYS K 538 -20.96 -62.72 -56.69
C CYS K 538 -20.80 -64.06 -57.41
N ALA K 539 -21.70 -64.31 -58.37
CA ALA K 539 -21.62 -65.50 -59.19
C ALA K 539 -20.34 -65.44 -60.01
N VAL K 540 -20.02 -64.25 -60.50
CA VAL K 540 -18.80 -64.06 -61.27
C VAL K 540 -17.64 -64.40 -60.37
N SER K 541 -17.74 -63.96 -59.11
CA SER K 541 -16.74 -64.26 -58.11
C SER K 541 -16.74 -65.76 -57.82
N GLU K 542 -17.92 -66.37 -57.89
CA GLU K 542 -18.05 -67.81 -57.69
C GLU K 542 -17.36 -68.53 -58.84
N ASN K 543 -17.49 -67.99 -60.05
CA ASN K 543 -16.85 -68.57 -61.22
C ASN K 543 -15.34 -68.42 -61.16
N PHE K 544 -14.88 -67.29 -60.62
CA PHE K 544 -13.45 -67.03 -60.48
C PHE K 544 -12.83 -67.94 -59.42
N GLN K 545 -13.54 -68.11 -58.31
CA GLN K 545 -13.06 -68.97 -57.24
C GLN K 545 -12.94 -70.38 -57.79
N GLU K 546 -13.91 -70.76 -58.61
CA GLU K 546 -13.89 -72.05 -59.29
C GLU K 546 -12.68 -72.11 -60.22
N PHE K 547 -12.33 -70.96 -60.80
CA PHE K 547 -11.16 -70.89 -61.66
C PHE K 547 -9.88 -70.98 -60.85
N LEU K 548 -9.97 -70.64 -59.56
CA LEU K 548 -8.82 -70.68 -58.66
C LEU K 548 -8.57 -72.11 -58.18
N SER K 549 -9.64 -72.85 -57.96
CA SER K 549 -9.54 -74.23 -57.51
C SER K 549 -8.49 -74.99 -58.31
N LEU K 550 -8.39 -74.67 -59.59
CA LEU K 550 -7.42 -75.31 -60.47
C LEU K 550 -6.06 -74.63 -60.36
N ASN K 551 -6.05 -73.40 -59.86
CA ASN K 551 -4.82 -72.63 -59.69
C ASN K 551 -3.83 -73.09 -58.62
N GLY K 552 -4.33 -73.48 -57.46
CA GLY K 552 -3.45 -73.73 -56.33
C GLY K 552 -2.41 -74.81 -56.49
N HIS K 553 -2.81 -75.92 -57.10
CA HIS K 553 -1.99 -77.13 -57.17
C HIS K 553 -0.67 -77.01 -57.93
N LEU K 554 -0.71 -76.41 -59.11
CA LEU K 554 0.47 -76.29 -59.94
C LEU K 554 0.83 -74.85 -60.32
N LEU K 555 -0.06 -73.91 -60.03
CA LEU K 555 0.07 -72.53 -60.52
C LEU K 555 1.31 -71.80 -60.02
N GLY K 556 1.64 -71.97 -58.75
CA GLY K 556 2.77 -71.27 -58.14
C GLY K 556 4.17 -71.63 -58.59
N ARG K 557 4.40 -72.93 -58.79
CA ARG K 557 5.70 -73.41 -59.22
C ARG K 557 6.57 -72.30 -59.79
N GLN K 558 6.57 -72.18 -61.11
CA GLN K 558 7.38 -71.17 -61.78
C GLN K 558 6.87 -70.92 -63.19
N PRO K 559 7.09 -71.88 -64.08
CA PRO K 559 6.60 -71.76 -65.46
C PRO K 559 5.11 -71.39 -65.49
N PHE K 560 4.77 -70.24 -64.92
CA PHE K 560 3.37 -69.84 -64.83
C PHE K 560 2.64 -70.09 -66.14
N PRO K 561 2.54 -71.38 -66.51
CA PRO K 561 1.85 -71.76 -67.75
C PRO K 561 0.89 -70.68 -68.25
N ASN K 562 0.96 -70.35 -69.53
CA ASN K 562 0.06 -69.36 -70.10
C ASN K 562 -1.39 -69.58 -69.68
N ILE K 563 -1.77 -69.02 -68.54
CA ILE K 563 -3.12 -69.16 -68.02
C ILE K 563 -4.16 -68.95 -69.12
N VAL K 564 -3.97 -67.90 -69.91
CA VAL K 564 -4.89 -67.60 -71.00
C VAL K 564 -5.25 -68.85 -71.79
N GLN K 565 -4.35 -69.83 -71.79
CA GLN K 565 -4.57 -71.08 -72.50
C GLN K 565 -5.19 -72.13 -71.59
N LEU K 566 -4.73 -72.18 -70.35
CA LEU K 566 -5.23 -73.14 -69.37
C LEU K 566 -6.56 -72.70 -68.79
N GLY K 567 -6.93 -71.45 -69.06
CA GLY K 567 -8.18 -70.89 -68.56
C GLY K 567 -9.39 -71.45 -69.28
N LEU K 568 -9.28 -71.57 -70.61
CA LEU K 568 -10.37 -72.08 -71.43
C LEU K 568 -10.68 -73.53 -71.07
N CYS K 569 -11.08 -73.77 -69.82
CA CYS K 569 -11.40 -75.11 -69.37
C CYS K 569 -12.64 -75.11 -68.49
N GLU K 570 -13.02 -73.94 -68.00
CA GLU K 570 -14.19 -73.80 -67.14
C GLU K 570 -15.47 -74.14 -67.90
N PRO K 571 -16.54 -74.40 -67.16
CA PRO K 571 -17.83 -74.77 -67.78
C PRO K 571 -18.86 -73.65 -67.66
N GLU K 572 -20.01 -73.84 -68.29
CA GLU K 572 -21.08 -72.85 -68.26
C GLU K 572 -20.75 -71.65 -69.12
N THR K 573 -20.19 -70.62 -68.48
CA THR K 573 -19.82 -69.40 -69.19
C THR K 573 -19.09 -68.43 -68.25
N SER K 574 -19.81 -67.93 -67.26
CA SER K 574 -19.23 -67.02 -66.29
C SER K 574 -18.41 -65.91 -66.89
N GLU K 575 -18.07 -64.94 -66.04
CA GLU K 575 -17.27 -63.81 -66.46
C GLU K 575 -15.94 -64.35 -66.93
N VAL K 576 -15.42 -65.37 -66.24
CA VAL K 576 -14.13 -65.91 -66.62
C VAL K 576 -14.16 -66.55 -67.98
N TYR K 577 -15.19 -67.35 -68.24
CA TYR K 577 -15.25 -68.05 -69.51
C TYR K 577 -15.34 -67.01 -70.61
N GLN K 578 -16.21 -66.03 -70.39
CA GLN K 578 -16.45 -65.08 -71.46
C GLN K 578 -15.16 -64.34 -71.75
N GLN K 579 -14.45 -63.97 -70.68
CA GLN K 579 -13.19 -63.25 -70.84
C GLN K 579 -12.17 -64.09 -71.60
N ALA K 580 -12.14 -65.38 -71.31
CA ALA K 580 -11.14 -66.28 -71.83
C ALA K 580 -11.26 -66.50 -73.33
N LYS K 581 -12.50 -66.70 -73.79
CA LYS K 581 -12.68 -67.00 -75.20
C LYS K 581 -12.22 -65.84 -76.06
N LEU K 582 -12.59 -64.63 -75.65
CA LEU K 582 -12.21 -63.44 -76.40
C LEU K 582 -10.70 -63.26 -76.41
N GLN K 583 -10.08 -63.52 -75.25
CA GLN K 583 -8.64 -63.36 -75.15
C GLN K 583 -7.98 -64.34 -76.11
N ALA K 584 -8.53 -65.55 -76.15
CA ALA K 584 -8.00 -66.60 -77.00
C ALA K 584 -8.12 -66.22 -78.47
N LYS K 585 -9.26 -65.63 -78.83
CA LYS K 585 -9.49 -65.20 -80.20
C LYS K 585 -8.48 -64.13 -80.59
N GLN K 586 -8.20 -63.23 -79.66
CA GLN K 586 -7.21 -62.18 -79.88
C GLN K 586 -5.82 -62.76 -80.08
N GLU K 587 -5.48 -63.75 -79.27
CA GLU K 587 -4.19 -64.42 -79.36
C GLU K 587 -4.05 -65.15 -80.70
N VAL K 588 -5.15 -65.76 -81.12
CA VAL K 588 -5.16 -66.72 -82.22
C VAL K 588 -4.74 -66.17 -83.57
N ASP K 589 -5.22 -64.98 -83.91
CA ASP K 589 -4.90 -64.41 -85.21
C ASP K 589 -3.39 -64.18 -85.32
N ASN K 590 -2.81 -63.68 -84.25
CA ASN K 590 -1.37 -63.47 -84.18
C ASN K 590 -0.58 -64.77 -84.26
N GLY K 591 -1.08 -65.79 -83.60
CA GLY K 591 -0.37 -67.06 -83.51
C GLY K 591 -0.57 -67.71 -82.15
N MET K 592 0.42 -68.48 -81.70
CA MET K 592 0.36 -69.12 -80.38
C MET K 592 -0.29 -70.51 -80.36
N LEU K 593 -0.87 -70.91 -81.48
CA LEU K 593 -1.17 -72.32 -81.71
C LEU K 593 -1.96 -72.91 -80.55
N TYR K 594 -2.88 -72.15 -80.00
CA TYR K 594 -3.70 -72.66 -78.89
C TYR K 594 -4.56 -73.80 -79.38
N LEU K 595 -4.72 -74.84 -78.57
CA LEU K 595 -5.59 -75.94 -78.96
C LEU K 595 -6.90 -75.87 -78.22
N GLU K 596 -8.00 -75.79 -78.95
CA GLU K 596 -9.33 -75.79 -78.33
C GLU K 596 -9.64 -77.14 -77.68
N TRP K 597 -10.42 -77.14 -76.60
CA TRP K 597 -10.87 -78.39 -75.97
C TRP K 597 -12.39 -78.52 -76.03
N ILE K 598 -12.86 -79.65 -76.57
CA ILE K 598 -14.29 -79.85 -76.83
C ILE K 598 -15.12 -80.76 -75.89
N ASN K 599 -14.49 -81.33 -74.87
CA ASN K 599 -15.16 -82.28 -73.99
C ASN K 599 -15.42 -81.91 -72.51
N LYS K 600 -15.25 -80.65 -72.13
CA LYS K 600 -15.22 -80.32 -70.71
C LYS K 600 -16.49 -80.75 -69.97
N LYS K 601 -17.64 -80.46 -70.57
CA LYS K 601 -18.93 -80.77 -69.93
C LYS K 601 -19.10 -82.26 -69.76
N ASN K 602 -18.34 -83.03 -70.54
CA ASN K 602 -18.38 -84.48 -70.49
C ASN K 602 -17.38 -85.07 -69.51
N ILE K 603 -16.50 -84.22 -68.98
CA ILE K 603 -15.37 -84.67 -68.16
C ILE K 603 -15.02 -83.80 -66.95
N THR K 604 -14.34 -84.41 -65.98
CA THR K 604 -13.87 -83.76 -64.76
C THR K 604 -14.97 -83.52 -63.70
N ASN K 605 -14.87 -84.27 -62.61
CA ASN K 605 -15.60 -83.95 -61.39
C ASN K 605 -14.71 -83.14 -60.46
N LEU K 606 -14.83 -81.82 -60.55
CA LEU K 606 -13.88 -80.91 -59.92
C LEU K 606 -13.90 -80.96 -58.39
N SER K 607 -12.71 -80.98 -57.79
CA SER K 607 -12.56 -80.81 -56.34
C SER K 607 -12.69 -79.34 -55.98
N ARG K 608 -13.18 -79.07 -54.76
CA ARG K 608 -13.38 -77.69 -54.32
C ARG K 608 -12.08 -76.90 -54.14
N LEU K 609 -10.99 -77.60 -53.81
CA LEU K 609 -9.72 -76.91 -53.56
C LEU K 609 -8.53 -77.86 -53.65
N VAL K 610 -7.36 -77.32 -53.98
CA VAL K 610 -6.12 -78.08 -54.00
C VAL K 610 -4.98 -77.25 -53.41
N VAL K 611 -4.11 -77.90 -52.64
CA VAL K 611 -2.97 -77.22 -52.03
C VAL K 611 -1.68 -78.01 -52.25
N ARG K 612 -0.65 -77.28 -52.64
CA ARG K 612 0.70 -77.77 -52.59
C ARG K 612 1.39 -76.86 -51.59
N PRO K 613 1.67 -77.43 -50.43
CA PRO K 613 2.51 -76.77 -49.42
C PRO K 613 4.00 -76.96 -49.66
N HIS K 614 4.38 -78.08 -50.24
CA HIS K 614 5.80 -78.45 -50.30
C HIS K 614 6.20 -78.99 -51.67
N THR K 615 7.38 -78.59 -52.16
CA THR K 615 7.94 -79.19 -53.36
C THR K 615 8.35 -80.63 -53.06
N ASP K 616 8.55 -80.91 -51.77
CA ASP K 616 9.00 -82.20 -51.28
C ASP K 616 7.85 -83.03 -50.70
N ALA K 617 7.88 -84.34 -50.94
CA ALA K 617 6.73 -85.21 -50.67
C ALA K 617 6.18 -85.03 -49.27
N VAL K 618 4.85 -84.95 -49.18
CA VAL K 618 4.14 -84.81 -47.91
C VAL K 618 4.21 -86.09 -47.10
N TYR K 619 4.34 -86.00 -45.78
CA TYR K 619 4.26 -87.21 -44.96
C TYR K 619 3.08 -87.27 -43.99
N HIS K 620 2.61 -86.13 -43.51
CA HIS K 620 1.44 -86.11 -42.65
C HIS K 620 0.78 -84.74 -42.60
N ALA K 621 -0.51 -84.72 -42.28
CA ALA K 621 -1.27 -83.49 -42.16
C ALA K 621 -2.37 -83.66 -41.11
N CYS K 622 -2.76 -82.56 -40.48
CA CYS K 622 -3.79 -82.63 -39.44
C CYS K 622 -4.61 -81.35 -39.31
N PHE K 623 -5.91 -81.52 -39.10
CA PHE K 623 -6.82 -80.39 -38.84
C PHE K 623 -6.56 -79.77 -37.49
N SER K 624 -6.76 -78.45 -37.41
CA SER K 624 -6.86 -77.79 -36.11
C SER K 624 -8.09 -78.33 -35.42
N GLU K 625 -8.05 -78.43 -34.10
CA GLU K 625 -9.19 -78.93 -33.35
C GLU K 625 -10.39 -78.01 -33.57
N ASP K 626 -10.10 -76.73 -33.75
CA ASP K 626 -11.11 -75.74 -34.08
C ASP K 626 -11.60 -75.93 -35.52
N GLY K 627 -10.75 -76.52 -36.36
CA GLY K 627 -11.05 -76.76 -37.75
C GLY K 627 -10.75 -75.56 -38.63
N GLN K 628 -10.26 -74.49 -38.01
CA GLN K 628 -9.92 -73.26 -38.72
C GLN K 628 -8.68 -73.39 -39.60
N ARG K 629 -7.79 -74.33 -39.27
CA ARG K 629 -6.53 -74.43 -40.00
C ARG K 629 -5.98 -75.85 -40.05
N ILE K 630 -5.02 -76.07 -40.94
CA ILE K 630 -4.44 -77.40 -41.14
C ILE K 630 -2.92 -77.32 -41.22
N ALA K 631 -2.22 -78.29 -40.63
CA ALA K 631 -0.76 -78.42 -40.80
C ALA K 631 -0.34 -79.71 -41.53
N SER K 632 0.48 -79.58 -42.57
CA SER K 632 1.07 -80.72 -43.30
C SER K 632 2.60 -80.61 -43.18
N CYS K 633 3.27 -81.74 -43.02
CA CYS K 633 4.73 -81.83 -43.15
C CYS K 633 5.15 -82.36 -44.53
N GLY K 634 6.33 -82.97 -44.61
CA GLY K 634 6.82 -83.52 -45.88
C GLY K 634 8.19 -84.21 -45.80
N ALA K 635 8.69 -84.71 -46.93
CA ALA K 635 9.98 -85.39 -46.95
C ALA K 635 11.10 -84.41 -46.61
N ASP K 636 10.94 -83.15 -47.00
CA ASP K 636 11.96 -82.17 -46.72
C ASP K 636 12.08 -82.10 -45.22
N LYS K 637 10.94 -82.21 -44.55
CA LYS K 637 10.88 -82.21 -43.09
C LYS K 637 10.53 -80.85 -42.48
N THR K 638 10.37 -79.85 -43.34
CA THR K 638 9.78 -78.59 -42.94
C THR K 638 8.31 -78.89 -42.77
N LEU K 639 7.63 -78.18 -41.87
CA LEU K 639 6.19 -78.33 -41.69
C LEU K 639 5.57 -76.96 -42.01
N GLN K 640 4.48 -76.95 -42.78
CA GLN K 640 3.80 -75.70 -43.10
C GLN K 640 2.40 -75.69 -42.52
N VAL K 641 2.05 -74.61 -41.83
CA VAL K 641 0.74 -74.54 -41.16
C VAL K 641 -0.16 -73.52 -41.86
N PHE K 642 -1.41 -73.87 -42.19
CA PHE K 642 -2.20 -72.93 -43.01
C PHE K 642 -3.68 -72.85 -42.65
N LYS K 643 -4.35 -71.73 -42.99
CA LYS K 643 -5.78 -71.68 -42.77
C LYS K 643 -6.43 -71.96 -44.10
N ALA K 644 -7.20 -73.05 -44.15
CA ALA K 644 -7.68 -73.60 -45.40
C ALA K 644 -8.62 -72.72 -46.22
N GLU K 645 -9.60 -72.12 -45.56
CA GLU K 645 -10.57 -71.25 -46.22
C GLU K 645 -9.89 -70.35 -47.25
N THR K 646 -9.52 -69.15 -46.83
CA THR K 646 -8.86 -68.19 -47.72
C THR K 646 -7.65 -68.82 -48.40
N GLY K 647 -7.26 -70.00 -47.94
CA GLY K 647 -6.12 -70.71 -48.49
C GLY K 647 -4.92 -69.81 -48.67
N GLU K 648 -4.39 -69.32 -47.56
CA GLU K 648 -3.22 -68.44 -47.59
C GLU K 648 -2.23 -68.81 -46.49
N LYS K 649 -0.94 -68.82 -46.84
CA LYS K 649 0.10 -69.15 -45.88
C LYS K 649 -0.11 -68.43 -44.57
N LEU K 650 -0.19 -69.20 -43.48
CA LEU K 650 -0.40 -68.64 -42.15
C LEU K 650 0.75 -69.00 -41.21
N LEU K 651 1.62 -69.90 -41.67
CA LEU K 651 2.77 -70.33 -40.87
C LEU K 651 3.90 -70.91 -41.73
N GLU K 652 5.15 -70.56 -41.43
CA GLU K 652 6.33 -71.17 -42.06
C GLU K 652 7.21 -71.74 -40.92
N ILE K 653 7.70 -72.98 -41.05
CA ILE K 653 8.57 -73.59 -40.03
C ILE K 653 9.95 -73.88 -40.65
N LYS K 654 11.04 -73.53 -39.97
CA LYS K 654 12.29 -73.43 -40.71
C LYS K 654 12.79 -74.83 -41.07
N ALA K 655 12.82 -75.69 -40.08
CA ALA K 655 13.27 -77.08 -40.26
C ALA K 655 12.85 -77.99 -39.11
N HIS K 656 12.85 -79.29 -39.37
CA HIS K 656 12.72 -80.29 -38.32
C HIS K 656 13.89 -81.25 -38.50
N GLU K 657 14.60 -81.58 -37.42
CA GLU K 657 15.73 -82.48 -37.60
C GLU K 657 15.23 -83.83 -38.09
N ASP K 658 15.87 -84.31 -39.15
CA ASP K 658 15.48 -85.56 -39.78
C ASP K 658 14.29 -85.31 -40.69
N GLU K 659 13.76 -86.36 -41.31
CA GLU K 659 12.53 -86.26 -42.08
C GLU K 659 11.30 -86.37 -41.15
N VAL K 660 10.32 -85.49 -41.33
CA VAL K 660 9.14 -85.52 -40.48
C VAL K 660 8.48 -86.88 -40.61
N LEU K 661 8.02 -87.44 -39.49
CA LEU K 661 7.26 -88.68 -39.59
C LEU K 661 5.75 -88.47 -39.43
N CYS K 662 5.39 -87.56 -38.54
CA CYS K 662 4.00 -87.10 -38.40
C CYS K 662 3.93 -85.94 -37.41
N CYS K 663 2.83 -85.20 -37.45
CA CYS K 663 2.66 -84.05 -36.58
C CYS K 663 1.20 -83.92 -36.17
N ALA K 664 0.95 -83.16 -35.10
CA ALA K 664 -0.42 -83.00 -34.63
C ALA K 664 -0.62 -81.80 -33.70
N PHE K 665 -1.80 -81.18 -33.80
CA PHE K 665 -2.18 -80.07 -32.94
C PHE K 665 -2.54 -80.48 -31.52
N SER K 666 -2.36 -79.55 -30.59
CA SER K 666 -2.86 -79.71 -29.23
C SER K 666 -4.38 -79.56 -29.25
N THR K 667 -5.03 -80.14 -28.23
CA THR K 667 -6.49 -80.16 -28.18
C THR K 667 -7.10 -78.77 -28.21
N ASP K 668 -6.37 -77.80 -27.67
CA ASP K 668 -6.80 -76.40 -27.75
C ASP K 668 -6.02 -75.67 -28.84
N ASP K 669 -5.32 -76.43 -29.68
CA ASP K 669 -4.55 -75.89 -30.80
C ASP K 669 -3.52 -74.87 -30.34
N ARG K 670 -2.97 -75.11 -29.15
CA ARG K 670 -1.97 -74.23 -28.58
C ARG K 670 -0.57 -74.81 -28.74
N PHE K 671 -0.49 -76.02 -29.28
CA PHE K 671 0.80 -76.71 -29.46
C PHE K 671 0.78 -77.60 -30.69
N ILE K 672 1.97 -77.88 -31.22
CA ILE K 672 2.11 -78.78 -32.36
C ILE K 672 3.26 -79.74 -32.14
N ALA K 673 2.95 -80.97 -31.77
CA ALA K 673 3.95 -82.02 -31.68
C ALA K 673 4.45 -82.39 -33.07
N THR K 674 5.73 -82.73 -33.18
CA THR K 674 6.30 -83.12 -34.46
C THR K 674 7.19 -84.35 -34.31
N CYS K 675 6.73 -85.47 -34.85
CA CYS K 675 7.49 -86.71 -34.80
C CYS K 675 8.58 -86.71 -35.86
N SER K 676 9.66 -87.45 -35.63
CA SER K 676 10.77 -87.48 -36.58
C SER K 676 11.69 -88.68 -36.43
N VAL K 677 12.41 -88.98 -37.51
CA VAL K 677 13.41 -90.05 -37.53
C VAL K 677 14.55 -89.77 -36.56
N ASP K 678 14.87 -88.51 -36.35
CA ASP K 678 15.97 -88.16 -35.47
C ASP K 678 15.64 -88.68 -34.07
N LYS K 679 14.36 -88.59 -33.74
CA LYS K 679 13.85 -88.78 -32.38
C LYS K 679 13.76 -87.46 -31.60
N LYS K 680 13.60 -86.36 -32.33
CA LYS K 680 13.39 -85.07 -31.70
C LYS K 680 11.90 -84.73 -31.67
N VAL K 681 11.22 -85.07 -30.60
CA VAL K 681 9.81 -84.75 -30.50
C VAL K 681 9.69 -83.27 -30.19
N LYS K 682 9.68 -82.47 -31.26
CA LYS K 682 9.65 -81.00 -31.14
C LYS K 682 8.23 -80.45 -31.10
N ILE K 683 7.75 -80.19 -29.89
CA ILE K 683 6.45 -79.56 -29.70
C ILE K 683 6.60 -78.05 -29.74
N TRP K 684 6.51 -77.50 -30.96
CA TRP K 684 6.56 -76.07 -31.20
C TRP K 684 5.23 -75.45 -30.79
N ASN K 685 5.23 -74.17 -30.42
CA ASN K 685 3.97 -73.47 -30.17
C ASN K 685 3.19 -73.31 -31.47
N SER K 686 1.87 -73.39 -31.39
CA SER K 686 1.02 -73.27 -32.57
C SER K 686 0.75 -71.83 -32.97
N MET K 687 1.09 -70.89 -32.09
CA MET K 687 0.80 -69.48 -32.35
C MET K 687 2.06 -68.70 -32.66
N THR K 688 2.91 -68.55 -31.65
CA THR K 688 4.19 -67.87 -31.81
C THR K 688 5.07 -68.64 -32.80
N GLY K 689 4.89 -69.96 -32.82
CA GLY K 689 5.63 -70.84 -33.70
C GLY K 689 6.95 -71.23 -33.09
N GLU K 690 7.25 -70.65 -31.94
CA GLU K 690 8.48 -70.96 -31.22
C GLU K 690 8.33 -72.28 -30.48
N LEU K 691 9.43 -72.99 -30.30
CA LEU K 691 9.41 -74.28 -29.60
C LEU K 691 8.98 -74.10 -28.15
N VAL K 692 8.22 -75.06 -27.63
CA VAL K 692 7.89 -75.07 -26.22
C VAL K 692 8.35 -76.38 -25.58
N HIS K 693 7.67 -77.48 -25.90
CA HIS K 693 8.01 -78.77 -25.34
C HIS K 693 8.93 -79.57 -26.26
N THR K 694 9.65 -80.52 -25.69
CA THR K 694 10.49 -81.41 -26.48
C THR K 694 10.72 -82.72 -25.74
N TYR K 695 10.80 -83.82 -26.49
CA TYR K 695 10.93 -85.12 -25.83
C TYR K 695 11.70 -86.14 -26.68
N ASP K 696 12.26 -87.14 -26.00
CA ASP K 696 12.89 -88.28 -26.65
C ASP K 696 12.99 -89.45 -25.67
N GLU K 697 12.78 -90.67 -26.16
CA GLU K 697 12.86 -91.85 -25.32
C GLU K 697 12.94 -93.12 -26.15
N HIS K 698 12.39 -93.06 -27.36
CA HIS K 698 12.26 -94.22 -28.23
C HIS K 698 13.59 -94.84 -28.62
N SER K 699 13.65 -96.16 -28.62
CA SER K 699 14.81 -96.88 -29.13
C SER K 699 14.90 -96.77 -30.65
N GLU K 700 13.76 -96.51 -31.28
CA GLU K 700 13.70 -96.43 -32.73
C GLU K 700 12.93 -95.18 -33.17
N GLN K 701 12.73 -95.04 -34.47
CA GLN K 701 11.98 -93.90 -34.99
C GLN K 701 10.53 -93.93 -34.53
N VAL K 702 9.99 -92.77 -34.21
CA VAL K 702 8.63 -92.65 -33.72
C VAL K 702 7.61 -93.04 -34.79
N ASN K 703 6.56 -93.75 -34.41
CA ASN K 703 5.49 -94.07 -35.35
C ASN K 703 4.36 -93.05 -35.33
N CYS K 704 4.09 -92.49 -34.17
CA CYS K 704 2.98 -91.55 -34.05
C CYS K 704 3.04 -90.69 -32.80
N CYS K 705 2.45 -89.50 -32.91
CA CYS K 705 2.36 -88.57 -31.79
C CYS K 705 0.96 -88.00 -31.73
N HIS K 706 0.49 -87.73 -30.51
CA HIS K 706 -0.83 -87.16 -30.30
C HIS K 706 -0.90 -86.51 -28.93
N PHE K 707 -1.56 -85.35 -28.86
CA PHE K 707 -1.88 -84.73 -27.58
C PHE K 707 -3.14 -85.36 -27.00
N THR K 708 -3.26 -85.31 -25.67
CA THR K 708 -4.43 -85.88 -25.00
C THR K 708 -5.69 -85.16 -25.45
N ASN K 709 -6.73 -85.93 -25.76
CA ASN K 709 -8.02 -85.36 -26.14
C ASN K 709 -8.68 -84.62 -24.98
N SER K 710 -8.36 -85.05 -23.76
CA SER K 710 -8.83 -84.35 -22.57
C SER K 710 -8.20 -82.97 -22.46
N SER K 711 -9.01 -81.97 -22.12
CA SER K 711 -8.51 -80.63 -21.88
C SER K 711 -7.65 -80.57 -20.62
N HIS K 712 -7.93 -81.48 -19.70
CA HIS K 712 -7.25 -81.49 -18.41
C HIS K 712 -5.87 -82.13 -18.50
N HIS K 713 -5.83 -83.45 -18.57
CA HIS K 713 -4.58 -84.19 -18.59
C HIS K 713 -3.76 -83.84 -19.82
N LEU K 714 -2.46 -83.69 -19.63
CA LEU K 714 -1.55 -83.40 -20.73
C LEU K 714 -0.58 -84.54 -20.91
N LEU K 715 -0.87 -85.41 -21.87
CA LEU K 715 -0.03 -86.58 -22.08
C LEU K 715 0.34 -86.69 -23.55
N LEU K 716 1.42 -87.41 -23.83
CA LEU K 716 1.88 -87.59 -25.19
C LEU K 716 2.16 -89.06 -25.45
N ALA K 717 1.13 -89.81 -25.82
CA ALA K 717 1.33 -91.18 -26.25
C ALA K 717 2.07 -91.20 -27.56
N THR K 718 3.08 -92.07 -27.66
CA THR K 718 3.91 -92.15 -28.86
C THR K 718 4.35 -93.58 -29.16
N GLY K 719 3.87 -94.11 -30.28
CA GLY K 719 4.35 -95.39 -30.77
C GLY K 719 5.65 -95.21 -31.52
N SER K 720 6.34 -96.32 -31.78
CA SER K 720 7.62 -96.28 -32.49
C SER K 720 8.03 -97.66 -32.98
N SER K 721 9.06 -97.72 -33.83
CA SER K 721 9.48 -98.95 -34.47
C SER K 721 10.05 -99.95 -33.46
N ASP K 722 10.40 -99.46 -32.27
CA ASP K 722 10.95 -100.31 -31.22
C ASP K 722 9.84 -101.08 -30.51
N CYS K 723 8.61 -100.81 -30.93
CA CYS K 723 7.38 -101.46 -30.44
C CYS K 723 6.90 -100.86 -29.12
N PHE K 724 7.81 -100.34 -28.32
CA PHE K 724 7.45 -99.72 -27.04
C PHE K 724 6.56 -98.50 -27.25
N LEU K 725 5.49 -98.42 -26.47
CA LEU K 725 4.76 -97.17 -26.35
C LEU K 725 5.49 -96.25 -25.40
N LYS K 726 5.35 -94.94 -25.60
CA LYS K 726 5.85 -93.98 -24.62
C LYS K 726 4.73 -93.01 -24.26
N LEU K 727 4.16 -93.19 -23.07
CA LEU K 727 3.15 -92.28 -22.57
C LEU K 727 3.81 -91.14 -21.81
N TRP K 728 4.10 -90.07 -22.53
CA TRP K 728 4.73 -88.90 -21.94
C TRP K 728 3.78 -88.16 -21.01
N ASP K 729 4.34 -87.59 -19.95
CA ASP K 729 3.60 -86.61 -19.17
C ASP K 729 4.06 -85.24 -19.67
N LEU K 730 3.18 -84.53 -20.36
CA LEU K 730 3.56 -83.29 -21.01
C LEU K 730 4.01 -82.23 -20.01
N ASN K 731 3.56 -82.36 -18.76
CA ASN K 731 3.97 -81.46 -17.70
C ASN K 731 5.36 -81.79 -17.15
N GLN K 732 5.92 -82.91 -17.59
CA GLN K 732 7.24 -83.31 -17.12
C GLN K 732 8.18 -83.68 -18.27
N LYS K 733 9.47 -83.40 -18.07
CA LYS K 733 10.48 -83.61 -19.11
C LYS K 733 10.64 -85.09 -19.46
N GLU K 734 10.43 -85.95 -18.47
CA GLU K 734 10.58 -87.39 -18.69
C GLU K 734 9.22 -88.10 -18.74
N CYS K 735 9.21 -89.26 -19.38
CA CYS K 735 7.99 -90.01 -19.68
C CYS K 735 7.22 -90.45 -18.44
N ARG K 736 5.90 -90.30 -18.49
CA ARG K 736 5.04 -90.77 -17.40
C ARG K 736 5.03 -92.28 -17.31
N ASN K 737 5.14 -92.95 -18.47
CA ASN K 737 5.13 -94.41 -18.50
C ASN K 737 5.52 -95.04 -19.82
N THR K 738 6.67 -95.74 -19.83
CA THR K 738 7.00 -96.63 -20.92
C THR K 738 6.02 -97.79 -20.92
N MET K 739 5.58 -98.22 -22.10
CA MET K 739 4.59 -99.29 -22.19
C MET K 739 4.93 -100.31 -23.26
N PHE K 740 5.72 -101.32 -22.92
CA PHE K 740 5.90 -102.46 -23.79
C PHE K 740 4.58 -103.24 -23.80
N GLY K 741 4.21 -103.75 -24.97
CA GLY K 741 2.98 -104.49 -25.10
C GLY K 741 2.82 -105.08 -26.50
N HIS K 742 2.93 -104.22 -27.51
CA HIS K 742 2.83 -104.68 -28.88
C HIS K 742 3.96 -105.61 -29.23
N THR K 743 3.62 -106.71 -29.90
CA THR K 743 4.61 -107.67 -30.35
C THR K 743 5.24 -107.21 -31.67
N ASN K 744 4.67 -106.16 -32.24
CA ASN K 744 5.15 -105.58 -33.49
C ASN K 744 5.15 -104.06 -33.43
N SER K 745 5.81 -103.43 -34.40
CA SER K 745 5.93 -101.98 -34.41
C SER K 745 4.55 -101.33 -34.48
N VAL K 746 4.37 -100.26 -33.72
CA VAL K 746 3.09 -99.55 -33.65
C VAL K 746 2.69 -99.01 -35.02
N ASN K 747 1.44 -99.23 -35.41
CA ASN K 747 0.94 -98.71 -36.68
C ASN K 747 0.32 -97.33 -36.53
N HIS K 748 -0.32 -97.08 -35.40
CA HIS K 748 -1.00 -95.81 -35.17
C HIS K 748 -1.23 -95.62 -33.68
N CYS K 749 -1.50 -94.37 -33.28
CA CYS K 749 -1.73 -94.07 -31.87
C CYS K 749 -2.72 -92.92 -31.68
N ARG K 750 -3.65 -93.09 -30.75
CA ARG K 750 -4.63 -92.05 -30.43
C ARG K 750 -5.04 -92.15 -28.97
N PHE K 751 -5.25 -91.02 -28.32
CA PHE K 751 -5.89 -91.01 -27.01
C PHE K 751 -7.37 -91.35 -27.09
N SER K 752 -7.84 -92.11 -26.12
CA SER K 752 -9.26 -92.43 -25.97
C SER K 752 -10.01 -91.23 -25.45
N PRO K 753 -11.33 -91.15 -25.73
CA PRO K 753 -12.14 -90.08 -25.14
C PRO K 753 -12.08 -90.14 -23.62
N ASP K 754 -11.97 -91.34 -23.08
CA ASP K 754 -11.68 -91.52 -21.68
C ASP K 754 -10.17 -91.45 -21.51
N ASP K 755 -9.69 -90.33 -20.98
CA ASP K 755 -8.27 -90.08 -20.86
C ASP K 755 -7.57 -91.09 -19.96
N LYS K 756 -8.35 -91.69 -19.07
CA LYS K 756 -7.86 -92.75 -18.18
C LYS K 756 -7.42 -93.95 -19.01
N LEU K 757 -8.11 -94.18 -20.12
CA LEU K 757 -7.76 -95.22 -21.07
C LEU K 757 -6.83 -94.70 -22.16
N LEU K 758 -6.06 -95.59 -22.75
CA LEU K 758 -5.20 -95.25 -23.88
C LEU K 758 -5.07 -96.42 -24.84
N ALA K 759 -5.85 -96.38 -25.91
CA ALA K 759 -5.82 -97.41 -26.92
C ALA K 759 -4.58 -97.30 -27.80
N SER K 760 -4.17 -98.42 -28.39
CA SER K 760 -3.05 -98.42 -29.32
C SER K 760 -3.14 -99.58 -30.32
N CYS K 761 -2.51 -99.41 -31.48
CA CYS K 761 -2.56 -100.42 -32.52
C CYS K 761 -1.16 -100.74 -33.03
N SER K 762 -1.02 -101.90 -33.67
CA SER K 762 0.26 -102.33 -34.20
C SER K 762 0.10 -103.46 -35.22
N ALA K 763 1.21 -103.86 -35.85
CA ALA K 763 1.19 -104.79 -36.97
C ALA K 763 0.65 -106.17 -36.58
N ASP K 764 0.76 -106.51 -35.30
CA ASP K 764 0.13 -107.74 -34.81
C ASP K 764 -1.38 -107.67 -34.98
N GLY K 765 -1.89 -106.44 -34.98
CA GLY K 765 -3.27 -106.17 -35.32
C GLY K 765 -4.20 -106.12 -34.14
N THR K 766 -3.77 -106.72 -33.03
CA THR K 766 -4.58 -106.72 -31.82
C THR K 766 -4.69 -105.29 -31.27
N LEU K 767 -5.89 -104.91 -30.87
CA LEU K 767 -6.09 -103.63 -30.21
C LEU K 767 -5.53 -103.71 -28.81
N LYS K 768 -5.04 -102.59 -28.28
CA LYS K 768 -4.58 -102.59 -26.90
C LYS K 768 -5.08 -101.38 -26.12
N LEU K 769 -6.18 -101.58 -25.40
CA LEU K 769 -6.75 -100.56 -24.54
C LEU K 769 -6.04 -100.54 -23.19
N TRP K 770 -4.97 -99.75 -23.12
CA TRP K 770 -4.16 -99.64 -21.92
C TRP K 770 -4.85 -98.83 -20.83
N ASP K 771 -4.55 -99.11 -19.58
CA ASP K 771 -5.04 -98.29 -18.47
C ASP K 771 -3.97 -97.28 -18.08
N ALA K 772 -4.06 -96.08 -18.64
CA ALA K 772 -3.04 -95.06 -18.42
C ALA K 772 -2.99 -94.59 -16.96
N THR K 773 -4.14 -94.62 -16.27
CA THR K 773 -4.21 -94.17 -14.90
C THR K 773 -3.39 -95.03 -13.95
N SER K 774 -3.37 -96.33 -14.22
CA SER K 774 -2.58 -97.27 -13.42
C SER K 774 -1.20 -97.47 -14.02
N ALA K 775 -0.98 -96.87 -15.17
CA ALA K 775 0.25 -97.07 -15.95
C ALA K 775 0.46 -98.55 -16.24
N ASN K 776 -0.64 -99.26 -16.47
CA ASN K 776 -0.63 -100.72 -16.65
C ASN K 776 -1.65 -101.18 -17.67
N GLU K 777 -1.51 -102.43 -18.11
CA GLU K 777 -2.46 -103.05 -19.04
C GLU K 777 -3.84 -103.21 -18.41
N ARG K 778 -4.87 -103.00 -19.21
CA ARG K 778 -6.25 -103.24 -18.79
C ARG K 778 -6.95 -104.19 -19.73
N LYS K 779 -6.95 -103.85 -21.01
CA LYS K 779 -7.63 -104.66 -22.01
C LYS K 779 -6.84 -104.70 -23.31
N SER K 780 -7.06 -105.75 -24.10
CA SER K 780 -6.40 -105.90 -25.39
C SER K 780 -7.10 -106.96 -26.24
N ILE K 781 -8.04 -106.52 -27.08
CA ILE K 781 -8.75 -107.43 -27.96
C ILE K 781 -7.82 -108.10 -28.96
N ASN K 782 -7.94 -109.41 -29.12
CA ASN K 782 -7.25 -110.12 -30.19
C ASN K 782 -7.99 -109.92 -31.51
N VAL K 783 -7.25 -109.90 -32.62
CA VAL K 783 -7.88 -109.68 -33.91
C VAL K 783 -7.50 -110.78 -34.89
N LYS K 784 -8.24 -111.89 -34.83
CA LYS K 784 -8.17 -112.93 -35.85
C LYS K 784 -9.54 -113.02 -36.50
N GLN K 785 -10.34 -111.98 -36.27
CA GLN K 785 -11.73 -111.93 -36.71
C GLN K 785 -11.82 -111.94 -38.24
N PHE K 786 -10.75 -111.54 -38.90
CA PHE K 786 -10.64 -111.70 -40.34
C PHE K 786 -10.34 -113.18 -40.63
N PHE K 787 -11.35 -114.02 -40.41
CA PHE K 787 -11.20 -115.44 -40.69
C PHE K 787 -11.13 -115.68 -42.19
N LEU K 788 -10.28 -116.61 -42.60
CA LEU K 788 -10.06 -116.88 -44.00
C LEU K 788 -9.36 -118.23 -44.19
N ASN K 789 -10.13 -119.25 -44.56
CA ASN K 789 -9.60 -120.61 -44.68
C ASN K 789 -8.98 -120.85 -46.06
N LEU K 790 -7.81 -120.29 -46.29
CA LEU K 790 -7.07 -120.51 -47.53
C LEU K 790 -6.24 -121.79 -47.49
N GLU K 791 -5.63 -122.10 -48.62
CA GLU K 791 -4.71 -123.22 -48.75
C GLU K 791 -3.33 -122.81 -48.29
N ASP K 792 -3.23 -121.58 -47.80
CA ASP K 792 -1.98 -121.02 -47.26
C ASP K 792 -1.53 -121.85 -46.07
N PRO K 793 -0.26 -122.28 -46.06
CA PRO K 793 0.33 -123.08 -44.98
C PRO K 793 0.23 -122.44 -43.60
N GLN K 794 0.28 -121.11 -43.55
CA GLN K 794 0.07 -120.39 -42.30
C GLN K 794 -1.33 -120.70 -41.78
N GLU K 795 -1.47 -120.74 -40.45
CA GLU K 795 -2.75 -121.09 -39.83
C GLU K 795 -3.78 -119.98 -40.00
N ASP K 796 -4.40 -119.57 -38.90
CA ASP K 796 -5.30 -118.42 -38.92
C ASP K 796 -4.50 -117.17 -39.29
N MET K 797 -5.09 -116.33 -40.12
CA MET K 797 -4.38 -115.18 -40.67
C MET K 797 -3.97 -114.17 -39.61
N GLU K 798 -2.77 -113.62 -39.77
CA GLU K 798 -2.24 -112.61 -38.86
C GLU K 798 -2.65 -111.22 -39.32
N VAL K 799 -3.76 -110.73 -38.78
CA VAL K 799 -4.31 -109.43 -39.17
C VAL K 799 -3.35 -108.30 -38.85
N ILE K 800 -3.25 -107.34 -39.77
CA ILE K 800 -2.37 -106.20 -39.58
C ILE K 800 -3.20 -104.90 -39.66
N VAL K 801 -3.79 -104.51 -38.53
CA VAL K 801 -4.59 -103.29 -38.47
C VAL K 801 -3.73 -102.05 -38.72
N LYS K 802 -4.28 -101.08 -39.46
CA LYS K 802 -3.58 -99.83 -39.70
C LYS K 802 -4.23 -98.68 -38.94
N CYS K 803 -5.26 -98.09 -39.52
CA CYS K 803 -5.94 -96.95 -38.90
C CYS K 803 -6.60 -97.36 -37.60
N CYS K 804 -6.50 -96.49 -36.59
CA CYS K 804 -7.16 -96.71 -35.31
C CYS K 804 -8.37 -95.80 -35.19
N SER K 805 -9.39 -96.08 -36.00
CA SER K 805 -10.59 -95.24 -36.05
C SER K 805 -11.39 -95.30 -34.75
N TRP K 806 -12.04 -94.19 -34.43
CA TRP K 806 -12.90 -94.12 -33.24
C TRP K 806 -14.35 -93.84 -33.60
N SER K 807 -15.25 -94.32 -32.76
CA SER K 807 -16.66 -93.93 -32.83
C SER K 807 -16.75 -92.47 -32.40
N ALA K 808 -17.80 -91.77 -32.81
CA ALA K 808 -17.90 -90.34 -32.54
C ALA K 808 -17.86 -90.07 -31.04
N ASP K 809 -18.40 -90.98 -30.25
CA ASP K 809 -18.25 -90.91 -28.80
C ASP K 809 -16.90 -91.49 -28.36
N GLY K 810 -16.29 -92.30 -29.22
CA GLY K 810 -15.01 -92.92 -28.91
C GLY K 810 -15.14 -94.10 -27.96
N ALA K 811 -16.35 -94.56 -27.74
CA ALA K 811 -16.61 -95.65 -26.80
C ALA K 811 -16.21 -97.01 -27.36
N ARG K 812 -15.98 -97.06 -28.66
CA ARG K 812 -15.63 -98.30 -29.35
C ARG K 812 -14.61 -98.00 -30.44
N ILE K 813 -13.84 -99.01 -30.85
CA ILE K 813 -12.79 -98.75 -31.83
C ILE K 813 -13.05 -99.39 -33.19
N MET K 814 -13.33 -98.53 -34.16
CA MET K 814 -13.35 -98.91 -35.58
C MET K 814 -11.91 -99.11 -36.05
N VAL K 815 -11.69 -100.10 -36.91
CA VAL K 815 -10.37 -100.41 -37.46
C VAL K 815 -10.54 -100.96 -38.87
N ALA K 816 -9.43 -101.12 -39.58
CA ALA K 816 -9.48 -101.76 -40.88
C ALA K 816 -8.15 -102.45 -41.21
N ALA K 817 -8.24 -103.61 -41.84
CA ALA K 817 -7.05 -104.35 -42.22
C ALA K 817 -7.34 -105.40 -43.28
N LYS K 818 -6.32 -105.72 -44.08
CA LYS K 818 -6.43 -106.73 -45.13
C LYS K 818 -7.60 -106.49 -46.06
N ASN K 819 -8.68 -107.25 -45.87
CA ASN K 819 -9.85 -107.12 -46.73
C ASN K 819 -11.10 -106.66 -45.98
N LYS K 820 -10.97 -106.38 -44.69
CA LYS K 820 -12.14 -106.05 -43.88
C LYS K 820 -11.91 -104.95 -42.86
N ILE K 821 -12.88 -104.05 -42.79
CA ILE K 821 -13.04 -103.13 -41.67
C ILE K 821 -13.67 -103.90 -40.51
N PHE K 822 -13.35 -103.52 -39.28
CA PHE K 822 -13.99 -104.10 -38.09
C PHE K 822 -14.43 -102.98 -37.15
N LEU K 823 -15.42 -103.26 -36.31
CA LEU K 823 -15.80 -102.33 -35.26
C LEU K 823 -15.76 -103.06 -33.92
N PHE K 824 -14.59 -103.11 -33.32
CA PHE K 824 -14.42 -103.76 -32.03
C PHE K 824 -15.00 -102.94 -30.89
N ASP K 825 -15.51 -103.64 -29.88
CA ASP K 825 -15.98 -103.01 -28.65
C ASP K 825 -14.97 -103.29 -27.54
N ILE K 826 -14.03 -102.36 -27.38
CA ILE K 826 -12.97 -102.53 -26.39
C ILE K 826 -13.45 -102.53 -24.95
N HIS K 827 -14.55 -101.84 -24.67
CA HIS K 827 -15.09 -101.81 -23.33
C HIS K 827 -15.62 -103.19 -22.90
N THR K 828 -16.07 -103.98 -23.87
CA THR K 828 -16.51 -105.35 -23.59
C THR K 828 -15.49 -106.36 -24.07
N SER K 829 -14.41 -105.86 -24.69
CA SER K 829 -13.35 -106.70 -25.22
C SER K 829 -13.87 -107.74 -26.21
N GLY K 830 -14.75 -107.32 -27.11
CA GLY K 830 -15.29 -108.23 -28.11
C GLY K 830 -15.62 -107.55 -29.43
N LEU K 831 -15.63 -108.36 -30.50
CA LEU K 831 -15.99 -107.88 -31.83
C LEU K 831 -17.46 -107.49 -31.93
N LEU K 832 -17.75 -106.46 -32.71
CA LEU K 832 -19.13 -106.15 -33.07
C LEU K 832 -19.28 -105.99 -34.59
N GLY K 833 -18.86 -104.84 -35.09
CA GLY K 833 -18.99 -104.55 -36.51
C GLY K 833 -17.92 -105.23 -37.37
N GLU K 834 -18.15 -105.27 -38.67
CA GLU K 834 -17.22 -105.88 -39.60
C GLU K 834 -17.59 -105.52 -41.04
N ILE K 835 -17.00 -104.43 -41.55
CA ILE K 835 -17.34 -103.95 -42.88
C ILE K 835 -16.31 -104.43 -43.92
N HIS K 836 -16.70 -105.41 -44.73
CA HIS K 836 -15.79 -105.94 -45.74
C HIS K 836 -15.45 -104.88 -46.79
N THR K 837 -14.20 -104.86 -47.23
CA THR K 837 -13.75 -103.90 -48.23
C THR K 837 -13.96 -104.42 -49.64
N GLY K 838 -13.81 -103.55 -50.63
CA GLY K 838 -14.01 -103.94 -52.02
C GLY K 838 -13.08 -105.03 -52.49
N HIS K 839 -13.65 -106.06 -53.11
CA HIS K 839 -12.90 -107.21 -53.61
C HIS K 839 -11.96 -107.77 -52.56
N HIS K 840 -10.75 -108.14 -52.98
CA HIS K 840 -9.77 -108.71 -52.06
C HIS K 840 -8.34 -108.27 -52.40
N SER K 841 -7.59 -107.96 -51.36
CA SER K 841 -6.21 -107.53 -51.47
C SER K 841 -5.60 -107.39 -50.08
N THR K 842 -5.10 -106.19 -49.79
CA THR K 842 -4.65 -105.83 -48.45
C THR K 842 -4.68 -104.31 -48.34
N ILE K 843 -5.38 -103.80 -47.33
CA ILE K 843 -5.60 -102.37 -47.20
C ILE K 843 -4.29 -101.60 -47.04
N GLN K 844 -4.16 -100.52 -47.82
CA GLN K 844 -3.03 -99.62 -47.70
C GLN K 844 -3.42 -98.40 -46.87
N TYR K 845 -4.69 -98.05 -46.92
CA TYR K 845 -5.22 -96.93 -46.14
C TYR K 845 -6.72 -97.04 -45.91
N CYS K 846 -7.19 -96.41 -44.82
CA CYS K 846 -8.61 -96.42 -44.49
C CYS K 846 -8.97 -95.23 -43.61
N ASP K 847 -10.25 -94.87 -43.59
CA ASP K 847 -10.71 -93.74 -42.79
C ASP K 847 -12.22 -93.77 -42.55
N PHE K 848 -12.60 -94.08 -41.31
CA PHE K 848 -14.00 -94.01 -40.88
C PHE K 848 -14.52 -92.58 -40.76
N SER K 849 -15.78 -92.38 -41.13
CA SER K 849 -16.46 -91.10 -40.94
C SER K 849 -17.62 -91.23 -39.96
N PRO K 850 -17.54 -90.50 -38.83
CA PRO K 850 -18.60 -90.54 -37.81
C PRO K 850 -19.97 -90.11 -38.34
N GLN K 851 -20.00 -89.16 -39.28
CA GLN K 851 -21.23 -88.82 -39.97
C GLN K 851 -21.60 -89.88 -41.00
N ASN K 852 -22.91 -90.10 -41.15
CA ASN K 852 -23.45 -90.98 -42.18
C ASN K 852 -22.85 -92.39 -42.19
N HIS K 853 -22.11 -92.72 -41.14
CA HIS K 853 -21.39 -93.99 -41.05
C HIS K 853 -20.51 -94.23 -42.28
N LEU K 854 -19.97 -93.15 -42.84
CA LEU K 854 -19.16 -93.26 -44.05
C LEU K 854 -17.76 -93.81 -43.80
N ALA K 855 -17.18 -94.41 -44.84
CA ALA K 855 -15.84 -94.95 -44.78
C ALA K 855 -15.07 -94.64 -46.07
N VAL K 856 -14.29 -93.57 -46.04
CA VAL K 856 -13.42 -93.25 -47.15
C VAL K 856 -12.16 -94.09 -47.05
N VAL K 857 -12.12 -95.16 -47.84
CA VAL K 857 -11.03 -96.12 -47.75
C VAL K 857 -10.23 -96.19 -49.03
N ALA K 858 -8.93 -95.91 -48.92
CA ALA K 858 -8.01 -96.13 -50.02
C ALA K 858 -7.41 -97.52 -49.93
N LEU K 859 -8.07 -98.49 -50.58
CA LEU K 859 -7.67 -99.87 -50.50
C LEU K 859 -6.25 -100.07 -51.02
N SER K 860 -6.10 -99.94 -52.35
CA SER K 860 -4.78 -100.01 -52.97
C SER K 860 -4.82 -99.30 -54.32
N GLN K 861 -3.71 -98.72 -54.74
CA GLN K 861 -3.67 -97.97 -56.00
C GLN K 861 -4.66 -96.80 -55.96
N TYR K 862 -4.61 -96.05 -54.87
CA TYR K 862 -5.44 -94.85 -54.77
C TYR K 862 -6.89 -95.23 -55.01
N CYS K 863 -7.29 -96.42 -54.54
CA CYS K 863 -8.68 -96.82 -54.67
C CYS K 863 -9.47 -96.23 -53.50
N VAL K 864 -9.68 -94.91 -53.57
CA VAL K 864 -10.30 -94.17 -52.49
C VAL K 864 -11.82 -94.24 -52.59
N GLU K 865 -12.37 -95.41 -52.30
CA GLU K 865 -13.82 -95.60 -52.38
C GLU K 865 -14.53 -95.01 -51.17
N LEU K 866 -15.76 -94.56 -51.40
CA LEU K 866 -16.62 -94.12 -50.30
C LEU K 866 -17.64 -95.19 -49.97
N TRP K 867 -17.31 -95.95 -48.93
CA TRP K 867 -18.17 -97.00 -48.39
C TRP K 867 -19.07 -96.45 -47.30
N ASN K 868 -20.00 -97.27 -46.82
CA ASN K 868 -20.85 -96.88 -45.71
C ASN K 868 -20.81 -97.96 -44.63
N THR K 869 -20.26 -97.63 -43.47
CA THR K 869 -20.04 -98.59 -42.40
C THR K 869 -21.34 -99.08 -41.77
N ASP K 870 -21.27 -100.28 -41.19
CA ASP K 870 -22.40 -100.95 -40.55
C ASP K 870 -23.44 -101.40 -41.57
N SER K 871 -23.88 -100.46 -42.41
CA SER K 871 -24.73 -100.82 -43.55
C SER K 871 -23.94 -101.68 -44.54
N ARG K 872 -22.62 -101.54 -44.50
CA ARG K 872 -21.70 -102.40 -45.23
C ARG K 872 -21.94 -102.39 -46.75
N SER K 873 -22.11 -101.20 -47.29
CA SER K 873 -22.23 -101.01 -48.73
C SER K 873 -21.58 -99.72 -49.19
N LYS K 874 -20.96 -99.75 -50.35
CA LYS K 874 -20.29 -98.59 -50.93
C LYS K 874 -21.30 -97.49 -51.28
N VAL K 875 -20.91 -96.24 -51.02
CA VAL K 875 -21.74 -95.10 -51.40
C VAL K 875 -21.37 -94.61 -52.80
N ALA K 876 -20.11 -94.26 -53.00
CA ALA K 876 -19.68 -93.79 -54.33
C ALA K 876 -18.18 -93.84 -54.56
N ASP K 877 -17.78 -93.96 -55.82
CA ASP K 877 -16.37 -93.95 -56.20
C ASP K 877 -15.80 -92.54 -56.13
N CYS K 878 -14.51 -92.44 -55.86
CA CYS K 878 -13.83 -91.15 -55.83
C CYS K 878 -12.52 -91.20 -56.60
N ARG K 879 -12.58 -91.09 -57.92
CA ARG K 879 -11.37 -90.88 -58.76
C ARG K 879 -10.76 -89.46 -58.64
N GLY K 880 -9.45 -89.33 -58.89
CA GLY K 880 -8.75 -88.05 -58.83
C GLY K 880 -7.48 -87.73 -58.05
N HIS K 881 -6.81 -88.72 -57.45
CA HIS K 881 -5.47 -88.49 -56.91
C HIS K 881 -4.43 -89.26 -57.74
N LEU K 882 -3.29 -88.59 -58.01
CA LEU K 882 -2.18 -89.12 -58.81
C LEU K 882 -1.05 -89.49 -57.82
N SER K 883 -0.35 -90.61 -58.08
CA SER K 883 0.67 -91.17 -57.17
C SER K 883 0.20 -92.21 -56.15
N TRP K 884 -1.06 -92.65 -56.31
CA TRP K 884 -1.71 -93.46 -55.28
C TRP K 884 -1.71 -92.68 -53.97
N VAL K 885 -2.90 -92.35 -53.47
CA VAL K 885 -3.01 -91.51 -52.28
C VAL K 885 -1.89 -91.77 -51.29
N HIS K 886 -1.69 -90.82 -50.40
CA HIS K 886 -0.75 -90.99 -49.31
C HIS K 886 -1.51 -90.78 -48.01
N GLY K 887 -2.67 -90.14 -48.09
CA GLY K 887 -3.50 -90.03 -46.90
C GLY K 887 -4.71 -89.11 -47.01
N VAL K 888 -5.68 -89.36 -46.14
CA VAL K 888 -6.96 -88.64 -46.12
C VAL K 888 -7.41 -88.49 -44.67
N MET K 889 -8.11 -87.41 -44.35
CA MET K 889 -8.75 -87.30 -43.05
C MET K 889 -9.85 -86.24 -43.05
N PHE K 890 -10.93 -86.53 -42.33
CA PHE K 890 -12.10 -85.67 -42.30
C PHE K 890 -11.93 -84.44 -41.43
N SER K 891 -12.71 -83.41 -41.74
CA SER K 891 -12.79 -82.21 -40.92
C SER K 891 -13.43 -82.55 -39.59
N PRO K 892 -13.11 -81.79 -38.53
CA PRO K 892 -13.76 -82.02 -37.24
C PRO K 892 -15.27 -81.86 -37.34
N ASP K 893 -15.72 -80.97 -38.21
CA ASP K 893 -17.13 -80.86 -38.54
C ASP K 893 -17.60 -82.12 -39.27
N GLY K 894 -16.69 -82.75 -40.00
CA GLY K 894 -17.00 -83.95 -40.75
C GLY K 894 -17.63 -83.62 -42.10
N SER K 895 -17.76 -82.34 -42.37
CA SER K 895 -18.39 -81.88 -43.61
C SER K 895 -17.42 -81.90 -44.78
N SER K 896 -16.15 -82.18 -44.51
CA SER K 896 -15.13 -82.19 -45.53
C SER K 896 -13.93 -83.04 -45.12
N PHE K 897 -13.04 -83.31 -46.07
CA PHE K 897 -11.83 -84.07 -45.76
C PHE K 897 -10.66 -83.71 -46.66
N LEU K 898 -9.46 -83.67 -46.08
CA LEU K 898 -8.23 -83.49 -46.83
C LEU K 898 -7.83 -84.78 -47.53
N THR K 899 -7.08 -84.67 -48.62
CA THR K 899 -6.54 -85.84 -49.30
C THR K 899 -5.07 -85.66 -49.66
N SER K 900 -4.18 -85.96 -48.72
CA SER K 900 -2.75 -85.93 -49.00
C SER K 900 -2.42 -87.02 -50.01
N SER K 901 -1.45 -86.75 -50.89
CA SER K 901 -1.12 -87.71 -51.94
C SER K 901 0.36 -87.69 -52.30
N ASP K 902 0.82 -88.76 -52.95
CA ASP K 902 2.22 -88.91 -53.30
C ASP K 902 2.67 -87.85 -54.30
N ASP K 903 1.75 -87.28 -55.06
CA ASP K 903 2.15 -86.30 -56.06
C ASP K 903 2.83 -85.14 -55.33
N GLN K 904 2.40 -84.95 -54.08
CA GLN K 904 2.57 -83.71 -53.32
C GLN K 904 1.33 -82.77 -53.34
N THR K 905 0.13 -83.36 -53.31
CA THR K 905 -1.13 -82.67 -53.55
C THR K 905 -2.16 -82.95 -52.46
N ILE K 906 -2.85 -81.92 -52.01
CA ILE K 906 -3.91 -82.08 -51.01
C ILE K 906 -5.22 -81.54 -51.55
N ARG K 907 -6.16 -82.43 -51.85
CA ARG K 907 -7.42 -82.00 -52.40
C ARG K 907 -8.53 -81.97 -51.35
N LEU K 908 -9.06 -80.77 -51.14
CA LEU K 908 -10.25 -80.58 -50.33
C LEU K 908 -11.49 -81.16 -51.01
N TRP K 909 -12.40 -81.71 -50.22
CA TRP K 909 -13.63 -82.27 -50.77
C TRP K 909 -14.82 -82.09 -49.85
N GLU K 910 -15.94 -81.67 -50.42
CA GLU K 910 -17.22 -81.61 -49.70
C GLU K 910 -17.74 -83.03 -49.44
N THR K 911 -18.39 -83.21 -48.29
CA THR K 911 -18.96 -84.50 -47.92
C THR K 911 -20.07 -84.95 -48.87
N LYS K 912 -20.90 -84.00 -49.29
CA LYS K 912 -22.07 -84.29 -50.13
C LYS K 912 -21.73 -84.88 -51.49
N LYS K 913 -20.66 -84.36 -52.10
CA LYS K 913 -20.29 -84.74 -53.46
C LYS K 913 -19.96 -86.23 -53.61
N VAL K 914 -19.28 -86.79 -52.62
CA VAL K 914 -18.81 -88.17 -52.69
C VAL K 914 -19.95 -89.19 -52.82
N CYS K 915 -21.04 -88.97 -52.10
CA CYS K 915 -22.15 -89.92 -52.08
C CYS K 915 -22.80 -90.08 -53.46
N LYS K 916 -22.97 -88.97 -54.17
CA LYS K 916 -23.59 -88.98 -55.48
C LYS K 916 -22.72 -89.79 -56.45
N ASN K 917 -23.36 -90.53 -57.36
CA ASN K 917 -22.59 -91.37 -58.26
C ASN K 917 -22.04 -90.56 -59.43
N SER K 918 -20.89 -90.97 -59.95
CA SER K 918 -20.26 -90.27 -61.07
C SER K 918 -19.50 -91.24 -61.97
N ALA K 919 -20.23 -92.14 -62.61
CA ALA K 919 -19.62 -93.12 -63.50
C ALA K 919 -18.98 -92.42 -64.71
N VAL K 920 -17.80 -91.85 -64.50
CA VAL K 920 -17.09 -91.14 -65.56
C VAL K 920 -15.60 -91.47 -65.54
N MET K 921 -14.78 -90.53 -65.98
CA MET K 921 -13.34 -90.72 -66.02
C MET K 921 -12.96 -92.06 -66.65
N LEU K 922 -12.84 -92.08 -67.97
CA LEU K 922 -12.48 -93.29 -68.70
C LEU K 922 -11.26 -93.98 -68.09
N LYS K 923 -11.16 -95.28 -68.37
CA LYS K 923 -10.10 -96.15 -67.87
C LYS K 923 -8.74 -95.73 -68.44
N GLN K 924 -7.69 -95.96 -67.67
CA GLN K 924 -6.39 -95.34 -67.92
C GLN K 924 -5.72 -95.67 -69.25
N GLU K 925 -5.77 -96.93 -69.67
CA GLU K 925 -5.18 -97.33 -70.93
C GLU K 925 -6.26 -97.70 -71.94
N VAL K 926 -6.25 -97.01 -73.07
CA VAL K 926 -7.22 -97.25 -74.13
C VAL K 926 -6.59 -97.07 -75.50
N ASP K 927 -7.19 -97.69 -76.51
CA ASP K 927 -6.73 -97.53 -77.89
C ASP K 927 -7.78 -96.77 -78.66
N VAL K 928 -7.36 -95.72 -79.38
CA VAL K 928 -8.26 -94.93 -80.22
C VAL K 928 -7.89 -94.99 -81.71
N VAL K 929 -8.87 -95.26 -82.57
CA VAL K 929 -8.63 -95.34 -84.01
C VAL K 929 -9.31 -94.19 -84.77
N PHE K 930 -8.54 -93.47 -85.58
CA PHE K 930 -9.05 -92.27 -86.25
C PHE K 930 -9.31 -92.45 -87.75
N GLN K 931 -10.57 -92.28 -88.11
CA GLN K 931 -11.07 -92.53 -89.45
C GLN K 931 -11.51 -91.30 -90.21
N GLU K 932 -11.05 -90.12 -89.80
CA GLU K 932 -11.44 -88.84 -90.42
C GLU K 932 -12.00 -87.68 -89.52
N ASN K 933 -13.20 -87.20 -89.84
CA ASN K 933 -13.94 -86.09 -89.19
C ASN K 933 -14.43 -86.26 -87.73
N GLU K 934 -14.66 -87.51 -87.37
CA GLU K 934 -14.98 -87.91 -86.00
C GLU K 934 -13.93 -88.93 -85.54
N VAL K 935 -13.45 -88.77 -84.30
CA VAL K 935 -12.46 -89.68 -83.72
C VAL K 935 -13.12 -90.51 -82.61
N MET K 936 -12.94 -91.83 -82.63
CA MET K 936 -13.54 -92.72 -81.63
C MET K 936 -12.45 -93.25 -80.70
N VAL K 937 -12.68 -93.15 -79.38
CA VAL K 937 -11.70 -93.59 -78.38
C VAL K 937 -12.14 -94.90 -77.72
N LEU K 938 -11.25 -95.88 -77.70
CA LEU K 938 -11.53 -97.15 -77.04
C LEU K 938 -11.69 -96.92 -75.54
N ALA K 939 -12.66 -97.61 -74.94
CA ALA K 939 -12.95 -97.43 -73.52
C ALA K 939 -13.22 -98.75 -72.80
N VAL K 940 -12.98 -98.76 -71.50
CA VAL K 940 -13.29 -99.92 -70.66
C VAL K 940 -14.42 -99.52 -69.71
N ASP K 941 -15.47 -100.32 -69.67
CA ASP K 941 -16.66 -99.96 -68.90
C ASP K 941 -16.30 -99.78 -67.43
N HIS K 942 -16.99 -98.85 -66.78
CA HIS K 942 -16.72 -98.54 -65.38
C HIS K 942 -17.02 -99.76 -64.50
N ILE K 943 -17.89 -100.63 -64.98
CA ILE K 943 -18.25 -101.83 -64.23
C ILE K 943 -17.67 -103.10 -64.84
N ARG K 944 -17.86 -103.30 -66.14
CA ARG K 944 -17.50 -104.57 -66.76
C ARG K 944 -16.61 -104.42 -68.02
N ARG K 945 -17.23 -104.43 -69.19
CA ARG K 945 -16.48 -104.52 -70.44
C ARG K 945 -16.08 -103.15 -71.00
N LEU K 946 -16.96 -102.58 -71.82
CA LEU K 946 -16.63 -101.35 -72.53
C LEU K 946 -17.83 -100.57 -73.05
N GLN K 947 -17.58 -99.30 -73.35
CA GLN K 947 -18.52 -98.44 -74.06
C GLN K 947 -17.74 -97.56 -75.04
N LEU K 948 -18.23 -97.46 -76.26
CA LEU K 948 -17.58 -96.61 -77.23
C LEU K 948 -18.35 -95.31 -77.29
N ILE K 949 -17.71 -94.26 -76.83
CA ILE K 949 -18.27 -92.91 -76.95
C ILE K 949 -17.50 -92.11 -77.98
N ASN K 950 -18.15 -91.80 -79.10
CA ASN K 950 -17.56 -90.93 -80.10
C ASN K 950 -17.46 -89.52 -79.55
N GLY K 951 -16.48 -88.77 -80.02
CA GLY K 951 -16.34 -87.37 -79.63
C GLY K 951 -17.44 -86.56 -80.27
N ARG K 952 -17.71 -85.40 -79.67
CA ARG K 952 -18.75 -84.48 -80.16
C ARG K 952 -20.13 -85.14 -80.24
N THR K 953 -20.39 -86.09 -79.36
CA THR K 953 -21.70 -86.73 -79.27
C THR K 953 -21.88 -87.51 -77.97
N GLY K 954 -23.13 -87.79 -77.63
CA GLY K 954 -23.47 -88.57 -76.44
C GLY K 954 -23.75 -90.02 -76.79
N GLN K 955 -23.26 -90.44 -77.96
CA GLN K 955 -23.58 -91.77 -78.48
C GLN K 955 -22.71 -92.87 -77.85
N ILE K 956 -23.13 -93.33 -76.68
CA ILE K 956 -22.48 -94.46 -76.01
C ILE K 956 -22.69 -95.74 -76.81
N ASP K 957 -21.68 -96.61 -76.85
CA ASP K 957 -21.80 -97.90 -77.54
C ASP K 957 -21.31 -99.03 -76.63
N TYR K 958 -22.17 -99.45 -75.72
CA TYR K 958 -21.85 -100.50 -74.76
C TYR K 958 -21.80 -101.89 -75.39
N LEU K 959 -20.94 -102.75 -74.86
CA LEU K 959 -20.85 -104.15 -75.29
C LEU K 959 -20.60 -105.05 -74.09
N THR K 960 -20.95 -106.32 -74.22
CA THR K 960 -20.81 -107.26 -73.10
C THR K 960 -19.76 -108.36 -73.32
N GLU K 961 -18.97 -108.60 -72.27
CA GLU K 961 -17.99 -109.68 -72.23
C GLU K 961 -17.52 -109.81 -70.78
N ALA K 962 -16.93 -110.93 -70.41
CA ALA K 962 -16.43 -111.11 -69.05
C ALA K 962 -15.11 -110.36 -68.87
N GLN K 963 -15.21 -109.03 -68.85
CA GLN K 963 -14.06 -108.14 -68.67
C GLN K 963 -12.97 -108.37 -69.72
N VAL K 964 -13.04 -107.63 -70.81
CA VAL K 964 -12.02 -107.71 -71.86
C VAL K 964 -10.68 -107.22 -71.34
N SER K 965 -9.61 -107.90 -71.74
CA SER K 965 -8.25 -107.54 -71.31
C SER K 965 -7.67 -106.42 -72.16
N CYS K 966 -7.97 -106.45 -73.45
CA CYS K 966 -7.48 -105.46 -74.41
C CYS K 966 -8.33 -105.55 -75.66
N CYS K 967 -8.25 -104.56 -76.53
CA CYS K 967 -9.11 -104.53 -77.71
C CYS K 967 -8.42 -104.00 -78.97
N CYS K 968 -8.95 -104.38 -80.13
CA CYS K 968 -8.43 -103.92 -81.41
C CYS K 968 -9.47 -104.02 -82.52
N LEU K 969 -9.67 -102.93 -83.24
CA LEU K 969 -10.54 -102.93 -84.41
C LEU K 969 -9.86 -103.52 -85.65
N SER K 970 -10.66 -104.11 -86.52
CA SER K 970 -10.19 -104.67 -87.79
C SER K 970 -9.86 -103.60 -88.81
N PRO K 971 -8.94 -103.93 -89.74
CA PRO K 971 -8.67 -103.04 -90.88
C PRO K 971 -9.91 -102.88 -91.74
N HIS K 972 -10.10 -101.69 -92.32
CA HIS K 972 -11.28 -101.40 -93.13
C HIS K 972 -12.57 -101.66 -92.36
N LEU K 973 -12.54 -101.44 -91.05
CA LEU K 973 -13.69 -101.58 -90.18
C LEU K 973 -14.33 -102.97 -90.26
N GLN K 974 -15.65 -103.00 -90.19
CA GLN K 974 -16.48 -104.21 -90.37
C GLN K 974 -16.34 -105.25 -89.26
N TYR K 975 -15.41 -105.04 -88.34
CA TYR K 975 -15.22 -105.96 -87.22
C TYR K 975 -14.69 -105.25 -85.99
N ILE K 976 -14.72 -105.97 -84.88
CA ILE K 976 -14.18 -105.51 -83.60
C ILE K 976 -13.53 -106.71 -82.93
N ALA K 977 -12.55 -106.50 -82.06
CA ALA K 977 -11.89 -107.63 -81.42
C ALA K 977 -11.38 -107.31 -80.02
N PHE K 978 -11.15 -108.35 -79.24
CA PHE K 978 -10.65 -108.21 -77.88
C PHE K 978 -9.87 -109.43 -77.41
N GLY K 979 -8.96 -109.21 -76.47
CA GLY K 979 -8.20 -110.28 -75.85
C GLY K 979 -8.90 -110.82 -74.63
N ASP K 980 -8.20 -111.65 -73.86
CA ASP K 980 -8.77 -112.26 -72.66
C ASP K 980 -7.67 -112.63 -71.68
N GLU K 981 -8.06 -112.88 -70.43
CA GLU K 981 -7.13 -113.21 -69.37
C GLU K 981 -6.41 -114.53 -69.65
N ASN K 982 -7.07 -115.40 -70.39
CA ASN K 982 -6.49 -116.67 -70.82
C ASN K 982 -5.63 -116.50 -72.07
N GLY K 983 -5.65 -115.30 -72.64
CA GLY K 983 -4.94 -115.02 -73.87
C GLY K 983 -5.78 -115.32 -75.11
N ALA K 984 -7.01 -115.79 -74.88
CA ALA K 984 -7.96 -116.01 -75.96
C ALA K 984 -8.32 -114.67 -76.61
N ILE K 985 -8.51 -114.67 -77.92
CA ILE K 985 -8.83 -113.41 -78.60
C ILE K 985 -9.99 -113.57 -79.57
N GLU K 986 -11.15 -113.03 -79.19
CA GLU K 986 -12.33 -113.02 -80.04
C GLU K 986 -12.32 -111.87 -81.03
N ILE K 987 -12.94 -112.07 -82.20
CA ILE K 987 -13.14 -110.99 -83.14
C ILE K 987 -14.62 -110.92 -83.56
N LEU K 988 -15.43 -110.25 -82.75
CA LEU K 988 -16.85 -110.09 -83.04
C LEU K 988 -17.09 -109.30 -84.34
N GLU K 989 -17.99 -109.78 -85.18
CA GLU K 989 -18.38 -109.04 -86.37
C GLU K 989 -19.34 -107.90 -85.99
N LEU K 990 -19.27 -106.79 -86.72
CA LEU K 990 -20.18 -105.68 -86.51
C LEU K 990 -21.57 -105.96 -87.06
N VAL K 991 -21.61 -106.62 -88.22
CA VAL K 991 -22.87 -106.88 -88.92
C VAL K 991 -23.76 -107.82 -88.10
N ASN K 992 -23.14 -108.72 -87.36
CA ASN K 992 -23.91 -109.68 -86.57
C ASN K 992 -23.13 -110.10 -85.32
N ASN K 993 -23.79 -109.97 -84.17
CA ASN K 993 -23.20 -110.37 -82.90
C ASN K 993 -23.03 -111.88 -82.74
N ARG K 994 -23.81 -112.65 -83.49
CA ARG K 994 -23.72 -114.11 -83.43
C ARG K 994 -22.40 -114.64 -83.98
N ILE K 995 -21.83 -113.94 -84.96
CA ILE K 995 -20.62 -114.41 -85.61
C ILE K 995 -19.36 -113.93 -84.91
N PHE K 996 -18.50 -114.87 -84.54
CA PHE K 996 -17.25 -114.57 -83.87
C PHE K 996 -16.27 -115.73 -84.02
N GLN K 997 -14.99 -115.44 -83.83
CA GLN K 997 -13.97 -116.48 -83.73
C GLN K 997 -13.27 -116.25 -82.41
N SER K 998 -13.03 -117.30 -81.63
CA SER K 998 -12.31 -117.18 -80.36
C SER K 998 -11.01 -117.97 -80.48
N ARG K 999 -9.89 -117.38 -80.10
CA ARG K 999 -8.62 -118.08 -80.17
C ARG K 999 -8.07 -118.36 -78.79
N PHE K 1000 -7.71 -119.61 -78.51
CA PHE K 1000 -7.18 -119.95 -77.19
C PHE K 1000 -5.67 -120.14 -77.27
N GLN K 1001 -4.94 -119.30 -76.53
CA GLN K 1001 -3.50 -119.27 -76.73
C GLN K 1001 -2.86 -118.46 -75.59
N HIS K 1002 -1.55 -118.61 -75.44
CA HIS K 1002 -0.74 -117.88 -74.45
C HIS K 1002 -0.99 -118.35 -73.03
N LYS K 1003 0.09 -118.51 -72.28
CA LYS K 1003 0.03 -118.98 -70.90
C LYS K 1003 -0.73 -118.00 -70.00
N LYS K 1004 -0.68 -116.72 -70.35
CA LYS K 1004 -1.32 -115.68 -69.57
C LYS K 1004 -2.12 -114.76 -70.47
N THR K 1005 -2.43 -113.57 -69.97
CA THR K 1005 -3.13 -112.57 -70.76
C THR K 1005 -2.30 -112.15 -71.96
N VAL K 1006 -2.93 -112.02 -73.12
CA VAL K 1006 -2.25 -111.63 -74.34
C VAL K 1006 -1.70 -110.20 -74.25
N TRP K 1007 -0.49 -109.99 -74.77
CA TRP K 1007 0.10 -108.65 -74.79
C TRP K 1007 -0.34 -107.91 -76.04
N HIS K 1008 0.62 -107.60 -76.90
CA HIS K 1008 0.37 -106.81 -78.10
C HIS K 1008 -0.53 -107.55 -79.08
N ILE K 1009 -1.42 -106.81 -79.73
CA ILE K 1009 -2.30 -107.36 -80.75
C ILE K 1009 -2.30 -106.45 -81.97
N GLN K 1010 -2.15 -107.03 -83.15
CA GLN K 1010 -2.15 -106.24 -84.37
C GLN K 1010 -2.62 -107.06 -85.56
N PHE K 1011 -3.31 -106.40 -86.47
CA PHE K 1011 -3.88 -107.06 -87.64
C PHE K 1011 -3.05 -106.79 -88.89
N THR K 1012 -3.12 -107.69 -89.86
CA THR K 1012 -2.44 -107.51 -91.13
C THR K 1012 -3.16 -106.49 -91.98
N ALA K 1013 -2.54 -106.08 -93.09
CA ALA K 1013 -3.18 -105.16 -94.03
C ALA K 1013 -4.44 -105.80 -94.61
N ASP K 1014 -4.43 -107.12 -94.68
CA ASP K 1014 -5.63 -107.90 -94.99
C ASP K 1014 -6.58 -107.82 -93.80
N GLU K 1015 -7.87 -107.90 -94.08
CA GLU K 1015 -8.88 -107.92 -93.02
C GLU K 1015 -8.72 -109.17 -92.16
N LYS K 1016 -8.14 -110.21 -92.77
CA LYS K 1016 -7.89 -111.48 -92.10
C LYS K 1016 -6.59 -111.48 -91.30
N THR K 1017 -6.41 -112.55 -90.53
CA THR K 1017 -5.17 -112.86 -89.80
C THR K 1017 -4.91 -111.96 -88.58
N LEU K 1018 -5.28 -112.47 -87.41
CA LEU K 1018 -4.88 -111.88 -86.14
C LEU K 1018 -3.40 -112.11 -85.89
N ILE K 1019 -2.74 -111.16 -85.23
CA ILE K 1019 -1.38 -111.40 -84.76
C ILE K 1019 -1.30 -110.94 -83.31
N SER K 1020 -0.61 -111.69 -82.47
CA SER K 1020 -0.56 -111.40 -81.04
C SER K 1020 0.70 -111.97 -80.38
N SER K 1021 0.92 -111.62 -79.12
CA SER K 1021 2.02 -112.17 -78.33
C SER K 1021 1.72 -112.07 -76.84
N SER K 1022 2.46 -112.84 -76.04
CA SER K 1022 2.33 -112.79 -74.59
C SER K 1022 3.53 -113.43 -73.92
N ASP K 1023 3.27 -114.25 -72.89
CA ASP K 1023 4.34 -114.88 -72.14
C ASP K 1023 5.10 -115.92 -72.97
N ASP K 1024 4.47 -116.42 -74.02
CA ASP K 1024 5.11 -117.39 -74.89
C ASP K 1024 6.30 -116.76 -75.63
N ALA K 1025 7.36 -117.55 -75.82
CA ALA K 1025 8.52 -117.09 -76.58
C ALA K 1025 8.14 -116.81 -78.02
N GLU K 1026 7.19 -117.60 -78.52
CA GLU K 1026 6.73 -117.46 -79.90
C GLU K 1026 5.82 -116.25 -80.07
N ILE K 1027 5.83 -115.68 -81.26
CA ILE K 1027 4.86 -114.63 -81.59
C ILE K 1027 3.70 -115.26 -82.34
N GLN K 1028 2.53 -115.27 -81.70
CA GLN K 1028 1.33 -115.83 -82.30
C GLN K 1028 0.90 -115.11 -83.56
N VAL K 1029 0.51 -115.89 -84.57
CA VAL K 1029 -0.19 -115.38 -85.73
C VAL K 1029 -1.38 -116.30 -85.99
N TRP K 1030 -2.53 -115.91 -85.47
CA TRP K 1030 -3.72 -116.72 -85.59
C TRP K 1030 -4.71 -116.11 -86.57
N ASN K 1031 -4.73 -116.63 -87.79
CA ASN K 1031 -5.72 -116.18 -88.75
C ASN K 1031 -7.09 -116.60 -88.24
N TRP K 1032 -8.05 -115.69 -88.30
CA TRP K 1032 -9.40 -115.98 -87.82
C TRP K 1032 -10.24 -116.59 -88.92
N GLN K 1033 -11.41 -117.12 -88.56
CA GLN K 1033 -12.30 -117.85 -89.48
C GLN K 1033 -11.61 -119.13 -89.95
N LEU K 1034 -10.50 -118.96 -90.66
CA LEU K 1034 -9.67 -120.07 -91.08
C LEU K 1034 -9.08 -120.78 -89.87
N ASP K 1035 -8.99 -120.04 -88.77
CA ASP K 1035 -8.46 -120.53 -87.49
C ASP K 1035 -7.03 -121.04 -87.64
N LYS K 1036 -6.27 -120.41 -88.52
CA LYS K 1036 -4.88 -120.80 -88.74
C LYS K 1036 -4.01 -120.38 -87.56
N CYS K 1037 -2.94 -121.13 -87.30
CA CYS K 1037 -2.12 -120.88 -86.13
C CYS K 1037 -0.63 -120.85 -86.45
N ILE K 1038 -0.22 -119.98 -87.38
CA ILE K 1038 1.19 -119.85 -87.69
C ILE K 1038 1.92 -119.23 -86.50
N PHE K 1039 3.10 -119.74 -86.18
CA PHE K 1039 3.86 -119.20 -85.05
C PHE K 1039 5.23 -118.65 -85.46
N LEU K 1040 5.65 -117.59 -84.77
CA LEU K 1040 6.99 -117.04 -84.92
C LEU K 1040 7.89 -117.58 -83.82
N ARG K 1041 8.62 -118.65 -84.13
CA ARG K 1041 9.43 -119.33 -83.11
C ARG K 1041 10.74 -118.61 -82.88
N GLY K 1042 10.69 -117.55 -82.06
CA GLY K 1042 11.86 -116.73 -81.79
C GLY K 1042 12.83 -117.26 -80.75
N HIS K 1043 12.42 -118.27 -79.99
CA HIS K 1043 13.25 -118.89 -78.95
C HIS K 1043 13.78 -117.87 -77.94
N GLN K 1044 13.01 -116.80 -77.75
CA GLN K 1044 13.26 -115.81 -76.71
C GLN K 1044 12.64 -116.24 -75.39
N GLU K 1045 13.04 -115.60 -74.30
CA GLU K 1045 12.40 -115.84 -73.00
C GLU K 1045 10.94 -115.42 -73.18
N THR K 1046 10.77 -114.30 -73.86
CA THR K 1046 9.49 -113.92 -74.44
C THR K 1046 9.79 -112.83 -75.47
N VAL K 1047 8.87 -112.62 -76.41
CA VAL K 1047 8.98 -111.43 -77.25
C VAL K 1047 8.21 -110.29 -76.61
N LYS K 1048 8.89 -109.17 -76.40
CA LYS K 1048 8.32 -108.04 -75.69
C LYS K 1048 7.23 -107.34 -76.50
N ASP K 1049 7.51 -107.08 -77.77
CA ASP K 1049 6.55 -106.37 -78.60
C ASP K 1049 6.88 -106.56 -80.08
N PHE K 1050 5.92 -106.22 -80.94
CA PHE K 1050 6.11 -106.32 -82.38
C PHE K 1050 5.27 -105.29 -83.11
N ARG K 1051 5.65 -104.99 -84.34
CA ARG K 1051 4.94 -104.01 -85.17
C ARG K 1051 4.96 -104.40 -86.64
N LEU K 1052 3.98 -103.92 -87.40
CA LEU K 1052 3.91 -104.12 -88.85
C LEU K 1052 4.95 -103.30 -89.60
N LEU K 1053 5.57 -103.92 -90.60
CA LEU K 1053 6.41 -103.21 -91.54
C LEU K 1053 5.68 -103.04 -92.87
N LYS K 1054 6.12 -102.11 -93.71
CA LYS K 1054 5.45 -101.82 -94.96
C LYS K 1054 5.43 -103.04 -95.89
N ASN K 1055 6.45 -103.89 -95.77
CA ASN K 1055 6.51 -105.12 -96.55
C ASN K 1055 5.67 -106.22 -95.91
N SER K 1056 5.96 -107.47 -96.28
CA SER K 1056 5.35 -108.61 -95.62
C SER K 1056 6.08 -108.89 -94.33
N ARG K 1057 7.18 -108.18 -94.12
CA ARG K 1057 8.00 -108.31 -92.92
C ARG K 1057 7.24 -107.87 -91.66
N LEU K 1058 7.53 -108.54 -90.55
CA LEU K 1058 6.94 -108.17 -89.26
C LEU K 1058 8.01 -107.88 -88.21
N LEU K 1059 8.23 -106.59 -87.92
CA LEU K 1059 9.25 -106.17 -86.96
C LEU K 1059 8.88 -106.66 -85.56
N SER K 1060 9.90 -106.98 -84.76
CA SER K 1060 9.68 -107.40 -83.38
C SER K 1060 10.92 -107.22 -82.52
N TRP K 1061 10.73 -107.24 -81.21
CA TRP K 1061 11.84 -107.21 -80.25
C TRP K 1061 11.43 -107.81 -78.92
N SER K 1062 12.41 -108.36 -78.21
CA SER K 1062 12.16 -109.07 -76.96
C SER K 1062 12.95 -108.50 -75.80
N PHE K 1063 13.06 -109.29 -74.74
CA PHE K 1063 13.85 -108.91 -73.58
C PHE K 1063 15.35 -109.14 -73.75
N ASP K 1064 15.73 -109.85 -74.80
CA ASP K 1064 17.15 -109.96 -75.13
C ASP K 1064 17.61 -108.74 -75.93
N GLY K 1065 16.65 -107.93 -76.35
CA GLY K 1065 16.94 -106.69 -77.06
C GLY K 1065 17.23 -106.89 -78.53
N THR K 1066 17.03 -108.11 -79.01
CA THR K 1066 17.16 -108.37 -80.43
C THR K 1066 16.08 -107.61 -81.19
N VAL K 1067 16.47 -106.96 -82.28
CA VAL K 1067 15.50 -106.30 -83.15
C VAL K 1067 15.28 -107.19 -84.37
N LYS K 1068 14.42 -108.19 -84.18
CA LYS K 1068 14.11 -109.15 -85.22
C LYS K 1068 13.24 -108.56 -86.32
N VAL K 1069 13.47 -109.00 -87.55
CA VAL K 1069 12.60 -108.65 -88.65
C VAL K 1069 12.04 -109.94 -89.25
N TRP K 1070 10.81 -110.25 -88.84
CA TRP K 1070 10.12 -111.47 -89.27
C TRP K 1070 9.31 -111.22 -90.52
N ASN K 1071 8.23 -111.98 -90.67
CA ASN K 1071 7.27 -111.78 -91.75
C ASN K 1071 5.83 -111.89 -91.24
N ILE K 1072 4.92 -111.13 -91.85
CA ILE K 1072 3.51 -111.16 -91.46
C ILE K 1072 2.88 -112.48 -91.88
N ILE K 1073 1.84 -112.88 -91.15
CA ILE K 1073 1.13 -114.13 -91.40
C ILE K 1073 2.10 -115.30 -91.23
N THR K 1074 2.92 -115.55 -92.26
CA THR K 1074 3.92 -116.59 -92.20
C THR K 1074 5.11 -116.18 -91.32
N GLY K 1075 5.41 -117.01 -90.33
CA GLY K 1075 6.57 -116.78 -89.49
C GLY K 1075 7.87 -117.07 -90.22
N ASN K 1076 8.74 -116.08 -90.32
CA ASN K 1076 10.03 -116.24 -90.99
C ASN K 1076 10.96 -115.09 -90.63
N LYS K 1077 11.96 -115.37 -89.81
CA LYS K 1077 12.88 -114.35 -89.33
C LYS K 1077 13.88 -114.00 -90.41
N GLU K 1078 13.44 -113.17 -91.37
CA GLU K 1078 14.27 -112.77 -92.52
C GLU K 1078 15.53 -111.91 -92.25
N LYS K 1079 15.41 -110.90 -91.39
CA LYS K 1079 16.54 -110.04 -91.03
C LYS K 1079 16.58 -110.02 -89.50
N ASP K 1080 17.74 -110.25 -88.89
CA ASP K 1080 17.81 -110.27 -87.42
C ASP K 1080 18.80 -109.23 -86.88
N PHE K 1081 18.41 -108.45 -85.89
CA PHE K 1081 19.30 -107.42 -85.34
C PHE K 1081 19.50 -107.55 -83.82
N VAL K 1082 20.74 -107.36 -83.35
CA VAL K 1082 20.99 -107.44 -81.91
C VAL K 1082 21.47 -106.07 -81.43
N CYS K 1083 20.57 -105.10 -81.50
CA CYS K 1083 20.90 -103.71 -81.21
C CYS K 1083 21.22 -103.47 -79.75
N HIS K 1084 20.71 -104.33 -78.87
CA HIS K 1084 20.92 -104.16 -77.44
C HIS K 1084 21.05 -105.49 -76.71
N GLN K 1085 22.09 -105.62 -75.89
CA GLN K 1085 22.22 -106.77 -75.01
C GLN K 1085 21.09 -106.76 -73.99
N GLY K 1086 20.69 -105.54 -73.60
CA GLY K 1086 19.53 -105.34 -72.74
C GLY K 1086 18.27 -105.26 -73.58
N THR K 1087 17.14 -105.12 -72.92
CA THR K 1087 15.85 -105.08 -73.61
C THR K 1087 15.74 -103.84 -74.48
N VAL K 1088 15.09 -103.98 -75.63
CA VAL K 1088 14.75 -102.81 -76.44
C VAL K 1088 13.76 -101.94 -75.69
N LEU K 1089 14.22 -100.79 -75.19
CA LEU K 1089 13.35 -99.96 -74.36
C LEU K 1089 12.14 -99.26 -75.02
N SER K 1090 12.39 -98.60 -76.13
CA SER K 1090 11.34 -98.04 -76.98
C SER K 1090 12.04 -98.16 -78.33
N CYS K 1091 11.35 -98.63 -79.36
CA CYS K 1091 11.90 -98.64 -80.71
C CYS K 1091 10.83 -97.99 -81.58
N ASP K 1092 11.19 -97.04 -82.43
CA ASP K 1092 10.22 -96.41 -83.32
C ASP K 1092 10.64 -96.63 -84.76
N ILE K 1093 9.66 -96.91 -85.63
CA ILE K 1093 9.85 -96.99 -87.08
C ILE K 1093 9.22 -95.79 -87.82
N SER K 1094 9.96 -95.24 -88.80
CA SER K 1094 9.62 -93.97 -89.47
C SER K 1094 8.30 -93.89 -90.28
N HIS K 1095 7.97 -94.94 -91.04
CA HIS K 1095 6.71 -95.03 -91.80
C HIS K 1095 6.66 -94.52 -93.25
N ASP K 1096 7.73 -93.92 -93.76
CA ASP K 1096 7.90 -93.74 -95.20
C ASP K 1096 8.72 -94.90 -95.73
N ALA K 1097 8.26 -95.50 -96.83
CA ALA K 1097 8.86 -96.72 -97.37
C ALA K 1097 9.17 -97.72 -96.25
N THR K 1098 10.40 -98.24 -96.28
CA THR K 1098 10.95 -98.98 -95.16
C THR K 1098 12.40 -98.53 -95.00
N LYS K 1099 12.64 -97.29 -95.42
CA LYS K 1099 13.97 -96.73 -95.60
C LYS K 1099 14.77 -96.63 -94.30
N PHE K 1100 14.09 -96.49 -93.17
CA PHE K 1100 14.76 -96.41 -91.87
C PHE K 1100 13.95 -96.96 -90.71
N SER K 1101 14.67 -97.34 -89.66
CA SER K 1101 14.09 -97.67 -88.37
C SER K 1101 15.18 -97.51 -87.31
N SER K 1102 14.80 -97.22 -86.09
CA SER K 1102 15.78 -96.98 -85.04
C SER K 1102 15.24 -97.36 -83.67
N THR K 1103 16.17 -97.58 -82.75
CA THR K 1103 15.82 -97.89 -81.37
C THR K 1103 16.90 -97.38 -80.42
N SER K 1104 16.47 -97.13 -79.19
CA SER K 1104 17.37 -96.75 -78.11
C SER K 1104 16.93 -97.46 -76.85
N ALA K 1105 17.89 -97.93 -76.05
CA ALA K 1105 17.55 -98.78 -74.91
C ALA K 1105 18.55 -98.68 -73.78
N ASP K 1106 18.73 -97.47 -73.27
CA ASP K 1106 19.65 -97.19 -72.16
C ASP K 1106 21.04 -97.69 -72.51
N LYS K 1107 21.48 -97.36 -73.71
CA LYS K 1107 22.79 -97.80 -74.19
C LYS K 1107 23.24 -96.92 -75.35
N THR K 1108 22.73 -97.21 -76.54
CA THR K 1108 23.04 -96.42 -77.73
C THR K 1108 21.80 -96.27 -78.62
N ALA K 1109 21.67 -95.13 -79.28
CA ALA K 1109 20.56 -94.91 -80.19
C ALA K 1109 20.89 -95.41 -81.60
N LYS K 1110 20.73 -96.72 -81.80
CA LYS K 1110 21.03 -97.32 -83.10
C LYS K 1110 19.96 -97.04 -84.15
N ILE K 1111 20.39 -96.98 -85.41
CA ILE K 1111 19.51 -96.73 -86.54
C ILE K 1111 19.99 -97.51 -87.78
N TRP K 1112 19.03 -98.02 -88.55
CA TRP K 1112 19.32 -98.92 -89.65
C TRP K 1112 18.33 -98.72 -90.80
N SER K 1113 18.67 -99.28 -91.97
CA SER K 1113 17.80 -99.23 -93.14
C SER K 1113 17.31 -100.63 -93.51
N PHE K 1114 17.46 -101.57 -92.57
CA PHE K 1114 17.10 -102.98 -92.76
C PHE K 1114 17.99 -103.75 -93.75
N ASP K 1115 18.60 -103.03 -94.70
CA ASP K 1115 19.44 -103.68 -95.69
C ASP K 1115 20.64 -104.38 -95.07
N LEU K 1116 21.15 -103.82 -93.98
CA LEU K 1116 22.27 -104.43 -93.26
C LEU K 1116 21.80 -105.17 -92.02
N LEU K 1117 22.58 -106.18 -91.62
CA LEU K 1117 22.26 -106.97 -90.43
C LEU K 1117 22.64 -106.21 -89.16
N LEU K 1118 23.35 -105.11 -89.35
CA LEU K 1118 23.74 -104.24 -88.25
C LEU K 1118 23.30 -102.81 -88.58
N PRO K 1119 23.04 -102.00 -87.54
CA PRO K 1119 22.50 -100.65 -87.78
C PRO K 1119 23.45 -99.76 -88.57
N LEU K 1120 22.88 -98.90 -89.42
CA LEU K 1120 23.69 -98.00 -90.25
C LEU K 1120 24.46 -97.00 -89.41
N HIS K 1121 23.96 -96.72 -88.21
CA HIS K 1121 24.73 -95.89 -87.29
C HIS K 1121 24.34 -96.22 -85.86
N GLU K 1122 25.26 -96.00 -84.93
CA GLU K 1122 25.03 -96.28 -83.53
C GLU K 1122 25.25 -95.01 -82.72
N LEU K 1123 24.20 -94.22 -82.54
CA LEU K 1123 24.35 -92.93 -81.88
C LEU K 1123 24.82 -93.10 -80.45
N ARG K 1124 25.79 -92.28 -80.05
CA ARG K 1124 26.39 -92.35 -78.74
C ARG K 1124 26.61 -90.95 -78.18
N GLY K 1125 25.65 -90.07 -78.39
CA GLY K 1125 25.74 -88.70 -77.93
C GLY K 1125 25.25 -88.49 -76.51
N HIS K 1126 24.82 -89.56 -75.86
CA HIS K 1126 24.25 -89.43 -74.53
C HIS K 1126 24.84 -90.43 -73.54
N ASN K 1127 25.69 -89.94 -72.64
CA ASN K 1127 26.31 -90.76 -71.61
C ASN K 1127 25.29 -91.28 -70.60
N GLY K 1128 24.18 -90.56 -70.46
CA GLY K 1128 23.10 -90.98 -69.60
C GLY K 1128 22.19 -91.97 -70.32
N CYS K 1129 22.51 -92.21 -71.58
CA CYS K 1129 21.83 -93.20 -72.41
C CYS K 1129 20.37 -92.84 -72.72
N VAL K 1130 20.07 -92.70 -73.99
CA VAL K 1130 18.72 -92.38 -74.46
C VAL K 1130 17.72 -93.49 -74.15
N ARG K 1131 16.53 -93.11 -73.67
CA ARG K 1131 15.51 -94.06 -73.27
C ARG K 1131 14.52 -94.43 -74.38
N CYS K 1132 14.23 -93.47 -75.27
CA CYS K 1132 13.24 -93.70 -76.31
C CYS K 1132 13.45 -92.79 -77.51
N SER K 1133 12.84 -93.13 -78.64
CA SER K 1133 13.02 -92.39 -79.87
C SER K 1133 11.79 -92.44 -80.77
N ALA K 1134 11.63 -91.45 -81.64
CA ALA K 1134 10.52 -91.41 -82.59
C ALA K 1134 10.91 -90.69 -83.88
N PHE K 1135 10.51 -91.26 -85.01
CA PHE K 1135 10.79 -90.67 -86.33
C PHE K 1135 9.92 -89.48 -86.72
N SER K 1136 10.48 -88.66 -87.61
CA SER K 1136 9.78 -87.52 -88.18
C SER K 1136 8.61 -87.94 -89.03
N VAL K 1137 7.63 -87.05 -89.14
CA VAL K 1137 6.46 -87.30 -89.96
C VAL K 1137 6.87 -87.14 -91.43
N ASP K 1138 7.46 -88.21 -91.96
CA ASP K 1138 7.97 -88.25 -93.34
C ASP K 1138 8.93 -87.10 -93.65
N SER K 1139 9.87 -86.86 -92.73
CA SER K 1139 10.91 -85.85 -92.93
C SER K 1139 12.30 -86.45 -92.76
N THR K 1140 13.14 -85.80 -91.96
CA THR K 1140 14.49 -86.29 -91.72
C THR K 1140 14.89 -86.14 -90.24
N LEU K 1141 13.93 -85.70 -89.43
CA LEU K 1141 14.14 -85.58 -88.00
C LEU K 1141 14.03 -86.92 -87.30
N LEU K 1142 14.67 -87.05 -86.13
CA LEU K 1142 14.55 -88.27 -85.34
C LEU K 1142 14.83 -87.99 -83.86
N ALA K 1143 13.77 -87.80 -83.09
CA ALA K 1143 13.89 -87.51 -81.67
C ALA K 1143 14.50 -88.68 -80.90
N THR K 1144 15.25 -88.37 -79.85
CA THR K 1144 15.77 -89.38 -78.94
C THR K 1144 15.48 -88.95 -77.51
N GLY K 1145 14.46 -89.55 -76.91
CA GLY K 1145 13.99 -89.17 -75.59
C GLY K 1145 14.80 -89.69 -74.41
N ASP K 1146 15.04 -88.81 -73.46
CA ASP K 1146 15.78 -89.16 -72.24
C ASP K 1146 14.83 -89.50 -71.11
N ASP K 1147 15.35 -90.12 -70.05
CA ASP K 1147 14.53 -90.51 -68.90
C ASP K 1147 13.93 -89.31 -68.19
N ASN K 1148 14.63 -88.17 -68.26
CA ASN K 1148 14.16 -86.95 -67.62
C ASN K 1148 13.33 -86.10 -68.57
N GLY K 1149 12.91 -86.70 -69.68
CA GLY K 1149 12.03 -86.04 -70.62
C GLY K 1149 12.81 -85.20 -71.62
N GLU K 1150 14.12 -85.18 -71.46
CA GLU K 1150 14.98 -84.47 -72.40
C GLU K 1150 14.89 -85.14 -73.77
N ILE K 1151 14.87 -84.32 -74.82
CA ILE K 1151 14.81 -84.84 -76.17
C ILE K 1151 16.02 -84.37 -76.96
N ARG K 1152 16.64 -85.26 -77.70
CA ARG K 1152 17.73 -84.88 -78.59
C ARG K 1152 17.38 -85.24 -80.01
N ILE K 1153 17.09 -84.23 -80.82
CA ILE K 1153 16.77 -84.46 -82.22
C ILE K 1153 18.03 -84.87 -82.98
N TRP K 1154 17.89 -85.82 -83.90
CA TRP K 1154 19.01 -86.27 -84.71
C TRP K 1154 18.56 -86.39 -86.17
N ASN K 1155 19.33 -85.79 -87.07
CA ASN K 1155 19.00 -85.86 -88.49
C ASN K 1155 19.09 -87.30 -88.97
N VAL K 1156 18.17 -87.72 -89.82
CA VAL K 1156 18.19 -89.08 -90.34
C VAL K 1156 19.23 -89.16 -91.46
N SER K 1157 20.49 -89.20 -91.04
CA SER K 1157 21.63 -89.30 -91.94
C SER K 1157 22.84 -89.69 -91.10
N ASN K 1158 22.92 -90.97 -90.77
CA ASN K 1158 23.89 -91.48 -89.79
C ASN K 1158 23.70 -90.77 -88.46
N GLY K 1159 24.28 -89.57 -88.35
CA GLY K 1159 24.12 -88.76 -87.16
C GLY K 1159 25.10 -87.61 -87.13
N GLU K 1160 24.70 -86.50 -86.51
CA GLU K 1160 25.56 -85.35 -86.33
C GLU K 1160 25.10 -84.57 -85.11
N LEU K 1161 26.00 -83.79 -84.52
CA LEU K 1161 25.69 -83.12 -83.26
C LEU K 1161 24.68 -82.00 -83.46
N LEU K 1162 23.46 -82.40 -83.80
CA LEU K 1162 22.34 -81.46 -83.93
C LEU K 1162 21.99 -80.87 -82.57
N HIS K 1163 21.55 -79.62 -82.56
CA HIS K 1163 21.27 -78.96 -81.31
C HIS K 1163 20.23 -79.81 -80.62
N LEU K 1164 20.42 -80.09 -79.35
CA LEU K 1164 19.45 -80.89 -78.62
C LEU K 1164 18.14 -80.12 -78.55
N CYS K 1165 17.02 -80.82 -78.68
CA CYS K 1165 15.73 -80.17 -78.56
C CYS K 1165 15.69 -79.62 -77.16
N ALA K 1166 16.20 -80.41 -76.23
CA ALA K 1166 16.42 -79.97 -74.86
C ALA K 1166 15.15 -79.47 -74.19
N PRO K 1167 14.05 -80.18 -74.37
CA PRO K 1167 12.74 -79.61 -74.07
C PRO K 1167 12.53 -79.14 -72.63
N LEU K 1168 13.05 -79.86 -71.64
CA LEU K 1168 12.91 -79.42 -70.25
C LEU K 1168 14.25 -79.13 -69.57
N SER K 1169 14.39 -77.93 -69.03
CA SER K 1169 15.64 -77.55 -68.37
C SER K 1169 15.50 -77.30 -66.86
N GLU K 1170 14.58 -76.42 -66.48
CA GLU K 1170 14.35 -76.12 -65.08
C GLU K 1170 12.96 -76.59 -64.65
N GLU K 1171 12.92 -77.32 -63.54
CA GLU K 1171 11.65 -77.85 -63.03
C GLU K 1171 11.83 -78.40 -61.63
N GLY K 1172 12.36 -79.61 -61.55
CA GLY K 1172 12.62 -80.26 -60.28
C GLY K 1172 11.82 -81.54 -60.16
N ALA K 1173 11.54 -81.94 -58.92
CA ALA K 1173 10.81 -83.18 -58.66
C ALA K 1173 9.37 -82.92 -58.24
N ALA K 1174 8.93 -81.68 -58.38
CA ALA K 1174 7.67 -81.24 -57.77
C ALA K 1174 6.41 -81.94 -58.26
N THR K 1175 6.32 -82.27 -59.55
CA THR K 1175 5.06 -82.81 -60.05
C THR K 1175 4.98 -83.80 -61.26
N HIS K 1176 3.85 -84.52 -61.32
CA HIS K 1176 3.40 -85.43 -62.41
C HIS K 1176 4.35 -86.02 -63.44
N GLY K 1177 5.38 -85.25 -63.75
CA GLY K 1177 6.18 -85.36 -64.95
C GLY K 1177 6.90 -86.65 -65.30
N GLY K 1178 7.50 -87.36 -64.35
CA GLY K 1178 8.26 -88.53 -64.75
C GLY K 1178 7.88 -89.21 -66.05
N TRP K 1179 8.90 -89.73 -66.75
CA TRP K 1179 8.74 -90.55 -67.96
C TRP K 1179 8.79 -89.75 -69.27
N VAL K 1180 9.33 -90.39 -70.12
CA VAL K 1180 9.36 -89.75 -71.43
C VAL K 1180 8.59 -90.67 -72.37
N THR K 1181 7.28 -90.68 -72.22
CA THR K 1181 6.40 -91.65 -72.87
C THR K 1181 6.35 -91.63 -74.40
N ASP K 1182 6.23 -90.44 -74.97
CA ASP K 1182 6.05 -90.33 -76.42
C ASP K 1182 6.42 -88.98 -76.96
N LEU K 1183 6.64 -88.93 -78.26
CA LEU K 1183 6.82 -87.68 -78.98
C LEU K 1183 5.87 -87.62 -80.17
N CYS K 1184 5.13 -86.53 -80.27
CA CYS K 1184 4.24 -86.30 -81.41
C CYS K 1184 4.65 -85.13 -82.29
N PHE K 1185 5.45 -85.42 -83.32
CA PHE K 1185 5.86 -84.40 -84.27
C PHE K 1185 4.69 -83.75 -85.01
N SER K 1186 4.79 -82.45 -85.23
CA SER K 1186 3.81 -81.72 -86.04
C SER K 1186 3.98 -82.10 -87.51
N PRO K 1187 2.89 -82.03 -88.28
CA PRO K 1187 2.98 -82.35 -89.72
C PRO K 1187 3.99 -81.46 -90.42
N ASP K 1188 4.10 -80.21 -89.97
CA ASP K 1188 5.11 -79.30 -90.48
C ASP K 1188 6.51 -79.80 -90.13
N GLY K 1189 6.61 -80.51 -89.02
CA GLY K 1189 7.88 -81.05 -88.57
C GLY K 1189 8.65 -80.01 -87.80
N LYS K 1190 8.07 -78.82 -87.69
CA LYS K 1190 8.69 -77.71 -86.98
C LYS K 1190 8.41 -77.77 -85.49
N MET K 1191 7.54 -78.69 -85.09
CA MET K 1191 7.16 -78.78 -83.68
C MET K 1191 7.15 -80.22 -83.17
N LEU K 1192 7.62 -80.39 -81.94
CA LEU K 1192 7.51 -81.67 -81.26
C LEU K 1192 6.56 -81.54 -80.07
N ILE K 1193 5.53 -82.37 -80.06
CA ILE K 1193 4.62 -82.44 -78.93
C ILE K 1193 5.16 -83.43 -77.91
N SER K 1194 5.96 -82.92 -76.98
CA SER K 1194 6.45 -83.73 -75.87
C SER K 1194 5.32 -84.00 -74.90
N ALA K 1195 5.29 -85.20 -74.33
CA ALA K 1195 4.26 -85.56 -73.38
C ALA K 1195 4.83 -86.42 -72.26
N GLY K 1196 5.11 -85.78 -71.13
CA GLY K 1196 5.60 -86.46 -69.95
C GLY K 1196 4.73 -86.16 -68.74
N GLY K 1197 5.11 -85.17 -67.97
CA GLY K 1197 4.27 -84.71 -66.88
C GLY K 1197 3.10 -83.92 -67.44
N TYR K 1198 3.31 -83.36 -68.63
CA TYR K 1198 2.25 -82.65 -69.34
C TYR K 1198 2.72 -82.33 -70.75
N ILE K 1199 1.78 -82.07 -71.66
CA ILE K 1199 2.12 -81.71 -73.02
C ILE K 1199 2.87 -80.38 -73.09
N LYS K 1200 3.95 -80.35 -73.88
CA LYS K 1200 4.52 -79.08 -74.28
C LYS K 1200 5.06 -79.19 -75.70
N TRP K 1201 4.72 -78.19 -76.50
CA TRP K 1201 5.07 -78.17 -77.91
C TRP K 1201 6.43 -77.52 -78.10
N TRP K 1202 7.49 -78.28 -77.84
CA TRP K 1202 8.82 -77.75 -78.01
C TRP K 1202 9.02 -77.43 -79.48
N ASN K 1203 9.64 -76.30 -79.76
CA ASN K 1203 10.08 -75.99 -81.11
C ASN K 1203 11.27 -76.87 -81.44
N VAL K 1204 11.29 -77.41 -82.65
CA VAL K 1204 12.39 -78.26 -83.07
C VAL K 1204 13.66 -77.41 -83.13
N VAL K 1205 14.75 -77.96 -82.59
CA VAL K 1205 16.05 -77.29 -82.53
C VAL K 1205 15.99 -75.92 -81.85
N THR K 1206 16.49 -75.88 -80.61
CA THR K 1206 16.61 -74.64 -79.83
C THR K 1206 15.27 -74.00 -79.48
N GLY K 1207 14.99 -73.90 -78.18
CA GLY K 1207 13.81 -73.20 -77.70
C GLY K 1207 12.53 -74.00 -77.80
N GLU K 1208 11.40 -73.34 -77.58
CA GLU K 1208 10.11 -73.99 -77.66
C GLU K 1208 9.12 -73.17 -78.48
N SER K 1209 8.13 -73.86 -79.06
CA SER K 1209 7.02 -73.20 -79.73
C SER K 1209 5.84 -73.10 -78.76
N SER K 1210 4.78 -73.86 -79.01
CA SER K 1210 3.61 -73.85 -78.13
C SER K 1210 3.76 -74.81 -76.96
N GLN K 1211 4.62 -74.44 -76.01
CA GLN K 1211 4.87 -75.25 -74.81
C GLN K 1211 3.65 -75.38 -73.89
N THR K 1212 2.92 -74.28 -73.75
CA THR K 1212 1.86 -74.08 -72.75
C THR K 1212 1.12 -75.31 -72.18
N PHE K 1213 -0.18 -75.36 -72.40
CA PHE K 1213 -0.98 -76.47 -71.84
C PHE K 1213 -0.77 -76.66 -70.34
N TYR K 1214 -0.45 -77.91 -69.98
CA TYR K 1214 -0.46 -78.39 -68.61
C TYR K 1214 -1.70 -79.27 -68.43
N THR K 1215 -1.48 -80.58 -68.39
CA THR K 1215 -2.57 -81.55 -68.30
C THR K 1215 -3.13 -81.70 -66.89
N ASN K 1216 -4.42 -82.01 -66.80
CA ASN K 1216 -5.01 -82.28 -65.49
C ASN K 1216 -4.58 -83.59 -64.86
N GLY K 1217 -4.63 -84.66 -65.65
CA GLY K 1217 -4.21 -85.98 -65.22
C GLY K 1217 -2.72 -86.16 -65.03
N THR K 1218 -1.97 -85.65 -66.00
CA THR K 1218 -0.53 -85.87 -66.09
C THR K 1218 -0.29 -87.27 -66.64
N ASN K 1219 0.97 -87.63 -66.84
CA ASN K 1219 1.35 -89.02 -67.13
C ASN K 1219 0.66 -89.68 -68.33
N LEU K 1220 0.48 -88.95 -69.42
CA LEU K 1220 -0.05 -89.56 -70.63
C LEU K 1220 0.94 -90.61 -71.13
N LYS K 1221 0.42 -91.75 -71.56
CA LYS K 1221 1.26 -92.82 -72.12
C LYS K 1221 0.98 -93.15 -73.58
N LYS K 1222 0.15 -92.39 -74.27
CA LYS K 1222 -0.14 -92.75 -75.67
C LYS K 1222 -0.26 -91.53 -76.59
N ILE K 1223 0.05 -91.71 -77.87
CA ILE K 1223 -0.13 -90.60 -78.75
C ILE K 1223 -1.03 -91.00 -79.95
N HIS K 1224 -2.06 -90.20 -80.15
CA HIS K 1224 -2.95 -90.36 -81.30
C HIS K 1224 -2.97 -89.07 -82.12
N VAL K 1225 -2.77 -89.20 -83.42
CA VAL K 1225 -2.81 -88.04 -84.32
C VAL K 1225 -3.71 -88.29 -85.52
N SER K 1226 -4.55 -87.31 -85.85
CA SER K 1226 -5.40 -87.42 -87.03
C SER K 1226 -4.57 -87.23 -88.29
N PRO K 1227 -4.91 -87.94 -89.36
CA PRO K 1227 -4.17 -87.83 -90.62
C PRO K 1227 -3.88 -86.37 -90.91
N ASP K 1228 -4.89 -85.54 -90.72
CA ASP K 1228 -4.76 -84.09 -90.82
C ASP K 1228 -3.76 -83.60 -89.78
N PHE K 1229 -3.78 -84.23 -88.60
CA PHE K 1229 -2.92 -83.82 -87.50
C PHE K 1229 -3.53 -82.67 -86.71
N LYS K 1230 -4.76 -82.28 -87.08
CA LYS K 1230 -5.44 -81.19 -86.40
C LYS K 1230 -5.76 -81.48 -84.93
N THR K 1231 -6.21 -82.70 -84.61
CA THR K 1231 -6.64 -83.05 -83.26
C THR K 1231 -5.92 -84.24 -82.64
N TYR K 1232 -5.39 -84.03 -81.48
CA TYR K 1232 -4.87 -85.08 -80.63
C TYR K 1232 -5.51 -84.91 -79.26
N VAL K 1233 -6.08 -85.99 -78.74
CA VAL K 1233 -6.68 -85.95 -77.40
C VAL K 1233 -5.89 -86.92 -76.54
N THR K 1234 -5.50 -86.50 -75.34
CA THR K 1234 -4.75 -87.39 -74.45
C THR K 1234 -5.61 -87.69 -73.22
N VAL K 1235 -5.62 -88.95 -72.80
CA VAL K 1235 -6.09 -89.28 -71.45
C VAL K 1235 -4.89 -89.76 -70.66
N ASP K 1236 -4.56 -89.03 -69.59
CA ASP K 1236 -3.42 -89.38 -68.76
C ASP K 1236 -3.77 -89.53 -67.28
N ASN K 1237 -3.29 -90.61 -66.67
CA ASN K 1237 -3.43 -90.80 -65.23
C ASN K 1237 -4.89 -91.02 -64.85
N LEU K 1238 -5.72 -91.29 -65.85
CA LEU K 1238 -7.13 -91.53 -65.64
C LEU K 1238 -7.83 -90.21 -65.31
N GLY K 1239 -7.14 -89.10 -65.55
CA GLY K 1239 -7.71 -87.80 -65.28
C GLY K 1239 -8.99 -87.69 -66.06
N ILE K 1240 -8.93 -88.20 -67.29
CA ILE K 1240 -10.04 -88.25 -68.23
C ILE K 1240 -9.42 -88.18 -69.62
N LEU K 1241 -10.25 -88.20 -70.66
CA LEU K 1241 -9.72 -87.99 -72.02
C LEU K 1241 -9.89 -86.50 -72.37
N TYR K 1242 -8.85 -85.84 -72.89
CA TYR K 1242 -8.94 -84.42 -73.27
C TYR K 1242 -8.79 -84.31 -74.82
N ILE K 1243 -9.69 -83.58 -75.50
CA ILE K 1243 -9.63 -83.44 -76.97
C ILE K 1243 -9.21 -81.99 -77.33
N LEU K 1244 -8.29 -81.85 -78.26
CA LEU K 1244 -7.85 -80.52 -78.72
C LEU K 1244 -8.21 -80.27 -80.19
N GLN K 1245 -8.80 -79.10 -80.46
CA GLN K 1245 -9.19 -78.74 -81.82
C GLN K 1245 -8.88 -77.27 -82.10
N THR K 1246 -7.60 -76.99 -82.38
CA THR K 1246 -7.17 -75.63 -82.67
C THR K 1246 -8.12 -74.94 -83.63
N LEU K 1247 -8.29 -73.63 -83.46
CA LEU K 1247 -9.17 -72.84 -84.31
C LEU K 1247 -8.38 -72.01 -85.29
N GLU K 1248 -8.96 -70.88 -85.70
CA GLU K 1248 -8.30 -69.98 -86.65
C GLU K 1248 -7.39 -69.00 -85.94
N GLY L 2 30.76 -101.69 -50.03
CA GLY L 2 29.95 -101.42 -48.83
C GLY L 2 30.14 -102.27 -47.63
N ASP L 3 29.70 -101.74 -46.50
CA ASP L 3 29.60 -102.49 -45.26
C ASP L 3 28.32 -103.36 -45.23
N VAL L 4 28.53 -104.66 -45.45
CA VAL L 4 27.45 -105.63 -45.56
C VAL L 4 26.61 -105.70 -44.28
N GLU L 5 27.28 -105.60 -43.12
CA GLU L 5 26.59 -105.64 -41.85
C GLU L 5 25.64 -104.46 -41.68
N LYS L 6 26.09 -103.26 -42.05
CA LYS L 6 25.23 -102.08 -41.98
C LYS L 6 24.11 -102.18 -43.01
N GLY L 7 24.49 -102.67 -44.20
CA GLY L 7 23.51 -102.92 -45.26
C GLY L 7 22.37 -103.82 -44.77
N LYS L 8 22.74 -104.88 -44.03
CA LYS L 8 21.77 -105.78 -43.45
C LYS L 8 20.83 -105.01 -42.52
N LYS L 9 21.40 -104.20 -41.65
CA LYS L 9 20.60 -103.38 -40.73
C LYS L 9 19.60 -102.54 -41.52
N ILE L 10 20.12 -101.88 -42.55
CA ILE L 10 19.24 -101.03 -43.38
C ILE L 10 18.14 -101.89 -44.02
N PHE L 11 18.49 -103.06 -44.54
CA PHE L 11 17.48 -103.93 -45.12
C PHE L 11 16.39 -104.31 -44.11
N VAL L 12 16.84 -104.70 -42.91
CA VAL L 12 15.95 -105.11 -41.84
C VAL L 12 15.04 -103.94 -41.48
N GLN L 13 15.62 -102.76 -41.30
CA GLN L 13 14.87 -101.54 -40.98
C GLN L 13 13.89 -100.98 -42.04
N LYS L 14 14.32 -101.00 -43.30
CA LYS L 14 13.66 -100.28 -44.34
C LYS L 14 13.08 -101.14 -45.50
N CYS L 15 13.44 -102.41 -45.60
CA CYS L 15 12.99 -103.21 -46.75
C CYS L 15 12.25 -104.50 -46.37
N ALA L 16 12.59 -105.04 -45.19
CA ALA L 16 12.09 -106.33 -44.78
C ALA L 16 10.60 -106.39 -44.56
N GLN L 17 10.02 -105.26 -44.17
CA GLN L 17 8.58 -105.21 -44.02
C GLN L 17 7.80 -105.45 -45.32
N CYS L 18 8.44 -105.28 -46.48
CA CYS L 18 7.77 -105.59 -47.75
C CYS L 18 8.53 -106.60 -48.63
N HIS L 19 9.72 -107.04 -48.24
CA HIS L 19 10.45 -107.95 -49.14
C HIS L 19 11.36 -108.95 -48.45
N THR L 20 11.35 -110.18 -48.94
CA THR L 20 12.33 -111.20 -48.51
C THR L 20 13.49 -111.26 -49.51
N VAL L 21 14.66 -111.75 -49.05
CA VAL L 21 15.82 -111.92 -49.90
C VAL L 21 16.24 -113.39 -50.05
N GLU L 22 15.71 -114.26 -49.17
CA GLU L 22 16.08 -115.68 -49.18
C GLU L 22 15.36 -116.43 -50.29
N LYS L 23 16.05 -117.46 -50.77
CA LYS L 23 15.55 -118.35 -51.77
C LYS L 23 14.29 -119.01 -51.33
N GLY L 24 13.28 -118.97 -52.17
CA GLY L 24 11.96 -119.46 -51.82
C GLY L 24 11.25 -118.65 -50.74
N GLY L 25 11.85 -117.55 -50.26
CA GLY L 25 11.15 -116.63 -49.36
C GLY L 25 9.86 -116.14 -50.03
N LYS L 26 8.82 -115.95 -49.22
CA LYS L 26 7.47 -115.65 -49.74
C LYS L 26 7.39 -114.25 -50.29
N HIS L 27 6.47 -114.06 -51.23
CA HIS L 27 6.18 -112.69 -51.66
C HIS L 27 5.40 -112.06 -50.49
N LYS L 28 5.81 -110.87 -50.10
CA LYS L 28 5.07 -110.09 -49.14
C LYS L 28 4.39 -108.98 -49.98
N THR L 29 4.29 -107.75 -49.47
CA THR L 29 3.75 -106.66 -50.26
C THR L 29 4.55 -106.50 -51.55
N GLY L 30 5.86 -106.62 -51.44
CA GLY L 30 6.74 -106.63 -52.60
C GLY L 30 7.28 -108.00 -52.95
N PRO L 31 7.85 -108.13 -54.13
CA PRO L 31 8.42 -109.36 -54.63
C PRO L 31 9.66 -109.82 -53.88
N ASN L 32 9.87 -111.13 -53.86
CA ASN L 32 11.09 -111.71 -53.30
C ASN L 32 12.23 -111.21 -54.16
N LEU L 33 13.32 -110.82 -53.50
CA LEU L 33 14.47 -110.26 -54.18
C LEU L 33 15.59 -111.25 -54.43
N HIS L 34 15.39 -112.53 -54.11
CA HIS L 34 16.45 -113.50 -54.43
C HIS L 34 16.69 -113.55 -55.95
N GLY L 35 17.95 -113.53 -56.34
CA GLY L 35 18.33 -113.52 -57.76
C GLY L 35 18.16 -112.19 -58.47
N LEU L 36 18.02 -111.11 -57.69
CA LEU L 36 17.75 -109.80 -58.25
C LEU L 36 18.82 -109.28 -59.24
N PHE L 37 20.07 -109.48 -58.89
CA PHE L 37 21.17 -108.90 -59.66
C PHE L 37 21.32 -109.59 -60.98
N GLY L 38 21.38 -108.81 -62.05
CA GLY L 38 21.49 -109.32 -63.42
C GLY L 38 20.13 -109.73 -63.98
N ARG L 39 19.05 -109.38 -63.28
CA ARG L 39 17.72 -109.75 -63.76
C ARG L 39 17.01 -108.48 -64.23
N LYS L 40 16.20 -108.61 -65.26
CA LYS L 40 15.40 -107.47 -65.77
C LYS L 40 14.24 -107.11 -64.83
N THR L 41 13.87 -105.83 -64.78
CA THR L 41 12.71 -105.41 -64.01
C THR L 41 11.47 -106.27 -64.26
N GLY L 42 10.71 -106.52 -63.20
CA GLY L 42 9.38 -107.11 -63.35
C GLY L 42 9.34 -108.59 -63.66
N GLN L 43 10.34 -109.34 -63.22
CA GLN L 43 10.43 -110.74 -63.63
C GLN L 43 10.26 -111.78 -62.55
N ALA L 44 10.12 -111.41 -61.28
CA ALA L 44 9.94 -112.44 -60.24
C ALA L 44 8.67 -113.21 -60.66
N PRO L 45 8.79 -114.51 -60.98
CA PRO L 45 7.56 -115.21 -61.34
C PRO L 45 6.72 -115.28 -60.08
N GLY L 46 5.42 -115.22 -60.26
CA GLY L 46 4.52 -115.26 -59.11
C GLY L 46 4.26 -113.94 -58.39
N PHE L 47 4.91 -112.86 -58.82
CA PHE L 47 4.52 -111.53 -58.38
C PHE L 47 3.83 -110.72 -59.48
N THR L 48 2.76 -110.04 -59.10
CA THR L 48 1.97 -109.20 -59.99
C THR L 48 2.45 -107.79 -59.84
N TYR L 49 3.19 -107.33 -60.85
CA TYR L 49 3.77 -105.99 -60.84
C TYR L 49 2.80 -104.99 -61.43
N THR L 50 3.05 -103.70 -61.23
CA THR L 50 2.47 -102.68 -62.07
C THR L 50 3.06 -102.82 -63.48
N ASP L 51 2.33 -102.32 -64.47
CA ASP L 51 2.83 -102.19 -65.81
C ASP L 51 4.10 -101.34 -65.87
N ALA L 52 4.17 -100.30 -65.06
CA ALA L 52 5.37 -99.46 -65.03
C ALA L 52 6.64 -100.30 -64.65
N ASN L 53 6.55 -101.01 -63.52
CA ASN L 53 7.67 -101.85 -63.07
C ASN L 53 7.89 -102.97 -64.06
N LYS L 54 6.81 -103.53 -64.58
CA LYS L 54 6.88 -104.63 -65.53
C LYS L 54 7.52 -104.24 -66.86
N ASN L 55 7.43 -102.97 -67.23
CA ASN L 55 7.96 -102.52 -68.52
C ASN L 55 9.07 -101.50 -68.43
N LYS L 56 9.62 -101.24 -67.24
CA LYS L 56 10.76 -100.32 -67.12
C LYS L 56 11.92 -100.70 -68.06
N GLY L 57 12.15 -101.99 -68.26
CA GLY L 57 13.10 -102.46 -69.25
C GLY L 57 14.56 -102.26 -68.90
N ILE L 58 14.91 -102.27 -67.61
CA ILE L 58 16.30 -102.21 -67.19
C ILE L 58 16.73 -103.49 -66.45
N THR L 59 18.04 -103.65 -66.34
CA THR L 59 18.63 -104.78 -65.62
C THR L 59 19.06 -104.30 -64.25
N TRP L 60 18.63 -105.01 -63.22
CA TRP L 60 19.02 -104.65 -61.86
C TRP L 60 20.49 -104.96 -61.67
N LYS L 61 21.24 -103.96 -61.20
CA LYS L 61 22.66 -104.11 -60.90
C LYS L 61 22.97 -102.89 -60.07
N GLU L 62 24.22 -102.76 -59.71
CA GLU L 62 24.60 -101.71 -58.77
C GLU L 62 24.23 -100.32 -59.22
N GLU L 63 24.55 -100.01 -60.48
CA GLU L 63 24.31 -98.68 -61.06
C GLU L 63 22.81 -98.38 -61.03
N THR L 64 22.00 -99.32 -61.52
CA THR L 64 20.56 -99.09 -61.58
C THR L 64 19.93 -99.04 -60.18
N LEU L 65 20.40 -99.91 -59.28
CA LEU L 65 19.94 -99.87 -57.90
C LEU L 65 20.31 -98.56 -57.17
N MET L 66 21.54 -98.06 -57.40
CA MET L 66 22.00 -96.82 -56.80
C MET L 66 21.05 -95.69 -57.17
N GLU L 67 20.64 -95.64 -58.43
CA GLU L 67 19.69 -94.61 -58.90
C GLU L 67 18.27 -94.86 -58.39
N TYR L 68 17.76 -96.09 -58.57
CA TYR L 68 16.43 -96.44 -58.05
C TYR L 68 16.22 -96.10 -56.58
N LEU L 69 17.14 -96.60 -55.76
CA LEU L 69 17.00 -96.49 -54.30
C LEU L 69 17.09 -95.06 -53.77
N GLU L 70 17.70 -94.17 -54.54
CA GLU L 70 17.71 -92.76 -54.22
C GLU L 70 16.28 -92.21 -54.35
N ASN L 71 15.51 -92.69 -55.31
CA ASN L 71 14.15 -92.17 -55.48
C ASN L 71 13.35 -93.07 -56.39
N PRO L 72 12.77 -94.14 -55.83
CA PRO L 72 12.02 -95.10 -56.65
C PRO L 72 10.97 -94.50 -57.59
N LYS L 73 10.16 -93.56 -57.11
CA LYS L 73 9.08 -93.03 -57.94
C LYS L 73 9.59 -92.34 -59.20
N LYS L 74 10.67 -91.58 -59.04
CA LYS L 74 11.32 -90.90 -60.12
C LYS L 74 11.89 -91.89 -61.16
N TYR L 75 12.49 -93.00 -60.68
CA TYR L 75 13.05 -94.00 -61.61
C TYR L 75 11.96 -94.87 -62.25
N ILE L 76 10.90 -95.19 -61.52
CA ILE L 76 9.77 -95.95 -62.07
C ILE L 76 8.47 -95.27 -61.67
N PRO L 77 8.12 -94.19 -62.39
CA PRO L 77 6.91 -93.44 -62.12
C PRO L 77 5.76 -94.39 -62.19
N GLY L 78 4.86 -94.27 -61.22
CA GLY L 78 3.72 -95.15 -61.14
C GLY L 78 4.01 -96.46 -60.41
N THR L 79 5.23 -96.73 -59.96
CA THR L 79 5.43 -97.91 -59.12
C THR L 79 4.47 -97.92 -57.91
N LYS L 80 4.01 -99.09 -57.51
CA LYS L 80 3.22 -99.17 -56.24
C LYS L 80 4.09 -99.42 -54.99
N MET L 81 5.40 -99.46 -55.18
CA MET L 81 6.30 -99.51 -54.04
C MET L 81 6.30 -98.17 -53.33
N ILE L 82 5.98 -98.15 -52.05
CA ILE L 82 6.07 -96.95 -51.22
C ILE L 82 7.45 -96.91 -50.53
N PHE L 83 8.30 -95.98 -50.97
CA PHE L 83 9.58 -95.77 -50.37
C PHE L 83 10.10 -94.41 -50.78
N ALA L 84 10.40 -93.52 -49.83
CA ALA L 84 10.86 -92.17 -50.19
C ALA L 84 12.18 -92.23 -50.97
N GLY L 85 13.13 -92.96 -50.39
CA GLY L 85 14.47 -93.11 -50.98
C GLY L 85 15.54 -92.92 -49.92
N ILE L 86 16.71 -93.49 -50.16
CA ILE L 86 17.85 -93.36 -49.28
C ILE L 86 18.72 -92.25 -49.86
N LYS L 87 18.75 -91.11 -49.17
CA LYS L 87 19.40 -89.93 -49.72
C LYS L 87 20.93 -90.04 -49.60
N LYS L 88 21.44 -90.67 -48.54
CA LYS L 88 22.90 -90.80 -48.36
C LYS L 88 23.51 -91.92 -49.21
N LYS L 89 24.52 -91.59 -50.00
CA LYS L 89 25.17 -92.56 -50.87
C LYS L 89 25.78 -93.72 -50.10
N THR L 90 26.44 -93.43 -48.98
CA THR L 90 27.11 -94.47 -48.19
C THR L 90 26.16 -95.62 -47.80
N GLU L 91 25.01 -95.20 -47.24
CA GLU L 91 23.94 -96.12 -46.85
C GLU L 91 23.43 -96.94 -48.06
N ARG L 92 23.23 -96.27 -49.20
CA ARG L 92 22.85 -96.94 -50.45
C ARG L 92 23.88 -97.99 -50.84
N GLU L 93 25.16 -97.60 -50.80
CA GLU L 93 26.23 -98.57 -51.11
C GLU L 93 26.21 -99.74 -50.15
N ASP L 94 26.04 -99.44 -48.85
CA ASP L 94 25.99 -100.53 -47.84
C ASP L 94 24.83 -101.50 -48.11
N LEU L 95 23.63 -100.94 -48.32
CA LEU L 95 22.45 -101.74 -48.59
C LEU L 95 22.65 -102.57 -49.84
N ILE L 96 23.15 -101.91 -50.90
CA ILE L 96 23.36 -102.61 -52.17
C ILE L 96 24.40 -103.74 -52.02
N ALA L 97 25.48 -103.47 -51.27
CA ALA L 97 26.44 -104.52 -50.98
C ALA L 97 25.79 -105.67 -50.18
N TYR L 98 24.96 -105.33 -49.18
CA TYR L 98 24.28 -106.42 -48.47
C TYR L 98 23.39 -107.25 -49.44
N LEU L 99 22.56 -106.55 -50.25
CA LEU L 99 21.65 -107.26 -51.19
C LEU L 99 22.42 -108.13 -52.18
N LYS L 100 23.55 -107.61 -52.66
CA LYS L 100 24.36 -108.40 -53.57
C LYS L 100 24.78 -109.74 -52.95
N LYS L 101 25.12 -109.72 -51.66
CA LYS L 101 25.47 -110.95 -51.00
C LYS L 101 24.25 -111.80 -50.75
N ALA L 102 23.25 -111.23 -50.09
CA ALA L 102 22.16 -112.03 -49.59
C ALA L 102 21.30 -112.60 -50.71
N THR L 103 21.08 -111.83 -51.78
CA THR L 103 20.19 -112.29 -52.85
C THR L 103 20.80 -113.35 -53.75
N ASN L 104 22.07 -113.67 -53.54
CA ASN L 104 22.67 -114.80 -54.26
C ASN L 104 22.71 -116.01 -53.34
N GLU L 105 23.24 -115.79 -52.13
CA GLU L 105 23.34 -116.86 -51.14
C GLU L 105 22.28 -117.93 -51.36
N GLY M 105 41.13 -30.48 -18.57
CA GLY M 105 40.76 -31.17 -17.36
C GLY M 105 40.14 -30.24 -16.33
N ILE M 106 38.82 -30.21 -16.29
CA ILE M 106 38.11 -29.40 -15.30
C ILE M 106 38.37 -29.92 -13.89
N THR M 107 38.73 -29.02 -12.98
CA THR M 107 38.79 -29.37 -11.57
C THR M 107 37.36 -29.50 -11.06
N SER M 108 37.16 -30.30 -10.02
CA SER M 108 35.82 -30.41 -9.45
C SER M 108 35.42 -29.04 -8.92
N TYR M 109 36.38 -28.34 -8.33
CA TYR M 109 36.14 -27.04 -7.74
C TYR M 109 35.70 -26.03 -8.79
N VAL M 110 36.34 -26.06 -9.95
CA VAL M 110 36.00 -25.11 -11.00
C VAL M 110 34.51 -25.16 -11.28
N ARG M 111 33.97 -26.36 -11.38
CA ARG M 111 32.54 -26.53 -11.65
C ARG M 111 31.70 -25.94 -10.53
N THR M 112 32.18 -26.05 -9.30
CA THR M 112 31.47 -25.51 -8.14
C THR M 112 31.40 -24.00 -8.20
N VAL M 113 32.49 -23.34 -8.56
CA VAL M 113 32.46 -21.89 -8.72
C VAL M 113 31.57 -21.49 -9.89
N LEU M 114 31.72 -22.24 -10.98
CA LEU M 114 31.00 -21.97 -12.20
C LEU M 114 29.50 -22.13 -12.02
N CYS M 115 29.09 -23.12 -11.22
CA CYS M 115 27.67 -23.33 -11.00
C CYS M 115 27.08 -22.12 -10.32
N GLU M 116 27.81 -21.59 -9.34
CA GLU M 116 27.36 -20.41 -8.61
C GLU M 116 27.26 -19.24 -9.55
N GLY M 117 28.24 -19.14 -10.45
CA GLY M 117 28.25 -18.08 -11.43
C GLY M 117 27.06 -18.14 -12.36
N GLY M 118 26.68 -19.35 -12.75
CA GLY M 118 25.56 -19.52 -13.65
C GLY M 118 25.84 -19.56 -15.15
N VAL M 119 27.11 -19.50 -15.54
CA VAL M 119 27.46 -19.72 -16.94
C VAL M 119 26.94 -21.05 -17.41
N PRO M 120 26.43 -21.10 -18.65
CA PRO M 120 25.99 -22.37 -19.20
C PRO M 120 27.15 -23.35 -19.33
N GLN M 121 26.88 -24.63 -19.16
CA GLN M 121 27.89 -25.66 -19.43
C GLN M 121 28.04 -25.82 -20.93
N ARG M 122 29.26 -26.04 -21.39
CA ARG M 122 29.53 -26.14 -22.83
C ARG M 122 28.73 -27.27 -23.47
N PRO M 123 28.31 -27.07 -24.72
CA PRO M 123 27.54 -28.10 -25.41
C PRO M 123 28.35 -29.37 -25.47
N VAL M 124 27.69 -30.53 -25.37
CA VAL M 124 28.38 -31.80 -25.33
C VAL M 124 29.17 -32.01 -26.62
N VAL M 125 28.66 -31.48 -27.72
CA VAL M 125 29.37 -31.62 -29.00
C VAL M 125 30.20 -30.37 -29.32
N PHE M 126 31.35 -30.21 -28.68
CA PHE M 126 32.18 -29.03 -28.90
C PHE M 126 33.60 -29.36 -29.32
N VAL M 127 34.34 -28.37 -29.84
CA VAL M 127 35.71 -28.59 -30.25
C VAL M 127 36.58 -27.39 -29.93
N THR M 128 37.41 -27.53 -28.91
CA THR M 128 38.25 -26.44 -28.42
C THR M 128 38.84 -25.60 -29.54
N ARG M 129 39.10 -24.34 -29.27
CA ARG M 129 39.78 -23.50 -30.23
C ARG M 129 40.93 -22.99 -29.42
N LYS M 130 41.98 -23.79 -29.34
CA LYS M 130 42.97 -23.54 -28.32
C LYS M 130 43.56 -22.17 -28.50
N LYS M 131 43.91 -21.82 -29.74
CA LYS M 131 44.60 -20.56 -29.94
C LYS M 131 43.72 -19.40 -29.48
N LEU M 132 42.47 -19.42 -29.90
CA LEU M 132 41.58 -18.33 -29.55
C LEU M 132 41.33 -18.26 -28.06
N VAL M 133 41.11 -19.40 -27.44
CA VAL M 133 40.78 -19.39 -26.02
C VAL M 133 41.97 -18.85 -25.28
N ASN M 134 43.13 -19.28 -25.74
CA ASN M 134 44.38 -18.89 -25.11
C ASN M 134 44.55 -17.40 -25.22
N ALA M 135 44.20 -16.84 -26.38
CA ALA M 135 44.42 -15.43 -26.55
C ALA M 135 43.50 -14.66 -25.62
N ILE M 136 42.22 -15.04 -25.55
CA ILE M 136 41.32 -14.24 -24.72
C ILE M 136 41.82 -14.34 -23.30
N GLN M 137 42.16 -15.55 -22.88
CA GLN M 137 42.54 -15.81 -21.50
C GLN M 137 43.80 -15.05 -21.10
N GLN M 138 44.76 -14.98 -22.00
CA GLN M 138 46.01 -14.30 -21.70
C GLN M 138 45.73 -12.81 -21.63
N LYS M 139 44.95 -12.34 -22.60
CA LYS M 139 44.51 -10.96 -22.59
C LYS M 139 43.61 -10.75 -21.40
N LEU M 140 42.77 -11.73 -21.14
CA LEU M 140 41.79 -11.54 -20.08
C LEU M 140 42.56 -11.37 -18.80
N SER M 141 43.71 -12.02 -18.75
CA SER M 141 44.61 -11.95 -17.61
C SER M 141 45.14 -10.55 -17.41
N LYS M 142 45.17 -9.79 -18.48
CA LYS M 142 45.92 -8.54 -18.56
C LYS M 142 45.46 -7.48 -17.59
N LEU M 143 44.16 -7.34 -17.41
CA LEU M 143 43.66 -6.37 -16.46
C LEU M 143 43.71 -7.03 -15.10
N LYS M 144 44.92 -7.23 -14.61
CA LYS M 144 45.12 -7.94 -13.34
C LYS M 144 44.33 -7.26 -12.23
N GLY M 145 44.22 -5.94 -12.30
CA GLY M 145 43.50 -5.18 -11.32
C GLY M 145 42.99 -3.89 -11.94
N GLU M 146 42.19 -3.15 -11.18
CA GLU M 146 41.63 -1.91 -11.69
C GLU M 146 40.66 -2.20 -12.83
N PRO M 147 39.57 -1.45 -12.88
CA PRO M 147 38.52 -1.65 -13.89
C PRO M 147 39.08 -2.12 -15.24
N GLY M 148 38.20 -2.33 -16.20
CA GLY M 148 38.60 -2.78 -17.52
C GLY M 148 37.52 -3.55 -18.25
N TRP M 149 37.40 -3.32 -19.55
CA TRP M 149 36.40 -3.99 -20.37
C TRP M 149 37.03 -4.73 -21.53
N VAL M 150 36.47 -5.89 -21.86
CA VAL M 150 36.96 -6.70 -22.98
C VAL M 150 35.77 -6.89 -23.89
N THR M 151 35.91 -6.70 -25.20
CA THR M 151 34.79 -6.85 -26.16
C THR M 151 35.19 -8.03 -27.04
N ILE M 152 34.28 -8.94 -27.38
CA ILE M 152 34.62 -10.02 -28.32
C ILE M 152 33.59 -9.94 -29.44
N HIS M 153 33.95 -9.94 -30.73
CA HIS M 153 32.89 -9.89 -31.78
C HIS M 153 33.04 -10.61 -33.10
N GLY M 154 31.92 -10.94 -33.72
CA GLY M 154 31.93 -11.72 -34.94
C GLY M 154 30.59 -11.63 -35.63
N MET M 155 30.54 -12.05 -36.88
CA MET M 155 29.28 -12.11 -37.59
C MET M 155 28.52 -13.20 -36.89
N ALA M 156 27.21 -13.23 -37.04
CA ALA M 156 26.39 -14.07 -36.20
C ALA M 156 26.77 -15.54 -36.27
N GLY M 157 26.86 -16.12 -35.09
CA GLY M 157 27.18 -17.52 -34.89
C GLY M 157 28.61 -17.84 -35.22
N CYS M 158 29.53 -17.20 -34.50
CA CYS M 158 30.96 -17.40 -34.71
C CYS M 158 31.63 -18.12 -33.55
N GLY M 159 30.82 -18.64 -32.63
CA GLY M 159 31.35 -19.25 -31.43
C GLY M 159 31.65 -18.23 -30.36
N LYS M 160 31.04 -17.06 -30.47
CA LYS M 160 31.33 -15.97 -29.56
C LYS M 160 31.02 -16.25 -28.10
N SER M 161 29.85 -16.79 -27.78
CA SER M 161 29.55 -17.13 -26.38
C SER M 161 30.35 -18.30 -25.87
N VAL M 162 30.46 -19.33 -26.67
CA VAL M 162 31.04 -20.56 -26.21
C VAL M 162 32.47 -20.27 -25.81
N LEU M 163 33.15 -19.42 -26.57
CA LEU M 163 34.50 -19.07 -26.21
C LEU M 163 34.48 -18.39 -24.85
N ALA M 164 33.52 -17.51 -24.63
CA ALA M 164 33.49 -16.81 -23.36
C ALA M 164 33.31 -17.82 -22.25
N ALA M 165 32.41 -18.76 -22.45
CA ALA M 165 32.20 -19.80 -21.47
C ALA M 165 33.44 -20.65 -21.33
N GLU M 166 34.03 -21.01 -22.46
CA GLU M 166 35.23 -21.84 -22.51
C GLU M 166 36.47 -21.21 -21.88
N ALA M 167 36.69 -19.92 -22.14
CA ALA M 167 37.85 -19.24 -21.60
C ALA M 167 37.90 -19.34 -20.09
N VAL M 168 36.76 -19.13 -19.45
CA VAL M 168 36.70 -19.14 -18.01
C VAL M 168 36.63 -20.58 -17.51
N ARG M 169 36.41 -21.51 -18.43
CA ARG M 169 36.20 -22.91 -18.09
C ARG M 169 37.40 -23.51 -17.38
N ASP M 170 38.58 -23.03 -17.77
CA ASP M 170 39.88 -23.41 -17.20
C ASP M 170 40.15 -22.91 -15.77
N HIS M 171 40.81 -23.75 -14.98
CA HIS M 171 41.27 -23.42 -13.63
C HIS M 171 42.39 -22.37 -13.46
N SER M 172 43.41 -22.42 -14.31
CA SER M 172 44.63 -21.64 -14.03
C SER M 172 44.40 -20.14 -14.02
N LEU M 173 43.84 -19.63 -15.12
CA LEU M 173 43.61 -18.21 -15.23
C LEU M 173 42.60 -17.77 -14.19
N LEU M 174 41.53 -18.54 -14.05
CA LEU M 174 40.48 -18.18 -13.12
C LEU M 174 40.89 -18.25 -11.65
N GLU M 175 41.51 -19.35 -11.25
CA GLU M 175 41.75 -19.55 -9.83
C GLU M 175 42.77 -18.63 -9.18
N GLY M 176 43.94 -18.51 -9.81
CA GLY M 176 44.96 -17.63 -9.27
C GLY M 176 44.57 -16.17 -9.40
N CYS M 177 44.11 -15.85 -10.60
CA CYS M 177 43.70 -14.50 -10.96
C CYS M 177 42.45 -13.97 -10.25
N PHE M 178 41.46 -14.83 -10.10
CA PHE M 178 40.11 -14.35 -9.81
C PHE M 178 39.52 -14.88 -8.51
N PRO M 179 40.01 -14.42 -7.37
CA PRO M 179 39.46 -14.83 -6.08
C PRO M 179 37.95 -14.59 -6.02
N GLY M 180 37.49 -13.54 -6.70
CA GLY M 180 36.08 -13.30 -6.80
C GLY M 180 35.45 -14.30 -7.76
N GLY M 181 34.17 -14.59 -7.56
CA GLY M 181 33.51 -15.61 -8.34
C GLY M 181 33.24 -14.95 -9.66
N VAL M 182 32.73 -15.68 -10.65
CA VAL M 182 32.36 -15.14 -11.96
C VAL M 182 30.85 -15.03 -12.04
N HIS M 183 30.31 -13.92 -12.51
CA HIS M 183 28.85 -13.80 -12.65
C HIS M 183 28.55 -13.58 -14.11
N TRP M 184 27.55 -14.25 -14.65
CA TRP M 184 27.25 -14.17 -16.08
C TRP M 184 25.93 -13.46 -16.14
N VAL M 185 25.75 -12.50 -17.03
CA VAL M 185 24.43 -11.93 -17.20
C VAL M 185 24.01 -12.02 -18.65
N SER M 186 22.80 -12.51 -18.91
CA SER M 186 22.33 -12.57 -20.28
C SER M 186 21.54 -11.33 -20.70
N VAL M 187 22.21 -10.30 -21.15
CA VAL M 187 21.53 -9.04 -21.45
C VAL M 187 20.49 -9.04 -22.57
N GLY M 188 20.77 -9.73 -23.67
CA GLY M 188 19.84 -9.74 -24.79
C GLY M 188 19.68 -8.36 -25.39
N LYS M 189 18.48 -8.07 -25.90
CA LYS M 189 18.16 -6.77 -26.49
C LYS M 189 17.05 -6.15 -25.66
N GLN M 190 17.16 -4.89 -25.25
CA GLN M 190 16.19 -4.40 -24.28
C GLN M 190 15.71 -2.96 -24.45
N ASP M 191 14.41 -2.76 -24.26
CA ASP M 191 13.78 -1.48 -24.08
C ASP M 191 14.16 -1.07 -22.66
N LYS M 192 13.98 0.20 -22.34
CA LYS M 192 14.50 0.74 -21.08
C LYS M 192 13.90 0.00 -19.90
N SER M 193 12.61 -0.33 -19.99
CA SER M 193 11.93 -1.00 -18.90
C SER M 193 12.48 -2.40 -18.69
N GLY M 194 12.71 -3.11 -19.78
CA GLY M 194 13.19 -4.48 -19.71
C GLY M 194 14.54 -4.54 -19.04
N LEU M 195 15.39 -3.57 -19.38
CA LEU M 195 16.74 -3.53 -18.87
C LEU M 195 16.67 -3.41 -17.36
N LEU M 196 15.67 -2.68 -16.89
CA LEU M 196 15.61 -2.39 -15.48
C LEU M 196 15.54 -3.68 -14.67
N MET M 197 14.73 -4.62 -15.14
CA MET M 197 14.51 -5.85 -14.39
C MET M 197 15.78 -6.67 -14.23
N LYS M 198 16.59 -6.72 -15.28
CA LYS M 198 17.79 -7.54 -15.26
C LYS M 198 18.64 -7.04 -14.12
N LEU M 199 18.66 -5.74 -13.93
CA LEU M 199 19.48 -5.16 -12.89
C LEU M 199 19.03 -5.62 -11.52
N GLN M 200 17.73 -5.57 -11.27
CA GLN M 200 17.22 -5.99 -9.99
C GLN M 200 17.56 -7.46 -9.80
N ASN M 201 17.41 -8.24 -10.88
CA ASN M 201 17.68 -9.67 -10.78
C ASN M 201 19.13 -9.93 -10.44
N LEU M 202 20.03 -9.14 -11.02
CA LEU M 202 21.44 -9.26 -10.66
C LEU M 202 21.68 -8.84 -9.23
N CYS M 203 20.86 -7.90 -8.76
CA CYS M 203 20.92 -7.46 -7.38
C CYS M 203 20.58 -8.62 -6.44
N THR M 204 19.47 -9.28 -6.73
CA THR M 204 19.03 -10.40 -5.93
C THR M 204 20.04 -11.53 -6.02
N ARG M 205 20.60 -11.76 -7.19
CA ARG M 205 21.56 -12.85 -7.35
C ARG M 205 22.82 -12.63 -6.51
N LEU M 206 23.39 -11.43 -6.62
CA LEU M 206 24.64 -11.12 -5.95
C LEU M 206 24.55 -11.09 -4.43
N ASP M 207 23.46 -10.53 -3.92
CA ASP M 207 23.23 -10.47 -2.49
C ASP M 207 22.53 -11.72 -1.99
N GLN M 208 23.28 -12.81 -1.87
CA GLN M 208 22.71 -14.05 -1.37
C GLN M 208 22.38 -13.96 0.13
N ASP M 209 23.18 -13.21 0.86
CA ASP M 209 23.00 -13.04 2.30
C ASP M 209 21.70 -12.32 2.61
N GLU M 210 21.39 -11.32 1.80
CA GLU M 210 20.17 -10.52 1.99
C GLU M 210 20.37 -9.41 3.03
N SER M 211 21.61 -9.23 3.48
CA SER M 211 21.92 -8.21 4.47
C SER M 211 21.47 -6.85 3.95
N PHE M 212 21.69 -6.62 2.66
CA PHE M 212 21.26 -5.39 2.02
C PHE M 212 19.74 -5.38 1.93
N SER M 213 19.17 -4.18 1.83
CA SER M 213 17.73 -4.00 1.88
C SER M 213 16.99 -4.94 0.94
N GLN M 214 15.95 -5.59 1.48
CA GLN M 214 15.12 -6.47 0.65
C GLN M 214 14.44 -5.67 -0.44
N ARG M 215 14.14 -4.41 -0.14
CA ARG M 215 13.53 -3.53 -1.13
C ARG M 215 14.48 -3.38 -2.31
N LEU M 216 13.91 -3.31 -3.51
CA LEU M 216 14.72 -3.21 -4.71
C LEU M 216 14.60 -1.80 -5.26
N PRO M 217 15.69 -1.29 -5.85
CA PRO M 217 15.65 0.06 -6.44
C PRO M 217 14.67 0.18 -7.59
N LEU M 218 14.01 1.32 -7.70
CA LEU M 218 13.14 1.59 -8.83
C LEU M 218 13.89 2.41 -9.88
N ASN M 219 15.12 2.78 -9.53
CA ASN M 219 15.98 3.62 -10.38
C ASN M 219 17.27 2.91 -10.79
N ILE M 220 17.60 3.02 -12.07
CA ILE M 220 18.72 2.29 -12.64
C ILE M 220 20.02 2.59 -11.90
N GLU M 221 20.25 3.87 -11.66
CA GLU M 221 21.48 4.31 -11.01
C GLU M 221 21.65 3.68 -9.63
N GLU M 222 20.55 3.60 -8.89
CA GLU M 222 20.58 3.03 -7.56
C GLU M 222 21.05 1.59 -7.64
N ALA M 223 20.61 0.91 -8.69
CA ALA M 223 21.03 -0.46 -8.95
C ALA M 223 22.51 -0.47 -9.27
N LYS M 224 22.95 0.58 -9.96
CA LYS M 224 24.35 0.73 -10.31
C LYS M 224 25.17 0.84 -9.03
N ASP M 225 24.60 1.53 -8.05
CA ASP M 225 25.25 1.70 -6.76
C ASP M 225 25.34 0.37 -6.03
N ARG M 226 24.23 -0.36 -6.01
CA ARG M 226 24.20 -1.68 -5.37
C ARG M 226 25.20 -2.63 -6.04
N LEU M 227 25.41 -2.47 -7.33
CA LEU M 227 26.34 -3.34 -8.03
C LEU M 227 27.77 -2.99 -7.69
N ARG M 228 28.07 -1.70 -7.76
CA ARG M 228 29.41 -1.20 -7.52
C ARG M 228 29.84 -1.54 -6.12
N ILE M 229 28.95 -1.27 -5.17
CA ILE M 229 29.20 -1.48 -3.76
C ILE M 229 29.37 -2.96 -3.46
N LEU M 230 28.50 -3.77 -4.05
CA LEU M 230 28.55 -5.22 -3.93
C LEU M 230 29.81 -5.81 -4.55
N MET M 231 30.19 -5.29 -5.71
CA MET M 231 31.42 -5.70 -6.37
C MET M 231 32.62 -5.25 -5.54
N LEU M 232 32.52 -4.05 -4.98
CA LEU M 232 33.61 -3.48 -4.21
C LEU M 232 33.90 -4.21 -2.90
N ARG M 233 32.86 -4.58 -2.17
CA ARG M 233 33.04 -5.21 -0.87
C ARG M 233 32.66 -6.69 -0.86
N LYS M 234 31.44 -6.98 -1.29
CA LYS M 234 30.91 -8.33 -1.25
C LYS M 234 31.68 -9.29 -2.13
N HIS M 235 32.05 -8.87 -3.33
CA HIS M 235 32.79 -9.77 -4.20
C HIS M 235 34.01 -9.10 -4.79
N PRO M 236 35.10 -8.98 -4.03
CA PRO M 236 36.17 -8.06 -4.42
C PRO M 236 36.80 -8.32 -5.78
N ARG M 237 37.06 -9.57 -6.14
CA ARG M 237 37.78 -9.86 -7.38
C ARG M 237 36.92 -10.33 -8.56
N SER M 238 35.61 -10.14 -8.45
CA SER M 238 34.65 -10.71 -9.39
C SER M 238 34.80 -10.19 -10.82
N LEU M 239 34.51 -11.07 -11.77
CA LEU M 239 34.43 -10.74 -13.20
C LEU M 239 32.99 -10.98 -13.63
N LEU M 240 32.43 -10.05 -14.40
CA LEU M 240 31.07 -10.11 -14.93
C LEU M 240 31.19 -10.35 -16.43
N ILE M 241 30.41 -11.26 -17.02
CA ILE M 241 30.42 -11.51 -18.47
C ILE M 241 29.06 -11.12 -19.02
N LEU M 242 28.98 -10.51 -20.18
CA LEU M 242 27.67 -10.20 -20.71
C LEU M 242 27.44 -10.93 -22.01
N ASP M 243 26.17 -11.13 -22.36
CA ASP M 243 25.81 -11.84 -23.57
C ASP M 243 25.08 -10.87 -24.51
N ASP M 244 25.51 -10.84 -25.76
CA ASP M 244 24.96 -9.84 -26.68
C ASP M 244 25.24 -8.43 -26.19
N VAL M 245 24.18 -7.63 -26.10
CA VAL M 245 24.26 -6.19 -25.85
C VAL M 245 24.12 -5.50 -27.18
N TRP M 246 23.10 -4.66 -27.32
CA TRP M 246 22.88 -3.99 -28.58
C TRP M 246 22.85 -2.46 -28.55
N ASP M 247 23.01 -1.85 -27.39
CA ASP M 247 23.04 -0.39 -27.38
C ASP M 247 23.85 0.14 -26.21
N SER M 248 24.45 1.31 -26.39
CA SER M 248 25.37 1.83 -25.40
C SER M 248 24.78 2.11 -24.02
N TRP M 249 23.61 2.75 -23.93
CA TRP M 249 23.13 3.08 -22.60
C TRP M 249 23.17 1.86 -21.69
N VAL M 250 23.05 0.69 -22.30
CA VAL M 250 23.04 -0.55 -21.56
C VAL M 250 24.33 -0.71 -20.76
N LEU M 251 25.47 -0.64 -21.44
CA LEU M 251 26.75 -0.67 -20.75
C LEU M 251 26.93 0.57 -19.90
N LYS M 252 26.24 1.64 -20.23
CA LYS M 252 26.31 2.82 -19.39
C LYS M 252 25.78 2.37 -18.04
N ALA M 253 24.70 1.59 -18.06
CA ALA M 253 24.07 1.10 -16.84
C ALA M 253 24.99 0.20 -16.03
N PHE M 254 25.73 -0.66 -16.71
CA PHE M 254 26.57 -1.66 -16.06
C PHE M 254 27.92 -1.12 -15.75
N ASP M 255 28.14 0.17 -16.02
CA ASP M 255 29.46 0.73 -15.97
C ASP M 255 29.80 1.02 -14.52
N SER M 256 30.14 -0.06 -13.82
CA SER M 256 30.30 -0.04 -12.38
C SER M 256 31.71 0.30 -11.94
N GLN M 257 32.62 0.45 -12.90
CA GLN M 257 34.02 0.72 -12.58
C GLN M 257 34.70 -0.57 -12.16
N CYS M 258 33.98 -1.67 -12.31
CA CYS M 258 34.48 -2.99 -11.94
C CYS M 258 34.47 -3.80 -13.21
N GLN M 259 35.45 -4.66 -13.40
CA GLN M 259 35.61 -5.28 -14.71
C GLN M 259 34.35 -6.02 -15.09
N ILE M 260 33.92 -5.79 -16.32
CA ILE M 260 32.79 -6.44 -16.91
C ILE M 260 33.30 -6.66 -18.31
N LEU M 261 33.11 -7.84 -18.87
CA LEU M 261 33.46 -8.08 -20.27
C LEU M 261 32.22 -8.38 -21.04
N LEU M 262 31.99 -7.71 -22.17
CA LEU M 262 30.77 -7.85 -22.95
C LEU M 262 31.11 -8.58 -24.22
N THR M 263 30.32 -9.55 -24.63
CA THR M 263 30.61 -10.27 -25.86
C THR M 263 29.47 -10.08 -26.85
N THR M 264 29.75 -9.75 -28.11
CA THR M 264 28.68 -9.27 -28.96
C THR M 264 28.76 -9.40 -30.45
N ARG M 265 27.90 -8.64 -31.10
CA ARG M 265 28.07 -8.38 -32.55
C ARG M 265 28.60 -7.00 -33.02
N ASP M 266 28.07 -5.93 -32.42
CA ASP M 266 28.59 -4.60 -32.68
C ASP M 266 29.79 -4.36 -31.80
N LYS M 267 30.79 -3.69 -32.34
CA LYS M 267 31.98 -3.33 -31.58
C LYS M 267 31.94 -1.85 -31.22
N SER M 268 30.94 -1.18 -31.78
CA SER M 268 30.63 0.20 -31.47
C SER M 268 30.11 0.34 -30.05
N VAL M 269 29.59 -0.74 -29.50
CA VAL M 269 28.82 -0.63 -28.27
C VAL M 269 29.65 -0.08 -27.14
N THR M 270 30.86 -0.55 -26.97
CA THR M 270 31.68 -0.06 -25.87
C THR M 270 32.44 1.18 -26.29
N ASP M 271 31.71 2.25 -26.61
CA ASP M 271 32.36 3.53 -26.86
C ASP M 271 32.01 4.55 -25.80
N SER M 272 30.83 4.41 -25.21
CA SER M 272 30.42 5.27 -24.12
C SER M 272 31.32 5.05 -22.91
N VAL M 273 31.72 3.81 -22.70
CA VAL M 273 32.47 3.43 -21.52
C VAL M 273 33.88 4.00 -21.48
N MET M 274 34.40 4.06 -20.25
CA MET M 274 35.68 4.63 -19.89
C MET M 274 36.56 3.60 -19.20
N GLY M 275 37.85 3.68 -19.43
CA GLY M 275 38.78 2.70 -18.90
C GLY M 275 39.38 1.90 -20.04
N PRO M 276 40.43 1.14 -19.78
CA PRO M 276 41.11 0.39 -20.85
C PRO M 276 40.18 -0.60 -21.56
N LYS M 277 40.15 -0.58 -22.89
CA LYS M 277 39.34 -1.53 -23.63
C LYS M 277 40.18 -2.34 -24.63
N TYR M 278 39.99 -3.66 -24.65
CA TYR M 278 40.67 -4.50 -25.61
C TYR M 278 39.65 -5.32 -26.35
N VAL M 279 39.88 -5.61 -27.62
CA VAL M 279 38.96 -6.44 -28.37
C VAL M 279 39.65 -7.63 -28.99
N VAL M 280 39.07 -8.81 -28.84
CA VAL M 280 39.55 -10.00 -29.52
C VAL M 280 38.51 -10.25 -30.58
N PRO M 281 38.91 -10.48 -31.82
CA PRO M 281 37.89 -10.44 -32.87
C PRO M 281 37.82 -11.82 -33.44
N VAL M 282 36.65 -12.44 -33.39
CA VAL M 282 36.52 -13.81 -33.85
C VAL M 282 35.95 -13.80 -35.25
N GLU M 283 36.80 -14.10 -36.23
CA GLU M 283 36.35 -14.32 -37.59
C GLU M 283 35.62 -15.65 -37.64
N SER M 284 34.58 -15.75 -38.46
CA SER M 284 33.85 -17.00 -38.54
C SER M 284 34.53 -17.82 -39.62
N SER M 285 35.31 -18.81 -39.20
CA SER M 285 36.02 -19.64 -40.14
C SER M 285 35.97 -21.12 -39.76
N LEU M 286 36.66 -21.44 -38.68
CA LEU M 286 36.79 -22.81 -38.21
C LEU M 286 37.84 -23.51 -39.04
N GLY M 287 38.06 -24.79 -38.76
CA GLY M 287 39.06 -25.55 -39.48
C GLY M 287 38.48 -26.81 -40.10
N LYS M 288 38.92 -27.11 -41.31
CA LYS M 288 38.38 -28.27 -42.01
C LYS M 288 38.67 -29.51 -41.20
N GLU M 289 39.84 -29.56 -40.59
CA GLU M 289 40.19 -30.69 -39.74
C GLU M 289 39.24 -30.78 -38.56
N LYS M 290 38.97 -29.63 -37.95
CA LYS M 290 38.09 -29.53 -36.78
C LYS M 290 36.62 -29.87 -37.06
N GLY M 291 36.09 -29.40 -38.18
CA GLY M 291 34.69 -29.63 -38.50
C GLY M 291 34.45 -31.10 -38.73
N LEU M 292 35.42 -31.74 -39.35
CA LEU M 292 35.36 -33.18 -39.51
C LEU M 292 35.34 -33.83 -38.14
N GLU M 293 36.07 -33.22 -37.21
CA GLU M 293 36.10 -33.65 -35.83
C GLU M 293 34.73 -33.50 -35.22
N ILE M 294 34.12 -32.34 -35.47
CA ILE M 294 32.78 -32.02 -35.03
C ILE M 294 31.71 -32.89 -35.68
N LEU M 295 31.86 -33.13 -36.98
CA LEU M 295 30.88 -33.93 -37.70
C LEU M 295 30.91 -35.35 -37.15
N SER M 296 32.11 -35.82 -36.85
CA SER M 296 32.23 -37.18 -36.35
C SER M 296 31.48 -37.31 -35.05
N LEU M 297 31.64 -36.32 -34.18
CA LEU M 297 30.97 -36.37 -32.89
C LEU M 297 29.47 -36.36 -33.07
N PHE M 298 29.02 -35.56 -34.04
CA PHE M 298 27.59 -35.42 -34.31
C PHE M 298 26.99 -36.76 -34.74
N VAL M 299 27.71 -37.50 -35.58
CA VAL M 299 27.24 -38.79 -36.05
C VAL M 299 27.96 -40.00 -35.44
N ASN M 300 28.87 -39.76 -34.51
CA ASN M 300 29.54 -40.81 -33.77
C ASN M 300 30.37 -41.88 -34.51
N MET M 301 31.14 -41.50 -35.53
CA MET M 301 31.98 -42.48 -36.24
C MET M 301 33.45 -42.08 -36.45
N LYS M 302 34.35 -43.06 -36.46
CA LYS M 302 35.75 -42.80 -36.71
C LYS M 302 35.74 -41.87 -37.93
N LYS M 303 36.64 -40.90 -37.95
CA LYS M 303 36.55 -39.84 -38.94
C LYS M 303 36.65 -40.42 -40.35
N ALA M 304 37.53 -41.38 -40.54
CA ALA M 304 37.67 -41.99 -41.86
C ALA M 304 36.39 -42.69 -42.28
N ASP M 305 35.77 -43.41 -41.35
CA ASP M 305 34.53 -44.11 -41.62
C ASP M 305 33.48 -43.19 -42.21
N LEU M 306 33.72 -41.88 -42.14
CA LEU M 306 32.75 -40.92 -42.63
C LEU M 306 32.66 -40.92 -44.15
N PRO M 307 31.45 -40.77 -44.65
CA PRO M 307 31.14 -40.94 -46.07
C PRO M 307 31.76 -39.86 -46.92
N GLU M 308 31.90 -40.16 -48.20
CA GLU M 308 32.55 -39.27 -49.14
C GLU M 308 31.78 -37.96 -49.22
N GLN M 309 30.47 -38.03 -48.99
CA GLN M 309 29.63 -36.86 -49.10
C GLN M 309 30.08 -35.78 -48.12
N ALA M 310 30.49 -36.23 -46.94
CA ALA M 310 30.71 -35.33 -45.82
C ALA M 310 31.69 -34.21 -46.10
N HIS M 311 32.75 -34.50 -46.85
CA HIS M 311 33.82 -33.53 -47.05
C HIS M 311 33.31 -32.26 -47.71
N SER M 312 32.37 -32.41 -48.62
CA SER M 312 31.95 -31.34 -49.51
C SER M 312 31.02 -30.36 -48.81
N ILE M 313 30.15 -30.88 -47.95
CA ILE M 313 29.19 -30.03 -47.28
C ILE M 313 29.90 -29.06 -46.36
N ILE M 314 31.04 -29.47 -45.82
CA ILE M 314 31.77 -28.59 -44.92
C ILE M 314 32.25 -27.37 -45.68
N LYS M 315 32.51 -27.55 -46.96
CA LYS M 315 32.97 -26.45 -47.79
C LYS M 315 31.92 -25.35 -47.83
N GLU M 316 30.66 -25.80 -47.91
CA GLU M 316 29.50 -24.93 -47.87
C GLU M 316 29.43 -24.24 -46.52
N CYS M 317 29.72 -25.01 -45.46
CA CYS M 317 29.58 -24.48 -44.12
C CYS M 317 30.39 -23.20 -43.95
N LYS M 318 31.60 -23.18 -44.48
CA LYS M 318 32.43 -21.99 -44.39
C LYS M 318 32.76 -21.70 -42.94
N GLY M 319 32.76 -22.73 -42.11
CA GLY M 319 33.16 -22.58 -40.73
C GLY M 319 32.18 -21.89 -39.78
N SER M 320 30.95 -21.69 -40.18
CA SER M 320 30.08 -21.09 -39.23
C SER M 320 29.65 -22.28 -38.44
N PRO M 321 30.27 -22.46 -37.28
CA PRO M 321 30.00 -23.64 -36.43
C PRO M 321 28.52 -23.80 -36.20
N LEU M 322 27.78 -22.71 -36.34
CA LEU M 322 26.34 -22.75 -36.18
C LEU M 322 25.78 -23.60 -37.31
N VAL M 323 26.30 -23.44 -38.52
CA VAL M 323 25.87 -24.28 -39.64
C VAL M 323 26.21 -25.76 -39.46
N VAL M 324 27.40 -26.05 -38.95
CA VAL M 324 27.87 -27.39 -38.70
C VAL M 324 27.05 -28.08 -37.63
N SER M 325 26.86 -27.42 -36.50
CA SER M 325 26.00 -27.99 -35.51
C SER M 325 24.61 -28.10 -36.11
N LEU M 326 24.21 -27.08 -36.86
CA LEU M 326 22.88 -27.11 -37.45
C LEU M 326 22.69 -28.26 -38.43
N ILE M 327 23.65 -28.47 -39.32
CA ILE M 327 23.62 -29.66 -40.15
C ILE M 327 23.82 -30.90 -39.28
N GLY M 328 24.73 -30.84 -38.33
CA GLY M 328 25.09 -32.04 -37.62
C GLY M 328 23.94 -32.65 -36.83
N ALA M 329 23.24 -31.82 -36.07
CA ALA M 329 22.10 -32.28 -35.32
C ALA M 329 21.06 -32.75 -36.30
N LEU M 330 20.94 -32.03 -37.40
CA LEU M 330 19.90 -32.32 -38.36
C LEU M 330 20.10 -33.73 -38.85
N LEU M 331 21.35 -34.12 -39.01
CA LEU M 331 21.68 -35.48 -39.39
C LEU M 331 21.43 -36.50 -38.28
N ARG M 332 21.33 -36.10 -37.04
CA ARG M 332 21.26 -37.15 -36.03
C ARG M 332 20.00 -37.95 -36.26
N ASP M 333 18.93 -37.25 -36.58
CA ASP M 333 17.65 -37.87 -36.88
C ASP M 333 17.61 -38.73 -38.15
N PHE M 334 18.26 -38.27 -39.21
CA PHE M 334 18.12 -38.95 -40.50
C PHE M 334 19.46 -39.25 -41.13
N PRO M 335 20.16 -40.26 -40.62
CA PRO M 335 21.49 -40.63 -41.14
C PRO M 335 21.45 -41.00 -42.63
N ASN M 336 20.32 -41.49 -43.10
CA ASN M 336 20.17 -41.92 -44.48
C ASN M 336 20.14 -40.77 -45.49
N ARG M 337 19.51 -39.66 -45.14
CA ARG M 337 19.38 -38.56 -46.09
C ARG M 337 20.63 -37.69 -46.09
N TRP M 338 21.79 -38.32 -46.24
CA TRP M 338 23.05 -37.58 -46.24
C TRP M 338 23.32 -36.65 -47.42
N GLU M 339 23.13 -37.11 -48.65
CA GLU M 339 23.40 -36.26 -49.83
C GLU M 339 22.48 -35.04 -49.91
N TYR M 340 21.22 -35.28 -49.57
CA TYR M 340 20.11 -34.35 -49.66
C TYR M 340 20.51 -32.97 -49.19
N TYR M 341 21.04 -32.90 -47.98
CA TYR M 341 21.44 -31.62 -47.42
C TYR M 341 22.65 -31.07 -48.14
N LEU M 342 23.44 -31.96 -48.72
CA LEU M 342 24.58 -31.53 -49.49
C LEU M 342 24.11 -30.71 -50.67
N LYS M 343 23.18 -31.27 -51.43
CA LYS M 343 22.60 -30.57 -52.57
C LYS M 343 21.78 -29.38 -52.10
N GLN M 344 21.29 -29.46 -50.87
CA GLN M 344 20.48 -28.40 -50.31
C GLN M 344 21.31 -27.15 -50.10
N LEU M 345 22.49 -27.32 -49.52
CA LEU M 345 23.41 -26.21 -49.37
C LEU M 345 24.01 -25.83 -50.73
N GLN M 346 24.04 -26.77 -51.65
CA GLN M 346 24.40 -26.44 -53.03
C GLN M 346 23.34 -25.52 -53.63
N ASN M 347 22.11 -25.68 -53.15
CA ASN M 347 20.98 -24.82 -53.51
C ASN M 347 21.22 -23.39 -53.06
N LYS M 348 21.83 -23.25 -51.89
CA LYS M 348 22.11 -21.93 -51.31
C LYS M 348 20.97 -21.34 -50.47
N GLN M 349 19.89 -22.09 -50.28
CA GLN M 349 18.82 -21.63 -49.39
C GLN M 349 18.85 -22.30 -48.02
N PHE M 350 18.75 -21.47 -46.98
CA PHE M 350 18.94 -21.96 -45.62
C PHE M 350 17.62 -22.15 -44.89
N LYS M 351 16.53 -21.95 -45.62
CA LYS M 351 15.20 -22.14 -45.07
C LYS M 351 14.94 -23.63 -44.79
N ARG M 352 15.65 -24.47 -45.54
CA ARG M 352 15.51 -25.92 -45.40
C ARG M 352 16.12 -26.45 -44.11
N ILE M 353 17.24 -25.85 -43.68
CA ILE M 353 17.91 -26.34 -42.49
C ILE M 353 17.32 -25.74 -41.22
N ARG M 354 16.79 -26.57 -40.33
CA ARG M 354 16.31 -26.06 -39.06
C ARG M 354 16.47 -27.09 -37.96
N LYS M 355 16.86 -26.63 -36.78
CA LYS M 355 16.89 -27.49 -35.62
C LYS M 355 16.57 -26.67 -34.39
N SER M 356 15.81 -27.23 -33.47
CA SER M 356 15.70 -26.63 -32.16
C SER M 356 17.06 -26.87 -31.55
N SER M 357 17.59 -25.89 -30.84
CA SER M 357 18.94 -26.02 -30.30
C SER M 357 19.12 -25.15 -29.09
N SER M 358 20.22 -25.32 -28.38
CA SER M 358 20.48 -24.49 -27.23
C SER M 358 20.54 -23.08 -27.74
N TYR M 359 21.16 -22.92 -28.90
CA TYR M 359 21.24 -21.63 -29.56
C TYR M 359 19.84 -21.10 -29.85
N ASP M 360 19.71 -19.78 -29.89
CA ASP M 360 18.43 -19.08 -29.82
C ASP M 360 17.72 -18.83 -31.14
N TYR M 361 17.93 -19.68 -32.13
CA TYR M 361 17.33 -19.43 -33.43
C TYR M 361 17.15 -20.70 -34.23
N GLU M 362 16.05 -20.79 -34.97
CA GLU M 362 15.76 -22.03 -35.69
C GLU M 362 16.89 -22.34 -36.69
N ALA M 363 17.40 -21.29 -37.30
CA ALA M 363 18.34 -21.37 -38.41
C ALA M 363 19.24 -20.14 -38.68
N LEU M 364 20.27 -20.40 -39.47
CA LEU M 364 21.30 -19.42 -39.79
C LEU M 364 20.70 -18.23 -40.48
N ASP M 365 19.71 -18.45 -41.32
CA ASP M 365 19.02 -17.33 -41.93
C ASP M 365 18.40 -16.55 -40.79
N GLU M 366 17.98 -17.28 -39.76
CA GLU M 366 17.28 -16.69 -38.64
C GLU M 366 18.16 -15.67 -37.93
N ALA M 367 19.45 -15.99 -37.80
CA ALA M 367 20.37 -15.06 -37.11
C ALA M 367 20.62 -13.69 -37.80
N MET M 368 20.79 -13.77 -39.12
CA MET M 368 21.09 -12.61 -39.94
C MET M 368 19.96 -11.61 -39.90
N SER M 369 18.72 -12.11 -39.94
CA SER M 369 17.58 -11.21 -39.94
C SER M 369 17.61 -10.31 -38.71
N ILE M 370 18.00 -10.87 -37.58
CA ILE M 370 18.10 -10.15 -36.32
C ILE M 370 19.12 -9.02 -36.41
N SER M 371 20.25 -9.28 -37.04
CA SER M 371 21.26 -8.24 -37.23
C SER M 371 20.81 -7.08 -38.11
N VAL M 372 20.11 -7.36 -39.20
CA VAL M 372 19.76 -6.31 -40.16
C VAL M 372 18.88 -5.20 -39.59
N GLU M 373 17.96 -5.56 -38.71
CA GLU M 373 16.91 -4.65 -38.30
C GLU M 373 17.40 -3.36 -37.64
N MET M 374 18.44 -3.47 -36.82
CA MET M 374 18.86 -2.38 -35.96
C MET M 374 19.21 -1.07 -36.67
N LEU M 375 19.75 -1.18 -37.87
CA LEU M 375 20.30 -0.03 -38.54
C LEU M 375 19.24 1.04 -38.70
N ARG M 376 19.68 2.28 -38.52
CA ARG M 376 18.81 3.46 -38.62
C ARG M 376 18.31 3.56 -40.05
N GLU M 377 17.08 4.01 -40.20
CA GLU M 377 16.37 3.86 -41.46
C GLU M 377 17.19 4.39 -42.61
N ASP M 378 17.88 5.52 -42.39
CA ASP M 378 18.65 6.09 -43.47
C ASP M 378 19.74 5.12 -43.94
N ILE M 379 20.42 4.49 -43.00
CA ILE M 379 21.43 3.49 -43.34
C ILE M 379 20.84 2.27 -44.01
N LYS M 380 19.64 1.89 -43.59
CA LYS M 380 19.10 0.56 -43.89
C LYS M 380 18.96 0.31 -45.39
N ASP M 381 18.53 1.34 -46.12
CA ASP M 381 18.36 1.23 -47.55
C ASP M 381 19.69 0.93 -48.22
N TYR M 382 20.75 1.55 -47.72
CA TYR M 382 22.06 1.44 -48.34
C TYR M 382 22.55 0.01 -48.33
N TYR M 383 22.37 -0.70 -47.22
CA TYR M 383 22.90 -2.05 -47.18
C TYR M 383 22.46 -2.86 -48.40
N THR M 384 21.21 -2.70 -48.82
CA THR M 384 20.68 -3.52 -49.90
C THR M 384 21.47 -3.33 -51.17
N ASP M 385 21.90 -2.09 -51.41
CA ASP M 385 22.69 -1.81 -52.59
C ASP M 385 23.92 -2.68 -52.42
N LEU M 386 24.37 -2.81 -51.18
CA LEU M 386 25.58 -3.55 -50.88
C LEU M 386 25.41 -5.01 -51.26
N SER M 387 24.17 -5.39 -51.52
CA SER M 387 23.77 -6.75 -51.83
C SER M 387 24.40 -7.26 -53.12
N ILE M 388 24.50 -6.36 -54.09
CA ILE M 388 24.94 -6.74 -55.43
C ILE M 388 26.33 -7.33 -55.42
N LEU M 389 27.20 -6.87 -54.53
CA LEU M 389 28.63 -7.22 -54.58
C LEU M 389 28.94 -8.73 -54.49
N GLN M 390 29.93 -9.14 -55.28
CA GLN M 390 30.30 -10.54 -55.48
C GLN M 390 30.54 -11.18 -54.13
N LYS M 391 30.52 -12.51 -54.09
CA LYS M 391 30.81 -13.23 -52.85
C LYS M 391 32.22 -12.90 -52.43
N ASP M 392 33.14 -12.91 -53.39
CA ASP M 392 34.56 -12.77 -53.08
C ASP M 392 35.29 -11.72 -53.91
N VAL M 393 34.89 -10.48 -53.74
CA VAL M 393 35.57 -9.37 -54.38
C VAL M 393 35.85 -8.33 -53.32
N LYS M 394 37.10 -7.89 -53.23
CA LYS M 394 37.39 -6.76 -52.38
C LYS M 394 37.30 -5.57 -53.32
N VAL M 395 36.18 -4.86 -53.26
CA VAL M 395 36.00 -3.73 -54.15
C VAL M 395 36.65 -2.48 -53.59
N PRO M 396 37.33 -1.74 -54.46
CA PRO M 396 37.89 -0.44 -54.11
C PRO M 396 36.74 0.49 -53.74
N THR M 397 36.92 1.26 -52.68
CA THR M 397 35.88 2.11 -52.15
C THR M 397 35.11 2.92 -53.18
N LYS M 398 35.83 3.41 -54.19
CA LYS M 398 35.28 4.32 -55.18
C LYS M 398 33.97 3.84 -55.80
N VAL M 399 33.94 2.58 -56.21
CA VAL M 399 32.79 2.05 -56.92
C VAL M 399 31.55 2.18 -56.04
N LEU M 400 31.75 2.05 -54.74
CA LEU M 400 30.67 2.25 -53.79
C LEU M 400 30.29 3.73 -53.79
N CYS M 401 31.28 4.59 -54.01
CA CYS M 401 31.01 6.01 -54.08
C CYS M 401 30.13 6.31 -55.28
N ILE M 402 30.46 5.65 -56.40
CA ILE M 402 29.74 5.85 -57.64
C ILE M 402 28.29 5.42 -57.56
N LEU M 403 28.05 4.24 -57.01
CA LEU M 403 26.69 3.75 -56.92
C LEU M 403 25.88 4.64 -56.00
N TRP M 404 26.47 4.99 -54.87
CA TRP M 404 25.85 5.89 -53.93
C TRP M 404 25.70 7.31 -54.48
N ASP M 405 26.70 7.75 -55.22
CA ASP M 405 26.73 9.11 -55.75
C ASP M 405 27.01 10.07 -54.59
N MET M 406 27.60 9.54 -53.53
CA MET M 406 27.88 10.34 -52.33
C MET M 406 29.37 10.47 -52.06
N GLU M 407 29.81 11.66 -51.65
CA GLU M 407 31.24 11.98 -51.61
C GLU M 407 32.04 11.07 -50.70
N THR M 408 33.30 10.83 -51.09
CA THR M 408 34.12 9.77 -50.51
C THR M 408 34.43 9.84 -49.01
N GLU M 409 34.69 11.04 -48.49
CA GLU M 409 35.02 11.18 -47.09
C GLU M 409 33.84 10.67 -46.27
N GLU M 410 32.65 10.99 -46.76
CA GLU M 410 31.40 10.53 -46.14
C GLU M 410 31.14 9.04 -46.30
N VAL M 411 31.40 8.52 -47.49
CA VAL M 411 31.03 7.14 -47.80
C VAL M 411 31.74 6.13 -46.94
N GLU M 412 33.00 6.41 -46.62
CA GLU M 412 33.79 5.47 -45.84
C GLU M 412 33.18 5.26 -44.46
N ASP M 413 32.65 6.33 -43.88
CA ASP M 413 32.27 6.31 -42.48
C ASP M 413 31.06 5.44 -42.26
N ILE M 414 30.11 5.48 -43.19
CA ILE M 414 28.94 4.63 -43.06
C ILE M 414 29.39 3.18 -43.11
N LEU M 415 30.37 2.92 -43.98
CA LEU M 415 30.90 1.58 -44.08
C LEU M 415 31.64 1.19 -42.81
N GLN M 416 32.26 2.17 -42.18
CA GLN M 416 32.92 1.92 -40.92
C GLN M 416 31.91 1.49 -39.89
N GLU M 417 30.74 2.12 -39.92
CA GLU M 417 29.66 1.77 -39.03
C GLU M 417 29.19 0.35 -39.30
N PHE M 418 29.16 -0.04 -40.56
CA PHE M 418 28.81 -1.41 -40.89
C PHE M 418 29.85 -2.34 -40.30
N VAL M 419 31.12 -2.03 -40.49
CA VAL M 419 32.13 -2.99 -40.13
C VAL M 419 31.93 -3.26 -38.66
N ASN M 420 31.62 -2.21 -37.91
CA ASN M 420 31.33 -2.40 -36.51
C ASN M 420 30.11 -3.29 -36.32
N LYS M 421 29.08 -3.05 -37.11
CA LYS M 421 27.93 -3.95 -37.06
C LYS M 421 28.33 -5.37 -37.46
N SER M 422 29.60 -5.54 -37.81
CA SER M 422 30.13 -6.83 -38.20
C SER M 422 29.33 -7.40 -39.37
N LEU M 423 28.91 -6.53 -40.27
CA LEU M 423 28.15 -6.97 -41.43
C LEU M 423 28.93 -6.76 -42.71
N LEU M 424 30.20 -6.43 -42.58
CA LEU M 424 31.05 -6.14 -43.72
C LEU M 424 32.50 -5.99 -43.28
N PHE M 425 33.31 -6.99 -43.60
CA PHE M 425 34.69 -7.03 -43.13
C PHE M 425 35.60 -5.98 -43.74
N CYS M 426 36.45 -5.40 -42.90
CA CYS M 426 37.42 -4.40 -43.31
C CYS M 426 38.66 -4.99 -43.97
N ASP M 427 39.31 -4.18 -44.79
CA ASP M 427 40.58 -4.55 -45.39
C ASP M 427 41.54 -3.37 -45.43
N ARG M 428 42.38 -3.26 -44.41
CA ARG M 428 43.35 -2.18 -44.38
C ARG M 428 44.59 -2.53 -45.18
N ASN M 429 44.43 -2.58 -46.50
CA ASN M 429 45.56 -2.75 -47.38
C ASN M 429 45.94 -1.37 -47.84
N GLY M 430 47.02 -0.85 -47.28
CA GLY M 430 47.53 0.45 -47.69
C GLY M 430 46.45 1.48 -47.49
N LYS M 431 46.55 2.58 -48.24
CA LYS M 431 45.54 3.62 -48.18
C LYS M 431 44.22 3.01 -48.64
N SER M 432 44.29 2.16 -49.65
CA SER M 432 43.11 1.54 -50.23
C SER M 432 42.41 0.64 -49.21
N PHE M 433 41.09 0.62 -49.32
CA PHE M 433 40.25 -0.25 -48.51
C PHE M 433 39.38 -1.10 -49.43
N ARG M 434 39.40 -2.40 -49.18
CA ARG M 434 38.49 -3.29 -49.85
C ARG M 434 37.63 -3.92 -48.78
N TYR M 435 36.32 -3.68 -48.88
CA TYR M 435 35.38 -4.37 -48.02
C TYR M 435 34.77 -5.58 -48.72
N TYR M 436 34.49 -6.62 -47.94
CA TYR M 436 33.95 -7.85 -48.49
C TYR M 436 33.22 -8.65 -47.43
N LEU M 437 32.53 -9.70 -47.87
CA LEU M 437 31.61 -10.44 -47.02
C LEU M 437 31.99 -11.90 -46.89
N HIS M 438 31.36 -12.57 -45.95
CA HIS M 438 31.41 -14.00 -45.85
C HIS M 438 30.44 -14.59 -46.86
N ASP M 439 30.72 -15.82 -47.29
CA ASP M 439 29.85 -16.50 -48.24
C ASP M 439 28.44 -16.62 -47.69
N LEU M 440 28.36 -16.76 -46.38
CA LEU M 440 27.06 -16.84 -45.70
C LEU M 440 26.34 -15.51 -45.73
N GLN M 441 27.09 -14.43 -45.53
CA GLN M 441 26.53 -13.09 -45.53
C GLN M 441 25.98 -12.75 -46.92
N VAL M 442 26.70 -13.17 -47.95
CA VAL M 442 26.28 -12.89 -49.32
C VAL M 442 25.02 -13.67 -49.65
N ASP M 443 25.02 -14.94 -49.25
CA ASP M 443 23.91 -15.83 -49.53
C ASP M 443 22.65 -15.30 -48.88
N PHE M 444 22.78 -14.78 -47.66
CA PHE M 444 21.62 -14.28 -46.96
C PHE M 444 21.04 -13.15 -47.81
N LEU M 445 21.90 -12.35 -48.39
CA LEU M 445 21.44 -11.16 -49.09
C LEU M 445 20.53 -11.52 -50.25
N THR M 446 20.98 -12.46 -51.07
CA THR M 446 20.18 -12.89 -52.20
C THR M 446 18.93 -13.54 -51.70
N GLU M 447 19.04 -14.22 -50.56
CA GLU M 447 17.88 -14.89 -49.96
C GLU M 447 16.83 -13.85 -49.58
N LYS M 448 17.29 -12.71 -49.07
CA LYS M 448 16.38 -11.66 -48.60
C LYS M 448 16.21 -10.43 -49.50
N ASN M 449 17.05 -10.29 -50.53
CA ASN M 449 16.98 -9.15 -51.43
C ASN M 449 16.87 -9.45 -52.92
N CYS M 450 16.54 -10.68 -53.27
CA CYS M 450 16.69 -11.14 -54.65
C CYS M 450 15.86 -10.36 -55.68
N SER M 451 14.62 -10.02 -55.36
CA SER M 451 13.76 -9.32 -56.30
C SER M 451 14.33 -7.95 -56.67
N GLN M 452 14.85 -7.25 -55.68
CA GLN M 452 15.47 -5.95 -55.91
C GLN M 452 16.71 -6.04 -56.80
N LEU M 453 17.48 -7.11 -56.61
CA LEU M 453 18.82 -7.18 -57.17
C LEU M 453 18.85 -7.05 -58.69
N GLN M 454 17.90 -7.70 -59.36
CA GLN M 454 17.80 -7.60 -60.80
C GLN M 454 17.52 -6.15 -61.17
N ASP M 455 16.68 -5.51 -60.38
CA ASP M 455 16.31 -4.12 -60.60
C ASP M 455 17.46 -3.14 -60.39
N LEU M 456 18.22 -3.32 -59.31
CA LEU M 456 19.24 -2.35 -58.95
C LEU M 456 20.39 -2.22 -59.93
N HIS M 457 20.80 -3.36 -60.45
CA HIS M 457 22.04 -3.50 -61.20
C HIS M 457 21.96 -2.49 -62.32
N LYS M 458 20.74 -2.31 -62.82
CA LYS M 458 20.51 -1.33 -63.85
C LYS M 458 20.90 0.00 -63.22
N LYS M 459 20.62 0.13 -61.93
CA LYS M 459 20.89 1.37 -61.21
C LYS M 459 22.37 1.72 -61.17
N ILE M 460 23.23 0.73 -60.97
CA ILE M 460 24.66 0.96 -60.96
C ILE M 460 25.23 1.37 -62.31
N ILE M 461 24.77 0.71 -63.37
CA ILE M 461 25.31 0.97 -64.69
C ILE M 461 25.03 2.39 -65.14
N THR M 462 23.82 2.87 -64.88
CA THR M 462 23.44 4.19 -65.35
C THR M 462 24.28 5.26 -64.67
N GLN M 463 24.58 5.03 -63.40
CA GLN M 463 25.42 5.94 -62.62
C GLN M 463 26.82 5.97 -63.21
N PHE M 464 27.34 4.81 -63.62
CA PHE M 464 28.66 4.75 -64.21
C PHE M 464 28.64 5.48 -65.54
N GLN M 465 27.49 5.43 -66.21
CA GLN M 465 27.29 6.18 -67.44
C GLN M 465 27.28 7.67 -67.18
N ARG M 466 26.81 8.07 -66.00
CA ARG M 466 26.80 9.49 -65.66
C ARG M 466 28.22 9.95 -65.38
N TYR M 467 29.10 8.99 -65.15
CA TYR M 467 30.52 9.28 -65.06
C TYR M 467 31.25 8.67 -66.23
N HIS M 468 32.29 7.90 -65.94
CA HIS M 468 33.19 7.40 -66.97
C HIS M 468 32.49 6.50 -67.99
N GLN M 469 32.74 6.75 -69.26
CA GLN M 469 32.38 5.82 -70.31
C GLN M 469 33.45 4.75 -70.40
N PRO M 470 33.10 3.54 -70.90
CA PRO M 470 34.09 2.46 -70.93
C PRO M 470 35.34 2.81 -71.73
N HIS M 471 35.18 3.57 -72.80
CA HIS M 471 36.33 4.08 -73.53
C HIS M 471 37.01 5.19 -72.74
N THR M 472 36.22 5.86 -71.89
CA THR M 472 36.70 6.99 -71.12
C THR M 472 37.39 6.47 -69.85
N LEU M 473 37.36 5.15 -69.67
CA LEU M 473 38.08 4.50 -68.56
C LEU M 473 39.59 4.65 -68.72
N SER M 474 40.31 4.70 -67.59
CA SER M 474 41.76 4.90 -67.60
C SER M 474 42.55 3.92 -66.72
N PRO M 475 43.82 3.71 -67.04
CA PRO M 475 44.64 2.74 -66.31
C PRO M 475 44.97 3.14 -64.87
N ASP M 476 45.12 4.44 -64.63
CA ASP M 476 45.55 4.96 -63.33
C ASP M 476 44.46 4.83 -62.26
N GLN M 477 43.22 5.12 -62.65
CA GLN M 477 42.10 5.06 -61.72
C GLN M 477 42.06 3.73 -60.99
N GLU M 478 41.87 3.78 -59.67
CA GLU M 478 41.85 2.57 -58.85
C GLU M 478 40.70 1.60 -59.16
N ASP M 479 39.52 2.14 -59.42
CA ASP M 479 38.30 1.35 -59.58
C ASP M 479 38.25 0.53 -60.85
N CYS M 480 39.01 0.94 -61.85
CA CYS M 480 38.77 0.49 -63.22
C CYS M 480 38.87 -1.03 -63.39
N MET M 481 39.80 -1.65 -62.69
CA MET M 481 40.01 -3.08 -62.88
C MET M 481 38.78 -3.84 -62.44
N TYR M 482 38.12 -3.34 -61.41
CA TYR M 482 36.86 -3.92 -60.96
C TYR M 482 35.82 -3.81 -62.05
N TRP M 483 35.96 -2.65 -62.69
CA TRP M 483 35.09 -2.08 -63.67
C TRP M 483 34.97 -2.88 -64.95
N TYR M 484 36.08 -3.35 -65.48
CA TYR M 484 35.99 -4.18 -66.66
C TYR M 484 35.28 -5.46 -66.31
N ASN M 485 35.84 -6.18 -65.34
CA ASN M 485 35.36 -7.51 -64.96
C ASN M 485 33.96 -7.58 -64.36
N PHE M 486 33.63 -6.64 -63.49
CA PHE M 486 32.33 -6.61 -62.88
C PHE M 486 31.46 -5.62 -63.61
N LEU M 487 32.07 -4.79 -64.46
CA LEU M 487 31.29 -3.99 -65.36
C LEU M 487 30.59 -4.98 -66.26
N ALA M 488 31.37 -5.94 -66.74
CA ALA M 488 30.83 -6.93 -67.65
C ALA M 488 29.76 -7.66 -66.88
N TYR M 489 30.05 -7.94 -65.62
CA TYR M 489 29.13 -8.72 -64.80
C TYR M 489 27.77 -8.05 -64.60
N HIS M 490 27.75 -6.76 -64.29
CA HIS M 490 26.50 -6.12 -63.88
C HIS M 490 25.42 -6.06 -64.95
N MET M 491 25.84 -5.71 -66.15
CA MET M 491 25.02 -5.65 -67.34
C MET M 491 24.28 -6.94 -67.59
N ALA M 492 24.89 -8.05 -67.19
CA ALA M 492 24.28 -9.36 -67.40
C ALA M 492 23.04 -9.48 -66.52
N SER M 493 23.18 -9.12 -65.26
CA SER M 493 22.05 -9.13 -64.35
C SER M 493 21.03 -8.14 -64.88
N ALA M 494 21.51 -7.02 -65.40
CA ALA M 494 20.65 -5.95 -65.83
C ALA M 494 19.66 -6.59 -66.79
N LYS M 495 20.16 -7.56 -67.56
CA LYS M 495 19.33 -8.25 -68.53
C LYS M 495 19.24 -7.42 -69.80
N MET M 496 19.99 -6.33 -69.85
CA MET M 496 19.98 -5.48 -71.02
C MET M 496 21.03 -6.03 -71.97
N HIS M 497 20.56 -6.60 -73.06
CA HIS M 497 21.43 -7.24 -74.03
C HIS M 497 22.00 -6.26 -75.05
N LYS M 498 21.22 -5.24 -75.41
CA LYS M 498 21.69 -4.23 -76.33
C LYS M 498 22.83 -3.43 -75.71
N GLU M 499 22.70 -3.14 -74.42
CA GLU M 499 23.76 -2.46 -73.69
C GLU M 499 24.97 -3.37 -73.57
N LEU M 500 24.70 -4.66 -73.46
CA LEU M 500 25.76 -5.64 -73.35
C LEU M 500 26.55 -5.64 -74.63
N CYS M 501 25.85 -5.44 -75.74
CA CYS M 501 26.47 -5.24 -77.04
C CYS M 501 27.23 -3.93 -77.08
N ALA M 502 26.72 -2.94 -76.36
CA ALA M 502 27.35 -1.64 -76.31
C ALA M 502 28.71 -1.73 -75.61
N LEU M 503 28.84 -2.71 -74.73
CA LEU M 503 30.11 -2.85 -74.01
C LEU M 503 31.00 -3.98 -74.52
N MET M 504 30.61 -5.23 -74.26
CA MET M 504 31.53 -6.35 -74.45
C MET M 504 32.01 -6.51 -75.88
N PHE M 505 31.13 -6.18 -76.83
CA PHE M 505 31.43 -6.36 -78.24
C PHE M 505 32.59 -5.47 -78.63
N SER M 506 32.62 -4.26 -78.07
CA SER M 506 33.56 -3.24 -78.50
C SER M 506 34.97 -3.82 -78.52
N LEU M 507 35.56 -3.87 -79.70
CA LEU M 507 36.87 -4.48 -79.88
C LEU M 507 37.97 -3.72 -79.14
N ASP M 508 37.81 -2.40 -79.05
CA ASP M 508 38.79 -1.59 -78.34
C ASP M 508 38.74 -1.86 -76.85
N TRP M 509 37.54 -2.17 -76.36
CA TRP M 509 37.36 -2.55 -74.97
C TRP M 509 38.08 -3.85 -74.72
N ILE M 510 38.05 -4.72 -75.73
CA ILE M 510 38.79 -5.96 -75.70
C ILE M 510 40.27 -5.67 -75.68
N LYS M 511 40.67 -4.60 -76.37
CA LYS M 511 42.07 -4.25 -76.47
C LYS M 511 42.61 -3.83 -75.12
N ALA M 512 41.91 -2.89 -74.48
CA ALA M 512 42.34 -2.43 -73.17
C ALA M 512 42.26 -3.55 -72.14
N LYS M 513 41.23 -4.39 -72.27
CA LYS M 513 41.05 -5.46 -71.29
C LYS M 513 42.17 -6.48 -71.40
N THR M 514 42.56 -6.73 -72.64
CA THR M 514 43.67 -7.62 -72.96
C THR M 514 44.93 -7.03 -72.38
N GLU M 515 45.01 -5.71 -72.43
CA GLU M 515 46.24 -4.97 -72.14
C GLU M 515 46.73 -5.19 -70.71
N LEU M 516 45.82 -5.13 -69.74
CA LEU M 516 46.16 -5.37 -68.34
C LEU M 516 45.54 -6.62 -67.68
N VAL M 517 44.42 -7.09 -68.22
CA VAL M 517 43.73 -8.28 -67.75
C VAL M 517 44.31 -9.58 -68.30
N GLY M 518 44.69 -9.56 -69.57
CA GLY M 518 45.08 -10.77 -70.25
C GLY M 518 43.90 -11.36 -70.98
N PRO M 519 44.16 -12.28 -71.90
CA PRO M 519 43.13 -12.82 -72.79
C PRO M 519 42.36 -14.02 -72.24
N ALA M 520 42.36 -14.23 -70.93
CA ALA M 520 41.57 -15.31 -70.36
C ALA M 520 40.24 -14.85 -69.79
N HIS M 521 40.21 -13.70 -69.14
CA HIS M 521 38.99 -13.27 -68.50
C HIS M 521 37.87 -13.07 -69.51
N LEU M 522 38.22 -12.52 -70.67
CA LEU M 522 37.25 -12.25 -71.71
C LEU M 522 36.60 -13.53 -72.20
N ILE M 523 37.41 -14.59 -72.34
CA ILE M 523 36.88 -15.88 -72.76
C ILE M 523 35.90 -16.42 -71.73
N HIS M 524 36.23 -16.28 -70.46
CA HIS M 524 35.36 -16.72 -69.38
C HIS M 524 34.05 -15.95 -69.40
N GLU M 525 34.15 -14.64 -69.64
CA GLU M 525 32.98 -13.77 -69.74
C GLU M 525 32.09 -14.20 -70.90
N PHE M 526 32.73 -14.58 -72.00
CA PHE M 526 32.01 -14.95 -73.22
C PHE M 526 31.10 -16.15 -72.99
N VAL M 527 31.57 -17.13 -72.23
CA VAL M 527 30.75 -18.30 -71.97
C VAL M 527 29.48 -17.87 -71.24
N GLU M 528 29.64 -16.99 -70.27
CA GLU M 528 28.52 -16.39 -69.56
C GLU M 528 27.69 -15.58 -70.55
N TYR M 529 28.40 -14.94 -71.48
CA TYR M 529 27.82 -14.03 -72.45
C TYR M 529 26.80 -14.71 -73.36
N ARG M 530 27.08 -15.95 -73.73
CA ARG M 530 26.30 -16.66 -74.75
C ARG M 530 24.83 -16.86 -74.38
N HIS M 531 24.58 -17.25 -73.15
CA HIS M 531 23.21 -17.39 -72.64
C HIS M 531 22.48 -16.06 -72.59
N ILE M 532 23.20 -15.02 -72.19
CA ILE M 532 22.62 -13.70 -71.92
C ILE M 532 21.99 -13.02 -73.13
N LEU M 533 22.62 -13.13 -74.30
CA LEU M 533 22.16 -12.39 -75.47
C LEU M 533 21.29 -13.22 -76.41
N ASP M 534 21.78 -13.53 -77.60
CA ASP M 534 21.00 -14.24 -78.59
C ASP M 534 21.79 -15.36 -79.25
N GLU M 535 21.08 -16.39 -79.73
CA GLU M 535 21.71 -17.52 -80.39
C GLU M 535 22.43 -17.08 -81.67
N LYS M 536 21.81 -16.18 -82.42
CA LYS M 536 22.40 -15.70 -83.65
C LYS M 536 23.72 -14.97 -83.38
N ASP M 537 23.72 -14.16 -82.32
CA ASP M 537 24.95 -13.50 -81.89
C ASP M 537 25.96 -14.55 -81.45
N CYS M 538 25.46 -15.56 -80.75
CA CYS M 538 26.28 -16.66 -80.27
C CYS M 538 27.28 -17.04 -81.36
N ALA M 539 26.83 -17.03 -82.61
CA ALA M 539 27.69 -17.29 -83.74
C ALA M 539 28.75 -16.20 -83.80
N VAL M 540 28.32 -14.97 -83.54
CA VAL M 540 29.24 -13.85 -83.56
C VAL M 540 30.27 -14.10 -82.48
N SER M 541 29.81 -14.60 -81.34
CA SER M 541 30.68 -14.98 -80.25
C SER M 541 31.56 -16.15 -80.67
N GLU M 542 31.01 -17.03 -81.49
CA GLU M 542 31.76 -18.17 -82.02
C GLU M 542 32.85 -17.66 -82.95
N ASN M 543 32.53 -16.63 -83.72
CA ASN M 543 33.50 -16.01 -84.62
C ASN M 543 34.60 -15.30 -83.86
N PHE M 544 34.23 -14.66 -82.75
CA PHE M 544 35.18 -13.95 -81.91
C PHE M 544 36.11 -14.92 -81.20
N GLN M 545 35.56 -16.02 -80.70
CA GLN M 545 36.36 -17.03 -80.02
C GLN M 545 37.37 -17.58 -81.00
N GLU M 546 36.90 -17.76 -82.25
CA GLU M 546 37.77 -18.20 -83.33
C GLU M 546 38.84 -17.15 -83.57
N PHE M 547 38.48 -15.89 -83.38
CA PHE M 547 39.44 -14.80 -83.53
C PHE M 547 40.43 -14.79 -82.37
N LEU M 548 40.02 -15.38 -81.24
CA LEU M 548 40.88 -15.45 -80.06
C LEU M 548 41.90 -16.58 -80.19
N SER M 549 41.49 -17.68 -80.79
CA SER M 549 42.36 -18.83 -80.99
C SER M 549 43.73 -18.39 -81.50
N LEU M 550 43.73 -17.35 -82.33
CA LEU M 550 44.98 -16.83 -82.89
C LEU M 550 45.62 -15.83 -81.92
N ASN M 551 44.82 -15.32 -80.98
CA ASN M 551 45.32 -14.36 -80.00
C ASN M 551 46.27 -14.88 -78.92
N GLY M 552 46.01 -16.07 -78.39
CA GLY M 552 46.73 -16.53 -77.22
C GLY M 552 48.24 -16.70 -77.36
N HIS M 553 48.65 -17.24 -78.50
CA HIS M 553 50.04 -17.64 -78.72
C HIS M 553 51.08 -16.52 -78.70
N LEU M 554 50.80 -15.43 -79.41
CA LEU M 554 51.74 -14.33 -79.49
C LEU M 554 51.18 -12.98 -79.03
N LEU M 555 49.88 -12.93 -78.77
CA LEU M 555 49.21 -11.66 -78.51
C LEU M 555 49.68 -10.92 -77.25
N GLY M 556 49.92 -11.66 -76.18
CA GLY M 556 50.32 -11.07 -74.91
C GLY M 556 51.69 -10.43 -74.83
N ARG M 557 52.68 -11.06 -75.45
CA ARG M 557 54.05 -10.55 -75.44
C ARG M 557 54.11 -9.09 -75.02
N GLN M 558 54.16 -8.21 -76.01
CA GLN M 558 54.26 -6.77 -75.77
C GLN M 558 53.83 -5.98 -77.00
N PRO M 559 54.68 -5.99 -78.02
CA PRO M 559 54.36 -5.28 -79.27
C PRO M 559 52.97 -5.68 -79.77
N PHE M 560 51.94 -5.42 -78.96
CA PHE M 560 50.58 -5.81 -79.33
C PHE M 560 50.29 -5.52 -80.79
N PRO M 561 51.02 -6.19 -81.69
CA PRO M 561 50.83 -6.00 -83.13
C PRO M 561 49.46 -5.40 -83.47
N ASN M 562 49.45 -4.38 -84.32
CA ASN M 562 48.17 -3.77 -84.72
C ASN M 562 47.13 -4.81 -85.11
N ILE M 563 46.39 -5.28 -84.12
CA ILE M 563 45.35 -6.28 -84.35
C ILE M 563 44.52 -5.94 -85.58
N VAL M 564 44.11 -4.68 -85.68
CA VAL M 564 43.30 -4.22 -86.80
C VAL M 564 43.85 -4.73 -88.13
N GLN M 565 45.15 -5.00 -88.15
CA GLN M 565 45.81 -5.50 -89.36
C GLN M 565 45.87 -7.03 -89.36
N LEU M 566 46.14 -7.60 -88.20
CA LEU M 566 46.24 -9.05 -88.06
C LEU M 566 44.86 -9.69 -87.98
N GLY M 567 43.83 -8.85 -87.81
CA GLY M 567 42.46 -9.33 -87.72
C GLY M 567 41.92 -9.80 -89.05
N LEU M 568 42.21 -9.03 -90.10
CA LEU M 568 41.73 -9.37 -91.44
C LEU M 568 42.35 -10.68 -91.92
N CYS M 569 42.06 -11.76 -91.21
CA CYS M 569 42.57 -13.08 -91.57
C CYS M 569 41.50 -14.15 -91.41
N GLU M 570 40.45 -13.83 -90.66
CA GLU M 570 39.36 -14.77 -90.43
C GLU M 570 38.63 -15.09 -91.73
N PRO M 571 37.86 -16.19 -91.72
CA PRO M 571 37.14 -16.62 -92.92
C PRO M 571 35.63 -16.40 -92.79
N GLU M 572 34.91 -16.66 -93.87
CA GLU M 572 33.45 -16.49 -93.88
C GLU M 572 33.07 -15.02 -93.89
N THR M 573 32.82 -14.46 -92.70
CA THR M 573 32.44 -13.07 -92.57
C THR M 573 32.33 -12.67 -91.10
N SER M 574 31.38 -13.26 -90.40
CA SER M 574 31.18 -12.98 -88.99
C SER M 574 31.20 -11.51 -88.63
N GLU M 575 30.81 -11.23 -87.40
CA GLU M 575 30.80 -9.88 -86.89
C GLU M 575 32.22 -9.37 -86.92
N VAL M 576 33.17 -10.23 -86.60
CA VAL M 576 34.56 -9.80 -86.57
C VAL M 576 35.06 -9.42 -87.95
N TYR M 577 34.76 -10.25 -88.94
CA TYR M 577 35.25 -9.98 -90.27
C TYR M 577 34.66 -8.67 -90.73
N GLN M 578 33.36 -8.51 -90.51
CA GLN M 578 32.70 -7.34 -91.06
C GLN M 578 33.30 -6.12 -90.40
N GLN M 579 33.53 -6.20 -89.10
CA GLN M 579 34.09 -5.07 -88.36
C GLN M 579 35.48 -4.72 -88.89
N ALA M 580 36.26 -5.75 -89.21
CA ALA M 580 37.65 -5.59 -89.57
C ALA M 580 37.82 -4.89 -90.91
N LYS M 581 37.03 -5.28 -91.90
CA LYS M 581 37.20 -4.72 -93.23
C LYS M 581 36.93 -3.22 -93.20
N LEU M 582 35.87 -2.82 -92.51
CA LEU M 582 35.52 -1.42 -92.42
C LEU M 582 36.61 -0.63 -91.71
N GLN M 583 37.13 -1.22 -90.64
CA GLN M 583 38.18 -0.55 -89.87
C GLN M 583 39.38 -0.33 -90.77
N ALA M 584 39.68 -1.35 -91.56
CA ALA M 584 40.82 -1.31 -92.47
C ALA M 584 40.63 -0.22 -93.50
N LYS M 585 39.41 -0.11 -94.03
CA LYS M 585 39.10 0.89 -95.03
C LYS M 585 39.29 2.29 -94.44
N GLN M 586 38.87 2.45 -93.19
CA GLN M 586 39.04 3.72 -92.49
C GLN M 586 40.51 4.07 -92.30
N GLU M 587 41.30 3.06 -91.93
CA GLU M 587 42.73 3.24 -91.75
C GLU M 587 43.41 3.62 -93.06
N VAL M 588 42.96 2.99 -94.13
CA VAL M 588 43.64 3.00 -95.42
C VAL M 588 43.76 4.37 -96.08
N ASP M 589 42.70 5.17 -96.03
CA ASP M 589 42.74 6.46 -96.68
C ASP M 589 43.79 7.34 -96.02
N ASN M 590 43.84 7.28 -94.70
CA ASN M 590 44.84 8.01 -93.94
C ASN M 590 46.26 7.55 -94.23
N GLY M 591 46.43 6.24 -94.36
CA GLY M 591 47.75 5.65 -94.53
C GLY M 591 47.86 4.32 -93.82
N MET M 592 49.05 3.97 -93.38
CA MET M 592 49.27 2.72 -92.62
C MET M 592 49.60 1.50 -93.50
N LEU M 593 49.50 1.65 -94.80
CA LEU M 593 50.14 0.71 -95.72
C LEU M 593 49.77 -0.72 -95.41
N TYR M 594 48.51 -0.96 -95.03
CA TYR M 594 48.07 -2.31 -94.72
C TYR M 594 48.13 -3.17 -95.98
N LEU M 595 48.57 -4.41 -95.86
CA LEU M 595 48.59 -5.29 -97.02
C LEU M 595 47.43 -6.27 -96.96
N GLU M 596 46.58 -6.26 -97.99
CA GLU M 596 45.48 -7.22 -98.06
C GLU M 596 45.99 -8.64 -98.28
N TRP M 597 45.28 -9.63 -97.75
CA TRP M 597 45.61 -11.04 -97.99
C TRP M 597 44.51 -11.76 -98.75
N ILE M 598 44.86 -12.39 -99.87
CA ILE M 598 43.88 -13.00 -100.76
C ILE M 598 43.70 -14.53 -100.78
N ASN M 599 44.44 -15.25 -99.94
CA ASN M 599 44.40 -16.72 -99.95
C ASN M 599 43.84 -17.47 -98.73
N LYS M 600 43.16 -16.79 -97.81
CA LYS M 600 42.84 -17.41 -96.53
C LYS M 600 42.03 -18.70 -96.67
N LYS M 601 41.01 -18.66 -97.52
CA LYS M 601 40.12 -19.80 -97.69
C LYS M 601 40.87 -20.99 -98.28
N ASN M 602 42.01 -20.70 -98.92
CA ASN M 602 42.86 -21.71 -99.52
C ASN M 602 43.91 -22.25 -98.57
N ILE M 603 44.04 -21.62 -97.40
CA ILE M 603 45.12 -21.91 -96.46
C ILE M 603 44.75 -21.91 -94.97
N THR M 604 45.57 -22.60 -94.18
CA THR M 604 45.42 -22.70 -92.72
C THR M 604 44.32 -23.65 -92.26
N ASN M 605 44.74 -24.77 -91.67
CA ASN M 605 43.85 -25.61 -90.88
C ASN M 605 43.97 -25.25 -89.41
N LEU M 606 43.08 -24.36 -88.96
CA LEU M 606 43.22 -23.72 -87.66
C LEU M 606 43.09 -24.68 -86.48
N SER M 607 43.98 -24.54 -85.50
CA SER M 607 43.85 -25.23 -84.22
C SER M 607 42.82 -24.53 -83.34
N ARG M 608 42.15 -25.29 -82.48
CA ARG M 608 41.12 -24.73 -81.62
C ARG M 608 41.65 -23.74 -80.58
N LEU M 609 42.90 -23.93 -80.15
CA LEU M 609 43.45 -23.07 -79.10
C LEU M 609 44.99 -23.13 -79.07
N VAL M 610 45.60 -22.05 -78.60
CA VAL M 610 47.05 -21.99 -78.41
C VAL M 610 47.39 -21.30 -77.09
N VAL M 611 48.39 -21.81 -76.39
CA VAL M 611 48.82 -21.23 -75.12
C VAL M 611 50.34 -21.07 -75.08
N ARG M 612 50.75 -19.89 -74.62
CA ARG M 612 52.10 -19.64 -74.22
C ARG M 612 52.01 -19.34 -72.75
N PRO M 613 52.45 -20.29 -71.94
CA PRO M 613 52.61 -20.10 -70.50
C PRO M 613 53.93 -19.43 -70.13
N HIS M 614 54.98 -19.67 -70.91
CA HIS M 614 56.31 -19.25 -70.51
C HIS M 614 57.09 -18.60 -71.65
N THR M 615 57.82 -17.52 -71.36
CA THR M 615 58.75 -16.96 -72.33
C THR M 615 59.93 -17.91 -72.54
N ASP M 616 60.12 -18.79 -71.55
CA ASP M 616 61.22 -19.76 -71.53
C ASP M 616 60.75 -21.16 -71.92
N ALA M 617 61.59 -21.87 -72.66
CA ALA M 617 61.19 -23.11 -73.33
C ALA M 617 60.51 -24.09 -72.38
N VAL M 618 59.41 -24.67 -72.85
CA VAL M 618 58.65 -25.65 -72.08
C VAL M 618 59.40 -26.97 -71.96
N TYR M 619 59.31 -27.63 -70.83
CA TYR M 619 59.90 -28.97 -70.74
C TYR M 619 58.92 -30.12 -70.50
N HIS M 620 57.80 -29.85 -69.83
CA HIS M 620 56.79 -30.88 -69.64
C HIS M 620 55.43 -30.28 -69.29
N ALA M 621 54.37 -31.03 -69.58
CA ALA M 621 53.02 -30.61 -69.29
C ALA M 621 52.15 -31.83 -69.01
N CYS M 622 51.12 -31.66 -68.20
CA CYS M 622 50.24 -32.78 -67.85
C CYS M 622 48.81 -32.37 -67.54
N PHE M 623 47.86 -33.19 -68.01
CA PHE M 623 46.44 -32.99 -67.70
C PHE M 623 46.12 -33.27 -66.24
N SER M 624 45.16 -32.53 -65.70
CA SER M 624 44.57 -32.91 -64.43
C SER M 624 43.84 -34.23 -64.65
N GLU M 625 43.82 -35.08 -63.63
CA GLU M 625 43.15 -36.36 -63.74
C GLU M 625 41.67 -36.14 -64.04
N ASP M 626 41.14 -35.05 -63.49
CA ASP M 626 39.76 -34.64 -63.77
C ASP M 626 39.64 -34.11 -65.20
N GLY M 627 40.75 -33.62 -65.75
CA GLY M 627 40.78 -33.07 -67.10
C GLY M 627 40.39 -31.61 -67.13
N GLN M 628 40.05 -31.06 -65.97
CA GLN M 628 39.65 -29.67 -65.86
C GLN M 628 40.79 -28.68 -66.07
N ARG M 629 42.03 -29.11 -65.84
CA ARG M 629 43.16 -28.19 -65.92
C ARG M 629 44.46 -28.87 -66.33
N ILE M 630 45.44 -28.05 -66.72
CA ILE M 630 46.72 -28.56 -67.20
C ILE M 630 47.88 -27.79 -66.59
N ALA M 631 48.96 -28.50 -66.24
CA ALA M 631 50.21 -27.83 -65.80
C ALA M 631 51.39 -28.08 -66.75
N SER M 632 52.06 -26.99 -67.16
CA SER M 632 53.29 -27.05 -67.99
C SER M 632 54.41 -26.37 -67.18
N CYS M 633 55.62 -26.93 -67.25
CA CYS M 633 56.83 -26.28 -66.76
C CYS M 633 57.62 -25.61 -67.91
N GLY M 634 58.94 -25.46 -67.74
CA GLY M 634 59.78 -24.84 -68.76
C GLY M 634 61.26 -24.74 -68.41
N ALA M 635 62.08 -24.18 -69.31
CA ALA M 635 63.50 -24.05 -69.07
C ALA M 635 63.76 -23.12 -67.88
N ASP M 636 62.91 -22.12 -67.72
CA ASP M 636 63.09 -21.17 -66.63
C ASP M 636 63.00 -21.99 -65.36
N LYS M 637 62.09 -22.96 -65.38
CA LYS M 637 61.91 -23.87 -64.25
C LYS M 637 60.76 -23.48 -63.32
N THR M 638 60.10 -22.37 -63.63
CA THR M 638 58.83 -22.02 -63.02
C THR M 638 57.83 -22.98 -63.66
N LEU M 639 56.78 -23.34 -62.92
CA LEU M 639 55.71 -24.18 -63.46
C LEU M 639 54.42 -23.36 -63.39
N GLN M 640 53.64 -23.36 -64.47
CA GLN M 640 52.38 -22.62 -64.48
C GLN M 640 51.21 -23.59 -64.61
N VAL M 641 50.20 -23.44 -63.74
CA VAL M 641 49.06 -24.38 -63.76
C VAL M 641 47.81 -23.66 -64.26
N PHE M 642 47.06 -24.24 -65.20
CA PHE M 642 45.95 -23.48 -65.79
C PHE M 642 44.69 -24.29 -66.10
N LYS M 643 43.53 -23.62 -66.18
CA LYS M 643 42.35 -24.36 -66.59
C LYS M 643 42.13 -24.04 -68.06
N ALA M 644 42.19 -25.07 -68.89
CA ALA M 644 42.27 -24.88 -70.33
C ALA M 644 41.06 -24.22 -71.01
N GLU M 645 39.86 -24.64 -70.64
CA GLU M 645 38.64 -24.09 -71.20
C GLU M 645 38.74 -22.57 -71.34
N THR M 646 38.25 -21.86 -70.32
CA THR M 646 38.28 -20.40 -70.33
C THR M 646 39.68 -19.88 -70.61
N GLY M 647 40.66 -20.78 -70.60
CA GLY M 647 42.04 -20.41 -70.86
C GLY M 647 42.47 -19.18 -70.09
N GLU M 648 42.48 -19.29 -68.77
CA GLU M 648 42.87 -18.17 -67.91
C GLU M 648 43.76 -18.64 -66.77
N LYS M 649 44.82 -17.87 -66.50
CA LYS M 649 45.76 -18.21 -65.44
C LYS M 649 45.02 -18.62 -64.17
N LEU M 650 45.32 -19.83 -63.68
CA LEU M 650 44.69 -20.35 -62.47
C LEU M 650 45.71 -20.64 -61.39
N LEU M 651 47.00 -20.59 -61.77
CA LEU M 651 48.09 -20.86 -60.82
C LEU M 651 49.42 -20.22 -61.28
N GLU M 652 50.16 -19.62 -60.34
CA GLU M 652 51.52 -19.13 -60.60
C GLU M 652 52.44 -19.81 -59.57
N ILE M 653 53.61 -20.34 -60.00
CA ILE M 653 54.56 -20.99 -59.07
C ILE M 653 55.88 -20.20 -59.09
N LYS M 654 56.46 -19.89 -57.94
CA LYS M 654 57.47 -18.83 -57.94
C LYS M 654 58.74 -19.33 -58.62
N ALA M 655 59.20 -20.50 -58.20
CA ALA M 655 60.40 -21.10 -58.75
C ALA M 655 60.52 -22.59 -58.41
N HIS M 656 61.33 -23.30 -59.18
CA HIS M 656 61.74 -24.66 -58.83
C HIS M 656 63.26 -24.67 -58.88
N GLU M 657 63.91 -25.23 -57.88
CA GLU M 657 65.37 -25.23 -57.92
C GLU M 657 65.83 -26.05 -59.10
N ASP M 658 66.74 -25.45 -59.88
CA ASP M 658 67.26 -26.07 -61.09
C ASP M 658 66.24 -25.88 -62.21
N GLU M 659 66.54 -26.44 -63.38
CA GLU M 659 65.57 -26.45 -64.48
C GLU M 659 64.58 -27.62 -64.32
N VAL M 660 63.29 -27.36 -64.51
CA VAL M 660 62.29 -28.41 -64.36
C VAL M 660 62.61 -29.53 -65.33
N LEU M 661 62.48 -30.77 -64.89
CA LEU M 661 62.65 -31.87 -65.83
C LEU M 661 61.31 -32.49 -66.26
N CYS M 662 60.38 -32.58 -65.32
CA CYS M 662 59.00 -32.98 -65.60
C CYS M 662 58.14 -32.83 -64.34
N CYS M 663 56.83 -32.79 -64.53
CA CYS M 663 55.92 -32.62 -63.42
C CYS M 663 54.65 -33.44 -63.66
N ALA M 664 53.88 -33.67 -62.60
CA ALA M 664 52.66 -34.46 -62.74
C ALA M 664 51.69 -34.30 -61.58
N PHE M 665 50.39 -34.34 -61.89
CA PHE M 665 49.33 -34.29 -60.89
C PHE M 665 49.15 -35.58 -60.10
N SER M 666 48.65 -35.45 -58.89
CA SER M 666 48.20 -36.59 -58.10
C SER M 666 46.93 -37.15 -58.70
N THR M 667 46.66 -38.42 -58.42
CA THR M 667 45.53 -39.12 -59.02
C THR M 667 44.20 -38.43 -58.70
N ASP M 668 44.13 -37.79 -57.54
CA ASP M 668 42.96 -37.00 -57.19
C ASP M 668 43.24 -35.51 -57.39
N ASP M 669 44.32 -35.21 -58.09
CA ASP M 669 44.71 -33.84 -58.41
C ASP M 669 44.86 -32.98 -57.16
N ARG M 670 45.33 -33.63 -56.09
CA ARG M 670 45.53 -32.93 -54.83
C ARG M 670 47.01 -32.61 -54.60
N PHE M 671 47.85 -33.06 -55.52
CA PHE M 671 49.30 -32.85 -55.41
C PHE M 671 49.94 -32.70 -56.77
N ILE M 672 51.11 -32.05 -56.81
CA ILE M 672 51.86 -31.90 -58.03
C ILE M 672 53.35 -32.16 -57.78
N ALA M 673 53.81 -33.35 -58.15
CA ALA M 673 55.23 -33.67 -58.10
C ALA M 673 55.98 -32.86 -59.15
N THR M 674 57.20 -32.45 -58.83
CA THR M 674 58.01 -31.69 -59.77
C THR M 674 59.45 -32.21 -59.80
N CYS M 675 59.82 -32.83 -60.91
CA CYS M 675 61.17 -33.35 -61.08
C CYS M 675 62.13 -32.24 -61.46
N SER M 676 63.41 -32.40 -61.13
CA SER M 676 64.40 -31.36 -61.42
C SER M 676 65.83 -31.84 -61.42
N VAL M 677 66.69 -31.07 -62.09
CA VAL M 677 68.13 -31.33 -62.15
C VAL M 677 68.77 -31.23 -60.77
N ASP M 678 68.22 -30.38 -59.91
CA ASP M 678 68.80 -30.20 -58.59
C ASP M 678 68.72 -31.53 -57.86
N LYS M 679 67.62 -32.23 -58.10
CA LYS M 679 67.20 -33.40 -57.33
C LYS M 679 66.26 -33.03 -56.18
N LYS M 680 65.54 -31.93 -56.35
CA LYS M 680 64.52 -31.54 -55.38
C LYS M 680 63.14 -31.97 -55.85
N VAL M 681 62.71 -33.15 -55.44
CA VAL M 681 61.39 -33.62 -55.83
C VAL M 681 60.36 -32.87 -55.00
N LYS M 682 59.98 -31.70 -55.50
CA LYS M 682 59.06 -30.80 -54.79
C LYS M 682 57.59 -31.09 -55.13
N ILE M 683 56.94 -31.85 -54.26
CA ILE M 683 55.51 -32.12 -54.40
C ILE M 683 54.71 -31.02 -53.70
N TRP M 684 54.43 -29.96 -54.47
CA TRP M 684 53.62 -28.84 -54.04
C TRP M 684 52.16 -29.26 -54.01
N ASN M 685 51.35 -28.62 -53.15
CA ASN M 685 49.91 -28.86 -53.19
C ASN M 685 49.32 -28.31 -54.49
N SER M 686 48.32 -29.00 -55.03
CA SER M 686 47.70 -28.58 -56.28
C SER M 686 46.64 -27.49 -56.08
N MET M 687 46.25 -27.25 -54.84
CA MET M 687 45.20 -26.28 -54.56
C MET M 687 45.75 -25.03 -53.92
N THR M 688 46.23 -25.16 -52.69
CA THR M 688 46.85 -24.05 -51.98
C THR M 688 48.09 -23.58 -52.72
N GLY M 689 48.75 -24.53 -53.38
CA GLY M 689 49.96 -24.25 -54.13
C GLY M 689 51.19 -24.31 -53.26
N GLU M 690 50.96 -24.48 -51.97
CA GLU M 690 52.04 -24.59 -51.00
C GLU M 690 52.65 -25.98 -51.05
N LEU M 691 53.94 -26.08 -50.74
CA LEU M 691 54.63 -27.36 -50.76
C LEU M 691 54.05 -28.30 -49.71
N VAL M 692 53.98 -29.58 -50.04
CA VAL M 692 53.59 -30.60 -49.08
C VAL M 692 54.68 -31.65 -48.93
N HIS M 693 54.84 -32.49 -49.96
CA HIS M 693 55.84 -33.54 -49.93
C HIS M 693 57.14 -33.11 -50.60
N THR M 694 58.23 -33.78 -50.26
CA THR M 694 59.51 -33.52 -50.91
C THR M 694 60.41 -34.73 -50.78
N TYR M 695 61.22 -34.98 -51.82
CA TYR M 695 62.05 -36.19 -51.81
C TYR M 695 63.36 -36.02 -52.59
N ASP M 696 64.35 -36.85 -52.24
CA ASP M 696 65.59 -36.93 -52.99
C ASP M 696 66.29 -38.26 -52.68
N GLU M 697 66.91 -38.87 -53.68
CA GLU M 697 67.60 -40.14 -53.49
C GLU M 697 68.52 -40.45 -54.67
N HIS M 698 68.17 -39.91 -55.83
CA HIS M 698 68.86 -40.22 -57.07
C HIS M 698 70.32 -39.81 -57.08
N SER M 699 71.17 -40.67 -57.63
CA SER M 699 72.57 -40.34 -57.85
C SER M 699 72.73 -39.30 -58.96
N GLU M 700 71.72 -39.25 -59.84
CA GLU M 700 71.77 -38.35 -60.98
C GLU M 700 70.44 -37.59 -61.12
N GLN M 701 70.32 -36.80 -62.17
CA GLN M 701 69.10 -36.05 -62.43
C GLN M 701 67.93 -36.99 -62.69
N VAL M 702 66.75 -36.64 -62.16
CA VAL M 702 65.56 -37.46 -62.31
C VAL M 702 65.09 -37.51 -63.77
N ASN M 703 64.67 -38.69 -64.23
CA ASN M 703 64.12 -38.80 -65.57
C ASN M 703 62.61 -38.64 -65.60
N CYS M 704 61.93 -39.08 -64.55
CA CYS M 704 60.48 -39.01 -64.53
C CYS M 704 59.88 -39.16 -63.14
N CYS M 705 58.71 -38.56 -62.97
CA CYS M 705 57.96 -38.66 -61.71
C CYS M 705 56.50 -38.93 -62.02
N HIS M 706 55.85 -39.69 -61.14
CA HIS M 706 54.44 -40.02 -61.30
C HIS M 706 53.85 -40.44 -59.96
N PHE M 707 52.63 -39.99 -59.68
CA PHE M 707 51.87 -40.50 -58.54
C PHE M 707 51.21 -41.82 -58.89
N THR M 708 50.95 -42.63 -57.87
CA THR M 708 50.32 -43.93 -58.10
C THR M 708 48.93 -43.74 -58.68
N ASN M 709 48.61 -44.53 -59.70
CA ASN M 709 47.28 -44.48 -60.31
C ASN M 709 46.20 -44.97 -59.36
N SER M 710 46.59 -45.85 -58.43
CA SER M 710 45.67 -46.32 -57.40
C SER M 710 45.33 -45.19 -56.44
N SER M 711 44.06 -45.09 -56.08
CA SER M 711 43.61 -44.11 -55.11
C SER M 711 44.13 -44.45 -53.72
N HIS M 712 44.38 -45.74 -53.49
CA HIS M 712 44.79 -46.23 -52.19
C HIS M 712 46.28 -45.99 -51.94
N HIS M 713 47.11 -46.83 -52.56
CA HIS M 713 48.55 -46.75 -52.34
C HIS M 713 49.10 -45.41 -52.82
N LEU M 714 50.02 -44.85 -52.04
CA LEU M 714 50.66 -43.60 -52.40
C LEU M 714 52.15 -43.83 -52.62
N LEU M 715 52.53 -43.96 -53.88
CA LEU M 715 53.93 -44.24 -54.20
C LEU M 715 54.42 -43.25 -55.24
N LEU M 716 55.74 -43.09 -55.31
CA LEU M 716 56.34 -42.20 -56.27
C LEU M 716 57.50 -42.88 -56.99
N ALA M 717 57.17 -43.62 -58.05
CA ALA M 717 58.19 -44.19 -58.90
C ALA M 717 58.93 -43.08 -59.62
N THR M 718 60.26 -43.17 -59.65
CA THR M 718 61.07 -42.12 -60.27
C THR M 718 62.31 -42.71 -60.94
N GLY M 719 62.37 -42.60 -62.26
CA GLY M 719 63.57 -42.93 -63.01
C GLY M 719 64.56 -41.80 -62.96
N SER M 720 65.80 -42.07 -63.35
CA SER M 720 66.86 -41.07 -63.34
C SER M 720 68.07 -41.50 -64.16
N SER M 721 68.99 -40.58 -64.40
CA SER M 721 70.14 -40.83 -65.26
C SER M 721 71.09 -41.85 -64.66
N ASP M 722 70.97 -42.09 -63.36
CA ASP M 722 71.81 -43.04 -62.65
C ASP M 722 71.34 -44.48 -62.89
N CYS M 723 70.24 -44.60 -63.64
CA CYS M 723 69.61 -45.86 -64.07
C CYS M 723 68.74 -46.46 -62.97
N PHE M 724 69.07 -46.20 -61.71
CA PHE M 724 68.29 -46.71 -60.59
C PHE M 724 66.86 -46.17 -60.60
N LEU M 725 65.89 -47.05 -60.42
CA LEU M 725 64.54 -46.61 -60.10
C LEU M 725 64.47 -46.25 -58.63
N LYS M 726 63.58 -45.33 -58.27
CA LYS M 726 63.29 -45.05 -56.88
C LYS M 726 61.79 -45.11 -56.65
N LEU M 727 61.34 -46.21 -56.04
CA LEU M 727 59.93 -46.34 -55.67
C LEU M 727 59.70 -45.75 -54.29
N TRP M 728 59.35 -44.47 -54.28
CA TRP M 728 59.07 -43.78 -53.03
C TRP M 728 57.79 -44.25 -52.38
N ASP M 729 57.78 -44.27 -51.06
CA ASP M 729 56.53 -44.42 -50.32
C ASP M 729 56.11 -43.01 -49.94
N LEU M 730 55.05 -42.51 -50.56
CA LEU M 730 54.65 -41.11 -50.37
C LEU M 730 54.27 -40.81 -48.92
N ASN M 731 53.88 -41.85 -48.18
CA ASN M 731 53.55 -41.70 -46.79
C ASN M 731 54.79 -41.65 -45.90
N GLN M 732 55.97 -41.88 -46.48
CA GLN M 732 57.21 -41.86 -45.72
C GLN M 732 58.28 -40.99 -46.38
N LYS M 733 59.10 -40.36 -45.55
CA LYS M 733 60.13 -39.44 -46.04
C LYS M 733 61.19 -40.14 -46.88
N GLU M 734 61.46 -41.40 -46.56
CA GLU M 734 62.46 -42.15 -47.29
C GLU M 734 61.83 -43.20 -48.22
N CYS M 735 62.59 -43.60 -49.24
CA CYS M 735 62.11 -44.44 -50.32
C CYS M 735 61.64 -45.82 -49.86
N ARG M 736 60.50 -46.27 -50.40
CA ARG M 736 60.02 -47.61 -50.12
C ARG M 736 60.92 -48.69 -50.71
N ASN M 737 61.52 -48.39 -51.87
CA ASN M 737 62.41 -49.35 -52.53
C ASN M 737 63.23 -48.79 -53.68
N THR M 738 64.55 -48.76 -53.49
CA THR M 738 65.47 -48.54 -54.60
C THR M 738 65.40 -49.75 -55.52
N MET M 739 65.42 -49.52 -56.83
CA MET M 739 65.30 -50.61 -57.79
C MET M 739 66.29 -50.50 -58.95
N PHE M 740 67.49 -51.02 -58.75
CA PHE M 740 68.41 -51.19 -59.87
C PHE M 740 67.85 -52.26 -60.79
N GLY M 741 67.98 -52.06 -62.09
CA GLY M 741 67.46 -53.02 -63.05
C GLY M 741 67.83 -52.64 -64.46
N HIS M 742 67.50 -51.41 -64.84
CA HIS M 742 67.82 -50.93 -66.18
C HIS M 742 69.32 -50.85 -66.37
N THR M 743 69.78 -51.33 -67.53
CA THR M 743 71.19 -51.25 -67.87
C THR M 743 71.53 -49.89 -68.44
N ASN M 744 70.50 -49.09 -68.70
CA ASN M 744 70.65 -47.74 -69.23
C ASN M 744 69.72 -46.77 -68.52
N SER M 745 69.95 -45.47 -68.73
CA SER M 745 69.17 -44.45 -68.06
C SER M 745 67.69 -44.57 -68.43
N VAL M 746 66.82 -44.40 -67.44
CA VAL M 746 65.39 -44.53 -67.63
C VAL M 746 64.87 -43.52 -68.65
N ASN M 747 64.06 -43.98 -69.59
CA ASN M 747 63.47 -43.09 -70.58
C ASN M 747 62.13 -42.53 -70.14
N HIS M 748 61.36 -43.33 -69.42
CA HIS M 748 60.03 -42.92 -68.98
C HIS M 748 59.58 -43.78 -67.81
N CYS M 749 58.58 -43.32 -67.06
CA CYS M 749 58.08 -44.08 -65.92
C CYS M 749 56.58 -43.85 -65.70
N ARG M 750 55.86 -44.94 -65.45
CA ARG M 750 54.43 -44.87 -65.16
C ARG M 750 54.03 -46.00 -64.22
N PHE M 751 53.11 -45.71 -63.30
CA PHE M 751 52.48 -46.79 -62.53
C PHE M 751 51.52 -47.61 -63.39
N SER M 752 51.52 -48.91 -63.14
CA SER M 752 50.59 -49.83 -63.78
C SER M 752 49.20 -49.68 -63.17
N PRO M 753 48.14 -50.03 -63.93
CA PRO M 753 46.80 -50.03 -63.34
C PRO M 753 46.73 -50.96 -62.14
N ASP M 754 47.49 -52.04 -62.18
CA ASP M 754 47.71 -52.88 -61.02
C ASP M 754 48.83 -52.27 -60.21
N ASP M 755 48.48 -51.65 -59.10
CA ASP M 755 49.44 -50.90 -58.28
C ASP M 755 50.51 -51.83 -57.71
N LYS M 756 50.18 -53.11 -57.59
CA LYS M 756 51.12 -54.12 -57.15
C LYS M 756 52.28 -54.24 -58.13
N LEU M 757 51.98 -54.03 -59.40
CA LEU M 757 52.98 -53.99 -60.46
C LEU M 757 53.50 -52.58 -60.69
N LEU M 758 54.71 -52.48 -61.22
CA LEU M 758 55.28 -51.19 -61.58
C LEU M 758 56.19 -51.34 -62.80
N ALA M 759 55.65 -51.01 -63.96
CA ALA M 759 56.41 -51.07 -65.21
C ALA M 759 57.41 -49.93 -65.32
N SER M 760 58.47 -50.13 -66.10
CA SER M 760 59.44 -49.08 -66.35
C SER M 760 60.16 -49.30 -67.68
N CYS M 761 60.66 -48.21 -68.25
CA CYS M 761 61.35 -48.27 -69.53
C CYS M 761 62.69 -47.56 -69.48
N SER M 762 63.56 -47.89 -70.42
CA SER M 762 64.89 -47.29 -70.49
C SER M 762 65.54 -47.50 -71.86
N ALA M 763 66.72 -46.90 -72.03
CA ALA M 763 67.38 -46.86 -73.34
C ALA M 763 67.76 -48.24 -73.86
N ASP M 764 67.93 -49.20 -72.95
CA ASP M 764 68.14 -50.59 -73.36
C ASP M 764 66.91 -51.11 -74.11
N GLY M 765 65.77 -50.49 -73.80
CA GLY M 765 64.54 -50.72 -74.56
C GLY M 765 63.67 -51.82 -73.99
N THR M 766 64.26 -52.70 -73.20
CA THR M 766 63.51 -53.77 -72.58
C THR M 766 62.50 -53.21 -71.58
N LEU M 767 61.28 -53.72 -71.61
CA LEU M 767 60.28 -53.35 -70.63
C LEU M 767 60.64 -54.00 -69.30
N LYS M 768 60.29 -53.36 -68.19
CA LYS M 768 60.52 -53.99 -66.90
C LYS M 768 59.31 -53.87 -65.98
N LEU M 769 58.51 -54.93 -65.95
CA LEU M 769 57.35 -55.01 -65.08
C LEU M 769 57.77 -55.50 -63.70
N TRP M 770 58.12 -54.55 -62.84
CA TRP M 770 58.58 -54.83 -61.49
C TRP M 770 57.44 -55.26 -60.58
N ASP M 771 57.73 -56.07 -59.58
CA ASP M 771 56.74 -56.41 -58.56
C ASP M 771 56.93 -55.50 -57.35
N ALA M 772 56.18 -54.41 -57.31
CA ALA M 772 56.34 -53.42 -56.26
C ALA M 772 55.96 -53.96 -54.88
N THR M 773 55.01 -54.90 -54.85
CA THR M 773 54.53 -55.46 -53.58
C THR M 773 55.63 -56.24 -52.86
N SER M 774 56.46 -56.94 -53.63
CA SER M 774 57.57 -57.69 -53.05
C SER M 774 58.84 -56.86 -53.02
N ALA M 775 58.76 -55.67 -53.58
CA ALA M 775 59.92 -54.79 -53.76
C ALA M 775 61.02 -55.51 -54.54
N ASN M 776 60.61 -56.34 -55.50
CA ASN M 776 61.51 -57.19 -56.26
C ASN M 776 61.09 -57.33 -57.72
N GLU M 777 61.99 -57.84 -58.55
CA GLU M 777 61.72 -58.11 -59.95
C GLU M 777 60.66 -59.19 -60.13
N ARG M 778 59.80 -59.03 -61.11
CA ARG M 778 58.82 -60.04 -61.47
C ARG M 778 58.94 -60.42 -62.93
N LYS M 779 58.85 -59.42 -63.80
CA LYS M 779 58.91 -59.66 -65.24
C LYS M 779 59.68 -58.55 -65.95
N SER M 780 60.22 -58.87 -67.12
CA SER M 780 60.95 -57.91 -67.92
C SER M 780 61.13 -58.40 -69.36
N ILE M 781 60.20 -58.01 -70.23
CA ILE M 781 60.27 -58.41 -71.63
C ILE M 781 61.51 -57.84 -72.31
N ASN M 782 62.22 -58.67 -73.06
CA ASN M 782 63.29 -58.20 -73.91
C ASN M 782 62.72 -57.59 -75.19
N VAL M 783 63.41 -56.60 -75.74
CA VAL M 783 62.90 -55.94 -76.94
C VAL M 783 63.97 -55.92 -78.03
N LYS M 784 64.04 -57.00 -78.78
CA LYS M 784 64.83 -57.07 -80.00
C LYS M 784 63.87 -57.32 -81.16
N GLN M 785 62.58 -57.12 -80.87
CA GLN M 785 61.50 -57.43 -81.80
C GLN M 785 61.58 -56.57 -83.05
N PHE M 786 62.25 -55.43 -82.93
CA PHE M 786 62.57 -54.62 -84.10
C PHE M 786 63.73 -55.30 -84.84
N PHE M 787 63.43 -56.43 -85.46
CA PHE M 787 64.43 -57.14 -86.23
C PHE M 787 64.78 -56.37 -87.49
N LEU M 788 66.06 -56.37 -87.86
CA LEU M 788 66.53 -55.60 -89.00
C LEU M 788 67.91 -56.09 -89.42
N ASN M 789 67.97 -56.87 -90.49
CA ASN M 789 69.22 -57.48 -90.95
C ASN M 789 69.99 -56.55 -91.87
N LEU M 790 70.60 -55.51 -91.31
CA LEU M 790 71.42 -54.58 -92.07
C LEU M 790 72.85 -55.09 -92.23
N GLU M 791 73.64 -54.35 -93.01
CA GLU M 791 75.06 -54.62 -93.20
C GLU M 791 75.86 -54.02 -92.05
N ASP M 792 75.14 -53.45 -91.08
CA ASP M 792 75.72 -52.86 -89.89
C ASP M 792 76.48 -53.94 -89.10
N PRO M 793 77.74 -53.66 -88.74
CA PRO M 793 78.58 -54.60 -87.98
C PRO M 793 77.98 -55.04 -86.65
N GLN M 794 77.21 -54.16 -86.02
CA GLN M 794 76.49 -54.52 -84.80
C GLN M 794 75.53 -55.66 -85.13
N GLU M 795 75.30 -56.55 -84.15
CA GLU M 795 74.45 -57.72 -84.37
C GLU M 795 72.97 -57.32 -84.45
N ASP M 796 72.13 -58.00 -83.67
CA ASP M 796 70.73 -57.61 -83.58
C ASP M 796 70.63 -56.20 -82.99
N MET M 797 69.74 -55.40 -83.53
CA MET M 797 69.66 -53.99 -83.18
C MET M 797 69.27 -53.78 -81.71
N GLU M 798 69.89 -52.79 -81.09
CA GLU M 798 69.61 -52.43 -79.71
C GLU M 798 68.49 -51.41 -79.65
N VAL M 799 67.26 -51.89 -79.47
CA VAL M 799 66.07 -51.04 -79.47
C VAL M 799 66.12 -50.05 -78.31
N ILE M 800 65.70 -48.82 -78.57
CA ILE M 800 65.68 -47.77 -77.55
C ILE M 800 64.25 -47.23 -77.41
N VAL M 801 63.44 -47.91 -76.61
CA VAL M 801 62.06 -47.48 -76.37
C VAL M 801 62.01 -46.13 -75.65
N LYS M 802 61.06 -45.28 -76.06
CA LYS M 802 60.87 -44.00 -75.40
C LYS M 802 59.59 -43.97 -74.58
N CYS M 803 58.47 -43.69 -75.24
CA CYS M 803 57.19 -43.60 -74.55
C CYS M 803 56.79 -44.94 -73.97
N CYS M 804 56.24 -44.92 -72.76
CA CYS M 804 55.74 -46.13 -72.12
C CYS M 804 54.21 -46.14 -72.16
N SER M 805 53.66 -46.29 -73.35
CA SER M 805 52.21 -46.21 -73.55
C SER M 805 51.48 -47.39 -72.90
N TRP M 806 50.27 -47.13 -72.43
CA TRP M 806 49.44 -48.17 -71.83
C TRP M 806 48.15 -48.41 -72.62
N SER M 807 47.65 -49.63 -72.56
CA SER M 807 46.32 -49.94 -73.04
C SER M 807 45.32 -49.28 -72.10
N ALA M 808 44.10 -49.02 -72.58
CA ALA M 808 43.13 -48.28 -71.80
C ALA M 808 42.84 -48.98 -70.47
N ASP M 809 42.90 -50.30 -70.47
CA ASP M 809 42.84 -51.06 -69.23
C ASP M 809 44.21 -51.13 -68.54
N GLY M 810 45.26 -50.88 -69.31
CA GLY M 810 46.62 -50.92 -68.79
C GLY M 810 47.15 -52.32 -68.59
N ALA M 811 46.44 -53.31 -69.17
CA ALA M 811 46.81 -54.71 -68.99
C ALA M 811 48.01 -55.10 -69.85
N ARG M 812 48.35 -54.24 -70.80
CA ARG M 812 49.44 -54.51 -71.74
C ARG M 812 50.17 -53.20 -72.03
N ILE M 813 51.42 -53.29 -72.46
CA ILE M 813 52.19 -52.06 -72.68
C ILE M 813 52.51 -51.79 -74.14
N MET M 814 51.86 -50.75 -74.66
CA MET M 814 52.22 -50.15 -75.95
C MET M 814 53.52 -49.37 -75.79
N VAL M 815 54.38 -49.42 -76.81
CA VAL M 815 55.66 -48.71 -76.81
C VAL M 815 55.99 -48.31 -78.23
N ALA M 816 57.04 -47.50 -78.39
CA ALA M 816 57.51 -47.15 -79.72
C ALA M 816 59.00 -46.84 -79.71
N ALA M 817 59.70 -47.27 -80.76
CA ALA M 817 61.13 -47.02 -80.86
C ALA M 817 61.63 -47.20 -82.28
N LYS M 818 62.70 -46.48 -82.61
CA LYS M 818 63.34 -46.58 -83.92
C LYS M 818 62.35 -46.36 -85.06
N ASN M 819 61.95 -47.45 -85.70
CA ASN M 819 61.03 -47.37 -86.83
C ASN M 819 59.69 -48.06 -86.58
N LYS M 820 59.50 -48.61 -85.38
CA LYS M 820 58.30 -49.38 -85.10
C LYS M 820 57.71 -49.16 -83.71
N ILE M 821 56.39 -49.04 -83.69
CA ILE M 821 55.61 -49.16 -82.47
C ILE M 821 55.47 -50.65 -82.16
N PHE M 822 55.37 -51.00 -80.88
CA PHE M 822 55.09 -52.37 -80.46
C PHE M 822 53.98 -52.39 -79.42
N LEU M 823 53.29 -53.53 -79.30
CA LEU M 823 52.32 -53.71 -78.23
C LEU M 823 52.67 -54.98 -77.47
N PHE M 824 53.57 -54.86 -76.50
CA PHE M 824 53.97 -56.01 -75.71
C PHE M 824 52.91 -56.39 -74.69
N ASP M 825 52.83 -57.70 -74.42
CA ASP M 825 51.96 -58.22 -73.38
C ASP M 825 52.81 -58.63 -72.19
N ILE M 826 52.98 -57.71 -71.25
CA ILE M 826 53.82 -57.94 -70.07
C ILE M 826 53.29 -59.02 -69.15
N HIS M 827 51.98 -59.21 -69.10
CA HIS M 827 51.41 -60.24 -68.26
C HIS M 827 51.79 -61.64 -68.74
N THR M 828 52.01 -61.79 -70.05
CA THR M 828 52.46 -63.06 -70.61
C THR M 828 53.94 -63.00 -70.99
N SER M 829 54.54 -61.83 -70.79
CA SER M 829 55.94 -61.59 -71.12
C SER M 829 56.25 -61.91 -72.57
N GLY M 830 55.40 -61.48 -73.49
CA GLY M 830 55.62 -61.71 -74.90
C GLY M 830 55.07 -60.62 -75.81
N LEU M 831 55.66 -60.51 -77.00
CA LEU M 831 55.21 -59.55 -78.01
C LEU M 831 53.82 -59.89 -78.54
N LEU M 832 53.04 -58.85 -78.85
CA LEU M 832 51.80 -59.03 -79.59
C LEU M 832 51.74 -58.07 -80.79
N GLY M 833 51.42 -56.82 -80.51
CA GLY M 833 51.28 -55.83 -81.57
C GLY M 833 52.61 -55.30 -82.07
N GLU M 834 52.58 -54.63 -83.22
CA GLU M 834 53.77 -54.08 -83.82
C GLU M 834 53.40 -53.13 -84.96
N ILE M 835 53.25 -51.85 -84.64
CA ILE M 835 52.84 -50.86 -85.63
C ILE M 835 54.04 -50.11 -86.22
N HIS M 836 54.40 -50.43 -87.46
CA HIS M 836 55.53 -49.79 -88.10
C HIS M 836 55.27 -48.30 -88.32
N THR M 837 56.28 -47.47 -88.12
CA THR M 837 56.14 -46.03 -88.30
C THR M 837 56.43 -45.62 -89.74
N GLY M 838 56.12 -44.37 -90.09
CA GLY M 838 56.33 -43.88 -91.44
C GLY M 838 57.77 -43.92 -91.88
N HIS M 839 58.00 -44.48 -93.06
CA HIS M 839 59.34 -44.62 -93.64
C HIS M 839 60.33 -45.22 -92.65
N HIS M 840 61.55 -44.67 -92.62
CA HIS M 840 62.57 -45.17 -91.72
C HIS M 840 63.47 -44.06 -91.18
N SER M 841 63.78 -44.14 -89.90
CA SER M 841 64.62 -43.18 -89.20
C SER M 841 64.87 -43.66 -87.77
N THR M 842 64.52 -42.82 -86.81
CA THR M 842 64.52 -43.18 -85.40
C THR M 842 63.57 -42.26 -84.66
N ILE M 843 62.60 -42.85 -83.94
CA ILE M 843 61.54 -42.05 -83.32
C ILE M 843 62.10 -41.06 -82.31
N GLN M 844 61.62 -39.81 -82.39
CA GLN M 844 61.95 -38.78 -81.42
C GLN M 844 60.83 -38.65 -80.40
N TYR M 845 59.61 -38.95 -80.84
CA TYR M 845 58.44 -38.90 -79.97
C TYR M 845 57.29 -39.77 -80.47
N CYS M 846 56.45 -40.21 -79.54
CA CYS M 846 55.30 -41.05 -79.89
C CYS M 846 54.21 -40.95 -78.84
N ASP M 847 52.98 -41.27 -79.21
CA ASP M 847 51.85 -41.20 -78.30
C ASP M 847 50.66 -42.03 -78.76
N PHE M 848 50.42 -43.16 -78.08
CA PHE M 848 49.24 -43.98 -78.31
C PHE M 848 47.94 -43.33 -77.82
N SER M 849 46.87 -43.53 -78.56
CA SER M 849 45.53 -43.08 -78.16
C SER M 849 44.60 -44.27 -77.94
N PRO M 850 44.12 -44.43 -76.69
CA PRO M 850 43.20 -45.53 -76.36
C PRO M 850 41.91 -45.53 -77.18
N GLN M 851 41.40 -44.34 -77.52
CA GLN M 851 40.29 -44.24 -78.45
C GLN M 851 40.74 -44.49 -79.89
N ASN M 852 39.87 -45.13 -80.66
CA ASN M 852 40.07 -45.33 -82.09
C ASN M 852 41.39 -45.99 -82.46
N HIS M 853 42.08 -46.53 -81.45
CA HIS M 853 43.40 -47.11 -81.61
C HIS M 853 44.37 -46.15 -82.30
N LEU M 854 44.19 -44.85 -82.06
CA LEU M 854 45.02 -43.84 -82.72
C LEU M 854 46.43 -43.74 -82.15
N ALA M 855 47.35 -43.26 -82.99
CA ALA M 855 48.73 -43.06 -82.60
C ALA M 855 49.27 -41.75 -83.14
N VAL M 856 49.24 -40.71 -82.32
CA VAL M 856 49.84 -39.44 -82.70
C VAL M 856 51.33 -39.51 -82.44
N VAL M 857 52.08 -39.73 -83.51
CA VAL M 857 53.52 -39.94 -83.38
C VAL M 857 54.32 -38.87 -84.08
N ALA M 858 55.16 -38.18 -83.32
CA ALA M 858 56.13 -37.24 -83.89
C ALA M 858 57.43 -37.98 -84.16
N LEU M 859 57.56 -38.51 -85.37
CA LEU M 859 58.72 -39.32 -85.74
C LEU M 859 60.01 -38.50 -85.64
N SER M 860 60.18 -37.55 -86.55
CA SER M 860 61.32 -36.65 -86.52
C SER M 860 60.98 -35.37 -87.29
N GLN M 861 61.56 -34.24 -86.89
CA GLN M 861 61.25 -32.97 -87.56
C GLN M 861 59.75 -32.66 -87.44
N TYR M 862 59.22 -32.79 -86.24
CA TYR M 862 57.84 -32.42 -85.99
C TYR M 862 56.95 -33.16 -86.97
N CYS M 863 57.30 -34.40 -87.28
CA CYS M 863 56.46 -35.20 -88.15
C CYS M 863 55.37 -35.86 -87.31
N VAL M 864 54.42 -35.05 -86.89
CA VAL M 864 53.37 -35.47 -85.96
C VAL M 864 52.23 -36.12 -86.74
N GLU M 865 52.47 -37.31 -87.26
CA GLU M 865 51.46 -38.03 -88.03
C GLU M 865 50.42 -38.69 -87.13
N LEU M 866 49.19 -38.78 -87.63
CA LEU M 866 48.14 -39.52 -86.95
C LEU M 866 47.96 -40.88 -87.59
N TRP M 867 48.58 -41.87 -86.96
CA TRP M 867 48.49 -43.28 -87.34
C TRP M 867 47.34 -43.97 -86.63
N ASN M 868 47.06 -45.20 -87.01
CA ASN M 868 46.05 -45.99 -86.32
C ASN M 868 46.62 -47.34 -85.92
N THR M 869 46.73 -47.57 -84.61
CA THR M 869 47.40 -48.77 -84.09
C THR M 869 46.61 -50.05 -84.36
N ASP M 870 47.33 -51.16 -84.40
CA ASP M 870 46.79 -52.49 -84.66
C ASP M 870 46.34 -52.63 -86.12
N SER M 871 45.51 -51.69 -86.57
CA SER M 871 45.17 -51.61 -87.98
C SER M 871 46.41 -51.25 -88.80
N ARG M 872 47.36 -50.60 -88.13
CA ARG M 872 48.68 -50.33 -88.71
C ARG M 872 48.63 -49.50 -89.99
N SER M 873 47.82 -48.46 -89.98
CA SER M 873 47.75 -47.53 -91.10
C SER M 873 47.53 -46.11 -90.61
N LYS M 874 48.15 -45.15 -91.30
CA LYS M 874 48.02 -43.74 -90.96
C LYS M 874 46.59 -43.24 -91.19
N VAL M 875 46.12 -42.39 -90.28
CA VAL M 875 44.82 -41.76 -90.44
C VAL M 875 44.94 -40.43 -91.17
N ALA M 876 45.74 -39.52 -90.64
CA ALA M 876 45.92 -38.22 -91.31
C ALA M 876 47.16 -37.45 -90.87
N ASP M 877 47.66 -36.59 -91.75
CA ASP M 877 48.80 -35.75 -91.44
C ASP M 877 48.39 -34.60 -90.53
N CYS M 878 49.32 -34.12 -89.71
CA CYS M 878 49.07 -32.99 -88.83
C CYS M 878 50.21 -31.98 -88.90
N ARG M 879 50.23 -31.13 -89.93
CA ARG M 879 51.14 -29.97 -89.98
C ARG M 879 50.74 -28.82 -89.01
N GLY M 880 51.73 -28.01 -88.58
CA GLY M 880 51.49 -26.89 -87.68
C GLY M 880 52.23 -26.59 -86.38
N HIS M 881 53.29 -27.31 -86.05
CA HIS M 881 54.16 -26.89 -84.95
C HIS M 881 55.53 -26.44 -85.49
N LEU M 882 56.04 -25.35 -84.92
CA LEU M 882 57.32 -24.73 -85.30
C LEU M 882 58.34 -25.07 -84.20
N SER M 883 59.59 -25.35 -84.58
CA SER M 883 60.66 -25.83 -83.66
C SER M 883 60.82 -27.34 -83.52
N TRP M 884 60.11 -28.09 -84.37
CA TRP M 884 59.99 -29.53 -84.19
C TRP M 884 59.39 -29.81 -82.80
N VAL M 885 58.20 -30.41 -82.78
CA VAL M 885 57.49 -30.61 -81.52
C VAL M 885 58.44 -30.89 -80.37
N HIS M 886 57.93 -30.71 -79.16
CA HIS M 886 58.66 -31.07 -77.96
C HIS M 886 57.82 -32.05 -77.18
N GLY M 887 56.52 -32.08 -77.47
CA GLY M 887 55.69 -33.09 -76.83
C GLY M 887 54.19 -32.95 -77.05
N VAL M 888 53.48 -34.06 -76.87
CA VAL M 888 52.04 -34.15 -77.11
C VAL M 888 51.44 -35.12 -76.09
N MET M 889 50.21 -34.90 -75.67
CA MET M 889 49.51 -35.91 -74.85
C MET M 889 48.00 -35.68 -74.88
N PHE M 890 47.26 -36.77 -74.90
CA PHE M 890 45.80 -36.74 -75.01
C PHE M 890 45.11 -36.36 -73.70
N SER M 891 43.90 -35.83 -73.84
CA SER M 891 43.03 -35.56 -72.71
C SER M 891 42.61 -36.88 -72.08
N PRO M 892 42.30 -36.86 -70.78
CA PRO M 892 41.80 -38.09 -70.13
C PRO M 892 40.52 -38.58 -70.79
N ASP M 893 39.71 -37.65 -71.28
CA ASP M 893 38.56 -38.01 -72.11
C ASP M 893 39.02 -38.61 -73.44
N GLY M 894 40.20 -38.19 -73.89
CA GLY M 894 40.75 -38.68 -75.14
C GLY M 894 40.19 -37.92 -76.33
N SER M 895 39.33 -36.96 -76.05
CA SER M 895 38.66 -36.18 -77.10
C SER M 895 39.55 -35.07 -77.63
N SER M 896 40.70 -34.87 -76.98
CA SER M 896 41.61 -33.79 -77.35
C SER M 896 43.03 -34.08 -76.89
N PHE M 897 43.99 -33.30 -77.37
CA PHE M 897 45.37 -33.46 -76.93
C PHE M 897 46.18 -32.16 -77.00
N LEU M 898 47.03 -31.97 -76.00
CA LEU M 898 47.97 -30.85 -75.98
C LEU M 898 49.14 -31.11 -76.92
N THR M 899 49.77 -30.05 -77.41
CA THR M 899 50.97 -30.19 -78.22
C THR M 899 52.07 -29.20 -77.80
N SER M 900 52.85 -29.57 -76.81
CA SER M 900 53.99 -28.77 -76.40
C SER M 900 55.01 -28.73 -77.53
N SER M 901 55.70 -27.60 -77.69
CA SER M 901 56.64 -27.46 -78.80
C SER M 901 57.83 -26.58 -78.44
N ASP M 902 58.89 -26.71 -79.21
CA ASP M 902 60.13 -25.98 -78.95
C ASP M 902 59.95 -24.47 -79.09
N ASP M 903 58.95 -24.03 -79.85
CA ASP M 903 58.76 -22.60 -80.04
C ASP M 903 58.52 -21.97 -78.67
N GLN M 904 57.95 -22.79 -77.78
CA GLN M 904 57.25 -22.34 -76.57
C GLN M 904 55.71 -22.26 -76.71
N THR M 905 55.12 -23.19 -77.46
CA THR M 905 53.73 -23.14 -77.89
C THR M 905 52.99 -24.44 -77.60
N ILE M 906 51.77 -24.32 -77.09
CA ILE M 906 50.93 -25.49 -76.82
C ILE M 906 49.62 -25.39 -77.58
N ARG M 907 49.45 -26.21 -78.60
CA ARG M 907 48.24 -26.14 -79.40
C ARG M 907 47.26 -27.24 -79.02
N LEU M 908 46.09 -26.80 -78.58
CA LEU M 908 44.95 -27.69 -78.36
C LEU M 908 44.40 -28.20 -79.68
N TRP M 909 43.93 -29.45 -79.70
CA TRP M 909 43.36 -30.04 -80.90
C TRP M 909 42.21 -30.99 -80.60
N GLU M 910 41.13 -30.87 -81.37
CA GLU M 910 40.03 -31.82 -81.31
C GLU M 910 40.44 -33.15 -81.94
N THR M 911 39.93 -34.24 -81.39
CA THR M 911 40.23 -35.58 -81.90
C THR M 911 39.72 -35.79 -83.33
N LYS M 912 38.53 -35.27 -83.60
CA LYS M 912 37.86 -35.47 -84.89
C LYS M 912 38.62 -34.89 -86.08
N LYS M 913 39.22 -33.71 -85.88
CA LYS M 913 39.87 -32.97 -86.96
C LYS M 913 41.03 -33.72 -87.58
N VAL M 914 41.82 -34.41 -86.75
CA VAL M 914 43.03 -35.08 -87.21
C VAL M 914 42.77 -36.18 -88.24
N CYS M 915 41.71 -36.95 -88.04
CA CYS M 915 41.41 -38.08 -88.91
C CYS M 915 41.12 -37.64 -90.35
N LYS M 916 40.39 -36.55 -90.51
CA LYS M 916 40.04 -36.03 -91.83
C LYS M 916 41.30 -35.61 -92.57
N ASN M 917 41.33 -35.84 -93.88
CA ASN M 917 42.54 -35.51 -94.63
C ASN M 917 42.59 -34.03 -94.97
N SER M 918 43.80 -33.48 -95.05
CA SER M 918 43.98 -32.07 -95.37
C SER M 918 45.25 -31.83 -96.17
N ALA M 919 45.29 -32.37 -97.38
CA ALA M 919 46.45 -32.21 -98.26
C ALA M 919 46.65 -30.75 -98.63
N VAL M 920 47.21 -29.97 -97.72
CA VAL M 920 47.44 -28.55 -97.95
C VAL M 920 48.81 -28.13 -97.43
N MET M 921 48.94 -26.87 -97.01
CA MET M 921 50.19 -26.34 -96.51
C MET M 921 51.36 -26.69 -97.42
N LEU M 922 51.60 -25.85 -98.43
CA LEU M 922 52.69 -26.06 -99.36
C LEU M 922 54.01 -26.36 -98.66
N LYS M 923 54.90 -27.02 -99.41
CA LYS M 923 56.23 -27.42 -98.94
C LYS M 923 57.09 -26.20 -98.62
N GLN M 924 57.99 -26.37 -97.65
CA GLN M 924 58.66 -25.23 -97.02
C GLN M 924 59.51 -24.34 -97.94
N GLU M 925 60.28 -24.97 -98.83
CA GLU M 925 61.11 -24.20 -99.75
C GLU M 925 60.57 -24.31 -101.17
N VAL M 926 60.28 -23.16 -101.76
CA VAL M 926 59.76 -23.12 -103.12
C VAL M 926 60.28 -21.89 -103.86
N ASP M 927 60.29 -21.96 -105.19
CA ASP M 927 60.68 -20.83 -106.00
C ASP M 927 59.47 -20.31 -106.75
N VAL M 928 59.24 -18.99 -106.68
CA VAL M 928 58.13 -18.35 -107.38
C VAL M 928 58.60 -17.34 -108.43
N VAL M 929 58.07 -17.43 -109.66
CA VAL M 929 58.44 -16.50 -110.74
C VAL M 929 57.28 -15.58 -111.13
N PHE M 930 57.53 -14.28 -111.13
CA PHE M 930 56.47 -13.30 -111.36
C PHE M 930 56.52 -12.63 -112.73
N GLN M 931 55.45 -12.86 -113.50
CA GLN M 931 55.35 -12.43 -114.88
C GLN M 931 54.32 -11.34 -115.14
N GLU M 932 53.93 -10.61 -114.10
CA GLU M 932 52.90 -9.55 -114.20
C GLU M 932 51.68 -9.56 -113.22
N ASN M 933 50.47 -9.58 -113.79
CA ASN M 933 49.15 -9.56 -113.11
C ASN M 933 48.72 -10.76 -112.24
N GLU M 934 49.27 -11.93 -112.59
CA GLU M 934 49.12 -13.15 -111.81
C GLU M 934 50.52 -13.64 -111.44
N VAL M 935 50.69 -14.07 -110.19
CA VAL M 935 51.97 -14.60 -109.70
C VAL M 935 51.83 -16.10 -109.46
N MET M 936 52.79 -16.89 -109.97
CA MET M 936 52.75 -18.35 -109.83
C MET M 936 53.84 -18.79 -108.84
N VAL M 937 53.48 -19.62 -107.87
CA VAL M 937 54.42 -20.08 -106.83
C VAL M 937 54.80 -21.54 -107.07
N LEU M 938 56.10 -21.82 -107.09
CA LEU M 938 56.58 -23.19 -107.24
C LEU M 938 56.17 -24.02 -106.03
N ALA M 939 55.77 -25.25 -106.27
CA ALA M 939 55.31 -26.12 -105.18
C ALA M 939 55.80 -27.56 -105.32
N VAL M 940 55.89 -28.24 -104.18
CA VAL M 940 56.25 -29.65 -104.15
C VAL M 940 55.04 -30.45 -103.70
N ASP M 941 54.69 -31.48 -104.47
CA ASP M 941 53.45 -32.22 -104.22
C ASP M 941 53.49 -32.83 -102.82
N HIS M 942 52.32 -32.90 -102.19
CA HIS M 942 52.21 -33.43 -100.84
C HIS M 942 52.62 -34.89 -100.81
N ILE M 943 52.51 -35.57 -101.94
CA ILE M 943 52.89 -36.98 -102.02
C ILE M 943 54.19 -37.20 -102.81
N ARG M 944 54.27 -36.63 -104.00
CA ARG M 944 55.39 -36.95 -104.88
C ARG M 944 56.12 -35.71 -105.42
N ARG M 945 55.75 -35.27 -106.62
CA ARG M 945 56.52 -34.25 -107.33
C ARG M 945 56.06 -32.84 -107.02
N LEU M 946 55.10 -32.34 -107.80
CA LEU M 946 54.68 -30.95 -107.68
C LEU M 946 53.30 -30.64 -108.28
N GLN M 947 52.75 -29.50 -107.86
CA GLN M 947 51.57 -28.91 -108.46
C GLN M 947 51.75 -27.40 -108.51
N LEU M 948 51.41 -26.80 -109.65
CA LEU M 948 51.50 -25.37 -109.76
C LEU M 948 50.11 -24.80 -109.58
N ILE M 949 49.93 -24.10 -108.48
CA ILE M 949 48.68 -23.38 -108.24
C ILE M 949 48.90 -21.88 -108.36
N ASN M 950 48.31 -21.29 -109.40
CA ASN M 950 48.35 -19.84 -109.56
C ASN M 950 47.51 -19.19 -108.49
N GLY M 951 47.88 -17.98 -108.11
CA GLY M 951 47.11 -17.23 -107.14
C GLY M 951 45.80 -16.78 -107.75
N ARG M 952 44.82 -16.48 -106.90
CA ARG M 952 43.50 -16.04 -107.34
C ARG M 952 42.82 -17.03 -108.28
N THR M 953 43.10 -18.32 -108.10
CA THR M 953 42.45 -19.37 -108.88
C THR M 953 42.66 -20.74 -108.25
N GLY M 954 41.81 -21.68 -108.65
CA GLY M 954 41.90 -23.07 -108.18
C GLY M 954 42.59 -23.94 -109.22
N GLN M 955 43.34 -23.32 -110.12
CA GLN M 955 43.96 -24.01 -111.24
C GLN M 955 45.25 -24.75 -110.84
N ILE M 956 45.09 -25.95 -110.29
CA ILE M 956 46.22 -26.83 -109.97
C ILE M 956 46.90 -27.29 -111.26
N ASP M 957 48.23 -27.41 -111.22
CA ASP M 957 48.99 -27.90 -112.38
C ASP M 957 49.98 -28.98 -111.94
N TYR M 958 49.46 -30.19 -111.77
CA TYR M 958 50.26 -31.33 -111.32
C TYR M 958 51.19 -31.85 -112.41
N LEU M 959 52.34 -32.37 -111.99
CA LEU M 959 53.31 -32.99 -112.89
C LEU M 959 53.94 -34.21 -112.23
N THR M 960 54.45 -35.14 -113.03
CA THR M 960 55.02 -36.37 -112.49
C THR M 960 56.54 -36.51 -112.69
N GLU M 961 57.20 -36.96 -111.63
CA GLU M 961 58.64 -37.27 -111.64
C GLU M 961 58.94 -38.02 -110.34
N ALA M 962 60.05 -38.74 -110.28
CA ALA M 962 60.42 -39.46 -109.07
C ALA M 962 60.98 -38.49 -108.04
N GLN M 963 60.10 -37.66 -107.48
CA GLN M 963 60.45 -36.66 -106.46
C GLN M 963 61.55 -35.71 -106.93
N VAL M 964 61.16 -34.58 -107.50
CA VAL M 964 62.11 -33.56 -107.92
C VAL M 964 62.82 -32.96 -106.72
N SER M 965 64.12 -32.71 -106.88
CA SER M 965 64.92 -32.13 -105.80
C SER M 965 64.78 -30.62 -105.73
N CYS M 966 64.69 -29.99 -106.89
CA CYS M 966 64.57 -28.54 -107.01
C CYS M 966 64.08 -28.22 -108.41
N CYS M 967 63.62 -26.99 -108.64
CA CYS M 967 63.04 -26.64 -109.93
C CYS M 967 63.38 -25.22 -110.39
N CYS M 968 63.31 -25.01 -111.70
CA CYS M 968 63.57 -23.71 -112.30
C CYS M 968 62.91 -23.56 -113.67
N LEU M 969 62.16 -22.48 -113.85
CA LEU M 969 61.59 -22.16 -115.16
C LEU M 969 62.60 -21.51 -116.10
N SER M 970 62.40 -21.73 -117.39
CA SER M 970 63.24 -21.13 -118.43
C SER M 970 62.96 -19.66 -118.64
N PRO M 971 63.96 -18.91 -119.13
CA PRO M 971 63.76 -17.51 -119.52
C PRO M 971 62.77 -17.43 -120.67
N HIS M 972 61.95 -16.38 -120.70
CA HIS M 972 60.92 -16.20 -121.71
C HIS M 972 59.98 -17.42 -121.78
N LEU M 973 59.76 -18.03 -120.62
CA LEU M 973 58.84 -19.17 -120.50
C LEU M 973 59.19 -20.32 -121.43
N GLN M 974 58.15 -20.97 -121.96
CA GLN M 974 58.26 -22.01 -122.99
C GLN M 974 58.88 -23.33 -122.49
N TYR M 975 59.41 -23.34 -121.28
CA TYR M 975 60.01 -24.55 -120.72
C TYR M 975 59.87 -24.59 -119.20
N ILE M 976 60.18 -25.74 -118.64
CA ILE M 976 60.20 -25.96 -117.20
C ILE M 976 61.38 -26.89 -116.91
N ALA M 977 61.94 -26.84 -115.71
CA ALA M 977 63.09 -27.68 -115.40
C ALA M 977 63.15 -28.10 -113.94
N PHE M 978 63.90 -29.16 -113.67
CA PHE M 978 64.07 -29.66 -112.32
C PHE M 978 65.38 -30.42 -112.15
N GLY M 979 65.87 -30.43 -110.91
CA GLY M 979 67.06 -31.19 -110.55
C GLY M 979 66.72 -32.60 -110.12
N ASP M 980 67.71 -33.30 -109.57
CA ASP M 980 67.51 -34.68 -109.13
C ASP M 980 68.51 -35.04 -108.04
N GLU M 981 68.22 -36.13 -107.32
CA GLU M 981 69.06 -36.59 -106.22
C GLU M 981 70.46 -36.97 -106.71
N ASN M 982 70.54 -37.41 -107.97
CA ASN M 982 71.82 -37.73 -108.60
C ASN M 982 72.50 -36.49 -109.15
N GLY M 983 71.82 -35.35 -109.08
CA GLY M 983 72.32 -34.12 -109.64
C GLY M 983 71.96 -33.94 -111.11
N ALA M 984 71.26 -34.92 -111.65
CA ALA M 984 70.74 -34.83 -113.02
C ALA M 984 69.71 -33.72 -113.11
N ILE M 985 69.68 -33.00 -114.22
CA ILE M 985 68.73 -31.90 -114.36
C ILE M 985 68.00 -31.92 -115.69
N GLU M 986 66.73 -32.31 -115.65
CA GLU M 986 65.87 -32.31 -116.83
C GLU M 986 65.28 -30.94 -117.11
N ILE M 987 65.02 -30.64 -118.39
CA ILE M 987 64.30 -29.44 -118.76
C ILE M 987 63.14 -29.78 -119.70
N LEU M 988 62.01 -30.18 -119.11
CA LEU M 988 60.82 -30.52 -119.88
C LEU M 988 60.28 -29.32 -120.67
N GLU M 989 59.94 -29.54 -121.94
CA GLU M 989 59.29 -28.49 -122.72
C GLU M 989 57.82 -28.38 -122.36
N LEU M 990 57.27 -27.18 -122.42
CA LEU M 990 55.85 -26.96 -122.16
C LEU M 990 54.98 -27.43 -123.32
N VAL M 991 55.46 -27.18 -124.54
CA VAL M 991 54.69 -27.49 -125.74
C VAL M 991 54.48 -29.00 -125.89
N ASN M 992 55.45 -29.78 -125.42
CA ASN M 992 55.35 -31.23 -125.54
C ASN M 992 56.08 -31.92 -124.40
N ASN M 993 55.39 -32.81 -123.71
CA ASN M 993 55.97 -33.58 -122.62
C ASN M 993 57.00 -34.60 -123.08
N ARG M 994 56.93 -35.02 -124.34
CA ARG M 994 57.88 -35.98 -124.89
C ARG M 994 59.30 -35.42 -124.99
N ILE M 995 59.42 -34.13 -125.22
CA ILE M 995 60.73 -33.51 -125.42
C ILE M 995 61.35 -33.06 -124.10
N PHE M 996 62.57 -33.54 -123.85
CA PHE M 996 63.30 -33.19 -122.66
C PHE M 996 64.79 -33.44 -122.86
N GLN M 997 65.61 -32.81 -122.03
CA GLN M 997 67.03 -33.11 -121.96
C GLN M 997 67.32 -33.45 -120.51
N SER M 998 68.08 -34.51 -120.25
CA SER M 998 68.45 -34.87 -118.89
C SER M 998 69.97 -34.76 -118.76
N ARG M 999 70.46 -34.11 -117.71
CA ARG M 999 71.90 -33.96 -117.54
C ARG M 999 72.36 -34.74 -116.32
N PHE M 1000 73.38 -35.59 -116.50
CA PHE M 1000 73.86 -36.39 -115.37
C PHE M 1000 75.17 -35.80 -114.86
N GLN M 1001 75.18 -35.36 -113.60
CA GLN M 1001 76.32 -34.59 -113.12
C GLN M 1001 76.23 -34.46 -111.60
N HIS M 1002 77.33 -34.08 -110.97
CA HIS M 1002 77.43 -33.83 -109.53
C HIS M 1002 77.38 -35.11 -108.71
N LYS M 1003 78.26 -35.20 -107.72
CA LYS M 1003 78.36 -36.36 -106.86
C LYS M 1003 77.08 -36.59 -106.05
N LYS M 1004 76.39 -35.49 -105.75
CA LYS M 1004 75.16 -35.56 -104.96
C LYS M 1004 74.06 -34.75 -105.61
N THR M 1005 73.04 -34.39 -104.83
CA THR M 1005 71.96 -33.56 -105.33
C THR M 1005 72.48 -32.19 -105.74
N VAL M 1006 72.01 -31.69 -106.87
CA VAL M 1006 72.43 -30.39 -107.38
C VAL M 1006 72.00 -29.26 -106.45
N TRP M 1007 72.87 -28.27 -106.24
CA TRP M 1007 72.53 -27.10 -105.44
C TRP M 1007 71.84 -26.04 -106.30
N HIS M 1008 72.50 -24.90 -106.43
CA HIS M 1008 71.94 -23.76 -107.15
C HIS M 1008 71.77 -24.07 -108.63
N ILE M 1009 70.68 -23.57 -109.21
CA ILE M 1009 70.42 -23.70 -110.63
C ILE M 1009 69.98 -22.37 -111.20
N GLN M 1010 70.57 -21.97 -112.32
CA GLN M 1010 70.21 -20.71 -112.94
C GLN M 1010 70.45 -20.75 -114.44
N PHE M 1011 69.60 -20.06 -115.18
CA PHE M 1011 69.66 -20.05 -116.64
C PHE M 1011 70.27 -18.74 -117.15
N THR M 1012 70.86 -18.79 -118.34
CA THR M 1012 71.42 -17.60 -118.98
C THR M 1012 70.30 -16.72 -119.51
N ALA M 1013 70.64 -15.52 -119.95
CA ALA M 1013 69.68 -14.62 -120.57
C ALA M 1013 69.13 -15.25 -121.84
N ASP M 1014 69.95 -16.08 -122.47
CA ASP M 1014 69.49 -16.93 -123.56
C ASP M 1014 68.58 -18.03 -123.01
N GLU M 1015 67.64 -18.48 -123.82
CA GLU M 1015 66.75 -19.57 -123.42
C GLU M 1015 67.56 -20.85 -123.21
N LYS M 1016 68.70 -20.92 -123.90
CA LYS M 1016 69.61 -22.07 -123.81
C LYS M 1016 70.55 -21.97 -122.62
N THR M 1017 71.28 -23.08 -122.39
CA THR M 1017 72.37 -23.17 -121.42
C THR M 1017 71.91 -23.19 -119.95
N LEU M 1018 71.81 -24.40 -119.41
CA LEU M 1018 71.66 -24.60 -117.96
C LEU M 1018 72.94 -24.25 -117.22
N ILE M 1019 72.83 -23.72 -116.01
CA ILE M 1019 73.99 -23.57 -115.16
C ILE M 1019 73.63 -24.11 -113.78
N SER M 1020 74.56 -24.82 -113.14
CA SER M 1020 74.29 -25.46 -111.86
C SER M 1020 75.56 -25.68 -111.05
N SER M 1021 75.39 -26.11 -109.80
CA SER M 1021 76.52 -26.47 -108.94
C SER M 1021 76.08 -27.43 -107.85
N SER M 1022 77.05 -28.11 -107.24
CA SER M 1022 76.77 -29.01 -106.11
C SER M 1022 78.04 -29.32 -105.34
N ASP M 1023 78.24 -30.59 -104.99
CA ASP M 1023 79.40 -31.00 -104.21
C ASP M 1023 80.70 -30.84 -104.99
N ASP M 1024 80.61 -30.84 -106.31
CA ASP M 1024 81.79 -30.67 -107.14
C ASP M 1024 82.42 -29.28 -106.96
N ALA M 1025 83.74 -29.23 -106.98
CA ALA M 1025 84.46 -27.95 -106.88
C ALA M 1025 84.13 -27.06 -108.08
N GLU M 1026 83.91 -27.69 -109.22
CA GLU M 1026 83.59 -26.99 -110.45
C GLU M 1026 82.16 -26.47 -110.44
N ILE M 1027 81.93 -25.37 -111.14
CA ILE M 1027 80.57 -24.90 -111.37
C ILE M 1027 80.10 -25.37 -112.74
N GLN M 1028 79.13 -26.27 -112.73
CA GLN M 1028 78.58 -26.83 -113.96
C GLN M 1028 77.92 -25.76 -114.84
N VAL M 1029 78.18 -25.86 -116.13
CA VAL M 1029 77.43 -25.12 -117.14
C VAL M 1029 77.08 -26.09 -118.25
N TRP M 1030 75.89 -26.65 -118.16
CA TRP M 1030 75.45 -27.65 -119.13
C TRP M 1030 74.40 -27.09 -120.07
N ASN M 1031 74.82 -26.71 -121.27
CA ASN M 1031 73.85 -26.25 -122.25
C ASN M 1031 72.98 -27.44 -122.63
N TRP M 1032 71.66 -27.22 -122.69
CA TRP M 1032 70.74 -28.30 -123.02
C TRP M 1032 70.56 -28.41 -124.53
N GLN M 1033 69.91 -29.49 -124.96
CA GLN M 1033 69.75 -29.82 -126.38
C GLN M 1033 71.10 -30.08 -127.02
N LEU M 1034 71.95 -29.06 -127.03
CA LEU M 1034 73.33 -29.18 -127.50
C LEU M 1034 74.10 -30.12 -126.59
N ASP M 1035 73.61 -30.26 -125.35
CA ASP M 1035 74.21 -31.12 -124.34
C ASP M 1035 75.66 -30.74 -124.04
N LYS M 1036 75.97 -29.45 -124.14
CA LYS M 1036 77.33 -28.97 -123.89
C LYS M 1036 77.63 -29.01 -122.40
N CYS M 1037 78.91 -29.20 -122.06
CA CYS M 1037 79.30 -29.39 -120.67
C CYS M 1037 80.49 -28.52 -120.27
N ILE M 1038 80.35 -27.21 -120.45
CA ILE M 1038 81.42 -26.30 -120.03
C ILE M 1038 81.52 -26.30 -118.51
N PHE M 1039 82.72 -26.31 -117.96
CA PHE M 1039 82.88 -26.29 -116.51
C PHE M 1039 83.66 -25.08 -116.01
N LEU M 1040 83.29 -24.60 -114.82
CA LEU M 1040 84.04 -23.56 -114.13
C LEU M 1040 84.96 -24.18 -113.11
N ARG M 1041 86.22 -24.40 -113.50
CA ARG M 1041 87.16 -25.11 -112.64
C ARG M 1041 87.74 -24.20 -111.57
N GLY M 1042 86.98 -24.01 -110.49
CA GLY M 1042 87.38 -23.12 -109.42
C GLY M 1042 88.36 -23.66 -108.41
N HIS M 1043 88.58 -24.97 -108.43
CA HIS M 1043 89.51 -25.65 -107.51
C HIS M 1043 89.21 -25.34 -106.03
N GLN M 1044 87.95 -25.08 -105.75
CA GLN M 1044 87.43 -24.93 -104.40
C GLN M 1044 87.08 -26.29 -103.80
N GLU M 1045 86.89 -26.35 -102.49
CA GLU M 1045 86.42 -27.57 -101.85
C GLU M 1045 85.03 -27.83 -102.43
N THR M 1046 84.28 -26.74 -102.56
CA THR M 1046 83.09 -26.70 -103.40
C THR M 1046 82.77 -25.23 -103.61
N VAL M 1047 82.00 -24.91 -104.66
CA VAL M 1047 81.45 -23.57 -104.77
C VAL M 1047 80.09 -23.53 -104.10
N LYS M 1048 79.93 -22.61 -103.15
CA LYS M 1048 78.72 -22.55 -102.35
C LYS M 1048 77.52 -22.06 -103.15
N ASP M 1049 77.70 -21.01 -103.93
CA ASP M 1049 76.59 -20.45 -104.69
C ASP M 1049 77.10 -19.55 -105.81
N PHE M 1050 76.23 -19.22 -106.75
CA PHE M 1050 76.59 -18.33 -107.85
C PHE M 1050 75.36 -17.58 -108.35
N ARG M 1051 75.60 -16.47 -109.02
CA ARG M 1051 74.53 -15.64 -109.57
C ARG M 1051 74.93 -14.98 -110.89
N LEU M 1052 73.93 -14.64 -111.70
CA LEU M 1052 74.14 -13.94 -112.96
C LEU M 1052 74.54 -12.48 -112.77
N LEU M 1053 75.50 -12.02 -113.55
CA LEU M 1053 75.82 -10.60 -113.63
C LEU M 1053 75.26 -10.02 -114.93
N LYS M 1054 75.13 -8.70 -114.99
CA LYS M 1054 74.54 -8.05 -116.16
C LYS M 1054 75.36 -8.31 -117.43
N ASN M 1055 76.66 -8.50 -117.26
CA ASN M 1055 77.53 -8.82 -118.38
C ASN M 1055 77.49 -10.31 -118.71
N SER M 1056 78.50 -10.78 -119.41
CA SER M 1056 78.65 -12.22 -119.66
C SER M 1056 79.28 -12.87 -118.44
N ARG M 1057 79.69 -12.02 -117.49
CA ARG M 1057 80.30 -12.48 -116.25
C ARG M 1057 79.31 -13.28 -115.38
N LEU M 1058 79.84 -14.27 -114.66
CA LEU M 1058 79.02 -15.05 -113.74
C LEU M 1058 79.59 -15.02 -112.33
N LEU M 1059 78.96 -14.24 -111.45
CA LEU M 1059 79.41 -14.10 -110.06
C LEU M 1059 79.28 -15.42 -109.32
N SER M 1060 80.20 -15.68 -108.39
CA SER M 1060 80.15 -16.89 -107.58
C SER M 1060 80.93 -16.74 -106.28
N TRP M 1061 80.66 -17.63 -105.32
CA TRP M 1061 81.43 -17.69 -104.10
C TRP M 1061 81.34 -19.08 -103.47
N SER M 1062 82.38 -19.44 -102.72
CA SER M 1062 82.49 -20.78 -102.15
C SER M 1062 82.67 -20.75 -100.64
N PHE M 1063 83.13 -21.86 -100.10
CA PHE M 1063 83.41 -21.97 -98.67
C PHE M 1063 84.74 -21.37 -98.26
N ASP M 1064 85.58 -21.03 -99.24
CA ASP M 1064 86.80 -20.29 -98.93
C ASP M 1064 86.50 -18.79 -98.85
N GLY M 1065 85.28 -18.42 -99.24
CA GLY M 1065 84.84 -17.05 -99.14
C GLY M 1065 85.33 -16.16 -100.26
N THR M 1066 85.95 -16.77 -101.27
CA THR M 1066 86.35 -16.03 -102.44
C THR M 1066 85.12 -15.53 -103.19
N VAL M 1067 85.13 -14.28 -103.59
CA VAL M 1067 84.05 -13.73 -104.41
C VAL M 1067 84.53 -13.70 -105.86
N LYS M 1068 84.45 -14.86 -106.51
CA LYS M 1068 84.88 -15.00 -107.89
C LYS M 1068 83.94 -14.32 -108.87
N VAL M 1069 84.51 -13.78 -109.93
CA VAL M 1069 83.73 -13.25 -111.04
C VAL M 1069 84.12 -14.00 -112.30
N TRP M 1070 83.30 -15.00 -112.65
CA TRP M 1070 83.54 -15.85 -113.81
C TRP M 1070 82.87 -15.29 -115.05
N ASN M 1071 82.48 -16.18 -115.96
CA ASN M 1071 81.71 -15.83 -117.14
C ASN M 1071 80.59 -16.83 -117.41
N ILE M 1072 79.47 -16.36 -117.95
CA ILE M 1072 78.35 -17.23 -118.26
C ILE M 1072 78.69 -18.13 -119.43
N ILE M 1073 78.05 -19.30 -119.47
CA ILE M 1073 78.27 -20.29 -120.52
C ILE M 1073 79.73 -20.75 -120.48
N THR M 1074 80.62 -19.93 -121.04
CA THR M 1074 82.05 -20.22 -121.02
C THR M 1074 82.64 -19.97 -119.64
N GLY M 1075 83.29 -20.97 -119.07
CA GLY M 1075 83.98 -20.82 -117.81
C GLY M 1075 85.26 -20.00 -117.97
N ASN M 1076 85.34 -18.90 -117.24
CA ASN M 1076 86.52 -18.03 -117.28
C ASN M 1076 86.52 -17.08 -116.10
N LYS M 1077 87.41 -17.32 -115.14
CA LYS M 1077 87.47 -16.53 -113.92
C LYS M 1077 88.15 -15.19 -114.19
N GLU M 1078 87.39 -14.26 -114.78
CA GLU M 1078 87.91 -12.93 -115.16
C GLU M 1078 88.36 -11.97 -114.04
N LYS M 1079 87.56 -11.87 -112.97
CA LYS M 1079 87.90 -11.01 -111.83
C LYS M 1079 87.78 -11.91 -110.60
N ASP M 1080 88.77 -11.93 -109.71
CA ASP M 1080 88.69 -12.80 -108.52
C ASP M 1080 88.80 -11.98 -107.22
N PHE M 1081 87.91 -12.25 -106.26
CA PHE M 1081 87.94 -11.50 -104.99
C PHE M 1081 88.04 -12.41 -103.76
N VAL M 1082 88.84 -12.02 -102.77
CA VAL M 1082 88.97 -12.83 -101.56
C VAL M 1082 88.45 -12.00 -100.38
N CYS M 1083 87.15 -11.71 -100.41
CA CYS M 1083 86.55 -10.81 -99.43
C CYS M 1083 86.51 -11.40 -98.03
N HIS M 1084 86.55 -12.72 -97.92
CA HIS M 1084 86.48 -13.38 -96.62
C HIS M 1084 87.31 -14.64 -96.57
N GLN M 1085 88.13 -14.76 -95.53
CA GLN M 1085 88.85 -16.01 -95.28
C GLN M 1085 87.85 -17.11 -94.95
N GLY M 1086 86.76 -16.71 -94.29
CA GLY M 1086 85.65 -17.61 -94.02
C GLY M 1086 84.68 -17.60 -95.18
N THR M 1087 83.63 -18.40 -95.09
CA THR M 1087 82.66 -18.52 -96.17
C THR M 1087 81.91 -17.22 -96.37
N VAL M 1088 81.59 -16.90 -97.62
CA VAL M 1088 80.69 -15.80 -97.90
C VAL M 1088 79.30 -16.09 -97.36
N LEU M 1089 78.92 -15.42 -96.27
CA LEU M 1089 77.66 -15.75 -95.63
C LEU M 1089 76.34 -15.43 -96.37
N SER M 1090 76.24 -14.20 -96.85
CA SER M 1090 75.16 -13.78 -97.74
C SER M 1090 75.91 -12.73 -98.56
N CYS M 1091 75.76 -12.74 -99.87
CA CYS M 1091 76.33 -11.69 -100.71
C CYS M 1091 75.16 -11.20 -101.58
N ASP M 1092 74.96 -9.89 -101.68
CA ASP M 1092 73.90 -9.37 -102.54
C ASP M 1092 74.50 -8.46 -103.60
N ILE M 1093 73.98 -8.56 -104.82
CA ILE M 1093 74.33 -7.64 -105.93
C ILE M 1093 73.16 -6.67 -106.26
N SER M 1094 73.50 -5.40 -106.48
CA SER M 1094 72.53 -4.30 -106.61
C SER M 1094 71.53 -4.33 -107.78
N HIS M 1095 71.99 -4.72 -108.98
CA HIS M 1095 71.12 -4.88 -110.16
C HIS M 1095 70.90 -3.68 -111.11
N ASP M 1096 71.44 -2.51 -110.80
CA ASP M 1096 71.59 -1.44 -111.79
C ASP M 1096 73.00 -1.54 -112.35
N ALA M 1097 73.10 -1.47 -113.68
CA ALA M 1097 74.36 -1.70 -114.39
C ALA M 1097 75.12 -2.90 -113.80
N THR M 1098 76.40 -2.69 -113.51
CA THR M 1098 77.18 -3.62 -112.70
C THR M 1098 78.03 -2.77 -111.77
N LYS M 1099 77.50 -1.60 -111.46
CA LYS M 1099 78.23 -0.53 -110.78
C LYS M 1099 78.68 -0.89 -109.37
N PHE M 1100 77.94 -1.77 -108.71
CA PHE M 1100 78.30 -2.21 -107.36
C PHE M 1100 77.89 -3.64 -107.01
N SER M 1101 78.59 -4.20 -106.04
CA SER M 1101 78.21 -5.46 -105.41
C SER M 1101 78.86 -5.51 -104.04
N SER M 1102 78.26 -6.22 -103.11
CA SER M 1102 78.79 -6.27 -101.76
C SER M 1102 78.46 -7.59 -101.07
N THR M 1103 79.24 -7.87 -100.03
CA THR M 1103 79.03 -9.06 -99.23
C THR M 1103 79.47 -8.84 -97.78
N SER M 1104 78.87 -9.61 -96.88
CA SER M 1104 79.23 -9.59 -95.48
C SER M 1104 79.20 -11.03 -94.97
N ALA M 1105 80.17 -11.40 -94.14
CA ALA M 1105 80.31 -12.79 -93.76
C ALA M 1105 80.93 -12.96 -92.37
N ASP M 1106 80.28 -12.39 -91.37
CA ASP M 1106 80.73 -12.48 -89.98
C ASP M 1106 82.17 -11.99 -89.86
N LYS M 1107 82.43 -10.84 -90.49
CA LYS M 1107 83.77 -10.28 -90.50
C LYS M 1107 83.71 -8.80 -90.85
N THR M 1108 83.59 -8.50 -92.13
CA THR M 1108 83.47 -7.11 -92.60
C THR M 1108 82.49 -7.02 -93.77
N ALA M 1109 81.77 -5.91 -93.85
CA ALA M 1109 80.84 -5.72 -94.96
C ALA M 1109 81.55 -5.06 -96.15
N LYS M 1110 82.22 -5.87 -96.95
CA LYS M 1110 82.96 -5.35 -98.10
C LYS M 1110 82.04 -5.01 -99.27
N ILE M 1111 82.47 -4.02 -100.07
CA ILE M 1111 81.73 -3.56 -101.23
C ILE M 1111 82.70 -3.13 -102.33
N TRP M 1112 82.33 -3.42 -103.58
CA TRP M 1112 83.21 -3.24 -104.73
C TRP M 1112 82.43 -2.83 -105.97
N SER M 1113 83.14 -2.36 -106.99
CA SER M 1113 82.53 -2.01 -108.27
C SER M 1113 83.04 -2.92 -109.38
N PHE M 1114 83.64 -4.04 -108.99
CA PHE M 1114 84.23 -5.03 -109.89
C PHE M 1114 85.49 -4.56 -110.63
N ASP M 1115 85.63 -3.24 -110.80
CA ASP M 1115 86.77 -2.70 -111.52
C ASP M 1115 88.09 -3.01 -110.81
N LEU M 1116 88.04 -3.08 -109.49
CA LEU M 1116 89.23 -3.42 -108.70
C LEU M 1116 89.20 -4.88 -108.24
N LEU M 1117 90.38 -5.45 -108.02
CA LEU M 1117 90.50 -6.83 -107.56
C LEU M 1117 90.20 -6.92 -106.06
N LEU M 1118 90.12 -5.76 -105.42
CA LEU M 1118 89.79 -5.68 -104.01
C LEU M 1118 88.61 -4.72 -103.84
N PRO M 1119 87.80 -4.92 -102.78
CA PRO M 1119 86.59 -4.12 -102.62
C PRO M 1119 86.87 -2.62 -102.46
N LEU M 1120 85.98 -1.79 -102.99
CA LEU M 1120 86.15 -0.34 -102.92
C LEU M 1120 86.07 0.17 -101.49
N HIS M 1121 85.39 -0.58 -100.63
CA HIS M 1121 85.41 -0.26 -99.22
C HIS M 1121 85.17 -1.51 -98.39
N GLU M 1122 85.66 -1.51 -97.16
CA GLU M 1122 85.52 -2.66 -96.27
C GLU M 1122 84.86 -2.20 -94.98
N LEU M 1123 83.52 -2.24 -94.96
CA LEU M 1123 82.79 -1.71 -93.81
C LEU M 1123 83.13 -2.49 -92.55
N ARG M 1124 83.35 -1.74 -91.46
CA ARG M 1124 83.75 -2.32 -90.19
C ARG M 1124 83.02 -1.63 -89.05
N GLY M 1125 81.74 -1.34 -89.25
CA GLY M 1125 80.93 -0.66 -88.25
C GLY M 1125 80.28 -1.60 -87.24
N HIS M 1126 80.53 -2.90 -87.37
CA HIS M 1126 79.87 -3.86 -86.51
C HIS M 1126 80.86 -4.86 -85.91
N ASN M 1127 81.13 -4.70 -84.62
CA ASN M 1127 82.02 -5.59 -83.89
C ASN M 1127 81.44 -7.00 -83.75
N GLY M 1128 80.12 -7.09 -83.81
CA GLY M 1128 79.43 -8.37 -83.77
C GLY M 1128 79.39 -8.99 -85.16
N CYS M 1129 79.90 -8.25 -86.13
CA CYS M 1129 80.05 -8.71 -87.51
C CYS M 1129 78.72 -8.93 -88.22
N VAL M 1130 78.51 -8.19 -89.31
CA VAL M 1130 77.29 -8.29 -90.11
C VAL M 1130 77.16 -9.66 -90.77
N ARG M 1131 75.94 -10.21 -90.75
CA ARG M 1131 75.67 -11.54 -91.28
C ARG M 1131 75.22 -11.54 -92.75
N CYS M 1132 74.51 -10.50 -93.16
CA CYS M 1132 73.96 -10.46 -94.51
C CYS M 1132 73.70 -9.03 -94.97
N SER M 1133 73.52 -8.86 -96.28
CA SER M 1133 73.33 -7.54 -96.86
C SER M 1133 72.48 -7.57 -98.13
N ALA M 1134 71.83 -6.45 -98.44
CA ALA M 1134 71.04 -6.34 -99.66
C ALA M 1134 71.03 -4.91 -100.20
N PHE M 1135 71.16 -4.78 -101.52
CA PHE M 1135 71.15 -3.47 -102.19
C PHE M 1135 69.78 -2.83 -102.36
N SER M 1136 69.81 -1.50 -102.47
CA SER M 1136 68.62 -0.70 -102.72
C SER M 1136 68.04 -0.99 -104.09
N VAL M 1137 66.74 -0.75 -104.21
CA VAL M 1137 66.04 -0.95 -105.47
C VAL M 1137 66.41 0.23 -106.38
N ASP M 1138 67.57 0.11 -107.01
CA ASP M 1138 68.12 1.13 -107.90
C ASP M 1138 68.23 2.50 -107.23
N SER M 1139 68.73 2.51 -106.01
CA SER M 1139 68.95 3.76 -105.28
C SER M 1139 70.41 3.87 -104.80
N THR M 1140 70.60 4.20 -103.53
CA THR M 1140 71.93 4.31 -102.96
C THR M 1140 72.02 3.70 -101.57
N LEU M 1141 70.92 3.09 -101.14
CA LEU M 1141 70.86 2.40 -99.86
C LEU M 1141 71.52 1.03 -99.94
N LEU M 1142 72.00 0.53 -98.80
CA LEU M 1142 72.57 -0.82 -98.74
C LEU M 1142 72.48 -1.40 -97.33
N ALA M 1143 71.45 -2.20 -97.10
CA ALA M 1143 71.22 -2.82 -95.79
C ALA M 1143 72.34 -3.80 -95.43
N THR M 1144 72.64 -3.89 -94.15
CA THR M 1144 73.58 -4.88 -93.64
C THR M 1144 72.96 -5.58 -92.42
N GLY M 1145 72.45 -6.79 -92.66
CA GLY M 1145 71.73 -7.55 -91.66
C GLY M 1145 72.57 -8.25 -90.60
N ASP M 1146 72.14 -8.12 -89.36
CA ASP M 1146 72.81 -8.77 -88.23
C ASP M 1146 72.15 -10.10 -87.88
N ASP M 1147 72.84 -10.92 -87.10
CA ASP M 1147 72.33 -12.24 -86.71
C ASP M 1147 71.05 -12.12 -85.88
N ASN M 1148 70.92 -11.03 -85.15
CA ASN M 1148 69.74 -10.80 -84.31
C ASN M 1148 68.67 -10.03 -85.05
N GLY M 1149 68.80 -9.95 -86.37
CA GLY M 1149 67.80 -9.31 -87.20
C GLY M 1149 67.99 -7.81 -87.29
N GLU M 1150 69.02 -7.31 -86.60
CA GLU M 1150 69.35 -5.91 -86.67
C GLU M 1150 69.81 -5.56 -88.08
N ILE M 1151 69.41 -4.39 -88.56
CA ILE M 1151 69.81 -3.95 -89.89
C ILE M 1151 70.54 -2.62 -89.79
N ARG M 1152 71.66 -2.51 -90.49
CA ARG M 1152 72.37 -1.24 -90.55
C ARG M 1152 72.45 -0.77 -92.00
N ILE M 1153 71.68 0.26 -92.33
CA ILE M 1153 71.71 0.81 -93.67
C ILE M 1153 73.03 1.54 -93.91
N TRP M 1154 73.57 1.41 -95.11
CA TRP M 1154 74.81 2.08 -95.47
C TRP M 1154 74.66 2.69 -96.86
N ASN M 1155 74.99 3.97 -96.99
CA ASN M 1155 74.92 4.63 -98.28
C ASN M 1155 75.91 4.00 -99.24
N VAL M 1156 75.51 3.83 -100.51
CA VAL M 1156 76.41 3.25 -101.49
C VAL M 1156 77.38 4.33 -101.96
N SER M 1157 78.36 4.60 -101.11
CA SER M 1157 79.41 5.59 -101.37
C SER M 1157 80.52 5.34 -100.35
N ASN M 1158 81.34 4.32 -100.61
CA ASN M 1158 82.31 3.82 -99.64
C ASN M 1158 81.60 3.41 -98.36
N GLY M 1159 81.31 4.39 -97.51
CA GLY M 1159 80.58 4.15 -96.28
C GLY M 1159 80.67 5.33 -95.33
N GLU M 1160 79.61 5.51 -94.54
CA GLU M 1160 79.58 6.55 -93.52
C GLU M 1160 78.62 6.13 -92.42
N LEU M 1161 78.80 6.69 -91.22
CA LEU M 1161 78.03 6.25 -90.08
C LEU M 1161 76.57 6.67 -90.18
N LEU M 1162 75.87 6.07 -91.14
CA LEU M 1162 74.44 6.29 -91.32
C LEU M 1162 73.67 5.70 -90.15
N HIS M 1163 72.57 6.34 -89.78
CA HIS M 1163 71.83 5.89 -88.63
C HIS M 1163 71.46 4.46 -88.91
N LEU M 1164 71.65 3.59 -87.93
CA LEU M 1164 71.30 2.19 -88.11
C LEU M 1164 69.79 2.09 -88.29
N CYS M 1165 69.35 1.21 -89.18
CA CYS M 1165 67.92 1.01 -89.37
C CYS M 1165 67.42 0.52 -88.02
N ALA M 1166 68.22 -0.35 -87.41
CA ALA M 1166 67.99 -0.79 -86.04
C ALA M 1166 66.62 -1.41 -85.84
N PRO M 1167 66.20 -2.27 -86.78
CA PRO M 1167 64.78 -2.64 -86.86
C PRO M 1167 64.20 -3.29 -85.59
N LEU M 1168 64.95 -4.14 -84.90
CA LEU M 1168 64.45 -4.75 -83.67
C LEU M 1168 65.25 -4.37 -82.43
N SER M 1169 64.59 -3.85 -81.42
CA SER M 1169 65.27 -3.44 -80.19
C SER M 1169 64.88 -4.23 -78.95
N GLU M 1170 63.58 -4.28 -78.66
CA GLU M 1170 63.07 -5.03 -77.52
C GLU M 1170 62.22 -6.21 -77.98
N GLU M 1171 62.52 -7.40 -77.44
CA GLU M 1171 61.80 -8.60 -77.82
C GLU M 1171 62.14 -9.73 -76.87
N GLY M 1172 63.29 -10.36 -77.10
CA GLY M 1172 63.76 -11.44 -76.26
C GLY M 1172 63.90 -12.71 -77.06
N ALA M 1173 63.78 -13.85 -76.39
CA ALA M 1173 63.95 -15.15 -77.02
C ALA M 1173 62.61 -15.87 -77.19
N ALA M 1174 61.53 -15.16 -76.96
CA ALA M 1174 60.21 -15.78 -76.83
C ALA M 1174 59.69 -16.50 -78.07
N THR M 1175 59.92 -15.97 -79.26
CA THR M 1175 59.30 -16.58 -80.44
C THR M 1175 59.97 -16.56 -81.86
N HIS M 1176 59.52 -17.50 -82.71
CA HIS M 1176 59.83 -17.65 -84.17
C HIS M 1176 61.05 -17.00 -84.82
N GLY M 1177 61.42 -15.86 -84.29
CA GLY M 1177 62.24 -14.85 -84.94
C GLY M 1177 63.61 -15.18 -85.47
N GLY M 1178 64.42 -15.96 -84.75
CA GLY M 1178 65.77 -16.17 -85.26
C GLY M 1178 66.01 -16.00 -86.76
N TRP M 1179 67.21 -15.56 -87.07
CA TRP M 1179 67.66 -15.44 -88.45
C TRP M 1179 67.28 -14.13 -89.11
N VAL M 1180 68.24 -13.53 -89.80
CA VAL M 1180 68.01 -12.37 -90.64
C VAL M 1180 68.08 -12.85 -92.08
N THR M 1181 67.02 -13.53 -92.52
CA THR M 1181 66.98 -14.17 -93.84
C THR M 1181 67.08 -13.25 -95.06
N ASP M 1182 66.31 -12.18 -95.05
CA ASP M 1182 66.25 -11.31 -96.23
C ASP M 1182 65.77 -9.91 -95.91
N LEU M 1183 66.05 -9.00 -96.83
CA LEU M 1183 65.51 -7.65 -96.78
C LEU M 1183 64.83 -7.32 -98.10
N CYS M 1184 63.59 -6.85 -98.02
CA CYS M 1184 62.86 -6.42 -99.21
C CYS M 1184 62.56 -4.91 -99.23
N PHE M 1185 63.46 -4.13 -99.83
CA PHE M 1185 63.26 -2.70 -99.96
C PHE M 1185 62.02 -2.34 -100.77
N SER M 1186 61.32 -1.29 -100.34
CA SER M 1186 60.19 -0.75 -101.08
C SER M 1186 60.69 -0.04 -102.33
N PRO M 1187 59.87 -0.02 -103.39
CA PRO M 1187 60.27 0.68 -104.63
C PRO M 1187 60.60 2.15 -104.36
N ASP M 1188 59.89 2.75 -103.41
CA ASP M 1188 60.18 4.11 -102.99
C ASP M 1188 61.54 4.19 -102.33
N GLY M 1189 61.96 3.07 -101.72
CA GLY M 1189 63.23 3.00 -101.05
C GLY M 1189 63.13 3.58 -99.65
N LYS M 1190 61.94 4.05 -99.30
CA LYS M 1190 61.71 4.63 -98.00
C LYS M 1190 61.36 3.57 -96.96
N MET M 1191 61.19 2.33 -97.41
CA MET M 1191 60.81 1.25 -96.50
C MET M 1191 61.63 -0.02 -96.72
N LEU M 1192 61.99 -0.67 -95.62
CA LEU M 1192 62.61 -1.98 -95.70
C LEU M 1192 61.68 -3.02 -95.09
N ILE M 1193 61.36 -4.04 -95.88
CA ILE M 1193 60.57 -5.16 -95.42
C ILE M 1193 61.50 -6.19 -94.81
N SER M 1194 61.74 -6.07 -93.51
CA SER M 1194 62.51 -7.06 -92.77
C SER M 1194 61.69 -8.32 -92.60
N ALA M 1195 62.34 -9.47 -92.68
CA ALA M 1195 61.65 -10.74 -92.53
C ALA M 1195 62.51 -11.75 -91.77
N GLY M 1196 62.23 -11.87 -90.47
CA GLY M 1196 62.92 -12.82 -89.62
C GLY M 1196 61.93 -13.73 -88.92
N GLY M 1197 61.57 -13.38 -87.70
CA GLY M 1197 60.52 -14.09 -87.01
C GLY M 1197 59.18 -13.75 -87.61
N TYR M 1198 59.10 -12.56 -88.21
CA TYR M 1198 57.91 -12.13 -88.94
C TYR M 1198 58.22 -10.85 -89.72
N ILE M 1199 57.40 -10.55 -90.72
CA ILE M 1199 57.59 -9.33 -91.50
C ILE M 1199 57.39 -8.07 -90.66
N LYS M 1200 58.29 -7.11 -90.80
CA LYS M 1200 58.01 -5.77 -90.32
C LYS M 1200 58.63 -4.74 -91.26
N TRP M 1201 57.83 -3.76 -91.61
CA TRP M 1201 58.24 -2.73 -92.56
C TRP M 1201 58.93 -1.59 -91.85
N TRP M 1202 60.20 -1.78 -91.51
CA TRP M 1202 60.96 -0.75 -90.85
C TRP M 1202 61.06 0.43 -91.79
N ASN M 1203 60.89 1.64 -91.25
CA ASN M 1203 61.18 2.85 -92.00
C ASN M 1203 62.69 2.99 -92.14
N VAL M 1204 63.15 3.36 -93.32
CA VAL M 1204 64.57 3.52 -93.53
C VAL M 1204 65.07 4.68 -92.67
N VAL M 1205 66.20 4.47 -92.01
CA VAL M 1205 66.82 5.45 -91.12
C VAL M 1205 65.87 5.93 -90.02
N THR M 1206 66.11 5.43 -88.80
CA THR M 1206 65.38 5.84 -87.59
C THR M 1206 63.90 5.47 -87.61
N GLY M 1207 63.50 4.63 -86.66
CA GLY M 1207 62.10 4.29 -86.48
C GLY M 1207 61.58 3.25 -87.47
N GLU M 1208 60.27 3.07 -87.49
CA GLU M 1208 59.65 2.11 -88.39
C GLU M 1208 58.46 2.72 -89.11
N SER M 1209 58.15 2.18 -90.28
CA SER M 1209 56.94 2.53 -91.02
C SER M 1209 55.85 1.49 -90.72
N SER M 1210 55.50 0.67 -91.71
CA SER M 1210 54.49 -0.37 -91.50
C SER M 1210 55.07 -1.65 -90.92
N GLN M 1211 55.44 -1.59 -89.64
CA GLN M 1211 56.01 -2.74 -88.94
C GLN M 1211 55.04 -3.92 -88.79
N THR M 1212 53.78 -3.60 -88.51
CA THR M 1212 52.72 -4.54 -88.09
C THR M 1212 52.84 -6.01 -88.49
N PHE M 1213 51.87 -6.50 -89.24
CA PHE M 1213 51.84 -7.91 -89.63
C PHE M 1213 51.99 -8.86 -88.43
N TYR M 1214 52.96 -9.77 -88.55
CA TYR M 1214 53.11 -10.92 -87.67
C TYR M 1214 52.65 -12.15 -88.44
N THR M 1215 53.62 -12.95 -88.90
CA THR M 1215 53.34 -14.13 -89.71
C THR M 1215 52.86 -15.33 -88.90
N ASN M 1216 52.02 -16.15 -89.52
CA ASN M 1216 51.59 -17.38 -88.85
C ASN M 1216 52.67 -18.45 -88.73
N GLY M 1217 53.34 -18.72 -89.85
CA GLY M 1217 54.43 -19.66 -89.89
C GLY M 1217 55.70 -19.24 -89.18
N THR M 1218 56.08 -17.99 -89.41
CA THR M 1218 57.35 -17.45 -88.95
C THR M 1218 58.45 -17.95 -89.90
N ASN M 1219 59.68 -17.51 -89.66
CA ASN M 1219 60.85 -18.09 -90.33
C ASN M 1219 60.83 -18.12 -91.87
N LEU M 1220 60.35 -17.04 -92.48
CA LEU M 1220 60.42 -16.96 -93.93
C LEU M 1220 61.88 -16.92 -94.36
N LYS M 1221 62.21 -17.65 -95.42
CA LYS M 1221 63.57 -17.66 -95.96
C LYS M 1221 63.69 -17.12 -97.38
N LYS M 1222 62.64 -16.56 -97.96
CA LYS M 1222 62.75 -16.09 -99.34
C LYS M 1222 62.03 -14.78 -99.60
N ILE M 1223 62.50 -13.98 -100.56
CA ILE M 1223 61.77 -12.79 -100.85
C ILE M 1223 61.42 -12.74 -102.36
N HIS M 1224 60.14 -12.52 -102.62
CA HIS M 1224 59.65 -12.33 -103.98
C HIS M 1224 58.92 -10.98 -104.07
N VAL M 1225 59.28 -10.20 -105.07
CA VAL M 1225 58.64 -8.91 -105.30
C VAL M 1225 58.19 -8.74 -106.75
N SER M 1226 56.96 -8.27 -106.95
CA SER M 1226 56.48 -8.00 -108.30
C SER M 1226 57.15 -6.74 -108.86
N PRO M 1227 57.40 -6.72 -110.17
CA PRO M 1227 58.03 -5.56 -110.80
C PRO M 1227 57.41 -4.29 -110.25
N ASP M 1228 56.09 -4.29 -110.18
CA ASP M 1228 55.32 -3.21 -109.59
C ASP M 1228 55.71 -3.07 -108.12
N PHE M 1229 55.97 -4.20 -107.48
CA PHE M 1229 56.30 -4.22 -106.05
C PHE M 1229 55.03 -4.20 -105.18
N LYS M 1230 53.88 -4.26 -105.83
CA LYS M 1230 52.60 -4.24 -105.12
C LYS M 1230 52.38 -5.46 -104.22
N THR M 1231 52.74 -6.66 -104.68
CA THR M 1231 52.47 -7.89 -103.95
C THR M 1231 53.71 -8.76 -103.68
N TYR M 1232 53.90 -9.08 -102.43
CA TYR M 1232 54.86 -10.07 -101.99
C TYR M 1232 54.11 -11.06 -101.12
N VAL M 1233 54.27 -12.35 -101.40
CA VAL M 1233 53.64 -13.38 -100.58
C VAL M 1233 54.77 -14.21 -99.99
N THR M 1234 54.72 -14.48 -98.69
CA THR M 1234 55.76 -15.28 -98.04
C THR M 1234 55.14 -16.60 -97.57
N VAL M 1235 55.85 -17.69 -97.79
CA VAL M 1235 55.56 -18.93 -97.07
C VAL M 1235 56.72 -19.20 -96.12
N ASP M 1236 56.43 -19.21 -94.82
CA ASP M 1236 57.47 -19.44 -93.83
C ASP M 1236 57.14 -20.58 -92.87
N ASN M 1237 58.11 -21.47 -92.65
CA ASN M 1237 57.97 -22.52 -91.66
C ASN M 1237 56.92 -23.54 -92.08
N LEU M 1238 56.54 -23.48 -93.34
CA LEU M 1238 55.54 -24.39 -93.88
C LEU M 1238 54.16 -24.02 -93.36
N GLY M 1239 54.05 -22.82 -92.78
CA GLY M 1239 52.78 -22.38 -92.23
C GLY M 1239 51.78 -22.39 -93.36
N ILE M 1240 52.25 -21.97 -94.53
CA ILE M 1240 51.50 -21.91 -95.77
C ILE M 1240 52.09 -20.76 -96.58
N LEU M 1241 51.55 -20.51 -97.76
CA LEU M 1241 51.97 -19.32 -98.52
C LEU M 1241 50.96 -18.19 -98.23
N TYR M 1242 51.43 -16.98 -97.90
CA TYR M 1242 50.53 -15.84 -97.64
C TYR M 1242 50.74 -14.77 -98.74
N ILE M 1243 49.66 -14.27 -99.36
CA ILE M 1243 49.76 -13.26 -100.43
C ILE M 1243 49.24 -11.90 -99.92
N LEU M 1244 49.97 -10.83 -100.19
CA LEU M 1244 49.56 -9.48 -99.79
C LEU M 1244 49.26 -8.58 -101.00
N GLN M 1245 48.12 -7.91 -100.95
CA GLN M 1245 47.71 -7.02 -102.04
C GLN M 1245 47.10 -5.73 -101.50
N THR M 1246 47.96 -4.82 -101.05
CA THR M 1246 47.50 -3.54 -100.50
C THR M 1246 46.42 -2.92 -101.37
N LEU M 1247 45.48 -2.23 -100.74
CA LEU M 1247 44.39 -1.58 -101.46
C LEU M 1247 44.60 -0.08 -101.54
N GLU M 1248 43.50 0.67 -101.62
CA GLU M 1248 43.56 2.13 -101.70
C GLU M 1248 43.63 2.75 -100.32
N GLY N 2 90.09 -23.93 -69.62
CA GLY N 2 89.16 -24.83 -68.90
C GLY N 2 89.72 -26.05 -68.24
N ASP N 3 88.94 -26.56 -67.30
CA ASP N 3 89.20 -27.86 -66.69
C ASP N 3 88.72 -29.02 -67.59
N VAL N 4 89.69 -29.65 -68.24
CA VAL N 4 89.43 -30.71 -69.21
C VAL N 4 88.69 -31.89 -68.58
N GLU N 5 89.04 -32.22 -67.33
CA GLU N 5 88.42 -33.33 -66.65
C GLU N 5 86.92 -33.06 -66.41
N LYS N 6 86.59 -31.84 -65.98
CA LYS N 6 85.18 -31.48 -65.78
C LYS N 6 84.46 -31.41 -67.14
N GLY N 7 85.18 -30.85 -68.13
CA GLY N 7 84.66 -30.82 -69.49
C GLY N 7 84.26 -32.21 -69.98
N LYS N 8 85.11 -33.19 -69.71
CA LYS N 8 84.84 -34.58 -70.04
C LYS N 8 83.54 -35.04 -69.39
N LYS N 9 83.41 -34.77 -68.09
CA LYS N 9 82.20 -35.13 -67.36
C LYS N 9 80.97 -34.53 -68.05
N ILE N 10 81.09 -33.23 -68.35
CA ILE N 10 79.95 -32.56 -69.03
C ILE N 10 79.67 -33.23 -70.38
N PHE N 11 80.71 -33.55 -71.14
CA PHE N 11 80.50 -34.21 -72.41
C PHE N 11 79.78 -35.57 -72.25
N VAL N 12 80.25 -36.35 -71.27
CA VAL N 12 79.69 -37.65 -70.98
C VAL N 12 78.23 -37.49 -70.59
N GLN N 13 77.95 -36.55 -69.69
CA GLN N 13 76.59 -36.27 -69.22
C GLN N 13 75.59 -35.69 -70.24
N LYS N 14 76.04 -34.75 -71.07
CA LYS N 14 75.19 -33.94 -71.87
C LYS N 14 75.37 -34.06 -73.39
N CYS N 15 76.44 -34.68 -73.88
CA CYS N 15 76.68 -34.74 -75.33
C CYS N 15 76.83 -36.14 -75.90
N ALA N 16 77.32 -37.07 -75.06
CA ALA N 16 77.67 -38.39 -75.51
C ALA N 16 76.50 -39.22 -76.00
N GLN N 17 75.33 -38.95 -75.46
CA GLN N 17 74.16 -39.64 -75.93
C GLN N 17 73.80 -39.36 -77.39
N CYS N 18 74.31 -38.26 -77.96
CA CYS N 18 74.10 -38.00 -79.39
C CYS N 18 75.40 -37.82 -80.21
N HIS N 19 76.57 -37.81 -79.58
CA HIS N 19 77.78 -37.56 -80.36
C HIS N 19 79.05 -38.24 -79.85
N THR N 20 79.83 -38.78 -80.78
CA THR N 20 81.18 -39.27 -80.46
C THR N 20 82.23 -38.20 -80.78
N VAL N 21 83.39 -38.30 -80.13
CA VAL N 21 84.51 -37.39 -80.38
C VAL N 21 85.74 -38.10 -80.94
N GLU N 22 85.76 -39.44 -80.86
CA GLU N 22 86.92 -40.21 -81.32
C GLU N 22 86.92 -40.36 -82.84
N LYS N 23 88.13 -40.45 -83.37
CA LYS N 23 88.37 -40.67 -84.77
C LYS N 23 87.74 -41.92 -85.23
N GLY N 24 86.99 -41.83 -86.32
CA GLY N 24 86.21 -42.94 -86.82
C GLY N 24 85.06 -43.36 -85.92
N GLY N 25 84.81 -42.66 -84.81
CA GLY N 25 83.62 -42.90 -83.99
C GLY N 25 82.38 -42.75 -84.87
N LYS N 26 81.36 -43.55 -84.59
CA LYS N 26 80.17 -43.63 -85.46
C LYS N 26 79.30 -42.40 -85.33
N HIS N 27 78.55 -42.11 -86.38
CA HIS N 27 77.53 -41.07 -86.26
C HIS N 27 76.42 -41.69 -85.38
N LYS N 28 75.99 -40.97 -84.39
CA LYS N 28 74.84 -41.34 -83.61
C LYS N 28 73.71 -40.40 -84.09
N THR N 29 72.83 -39.94 -83.19
CA THR N 29 71.82 -38.96 -83.58
C THR N 29 72.48 -37.74 -84.20
N GLY N 30 73.58 -37.30 -83.59
CA GLY N 30 74.38 -36.22 -84.13
C GLY N 30 75.68 -36.68 -84.77
N PRO N 31 76.31 -35.81 -85.52
CA PRO N 31 77.56 -36.08 -86.21
C PRO N 31 78.75 -36.29 -85.27
N ASN N 32 79.70 -37.09 -85.73
CA ASN N 32 80.97 -37.27 -85.03
C ASN N 32 81.66 -35.92 -84.98
N LEU N 33 82.21 -35.59 -83.83
CA LEU N 33 82.84 -34.30 -83.62
C LEU N 33 84.35 -34.31 -83.78
N HIS N 34 84.94 -35.44 -84.16
CA HIS N 34 86.40 -35.43 -84.37
C HIS N 34 86.76 -34.44 -85.49
N GLY N 35 87.78 -33.63 -85.26
CA GLY N 35 88.21 -32.61 -86.22
C GLY N 35 87.34 -31.38 -86.27
N LEU N 36 86.50 -31.18 -85.24
CA LEU N 36 85.53 -30.09 -85.23
C LEU N 36 86.18 -28.69 -85.33
N PHE N 37 87.25 -28.48 -84.60
CA PHE N 37 87.83 -27.14 -84.49
C PHE N 37 88.50 -26.74 -85.78
N GLY N 38 88.16 -25.55 -86.25
CA GLY N 38 88.70 -25.02 -87.52
C GLY N 38 87.93 -25.56 -88.72
N ARG N 39 86.80 -26.21 -88.49
CA ARG N 39 86.02 -26.75 -89.59
C ARG N 39 84.74 -25.93 -89.72
N LYS N 40 84.26 -25.75 -90.94
CA LYS N 40 83.01 -25.05 -91.19
C LYS N 40 81.78 -25.88 -90.79
N THR N 41 80.70 -25.22 -90.36
CA THR N 41 79.46 -25.91 -90.06
C THR N 41 79.03 -26.87 -91.17
N GLY N 42 78.47 -28.00 -90.77
CA GLY N 42 77.80 -28.90 -91.71
C GLY N 42 78.70 -29.72 -92.62
N GLN N 43 79.91 -30.03 -92.17
CA GLN N 43 80.86 -30.68 -93.06
C GLN N 43 81.26 -32.12 -92.72
N ALA N 44 80.80 -32.69 -91.62
CA ALA N 44 81.17 -34.08 -91.32
C ALA N 44 80.68 -34.90 -92.54
N PRO N 45 81.61 -35.52 -93.30
CA PRO N 45 81.09 -36.30 -94.41
C PRO N 45 80.34 -37.48 -93.81
N GLY N 46 79.30 -37.90 -94.48
CA GLY N 46 78.51 -39.02 -93.97
C GLY N 46 77.43 -38.69 -92.95
N PHE N 47 77.32 -37.42 -92.54
CA PHE N 47 76.17 -36.97 -91.78
C PHE N 47 75.24 -36.07 -92.60
N THR N 48 73.95 -36.32 -92.46
CA THR N 48 72.90 -35.57 -93.15
C THR N 48 72.40 -34.51 -92.22
N TYR N 49 72.81 -33.27 -92.49
CA TYR N 49 72.45 -32.15 -91.65
C TYR N 49 71.14 -31.52 -92.11
N THR N 50 70.54 -30.69 -91.27
CA THR N 50 69.54 -29.75 -91.76
C THR N 50 70.23 -28.74 -92.68
N ASP N 51 69.44 -28.13 -93.57
CA ASP N 51 69.89 -27.01 -94.35
C ASP N 51 70.37 -25.85 -93.48
N ALA N 52 69.72 -25.62 -92.36
CA ALA N 52 70.16 -24.55 -91.46
C ALA N 52 71.63 -24.78 -90.97
N ASN N 53 71.88 -25.98 -90.42
CA ASN N 53 73.23 -26.32 -89.95
C ASN N 53 74.19 -26.37 -91.12
N LYS N 54 73.72 -26.91 -92.24
CA LYS N 54 74.53 -27.03 -93.45
C LYS N 54 74.93 -25.68 -94.05
N ASN N 55 74.12 -24.65 -93.83
CA ASN N 55 74.40 -23.35 -94.44
C ASN N 55 74.65 -22.23 -93.44
N LYS N 56 74.80 -22.54 -92.15
CA LYS N 56 75.13 -21.50 -91.16
C LYS N 56 76.37 -20.68 -91.57
N GLY N 57 77.34 -21.32 -92.20
CA GLY N 57 78.48 -20.62 -92.77
C GLY N 57 79.49 -20.05 -91.78
N ILE N 58 79.63 -20.68 -90.62
CA ILE N 58 80.66 -20.28 -89.66
C ILE N 58 81.70 -21.39 -89.45
N THR N 59 82.82 -20.99 -88.86
CA THR N 59 83.90 -21.92 -88.53
C THR N 59 83.81 -22.23 -87.05
N TRP N 60 83.81 -23.53 -86.73
CA TRP N 60 83.76 -23.93 -85.32
C TRP N 60 85.09 -23.60 -84.67
N LYS N 61 85.04 -22.88 -83.54
CA LYS N 61 86.22 -22.55 -82.76
C LYS N 61 85.64 -22.10 -81.45
N GLU N 62 86.51 -21.69 -80.56
CA GLU N 62 86.09 -21.39 -79.20
C GLU N 62 84.99 -20.34 -79.11
N GLU N 63 85.18 -19.24 -79.84
CA GLU N 63 84.24 -18.11 -79.83
C GLU N 63 82.87 -18.59 -80.31
N THR N 64 82.85 -19.27 -81.46
CA THR N 64 81.58 -19.72 -82.03
C THR N 64 80.91 -20.80 -81.17
N LEU N 65 81.73 -21.72 -80.63
CA LEU N 65 81.21 -22.73 -79.71
C LEU N 65 80.64 -22.13 -78.41
N MET N 66 81.32 -21.13 -77.85
CA MET N 66 80.87 -20.45 -76.64
C MET N 66 79.48 -19.90 -76.86
N GLU N 67 79.24 -19.28 -78.01
CA GLU N 67 77.92 -18.73 -78.34
C GLU N 67 76.90 -19.84 -78.66
N TYR N 68 77.26 -20.76 -79.54
CA TYR N 68 76.38 -21.90 -79.86
C TYR N 68 75.85 -22.65 -78.64
N LEU N 69 76.81 -23.07 -77.81
CA LEU N 69 76.49 -23.93 -76.67
C LEU N 69 75.65 -23.26 -75.58
N GLU N 70 75.65 -21.93 -75.56
CA GLU N 70 74.77 -21.19 -74.69
C GLU N 70 73.33 -21.37 -75.16
N ASN N 71 73.10 -21.44 -76.46
CA ASN N 71 71.73 -21.60 -76.95
C ASN N 71 71.74 -22.00 -78.42
N PRO N 72 71.88 -23.30 -78.68
CA PRO N 72 71.95 -23.78 -80.07
C PRO N 72 70.85 -23.28 -80.99
N LYS N 73 69.58 -23.28 -80.57
CA LYS N 73 68.48 -22.92 -81.46
C LYS N 73 68.60 -21.47 -81.94
N LYS N 74 68.98 -20.58 -81.02
CA LYS N 74 69.18 -19.19 -81.31
C LYS N 74 70.33 -18.98 -82.31
N TYR N 75 71.44 -19.73 -82.15
CA TYR N 75 72.57 -19.61 -83.08
C TYR N 75 72.29 -20.27 -84.43
N ILE N 76 71.58 -21.39 -84.45
CA ILE N 76 71.22 -22.07 -85.70
C ILE N 76 69.73 -22.43 -85.65
N PRO N 77 68.88 -21.43 -85.90
CA PRO N 77 67.44 -21.63 -85.88
C PRO N 77 67.11 -22.71 -86.84
N GLY N 78 66.23 -23.62 -86.41
CA GLY N 78 65.87 -24.74 -87.22
C GLY N 78 66.82 -25.94 -87.09
N THR N 79 67.91 -25.85 -86.32
CA THR N 79 68.69 -27.06 -86.08
C THR N 79 67.83 -28.21 -85.54
N LYS N 80 68.12 -29.45 -85.93
CA LYS N 80 67.43 -30.61 -85.30
C LYS N 80 68.15 -31.13 -84.04
N MET N 81 69.23 -30.48 -83.65
CA MET N 81 69.86 -30.81 -82.37
C MET N 81 68.97 -30.34 -81.23
N ILE N 82 68.59 -31.24 -80.34
CA ILE N 82 67.84 -30.90 -79.13
C ILE N 82 68.84 -30.68 -77.98
N PHE N 83 69.00 -29.42 -77.56
CA PHE N 83 69.82 -29.08 -76.43
C PHE N 83 69.44 -27.70 -75.95
N ALA N 84 69.06 -27.56 -74.68
CA ALA N 84 68.64 -26.22 -74.19
C ALA N 84 69.78 -25.22 -74.25
N GLY N 85 70.92 -25.64 -73.71
CA GLY N 85 72.12 -24.80 -73.67
C GLY N 85 72.75 -24.84 -72.28
N ILE N 86 74.05 -24.56 -72.22
CA ILE N 86 74.77 -24.51 -70.96
C ILE N 86 74.84 -23.03 -70.56
N LYS N 87 74.12 -22.68 -69.53
CA LYS N 87 73.95 -21.27 -69.17
C LYS N 87 75.21 -20.75 -68.47
N LYS N 88 75.90 -21.58 -67.67
CA LYS N 88 77.12 -21.14 -66.96
C LYS N 88 78.35 -21.10 -67.86
N LYS N 89 79.04 -19.96 -67.90
CA LYS N 89 80.22 -19.80 -68.74
C LYS N 89 81.33 -20.78 -68.37
N THR N 90 81.56 -20.95 -67.08
CA THR N 90 82.66 -21.84 -66.61
C THR N 90 82.55 -23.26 -67.19
N GLU N 91 81.35 -23.82 -67.08
CA GLU N 91 81.02 -25.14 -67.63
C GLU N 91 81.23 -25.17 -69.16
N ARG N 92 80.77 -24.13 -69.84
CA ARG N 92 81.01 -23.99 -71.29
C ARG N 92 82.49 -23.99 -71.62
N GLU N 93 83.26 -23.21 -70.87
CA GLU N 93 84.73 -23.19 -71.07
C GLU N 93 85.33 -24.56 -70.83
N ASP N 94 84.90 -25.22 -69.75
CA ASP N 94 85.40 -26.58 -69.44
C ASP N 94 85.11 -27.57 -70.57
N LEU N 95 83.85 -27.59 -71.00
CA LEU N 95 83.42 -28.50 -72.08
C LEU N 95 84.20 -28.19 -73.34
N ILE N 96 84.30 -26.90 -73.67
CA ILE N 96 85.03 -26.51 -74.89
C ILE N 96 86.51 -26.90 -74.82
N ALA N 97 87.13 -26.70 -73.65
CA ALA N 97 88.49 -27.14 -73.45
C ALA N 97 88.59 -28.67 -73.60
N TYR N 98 87.65 -29.41 -73.02
CA TYR N 98 87.70 -30.87 -73.22
C TYR N 98 87.59 -31.23 -74.74
N LEU N 99 86.60 -30.63 -75.43
CA LEU N 99 86.40 -30.94 -76.87
C LEU N 99 87.63 -30.59 -77.71
N LYS N 100 88.25 -29.46 -77.36
CA LYS N 100 89.46 -29.08 -78.07
C LYS N 100 90.54 -30.16 -77.99
N LYS N 101 90.68 -30.77 -76.82
CA LYS N 101 91.64 -31.84 -76.68
C LYS N 101 91.16 -33.10 -77.37
N ALA N 102 89.96 -33.55 -77.02
CA ALA N 102 89.55 -34.87 -77.45
C ALA N 102 89.31 -34.95 -78.96
N THR N 103 88.77 -33.88 -79.56
CA THR N 103 88.46 -33.94 -80.99
C THR N 103 89.67 -33.82 -81.90
N ASN N 104 90.85 -33.61 -81.33
CA ASN N 104 92.07 -33.67 -82.12
C ASN N 104 92.75 -35.02 -81.90
N GLU N 105 92.92 -35.36 -80.63
CA GLU N 105 93.55 -36.63 -80.27
C GLU N 105 93.38 -37.68 -81.35
N MET O 1 -2.13 -8.29 38.18
CA MET O 1 -1.83 -7.90 39.58
C MET O 1 -2.39 -6.52 39.91
N ASP O 2 -2.24 -6.11 41.17
CA ASP O 2 -2.68 -4.78 41.64
C ASP O 2 -2.17 -3.68 40.73
N ALA O 3 -2.89 -2.56 40.71
CA ALA O 3 -2.52 -1.41 39.91
C ALA O 3 -1.19 -0.86 40.40
N LYS O 4 -1.09 -0.62 41.69
CA LYS O 4 0.13 -0.08 42.27
C LYS O 4 1.30 -1.05 42.09
N ALA O 5 1.01 -2.34 42.09
CA ALA O 5 2.05 -3.35 41.90
C ALA O 5 2.59 -3.26 40.48
N ARG O 6 1.71 -3.50 39.50
CA ARG O 6 2.07 -3.40 38.10
C ARG O 6 2.81 -2.09 37.80
N ASN O 7 2.28 -0.99 38.32
CA ASN O 7 2.87 0.33 38.10
C ASN O 7 4.26 0.47 38.73
N CYS O 8 4.45 -0.12 39.91
CA CYS O 8 5.71 -0.02 40.62
C CYS O 8 6.75 -0.72 39.76
N LEU O 9 6.35 -1.85 39.17
CA LEU O 9 7.23 -2.61 38.29
C LEU O 9 7.63 -1.73 37.12
N LEU O 10 6.65 -1.19 36.40
CA LEU O 10 6.88 -0.32 35.25
C LEU O 10 7.75 0.88 35.59
N GLN O 11 7.52 1.45 36.75
CA GLN O 11 8.26 2.62 37.21
C GLN O 11 9.75 2.32 37.39
N HIS O 12 10.08 1.08 37.71
CA HIS O 12 11.48 0.70 37.95
C HIS O 12 12.01 -0.41 37.05
N ARG O 13 11.21 -0.86 36.09
CA ARG O 13 11.64 -1.93 35.18
C ARG O 13 12.94 -1.61 34.46
N GLU O 14 13.24 -0.33 34.26
CA GLU O 14 14.48 0.01 33.57
C GLU O 14 15.71 -0.18 34.46
N ALA O 15 15.64 0.28 35.70
CA ALA O 15 16.75 0.13 36.63
C ALA O 15 16.99 -1.35 36.90
N LEU O 16 15.90 -2.10 36.92
CA LEU O 16 15.97 -3.53 37.17
C LEU O 16 16.73 -4.22 36.03
N GLU O 17 16.26 -4.04 34.80
CA GLU O 17 16.87 -4.63 33.60
C GLU O 17 18.34 -4.32 33.45
N LYS O 18 18.72 -3.14 33.91
CA LYS O 18 20.10 -2.71 33.82
C LYS O 18 20.99 -3.32 34.90
N ASP O 19 20.45 -4.11 35.82
CA ASP O 19 21.28 -4.69 36.88
C ASP O 19 21.07 -6.16 37.22
N ILE O 20 19.82 -6.60 37.26
CA ILE O 20 19.51 -7.98 37.64
C ILE O 20 19.94 -9.11 36.71
N LYS O 21 20.31 -10.22 37.33
CA LYS O 21 20.66 -11.46 36.66
C LYS O 21 19.55 -12.48 36.88
N THR O 22 18.87 -12.82 35.79
CA THR O 22 17.71 -13.71 35.80
C THR O 22 17.77 -15.15 36.30
N SER O 23 18.86 -15.86 36.06
CA SER O 23 18.92 -17.28 36.48
C SER O 23 18.59 -17.59 37.94
N TYR O 24 19.26 -16.91 38.87
CA TYR O 24 19.00 -17.11 40.29
C TYR O 24 17.56 -16.76 40.65
N ILE O 25 17.05 -15.67 40.08
CA ILE O 25 15.70 -15.19 40.33
C ILE O 25 14.67 -16.19 39.78
N MET O 26 14.97 -16.77 38.63
CA MET O 26 14.06 -17.73 38.04
C MET O 26 14.08 -19.04 38.84
N ASP O 27 15.21 -19.37 39.46
CA ASP O 27 15.29 -20.57 40.30
C ASP O 27 14.29 -20.43 41.44
N HIS O 28 14.26 -19.24 42.04
CA HIS O 28 13.34 -18.94 43.14
C HIS O 28 11.90 -18.99 42.67
N MET O 29 11.60 -18.25 41.59
CA MET O 29 10.23 -18.21 41.08
C MET O 29 9.72 -19.54 40.59
N ILE O 30 10.62 -20.38 40.12
CA ILE O 30 10.25 -21.71 39.65
C ILE O 30 9.90 -22.50 40.90
N SER O 31 10.76 -22.43 41.91
CA SER O 31 10.50 -23.15 43.14
C SER O 31 9.20 -22.67 43.76
N ASP O 32 8.96 -21.36 43.75
CA ASP O 32 7.73 -20.80 44.34
C ASP O 32 6.52 -21.21 43.52
N GLY O 33 6.76 -21.64 42.28
CA GLY O 33 5.66 -22.05 41.42
C GLY O 33 5.02 -20.86 40.71
N PHE O 34 5.78 -19.78 40.54
CA PHE O 34 5.27 -18.59 39.85
C PHE O 34 5.90 -18.36 38.49
N LEU O 35 6.67 -19.33 38.02
CA LEU O 35 7.31 -19.25 36.71
C LEU O 35 7.35 -20.67 36.20
N THR O 36 7.13 -20.84 34.90
CA THR O 36 7.14 -22.16 34.28
C THR O 36 8.47 -22.40 33.59
N ILE O 37 8.73 -23.66 33.21
CA ILE O 37 9.97 -24.03 32.54
C ILE O 37 10.04 -23.35 31.16
N SER O 38 8.94 -23.39 30.41
CA SER O 38 8.87 -22.77 29.09
C SER O 38 9.16 -21.29 29.22
N GLU O 39 8.44 -20.62 30.12
CA GLU O 39 8.66 -19.20 30.34
C GLU O 39 10.13 -19.00 30.64
N GLU O 40 10.68 -19.86 31.49
CA GLU O 40 12.09 -19.75 31.85
C GLU O 40 13.03 -19.85 30.64
N GLU O 41 12.75 -20.77 29.72
CA GLU O 41 13.60 -20.90 28.53
C GLU O 41 13.48 -19.70 27.58
N LYS O 42 12.28 -19.12 27.47
CA LYS O 42 12.09 -17.95 26.59
C LYS O 42 12.98 -16.83 27.10
N VAL O 43 13.00 -16.65 28.42
CA VAL O 43 13.83 -15.61 29.06
C VAL O 43 15.33 -15.90 28.88
N ARG O 44 15.71 -17.14 29.17
CA ARG O 44 17.09 -17.57 29.04
C ARG O 44 17.57 -17.48 27.60
N ASN O 45 16.68 -17.75 26.65
CA ASN O 45 17.07 -17.71 25.24
C ASN O 45 17.45 -16.33 24.70
N GLU O 46 17.05 -15.26 25.42
CA GLU O 46 17.35 -13.89 25.01
C GLU O 46 18.85 -13.69 24.89
N PRO O 47 19.28 -12.97 23.84
CA PRO O 47 20.68 -12.66 23.54
C PRO O 47 21.50 -11.92 24.59
N THR O 48 20.85 -11.03 25.35
CA THR O 48 21.53 -10.25 26.38
C THR O 48 20.72 -10.27 27.67
N GLN O 49 21.42 -10.12 28.80
CA GLN O 49 20.78 -10.14 30.11
C GLN O 49 19.76 -9.03 30.30
N GLN O 50 19.91 -7.92 29.58
CA GLN O 50 18.96 -6.82 29.66
C GLN O 50 17.64 -7.27 29.04
N GLN O 51 17.72 -8.10 28.01
CA GLN O 51 16.52 -8.60 27.34
C GLN O 51 15.90 -9.73 28.13
N ARG O 52 16.74 -10.50 28.81
CA ARG O 52 16.26 -11.60 29.65
C ARG O 52 15.49 -10.97 30.81
N ALA O 53 16.10 -9.98 31.47
CA ALA O 53 15.46 -9.25 32.56
C ALA O 53 14.17 -8.66 31.99
N ALA O 54 14.27 -8.01 30.83
CA ALA O 54 13.12 -7.41 30.19
C ALA O 54 12.00 -8.41 29.91
N MET O 55 12.38 -9.62 29.50
CA MET O 55 11.39 -10.64 29.21
C MET O 55 10.72 -11.14 30.49
N LEU O 56 11.53 -11.35 31.52
CA LEU O 56 11.06 -11.84 32.83
C LEU O 56 10.00 -10.85 33.33
N ILE O 57 10.42 -9.59 33.42
CA ILE O 57 9.58 -8.49 33.87
C ILE O 57 8.33 -8.37 33.00
N LYS O 58 8.50 -8.56 31.71
CA LYS O 58 7.37 -8.53 30.77
C LYS O 58 6.37 -9.60 31.13
N MET O 59 6.87 -10.75 31.56
CA MET O 59 6.01 -11.86 32.00
C MET O 59 5.36 -11.63 33.36
N ILE O 60 6.17 -11.23 34.33
CA ILE O 60 5.68 -10.98 35.67
C ILE O 60 4.54 -9.96 35.68
N LEU O 61 4.62 -8.96 34.80
CA LEU O 61 3.59 -7.90 34.70
C LEU O 61 2.18 -8.45 34.44
N LYS O 62 2.09 -9.57 33.73
CA LYS O 62 0.81 -10.20 33.44
C LYS O 62 0.46 -11.29 34.45
N LYS O 63 1.23 -11.36 35.52
CA LYS O 63 1.00 -12.34 36.59
C LYS O 63 0.23 -11.83 37.80
N ASP O 64 -0.09 -12.75 38.71
CA ASP O 64 -0.83 -12.38 39.90
C ASP O 64 0.02 -11.66 40.94
N ASN O 65 -0.63 -11.22 42.01
CA ASN O 65 0.03 -10.49 43.08
C ASN O 65 1.14 -11.29 43.74
N ASP O 66 0.91 -12.58 43.94
CA ASP O 66 1.91 -13.45 44.55
C ASP O 66 3.23 -13.52 43.79
N SER O 67 3.17 -13.34 42.48
CA SER O 67 4.36 -13.35 41.67
C SER O 67 5.16 -12.08 41.91
N TYR O 68 4.47 -10.98 42.21
CA TYR O 68 5.14 -9.72 42.49
C TYR O 68 5.96 -9.91 43.78
N VAL O 69 5.37 -10.59 44.76
CA VAL O 69 6.06 -10.84 46.03
C VAL O 69 7.18 -11.88 45.88
N SER O 70 6.97 -12.85 44.99
CA SER O 70 7.99 -13.86 44.73
C SER O 70 9.23 -13.22 44.10
N PHE O 71 9.01 -12.32 43.16
CA PHE O 71 10.09 -11.59 42.48
C PHE O 71 10.82 -10.67 43.47
N TYR O 72 10.05 -10.04 44.35
CA TYR O 72 10.58 -9.14 45.37
C TYR O 72 11.45 -9.88 46.40
N ASN O 73 10.96 -11.04 46.84
CA ASN O 73 11.70 -11.86 47.80
C ASN O 73 12.97 -12.36 47.14
N ALA O 74 12.87 -12.78 45.88
CA ALA O 74 14.01 -13.29 45.13
C ALA O 74 15.13 -12.25 45.05
N LEU O 75 14.76 -11.01 44.74
CA LEU O 75 15.69 -9.88 44.64
C LEU O 75 16.44 -9.65 45.94
N LEU O 76 15.70 -9.68 47.03
CA LEU O 76 16.27 -9.50 48.36
C LEU O 76 17.22 -10.65 48.65
N HIS O 77 16.69 -11.87 48.50
CA HIS O 77 17.47 -13.08 48.75
C HIS O 77 18.72 -13.16 47.90
N GLU O 78 18.68 -12.51 46.74
CA GLU O 78 19.81 -12.50 45.81
C GLU O 78 20.74 -11.31 45.88
N GLY O 79 20.52 -10.44 46.87
CA GLY O 79 21.38 -9.29 47.04
C GLY O 79 21.00 -7.99 46.34
N TYR O 80 19.88 -7.96 45.63
CA TYR O 80 19.46 -6.73 44.93
C TYR O 80 18.64 -5.89 45.89
N LYS O 81 19.25 -5.58 47.02
CA LYS O 81 18.60 -4.83 48.08
C LYS O 81 17.98 -3.50 47.62
N ASP O 82 18.77 -2.64 47.01
CA ASP O 82 18.25 -1.34 46.58
C ASP O 82 17.08 -1.42 45.62
N LEU O 83 17.07 -2.41 44.74
CA LEU O 83 15.99 -2.59 43.76
C LEU O 83 14.75 -3.17 44.42
N ALA O 84 14.96 -3.96 45.46
CA ALA O 84 13.85 -4.54 46.22
C ALA O 84 13.23 -3.39 47.02
N ALA O 85 14.09 -2.48 47.47
CA ALA O 85 13.66 -1.32 48.22
C ALA O 85 12.70 -0.49 47.37
N LEU O 86 13.09 -0.24 46.12
CA LEU O 86 12.28 0.55 45.20
C LEU O 86 10.95 -0.08 44.93
N LEU O 87 10.88 -1.40 45.00
CA LEU O 87 9.64 -2.13 44.76
C LEU O 87 8.79 -2.30 46.01
N HIS O 88 9.35 -1.95 47.17
CA HIS O 88 8.62 -2.10 48.43
C HIS O 88 7.30 -1.37 48.38
N ASP O 89 7.30 -0.26 47.65
CA ASP O 89 6.13 0.57 47.45
C ASP O 89 4.94 -0.21 46.86
N GLY O 90 5.23 -1.04 45.86
CA GLY O 90 4.22 -1.81 45.13
C GLY O 90 3.32 -2.87 45.74
N ILE O 91 3.62 -3.34 46.95
CA ILE O 91 2.83 -4.34 47.70
C ILE O 91 3.58 -5.20 48.75
N MET P 1 34.69 6.19 10.95
CA MET P 1 36.13 6.52 10.98
C MET P 1 36.66 6.85 9.58
N ASP P 2 37.93 7.23 9.51
CA ASP P 2 38.55 7.57 8.23
C ASP P 2 38.35 6.46 7.20
N ALA P 3 38.46 6.82 5.93
CA ALA P 3 38.29 5.88 4.83
C ALA P 3 39.41 4.86 4.88
N LYS P 4 40.65 5.34 4.95
CA LYS P 4 41.81 4.48 5.00
C LYS P 4 41.78 3.57 6.23
N ALA P 5 41.25 4.10 7.33
CA ALA P 5 41.15 3.35 8.58
C ALA P 5 40.18 2.19 8.38
N ARG P 6 38.93 2.53 8.06
CA ARG P 6 37.87 1.55 7.85
C ARG P 6 38.30 0.50 6.82
N ASN P 7 38.96 0.94 5.76
CA ASN P 7 39.43 0.02 4.73
C ASN P 7 40.60 -0.87 5.15
N CYS P 8 41.47 -0.34 6.01
CA CYS P 8 42.61 -1.10 6.49
C CYS P 8 42.05 -2.24 7.33
N LEU P 9 41.00 -1.95 8.11
CA LEU P 9 40.34 -2.95 8.93
C LEU P 9 39.80 -4.05 8.03
N LEU P 10 38.97 -3.66 7.06
CA LEU P 10 38.37 -4.59 6.10
C LEU P 10 39.39 -5.43 5.36
N GLN P 11 40.50 -4.80 4.99
CA GLN P 11 41.57 -5.47 4.26
C GLN P 11 42.21 -6.58 5.07
N HIS P 12 42.20 -6.45 6.39
CA HIS P 12 42.83 -7.44 7.26
C HIS P 12 41.91 -8.09 8.29
N ARG P 13 40.61 -7.77 8.23
CA ARG P 13 39.66 -8.34 9.18
C ARG P 13 39.65 -9.86 9.19
N GLU P 14 40.01 -10.49 8.08
CA GLU P 14 40.04 -11.95 8.05
C GLU P 14 41.21 -12.54 8.82
N ALA P 15 42.40 -11.98 8.61
CA ALA P 15 43.59 -12.47 9.31
C ALA P 15 43.43 -12.23 10.80
N LEU P 16 42.77 -11.12 11.14
CA LEU P 16 42.52 -10.76 12.52
C LEU P 16 41.62 -11.81 13.20
N GLU P 17 40.44 -12.02 12.62
CA GLU P 17 39.45 -12.98 13.13
C GLU P 17 40.02 -14.37 13.31
N LYS P 18 40.95 -14.74 12.44
CA LYS P 18 41.57 -16.05 12.50
C LYS P 18 42.64 -16.18 13.58
N ASP P 19 42.94 -15.10 14.31
CA ASP P 19 43.98 -15.18 15.32
C ASP P 19 43.72 -14.54 16.68
N ILE P 20 43.10 -13.36 16.67
CA ILE P 20 42.86 -12.61 17.91
C ILE P 20 41.84 -13.18 18.91
N LYS P 21 42.16 -12.97 20.18
CA LYS P 21 41.30 -13.36 21.28
C LYS P 21 40.74 -12.04 21.83
N THR P 22 39.42 -11.92 21.77
CA THR P 22 38.67 -10.73 22.18
C THR P 22 38.65 -10.23 23.64
N SER P 23 38.62 -11.13 24.62
CA SER P 23 38.55 -10.69 26.02
C SER P 23 39.57 -9.64 26.48
N TYR P 24 40.85 -9.92 26.28
CA TYR P 24 41.90 -8.98 26.66
C TYR P 24 41.76 -7.65 25.91
N ILE P 25 41.44 -7.72 24.63
CA ILE P 25 41.27 -6.55 23.78
C ILE P 25 40.07 -5.71 24.23
N MET P 26 39.00 -6.39 24.64
CA MET P 26 37.82 -5.69 25.10
C MET P 26 38.08 -5.06 26.46
N ASP P 27 38.94 -5.65 27.27
CA ASP P 27 39.31 -5.07 28.58
C ASP P 27 39.94 -3.70 28.34
N HIS P 28 40.83 -3.65 27.36
CA HIS P 28 41.50 -2.41 26.97
C HIS P 28 40.52 -1.39 26.44
N MET P 29 39.73 -1.79 25.45
CA MET P 29 38.76 -0.88 24.84
C MET P 29 37.70 -0.40 25.78
N ILE P 30 37.37 -1.21 26.79
CA ILE P 30 36.37 -0.83 27.79
C ILE P 30 37.05 0.23 28.64
N SER P 31 38.28 -0.04 29.07
CA SER P 31 38.99 0.92 29.88
C SER P 31 39.17 2.22 29.12
N ASP P 32 39.51 2.15 27.84
CA ASP P 32 39.70 3.35 27.03
C ASP P 32 38.39 4.10 26.83
N GLY P 33 37.29 3.40 27.06
CA GLY P 33 35.98 4.00 26.89
C GLY P 33 35.50 3.95 25.45
N PHE P 34 36.01 3.00 24.67
CA PHE P 34 35.62 2.86 23.26
C PHE P 34 34.79 1.62 22.99
N LEU P 35 34.36 0.95 24.05
CA LEU P 35 33.51 -0.24 23.93
C LEU P 35 32.62 -0.22 25.15
N THR P 36 31.37 -0.61 24.98
CA THR P 36 30.40 -0.63 26.07
C THR P 36 30.25 -2.04 26.61
N ILE P 37 29.62 -2.17 27.78
CA ILE P 37 29.40 -3.48 28.39
C ILE P 37 28.47 -4.34 27.54
N SER P 38 27.39 -3.73 27.05
CA SER P 38 26.44 -4.43 26.19
C SER P 38 27.15 -4.94 24.95
N GLU P 39 27.86 -4.04 24.27
CA GLU P 39 28.60 -4.42 23.08
C GLU P 39 29.50 -5.58 23.45
N GLU P 40 30.17 -5.47 24.60
CA GLU P 40 31.07 -6.52 25.04
C GLU P 40 30.37 -7.88 25.23
N GLU P 41 29.16 -7.88 25.79
CA GLU P 41 28.45 -9.15 25.96
C GLU P 41 27.97 -9.74 24.62
N LYS P 42 27.60 -8.90 23.66
CA LYS P 42 27.16 -9.40 22.35
C LYS P 42 28.32 -10.15 21.73
N VAL P 43 29.52 -9.58 21.83
CA VAL P 43 30.73 -10.21 21.28
C VAL P 43 31.07 -11.51 22.02
N ARG P 44 31.06 -11.44 23.35
CA ARG P 44 31.35 -12.58 24.19
C ARG P 44 30.33 -13.71 23.98
N ASN P 45 29.08 -13.34 23.74
CA ASN P 45 28.04 -14.34 23.55
C ASN P 45 28.19 -15.21 22.29
N GLU P 46 29.01 -14.77 21.33
CA GLU P 46 29.22 -15.51 20.10
C GLU P 46 29.77 -16.89 20.40
N PRO P 47 29.29 -17.90 19.67
CA PRO P 47 29.68 -19.31 19.80
C PRO P 47 31.15 -19.67 19.60
N THR P 48 31.83 -18.94 18.72
CA THR P 48 33.25 -19.20 18.44
C THR P 48 34.03 -17.89 18.44
N GLN P 49 35.32 -17.99 18.76
CA GLN P 49 36.19 -16.82 18.83
C GLN P 49 36.31 -16.08 17.49
N GLN P 50 36.12 -16.80 16.38
CA GLN P 50 36.18 -16.18 15.06
C GLN P 50 34.99 -15.26 14.90
N GLN P 51 33.86 -15.63 15.49
CA GLN P 51 32.64 -14.83 15.41
C GLN P 51 32.68 -13.67 16.39
N ARG P 52 33.35 -13.90 17.51
CA ARG P 52 33.53 -12.86 18.54
C ARG P 52 34.43 -11.78 17.93
N ALA P 53 35.56 -12.20 17.36
CA ALA P 53 36.48 -11.30 16.69
C ALA P 53 35.68 -10.59 15.59
N ALA P 54 34.94 -11.36 14.81
CA ALA P 54 34.13 -10.82 13.73
C ALA P 54 33.13 -9.78 14.22
N MET P 55 32.53 -10.04 15.36
CA MET P 55 31.54 -9.11 15.91
C MET P 55 32.22 -7.84 16.41
N LEU P 56 33.35 -7.99 17.08
CA LEU P 56 34.12 -6.86 17.62
C LEU P 56 34.46 -5.94 16.46
N ILE P 57 35.12 -6.51 15.46
CA ILE P 57 35.54 -5.81 14.25
C ILE P 57 34.34 -5.17 13.54
N LYS P 58 33.23 -5.89 13.54
CA LYS P 58 32.01 -5.39 12.93
C LYS P 58 31.63 -4.11 13.63
N MET P 59 31.74 -4.11 14.95
CA MET P 59 31.41 -2.93 15.77
C MET P 59 32.40 -1.79 15.61
N ILE P 60 33.68 -2.10 15.70
CA ILE P 60 34.72 -1.10 15.57
C ILE P 60 34.62 -0.33 14.25
N LEU P 61 34.23 -1.03 13.18
CA LEU P 61 34.09 -0.42 11.85
C LEU P 61 33.12 0.76 11.82
N LYS P 62 32.12 0.75 12.68
CA LYS P 62 31.14 1.84 12.74
C LYS P 62 31.54 2.88 13.79
N LYS P 63 32.72 2.72 14.38
CA LYS P 63 33.22 3.61 15.42
C LYS P 63 34.12 4.74 14.93
N ASP P 64 34.47 5.64 15.85
CA ASP P 64 35.31 6.77 15.50
C ASP P 64 36.78 6.38 15.33
N ASN P 65 37.59 7.35 14.91
CA ASN P 65 39.02 7.14 14.68
C ASN P 65 39.74 6.68 15.93
N ASP P 66 39.39 7.24 17.08
CA ASP P 66 40.03 6.86 18.34
C ASP P 66 39.88 5.39 18.69
N SER P 67 38.79 4.78 18.24
CA SER P 67 38.56 3.38 18.51
C SER P 67 39.51 2.54 17.66
N TYR P 68 39.85 3.05 16.47
CA TYR P 68 40.77 2.33 15.60
C TYR P 68 42.14 2.30 16.30
N VAL P 69 42.52 3.40 16.93
CA VAL P 69 43.80 3.46 17.63
C VAL P 69 43.77 2.66 18.95
N SER P 70 42.60 2.62 19.59
CA SER P 70 42.44 1.85 20.81
C SER P 70 42.61 0.36 20.52
N PHE P 71 42.02 -0.10 19.42
CA PHE P 71 42.09 -1.50 18.98
C PHE P 71 43.53 -1.85 18.59
N TYR P 72 44.20 -0.91 17.92
CA TYR P 72 45.58 -1.06 17.48
C TYR P 72 46.56 -1.15 18.67
N ASN P 73 46.36 -0.29 19.65
CA ASN P 73 47.20 -0.30 20.83
C ASN P 73 46.97 -1.59 21.61
N ALA P 74 45.70 -2.01 21.70
CA ALA P 74 45.35 -3.23 22.42
C ALA P 74 46.06 -4.45 21.82
N LEU P 75 46.07 -4.54 20.49
CA LEU P 75 46.72 -5.63 19.75
C LEU P 75 48.20 -5.71 20.05
N LEU P 76 48.84 -4.54 20.04
CA LEU P 76 50.27 -4.43 20.35
C LEU P 76 50.50 -4.86 21.78
N HIS P 77 49.77 -4.22 22.69
CA HIS P 77 49.89 -4.50 24.10
C HIS P 77 49.62 -5.96 24.44
N GLU P 78 48.82 -6.62 23.60
CA GLU P 78 48.48 -8.02 23.79
C GLU P 78 49.30 -9.03 23.02
N GLY P 79 50.35 -8.57 22.36
CA GLY P 79 51.21 -9.47 21.61
C GLY P 79 50.89 -9.75 20.15
N TYR P 80 49.86 -9.14 19.61
CA TYR P 80 49.50 -9.37 18.19
C TYR P 80 50.28 -8.40 17.34
N LYS P 81 51.60 -8.45 17.48
CA LYS P 81 52.49 -7.55 16.77
C LYS P 81 52.29 -7.51 15.26
N ASP P 82 52.37 -8.67 14.61
CA ASP P 82 52.21 -8.71 13.15
C ASP P 82 50.90 -8.14 12.64
N LEU P 83 49.82 -8.35 13.37
CA LEU P 83 48.50 -7.85 12.97
C LEU P 83 48.38 -6.35 13.23
N ALA P 84 49.10 -5.87 14.23
CA ALA P 84 49.12 -4.44 14.53
C ALA P 84 49.94 -3.77 13.42
N ALA P 85 50.97 -4.48 12.96
CA ALA P 85 51.82 -4.00 11.89
C ALA P 85 50.99 -3.77 10.65
N LEU P 86 50.16 -4.75 10.31
CA LEU P 86 49.32 -4.67 9.13
C LEU P 86 48.35 -3.51 9.18
N LEU P 87 47.94 -3.15 10.40
CA LEU P 87 47.00 -2.04 10.59
C LEU P 87 47.69 -0.70 10.72
N HIS P 88 49.02 -0.69 10.80
CA HIS P 88 49.75 0.56 10.95
C HIS P 88 49.44 1.51 9.82
N ASP P 89 49.18 0.92 8.66
CA ASP P 89 48.83 1.65 7.46
C ASP P 89 47.59 2.55 7.64
N GLY P 90 46.56 2.01 8.31
CA GLY P 90 45.29 2.69 8.53
C GLY P 90 45.11 3.98 9.33
N ILE P 91 46.11 4.39 10.10
CA ILE P 91 46.11 5.64 10.91
C ILE P 91 47.02 5.67 12.16
N MET Q 1 31.80 -38.02 -0.36
CA MET Q 1 32.50 -39.33 -0.43
C MET Q 1 31.64 -40.39 -1.13
N ASP Q 2 32.20 -41.58 -1.32
CA ASP Q 2 31.50 -42.72 -1.93
C ASP Q 2 30.15 -42.94 -1.26
N ALA Q 3 29.21 -43.54 -2.01
CA ALA Q 3 27.89 -43.85 -1.50
C ALA Q 3 27.99 -44.84 -0.37
N LYS Q 4 28.71 -45.93 -0.61
CA LYS Q 4 28.88 -46.97 0.40
C LYS Q 4 29.61 -46.43 1.62
N ALA Q 5 30.52 -45.49 1.42
CA ALA Q 5 31.27 -44.89 2.51
C ALA Q 5 30.32 -44.07 3.38
N ARG Q 6 29.69 -43.07 2.77
CA ARG Q 6 28.73 -42.20 3.46
C ARG Q 6 27.66 -43.00 4.18
N ASN Q 7 27.15 -44.03 3.50
CA ASN Q 7 26.15 -44.91 4.09
C ASN Q 7 26.67 -45.73 5.27
N CYS Q 8 27.91 -46.22 5.17
CA CYS Q 8 28.48 -47.06 6.21
C CYS Q 8 28.57 -46.20 7.46
N LEU Q 9 28.92 -44.93 7.28
CA LEU Q 9 29.01 -43.98 8.37
C LEU Q 9 27.64 -43.85 9.03
N LEU Q 10 26.64 -43.50 8.23
CA LEU Q 10 25.26 -43.36 8.69
C LEU Q 10 24.72 -44.59 9.40
N GLN Q 11 25.06 -45.75 8.86
CA GLN Q 11 24.61 -47.02 9.41
C GLN Q 11 25.15 -47.27 10.80
N HIS Q 12 26.32 -46.72 11.11
CA HIS Q 12 26.94 -46.92 12.41
C HIS Q 12 27.23 -45.65 13.22
N ARG Q 13 26.80 -44.50 12.70
CA ARG Q 13 27.03 -43.22 13.39
C ARG Q 13 26.49 -43.22 14.81
N GLU Q 14 25.47 -44.01 15.10
CA GLU Q 14 24.94 -44.04 16.45
C GLU Q 14 25.83 -44.78 17.43
N ALA Q 15 26.31 -45.95 17.03
CA ALA Q 15 27.20 -46.74 17.88
C ALA Q 15 28.49 -45.98 18.12
N LEU Q 16 28.91 -45.24 17.09
CA LEU Q 16 30.12 -44.45 17.17
C LEU Q 16 29.97 -43.34 18.23
N GLU Q 17 28.94 -42.51 18.07
CA GLU Q 17 28.65 -41.40 18.98
C GLU Q 17 28.53 -41.82 20.42
N LYS Q 18 28.02 -43.03 20.62
CA LYS Q 18 27.85 -43.56 21.95
C LYS Q 18 29.13 -44.09 22.59
N ASP Q 19 30.25 -44.07 21.86
CA ASP Q 19 31.50 -44.60 22.42
C ASP Q 19 32.77 -43.79 22.21
N ILE Q 20 32.94 -43.24 21.02
CA ILE Q 20 34.16 -42.50 20.69
C ILE Q 20 34.42 -41.17 21.39
N LYS Q 21 35.70 -40.92 21.65
CA LYS Q 21 36.16 -39.68 22.24
C LYS Q 21 36.88 -38.95 21.10
N THR Q 22 36.37 -37.77 20.77
CA THR Q 22 36.85 -36.92 19.68
C THR Q 22 38.25 -36.30 19.69
N SER Q 23 38.77 -35.88 20.84
CA SER Q 23 40.08 -35.22 20.86
C SER Q 23 41.24 -35.95 20.19
N TYR Q 24 41.46 -37.21 20.57
CA TYR Q 24 42.53 -38.01 19.98
C TYR Q 24 42.32 -38.20 18.48
N ILE Q 25 41.07 -38.44 18.08
CA ILE Q 25 40.72 -38.64 16.69
C ILE Q 25 40.93 -37.36 15.88
N MET Q 26 40.62 -36.22 16.47
CA MET Q 26 40.81 -34.96 15.79
C MET Q 26 42.28 -34.62 15.67
N ASP Q 27 43.10 -35.08 16.63
CA ASP Q 27 44.56 -34.86 16.56
C ASP Q 27 45.08 -35.54 15.30
N HIS Q 28 44.61 -36.76 15.07
CA HIS Q 28 45.00 -37.53 13.89
C HIS Q 28 44.53 -36.86 12.61
N MET Q 29 43.23 -36.54 12.56
CA MET Q 29 42.64 -35.90 11.39
C MET Q 29 43.31 -34.55 11.12
N ILE Q 30 43.25 -33.66 12.11
CA ILE Q 30 43.85 -32.33 11.97
C ILE Q 30 45.24 -32.41 11.35
N SER Q 31 45.84 -33.60 11.43
CA SER Q 31 47.18 -33.80 10.88
C SER Q 31 47.11 -34.38 9.47
N ASP Q 32 46.00 -35.03 9.15
CA ASP Q 32 45.81 -35.64 7.84
C ASP Q 32 45.44 -34.58 6.80
N GLY Q 33 44.83 -33.50 7.26
CA GLY Q 33 44.41 -32.42 6.37
C GLY Q 33 42.94 -32.50 6.00
N PHE Q 34 42.20 -33.33 6.72
CA PHE Q 34 40.78 -33.50 6.47
C PHE Q 34 39.94 -32.73 7.48
N LEU Q 35 40.61 -32.10 8.44
CA LEU Q 35 39.93 -31.33 9.47
C LEU Q 35 40.64 -29.99 9.72
N THR Q 36 39.85 -28.94 9.93
CA THR Q 36 40.40 -27.62 10.18
C THR Q 36 40.25 -27.22 11.65
N ILE Q 37 41.16 -26.39 12.13
CA ILE Q 37 41.13 -25.94 13.52
C ILE Q 37 39.74 -25.45 13.91
N SER Q 38 39.11 -24.66 13.01
CA SER Q 38 37.77 -24.15 13.25
C SER Q 38 36.81 -25.31 13.43
N GLU Q 39 36.83 -26.25 12.48
CA GLU Q 39 35.97 -27.41 12.56
C GLU Q 39 36.22 -28.08 13.90
N GLU Q 40 37.49 -28.20 14.26
CA GLU Q 40 37.85 -28.83 15.52
C GLU Q 40 37.25 -28.12 16.75
N GLU Q 41 37.25 -26.78 16.75
CA GLU Q 41 36.68 -26.06 17.88
C GLU Q 41 35.14 -26.18 17.93
N LYS Q 42 34.47 -26.24 16.78
CA LYS Q 42 33.01 -26.38 16.75
C LYS Q 42 32.67 -27.70 17.43
N VAL Q 43 33.42 -28.75 17.11
CA VAL Q 43 33.20 -30.08 17.71
C VAL Q 43 33.50 -30.08 19.21
N ARG Q 44 34.65 -29.51 19.57
CA ARG Q 44 35.06 -29.42 20.96
C ARG Q 44 34.09 -28.59 21.78
N ASN Q 45 33.53 -27.54 21.18
CA ASN Q 45 32.61 -26.68 21.90
C ASN Q 45 31.29 -27.33 22.32
N GLU Q 46 30.94 -28.47 21.72
CA GLU Q 46 29.71 -29.17 22.04
C GLU Q 46 29.69 -29.55 23.51
N PRO Q 47 28.52 -29.42 24.15
CA PRO Q 47 28.28 -29.72 25.57
C PRO Q 47 28.56 -31.13 26.06
N THR Q 48 28.33 -32.11 25.20
CA THR Q 48 28.55 -33.52 25.56
C THR Q 48 29.31 -34.24 24.47
N GLN Q 49 30.06 -35.28 24.85
CA GLN Q 49 30.86 -36.04 23.91
C GLN Q 49 30.04 -36.71 22.80
N GLN Q 50 28.77 -37.00 23.08
CA GLN Q 50 27.89 -37.61 22.09
C GLN Q 50 27.62 -36.58 21.00
N GLN Q 51 27.55 -35.31 21.37
CA GLN Q 51 27.30 -34.24 20.40
C GLN Q 51 28.56 -33.88 19.65
N ARG Q 52 29.70 -34.02 20.33
CA ARG Q 52 31.01 -33.76 19.71
C ARG Q 52 31.22 -34.83 18.64
N ALA Q 53 31.02 -36.09 19.03
CA ALA Q 53 31.13 -37.21 18.11
C ALA Q 53 30.14 -36.95 16.96
N ALA Q 54 28.91 -36.59 17.32
CA ALA Q 54 27.88 -36.31 16.34
C ALA Q 54 28.27 -35.20 15.39
N MET Q 55 28.93 -34.17 15.90
CA MET Q 55 29.34 -33.05 15.06
C MET Q 55 30.48 -33.47 14.14
N LEU Q 56 31.43 -34.22 14.67
CA LEU Q 56 32.60 -34.69 13.91
C LEU Q 56 32.07 -35.49 12.72
N ILE Q 57 31.27 -36.50 13.03
CA ILE Q 57 30.66 -37.39 12.04
C ILE Q 57 29.82 -36.60 11.05
N LYS Q 58 29.12 -35.59 11.55
CA LYS Q 58 28.31 -34.73 10.70
C LYS Q 58 29.22 -34.10 9.66
N MET Q 59 30.39 -33.65 10.11
CA MET Q 59 31.37 -33.01 9.24
C MET Q 59 32.03 -33.98 8.26
N ILE Q 60 32.50 -35.10 8.77
CA ILE Q 60 33.14 -36.12 7.94
C ILE Q 60 32.25 -36.58 6.80
N LEU Q 61 30.94 -36.65 7.04
CA LEU Q 61 29.97 -37.08 6.02
C LEU Q 61 29.99 -36.23 4.75
N LYS Q 62 30.34 -34.94 4.89
CA LYS Q 62 30.40 -34.04 3.75
C LYS Q 62 31.81 -33.97 3.17
N LYS Q 63 32.72 -34.80 3.70
CA LYS Q 63 34.11 -34.82 3.27
C LYS Q 63 34.45 -35.85 2.20
N ASP Q 64 35.68 -35.78 1.70
CA ASP Q 64 36.12 -36.71 0.66
C ASP Q 64 36.40 -38.11 1.19
N ASN Q 65 36.70 -39.02 0.28
CA ASN Q 65 36.99 -40.41 0.61
C ASN Q 65 38.17 -40.56 1.56
N ASP Q 66 39.21 -39.76 1.35
CA ASP Q 66 40.39 -39.82 2.21
C ASP Q 66 40.12 -39.52 3.67
N SER Q 67 39.08 -38.72 3.93
CA SER Q 67 38.73 -38.40 5.30
C SER Q 67 38.07 -39.61 5.94
N TYR Q 68 37.37 -40.41 5.14
CA TYR Q 68 36.73 -41.62 5.67
C TYR Q 68 37.84 -42.56 6.13
N VAL Q 69 38.93 -42.66 5.36
CA VAL Q 69 40.04 -43.52 5.72
C VAL Q 69 40.86 -42.94 6.89
N SER Q 70 40.93 -41.62 6.97
CA SER Q 70 41.64 -40.96 8.05
C SER Q 70 40.92 -41.24 9.39
N PHE Q 71 39.60 -41.15 9.37
CA PHE Q 71 38.75 -41.39 10.54
C PHE Q 71 38.85 -42.87 10.95
N TYR Q 72 38.88 -43.75 9.96
CA TYR Q 72 38.97 -45.20 10.18
C TYR Q 72 40.33 -45.59 10.80
N ASN Q 73 41.41 -45.01 10.27
CA ASN Q 73 42.74 -45.28 10.78
C ASN Q 73 42.84 -44.74 12.21
N ALA Q 74 42.28 -43.55 12.43
CA ALA Q 74 42.31 -42.93 13.76
C ALA Q 74 41.65 -43.83 14.81
N LEU Q 75 40.49 -44.37 14.47
CA LEU Q 75 39.72 -45.28 15.34
C LEU Q 75 40.53 -46.50 15.73
N LEU Q 76 41.19 -47.08 14.74
CA LEU Q 76 42.04 -48.25 14.96
C LEU Q 76 43.19 -47.87 15.85
N HIS Q 77 43.91 -46.83 15.45
CA HIS Q 77 45.06 -46.34 16.19
C HIS Q 77 44.71 -45.96 17.61
N GLU Q 78 43.46 -45.59 17.85
CA GLU Q 78 43.02 -45.16 19.18
C GLU Q 78 42.34 -46.26 20.00
N GLY Q 79 42.29 -47.48 19.48
CA GLY Q 79 41.67 -48.57 20.21
C GLY Q 79 40.21 -48.90 19.95
N TYR Q 80 39.56 -48.18 19.05
CA TYR Q 80 38.14 -48.43 18.75
C TYR Q 80 38.06 -49.50 17.69
N LYS Q 81 38.67 -50.64 17.98
CA LYS Q 81 38.74 -51.75 17.04
C LYS Q 81 37.39 -52.20 16.49
N ASP Q 82 36.46 -52.54 17.37
CA ASP Q 82 35.15 -53.00 16.92
C ASP Q 82 34.40 -52.03 16.02
N LEU Q 83 34.53 -50.73 16.29
CA LEU Q 83 33.86 -49.70 15.49
C LEU Q 83 34.56 -49.49 14.16
N ALA Q 84 35.87 -49.73 14.14
CA ALA Q 84 36.64 -49.62 12.91
C ALA Q 84 36.25 -50.84 12.04
N ALA Q 85 36.01 -51.96 12.72
CA ALA Q 85 35.60 -53.18 12.06
C ALA Q 85 34.30 -52.94 11.30
N LEU Q 86 33.34 -52.33 11.99
CA LEU Q 86 32.04 -52.05 11.39
C LEU Q 86 32.13 -51.15 10.19
N LEU Q 87 33.13 -50.28 10.19
CA LEU Q 87 33.33 -49.35 9.07
C LEU Q 87 34.19 -49.92 7.96
N HIS Q 88 34.77 -51.10 8.20
CA HIS Q 88 35.63 -51.71 7.18
C HIS Q 88 34.88 -51.89 5.87
N ASP Q 89 33.59 -52.14 6.00
CA ASP Q 89 32.69 -52.32 4.88
C ASP Q 89 32.69 -51.12 3.92
N GLY Q 90 32.67 -49.91 4.48
CA GLY Q 90 32.61 -48.66 3.73
C GLY Q 90 33.67 -48.17 2.76
N ILE Q 91 34.86 -48.77 2.77
CA ILE Q 91 35.99 -48.43 1.87
C ILE Q 91 37.43 -48.73 2.38
N MET R 1 7.22 -39.83 38.21
CA MET R 1 7.01 -40.50 39.51
C MET R 1 5.71 -40.03 40.18
N ASP R 2 5.38 -40.63 41.33
CA ASP R 2 4.20 -40.26 42.11
C ASP R 2 4.12 -38.76 42.34
N ALA R 3 2.91 -38.26 42.54
CA ALA R 3 2.69 -36.84 42.80
C ALA R 3 3.36 -36.44 44.10
N LYS R 4 3.08 -37.20 45.16
CA LYS R 4 3.67 -36.91 46.46
C LYS R 4 5.19 -37.03 46.42
N ALA R 5 5.69 -37.94 45.60
CA ALA R 5 7.14 -38.13 45.47
C ALA R 5 7.76 -36.90 44.83
N ARG R 6 7.31 -36.58 43.62
CA ARG R 6 7.78 -35.42 42.86
C ARG R 6 7.67 -34.15 43.69
N ASN R 7 6.57 -34.01 44.40
CA ASN R 7 6.36 -32.83 45.25
C ASN R 7 7.24 -32.79 46.50
N CYS R 8 7.54 -33.95 47.06
CA CYS R 8 8.39 -34.02 48.24
C CYS R 8 9.77 -33.54 47.82
N LEU R 9 10.19 -33.94 46.63
CA LEU R 9 11.47 -33.53 46.08
C LEU R 9 11.50 -32.01 45.96
N LEU R 10 10.51 -31.46 45.25
CA LEU R 10 10.40 -30.01 45.05
C LEU R 10 10.35 -29.23 46.36
N GLN R 11 9.66 -29.79 47.34
CA GLN R 11 9.51 -29.15 48.63
C GLN R 11 10.83 -29.03 49.37
N HIS R 12 11.76 -29.95 49.11
CA HIS R 12 13.05 -29.93 49.78
C HIS R 12 14.27 -29.83 48.86
N ARG R 13 14.04 -29.66 47.56
CA ARG R 13 15.15 -29.56 46.61
C ARG R 13 16.13 -28.44 46.95
N GLU R 14 15.69 -27.40 47.64
CA GLU R 14 16.60 -26.34 47.99
C GLU R 14 17.55 -26.72 49.12
N ALA R 15 17.03 -27.33 50.17
CA ALA R 15 17.85 -27.76 51.29
C ALA R 15 18.83 -28.82 50.83
N LEU R 16 18.39 -29.65 49.89
CA LEU R 16 19.22 -30.69 49.33
C LEU R 16 20.42 -30.09 48.59
N GLU R 17 20.14 -29.23 47.62
CA GLU R 17 21.17 -28.57 46.80
C GLU R 17 22.20 -27.82 47.63
N LYS R 18 21.75 -27.29 48.75
CA LYS R 18 22.63 -26.55 49.64
C LYS R 18 23.52 -27.43 50.50
N ASP R 19 23.37 -28.75 50.41
CA ASP R 19 24.16 -29.63 51.26
C ASP R 19 24.84 -30.80 50.53
N ILE R 20 24.06 -31.54 49.76
CA ILE R 20 24.52 -32.78 49.14
C ILE R 20 25.67 -32.70 48.13
N LYS R 21 26.49 -33.74 48.17
CA LYS R 21 27.60 -33.93 47.24
C LYS R 21 27.25 -35.06 46.27
N THR R 22 27.08 -34.70 45.00
CA THR R 22 26.64 -35.61 43.95
C THR R 22 27.43 -36.86 43.56
N SER R 23 28.76 -36.82 43.58
CA SER R 23 29.55 -37.99 43.15
C SER R 23 29.22 -39.33 43.81
N TYR R 24 29.22 -39.36 45.14
CA TYR R 24 28.88 -40.58 45.87
C TYR R 24 27.47 -41.06 45.55
N ILE R 25 26.53 -40.11 45.49
CA ILE R 25 25.14 -40.40 45.21
C ILE R 25 24.96 -40.94 43.79
N MET R 26 25.72 -40.40 42.84
CA MET R 26 25.64 -40.86 41.47
C MET R 26 26.27 -42.23 41.33
N ASP R 27 27.27 -42.54 42.17
CA ASP R 27 27.88 -43.88 42.15
C ASP R 27 26.80 -44.92 42.48
N HIS R 28 26.00 -44.61 43.50
CA HIS R 28 24.90 -45.47 43.92
C HIS R 28 23.85 -45.60 42.83
N MET R 29 23.36 -44.46 42.34
CA MET R 29 22.33 -44.46 41.32
C MET R 29 22.75 -45.10 40.02
N ILE R 30 24.05 -45.04 39.72
CA ILE R 30 24.58 -45.65 38.51
C ILE R 30 24.54 -47.15 38.76
N SER R 31 25.05 -47.56 39.92
CA SER R 31 25.02 -48.97 40.31
C SER R 31 23.61 -49.52 40.30
N ASP R 32 22.66 -48.76 40.81
CA ASP R 32 21.26 -49.19 40.87
C ASP R 32 20.65 -49.22 39.48
N GLY R 33 21.29 -48.53 38.54
CA GLY R 33 20.79 -48.50 37.17
C GLY R 33 19.73 -47.44 36.98
N PHE R 34 19.74 -46.39 37.82
CA PHE R 34 18.76 -45.32 37.73
C PHE R 34 19.37 -44.00 37.26
N LEU R 35 20.61 -44.05 36.80
CA LEU R 35 21.31 -42.87 36.30
C LEU R 35 22.24 -43.38 35.23
N THR R 36 22.37 -42.62 34.15
CA THR R 36 23.23 -43.01 33.04
C THR R 36 24.57 -42.28 33.13
N ILE R 37 25.55 -42.72 32.35
CA ILE R 37 26.87 -42.09 32.33
C ILE R 37 26.77 -40.66 31.78
N SER R 38 26.03 -40.48 30.70
CA SER R 38 25.84 -39.17 30.10
C SER R 38 25.21 -38.24 31.11
N GLU R 39 24.10 -38.67 31.70
CA GLU R 39 23.42 -37.86 32.71
C GLU R 39 24.44 -37.51 33.77
N GLU R 40 25.23 -38.50 34.18
CA GLU R 40 26.24 -38.26 35.21
C GLU R 40 27.26 -37.20 34.82
N GLU R 41 27.71 -37.19 33.57
CA GLU R 41 28.67 -36.17 33.14
C GLU R 41 28.04 -34.77 33.06
N LYS R 42 26.77 -34.67 32.66
CA LYS R 42 26.09 -33.38 32.59
C LYS R 42 26.09 -32.77 33.99
N VAL R 43 25.78 -33.59 34.98
CA VAL R 43 25.74 -33.14 36.39
C VAL R 43 27.15 -32.76 36.88
N ARG R 44 28.12 -33.63 36.62
CA ARG R 44 29.49 -33.40 37.02
C ARG R 44 30.06 -32.15 36.34
N ASN R 45 29.67 -31.91 35.09
CA ASN R 45 30.18 -30.77 34.36
C ASN R 45 29.78 -29.39 34.92
N GLU R 46 28.76 -29.35 35.77
CA GLU R 46 28.28 -28.10 36.35
C GLU R 46 29.38 -27.46 37.16
N PRO R 47 29.49 -26.12 37.06
CA PRO R 47 30.49 -25.28 37.72
C PRO R 47 30.54 -25.32 39.24
N THR R 48 29.40 -25.50 39.88
CA THR R 48 29.33 -25.55 41.35
C THR R 48 28.47 -26.72 41.80
N GLN R 49 28.75 -27.23 43.00
CA GLN R 49 28.04 -28.37 43.56
C GLN R 49 26.54 -28.11 43.74
N GLN R 50 26.18 -26.85 43.93
CA GLN R 50 24.77 -26.48 44.06
C GLN R 50 24.05 -26.69 42.74
N GLN R 51 24.77 -26.49 41.63
CA GLN R 51 24.19 -26.68 40.30
C GLN R 51 24.21 -28.14 39.90
N ARG R 52 25.20 -28.87 40.40
CA ARG R 52 25.32 -30.31 40.16
C ARG R 52 24.14 -30.98 40.86
N ALA R 53 23.95 -30.65 42.15
CA ALA R 53 22.84 -31.15 42.94
C ALA R 53 21.56 -30.76 42.20
N ALA R 54 21.47 -29.49 41.81
CA ALA R 54 20.31 -28.99 41.10
C ALA R 54 20.03 -29.76 39.82
N MET R 55 21.08 -30.11 39.09
CA MET R 55 20.92 -30.84 37.85
C MET R 55 20.47 -32.28 38.12
N LEU R 56 21.05 -32.91 39.13
CA LEU R 56 20.74 -34.29 39.50
C LEU R 56 19.25 -34.34 39.82
N ILE R 57 18.84 -33.49 40.75
CA ILE R 57 17.46 -33.37 41.21
C ILE R 57 16.54 -33.05 40.04
N LYS R 58 17.00 -32.20 39.14
CA LYS R 58 16.23 -31.84 37.96
C LYS R 58 15.95 -33.11 37.18
N MET R 59 16.96 -33.96 37.06
CA MET R 59 16.84 -35.21 36.33
C MET R 59 15.95 -36.24 37.04
N ILE R 60 16.21 -36.44 38.32
CA ILE R 60 15.44 -37.39 39.11
C ILE R 60 13.94 -37.10 39.07
N LEU R 61 13.58 -35.81 39.03
CA LEU R 61 12.17 -35.39 38.99
C LEU R 61 11.40 -35.96 37.81
N LYS R 62 12.08 -36.21 36.69
CA LYS R 62 11.45 -36.75 35.49
C LYS R 62 11.56 -38.28 35.46
N LYS R 63 12.11 -38.86 36.53
CA LYS R 63 12.31 -40.31 36.61
C LYS R 63 11.20 -41.09 37.31
N ASP R 64 11.32 -42.41 37.27
CA ASP R 64 10.30 -43.26 37.88
C ASP R 64 10.40 -43.29 39.41
N ASN R 65 9.45 -43.97 40.03
CA ASN R 65 9.39 -44.08 41.48
C ASN R 65 10.63 -44.73 42.08
N ASP R 66 11.15 -45.75 41.41
CA ASP R 66 12.34 -46.45 41.88
C ASP R 66 13.58 -45.55 42.01
N SER R 67 13.63 -44.51 41.19
CA SER R 67 14.74 -43.58 41.25
C SER R 67 14.61 -42.72 42.49
N TYR R 68 13.38 -42.45 42.92
CA TYR R 68 13.16 -41.65 44.12
C TYR R 68 13.70 -42.45 45.31
N VAL R 69 13.46 -43.75 45.31
CA VAL R 69 13.94 -44.61 46.40
C VAL R 69 15.46 -44.83 46.32
N SER R 70 16.00 -44.86 45.10
CA SER R 70 17.43 -45.01 44.92
C SER R 70 18.17 -43.79 45.48
N PHE R 71 17.64 -42.61 45.20
CA PHE R 71 18.20 -41.34 45.67
C PHE R 71 18.10 -41.25 47.20
N TYR R 72 16.97 -41.72 47.73
CA TYR R 72 16.71 -41.72 49.17
C TYR R 72 17.66 -42.67 49.92
N ASN R 73 17.86 -43.86 49.37
CA ASN R 73 18.76 -44.84 49.97
C ASN R 73 20.18 -44.31 49.91
N ALA R 74 20.55 -43.69 48.78
CA ALA R 74 21.89 -43.15 48.59
C ALA R 74 22.20 -42.09 49.66
N LEU R 75 21.25 -41.20 49.91
CA LEU R 75 21.36 -40.13 50.91
C LEU R 75 21.63 -40.69 52.30
N LEU R 76 20.86 -41.72 52.64
CA LEU R 76 21.00 -42.40 53.93
C LEU R 76 22.37 -43.04 54.00
N HIS R 77 22.67 -43.86 53.00
CA HIS R 77 23.93 -44.56 52.93
C HIS R 77 25.13 -43.64 52.95
N GLU R 78 24.92 -42.40 52.49
CA GLU R 78 25.98 -41.40 52.44
C GLU R 78 26.03 -40.42 53.59
N GLY R 79 25.20 -40.64 54.61
CA GLY R 79 25.20 -39.78 55.77
C GLY R 79 24.27 -38.58 55.79
N TYR R 80 23.49 -38.41 54.73
CA TYR R 80 22.54 -37.30 54.65
C TYR R 80 21.25 -37.68 55.36
N LYS R 81 21.38 -38.07 56.62
CA LYS R 81 20.24 -38.54 57.39
C LYS R 81 19.06 -37.57 57.46
N ASP R 82 19.31 -36.35 57.91
CA ASP R 82 18.23 -35.37 58.03
C ASP R 82 17.48 -35.09 56.74
N LEU R 83 18.20 -35.08 55.62
CA LEU R 83 17.59 -34.82 54.31
C LEU R 83 16.83 -36.03 53.80
N ALA R 84 17.27 -37.21 54.21
CA ALA R 84 16.58 -38.45 53.84
C ALA R 84 15.29 -38.48 54.67
N ALA R 85 15.38 -37.98 55.90
CA ALA R 85 14.24 -37.91 56.80
C ALA R 85 13.14 -37.06 56.16
N LEU R 86 13.53 -35.90 55.64
CA LEU R 86 12.58 -34.98 55.02
C LEU R 86 11.91 -35.59 53.82
N LEU R 87 12.61 -36.48 53.14
CA LEU R 87 12.05 -37.14 51.95
C LEU R 87 11.28 -38.40 52.29
N HIS R 88 11.33 -38.84 53.55
CA HIS R 88 10.61 -40.05 53.93
C HIS R 88 9.14 -39.96 53.61
N ASP R 89 8.63 -38.74 53.69
CA ASP R 89 7.25 -38.41 53.40
C ASP R 89 6.83 -38.83 51.98
N GLY R 90 7.70 -38.56 51.01
CA GLY R 90 7.46 -38.83 49.59
C GLY R 90 7.23 -40.21 48.98
N ILE R 91 7.54 -41.27 49.72
CA ILE R 91 7.37 -42.69 49.28
C ILE R 91 8.28 -43.75 49.93
N MET S 1 23.54 0.90 41.21
CA MET S 1 24.92 1.39 41.13
C MET S 1 24.92 2.56 40.13
N ASP S 2 25.41 3.72 40.56
CA ASP S 2 25.40 4.86 39.65
C ASP S 2 26.36 4.76 38.46
N GLU S 3 26.17 5.64 37.47
CA GLU S 3 26.99 5.65 36.26
C GLU S 3 28.47 5.91 36.51
N ALA S 4 28.79 6.74 37.49
CA ALA S 4 30.19 7.03 37.79
C ALA S 4 30.93 5.76 38.17
N ASP S 5 30.32 4.93 39.01
CA ASP S 5 30.94 3.69 39.43
C ASP S 5 30.94 2.66 38.33
N ARG S 6 29.91 2.66 37.50
CA ARG S 6 29.84 1.69 36.40
C ARG S 6 30.92 2.04 35.38
N ARG S 7 31.02 3.34 35.09
CA ARG S 7 32.01 3.86 34.14
C ARG S 7 33.42 3.58 34.67
N LEU S 8 33.61 3.78 35.97
CA LEU S 8 34.90 3.54 36.62
C LEU S 8 35.32 2.08 36.49
N LEU S 9 34.36 1.16 36.65
CA LEU S 9 34.67 -0.26 36.54
C LEU S 9 34.98 -0.64 35.09
N ARG S 10 34.43 0.13 34.15
CA ARG S 10 34.69 -0.12 32.74
C ARG S 10 36.08 0.43 32.35
N ARG S 11 36.32 1.72 32.56
CA ARG S 11 37.63 2.31 32.28
C ARG S 11 38.78 1.50 32.91
N CYS S 12 38.55 0.97 34.12
CA CYS S 12 39.57 0.24 34.88
C CYS S 12 39.58 -1.27 34.59
N ARG S 13 38.84 -1.72 33.59
CA ARG S 13 38.79 -3.14 33.26
C ARG S 13 40.13 -3.88 33.23
N LEU S 14 41.09 -3.37 32.46
CA LEU S 14 42.39 -4.03 32.33
C LEU S 14 43.11 -4.17 33.67
N ARG S 15 43.33 -3.04 34.35
CA ARG S 15 44.06 -3.01 35.59
C ARG S 15 43.48 -4.04 36.54
N LEU S 16 42.16 -4.07 36.60
CA LEU S 16 41.40 -4.99 37.45
C LEU S 16 41.59 -6.45 37.07
N VAL S 17 41.28 -6.81 35.84
CA VAL S 17 41.43 -8.20 35.44
C VAL S 17 42.89 -8.65 35.44
N GLU S 18 43.82 -7.70 35.47
CA GLU S 18 45.23 -8.05 35.49
C GLU S 18 45.73 -8.24 36.91
N GLU S 19 45.16 -7.45 37.82
CA GLU S 19 45.58 -7.48 39.22
C GLU S 19 44.77 -8.23 40.28
N LEU S 20 43.47 -8.36 40.07
CA LEU S 20 42.62 -9.03 41.06
C LEU S 20 43.03 -10.44 41.49
N GLN S 21 43.10 -10.65 42.80
CA GLN S 21 43.41 -11.94 43.40
C GLN S 21 42.09 -12.38 44.04
N VAL S 22 41.42 -13.38 43.47
CA VAL S 22 40.12 -13.84 43.96
C VAL S 22 40.09 -15.00 44.98
N ASP S 23 41.14 -15.81 45.03
CA ASP S 23 41.23 -16.94 45.94
C ASP S 23 40.78 -16.65 47.36
N GLN S 24 41.27 -15.56 47.93
CA GLN S 24 40.92 -15.22 49.30
C GLN S 24 39.77 -14.23 49.43
N LEU S 25 39.16 -13.85 48.32
CA LEU S 25 38.06 -12.90 48.32
C LEU S 25 36.70 -13.54 48.58
N TRP S 26 36.53 -14.74 48.03
CA TRP S 26 35.28 -15.50 48.12
C TRP S 26 34.54 -15.33 49.43
N ASP S 27 35.21 -15.67 50.52
CA ASP S 27 34.63 -15.57 51.86
C ASP S 27 34.31 -14.15 52.31
N VAL S 28 35.02 -13.17 51.80
CA VAL S 28 34.77 -11.80 52.19
C VAL S 28 33.58 -11.25 51.42
N LEU S 29 33.43 -11.68 50.17
CA LEU S 29 32.31 -11.25 49.34
C LEU S 29 31.03 -11.80 49.94
N LEU S 30 31.13 -13.00 50.50
CA LEU S 30 30.02 -13.68 51.15
C LEU S 30 29.75 -13.06 52.53
N SER S 31 30.81 -12.92 53.32
CA SER S 31 30.76 -12.36 54.66
C SER S 31 30.24 -10.93 54.69
N ARG S 32 30.45 -10.18 53.63
CA ARG S 32 29.95 -8.81 53.58
C ARG S 32 28.70 -8.72 52.77
N GLU S 33 28.23 -9.86 52.29
CA GLU S 33 27.01 -9.89 51.51
C GLU S 33 27.08 -9.02 50.27
N LEU S 34 28.24 -8.98 49.61
CA LEU S 34 28.35 -8.20 48.39
C LEU S 34 27.66 -9.02 47.31
N PHE S 35 27.90 -10.33 47.30
CA PHE S 35 27.28 -11.23 46.33
C PHE S 35 26.56 -12.36 47.09
N ARG S 36 25.62 -13.02 46.43
CA ARG S 36 24.92 -14.15 47.04
C ARG S 36 25.63 -15.47 46.72
N PRO S 37 25.62 -16.41 47.66
CA PRO S 37 26.29 -17.69 47.44
C PRO S 37 26.21 -18.34 46.06
N HIS S 38 25.07 -18.18 45.39
CA HIS S 38 24.90 -18.75 44.05
C HIS S 38 25.74 -18.02 43.00
N MET S 39 25.80 -16.70 43.12
CA MET S 39 26.54 -15.87 42.16
C MET S 39 28.02 -16.09 42.35
N ILE S 40 28.45 -16.22 43.61
CA ILE S 40 29.85 -16.48 43.91
C ILE S 40 30.33 -17.73 43.18
N GLU S 41 29.50 -18.78 43.18
CA GLU S 41 29.83 -20.02 42.48
C GLU S 41 29.87 -19.79 40.97
N ASP S 42 28.99 -18.92 40.48
CA ASP S 42 28.92 -18.62 39.04
C ASP S 42 30.21 -17.95 38.58
N ILE S 43 30.70 -17.05 39.42
CA ILE S 43 31.94 -16.32 39.19
C ILE S 43 33.13 -17.27 39.19
N GLN S 44 33.23 -18.12 40.21
CA GLN S 44 34.33 -19.08 40.29
C GLN S 44 34.35 -20.06 39.12
N ARG S 45 33.20 -20.27 38.49
CA ARG S 45 33.10 -21.22 37.38
C ARG S 45 33.11 -20.52 36.03
N ALA S 46 33.29 -19.20 36.05
CA ALA S 46 33.33 -18.39 34.83
C ALA S 46 34.44 -18.77 33.86
N GLY S 47 34.06 -18.94 32.60
CA GLY S 47 35.01 -19.30 31.56
C GLY S 47 35.77 -20.59 31.87
N SER S 48 37.09 -20.49 31.81
CA SER S 48 37.96 -21.62 32.08
C SER S 48 38.19 -21.74 33.58
N GLY S 49 37.63 -20.81 34.34
CA GLY S 49 37.80 -20.80 35.78
C GLY S 49 39.16 -20.26 36.15
N SER S 50 39.81 -19.60 35.20
CA SER S 50 41.12 -19.03 35.42
C SER S 50 40.95 -17.78 36.28
N ARG S 51 41.99 -17.43 37.04
CA ARG S 51 41.96 -16.25 37.89
C ARG S 51 41.40 -15.02 37.14
N ARG S 52 41.81 -14.85 35.89
CA ARG S 52 41.39 -13.73 35.05
C ARG S 52 39.92 -13.77 34.69
N ASP S 53 39.44 -14.95 34.29
CA ASP S 53 38.05 -15.12 33.92
C ASP S 53 37.16 -14.91 35.12
N GLN S 54 37.62 -15.40 36.27
CA GLN S 54 36.87 -15.23 37.50
C GLN S 54 36.82 -13.75 37.85
N ALA S 55 37.99 -13.11 37.77
CA ALA S 55 38.12 -11.69 38.07
C ALA S 55 37.26 -10.83 37.13
N ARG S 56 37.19 -11.22 35.87
CA ARG S 56 36.39 -10.49 34.89
C ARG S 56 34.90 -10.62 35.18
N GLN S 57 34.45 -11.85 35.47
CA GLN S 57 33.04 -12.08 35.77
C GLN S 57 32.64 -11.36 37.05
N LEU S 58 33.55 -11.33 38.02
CA LEU S 58 33.30 -10.66 39.30
C LEU S 58 33.02 -9.18 39.07
N ILE S 59 33.91 -8.49 38.37
CA ILE S 59 33.71 -7.06 38.14
C ILE S 59 32.53 -6.72 37.24
N ILE S 60 32.11 -7.64 36.37
CA ILE S 60 30.94 -7.40 35.54
C ILE S 60 29.66 -7.50 36.41
N ASP S 61 29.59 -8.56 37.22
CA ASP S 61 28.45 -8.79 38.12
C ASP S 61 28.32 -7.69 39.16
N LEU S 62 29.45 -7.06 39.47
CA LEU S 62 29.51 -5.98 40.46
C LEU S 62 28.55 -4.84 40.10
N GLU S 63 28.39 -4.57 38.81
CA GLU S 63 27.50 -3.49 38.38
C GLU S 63 26.07 -3.69 38.85
N THR S 64 25.69 -4.94 39.05
CA THR S 64 24.32 -5.30 39.46
C THR S 64 24.08 -5.39 40.97
N ARG S 65 25.07 -5.03 41.79
CA ARG S 65 24.95 -5.14 43.24
C ARG S 65 24.56 -3.89 44.05
N GLY S 66 24.00 -2.89 43.38
CA GLY S 66 23.59 -1.71 44.10
C GLY S 66 24.61 -0.60 44.28
N SER S 67 24.15 0.49 44.87
CA SER S 67 24.95 1.68 45.12
C SER S 67 26.20 1.49 45.97
N GLN S 68 26.16 0.54 46.91
CA GLN S 68 27.30 0.29 47.78
C GLN S 68 28.19 -0.81 47.26
N ALA S 69 27.92 -1.27 46.04
CA ALA S 69 28.70 -2.34 45.46
C ALA S 69 30.21 -2.00 45.44
N LEU S 70 30.57 -0.82 44.93
CA LEU S 70 31.99 -0.43 44.86
C LEU S 70 32.65 -0.23 46.21
N PRO S 71 32.11 0.63 47.08
CA PRO S 71 32.79 0.78 48.37
C PRO S 71 32.83 -0.52 49.18
N LEU S 72 31.85 -1.39 48.96
CA LEU S 72 31.78 -2.70 49.63
C LEU S 72 32.87 -3.59 49.05
N PHE S 73 33.05 -3.50 47.73
CA PHE S 73 34.06 -4.24 46.98
C PHE S 73 35.43 -3.82 47.47
N ILE S 74 35.59 -2.51 47.69
CA ILE S 74 36.84 -1.93 48.17
C ILE S 74 37.17 -2.44 49.54
N SER S 75 36.14 -2.58 50.38
CA SER S 75 36.36 -3.11 51.73
C SER S 75 36.84 -4.55 51.69
N CYS S 76 36.32 -5.34 50.74
CA CYS S 76 36.74 -6.74 50.62
C CYS S 76 38.17 -6.81 50.12
N LEU S 77 38.53 -5.90 49.23
CA LEU S 77 39.89 -5.85 48.70
C LEU S 77 40.85 -5.58 49.84
N GLU S 78 40.53 -4.57 50.65
CA GLU S 78 41.37 -4.23 51.79
C GLU S 78 41.53 -5.36 52.81
N ASP S 79 40.44 -6.02 53.21
CA ASP S 79 40.60 -7.10 54.18
C ASP S 79 41.30 -8.33 53.59
N THR S 80 41.58 -8.26 52.30
CA THR S 80 42.29 -9.32 51.59
C THR S 80 43.76 -8.86 51.44
N GLY S 81 44.03 -7.61 51.80
CA GLY S 81 45.38 -7.09 51.70
C GLY S 81 45.75 -6.54 50.33
N GLN S 82 44.77 -6.37 49.46
CA GLN S 82 45.04 -5.83 48.13
C GLN S 82 44.95 -4.30 48.21
N ASP S 83 45.90 -3.72 48.93
CA ASP S 83 45.96 -2.29 49.20
C ASP S 83 46.17 -1.32 48.03
N MET S 84 47.02 -1.68 47.07
CA MET S 84 47.28 -0.82 45.91
C MET S 84 46.03 -0.75 45.05
N LEU S 85 45.39 -1.89 44.81
CA LEU S 85 44.18 -1.95 44.01
C LEU S 85 43.06 -1.18 44.72
N ALA S 86 42.92 -1.38 46.03
CA ALA S 86 41.90 -0.68 46.81
C ALA S 86 42.17 0.84 46.81
N SER S 87 43.45 1.19 46.88
CA SER S 87 43.90 2.59 46.88
C SER S 87 43.57 3.30 45.59
N PHE S 88 43.86 2.63 44.49
CA PHE S 88 43.61 3.20 43.18
C PHE S 88 42.13 3.49 43.00
N LEU S 89 41.29 2.52 43.35
CA LEU S 89 39.84 2.65 43.24
C LEU S 89 39.28 3.77 44.13
N ARG S 90 39.80 3.85 45.36
CA ARG S 90 39.39 4.87 46.30
C ARG S 90 39.73 6.26 45.80
N THR S 91 40.97 6.44 45.37
CA THR S 91 41.42 7.73 44.90
C THR S 91 40.57 8.22 43.75
N ASN S 92 40.16 7.27 42.90
CA ASN S 92 39.31 7.58 41.77
C ASN S 92 37.90 8.04 42.18
N ARG S 93 37.24 7.26 43.05
CA ARG S 93 35.89 7.64 43.52
C ARG S 93 35.96 8.89 44.38
N GLN S 94 37.05 9.05 45.13
CA GLN S 94 37.20 10.22 45.97
C GLN S 94 37.55 11.47 45.18
N ALA S 95 37.99 11.30 43.93
CA ALA S 95 38.32 12.44 43.10
C ALA S 95 37.03 13.05 42.64
N ALA S 96 36.30 13.62 43.59
CA ALA S 96 35.02 14.25 43.30
C ALA S 96 34.72 15.29 44.36
N MET T 1 50.66 -15.51 10.44
CA MET T 1 51.26 -16.84 10.22
C MET T 1 50.74 -17.34 8.87
N ASP T 2 51.63 -17.69 7.95
CA ASP T 2 51.18 -18.15 6.65
C ASP T 2 50.47 -19.51 6.64
N GLU T 3 49.79 -19.82 5.54
CA GLU T 3 49.06 -21.06 5.40
C GLU T 3 49.90 -22.32 5.49
N ALA T 4 51.14 -22.27 4.99
CA ALA T 4 52.02 -23.43 5.05
C ALA T 4 52.25 -23.84 6.50
N ASP T 5 52.51 -22.88 7.37
CA ASP T 5 52.75 -23.17 8.77
C ASP T 5 51.48 -23.54 9.49
N ARG T 6 50.36 -22.96 9.09
CA ARG T 6 49.09 -23.29 9.73
C ARG T 6 48.71 -24.72 9.35
N ARG T 7 48.81 -25.02 8.06
CA ARG T 7 48.47 -26.35 7.56
C ARG T 7 49.44 -27.39 8.09
N LEU T 8 50.71 -27.00 8.25
CA LEU T 8 51.74 -27.90 8.75
C LEU T 8 51.55 -28.18 10.23
N LEU T 9 51.45 -27.12 11.03
CA LEU T 9 51.26 -27.25 12.47
C LEU T 9 50.09 -28.17 12.79
N ARG T 10 49.09 -28.19 11.91
CA ARG T 10 47.92 -29.03 12.10
C ARG T 10 48.21 -30.47 11.72
N ARG T 11 48.87 -30.66 10.58
CA ARG T 11 49.22 -32.00 10.11
C ARG T 11 50.01 -32.77 11.16
N CYS T 12 50.86 -32.06 11.89
CA CYS T 12 51.68 -32.67 12.93
C CYS T 12 50.95 -32.70 14.26
N ARG T 13 49.68 -32.31 14.25
CA ARG T 13 48.86 -32.30 15.46
C ARG T 13 49.06 -33.58 16.27
N LEU T 14 48.70 -34.72 15.68
CA LEU T 14 48.83 -36.01 16.34
C LEU T 14 50.20 -36.15 16.99
N ARG T 15 51.25 -36.01 16.19
CA ARG T 15 52.62 -36.11 16.69
C ARG T 15 52.91 -35.05 17.73
N LEU T 16 52.23 -33.91 17.62
CA LEU T 16 52.42 -32.81 18.55
C LEU T 16 51.73 -33.02 19.89
N VAL T 17 50.42 -33.24 19.88
CA VAL T 17 49.72 -33.43 21.14
C VAL T 17 50.13 -34.72 21.83
N GLU T 18 50.79 -35.62 21.12
CA GLU T 18 51.25 -36.86 21.73
C GLU T 18 52.62 -36.70 22.34
N GLU T 19 53.45 -35.86 21.71
CA GLU T 19 54.82 -35.66 22.14
C GLU T 19 55.21 -34.42 22.95
N LEU T 20 54.51 -33.32 22.77
CA LEU T 20 54.85 -32.08 23.49
C LEU T 20 54.95 -32.17 25.01
N GLN T 21 56.06 -31.68 25.54
CA GLN T 21 56.33 -31.60 26.98
C GLN T 21 56.25 -30.11 27.30
N VAL T 22 55.20 -29.67 27.98
CA VAL T 22 55.00 -28.26 28.30
C VAL T 22 55.54 -27.70 29.63
N ASP T 23 55.74 -28.58 30.62
CA ASP T 23 56.23 -28.18 31.92
C ASP T 23 57.40 -27.22 31.91
N GLN T 24 58.41 -27.49 31.10
CA GLN T 24 59.57 -26.63 31.04
C GLN T 24 59.53 -25.62 29.91
N LEU T 25 58.44 -25.56 29.16
CA LEU T 25 58.31 -24.63 28.05
C LEU T 25 57.83 -23.25 28.46
N TRP T 26 56.92 -23.22 29.44
CA TRP T 26 56.30 -22.01 29.95
C TRP T 26 57.22 -20.80 29.96
N ASP T 27 58.33 -20.92 30.67
CA ASP T 27 59.31 -19.85 30.78
C ASP T 27 60.00 -19.47 29.49
N VAL T 28 60.12 -20.41 28.57
CA VAL T 28 60.78 -20.11 27.31
C VAL T 28 59.81 -19.40 26.37
N LEU T 29 58.53 -19.75 26.45
CA LEU T 29 57.51 -19.11 25.62
C LEU T 29 57.38 -17.67 26.05
N LEU T 30 57.54 -17.43 27.35
CA LEU T 30 57.48 -16.10 27.94
C LEU T 30 58.78 -15.33 27.63
N SER T 31 59.92 -15.98 27.89
CA SER T 31 61.24 -15.41 27.66
C SER T 31 61.49 -15.03 26.21
N ARG T 32 60.87 -15.73 25.29
CA ARG T 32 61.05 -15.40 23.87
C ARG T 32 59.88 -14.60 23.35
N GLU T 33 58.94 -14.31 24.24
CA GLU T 33 57.79 -13.51 23.85
C GLU T 33 56.98 -14.17 22.73
N LEU T 34 56.87 -15.49 22.76
CA LEU T 34 56.07 -16.17 21.74
C LEU T 34 54.61 -15.93 22.12
N PHE T 35 54.31 -16.06 23.42
CA PHE T 35 52.96 -15.83 23.92
C PHE T 35 53.01 -14.78 25.05
N ARG T 36 51.88 -14.15 25.34
CA ARG T 36 51.82 -13.18 26.43
C ARG T 36 51.41 -13.87 27.74
N PRO T 37 51.95 -13.39 28.87
CA PRO T 37 51.63 -14.00 30.15
C PRO T 37 50.21 -14.45 30.43
N HIS T 38 49.22 -13.72 29.93
CA HIS T 38 47.85 -14.15 30.16
C HIS T 38 47.45 -15.36 29.31
N MET T 39 47.96 -15.44 28.08
CA MET T 39 47.65 -16.56 27.20
C MET T 39 48.31 -17.81 27.75
N ILE T 40 49.54 -17.65 28.26
CA ILE T 40 50.26 -18.77 28.83
C ILE T 40 49.42 -19.43 29.94
N GLU T 41 48.79 -18.62 30.78
CA GLU T 41 47.98 -19.20 31.84
C GLU T 41 46.70 -19.81 31.26
N ASP T 42 46.19 -19.26 30.16
CA ASP T 42 45.01 -19.82 29.53
C ASP T 42 45.30 -21.23 29.03
N ILE T 43 46.49 -21.39 28.45
CA ILE T 43 46.97 -22.66 27.94
C ILE T 43 47.15 -23.68 29.08
N GLN T 44 47.81 -23.26 30.16
CA GLN T 44 48.03 -24.15 31.29
C GLN T 44 46.72 -24.60 31.94
N ARG T 45 45.66 -23.80 31.77
CA ARG T 45 44.37 -24.11 32.39
C ARG T 45 43.39 -24.74 31.40
N ALA T 46 43.87 -24.98 30.19
CA ALA T 46 43.07 -25.59 29.13
C ALA T 46 42.53 -26.98 29.48
N GLY T 47 41.22 -27.14 29.26
CA GLY T 47 40.57 -28.41 29.54
C GLY T 47 40.75 -28.88 30.98
N SER T 48 41.23 -30.11 31.13
CA SER T 48 41.47 -30.69 32.43
C SER T 48 42.84 -30.27 32.95
N GLY T 49 43.55 -29.50 32.14
CA GLY T 49 44.89 -29.06 32.51
C GLY T 49 45.89 -30.17 32.34
N SER T 50 45.50 -31.20 31.61
CA SER T 50 46.36 -32.35 31.36
C SER T 50 47.42 -31.92 30.36
N ARG T 51 48.58 -32.57 30.40
CA ARG T 51 49.67 -32.28 29.47
C ARG T 51 49.16 -32.18 28.02
N ARG T 52 48.27 -33.10 27.64
CA ARG T 52 47.72 -33.14 26.29
C ARG T 52 46.83 -31.96 25.96
N ASP T 53 45.94 -31.61 26.89
CA ASP T 53 45.03 -30.50 26.70
C ASP T 53 45.81 -29.20 26.63
N GLN T 54 46.85 -29.10 27.44
CA GLN T 54 47.69 -27.91 27.44
C GLN T 54 48.42 -27.84 26.11
N ALA T 55 48.98 -28.97 25.70
CA ALA T 55 49.72 -29.07 24.44
C ALA T 55 48.82 -28.75 23.24
N ARG T 56 47.58 -29.20 23.30
CA ARG T 56 46.63 -28.93 22.21
C ARG T 56 46.27 -27.45 22.12
N GLN T 57 46.00 -26.83 23.27
CA GLN T 57 45.65 -25.41 23.29
C GLN T 57 46.84 -24.56 22.85
N LEU T 58 48.05 -24.98 23.21
CA LEU T 58 49.27 -24.28 22.84
C LEU T 58 49.41 -24.23 21.32
N ILE T 59 49.34 -25.38 20.66
CA ILE T 59 49.48 -25.41 19.22
C ILE T 59 48.34 -24.73 18.44
N ILE T 60 47.15 -24.65 19.05
CA ILE T 60 46.04 -23.97 18.38
C ILE T 60 46.28 -22.43 18.45
N ASP T 61 46.67 -21.95 19.63
CA ASP T 61 46.95 -20.52 19.85
C ASP T 61 48.13 -20.05 19.03
N LEU T 62 49.02 -20.99 18.72
CA LEU T 62 50.22 -20.70 17.94
C LEU T 62 49.89 -20.09 16.59
N GLU T 63 48.78 -20.50 15.99
CA GLU T 63 48.39 -19.96 14.69
C GLU T 63 48.18 -18.44 14.72
N THR T 64 47.85 -17.92 15.89
CA THR T 64 47.58 -16.49 16.07
C THR T 64 48.79 -15.63 16.47
N ARG T 65 49.99 -16.20 16.52
CA ARG T 65 51.18 -15.49 16.95
C ARG T 65 52.10 -14.89 15.87
N GLY T 66 51.60 -14.74 14.66
CA GLY T 66 52.43 -14.16 13.62
C GLY T 66 53.31 -15.08 12.81
N SER T 67 53.97 -14.50 11.82
CA SER T 67 54.85 -15.21 10.90
C SER T 67 56.01 -15.96 11.53
N GLN T 68 56.53 -15.47 12.65
CA GLN T 68 57.65 -16.12 13.31
C GLN T 68 57.21 -17.06 14.42
N ALA T 69 55.90 -17.29 14.50
CA ALA T 69 55.38 -18.16 15.53
C ALA T 69 56.04 -19.55 15.49
N LEU T 70 56.08 -20.19 14.31
CA LEU T 70 56.67 -21.52 14.19
C LEU T 70 58.16 -21.58 14.46
N PRO T 71 58.99 -20.79 13.74
CA PRO T 71 60.41 -20.88 14.04
C PRO T 71 60.75 -20.48 15.47
N LEU T 72 59.93 -19.62 16.06
CA LEU T 72 60.10 -19.16 17.45
C LEU T 72 59.74 -20.34 18.38
N PHE T 73 58.67 -21.05 18.00
CA PHE T 73 58.19 -22.23 18.73
C PHE T 73 59.27 -23.29 18.70
N ILE T 74 59.91 -23.43 17.54
CA ILE T 74 60.97 -24.42 17.34
C ILE T 74 62.15 -24.10 18.21
N SER T 75 62.45 -22.80 18.36
CA SER T 75 63.55 -22.41 19.22
C SER T 75 63.28 -22.75 20.68
N CYS T 76 62.02 -22.61 21.11
CA CYS T 76 61.65 -22.93 22.50
C CYS T 76 61.74 -24.44 22.71
N LEU T 77 61.37 -25.20 21.69
CA LEU T 77 61.43 -26.65 21.77
C LEU T 77 62.88 -27.06 21.98
N GLU T 78 63.76 -26.51 21.16
CA GLU T 78 65.19 -26.82 21.27
C GLU T 78 65.80 -26.46 22.62
N ASP T 79 65.54 -25.25 23.13
CA ASP T 79 66.13 -24.91 24.42
C ASP T 79 65.53 -25.69 25.58
N THR T 80 64.51 -26.49 25.26
CA THR T 80 63.85 -27.36 26.23
C THR T 80 64.41 -28.78 26.04
N GLY T 81 65.21 -28.97 24.99
CA GLY T 81 65.79 -30.27 24.72
C GLY T 81 64.89 -31.23 23.94
N GLN T 82 63.81 -30.72 23.39
CA GLN T 82 62.91 -31.56 22.61
C GLN T 82 63.39 -31.56 21.16
N ASP T 83 64.56 -32.17 20.96
CA ASP T 83 65.25 -32.21 19.66
C ASP T 83 64.58 -32.96 18.51
N MET T 84 63.97 -34.11 18.78
CA MET T 84 63.30 -34.89 17.73
C MET T 84 62.10 -34.13 17.21
N LEU T 85 61.31 -33.57 18.13
CA LEU T 85 60.13 -32.79 17.77
C LEU T 85 60.54 -31.54 16.99
N ALA T 86 61.59 -30.86 17.46
CA ALA T 86 62.09 -29.65 16.78
C ALA T 86 62.63 -30.02 15.39
N SER T 87 63.30 -31.18 15.31
CA SER T 87 63.88 -31.68 14.08
C SER T 87 62.85 -31.98 13.03
N PHE T 88 61.79 -32.65 13.45
CA PHE T 88 60.71 -33.01 12.55
C PHE T 88 60.08 -31.77 11.95
N LEU T 89 59.78 -30.79 12.80
CA LEU T 89 59.16 -29.54 12.37
C LEU T 89 60.07 -28.75 11.41
N ARG T 90 61.36 -28.71 11.73
CA ARG T 90 62.33 -28.02 10.91
C ARG T 90 62.45 -28.65 9.53
N THR T 91 62.59 -29.96 9.49
CA THR T 91 62.73 -30.67 8.23
C THR T 91 61.53 -30.41 7.33
N ASN T 92 60.37 -30.32 7.95
CA ASN T 92 59.14 -30.06 7.22
C ASN T 92 59.10 -28.64 6.62
N ARG T 93 59.37 -27.62 7.43
CA ARG T 93 59.39 -26.24 6.94
C ARG T 93 60.55 -26.02 5.97
N GLN T 94 61.65 -26.71 6.20
CA GLN T 94 62.80 -26.57 5.32
C GLN T 94 62.61 -27.32 4.00
N ALA T 95 61.63 -28.22 3.95
CA ALA T 95 61.37 -28.97 2.74
C ALA T 95 60.66 -28.03 1.79
N ALA T 96 61.39 -27.02 1.33
CA ALA T 96 60.83 -26.03 0.42
C ALA T 96 61.95 -25.39 -0.37
N MET U 1 29.69 -52.37 22.25
CA MET U 1 29.38 -53.06 23.52
C MET U 1 27.86 -53.16 23.61
N ASP U 2 27.32 -54.37 23.79
CA ASP U 2 25.88 -54.51 23.85
C ASP U 2 25.23 -53.93 25.11
N GLU U 3 23.91 -53.78 25.07
CA GLU U 3 23.15 -53.21 26.18
C GLU U 3 23.25 -54.00 27.48
N ALA U 4 23.33 -55.32 27.39
CA ALA U 4 23.43 -56.15 28.58
C ALA U 4 24.68 -55.78 29.38
N ASP U 5 25.80 -55.61 28.69
CA ASP U 5 27.05 -55.27 29.35
C ASP U 5 27.05 -53.82 29.81
N ARG U 6 26.37 -52.96 29.07
CA ARG U 6 26.31 -51.55 29.41
C ARG U 6 25.49 -51.33 30.69
N ARG U 7 24.59 -52.27 30.98
CA ARG U 7 23.75 -52.18 32.16
C ARG U 7 24.40 -52.90 33.35
N LEU U 8 25.09 -53.99 33.07
CA LEU U 8 25.76 -54.76 34.11
C LEU U 8 26.84 -53.93 34.80
N LEU U 9 27.59 -53.17 34.02
CA LEU U 9 28.65 -52.33 34.57
C LEU U 9 28.08 -51.17 35.36
N ARG U 10 26.86 -50.78 35.03
CA ARG U 10 26.19 -49.67 35.71
C ARG U 10 25.60 -50.14 37.04
N ARG U 11 24.87 -51.25 37.00
CA ARG U 11 24.25 -51.80 38.21
C ARG U 11 25.30 -52.17 39.25
N CYS U 12 26.50 -52.48 38.78
CA CYS U 12 27.59 -52.87 39.67
C CYS U 12 28.59 -51.73 39.83
N ARG U 13 28.18 -50.52 39.43
CA ARG U 13 29.03 -49.35 39.54
C ARG U 13 29.72 -49.28 40.89
N LEU U 14 28.92 -49.23 41.96
CA LEU U 14 29.44 -49.17 43.31
C LEU U 14 30.45 -50.29 43.56
N ARG U 15 29.96 -51.52 43.61
CA ARG U 15 30.80 -52.68 43.84
C ARG U 15 32.07 -52.61 43.00
N LEU U 16 31.99 -51.88 41.89
CA LEU U 16 33.13 -51.74 40.98
C LEU U 16 34.08 -50.64 41.45
N VAL U 17 33.69 -49.39 41.22
CA VAL U 17 34.51 -48.25 41.63
C VAL U 17 34.79 -48.28 43.13
N GLU U 18 33.87 -48.86 43.88
CA GLU U 18 34.00 -48.96 45.33
C GLU U 18 34.81 -50.18 45.73
N GLU U 19 35.41 -50.83 44.74
CA GLU U 19 36.21 -52.02 44.98
C GLU U 19 37.43 -52.07 44.06
N LEU U 20 37.29 -51.47 42.88
CA LEU U 20 38.38 -51.45 41.90
C LEU U 20 39.73 -50.92 42.38
N GLN U 21 40.78 -51.69 42.13
CA GLN U 21 42.16 -51.33 42.45
C GLN U 21 42.81 -51.08 41.09
N VAL U 22 43.09 -49.82 40.77
CA VAL U 22 43.67 -49.44 39.47
C VAL U 22 45.19 -49.37 39.32
N ASP U 23 45.91 -49.18 40.42
CA ASP U 23 47.36 -49.07 40.43
C ASP U 23 48.07 -50.10 39.57
N GLN U 24 47.70 -51.37 39.72
CA GLN U 24 48.35 -52.41 38.96
C GLN U 24 47.63 -52.81 37.68
N LEU U 25 46.54 -52.13 37.36
CA LEU U 25 45.76 -52.43 36.16
C LEU U 25 46.30 -51.76 34.91
N TRP U 26 46.78 -50.53 35.05
CA TRP U 26 47.29 -49.71 33.97
C TRP U 26 48.01 -50.49 32.87
N ASP U 27 49.05 -51.21 33.26
CA ASP U 27 49.83 -52.02 32.34
C ASP U 27 49.09 -53.16 31.68
N VAL U 28 48.08 -53.69 32.36
CA VAL U 28 47.32 -54.80 31.80
C VAL U 28 46.30 -54.28 30.81
N LEU U 29 45.75 -53.09 31.07
CA LEU U 29 44.78 -52.49 30.17
C LEU U 29 45.49 -52.13 28.87
N LEU U 30 46.75 -51.72 29.00
CA LEU U 30 47.60 -51.39 27.86
C LEU U 30 48.07 -52.66 27.13
N SER U 31 48.58 -53.62 27.90
CA SER U 31 49.08 -54.89 27.39
C SER U 31 48.01 -55.70 26.68
N ARG U 32 46.76 -55.54 27.07
CA ARG U 32 45.68 -56.28 26.40
C ARG U 32 44.98 -55.39 25.41
N GLU U 33 45.45 -54.17 25.28
CA GLU U 33 44.84 -53.25 24.33
C GLU U 33 43.37 -53.00 24.61
N LEU U 34 42.98 -52.94 25.88
CA LEU U 34 41.59 -52.66 26.22
C LEU U 34 41.40 -51.17 25.98
N PHE U 35 42.36 -50.36 26.41
CA PHE U 35 42.32 -48.91 26.22
C PHE U 35 43.60 -48.46 25.51
N ARG U 36 43.56 -47.28 24.89
CA ARG U 36 44.75 -46.74 24.23
C ARG U 36 45.55 -45.86 25.20
N PRO U 37 46.88 -45.86 25.06
CA PRO U 37 47.71 -45.06 25.96
C PRO U 37 47.24 -43.66 26.36
N HIS U 38 46.60 -42.94 25.45
CA HIS U 38 46.13 -41.63 25.83
C HIS U 38 44.91 -41.66 26.74
N MET U 39 44.02 -42.63 26.53
CA MET U 39 42.83 -42.75 27.37
C MET U 39 43.24 -43.19 28.75
N ILE U 40 44.23 -44.08 28.83
CA ILE U 40 44.73 -44.54 30.12
C ILE U 40 45.18 -43.36 30.96
N GLU U 41 45.86 -42.40 30.36
CA GLU U 41 46.31 -41.25 31.13
C GLU U 41 45.12 -40.34 31.47
N ASP U 42 44.11 -40.30 30.61
CA ASP U 42 42.92 -39.50 30.89
C ASP U 42 42.24 -40.04 32.16
N ILE U 43 42.16 -41.37 32.25
CA ILE U 43 41.57 -42.07 33.38
C ILE U 43 42.37 -41.80 34.66
N GLN U 44 43.68 -41.95 34.59
CA GLN U 44 44.53 -41.72 35.76
C GLN U 44 44.44 -40.27 36.26
N ARG U 45 44.09 -39.35 35.37
CA ARG U 45 44.01 -37.92 35.71
C ARG U 45 42.59 -37.48 36.00
N ALA U 46 41.65 -38.42 35.95
CA ALA U 46 40.25 -38.15 36.21
C ALA U 46 39.95 -37.57 37.60
N GLY U 47 39.19 -36.48 37.61
CA GLY U 47 38.84 -35.81 38.85
C GLY U 47 40.03 -35.40 39.68
N SER U 48 40.04 -35.83 40.94
CA SER U 48 41.11 -35.53 41.86
C SER U 48 42.23 -36.53 41.68
N GLY U 49 42.02 -37.50 40.79
CA GLY U 49 43.01 -38.53 40.56
C GLY U 49 42.97 -39.57 41.67
N SER U 50 41.90 -39.55 42.45
CA SER U 50 41.74 -40.49 43.55
C SER U 50 41.40 -41.85 42.96
N ARG U 51 41.74 -42.91 43.66
CA ARG U 51 41.44 -44.26 43.21
C ARG U 51 39.99 -44.37 42.70
N ARG U 52 39.06 -43.79 43.45
CA ARG U 52 37.65 -43.86 43.10
C ARG U 52 37.35 -43.14 41.78
N ASP U 53 37.85 -41.92 41.65
CA ASP U 53 37.61 -41.12 40.46
C ASP U 53 38.21 -41.81 39.25
N GLN U 54 39.37 -42.42 39.44
CA GLN U 54 40.02 -43.14 38.36
C GLN U 54 39.19 -44.35 38.00
N ALA U 55 38.75 -45.08 39.03
CA ALA U 55 37.92 -46.26 38.86
C ALA U 55 36.60 -45.94 38.18
N ARG U 56 36.03 -44.79 38.52
CA ARG U 56 34.76 -44.37 37.92
C ARG U 56 34.93 -44.03 36.44
N GLN U 57 35.99 -43.28 36.11
CA GLN U 57 36.25 -42.90 34.73
C GLN U 57 36.56 -44.13 33.88
N LEU U 58 37.27 -45.09 34.47
CA LEU U 58 37.62 -46.34 33.80
C LEU U 58 36.37 -47.08 33.36
N ILE U 59 35.46 -47.33 34.30
CA ILE U 59 34.24 -48.07 33.96
C ILE U 59 33.28 -47.31 33.03
N ILE U 60 33.34 -45.99 33.02
CA ILE U 60 32.50 -45.23 32.10
C ILE U 60 33.06 -45.36 30.66
N ASP U 61 34.37 -45.19 30.52
CA ASP U 61 35.06 -45.30 29.23
C ASP U 61 34.95 -46.71 28.66
N LEU U 62 34.80 -47.68 29.54
CA LEU U 62 34.68 -49.09 29.16
C LEU U 62 33.53 -49.31 28.19
N GLU U 63 32.45 -48.57 28.35
CA GLU U 63 31.29 -48.72 27.46
C GLU U 63 31.64 -48.47 26.00
N THR U 64 32.66 -47.66 25.76
CA THR U 64 33.09 -47.29 24.42
C THR U 64 34.17 -48.18 23.78
N ARG U 65 34.53 -49.25 24.47
CA ARG U 65 35.58 -50.15 23.98
C ARG U 65 35.11 -51.47 23.36
N GLY U 66 33.96 -51.46 22.67
CA GLY U 66 33.56 -52.62 21.90
C GLY U 66 32.96 -53.79 22.65
N SER U 67 32.52 -54.78 21.89
CA SER U 67 31.89 -55.98 22.40
C SER U 67 32.71 -56.81 23.38
N GLN U 68 34.02 -56.80 23.23
CA GLN U 68 34.88 -57.59 24.10
C GLN U 68 35.42 -56.75 25.26
N ALA U 69 34.91 -55.54 25.42
CA ALA U 69 35.35 -54.67 26.48
C ALA U 69 35.21 -55.34 27.85
N LEU U 70 34.04 -55.89 28.17
CA LEU U 70 33.82 -56.53 29.47
C LEU U 70 34.64 -57.79 29.70
N PRO U 71 34.56 -58.79 28.82
CA PRO U 71 35.38 -59.97 29.09
C PRO U 71 36.87 -59.67 29.10
N LEU U 72 37.28 -58.64 28.36
CA LEU U 72 38.69 -58.22 28.30
C LEU U 72 39.05 -57.54 29.64
N PHE U 73 38.09 -56.76 30.15
CA PHE U 73 38.21 -56.06 31.43
C PHE U 73 38.35 -57.10 32.53
N ILE U 74 37.56 -58.17 32.42
CA ILE U 74 37.55 -59.26 33.39
C ILE U 74 38.87 -59.95 33.40
N SER U 75 39.48 -60.12 32.23
CA SER U 75 40.79 -60.74 32.14
C SER U 75 41.85 -59.91 32.82
N CYS U 76 41.75 -58.58 32.71
CA CYS U 76 42.72 -57.69 33.35
C CYS U 76 42.55 -57.74 34.86
N LEU U 77 41.31 -57.85 35.30
CA LEU U 77 41.02 -57.94 36.73
C LEU U 77 41.68 -59.18 37.29
N GLU U 78 41.47 -60.31 36.61
CA GLU U 78 42.06 -61.57 37.05
C GLU U 78 43.59 -61.55 37.08
N ASP U 79 44.25 -61.06 36.03
CA ASP U 79 45.70 -61.05 36.08
C ASP U 79 46.27 -60.05 37.09
N THR U 80 45.36 -59.29 37.71
CA THR U 80 45.71 -58.33 38.74
C THR U 80 45.39 -58.96 40.10
N GLY U 81 44.74 -60.12 40.08
CA GLY U 81 44.40 -60.82 41.31
C GLY U 81 43.11 -60.36 41.95
N GLN U 82 42.31 -59.59 41.24
CA GLN U 82 41.05 -59.13 41.78
C GLN U 82 39.97 -60.18 41.43
N ASP U 83 40.11 -61.34 42.06
CA ASP U 83 39.25 -62.50 41.83
C ASP U 83 37.76 -62.40 42.20
N MET U 84 37.45 -61.76 43.32
CA MET U 84 36.05 -61.62 43.76
C MET U 84 35.31 -60.72 42.80
N LEU U 85 35.95 -59.60 42.43
CA LEU U 85 35.35 -58.65 41.51
C LEU U 85 35.17 -59.30 40.13
N ALA U 86 36.20 -60.02 39.67
CA ALA U 86 36.12 -60.71 38.38
C ALA U 86 35.03 -61.80 38.41
N SER U 87 34.93 -62.47 39.54
CA SER U 87 33.95 -63.54 39.77
C SER U 87 32.53 -63.03 39.70
N PHE U 88 32.29 -61.93 40.37
CA PHE U 88 30.97 -61.34 40.42
C PHE U 88 30.51 -60.96 39.01
N LEU U 89 31.40 -60.30 38.28
CA LEU U 89 31.11 -59.87 36.92
C LEU U 89 30.85 -61.05 35.97
N ARG U 90 31.66 -62.09 36.11
CA ARG U 90 31.53 -63.30 35.30
C ARG U 90 30.20 -63.99 35.56
N THR U 91 29.88 -64.18 36.83
CA THR U 91 28.64 -64.87 37.20
C THR U 91 27.44 -64.14 36.62
N ASN U 92 27.53 -62.81 36.61
CA ASN U 92 26.46 -61.99 36.08
C ASN U 92 26.30 -62.14 34.56
N ARG U 93 27.40 -62.02 33.80
CA ARG U 93 27.34 -62.19 32.34
C ARG U 93 27.02 -63.62 31.97
N GLN U 94 27.48 -64.57 32.77
CA GLN U 94 27.22 -65.97 32.51
C GLN U 94 25.80 -66.37 32.87
N ALA U 95 25.11 -65.54 33.66
CA ALA U 95 23.74 -65.83 34.04
C ALA U 95 22.87 -65.53 32.84
N ALA U 96 23.05 -66.34 31.79
CA ALA U 96 22.29 -66.18 30.57
C ALA U 96 22.22 -67.50 29.83
N MET V 1 21.06 -28.62 56.55
CA MET V 1 21.82 -27.61 57.30
C MET V 1 21.26 -26.24 56.90
N ASP V 2 20.82 -25.44 57.86
CA ASP V 2 20.26 -24.14 57.53
C ASP V 2 21.27 -23.13 56.99
N GLU V 3 20.76 -22.04 56.40
CA GLU V 3 21.59 -21.00 55.81
C GLU V 3 22.50 -20.29 56.80
N ALA V 4 22.04 -20.11 58.03
CA ALA V 4 22.86 -19.45 59.04
C ALA V 4 24.16 -20.22 59.27
N ASP V 5 24.05 -21.54 59.38
CA ASP V 5 25.23 -22.37 59.60
C ASP V 5 26.08 -22.47 58.36
N ARG V 6 25.45 -22.46 57.18
CA ARG V 6 26.19 -22.55 55.93
C ARG V 6 26.95 -21.26 55.68
N ARG V 7 26.32 -20.13 56.00
CA ARG V 7 26.94 -18.83 55.87
C ARG V 7 28.07 -18.67 56.90
N LEU V 8 27.83 -19.17 58.10
CA LEU V 8 28.83 -19.12 59.16
C LEU V 8 30.09 -19.88 58.76
N LEU V 9 29.91 -21.04 58.13
CA LEU V 9 31.07 -21.84 57.69
C LEU V 9 31.80 -21.16 56.54
N ARG V 10 31.07 -20.35 55.77
CA ARG V 10 31.68 -19.61 54.67
C ARG V 10 32.46 -18.39 55.21
N ARG V 11 31.78 -17.51 55.94
CA ARG V 11 32.46 -16.35 56.54
C ARG V 11 33.71 -16.75 57.33
N CYS V 12 33.65 -17.89 58.00
CA CYS V 12 34.76 -18.38 58.85
C CYS V 12 35.76 -19.27 58.12
N ARG V 13 35.67 -19.35 56.80
CA ARG V 13 36.58 -20.17 56.02
C ARG V 13 38.06 -20.08 56.38
N LEU V 14 38.62 -18.88 56.40
CA LEU V 14 40.05 -18.72 56.70
C LEU V 14 40.48 -19.15 58.09
N ARG V 15 39.75 -18.69 59.11
CA ARG V 15 40.07 -19.03 60.47
C ARG V 15 40.10 -20.55 60.61
N LEU V 16 39.10 -21.20 60.02
CA LEU V 16 38.96 -22.64 60.04
C LEU V 16 40.09 -23.37 59.32
N VAL V 17 40.31 -23.07 58.05
CA VAL V 17 41.37 -23.76 57.32
C VAL V 17 42.75 -23.42 57.86
N GLU V 18 42.85 -22.36 58.65
CA GLU V 18 44.14 -21.99 59.24
C GLU V 18 44.37 -22.69 60.56
N GLU V 19 43.28 -22.90 61.29
CA GLU V 19 43.36 -23.50 62.62
C GLU V 19 43.02 -24.99 62.83
N LEU V 20 42.15 -25.55 62.00
CA LEU V 20 41.76 -26.95 62.17
C LEU V 20 42.87 -27.99 62.23
N GLN V 21 42.82 -28.83 63.25
CA GLN V 21 43.76 -29.93 63.44
C GLN V 21 42.91 -31.19 63.18
N VAL V 22 43.16 -31.85 62.05
CA VAL V 22 42.38 -33.04 61.67
C VAL V 22 42.88 -34.43 62.09
N ASP V 23 44.18 -34.56 62.36
CA ASP V 23 44.79 -35.82 62.75
C ASP V 23 44.02 -36.61 63.79
N GLN V 24 43.60 -35.94 64.86
CA GLN V 24 42.87 -36.63 65.91
C GLN V 24 41.36 -36.53 65.81
N LEU V 25 40.86 -35.91 64.74
CA LEU V 25 39.43 -35.74 64.54
C LEU V 25 38.76 -36.94 63.88
N TRP V 26 39.47 -37.55 62.94
CA TRP V 26 38.99 -38.68 62.16
C TRP V 26 38.10 -39.63 62.93
N ASP V 27 38.61 -40.18 64.01
CA ASP V 27 37.87 -41.11 64.86
C ASP V 27 36.66 -40.53 65.55
N VAL V 28 36.67 -39.23 65.82
CA VAL V 28 35.54 -38.60 66.47
C VAL V 28 34.44 -38.32 65.48
N LEU V 29 34.82 -37.99 64.25
CA LEU V 29 33.85 -37.72 63.19
C LEU V 29 33.12 -39.02 62.87
N LEU V 30 33.85 -40.13 62.95
CA LEU V 30 33.32 -41.45 62.72
C LEU V 30 32.49 -41.92 63.92
N SER V 31 33.05 -41.77 65.12
CA SER V 31 32.41 -42.16 66.37
C SER V 31 31.12 -41.42 66.62
N ARG V 32 31.00 -40.20 66.13
CA ARG V 32 29.77 -39.43 66.32
C ARG V 32 28.91 -39.49 65.09
N GLU V 33 29.37 -40.22 64.09
CA GLU V 33 28.60 -40.36 62.87
C GLU V 33 28.32 -39.02 62.19
N LEU V 34 29.29 -38.11 62.23
CA LEU V 34 29.12 -36.83 61.55
C LEU V 34 29.30 -37.10 60.06
N PHE V 35 30.32 -37.91 59.73
CA PHE V 35 30.59 -38.28 58.35
C PHE V 35 30.62 -39.81 58.23
N ARG V 36 30.44 -40.33 57.02
CA ARG V 36 30.51 -41.78 56.80
C ARG V 36 31.94 -42.20 56.43
N PRO V 37 32.35 -43.38 56.86
CA PRO V 37 33.71 -43.85 56.57
C PRO V 37 34.30 -43.58 55.19
N HIS V 38 33.47 -43.60 54.16
CA HIS V 38 33.93 -43.33 52.80
C HIS V 38 34.30 -41.86 52.60
N MET V 39 33.49 -40.97 53.17
CA MET V 39 33.70 -39.53 53.04
C MET V 39 34.93 -39.13 53.83
N ILE V 40 35.10 -39.73 55.00
CA ILE V 40 36.27 -39.46 55.82
C ILE V 40 37.55 -39.70 55.03
N GLU V 41 37.61 -40.79 54.27
CA GLU V 41 38.80 -41.05 53.49
C GLU V 41 38.91 -40.08 52.32
N ASP V 42 37.78 -39.62 51.80
CA ASP V 42 37.80 -38.65 50.70
C ASP V 42 38.43 -37.34 51.18
N ILE V 43 38.09 -36.95 52.41
CA ILE V 43 38.62 -35.76 53.06
C ILE V 43 40.11 -35.90 53.30
N GLN V 44 40.54 -37.02 53.88
CA GLN V 44 41.95 -37.25 54.16
C GLN V 44 42.80 -37.26 52.88
N ARG V 45 42.18 -37.58 51.75
CA ARG V 45 42.89 -37.67 50.47
C ARG V 45 42.71 -36.42 49.63
N ALA V 46 42.01 -35.42 50.17
CA ALA V 46 41.75 -34.16 49.48
C ALA V 46 43.01 -33.39 49.11
N GLY V 47 43.06 -32.98 47.84
CA GLY V 47 44.19 -32.23 47.33
C GLY V 47 45.52 -32.95 47.51
N SER V 48 46.47 -32.26 48.13
CA SER V 48 47.79 -32.81 48.38
C SER V 48 47.77 -33.63 49.67
N GLY V 49 46.61 -33.66 50.32
CA GLY V 49 46.49 -34.38 51.57
C GLY V 49 47.10 -33.60 52.71
N SER V 50 47.35 -32.31 52.47
CA SER V 50 47.94 -31.45 53.48
C SER V 50 46.87 -31.15 54.51
N ARG V 51 47.30 -30.85 55.74
CA ARG V 51 46.37 -30.51 56.81
C ARG V 51 45.32 -29.48 56.37
N ARG V 52 45.76 -28.48 55.59
CA ARG V 52 44.87 -27.43 55.11
C ARG V 52 43.86 -27.91 54.10
N ASP V 53 44.31 -28.71 53.14
CA ASP V 53 43.44 -29.25 52.11
C ASP V 53 42.42 -30.18 52.74
N GLN V 54 42.86 -30.95 53.72
CA GLN V 54 41.96 -31.86 54.42
C GLN V 54 40.93 -31.04 55.18
N ALA V 55 41.42 -30.02 55.89
CA ALA V 55 40.57 -29.14 56.68
C ALA V 55 39.56 -28.40 55.80
N ARG V 56 39.98 -28.01 54.61
CA ARG V 56 39.09 -27.30 53.69
C ARG V 56 38.00 -28.22 53.16
N GLN V 57 38.37 -29.44 52.77
CA GLN V 57 37.40 -30.40 52.26
C GLN V 57 36.40 -30.80 53.35
N LEU V 58 36.90 -30.91 54.58
CA LEU V 58 36.06 -31.26 55.73
C LEU V 58 34.96 -30.23 55.92
N ILE V 59 35.33 -28.96 56.02
CA ILE V 59 34.32 -27.91 56.21
C ILE V 59 33.37 -27.71 55.03
N ILE V 60 33.80 -28.05 53.82
CA ILE V 60 32.91 -27.94 52.66
C ILE V 60 31.85 -29.07 52.72
N ASP V 61 32.31 -30.29 52.99
CA ASP V 61 31.43 -31.47 53.08
C ASP V 61 30.46 -31.33 54.25
N LEU V 62 30.85 -30.56 55.26
CA LEU V 62 30.03 -30.34 56.45
C LEU V 62 28.67 -29.76 56.09
N GLU V 63 28.61 -28.92 55.07
CA GLU V 63 27.34 -28.33 54.65
C GLU V 63 26.28 -29.37 54.28
N THR V 64 26.75 -30.53 53.83
CA THR V 64 25.88 -31.62 53.39
C THR V 64 25.46 -32.64 54.46
N ARG V 65 25.84 -32.39 55.72
CA ARG V 65 25.56 -33.34 56.81
C ARG V 65 24.34 -33.08 57.70
N GLY V 66 23.40 -32.26 57.22
CA GLY V 66 22.22 -32.03 58.02
C GLY V 66 22.26 -30.90 59.03
N SER V 67 21.11 -30.67 59.67
CA SER V 67 20.93 -29.62 60.65
C SER V 67 21.84 -29.67 61.87
N GLN V 68 22.23 -30.88 62.28
CA GLN V 68 23.09 -31.02 63.46
C GLN V 68 24.56 -31.11 63.08
N ALA V 69 24.87 -30.87 61.81
CA ALA V 69 26.24 -30.94 61.34
C ALA V 69 27.16 -30.02 62.17
N LEU V 70 26.79 -28.75 62.33
CA LEU V 70 27.62 -27.80 63.09
C LEU V 70 27.77 -28.12 64.57
N PRO V 71 26.65 -28.25 65.31
CA PRO V 71 26.84 -28.56 66.73
C PRO V 71 27.53 -29.89 66.96
N LEU V 72 27.39 -30.82 66.01
CA LEU V 72 28.02 -32.14 66.08
C LEU V 72 29.53 -31.96 65.82
N PHE V 73 29.84 -31.08 64.86
CA PHE V 73 31.21 -30.73 64.50
C PHE V 73 31.89 -30.10 65.69
N ILE V 74 31.14 -29.24 66.39
CA ILE V 74 31.63 -28.53 67.56
C ILE V 74 31.95 -29.51 68.67
N SER V 75 31.13 -30.54 68.81
CA SER V 75 31.37 -31.55 69.82
C SER V 75 32.65 -32.32 69.52
N CYS V 76 32.92 -32.59 68.25
CA CYS V 76 34.14 -33.31 67.87
C CYS V 76 35.36 -32.44 68.12
N LEU V 77 35.21 -31.15 67.89
CA LEU V 77 36.30 -30.21 68.12
C LEU V 77 36.65 -30.23 69.60
N GLU V 78 35.64 -30.12 70.45
CA GLU V 78 35.85 -30.14 71.89
C GLU V 78 36.49 -31.43 72.40
N ASP V 79 36.01 -32.60 71.98
CA ASP V 79 36.63 -33.82 72.47
C ASP V 79 38.03 -34.04 71.92
N THR V 80 38.45 -33.15 71.02
CA THR V 80 39.77 -33.17 70.43
C THR V 80 40.63 -32.12 71.17
N GLY V 81 39.98 -31.31 72.01
CA GLY V 81 40.69 -30.29 72.76
C GLY V 81 40.88 -28.98 72.01
N GLN V 82 40.19 -28.81 70.90
CA GLN V 82 40.30 -27.58 70.14
C GLN V 82 39.26 -26.59 70.68
N ASP V 83 39.48 -26.15 71.91
CA ASP V 83 38.57 -25.27 72.65
C ASP V 83 38.33 -23.85 72.12
N MET V 84 39.38 -23.19 71.63
CA MET V 84 39.24 -21.84 71.11
C MET V 84 38.40 -21.85 69.84
N LEU V 85 38.70 -22.81 68.96
CA LEU V 85 37.95 -22.95 67.72
C LEU V 85 36.49 -23.31 68.01
N ALA V 86 36.28 -24.24 68.93
CA ALA V 86 34.92 -24.64 69.33
C ALA V 86 34.18 -23.45 69.96
N SER V 87 34.90 -22.68 70.76
CA SER V 87 34.37 -21.50 71.45
C SER V 87 33.90 -20.43 70.49
N PHE V 88 34.74 -20.15 69.51
CA PHE V 88 34.43 -19.13 68.52
C PHE V 88 33.16 -19.50 67.76
N LEU V 89 33.08 -20.74 67.32
CA LEU V 89 31.92 -21.23 66.58
C LEU V 89 30.64 -21.20 67.41
N ARG V 90 30.75 -21.60 68.68
CA ARG V 90 29.63 -21.60 69.60
C ARG V 90 29.11 -20.20 69.84
N THR V 91 30.01 -19.28 70.14
CA THR V 91 29.62 -17.90 70.41
C THR V 91 28.88 -17.30 69.23
N ASN V 92 29.32 -17.67 68.04
CA ASN V 92 28.69 -17.20 66.82
C ASN V 92 27.26 -17.75 66.62
N ARG V 93 27.09 -19.07 66.75
CA ARG V 93 25.76 -19.67 66.62
C ARG V 93 24.86 -19.25 67.77
N GLN V 94 25.44 -19.06 68.95
CA GLN V 94 24.66 -18.65 70.10
C GLN V 94 24.30 -17.18 70.06
N ALA V 95 24.95 -16.41 69.20
CA ALA V 95 24.66 -15.00 69.08
C ALA V 95 23.36 -14.89 68.29
N ALA V 96 22.28 -15.35 68.91
CA ALA V 96 20.97 -15.32 68.28
C ALA V 96 19.90 -15.31 69.35
N MET W 1 52.65 24.98 -4.98
CA MET W 1 53.63 24.01 -4.55
C MET W 1 53.03 22.62 -4.54
N ASP W 2 53.91 21.61 -4.53
CA ASP W 2 53.51 20.22 -4.48
C ASP W 2 52.52 20.01 -3.34
N ALA W 3 51.63 19.04 -3.50
CA ALA W 3 50.61 18.73 -2.52
C ALA W 3 51.18 18.22 -1.20
N LYS W 4 52.29 17.52 -1.27
CA LYS W 4 53.00 17.07 -0.10
C LYS W 4 53.40 18.27 0.76
N ALA W 5 54.09 19.23 0.15
CA ALA W 5 54.54 20.43 0.84
C ALA W 5 53.37 21.17 1.42
N ARG W 6 52.38 21.48 0.59
CA ARG W 6 51.21 22.23 1.04
C ARG W 6 50.47 21.58 2.21
N ASN W 7 50.31 20.27 2.17
CA ASN W 7 49.65 19.55 3.23
C ASN W 7 50.47 19.56 4.52
N CYS W 8 51.79 19.56 4.38
CA CYS W 8 52.67 19.69 5.52
C CYS W 8 52.47 21.04 6.21
N LEU W 9 52.32 22.09 5.42
CA LEU W 9 52.08 23.42 5.95
C LEU W 9 50.74 23.47 6.67
N LEU W 10 49.73 22.87 6.05
CA LEU W 10 48.38 22.88 6.58
C LEU W 10 48.33 22.12 7.91
N GLN W 11 48.99 20.99 7.95
CA GLN W 11 49.03 20.17 9.16
C GLN W 11 49.63 20.93 10.35
N HIS W 12 50.66 21.72 10.11
CA HIS W 12 51.41 22.36 11.20
C HIS W 12 51.15 23.85 11.34
N ARG W 13 50.07 24.30 10.75
CA ARG W 13 49.81 25.71 10.60
C ARG W 13 49.67 26.42 11.93
N GLU W 14 49.01 25.76 12.87
CA GLU W 14 48.74 26.35 14.17
C GLU W 14 50.01 26.57 14.96
N ALA W 15 50.91 25.60 14.92
CA ALA W 15 52.19 25.72 15.59
C ALA W 15 52.93 26.89 14.97
N LEU W 16 52.97 26.91 13.64
CA LEU W 16 53.67 27.97 12.91
C LEU W 16 53.11 29.37 13.24
N GLU W 17 51.80 29.48 13.30
CA GLU W 17 51.15 30.77 13.55
C GLU W 17 51.43 31.28 14.96
N LYS W 18 51.57 30.36 15.90
CA LYS W 18 51.81 30.74 17.29
C LYS W 18 53.20 31.30 17.53
N ASP W 19 54.19 30.82 16.78
CA ASP W 19 55.58 31.13 17.09
C ASP W 19 56.31 32.09 16.16
N ILE W 20 55.89 32.16 14.91
CA ILE W 20 56.68 32.89 13.93
C ILE W 20 56.69 34.39 14.17
N LYS W 21 57.86 34.98 14.32
CA LYS W 21 57.98 36.42 14.32
C LYS W 21 58.37 36.87 12.92
N THR W 22 57.35 37.24 12.15
CA THR W 22 57.45 37.50 10.72
C THR W 22 58.59 38.43 10.27
N SER W 23 58.97 39.38 11.10
CA SER W 23 60.02 40.32 10.75
C SER W 23 61.38 39.66 10.53
N TYR W 24 61.55 38.48 11.09
CA TYR W 24 62.80 37.74 10.90
C TYR W 24 62.73 36.72 9.76
N ILE W 25 61.55 36.57 9.16
CA ILE W 25 61.36 35.64 8.07
C ILE W 25 61.15 36.35 6.72
N MET W 26 60.25 37.31 6.68
CA MET W 26 59.93 38.07 5.48
C MET W 26 61.16 38.69 4.80
N ASP W 27 62.13 39.15 5.59
CA ASP W 27 63.37 39.69 5.06
C ASP W 27 64.12 38.69 4.20
N HIS W 28 64.34 37.49 4.73
CA HIS W 28 65.02 36.44 3.99
C HIS W 28 64.28 36.16 2.70
N MET W 29 62.98 35.95 2.81
CA MET W 29 62.13 35.60 1.68
C MET W 29 62.11 36.67 0.62
N ILE W 30 62.19 37.93 1.02
CA ILE W 30 62.26 39.04 0.08
C ILE W 30 63.60 39.04 -0.64
N SER W 31 64.67 38.83 0.12
CA SER W 31 66.02 38.73 -0.41
C SER W 31 66.10 37.59 -1.42
N ASP W 32 65.46 36.47 -1.11
CA ASP W 32 65.48 35.32 -1.98
C ASP W 32 64.63 35.51 -3.24
N GLY W 33 63.80 36.53 -3.24
CA GLY W 33 62.95 36.83 -4.37
C GLY W 33 61.61 36.10 -4.41
N PHE W 34 61.18 35.55 -3.28
CA PHE W 34 59.97 34.77 -3.25
C PHE W 34 58.84 35.34 -2.38
N LEU W 35 59.03 36.57 -1.91
CA LEU W 35 57.98 37.32 -1.24
C LEU W 35 58.04 38.76 -1.73
N THR W 36 56.90 39.34 -2.03
CA THR W 36 56.90 40.70 -2.56
C THR W 36 56.69 41.72 -1.46
N ILE W 37 57.07 42.95 -1.76
CA ILE W 37 56.87 44.04 -0.84
C ILE W 37 55.40 44.21 -0.50
N SER W 38 54.53 44.12 -1.48
CA SER W 38 53.12 44.35 -1.18
C SER W 38 52.54 43.27 -0.30
N GLU W 39 53.04 42.04 -0.43
CA GLU W 39 52.63 40.96 0.48
C GLU W 39 53.11 41.26 1.91
N GLU W 40 54.33 41.77 2.01
CA GLU W 40 54.95 42.15 3.26
C GLU W 40 54.22 43.30 3.95
N GLU W 41 53.69 44.22 3.15
CA GLU W 41 52.96 45.34 3.68
C GLU W 41 51.60 44.85 4.18
N LYS W 42 50.99 43.96 3.42
CA LYS W 42 49.77 43.33 3.87
C LYS W 42 50.00 42.57 5.19
N VAL W 43 51.13 41.87 5.30
CA VAL W 43 51.44 41.19 6.56
C VAL W 43 51.61 42.20 7.71
N ARG W 44 52.43 43.23 7.48
CA ARG W 44 52.77 44.21 8.49
C ARG W 44 51.53 44.86 9.06
N ASN W 45 50.53 44.98 8.21
CA ASN W 45 49.29 45.64 8.59
C ASN W 45 48.46 44.87 9.64
N GLU W 46 48.75 43.60 9.85
CA GLU W 46 48.10 42.86 10.92
C GLU W 46 48.66 43.32 12.28
N PRO W 47 47.77 43.54 13.27
CA PRO W 47 48.16 44.18 14.55
C PRO W 47 48.98 43.31 15.51
N THR W 48 48.85 41.98 15.48
CA THR W 48 49.57 41.14 16.44
C THR W 48 50.49 40.14 15.74
N GLN W 49 51.49 39.67 16.48
CA GLN W 49 52.51 38.74 15.98
C GLN W 49 51.93 37.47 15.34
N GLN W 50 50.92 36.89 15.98
CA GLN W 50 50.26 35.69 15.51
C GLN W 50 49.38 35.97 14.30
N GLN W 51 48.76 37.14 14.26
CA GLN W 51 47.98 37.57 13.11
C GLN W 51 48.88 37.80 11.88
N ARG W 52 50.03 38.39 12.09
CA ARG W 52 51.01 38.54 11.02
C ARG W 52 51.48 37.16 10.51
N ALA W 53 51.86 36.26 11.42
CA ALA W 53 52.25 34.91 11.05
C ALA W 53 51.16 34.22 10.25
N ALA W 54 49.92 34.34 10.70
CA ALA W 54 48.77 33.76 10.03
C ALA W 54 48.64 34.27 8.60
N MET W 55 48.76 35.57 8.41
CA MET W 55 48.71 36.16 7.09
C MET W 55 49.83 35.66 6.20
N LEU W 56 51.03 35.57 6.74
CA LEU W 56 52.18 35.17 5.96
C LEU W 56 52.02 33.74 5.45
N ILE W 57 51.53 32.87 6.31
CA ILE W 57 51.32 31.49 5.94
C ILE W 57 50.23 31.37 4.87
N LYS W 58 49.16 32.14 5.02
CA LYS W 58 48.12 32.24 4.02
C LYS W 58 48.71 32.48 2.65
N MET W 59 49.61 33.45 2.58
CA MET W 59 50.31 33.82 1.37
C MET W 59 51.21 32.70 0.86
N ILE W 60 51.92 32.05 1.76
CA ILE W 60 52.89 31.06 1.36
C ILE W 60 52.23 29.79 0.78
N LEU W 61 51.08 29.43 1.34
CA LEU W 61 50.33 28.27 0.90
C LEU W 61 50.03 28.31 -0.59
N LYS W 62 49.99 29.52 -1.13
CA LYS W 62 49.68 29.70 -2.55
C LYS W 62 50.91 29.72 -3.44
N LYS W 63 52.11 29.69 -2.86
CA LYS W 63 53.34 29.84 -3.63
C LYS W 63 53.96 28.53 -4.10
N ASP W 64 55.10 28.62 -4.78
CA ASP W 64 55.68 27.46 -5.42
C ASP W 64 56.67 26.69 -4.54
N ASN W 65 57.28 25.66 -5.11
CA ASN W 65 58.22 24.82 -4.38
C ASN W 65 59.40 25.60 -3.79
N ASP W 66 60.02 26.43 -4.61
CA ASP W 66 61.11 27.31 -4.19
C ASP W 66 60.74 28.15 -2.97
N SER W 67 59.52 28.66 -2.94
CA SER W 67 59.05 29.51 -1.87
C SER W 67 59.01 28.78 -0.54
N TYR W 68 58.49 27.56 -0.56
CA TYR W 68 58.44 26.69 0.60
C TYR W 68 59.86 26.52 1.12
N VAL W 69 60.79 26.24 0.22
CA VAL W 69 62.17 26.07 0.61
C VAL W 69 62.73 27.36 1.20
N SER W 70 62.42 28.50 0.59
CA SER W 70 62.86 29.79 1.08
C SER W 70 62.42 29.94 2.53
N PHE W 71 61.13 29.75 2.76
CA PHE W 71 60.49 29.77 4.07
C PHE W 71 61.18 28.84 5.08
N TYR W 72 61.38 27.59 4.66
CA TYR W 72 62.00 26.60 5.51
C TYR W 72 63.39 27.03 5.91
N ASN W 73 64.16 27.46 4.93
CA ASN W 73 65.54 27.89 5.16
C ASN W 73 65.59 29.04 6.15
N ALA W 74 64.71 30.02 5.97
CA ALA W 74 64.70 31.18 6.84
C ALA W 74 64.39 30.78 8.28
N LEU W 75 63.47 29.85 8.44
CA LEU W 75 63.08 29.29 9.71
C LEU W 75 64.26 28.64 10.42
N LEU W 76 64.93 27.77 9.68
CA LEU W 76 66.14 27.13 10.17
C LEU W 76 67.18 28.19 10.49
N HIS W 77 67.43 29.11 9.58
CA HIS W 77 68.47 30.09 9.78
C HIS W 77 68.19 31.00 10.96
N GLU W 78 66.94 31.16 11.32
CA GLU W 78 66.61 32.08 12.42
C GLU W 78 66.37 31.37 13.75
N GLY W 79 66.80 30.12 13.83
CA GLY W 79 66.80 29.38 15.08
C GLY W 79 65.49 28.72 15.45
N TYR W 80 64.53 28.69 14.55
CA TYR W 80 63.29 27.98 14.82
C TYR W 80 63.45 26.49 14.54
N LYS W 81 64.24 25.82 15.35
CA LYS W 81 64.60 24.43 15.11
C LYS W 81 63.42 23.52 15.07
N ASP W 82 62.57 23.64 16.07
CA ASP W 82 61.41 22.79 16.15
C ASP W 82 60.46 22.98 14.98
N LEU W 83 60.24 24.23 14.58
CA LEU W 83 59.34 24.53 13.48
C LEU W 83 59.87 24.00 12.15
N ALA W 84 61.16 24.17 11.90
CA ALA W 84 61.77 23.62 10.70
C ALA W 84 61.62 22.11 10.66
N ALA W 85 61.82 21.45 11.79
CA ALA W 85 61.68 20.01 11.88
C ALA W 85 60.30 19.54 11.46
N LEU W 86 59.28 20.33 11.78
CA LEU W 86 57.94 20.00 11.39
C LEU W 86 57.79 20.08 9.89
N LEU W 87 58.56 20.95 9.26
CA LEU W 87 58.41 21.18 7.84
C LEU W 87 59.41 20.38 7.01
N HIS W 88 60.34 19.72 7.65
CA HIS W 88 61.38 18.98 6.95
C HIS W 88 60.86 17.90 5.97
N ASP W 89 59.98 17.04 6.44
CA ASP W 89 59.47 15.95 5.63
C ASP W 89 58.60 16.42 4.46
N GLY W 90 58.23 17.69 4.46
CA GLY W 90 57.37 18.24 3.44
C GLY W 90 58.10 19.03 2.38
N ILE W 91 59.41 19.10 2.50
CA ILE W 91 60.24 19.80 1.53
C ILE W 91 60.17 19.16 0.15
N PRO W 92 59.85 19.99 -0.83
CA PRO W 92 59.71 19.55 -2.22
C PRO W 92 61.02 19.66 -2.94
N VAL W 93 61.17 18.82 -3.94
CA VAL W 93 62.33 18.84 -4.82
C VAL W 93 62.29 20.11 -5.63
N VAL W 94 63.42 20.79 -5.72
CA VAL W 94 63.48 22.06 -6.45
C VAL W 94 64.57 22.08 -7.50
N SER W 95 64.43 22.99 -8.45
CA SER W 95 65.37 23.19 -9.53
C SER W 95 65.55 21.97 -10.41
N MET X 1 31.07 43.25 32.19
CA MET X 1 30.95 43.50 33.61
C MET X 1 29.59 44.08 33.99
N ASP X 2 29.27 44.13 35.28
CA ASP X 2 28.03 44.73 35.75
C ASP X 2 27.93 46.15 35.23
N ALA X 3 26.72 46.67 35.18
CA ALA X 3 26.47 47.96 34.60
C ALA X 3 27.12 49.04 35.41
N LYS X 4 26.98 48.96 36.72
CA LYS X 4 27.59 49.93 37.61
C LYS X 4 29.10 49.99 37.44
N ALA X 5 29.70 48.82 37.23
CA ALA X 5 31.13 48.74 37.04
C ALA X 5 31.55 49.48 35.77
N ARG X 6 30.97 49.10 34.64
CA ARG X 6 31.22 49.75 33.36
C ARG X 6 31.03 51.26 33.41
N ASN X 7 29.92 51.69 33.96
CA ASN X 7 29.62 53.12 34.08
C ASN X 7 30.68 53.84 34.87
N CYS X 8 31.15 53.18 35.92
CA CYS X 8 32.17 53.74 36.78
C CYS X 8 33.45 54.01 36.00
N LEU X 9 33.80 53.06 35.15
CA LEU X 9 34.92 53.15 34.26
C LEU X 9 34.75 54.34 33.29
N LEU X 10 33.59 54.44 32.68
CA LEU X 10 33.30 55.55 31.78
C LEU X 10 33.46 56.90 32.47
N GLN X 11 32.95 57.02 33.68
CA GLN X 11 33.03 58.25 34.44
C GLN X 11 34.45 58.75 34.62
N HIS X 12 35.40 57.84 34.78
CA HIS X 12 36.73 58.25 35.11
C HIS X 12 37.77 57.93 34.02
N ARG X 13 37.31 57.54 32.84
CA ARG X 13 38.22 57.14 31.78
C ARG X 13 39.29 58.18 31.48
N GLU X 14 38.89 59.44 31.52
CA GLU X 14 39.79 60.53 31.21
C GLU X 14 40.90 60.65 32.23
N ALA X 15 40.55 60.69 33.50
CA ALA X 15 41.55 60.77 34.56
C ALA X 15 42.52 59.61 34.47
N LEU X 16 41.99 58.43 34.23
CA LEU X 16 42.78 57.23 34.08
C LEU X 16 43.79 57.28 32.92
N GLU X 17 43.33 57.65 31.74
CA GLU X 17 44.13 57.81 30.54
C GLU X 17 45.34 58.70 30.73
N LYS X 18 45.14 59.79 31.44
CA LYS X 18 46.17 60.80 31.62
C LYS X 18 47.31 60.35 32.51
N ASP X 19 46.99 59.51 33.49
CA ASP X 19 47.95 59.22 34.52
C ASP X 19 48.69 57.88 34.43
N ILE X 20 48.03 56.84 33.96
CA ILE X 20 48.57 55.50 34.08
C ILE X 20 49.68 55.12 33.09
N LYS X 21 50.69 54.45 33.61
CA LYS X 21 51.71 53.84 32.80
C LYS X 21 51.19 52.47 32.44
N THR X 22 50.78 52.29 31.18
CA THR X 22 50.05 51.11 30.84
C THR X 22 50.89 49.84 30.98
N SER X 23 52.17 49.90 30.69
CA SER X 23 52.98 48.69 30.76
C SER X 23 52.99 48.05 32.16
N TYR X 24 53.06 48.86 33.21
CA TYR X 24 53.01 48.32 34.56
C TYR X 24 51.65 47.70 34.86
N ILE X 25 50.59 48.41 34.52
CA ILE X 25 49.23 47.93 34.74
C ILE X 25 48.96 46.63 34.00
N MET X 26 49.37 46.55 32.74
CA MET X 26 49.25 45.31 31.99
C MET X 26 50.08 44.18 32.60
N ASP X 27 51.25 44.50 33.15
CA ASP X 27 52.07 43.48 33.81
C ASP X 27 51.24 42.73 34.85
N HIS X 28 50.53 43.47 35.68
CA HIS X 28 49.65 42.91 36.70
C HIS X 28 48.53 42.07 36.10
N MET X 29 47.84 42.63 35.12
CA MET X 29 46.72 41.94 34.48
C MET X 29 47.11 40.65 33.76
N ILE X 30 48.29 40.64 33.16
CA ILE X 30 48.86 39.43 32.58
C ILE X 30 49.06 38.39 33.70
N SER X 31 49.76 38.78 34.76
CA SER X 31 49.97 37.91 35.91
C SER X 31 48.67 37.35 36.46
N ASP X 32 47.64 38.19 36.57
CA ASP X 32 46.33 37.80 37.10
C ASP X 32 45.58 36.89 36.14
N GLY X 33 45.95 36.92 34.87
CA GLY X 33 45.25 36.17 33.85
C GLY X 33 44.06 36.86 33.18
N PHE X 34 43.98 38.19 33.28
CA PHE X 34 42.85 38.91 32.74
C PHE X 34 43.15 39.74 31.51
N LEU X 35 44.28 39.45 30.91
CA LEU X 35 44.73 40.09 29.69
C LEU X 35 45.63 39.13 28.95
N THR X 36 45.46 39.04 27.64
CA THR X 36 46.29 38.16 26.83
C THR X 36 47.50 38.87 26.26
N ILE X 37 48.42 38.07 25.77
CA ILE X 37 49.60 38.61 25.16
C ILE X 37 49.22 39.36 23.88
N SER X 38 48.30 38.81 23.12
CA SER X 38 47.87 39.50 21.90
C SER X 38 47.20 40.83 22.21
N GLU X 39 46.40 40.88 23.27
CA GLU X 39 45.74 42.10 23.66
C GLU X 39 46.78 43.10 24.12
N GLU X 40 47.73 42.62 24.90
CA GLU X 40 48.81 43.45 25.37
C GLU X 40 49.57 44.08 24.21
N GLU X 41 49.87 43.28 23.19
CA GLU X 41 50.56 43.80 22.01
C GLU X 41 49.73 44.86 21.29
N LYS X 42 48.44 44.63 21.16
CA LYS X 42 47.53 45.59 20.57
C LYS X 42 47.67 46.93 21.26
N VAL X 43 47.62 46.91 22.60
CA VAL X 43 47.80 48.10 23.39
C VAL X 43 49.13 48.78 23.12
N ARG X 44 50.22 48.02 23.18
CA ARG X 44 51.55 48.57 22.97
C ARG X 44 51.77 49.18 21.60
N ASN X 45 51.04 48.71 20.60
CA ASN X 45 51.16 49.27 19.27
C ASN X 45 50.83 50.74 19.20
N GLU X 46 49.93 51.20 20.07
CA GLU X 46 49.48 52.57 20.07
C GLU X 46 50.67 53.51 20.31
N PRO X 47 50.75 54.59 19.54
CA PRO X 47 51.97 55.41 19.48
C PRO X 47 52.17 56.41 20.63
N THR X 48 51.22 56.56 21.55
CA THR X 48 51.43 57.46 22.70
C THR X 48 50.88 56.85 23.99
N GLN X 49 51.44 57.28 25.11
CA GLN X 49 50.96 56.86 26.41
C GLN X 49 49.43 56.97 26.47
N GLN X 50 48.90 58.11 26.05
CA GLN X 50 47.47 58.31 26.10
C GLN X 50 46.70 57.31 25.24
N GLN X 51 47.16 57.05 24.03
CA GLN X 51 46.49 56.13 23.12
C GLN X 51 46.67 54.68 23.59
N ARG X 52 47.78 54.42 24.25
CA ARG X 52 47.99 53.13 24.86
C ARG X 52 46.99 52.95 26.00
N ALA X 53 46.95 53.92 26.92
CA ALA X 53 46.01 53.89 28.01
C ALA X 53 44.56 53.81 27.52
N ALA X 54 44.24 54.58 26.49
CA ALA X 54 42.90 54.61 25.93
C ALA X 54 42.50 53.26 25.39
N MET X 55 43.42 52.62 24.68
CA MET X 55 43.12 51.29 24.15
C MET X 55 42.86 50.26 25.25
N LEU X 56 43.66 50.30 26.30
CA LEU X 56 43.51 49.34 27.39
C LEU X 56 42.13 49.49 28.04
N ILE X 57 41.73 50.73 28.26
CA ILE X 57 40.45 51.03 28.85
C ILE X 57 39.34 50.51 27.97
N LYS X 58 39.51 50.65 26.67
CA LYS X 58 38.53 50.15 25.72
C LYS X 58 38.37 48.65 25.84
N MET X 59 39.47 47.94 25.94
CA MET X 59 39.45 46.50 26.09
C MET X 59 38.82 46.08 27.42
N ILE X 60 39.19 46.76 28.48
CA ILE X 60 38.69 46.45 29.80
C ILE X 60 37.18 46.64 29.82
N LEU X 61 36.73 47.70 29.15
CA LEU X 61 35.31 47.99 29.07
C LEU X 61 34.54 46.80 28.58
N LYS X 62 35.17 45.92 27.80
CA LYS X 62 34.47 44.77 27.29
C LYS X 62 34.74 43.48 28.07
N LYS X 63 35.39 43.59 29.22
CA LYS X 63 35.77 42.43 30.00
C LYS X 63 34.90 42.24 31.23
N ASP X 64 35.12 41.14 31.95
CA ASP X 64 34.24 40.73 33.03
C ASP X 64 34.55 41.39 34.35
N ASN X 65 33.80 41.03 35.38
CA ASN X 65 33.96 41.69 36.67
C ASN X 65 35.35 41.48 37.26
N ASP X 66 35.86 40.27 37.14
CA ASP X 66 37.21 39.95 37.59
C ASP X 66 38.22 40.88 36.93
N SER X 67 38.07 41.14 35.63
CA SER X 67 38.96 42.08 34.95
C SER X 67 38.99 43.48 35.57
N TYR X 68 37.82 43.97 35.98
CA TYR X 68 37.71 45.26 36.65
C TYR X 68 38.49 45.23 37.96
N VAL X 69 38.33 44.15 38.72
CA VAL X 69 39.03 44.00 39.98
C VAL X 69 40.53 43.88 39.78
N SER X 70 40.94 43.18 38.74
CA SER X 70 42.36 43.08 38.38
C SER X 70 42.92 44.47 38.15
N PHE X 71 42.17 45.23 37.37
CA PHE X 71 42.52 46.60 37.03
C PHE X 71 42.62 47.47 38.27
N TYR X 72 41.62 47.43 39.12
CA TYR X 72 41.63 48.17 40.36
C TYR X 72 42.85 47.81 41.20
N ASN X 73 43.09 46.51 41.37
CA ASN X 73 44.22 46.02 42.12
C ASN X 73 45.57 46.47 41.56
N ALA X 74 45.66 46.49 40.23
CA ALA X 74 46.86 46.99 39.56
C ALA X 74 47.10 48.44 39.94
N LEU X 75 46.06 49.27 39.86
CA LEU X 75 46.17 50.68 40.24
C LEU X 75 46.65 50.86 41.68
N LEU X 76 46.02 50.15 42.59
CA LEU X 76 46.30 50.26 44.00
C LEU X 76 47.74 49.88 44.26
N HIS X 77 48.14 48.74 43.73
CA HIS X 77 49.46 48.20 43.97
C HIS X 77 50.58 48.95 43.32
N GLU X 78 50.28 49.73 42.29
CA GLU X 78 51.28 50.57 41.67
C GLU X 78 51.27 52.00 42.21
N GLY X 79 50.52 52.22 43.28
CA GLY X 79 50.54 53.52 43.92
C GLY X 79 49.62 54.58 43.36
N TYR X 80 48.67 54.19 42.53
CA TYR X 80 47.68 55.12 41.99
C TYR X 80 46.52 55.18 42.98
N LYS X 81 46.81 55.66 44.17
CA LYS X 81 45.88 55.61 45.28
C LYS X 81 44.60 56.39 44.97
N ASP X 82 44.78 57.58 44.44
CA ASP X 82 43.67 58.45 44.10
C ASP X 82 42.75 57.85 43.03
N LEU X 83 43.34 57.37 41.93
CA LEU X 83 42.60 56.73 40.85
C LEU X 83 41.88 55.47 41.29
N ALA X 84 42.53 54.73 42.16
CA ALA X 84 41.90 53.53 42.72
C ALA X 84 40.63 53.88 43.48
N ALA X 85 40.71 54.96 44.25
CA ALA X 85 39.56 55.44 45.04
C ALA X 85 38.39 55.74 44.10
N LEU X 86 38.67 56.44 43.01
CA LEU X 86 37.64 56.77 42.03
C LEU X 86 36.85 55.53 41.58
N LEU X 87 37.52 54.40 41.39
CA LEU X 87 36.80 53.18 40.98
C LEU X 87 36.39 52.30 42.13
N HIS X 88 36.78 52.65 43.34
CA HIS X 88 36.47 51.78 44.46
C HIS X 88 34.99 51.52 44.55
N ASP X 89 34.21 52.58 44.41
CA ASP X 89 32.76 52.48 44.53
C ASP X 89 32.16 51.55 43.51
N GLY X 90 32.79 51.42 42.35
CA GLY X 90 32.22 50.60 41.30
C GLY X 90 32.58 49.14 41.36
N ILE X 91 33.39 48.75 42.33
CA ILE X 91 33.84 47.37 42.42
C ILE X 91 32.70 46.41 42.64
N PRO X 92 32.47 45.60 41.62
CA PRO X 92 31.39 44.62 41.63
C PRO X 92 31.58 43.58 42.72
N MET Y 1 56.46 25.93 22.45
CA MET Y 1 56.23 25.94 23.88
C MET Y 1 54.81 25.50 24.19
N ASP Y 2 54.65 24.52 25.07
CA ASP Y 2 53.34 24.08 25.44
C ASP Y 2 52.61 25.12 26.27
N GLU Y 3 51.30 24.98 26.34
CA GLU Y 3 50.44 25.94 26.99
C GLU Y 3 50.78 26.11 28.47
N ALA Y 4 51.19 25.04 29.12
CA ALA Y 4 51.54 25.10 30.54
C ALA Y 4 52.76 25.98 30.79
N ASP Y 5 53.75 25.89 29.91
CA ASP Y 5 54.94 26.72 30.04
C ASP Y 5 54.60 28.19 29.77
N ARG Y 6 53.83 28.43 28.73
CA ARG Y 6 53.38 29.78 28.41
C ARG Y 6 52.65 30.40 29.57
N ARG Y 7 51.68 29.66 30.10
CA ARG Y 7 50.91 30.06 31.27
C ARG Y 7 51.80 30.39 32.44
N LEU Y 8 52.85 29.60 32.64
CA LEU Y 8 53.81 29.86 33.68
C LEU Y 8 54.49 31.20 33.49
N LEU Y 9 54.92 31.49 32.26
CA LEU Y 9 55.55 32.76 31.97
C LEU Y 9 54.64 33.96 32.22
N ARG Y 10 53.34 33.80 31.98
CA ARG Y 10 52.38 34.87 32.23
C ARG Y 10 52.15 35.05 33.73
N ARG Y 11 52.03 33.94 34.45
CA ARG Y 11 51.79 33.97 35.88
C ARG Y 11 52.94 34.64 36.61
N CYS Y 12 54.16 34.42 36.13
CA CYS Y 12 55.34 34.98 36.74
C CYS Y 12 55.76 36.34 36.11
N ARG Y 13 54.90 36.92 35.29
CA ARG Y 13 55.20 38.18 34.63
C ARG Y 13 55.76 39.23 35.57
N LEU Y 14 55.06 39.51 36.66
CA LEU Y 14 55.45 40.58 37.56
C LEU Y 14 56.83 40.35 38.15
N ARG Y 15 57.07 39.14 38.63
CA ARG Y 15 58.36 38.81 39.22
C ARG Y 15 59.51 38.83 38.22
N LEU Y 16 59.28 38.31 37.03
CA LEU Y 16 60.28 38.31 35.99
C LEU Y 16 60.73 39.73 35.61
N VAL Y 17 59.78 40.60 35.30
CA VAL Y 17 60.11 41.94 34.89
C VAL Y 17 60.66 42.79 36.05
N GLU Y 18 60.27 42.46 37.28
CA GLU Y 18 60.83 43.13 38.44
C GLU Y 18 62.28 42.73 38.73
N GLU Y 19 62.62 41.46 38.54
CA GLU Y 19 63.90 40.94 38.99
C GLU Y 19 64.92 40.51 37.93
N LEU Y 20 64.49 40.29 36.69
CA LEU Y 20 65.40 39.76 35.66
C LEU Y 20 66.52 40.74 35.35
N GLN Y 21 67.75 40.26 35.43
CA GLN Y 21 68.90 41.02 35.01
C GLN Y 21 69.20 40.54 33.60
N VAL Y 22 69.23 41.47 32.66
CA VAL Y 22 69.39 41.10 31.25
C VAL Y 22 70.79 41.26 30.67
N ASP Y 23 71.50 42.28 31.09
CA ASP Y 23 72.80 42.60 30.53
C ASP Y 23 73.77 41.42 30.57
N GLN Y 24 73.63 40.59 31.58
CA GLN Y 24 74.50 39.46 31.83
C GLN Y 24 73.95 38.18 31.21
N LEU Y 25 72.74 38.24 30.70
CA LEU Y 25 71.98 37.08 30.26
C LEU Y 25 72.16 36.72 28.79
N TRP Y 26 72.56 37.70 27.98
CA TRP Y 26 72.61 37.53 26.54
C TRP Y 26 73.57 36.43 26.10
N ASP Y 27 74.73 36.36 26.71
CA ASP Y 27 75.70 35.34 26.37
C ASP Y 27 75.12 33.96 26.58
N VAL Y 28 74.50 33.76 27.73
CA VAL Y 28 73.86 32.50 28.05
C VAL Y 28 72.79 32.09 27.02
N LEU Y 29 71.93 33.03 26.69
CA LEU Y 29 70.87 32.80 25.72
C LEU Y 29 71.43 32.37 24.36
N LEU Y 30 72.47 33.07 23.93
CA LEU Y 30 73.19 32.70 22.72
C LEU Y 30 73.79 31.29 22.78
N SER Y 31 74.52 31.00 23.85
CA SER Y 31 75.13 29.69 24.04
C SER Y 31 74.14 28.54 23.85
N ARG Y 32 72.92 28.73 24.33
CA ARG Y 32 71.91 27.71 24.19
C ARG Y 32 70.99 27.95 22.99
N GLU Y 33 71.43 28.81 22.09
CA GLU Y 33 70.73 29.13 20.85
C GLU Y 33 69.25 29.44 21.05
N LEU Y 34 68.95 30.26 22.05
CA LEU Y 34 67.59 30.60 22.32
C LEU Y 34 67.15 31.77 21.43
N PHE Y 35 68.09 32.66 21.14
CA PHE Y 35 67.82 33.81 20.30
C PHE Y 35 68.96 34.05 19.32
N ARG Y 36 68.63 34.56 18.14
CA ARG Y 36 69.65 35.05 17.21
C ARG Y 36 70.11 36.44 17.65
N PRO Y 37 71.31 36.83 17.25
CA PRO Y 37 71.86 38.11 17.69
C PRO Y 37 70.98 39.32 17.35
N HIS Y 38 70.43 39.41 16.15
CA HIS Y 38 69.57 40.54 15.84
C HIS Y 38 68.32 40.60 16.70
N MET Y 39 67.78 39.43 17.03
CA MET Y 39 66.64 39.32 17.92
C MET Y 39 66.99 39.98 19.24
N ILE Y 40 68.19 39.71 19.74
CA ILE Y 40 68.68 40.34 20.94
C ILE Y 40 68.77 41.86 20.79
N GLU Y 41 69.28 42.37 19.67
CA GLU Y 41 69.35 43.81 19.52
C GLU Y 41 67.94 44.43 19.57
N ASP Y 42 66.97 43.74 18.98
CA ASP Y 42 65.59 44.22 18.96
C ASP Y 42 65.02 44.26 20.38
N ILE Y 43 65.27 43.20 21.15
CA ILE Y 43 64.77 43.13 22.53
C ILE Y 43 65.41 44.22 23.35
N GLN Y 44 66.68 44.50 23.09
CA GLN Y 44 67.44 45.53 23.82
C GLN Y 44 66.84 46.92 23.61
N ARG Y 45 66.23 47.12 22.46
CA ARG Y 45 65.65 48.40 22.12
C ARG Y 45 64.14 48.50 22.43
N ALA Y 46 63.55 47.43 22.94
CA ALA Y 46 62.11 47.40 23.23
C ALA Y 46 61.69 48.55 24.15
N GLY Y 47 60.61 49.23 23.77
CA GLY Y 47 60.09 50.29 24.61
C GLY Y 47 61.11 51.39 24.87
N SER Y 48 61.34 51.70 26.13
CA SER Y 48 62.27 52.75 26.53
C SER Y 48 63.71 52.26 26.61
N GLY Y 49 63.92 50.95 26.51
CA GLY Y 49 65.26 50.38 26.65
C GLY Y 49 65.70 50.15 28.10
N SER Y 50 64.82 50.41 29.05
CA SER Y 50 65.12 50.13 30.45
C SER Y 50 65.30 48.61 30.66
N ARG Y 51 65.87 48.21 31.79
CA ARG Y 51 65.97 46.80 32.12
C ARG Y 51 64.58 46.15 32.10
N ARG Y 52 63.60 46.81 32.70
CA ARG Y 52 62.25 46.24 32.74
C ARG Y 52 61.66 46.01 31.36
N ASP Y 53 61.78 47.00 30.46
CA ASP Y 53 61.20 46.87 29.12
C ASP Y 53 61.89 45.77 28.33
N GLN Y 54 63.20 45.66 28.47
CA GLN Y 54 63.94 44.60 27.82
C GLN Y 54 63.46 43.27 28.37
N ALA Y 55 63.42 43.18 29.70
CA ALA Y 55 63.01 41.96 30.35
C ALA Y 55 61.65 41.51 29.82
N ARG Y 56 60.72 42.45 29.72
CA ARG Y 56 59.35 42.10 29.33
C ARG Y 56 59.31 41.53 27.94
N GLN Y 57 59.99 42.20 27.02
CA GLN Y 57 60.02 41.74 25.65
C GLN Y 57 60.73 40.40 25.54
N LEU Y 58 61.73 40.21 26.39
CA LEU Y 58 62.46 38.96 26.36
C LEU Y 58 61.48 37.84 26.64
N ILE Y 59 60.73 37.96 27.73
CA ILE Y 59 59.92 36.84 28.17
C ILE Y 59 58.70 36.59 27.28
N ILE Y 60 58.22 37.65 26.67
CA ILE Y 60 57.18 37.52 25.66
C ILE Y 60 57.72 36.78 24.44
N ASP Y 61 58.85 37.24 23.92
CA ASP Y 61 59.45 36.62 22.74
C ASP Y 61 59.89 35.17 23.01
N LEU Y 62 60.20 34.89 24.26
CA LEU Y 62 60.64 33.56 24.72
C LEU Y 62 59.63 32.48 24.38
N GLU Y 63 58.34 32.82 24.50
CA GLU Y 63 57.24 31.91 24.19
C GLU Y 63 57.28 31.33 22.77
N THR Y 64 58.03 31.98 21.88
CA THR Y 64 58.07 31.59 20.47
C THR Y 64 59.32 30.81 20.10
N ARG Y 65 60.21 30.58 21.06
CA ARG Y 65 61.53 30.06 20.71
C ARG Y 65 61.67 28.54 20.85
N GLY Y 66 60.57 27.83 20.98
CA GLY Y 66 60.67 26.37 20.99
C GLY Y 66 60.01 25.63 22.12
N SER Y 67 59.98 24.30 21.98
CA SER Y 67 59.32 23.43 22.94
C SER Y 67 60.08 23.41 24.25
N GLN Y 68 61.39 23.60 24.17
CA GLN Y 68 62.24 23.57 25.34
C GLN Y 68 62.72 24.96 25.74
N ALA Y 69 62.07 26.01 25.25
CA ALA Y 69 62.51 27.38 25.54
C ALA Y 69 62.55 27.69 27.05
N LEU Y 70 61.55 27.22 27.77
CA LEU Y 70 61.43 27.51 29.19
C LEU Y 70 62.52 26.84 30.05
N PRO Y 71 62.69 25.53 29.94
CA PRO Y 71 63.77 24.88 30.70
C PRO Y 71 65.15 25.43 30.28
N LEU Y 72 65.35 25.68 28.99
CA LEU Y 72 66.62 26.23 28.56
C LEU Y 72 66.83 27.63 29.15
N PHE Y 73 65.75 28.36 29.31
CA PHE Y 73 65.81 29.71 29.86
C PHE Y 73 66.13 29.69 31.36
N ILE Y 74 65.54 28.75 32.08
CA ILE Y 74 65.87 28.54 33.48
C ILE Y 74 67.38 28.27 33.62
N SER Y 75 67.92 27.41 32.76
CA SER Y 75 69.36 27.10 32.81
C SER Y 75 70.23 28.33 32.65
N CYS Y 76 69.87 29.20 31.70
CA CYS Y 76 70.61 30.43 31.46
C CYS Y 76 70.56 31.33 32.70
N LEU Y 77 69.42 31.31 33.38
CA LEU Y 77 69.28 32.01 34.64
C LEU Y 77 70.30 31.46 35.62
N GLU Y 78 70.37 30.14 35.71
CA GLU Y 78 71.29 29.50 36.62
C GLU Y 78 72.75 29.89 36.35
N ASP Y 79 73.10 29.84 35.06
CA ASP Y 79 74.43 30.12 34.52
C ASP Y 79 74.93 31.54 34.75
N THR Y 80 74.02 32.46 35.03
CA THR Y 80 74.36 33.85 35.17
C THR Y 80 74.16 34.32 36.62
N GLY Y 81 73.93 33.38 37.51
CA GLY Y 81 73.78 33.70 38.91
C GLY Y 81 72.45 34.32 39.29
N GLN Y 82 71.39 33.85 38.67
CA GLN Y 82 70.07 34.33 39.00
C GLN Y 82 69.27 33.17 39.55
N ASP Y 83 69.91 32.43 40.44
CA ASP Y 83 69.36 31.23 41.07
C ASP Y 83 68.01 31.44 41.73
N MET Y 84 67.85 32.57 42.40
CA MET Y 84 66.60 32.89 43.07
C MET Y 84 65.45 32.93 42.07
N LEU Y 85 65.66 33.61 40.94
CA LEU Y 85 64.64 33.69 39.90
C LEU Y 85 64.42 32.35 39.26
N ALA Y 86 65.50 31.66 38.92
CA ALA Y 86 65.39 30.33 38.36
C ALA Y 86 64.62 29.41 39.32
N SER Y 87 64.90 29.58 40.61
CA SER Y 87 64.25 28.78 41.64
C SER Y 87 62.74 29.02 41.72
N PHE Y 88 62.36 30.29 41.70
CA PHE Y 88 60.96 30.67 41.61
C PHE Y 88 60.25 30.03 40.40
N LEU Y 89 60.94 29.97 39.27
CA LEU Y 89 60.38 29.40 38.06
C LEU Y 89 60.20 27.89 38.14
N ARG Y 90 61.27 27.21 38.52
CA ARG Y 90 61.30 25.75 38.59
C ARG Y 90 60.25 25.22 39.52
N THR Y 91 60.14 25.80 40.69
CA THR Y 91 59.18 25.33 41.68
C THR Y 91 57.75 25.55 41.25
N ASN Y 92 57.58 26.20 40.11
CA ASN Y 92 56.26 26.32 39.54
C ASN Y 92 56.01 25.28 38.48
N ARG Y 93 56.98 25.16 37.59
CA ARG Y 93 56.93 24.16 36.56
C ARG Y 93 56.56 22.85 37.21
N GLN Y 94 57.26 22.51 38.28
CA GLN Y 94 57.06 21.27 39.02
C GLN Y 94 55.70 21.30 39.71
N ALA Y 95 55.37 22.44 40.32
CA ALA Y 95 54.05 22.66 40.89
C ALA Y 95 53.03 22.77 39.76
#